data_6TT7
#
_entry.id   6TT7
#
_cell.length_a   1.00
_cell.length_b   1.00
_cell.length_c   1.00
_cell.angle_alpha   90.00
_cell.angle_beta   90.00
_cell.angle_gamma   90.00
#
_symmetry.space_group_name_H-M   'P 1'
#
loop_
_entity.id
_entity.type
_entity.pdbx_description
1 polymer 'ATP synthase subunit alpha'
2 polymer 'ATP synthase subunit beta'
3 polymer 'ATP synthase subunit gamma'
4 polymer 'ATP synthase F1 subunit delta'
5 polymer 'ATP synthase F1 subunit epsilon'
6 polymer 'ATP synthase peripheral stalk subunit OSCP'
7 polymer 'ATP synthase subunit b'
8 polymer 'ATP synthase-coupling factor 6, mitochondrial'
9 polymer 'ATP synthase subunit d, mitochondrial'
10 polymer 'ATP synthase F(0) complex subunit C1, mitochondrial'
11 polymer 'ATP synthase subunit a'
12 polymer 'Subunit DAPIT'
13 polymer 'ATP synthase membrane subunit 6.8PL'
14 polymer 'ATP synthase protein 8'
15 polymer 'ATP synthase membrane subunit f'
16 polymer 'ATP synthase subunit'
17 polymer 'Subunit e'
18 non-polymer 'MAGNESIUM ION'
19 non-polymer "ADENOSINE-5'-DIPHOSPHATE"
20 non-polymer 1,2-DIPALMITOYL-PHOSPHATIDYL-GLYCEROLE
21 non-polymer O-[(R)-{[(2R)-2,3-bis(octadecanoyloxy)propyl]oxy}(hydroxy)phosphoryl]-L-serine
22 non-polymer CARDIOLIPIN
23 non-polymer O-[(S)-hydroxy{[(2S)-2-hydroxy-3-(octadec-9-enoyloxy)propyl]oxy}phosphoryl]-L-serine
#
loop_
_entity_poly.entity_id
_entity_poly.type
_entity_poly.pdbx_seq_one_letter_code
_entity_poly.pdbx_strand_id
1 'polypeptide(L)'
;MLSVRVAAAVARALPRRAGLVSKNALGSSFIAARNLHASNSRLQKTGTAEVSSILEERILGADTSVDLEETGRVLSIGDG
IARVHGLRNVQAEEMVEFSSGLKGMSLNLEPDNVGVVVFGNDKLIKEGDIVKRTGAIVDVPVGEELLGRVVDALGNAIDG
KGPIGSKARRRVGLKAPGIIPRISVREPMQTGIKAVDSLVPIGRGQRELIIGDRQTGKTSIAIDTIINQKRFNDGTDEKK
KLYCIYVAIGQKRSTVAQLVKRLTDADAMKYTIVVSATASDAAPLQYLAPYSGCSMGEYFRDNGKHALIIYDDLSKQAVA
YRQMSLLLRRPPGREAYPGDVFYLHSRLLERAAKMNDAFGGGSLTALPVIETQAGDVSAYIPTNVISITDGQIFLETELF
YKGIRPAINVGLSVSRVGSAAQTRAMKQVAGTMKLELAQYREVAAFAQFGSDLDAATQQLLSRGVRLTELLKQGQYSPMA
IEEQVAVIYAGVRGYLDKLEPSKITKFENAFLSHVISQHQTLLGKIRTDGKISEEADAKLKEIVTNFLAGFEA
;
B,C,A
2 'polypeptide(L)'
;MLGLVGRVAAASASGALRGVNPSAPLPQAQLLLRAAPAALQPARDYAAQASPSPKAGGATGRIVAVIGAVVDVQFDEGLP
PILNALEVQGRETRLVLEVAQHLGESTVRTIAMDGTEGLVRGQKVLDSGAPIRIPVGPETLGRIMNVIGEPIDERGPIKT
KQFAAIHAEAPEFVEMSVEQEILVTGIKVVDLLAPYAKGGKIGLFGGAGVGKTVLIMELINNVAKAHGGYSVFAGVGERT
REGNDLYHEMIESGVINLKDATSKVALVYGQMNEPPGARARVALTGLTVAEYFRDQEGQDVLLFIDNIFRFTQAGSEVSA
LLGRIPSAVGYQPTLATDMGTMQERITTTKKGSITSVQAIYVPADDLTDPAPATTFAHLDATTVLSRAIAELGIYPAVDP
LDSTSRIMDPNIVGSEHYDVARGVQKILQDYKSLQDIIAILGMDELSEEDKLTVSRARKIQRFLSQPFQVAEVFTGHLGK
LVPLKETIKGFQQILAGEFDHLPEQAFYMVGPIEEAVAKADKLAEEHS
;
E,D,F
3 'polypeptide(L)'
;MFSRAGVAGLSAWTVQPQWIQVRNMATLKDITRRLKSIKNIQKITKSMKMVAAAKYARAERELKPARVYGVGSLALYEKA
DIKTPEDKKKHLIIGVSSDRGLCGAIHSSVAKQMKSEAANLAAAGKEVKIIGVGDKIRSILHRTHSDQFLVTFKEVGRRP
PTFGDASVIALELLNSGYEFDEGSIIFNRFRSVISYKTEEKPIFSLDTISSAESMSIYDDIDADVLRNYQEYSLANIIYY
SLKESTTSEQSARMTAMDNASKNASEMIDKLTLTFNRTRQAVITKELIEIISGAAALE
;
G
4 'polypeptide(L)'
;MLPSALLRRPGLGRLVRQVRAYAEAAPAQAPAAGPGQMSFTFASPTQVFFNGANVRQVDVPTQTGAFGILAAHVPTLQVL
RPGLVVVHAEDGTTSKYFVSSGSVTVNADSSVQLLAEEAVTLDMLDLGAAKANLEKAQSELLGAADEATRAEIQIRIEAN
EALVKALE
;
H
5 'polypeptide(L)' MVAYWRQAGLSYIRYSQICAKAVRDALKTEFKANAMKTSGSSIKIVKVKKE I
6 'polypeptide(L)'
;MAALAVSGLSQQVRCFSTSVVRPFAKLVRPPVQIYGIEGRYATALYSAASKQNKLEQVEKELLRVGQILKEPKMAASLMN
PYVKRSVKVKSLNDMTAKEKFSPLTSNLINLLAENGRLNNTPAVISAFSTMMSVHRGEVPCTVTTASPLDEATLTELKTV
LKSFLSKGQVLKLEVKIDPSIMGGMIVRIGEKYVDMSAKTKIQKLSRAMREIL
;
J
7 'polypeptide(L)'
;MLSRVVLSAAAAAAPSLKNAAFLGPGVLQATRIFHTGQPSLAPVPPLPEHGGKVRFGLIPEEFFQFLYPKTGVTGPYVLG
TGLILYLLSKEIYVITPETFSAISTIGFLVYVVKKYGASVGEFADKLNEQKIAQLEEVKQASIKQIQDAIDMEKSQQALV
QKRHYLFDVQRNNIAMALEVTYRERLHRVYREVKNRLDYHISVQNMMRQKEQEHMINWVEKHVVQSISAQQEKETIAKCI
ADLKLLAKKAQAQPVM
;
K
8 'polypeptide(L)'
;MILQRLFRLSSVVQSAISVSLRRNIGVTAVAFNKELDPVQKLFVDKIREYRTKRQTSGGPVDAGPEYQQDLDRELFKLKQ
MYGKADMNTFPNFTFEDPKFEVVEKPQS
;
L
9 'polypeptide(L)'
;MAGRKLALKTIDWVAFGEIIPRNQKAVANSLKSWNETLTSRLATLPEKPPAIDWAYYKANVTKAGLVDDFEKKFNALKVP
IPEDKYTAQVDAEEKEDVKSCAEFLIQSKTRIQEYEKELEKMRNIIPFDQMTIEDLNEVFPETKLDKKKYPYWPHRPIES
L
;
M
10 'polypeptide(L)'
;MQTTGALLISPALIRSCTRGLIRPVSASFLSRPEIPSVQPSYSSGPLQVARREFQTSVVSRDIDTAAKFIGAGAATVGVA
GSGAGIGTVFGSLIIGYARNPSLKQQLFSYAILGFALSEAMGLFCLMVAFLILFAM
;
1,2,3,4,5,6,7,8
11 'polypeptide(L)'
;MNENLFASFITPMMFGLPLVTLIVLFPSLLFPTSNRLVNNRLISLQQWMLQLVSKQMMSIHNTKGQTWALMLMSLILFIG
STNLLGLLPHSFTPTTQLSMNLGMAIPLWGGAVITGFRNKTKASLAHFLPQGTPTPLIPMLVIIETISLFIQPVALAVRL
TANITAGHLLIHLIGGATLALMSINTTTALITFIILILLTVLEFAVAMIQAYVFTLLVSLYLHDNT
;
N
12 'polypeptide(L)' MAGPEADAQFHFTGIKKYFNSYTLTGRMNCVLATYGSIALIVLYFKLRSKKTPAVKAT O
13 'polypeptide(L)' MLQSLIKKVWIPMKPYYTQAYQEIWVGTGLMAYIVYKIRSADKRSKALKASSAAPAHGHH P
14 'polypeptide(L)' MPQLDTSTWLTMILSMFLVLFIIFQLKISKHNFYHNPELMTTKTPKQNTPWETKWTKIYLPLSLPL Q
15 'polypeptide(L)'
;MASVVPLKEKKLLEVKLGELPSWILMRDFTPSGIAGAFQRGYYRYYNKYVNVKKGSIAGLSMVLAAYVFLNYCRSYKELK
HERLRKYH
;
R
16 'polypeptide(L)'
;MAQFVRNLAEKAPALVNAAVTYSKPRLATFWYYAKVELVPPTPAEIPTAIQSLKKIINSAKTGSFKQLTVKEALLNGLVA
TEVWMWFYVGEIIGKRGIIGYDV
;
S
17 'polypeptide(L)' MVPPVQVSPLIKLGRYSALFLGMAYGAKRYNYLKPRAEEERRLAAEEKKKRDEQKRIERELAEAQEDTILK T
#
loop_
_chem_comp.id
_chem_comp.type
_chem_comp.name
_chem_comp.formula
ADP non-polymer ADENOSINE-5'-DIPHOSPHATE 'C10 H15 N5 O10 P2'
CDL non-polymer CARDIOLIPIN 'C81 H156 O17 P2 -2'
LHG non-polymer 1,2-DIPALMITOYL-PHOSPHATIDYL-GLYCEROLE 'C38 H75 O10 P'
MG non-polymer 'MAGNESIUM ION' 'Mg 2'
P5S non-polymer O-[(R)-{[(2R)-2,3-bis(octadecanoyloxy)propyl]oxy}(hydroxy)phosphoryl]-L-serine 'C42 H82 N O10 P'
#
# COMPACT_ATOMS: atom_id res chain seq x y z
N VAL A 66 53.14 40.35 52.51
CA VAL A 66 53.84 40.56 53.77
C VAL A 66 53.87 39.26 54.55
N ASP A 67 52.70 38.82 55.00
CA ASP A 67 52.53 37.55 55.68
C ASP A 67 51.86 36.54 54.76
N LEU A 68 52.51 35.41 54.56
CA LEU A 68 51.95 34.35 53.72
C LEU A 68 50.95 33.49 54.46
N GLU A 69 50.72 33.76 55.74
CA GLU A 69 49.67 33.04 56.46
C GLU A 69 48.29 33.53 56.05
N GLU A 70 48.06 34.84 56.14
CA GLU A 70 46.74 35.40 55.93
C GLU A 70 46.61 36.18 54.62
N THR A 71 47.72 36.58 54.00
CA THR A 71 47.68 37.19 52.68
C THR A 71 48.48 36.33 51.70
N GLY A 72 48.33 36.65 50.41
CA GLY A 72 49.02 35.91 49.37
C GLY A 72 49.09 36.71 48.10
N ARG A 73 49.91 36.23 47.17
CA ARG A 73 50.20 36.92 45.93
C ARG A 73 49.75 36.09 44.73
N VAL A 74 49.16 36.76 43.74
CA VAL A 74 48.70 36.09 42.53
C VAL A 74 49.89 35.59 41.72
N LEU A 75 50.01 34.27 41.59
CA LEU A 75 51.07 33.73 40.73
C LEU A 75 50.71 33.88 39.27
N SER A 76 49.50 33.47 38.88
CA SER A 76 49.14 33.49 37.47
C SER A 76 47.63 33.55 37.34
N ILE A 77 47.09 34.74 37.09
CA ILE A 77 45.69 34.83 36.72
C ILE A 77 45.56 34.64 35.22
N GLY A 78 44.76 33.66 34.83
CA GLY A 78 44.67 33.30 33.43
C GLY A 78 43.33 33.53 32.79
N ASP A 79 42.60 32.44 32.61
CA ASP A 79 41.29 32.45 31.98
C ASP A 79 40.16 32.73 32.96
N GLY A 80 40.11 32.00 34.08
CA GLY A 80 39.15 32.33 35.11
C GLY A 80 39.67 32.08 36.51
N ILE A 81 40.93 31.70 36.62
CA ILE A 81 41.52 31.20 37.86
C ILE A 81 42.67 32.10 38.25
N ALA A 82 42.69 32.55 39.49
CA ALA A 82 43.88 33.16 40.07
C ALA A 82 44.52 32.12 40.97
N ARG A 83 45.66 31.60 40.56
CA ARG A 83 46.47 30.74 41.41
C ARG A 83 47.26 31.66 42.32
N VAL A 84 46.90 31.71 43.60
CA VAL A 84 47.58 32.61 44.53
C VAL A 84 48.51 31.83 45.43
N HIS A 85 49.68 32.41 45.69
CA HIS A 85 50.73 31.75 46.44
C HIS A 85 50.54 31.92 47.92
N GLY A 86 50.91 30.89 48.67
CA GLY A 86 50.85 30.97 50.12
C GLY A 86 49.43 30.90 50.59
N LEU A 87 49.04 31.94 51.35
CA LEU A 87 47.68 32.10 51.89
C LEU A 87 47.31 30.88 52.71
N ARG A 88 48.11 30.64 53.76
CA ARG A 88 48.06 29.37 54.46
C ARG A 88 46.86 29.27 55.41
N ASN A 89 46.44 30.39 55.98
CA ASN A 89 45.31 30.38 56.91
C ASN A 89 43.97 30.33 56.19
N VAL A 90 43.96 30.20 54.86
CA VAL A 90 42.69 30.21 54.13
C VAL A 90 41.99 28.89 54.36
N GLN A 91 40.68 28.89 54.15
CA GLN A 91 39.88 27.69 54.24
C GLN A 91 39.09 27.55 52.95
N ALA A 92 38.63 26.33 52.69
CA ALA A 92 38.02 26.01 51.41
C ALA A 92 36.71 26.74 51.24
N GLU A 93 36.46 27.18 49.99
CA GLU A 93 35.27 27.90 49.57
C GLU A 93 35.11 29.18 50.39
N GLU A 94 36.10 30.07 50.28
CA GLU A 94 36.09 31.26 51.12
C GLU A 94 36.18 32.53 50.28
N MET A 95 35.34 33.52 50.56
CA MET A 95 35.45 34.78 49.85
C MET A 95 36.72 35.49 50.27
N VAL A 96 37.67 35.59 49.35
CA VAL A 96 38.97 36.21 49.55
C VAL A 96 39.06 37.36 48.56
N GLU A 97 39.48 38.53 49.03
CA GLU A 97 39.32 39.76 48.26
C GLU A 97 40.65 40.25 47.71
N PHE A 98 40.62 40.68 46.45
CA PHE A 98 41.77 41.24 45.78
C PHE A 98 41.83 42.73 46.01
N SER A 99 43.06 43.25 46.18
CA SER A 99 43.34 44.67 46.40
C SER A 99 43.05 45.55 45.20
N SER A 100 42.54 44.98 44.10
CA SER A 100 41.85 45.69 43.04
C SER A 100 40.40 46.00 43.39
N GLY A 101 40.03 45.90 44.67
CA GLY A 101 38.67 46.09 45.09
C GLY A 101 37.76 44.93 44.83
N LEU A 102 38.26 43.83 44.29
CA LEU A 102 37.39 42.76 43.82
C LEU A 102 37.27 41.68 44.88
N LYS A 103 36.34 40.76 44.62
CA LYS A 103 36.15 39.60 45.47
C LYS A 103 36.40 38.34 44.64
N GLY A 104 36.64 37.24 45.34
CA GLY A 104 36.66 35.94 44.70
C GLY A 104 36.35 34.93 45.77
N MET A 105 36.26 33.67 45.35
CA MET A 105 36.10 32.58 46.31
C MET A 105 37.24 31.59 46.09
N SER A 106 37.97 31.35 47.17
CA SER A 106 39.02 30.36 47.23
C SER A 106 38.39 29.01 47.10
N LEU A 107 38.55 28.43 45.93
CA LEU A 107 38.35 27.05 45.56
C LEU A 107 39.75 26.43 45.49
N ASN A 108 39.82 25.24 44.92
CA ASN A 108 40.69 24.13 45.33
C ASN A 108 42.03 24.47 45.96
N LEU A 109 42.20 24.02 47.19
CA LEU A 109 43.40 24.28 47.94
C LEU A 109 44.44 23.25 47.54
N GLU A 110 45.63 23.69 47.21
CA GLU A 110 46.73 22.82 46.84
C GLU A 110 47.92 23.16 47.72
N PRO A 111 48.88 22.23 47.88
CA PRO A 111 50.03 22.53 48.76
C PRO A 111 50.95 23.63 48.26
N ASP A 112 50.81 24.09 47.02
CA ASP A 112 51.59 25.20 46.51
C ASP A 112 50.79 26.48 46.35
N ASN A 113 49.50 26.39 46.04
CA ASN A 113 48.71 27.57 45.71
C ASN A 113 47.24 27.32 46.03
N VAL A 114 46.46 28.39 45.92
CA VAL A 114 45.02 28.39 46.17
C VAL A 114 44.34 28.83 44.89
N GLY A 115 43.33 28.08 44.43
CA GLY A 115 42.71 28.50 43.20
C GLY A 115 41.51 29.37 43.48
N VAL A 116 41.66 30.68 43.48
CA VAL A 116 40.53 31.55 43.76
C VAL A 116 39.91 31.97 42.44
N VAL A 117 38.62 31.73 42.29
CA VAL A 117 37.92 32.22 41.12
C VAL A 117 37.34 33.58 41.44
N VAL A 118 37.52 34.51 40.52
CA VAL A 118 37.24 35.92 40.77
C VAL A 118 35.76 36.16 40.61
N PHE A 119 35.30 37.33 41.02
CA PHE A 119 33.90 37.68 40.89
C PHE A 119 33.75 38.91 40.02
N GLY A 120 34.45 38.89 38.90
CA GLY A 120 34.45 40.01 37.99
C GLY A 120 35.37 39.69 36.84
N ASN A 121 35.80 40.73 36.14
CA ASN A 121 36.72 40.49 35.05
C ASN A 121 38.13 40.27 35.59
N ASP A 122 38.95 39.62 34.76
CA ASP A 122 40.36 39.46 35.06
C ASP A 122 41.18 40.67 34.66
N LYS A 123 40.55 41.64 33.99
CA LYS A 123 41.27 42.80 33.48
C LYS A 123 41.79 43.69 34.59
N LEU A 124 41.13 43.67 35.74
CA LEU A 124 41.48 44.54 36.85
C LEU A 124 42.57 43.95 37.74
N ILE A 125 43.05 42.74 37.47
CA ILE A 125 43.95 42.01 38.36
C ILE A 125 45.26 41.76 37.64
N LYS A 126 46.36 42.23 38.23
CA LYS A 126 47.68 41.96 37.70
C LYS A 126 48.22 40.66 38.29
N GLU A 127 49.51 40.43 38.07
CA GLU A 127 50.25 39.36 38.72
C GLU A 127 50.95 39.92 39.95
N GLY A 128 50.89 39.18 41.06
CA GLY A 128 51.46 39.68 42.28
C GLY A 128 50.63 40.73 42.96
N ASP A 129 49.40 40.94 42.53
CA ASP A 129 48.49 41.82 43.24
C ASP A 129 48.11 41.17 44.56
N ILE A 130 48.15 41.94 45.64
CA ILE A 130 48.08 41.39 46.98
C ILE A 130 46.66 40.95 47.29
N VAL A 131 46.51 39.71 47.73
CA VAL A 131 45.22 39.08 47.99
C VAL A 131 45.07 38.92 49.50
N LYS A 132 43.90 39.26 50.02
CA LYS A 132 43.70 39.28 51.46
C LYS A 132 42.47 38.49 51.84
N ARG A 133 42.59 37.69 52.89
CA ARG A 133 41.43 36.95 53.39
C ARG A 133 40.40 37.89 54.01
N THR A 134 39.14 37.50 53.89
CA THR A 134 38.08 38.17 54.62
C THR A 134 37.92 37.55 56.01
N GLY A 135 37.88 36.22 56.07
CA GLY A 135 37.75 35.51 57.33
C GLY A 135 36.48 34.72 57.47
N ALA A 136 35.59 34.77 56.49
CA ALA A 136 34.32 34.06 56.56
C ALA A 136 34.01 33.45 55.21
N ILE A 137 33.19 32.39 55.22
CA ILE A 137 32.74 31.72 54.01
C ILE A 137 31.91 32.71 53.17
N VAL A 138 31.79 32.40 51.88
CA VAL A 138 31.06 33.21 50.90
C VAL A 138 29.64 33.52 51.36
N ASP A 139 29.37 34.81 51.55
CA ASP A 139 28.12 35.27 52.11
C ASP A 139 27.45 36.21 51.13
N VAL A 140 26.27 36.67 51.53
CA VAL A 140 25.61 37.75 50.83
C VAL A 140 24.82 38.50 51.89
N PRO A 141 24.80 39.83 51.86
CA PRO A 141 23.94 40.57 52.77
C PRO A 141 22.48 40.31 52.46
N VAL A 142 21.65 40.38 53.51
CA VAL A 142 20.34 39.77 53.47
C VAL A 142 19.42 40.53 54.41
N GLY A 143 18.12 40.29 54.28
CA GLY A 143 17.18 40.89 55.21
C GLY A 143 15.99 41.51 54.52
N GLU A 144 15.10 42.10 55.30
CA GLU A 144 14.01 42.89 54.75
C GLU A 144 14.46 44.26 54.29
N GLU A 145 15.70 44.65 54.60
CA GLU A 145 16.25 45.90 54.12
C GLU A 145 16.79 45.79 52.70
N LEU A 146 16.71 44.62 52.08
CA LEU A 146 16.98 44.47 50.67
C LEU A 146 15.72 44.49 49.82
N LEU A 147 14.57 44.69 50.44
CA LEU A 147 13.31 44.72 49.70
C LEU A 147 13.19 46.00 48.88
N GLY A 148 12.68 45.86 47.68
CA GLY A 148 12.47 47.02 46.84
C GLY A 148 13.68 47.42 46.06
N ARG A 149 14.50 46.47 45.65
CA ARG A 149 15.85 46.91 45.30
C ARG A 149 16.54 45.96 44.35
N VAL A 150 17.32 46.53 43.43
CA VAL A 150 18.18 45.79 42.52
C VAL A 150 19.54 45.64 43.17
N VAL A 151 19.97 44.40 43.38
CA VAL A 151 21.27 44.11 43.92
C VAL A 151 22.07 43.33 42.88
N ASP A 152 23.38 43.31 43.10
CA ASP A 152 24.30 42.50 42.31
C ASP A 152 24.28 41.09 42.88
N ALA A 153 25.03 40.18 42.28
CA ALA A 153 25.09 38.81 42.79
C ALA A 153 25.80 38.72 44.14
N LEU A 154 26.66 39.66 44.46
CA LEU A 154 27.36 39.65 45.73
C LEU A 154 26.67 40.45 46.81
N GLY A 155 25.68 41.27 46.46
CA GLY A 155 24.91 42.03 47.42
C GLY A 155 25.02 43.53 47.26
N ASN A 156 25.87 44.03 46.39
CA ASN A 156 26.02 45.47 46.23
C ASN A 156 24.85 46.03 45.43
N ALA A 157 24.26 47.11 45.94
CA ALA A 157 23.12 47.72 45.26
C ALA A 157 23.58 48.46 44.02
N ILE A 158 23.08 48.04 42.86
CA ILE A 158 23.50 48.63 41.59
C ILE A 158 22.41 49.49 40.98
N ASP A 159 21.33 49.78 41.71
CA ASP A 159 20.30 50.69 41.24
C ASP A 159 20.63 52.15 41.48
N GLY A 160 21.73 52.44 42.17
CA GLY A 160 22.22 53.78 42.33
C GLY A 160 21.54 54.61 43.41
N LYS A 161 20.46 54.12 44.00
CA LYS A 161 19.76 54.90 45.03
C LYS A 161 20.21 54.54 46.45
N GLY A 162 21.52 54.63 46.68
CA GLY A 162 22.06 54.55 48.01
C GLY A 162 22.35 53.14 48.45
N PRO A 163 23.18 52.98 49.49
CA PRO A 163 23.60 51.66 49.92
C PRO A 163 22.51 50.95 50.70
N ILE A 164 22.77 49.68 50.97
CA ILE A 164 21.82 48.79 51.63
C ILE A 164 22.00 48.90 53.14
N GLY A 165 20.92 48.67 53.87
CA GLY A 165 20.94 48.72 55.32
C GLY A 165 20.84 47.35 55.95
N SER A 166 21.58 46.39 55.39
CA SER A 166 21.52 45.01 55.86
C SER A 166 22.29 44.87 57.16
N LYS A 167 21.75 44.07 58.08
CA LYS A 167 22.39 43.77 59.35
C LYS A 167 22.85 42.33 59.45
N ALA A 168 22.02 41.39 59.02
CA ALA A 168 22.38 39.98 58.99
C ALA A 168 23.25 39.70 57.77
N ARG A 169 23.66 38.45 57.62
CA ARG A 169 24.61 38.08 56.58
C ARG A 169 24.43 36.58 56.34
N ARG A 170 23.76 36.23 55.25
CA ARG A 170 23.34 34.86 55.03
C ARG A 170 24.36 34.17 54.13
N ARG A 171 24.77 32.96 54.52
CA ARG A 171 25.78 32.26 53.76
C ARG A 171 25.22 31.76 52.44
N VAL A 172 26.04 31.80 51.39
CA VAL A 172 25.52 31.56 50.04
C VAL A 172 25.44 30.08 49.71
N GLY A 173 26.05 29.21 50.51
CA GLY A 173 26.15 27.82 50.12
C GLY A 173 25.81 26.80 51.18
N LEU A 174 24.85 27.06 52.04
CA LEU A 174 24.47 26.03 52.99
C LEU A 174 23.57 24.99 52.34
N LYS A 175 23.36 23.89 53.06
CA LYS A 175 22.61 22.77 52.56
C LYS A 175 21.11 23.02 52.69
N ALA A 176 20.35 22.27 51.89
CA ALA A 176 18.92 22.25 52.02
C ALA A 176 18.52 21.56 53.33
N PRO A 177 17.35 21.85 53.88
CA PRO A 177 16.93 21.20 55.11
C PRO A 177 16.71 19.70 54.95
N GLY A 178 16.83 19.00 56.06
CA GLY A 178 16.58 17.57 56.09
C GLY A 178 15.11 17.26 55.94
N ILE A 179 14.79 15.96 55.96
CA ILE A 179 13.44 15.57 55.57
C ILE A 179 12.44 15.80 56.70
N ILE A 180 12.91 16.02 57.92
CA ILE A 180 12.06 16.30 59.08
C ILE A 180 11.67 17.77 59.23
N PRO A 181 12.56 18.78 59.15
CA PRO A 181 12.06 20.17 59.23
C PRO A 181 11.20 20.57 58.06
N ARG A 182 11.29 19.89 56.94
CA ARG A 182 10.36 20.08 55.85
C ARG A 182 8.97 19.60 56.24
N ILE A 183 7.98 20.24 55.65
CA ILE A 183 6.64 19.71 55.57
C ILE A 183 6.15 20.05 54.17
N SER A 184 5.19 19.24 53.71
CA SER A 184 4.74 19.21 52.34
C SER A 184 3.99 20.49 52.00
N VAL A 185 3.76 20.68 50.70
CA VAL A 185 3.14 21.90 50.21
C VAL A 185 1.69 21.95 50.67
N ARG A 186 1.31 23.04 51.27
CA ARG A 186 -0.09 23.25 51.57
C ARG A 186 -0.54 24.68 51.40
N GLU A 187 0.39 25.67 51.04
CA GLU A 187 -0.42 26.89 50.95
C GLU A 187 -0.65 27.25 49.48
N PRO A 188 -1.78 27.85 49.12
CA PRO A 188 -2.00 28.15 47.70
C PRO A 188 -1.20 29.35 47.26
N MET A 189 -0.36 29.19 46.25
CA MET A 189 0.26 30.32 45.58
C MET A 189 -0.36 30.42 44.19
N GLN A 190 -1.09 31.52 44.00
CA GLN A 190 -1.70 31.91 42.75
C GLN A 190 -0.73 32.76 41.95
N THR A 191 -0.50 32.38 40.71
CA THR A 191 0.22 33.24 39.80
C THR A 191 -0.66 34.35 39.23
N GLY A 192 -1.98 34.21 39.32
CA GLY A 192 -2.89 35.13 38.71
C GLY A 192 -3.33 34.73 37.33
N ILE A 193 -2.57 33.87 36.68
CA ILE A 193 -2.93 33.38 35.36
C ILE A 193 -4.07 32.39 35.51
N LYS A 194 -5.06 32.48 34.61
CA LYS A 194 -6.20 31.57 34.66
C LYS A 194 -5.78 30.13 34.40
N ALA A 195 -4.90 29.93 33.41
CA ALA A 195 -4.46 28.60 33.05
C ALA A 195 -3.63 27.97 34.16
N VAL A 196 -2.67 28.74 34.69
CA VAL A 196 -1.74 28.20 35.68
C VAL A 196 -2.46 27.90 36.98
N ASP A 197 -3.20 28.86 37.50
CA ASP A 197 -3.87 28.65 38.78
C ASP A 197 -5.09 27.74 38.67
N SER A 198 -5.66 27.57 37.48
CA SER A 198 -6.78 26.64 37.38
C SER A 198 -6.32 25.20 37.19
N LEU A 199 -5.28 24.99 36.38
CA LEU A 199 -4.88 23.66 35.95
C LEU A 199 -3.56 23.21 36.57
N VAL A 200 -2.55 24.08 36.59
CA VAL A 200 -1.22 23.71 37.05
C VAL A 200 -0.78 24.66 38.17
N PRO A 201 -1.39 24.56 39.35
CA PRO A 201 -1.25 25.62 40.38
C PRO A 201 0.06 25.54 41.12
N ILE A 202 0.38 26.58 41.91
CA ILE A 202 1.62 26.44 42.66
C ILE A 202 1.25 26.46 44.14
N GLY A 203 2.05 25.79 44.96
CA GLY A 203 1.93 25.86 46.39
C GLY A 203 3.07 26.69 46.95
N ARG A 204 2.77 27.48 47.98
CA ARG A 204 3.82 27.87 48.90
C ARG A 204 4.33 26.57 49.48
N GLY A 205 5.60 26.31 49.14
CA GLY A 205 6.44 25.21 49.55
C GLY A 205 7.19 24.52 48.41
N GLN A 206 7.20 25.08 47.19
CA GLN A 206 7.24 24.21 46.02
C GLN A 206 8.23 24.68 44.95
N ARG A 207 8.70 23.72 44.13
CA ARG A 207 9.62 23.94 43.03
C ARG A 207 8.90 23.70 41.70
N GLU A 208 8.77 24.76 40.91
CA GLU A 208 7.94 24.71 39.72
C GLU A 208 8.66 25.32 38.53
N LEU A 209 9.17 24.48 37.65
CA LEU A 209 9.98 24.86 36.52
C LEU A 209 9.12 25.36 35.37
N ILE A 210 9.42 26.58 34.90
CA ILE A 210 8.82 27.13 33.70
C ILE A 210 9.72 26.73 32.53
N ILE A 211 9.30 25.76 31.73
CA ILE A 211 10.12 25.29 30.62
C ILE A 211 9.54 25.80 29.31
N GLY A 212 10.39 26.39 28.47
CA GLY A 212 9.91 26.88 27.19
C GLY A 212 11.06 27.27 26.30
N ASP A 213 10.72 27.74 25.10
CA ASP A 213 11.70 28.04 24.07
C ASP A 213 12.10 29.51 24.15
N ARG A 214 12.82 29.99 23.14
CA ARG A 214 13.15 31.40 23.03
C ARG A 214 11.90 32.21 22.73
N GLN A 215 11.78 33.37 23.39
CA GLN A 215 10.73 34.36 23.16
C GLN A 215 9.33 33.78 23.34
N THR A 216 9.17 32.81 24.22
CA THR A 216 7.88 32.12 24.28
C THR A 216 6.86 32.83 25.15
N GLY A 217 6.98 32.72 26.46
CA GLY A 217 6.11 33.42 27.38
C GLY A 217 6.72 33.52 28.76
N LYS A 218 7.99 33.14 28.86
CA LYS A 218 8.51 32.59 30.10
C LYS A 218 8.67 33.66 31.18
N THR A 219 9.24 34.80 30.81
CA THR A 219 9.42 35.85 31.80
C THR A 219 8.09 36.49 32.19
N SER A 220 7.16 36.63 31.24
CA SER A 220 5.90 37.30 31.50
C SER A 220 5.02 36.54 32.50
N ILE A 221 5.11 35.21 32.50
CA ILE A 221 4.44 34.41 33.52
C ILE A 221 4.98 34.73 34.90
N ALA A 222 6.31 34.89 35.01
CA ALA A 222 6.91 35.24 36.28
C ALA A 222 6.61 36.67 36.68
N ILE A 223 6.51 37.58 35.71
CA ILE A 223 6.17 38.96 36.05
C ILE A 223 4.71 39.06 36.48
N ASP A 224 3.83 38.26 35.87
CA ASP A 224 2.45 38.22 36.33
C ASP A 224 2.35 37.61 37.71
N THR A 225 3.17 36.59 37.99
CA THR A 225 3.22 35.99 39.32
C THR A 225 3.70 36.99 40.36
N ILE A 226 4.64 37.86 39.97
CA ILE A 226 5.15 38.88 40.86
C ILE A 226 4.11 39.98 41.08
N ILE A 227 3.55 40.53 40.00
CA ILE A 227 2.56 41.60 40.08
C ILE A 227 1.28 41.18 40.81
N ASN A 228 0.95 39.87 40.78
CA ASN A 228 -0.25 39.35 41.43
C ASN A 228 -0.23 39.57 42.94
N GLN A 229 0.96 39.59 43.54
CA GLN A 229 1.07 39.58 44.99
C GLN A 229 0.84 40.94 45.62
N LYS A 230 0.50 41.96 44.83
CA LYS A 230 0.35 43.30 45.37
C LYS A 230 -0.89 43.40 46.25
N ARG A 231 -1.97 42.71 45.86
CA ARG A 231 -3.18 42.73 46.66
C ARG A 231 -3.01 42.00 47.99
N PHE A 232 -2.09 41.06 48.07
CA PHE A 232 -1.87 40.35 49.32
C PHE A 232 -0.94 41.15 50.22
N ASN A 233 -0.02 41.89 49.61
CA ASN A 233 0.98 42.66 50.32
C ASN A 233 0.46 44.00 50.79
N ASP A 234 -0.60 44.53 50.17
CA ASP A 234 -1.30 45.67 50.73
C ASP A 234 -2.36 45.26 51.75
N GLY A 235 -2.45 43.98 52.09
CA GLY A 235 -3.42 43.49 53.03
C GLY A 235 -2.93 43.49 54.46
N THR A 236 -3.58 42.67 55.29
CA THR A 236 -3.35 42.67 56.73
C THR A 236 -2.42 41.55 57.18
N ASP A 237 -2.77 40.30 56.87
CA ASP A 237 -2.11 39.15 57.47
C ASP A 237 -0.74 38.92 56.85
N GLU A 238 0.27 38.79 57.70
CA GLU A 238 1.63 38.47 57.26
C GLU A 238 1.75 37.03 56.77
N LYS A 239 0.77 36.18 57.05
CA LYS A 239 0.73 34.82 56.53
C LYS A 239 0.21 34.76 55.10
N LYS A 240 0.05 35.90 54.44
CA LYS A 240 -0.33 35.96 53.04
C LYS A 240 0.56 36.91 52.23
N LYS A 241 1.22 37.88 52.87
CA LYS A 241 2.10 38.83 52.21
C LYS A 241 3.30 38.13 51.57
N LEU A 242 3.96 38.82 50.64
CA LEU A 242 5.01 38.11 49.92
C LEU A 242 6.25 38.97 49.60
N TYR A 243 7.35 38.23 49.61
CA TYR A 243 8.68 38.74 49.39
C TYR A 243 9.27 37.89 48.28
N CYS A 244 9.52 38.51 47.14
CA CYS A 244 9.83 37.85 45.89
C CYS A 244 11.24 38.24 45.47
N ILE A 245 11.97 37.29 44.91
CA ILE A 245 13.32 37.51 44.43
C ILE A 245 13.35 37.15 42.96
N TYR A 246 13.94 38.00 42.13
CA TYR A 246 14.05 37.75 40.70
C TYR A 246 15.52 37.71 40.34
N VAL A 247 16.07 36.51 40.14
CA VAL A 247 17.48 36.33 39.86
C VAL A 247 17.63 36.25 38.35
N ALA A 248 18.05 37.35 37.74
CA ALA A 248 18.22 37.42 36.29
C ALA A 248 19.64 36.96 35.96
N ILE A 249 19.77 35.78 35.36
CA ILE A 249 21.07 35.19 35.09
C ILE A 249 21.29 35.26 33.59
N GLY A 250 22.35 35.95 33.18
CA GLY A 250 22.70 36.00 31.76
C GLY A 250 21.76 36.80 30.90
N GLN A 251 20.89 37.62 31.49
CA GLN A 251 19.92 38.37 30.71
C GLN A 251 20.59 39.54 30.02
N LYS A 252 19.83 40.16 29.11
CA LYS A 252 20.22 41.49 28.66
C LYS A 252 19.98 42.48 29.79
N ARG A 253 20.90 43.43 29.93
CA ARG A 253 20.75 44.42 31.00
C ARG A 253 19.58 45.34 30.74
N SER A 254 19.24 45.58 29.47
CA SER A 254 18.08 46.36 29.12
C SER A 254 16.79 45.67 29.52
N THR A 255 16.74 44.33 29.43
CA THR A 255 15.55 43.61 29.84
C THR A 255 15.34 43.68 31.35
N VAL A 256 16.42 43.66 32.11
CA VAL A 256 16.31 43.82 33.56
C VAL A 256 15.90 45.24 33.90
N ALA A 257 16.36 46.22 33.12
CA ALA A 257 15.95 47.61 33.32
C ALA A 257 14.46 47.79 33.05
N GLN A 258 13.95 47.22 31.95
CA GLN A 258 12.51 47.34 31.71
C GLN A 258 11.69 46.47 32.65
N LEU A 259 12.25 45.39 33.18
CA LEU A 259 11.58 44.64 34.23
C LEU A 259 11.38 45.48 35.48
N VAL A 260 12.43 46.15 35.93
CA VAL A 260 12.34 47.03 37.09
C VAL A 260 11.42 48.21 36.80
N LYS A 261 11.38 48.67 35.56
CA LYS A 261 10.46 49.75 35.22
C LYS A 261 9.01 49.30 35.26
N ARG A 262 8.70 48.09 34.76
CA ARG A 262 7.33 47.61 34.83
C ARG A 262 6.90 47.30 36.25
N LEU A 263 7.83 46.85 37.09
CA LEU A 263 7.46 46.59 38.48
C LEU A 263 7.27 47.89 39.26
N THR A 264 8.10 48.90 38.99
CA THR A 264 7.90 50.21 39.61
C THR A 264 6.64 50.88 39.09
N ASP A 265 6.32 50.69 37.81
CA ASP A 265 5.11 51.25 37.23
C ASP A 265 3.87 50.59 37.79
N ALA A 266 3.94 49.29 38.10
CA ALA A 266 2.82 48.56 38.69
C ALA A 266 2.84 48.59 40.20
N ASP A 267 3.73 49.37 40.81
CA ASP A 267 3.91 49.49 42.26
C ASP A 267 4.17 48.12 42.88
N ALA A 268 5.01 47.36 42.20
CA ALA A 268 5.13 45.92 42.40
C ALA A 268 6.52 45.57 42.93
N MET A 269 6.99 46.31 43.92
CA MET A 269 8.38 46.20 44.29
C MET A 269 8.60 45.88 45.77
N LYS A 270 7.55 45.84 46.58
CA LYS A 270 7.74 45.79 48.04
C LYS A 270 8.20 44.41 48.52
N TYR A 271 7.48 43.34 48.18
CA TYR A 271 8.12 42.08 47.92
C TYR A 271 9.47 42.05 47.16
N THR A 272 9.71 42.87 46.14
CA THR A 272 10.69 42.49 45.12
C THR A 272 12.14 42.91 45.41
N ILE A 273 13.01 41.91 45.49
CA ILE A 273 14.44 42.04 45.28
C ILE A 273 14.72 41.58 43.86
N VAL A 274 15.64 42.24 43.16
CA VAL A 274 16.08 41.76 41.85
C VAL A 274 17.58 41.54 41.91
N VAL A 275 18.00 40.28 41.85
CA VAL A 275 19.42 39.93 41.87
C VAL A 275 19.88 39.83 40.42
N SER A 276 20.69 40.77 39.97
CA SER A 276 21.03 40.90 38.57
C SER A 276 22.47 40.45 38.33
N ALA A 277 22.66 39.40 37.52
CA ALA A 277 23.97 39.03 37.00
C ALA A 277 23.75 38.81 35.51
N THR A 278 23.87 39.88 34.74
CA THR A 278 23.52 39.88 33.34
C THR A 278 24.66 39.32 32.50
N ALA A 279 24.52 39.45 31.18
CA ALA A 279 25.44 38.79 30.26
C ALA A 279 26.81 39.45 30.25
N SER A 280 26.86 40.77 30.38
CA SER A 280 28.15 41.45 30.40
C SER A 280 28.89 41.23 31.72
N ASP A 281 28.20 40.78 32.75
CA ASP A 281 28.87 40.39 33.99
C ASP A 281 29.63 39.09 33.77
N ALA A 282 30.59 38.82 34.66
CA ALA A 282 31.45 37.66 34.50
C ALA A 282 30.68 36.38 34.74
N ALA A 283 31.20 35.30 34.21
CA ALA A 283 30.54 34.01 34.33
C ALA A 283 30.60 33.37 35.72
N PRO A 284 31.68 33.47 36.51
CA PRO A 284 31.55 33.04 37.92
C PRO A 284 30.74 33.98 38.77
N LEU A 285 30.35 35.14 38.26
CA LEU A 285 29.36 35.96 38.93
C LEU A 285 27.95 35.49 38.61
N GLN A 286 27.76 34.92 37.42
CA GLN A 286 26.49 34.28 37.09
C GLN A 286 26.36 32.91 37.74
N TYR A 287 27.49 32.29 38.08
CA TYR A 287 27.47 31.09 38.89
C TYR A 287 26.91 31.35 40.28
N LEU A 288 27.14 32.54 40.83
CA LEU A 288 26.85 32.80 42.23
C LEU A 288 25.47 33.40 42.46
N ALA A 289 24.84 33.93 41.41
CA ALA A 289 23.61 34.72 41.56
C ALA A 289 22.40 33.96 42.10
N PRO A 290 22.02 32.77 41.60
CA PRO A 290 20.84 32.12 42.19
C PRO A 290 21.11 31.54 43.56
N TYR A 291 22.38 31.28 43.88
CA TYR A 291 22.74 30.91 45.25
C TYR A 291 22.51 32.08 46.20
N SER A 292 22.85 33.29 45.77
CA SER A 292 22.57 34.47 46.58
C SER A 292 21.08 34.71 46.71
N GLY A 293 20.32 34.46 45.64
CA GLY A 293 18.88 34.61 45.72
C GLY A 293 18.24 33.59 46.66
N CYS A 294 18.73 32.35 46.64
CA CYS A 294 18.28 31.37 47.62
C CYS A 294 18.66 31.77 49.03
N SER A 295 19.77 32.48 49.20
CA SER A 295 20.09 32.99 50.53
C SER A 295 19.10 34.05 50.99
N MET A 296 18.64 34.91 50.07
CA MET A 296 17.60 35.90 50.40
C MET A 296 16.31 35.20 50.83
N GLY A 297 15.76 34.39 49.92
CA GLY A 297 14.52 33.69 50.20
C GLY A 297 14.64 32.69 51.33
N GLU A 298 15.85 32.22 51.60
CA GLU A 298 16.10 31.28 52.68
C GLU A 298 16.13 32.00 54.02
N TYR A 299 16.60 33.25 54.05
CA TYR A 299 16.40 34.09 55.23
C TYR A 299 14.93 34.27 55.53
N PHE A 300 14.14 34.59 54.50
CA PHE A 300 12.70 34.76 54.73
C PHE A 300 12.04 33.46 55.19
N ARG A 301 12.46 32.33 54.61
CA ARG A 301 11.90 31.04 54.94
C ARG A 301 12.25 30.63 56.37
N ASP A 302 13.49 30.86 56.78
CA ASP A 302 13.89 30.52 58.14
C ASP A 302 13.23 31.43 59.17
N ASN A 303 13.02 32.70 58.84
CA ASN A 303 12.28 33.56 59.76
C ASN A 303 10.79 33.26 59.78
N GLY A 304 10.28 32.53 58.80
CA GLY A 304 8.88 32.17 58.82
C GLY A 304 8.00 33.07 58.00
N LYS A 305 8.58 33.81 57.07
CA LYS A 305 7.85 34.67 56.16
C LYS A 305 7.89 34.00 54.79
N HIS A 306 6.74 33.95 54.13
CA HIS A 306 6.65 33.21 52.87
C HIS A 306 7.38 33.94 51.75
N ALA A 307 7.99 33.19 50.85
CA ALA A 307 8.84 33.83 49.86
C ALA A 307 8.75 33.14 48.50
N LEU A 308 9.01 33.92 47.46
CA LEU A 308 9.02 33.47 46.08
C LEU A 308 10.37 33.79 45.47
N ILE A 309 10.81 32.99 44.50
CA ILE A 309 12.00 33.30 43.73
C ILE A 309 11.84 32.78 42.32
N ILE A 310 12.31 33.56 41.35
CA ILE A 310 12.30 33.21 39.93
C ILE A 310 13.74 33.22 39.45
N TYR A 311 14.15 32.16 38.77
CA TYR A 311 15.48 32.01 38.22
C TYR A 311 15.38 32.25 36.72
N ASP A 312 15.57 33.49 36.28
CA ASP A 312 15.36 33.78 34.87
C ASP A 312 16.59 33.31 34.09
N ASP A 313 16.33 32.35 33.18
CA ASP A 313 17.33 31.62 32.39
C ASP A 313 18.35 30.93 33.28
N LEU A 314 17.85 29.90 33.97
CA LEU A 314 18.72 29.02 34.72
C LEU A 314 19.57 28.13 33.81
N SER A 315 19.20 28.04 32.52
CA SER A 315 20.11 27.41 31.57
C SER A 315 21.39 28.21 31.40
N LYS A 316 21.30 29.55 31.46
CA LYS A 316 22.50 30.37 31.34
C LYS A 316 23.39 30.26 32.56
N GLN A 317 22.84 29.93 33.72
CA GLN A 317 23.65 29.62 34.88
C GLN A 317 24.45 28.35 34.64
N ALA A 318 23.85 27.36 33.98
CA ALA A 318 24.58 26.14 33.67
C ALA A 318 25.57 26.34 32.54
N VAL A 319 25.31 27.28 31.63
CA VAL A 319 26.28 27.62 30.59
C VAL A 319 27.49 28.31 31.19
N ALA A 320 27.27 29.21 32.15
CA ALA A 320 28.38 29.85 32.84
C ALA A 320 29.18 28.85 33.67
N TYR A 321 28.49 27.89 34.29
CA TYR A 321 29.21 26.88 35.05
C TYR A 321 29.96 25.93 34.14
N ARG A 322 29.39 25.63 32.96
CA ARG A 322 30.11 24.87 31.95
C ARG A 322 31.39 25.58 31.53
N GLN A 323 31.32 26.89 31.33
CA GLN A 323 32.49 27.57 30.78
C GLN A 323 33.58 27.70 31.84
N MET A 324 33.22 27.95 33.10
CA MET A 324 34.26 28.01 34.12
C MET A 324 34.76 26.62 34.49
N SER A 325 33.92 25.59 34.35
CA SER A 325 34.37 24.22 34.51
C SER A 325 35.39 23.83 33.45
N LEU A 326 35.15 24.22 32.20
CA LEU A 326 36.10 23.93 31.15
C LEU A 326 37.34 24.80 31.22
N LEU A 327 37.26 25.96 31.86
CA LEU A 327 38.49 26.71 32.11
C LEU A 327 39.29 26.11 33.26
N LEU A 328 38.63 25.39 34.17
CA LEU A 328 39.38 24.62 35.16
C LEU A 328 39.86 23.27 34.66
N ARG A 329 39.77 23.01 33.34
CA ARG A 329 40.21 21.78 32.69
C ARG A 329 39.51 20.54 33.23
N ARG A 330 38.28 20.69 33.70
CA ARG A 330 37.50 19.57 34.16
C ARG A 330 37.04 18.74 32.95
N PRO A 331 36.90 17.43 33.12
CA PRO A 331 36.46 16.57 32.03
C PRO A 331 35.02 16.86 31.63
N PRO A 332 34.78 17.25 30.38
CA PRO A 332 33.41 17.52 29.95
C PRO A 332 32.63 16.24 29.73
N GLY A 333 31.33 16.33 29.90
CA GLY A 333 30.48 15.17 29.80
C GLY A 333 29.53 15.20 28.63
N ARG A 334 28.27 15.51 28.88
CA ARG A 334 27.25 15.45 27.84
C ARG A 334 27.01 16.84 27.30
N GLU A 335 27.08 16.99 25.97
CA GLU A 335 27.09 18.24 25.20
C GLU A 335 27.91 19.35 25.87
N ALA A 336 29.12 18.95 26.33
CA ALA A 336 30.16 19.71 27.03
C ALA A 336 29.79 20.10 28.46
N TYR A 337 28.58 19.79 28.96
CA TYR A 337 28.33 20.03 30.37
C TYR A 337 28.95 18.92 31.20
N PRO A 338 29.62 19.27 32.30
CA PRO A 338 30.31 18.27 33.11
C PRO A 338 29.37 17.48 34.00
N GLY A 339 29.93 16.65 34.87
CA GLY A 339 29.12 15.86 35.77
C GLY A 339 28.44 16.65 36.87
N ASP A 340 28.94 17.85 37.18
CA ASP A 340 28.49 18.62 38.32
C ASP A 340 27.26 19.47 38.04
N VAL A 341 26.61 19.32 36.91
CA VAL A 341 25.48 20.19 36.57
C VAL A 341 24.24 19.82 37.38
N PHE A 342 24.05 18.51 37.60
CA PHE A 342 22.92 18.07 38.41
C PHE A 342 23.09 18.49 39.86
N TYR A 343 24.30 18.35 40.40
CA TYR A 343 24.56 18.79 41.76
C TYR A 343 24.39 20.29 41.91
N LEU A 344 24.76 21.03 40.86
CA LEU A 344 24.57 22.47 40.79
C LEU A 344 23.10 22.85 40.98
N HIS A 345 22.25 22.39 40.06
CA HIS A 345 20.85 22.78 40.17
C HIS A 345 20.13 22.08 41.31
N SER A 346 20.65 20.97 41.83
CA SER A 346 19.98 20.30 42.94
C SER A 346 20.21 21.01 44.25
N ARG A 347 21.48 21.38 44.54
CA ARG A 347 21.72 22.16 45.73
C ARG A 347 21.17 23.58 45.60
N LEU A 348 20.93 24.04 44.37
CA LEU A 348 20.23 25.30 44.19
C LEU A 348 18.75 25.16 44.56
N LEU A 349 18.03 24.29 43.86
CA LEU A 349 16.58 24.27 43.94
C LEU A 349 16.08 23.66 45.22
N GLU A 350 16.85 22.75 45.83
CA GLU A 350 16.37 21.92 46.92
C GLU A 350 16.10 22.70 48.21
N ARG A 351 16.39 24.00 48.25
CA ARG A 351 16.11 24.80 49.44
C ARG A 351 14.66 25.24 49.58
N ALA A 352 13.79 24.83 48.66
CA ALA A 352 12.37 25.15 48.77
C ALA A 352 11.61 24.04 49.50
N ALA A 353 10.77 24.45 50.46
CA ALA A 353 9.99 23.54 51.30
C ALA A 353 8.98 24.36 52.08
N LYS A 354 7.87 23.74 52.48
CA LYS A 354 7.10 24.39 53.52
C LYS A 354 7.82 24.02 54.81
N MET A 355 7.90 24.95 55.74
CA MET A 355 8.51 24.61 57.01
C MET A 355 7.48 24.06 57.96
N ASN A 356 7.88 23.04 58.71
CA ASN A 356 7.11 22.57 59.85
C ASN A 356 6.91 23.72 60.83
N ASP A 357 5.76 23.73 61.50
CA ASP A 357 5.42 24.85 62.37
C ASP A 357 6.29 24.91 63.62
N ALA A 358 7.01 23.84 63.95
CA ALA A 358 8.04 23.92 64.96
C ALA A 358 9.22 24.76 64.49
N PHE A 359 9.53 24.72 63.20
CA PHE A 359 10.61 25.50 62.62
C PHE A 359 10.11 26.84 62.08
N GLY A 360 9.42 27.59 62.94
CA GLY A 360 8.90 28.89 62.55
C GLY A 360 7.61 28.82 61.79
N GLY A 361 7.63 28.18 60.63
CA GLY A 361 6.46 28.06 59.80
C GLY A 361 6.53 29.04 58.66
N GLY A 362 6.96 28.56 57.50
CA GLY A 362 7.26 29.44 56.40
C GLY A 362 7.58 28.61 55.19
N SER A 363 7.87 29.29 54.09
CA SER A 363 7.98 28.56 52.84
C SER A 363 8.83 29.32 51.85
N LEU A 364 9.44 28.57 50.95
CA LEU A 364 10.03 29.11 49.74
C LEU A 364 9.35 28.46 48.53
N THR A 365 9.24 29.25 47.48
CA THR A 365 8.67 28.77 46.23
C THR A 365 9.62 29.14 45.11
N ALA A 366 10.30 28.13 44.56
CA ALA A 366 11.25 28.37 43.49
C ALA A 366 10.57 28.16 42.15
N LEU A 367 10.80 29.08 41.22
CA LEU A 367 10.37 28.95 39.83
C LEU A 367 11.58 29.17 38.94
N PRO A 368 12.28 28.11 38.58
CA PRO A 368 13.33 28.25 37.57
C PRO A 368 12.71 28.45 36.21
N VAL A 369 13.46 29.06 35.31
CA VAL A 369 13.02 29.28 33.95
C VAL A 369 14.07 28.64 33.07
N ILE A 370 13.71 27.57 32.38
CA ILE A 370 14.67 26.82 31.59
C ILE A 370 14.29 26.95 30.12
N GLU A 371 15.31 27.03 29.29
CA GLU A 371 15.20 27.44 27.90
C GLU A 371 15.63 26.28 27.01
N THR A 372 14.73 25.84 26.16
CA THR A 372 14.97 24.71 25.27
C THR A 372 15.17 25.22 23.85
N GLN A 373 15.99 24.50 23.10
CA GLN A 373 16.31 24.86 21.73
C GLN A 373 15.31 24.18 20.81
N ALA A 374 14.38 24.97 20.25
CA ALA A 374 13.39 24.56 19.25
C ALA A 374 12.50 23.42 19.74
N GLY A 375 12.01 23.56 20.98
CA GLY A 375 11.13 22.58 21.57
C GLY A 375 11.81 21.25 21.84
N ASP A 376 12.78 21.27 22.75
CA ASP A 376 13.58 20.09 23.08
C ASP A 376 13.46 19.90 24.59
N VAL A 377 12.40 19.21 25.01
CA VAL A 377 12.11 19.02 26.43
C VAL A 377 13.09 18.07 27.10
N SER A 378 13.87 17.32 26.32
CA SER A 378 14.74 16.29 26.86
C SER A 378 16.20 16.48 26.47
N ALA A 379 16.68 17.73 26.42
CA ALA A 379 17.99 17.98 25.83
C ALA A 379 19.17 17.43 26.62
N TYR A 380 19.61 18.11 27.67
CA TYR A 380 20.31 17.49 28.79
C TYR A 380 19.94 18.17 30.10
N ILE A 381 19.93 19.49 30.07
CA ILE A 381 19.61 20.29 31.24
C ILE A 381 18.12 20.29 31.54
N PRO A 382 17.18 20.41 30.57
CA PRO A 382 15.76 20.26 30.95
C PRO A 382 15.42 18.94 31.61
N THR A 383 16.07 17.84 31.24
CA THR A 383 15.88 16.60 32.00
C THR A 383 16.39 16.71 33.43
N ASN A 384 17.53 17.39 33.64
CA ASN A 384 18.02 17.55 35.00
C ASN A 384 17.08 18.40 35.85
N VAL A 385 16.64 19.54 35.31
CA VAL A 385 15.87 20.45 36.15
C VAL A 385 14.39 20.07 36.17
N ILE A 386 13.97 19.10 35.36
CA ILE A 386 12.70 18.43 35.61
C ILE A 386 12.85 17.36 36.68
N SER A 387 13.97 16.62 36.65
CA SER A 387 14.25 15.63 37.68
C SER A 387 14.50 16.23 39.04
N ILE A 388 14.75 17.53 39.14
CA ILE A 388 14.88 18.19 40.43
C ILE A 388 13.56 18.82 40.87
N THR A 389 12.96 19.65 40.03
CA THR A 389 11.74 20.35 40.41
C THR A 389 10.56 19.40 40.49
N ASP A 390 9.74 19.58 41.52
CA ASP A 390 8.48 18.85 41.58
C ASP A 390 7.34 19.63 40.95
N GLY A 391 7.61 20.13 39.75
CA GLY A 391 6.59 20.48 38.79
C GLY A 391 7.23 21.01 37.54
N GLN A 392 6.72 20.63 36.37
CA GLN A 392 7.19 21.18 35.10
C GLN A 392 6.03 21.87 34.38
N ILE A 393 5.81 23.16 34.71
CA ILE A 393 4.86 23.99 33.96
C ILE A 393 5.44 24.06 32.57
N PHE A 394 4.79 23.34 31.68
CA PHE A 394 5.38 23.33 30.31
C PHE A 394 4.73 24.35 29.35
N LEU A 395 5.55 24.91 28.44
CA LEU A 395 5.11 25.85 27.41
C LEU A 395 5.48 25.37 26.01
N GLU A 396 4.74 25.84 25.00
CA GLU A 396 5.07 25.59 23.59
C GLU A 396 5.16 26.90 22.82
N THR A 397 5.66 26.81 21.59
CA THR A 397 5.85 27.98 20.72
C THR A 397 4.81 28.06 19.60
N GLU A 398 4.44 26.92 19.03
CA GLU A 398 3.43 26.89 17.97
C GLU A 398 2.07 27.32 18.48
N LEU A 399 1.80 27.15 19.77
CA LEU A 399 0.64 27.79 20.37
C LEU A 399 0.81 29.31 20.41
N PHE A 400 2.01 29.77 20.75
CA PHE A 400 2.27 31.20 20.86
C PHE A 400 2.18 31.92 19.52
N TYR A 401 2.40 31.21 18.41
CA TYR A 401 2.11 31.82 17.12
C TYR A 401 0.63 31.74 16.76
N LYS A 402 -0.11 30.80 17.34
CA LYS A 402 -1.55 30.71 17.12
C LYS A 402 -2.33 31.81 17.84
N GLY A 403 -1.70 32.57 18.72
CA GLY A 403 -2.33 33.69 19.37
C GLY A 403 -2.76 33.47 20.79
N ILE A 404 -2.71 32.23 21.29
CA ILE A 404 -3.07 31.99 22.68
C ILE A 404 -1.92 32.43 23.58
N ARG A 405 -2.22 33.36 24.49
CA ARG A 405 -1.28 33.81 25.50
C ARG A 405 -1.87 33.59 26.88
N PRO A 406 -1.16 32.91 27.79
CA PRO A 406 0.12 32.25 27.58
C PRO A 406 -0.04 30.91 26.90
N ALA A 407 1.06 30.33 26.42
CA ALA A 407 1.01 29.14 25.59
C ALA A 407 1.24 27.89 26.42
N ILE A 408 0.34 27.65 27.36
CA ILE A 408 0.45 26.51 28.26
C ILE A 408 -0.02 25.25 27.54
N ASN A 409 0.84 24.25 27.44
CA ASN A 409 0.50 22.98 26.81
C ASN A 409 -0.08 22.06 27.88
N VAL A 410 -1.37 22.28 28.18
CA VAL A 410 -2.01 21.83 29.42
C VAL A 410 -1.94 20.31 29.58
N GLY A 411 -2.06 19.58 28.46
CA GLY A 411 -1.90 18.14 28.51
C GLY A 411 -0.49 17.70 28.88
N LEU A 412 0.51 18.42 28.36
CA LEU A 412 1.89 18.10 28.71
C LEU A 412 2.42 18.97 29.83
N SER A 413 1.83 20.15 30.05
CA SER A 413 2.25 20.98 31.17
C SER A 413 1.73 20.35 32.42
N VAL A 414 2.61 19.95 33.30
CA VAL A 414 2.14 19.72 34.61
C VAL A 414 2.55 20.97 35.39
N SER A 415 1.94 21.05 36.59
CA SER A 415 2.53 21.27 37.91
C SER A 415 2.12 20.09 38.79
N ARG A 416 3.06 19.49 39.51
CA ARG A 416 2.81 18.15 40.06
C ARG A 416 1.99 18.17 41.34
N VAL A 417 2.51 18.79 42.39
CA VAL A 417 1.99 18.60 43.74
C VAL A 417 1.19 19.86 44.07
N GLY A 418 0.67 20.52 43.04
CA GLY A 418 -0.13 21.70 43.26
C GLY A 418 -1.56 21.43 43.62
N SER A 419 -2.07 20.24 43.31
CA SER A 419 -3.46 19.92 43.58
C SER A 419 -3.66 19.35 44.98
N ALA A 420 -3.03 20.00 45.93
CA ALA A 420 -3.33 19.93 47.35
C ALA A 420 -3.28 21.31 47.96
N ALA A 421 -2.82 22.30 47.21
CA ALA A 421 -2.78 23.69 47.61
C ALA A 421 -3.75 24.48 46.74
N GLN A 422 -4.95 23.96 46.56
CA GLN A 422 -6.00 24.69 45.88
C GLN A 422 -6.74 25.58 46.86
N THR A 423 -7.74 26.29 46.34
CA THR A 423 -8.53 27.18 47.17
C THR A 423 -9.74 26.46 47.78
N ARG A 424 -10.12 25.32 47.20
CA ARG A 424 -11.31 24.47 47.36
C ARG A 424 -12.54 25.12 46.68
N ALA A 425 -12.46 26.39 46.28
CA ALA A 425 -13.39 26.86 45.27
C ALA A 425 -12.91 26.45 43.89
N MET A 426 -11.60 26.51 43.68
CA MET A 426 -11.04 26.11 42.39
C MET A 426 -11.09 24.60 42.21
N LYS A 427 -11.10 23.82 43.30
CA LYS A 427 -11.42 22.41 43.17
C LYS A 427 -12.85 22.21 42.72
N GLN A 428 -13.79 23.02 43.25
CA GLN A 428 -15.17 22.89 42.85
C GLN A 428 -15.44 23.42 41.45
N VAL A 429 -14.52 24.19 40.88
CA VAL A 429 -14.79 24.81 39.58
C VAL A 429 -13.78 24.42 38.51
N ALA A 430 -12.61 23.84 38.84
CA ALA A 430 -11.64 23.52 37.80
C ALA A 430 -11.26 22.05 37.71
N GLY A 431 -11.76 21.19 38.58
CA GLY A 431 -11.63 19.77 38.32
C GLY A 431 -12.49 19.32 37.16
N THR A 432 -13.73 19.82 37.12
CA THR A 432 -14.60 19.60 35.98
C THR A 432 -14.05 20.25 34.73
N MET A 433 -13.36 21.39 34.88
CA MET A 433 -12.71 22.03 33.74
C MET A 433 -11.57 21.19 33.19
N LYS A 434 -10.76 20.60 34.06
CA LYS A 434 -9.67 19.75 33.60
C LYS A 434 -10.20 18.50 32.94
N LEU A 435 -11.33 17.96 33.42
CA LEU A 435 -11.92 16.80 32.77
C LEU A 435 -12.50 17.17 31.40
N GLU A 436 -13.21 18.31 31.32
CA GLU A 436 -13.83 18.72 30.05
C GLU A 436 -12.80 19.17 29.04
N LEU A 437 -11.61 19.59 29.49
CA LEU A 437 -10.54 19.92 28.57
C LEU A 437 -9.68 18.71 28.25
N ALA A 438 -9.71 17.68 29.09
CA ALA A 438 -9.10 16.40 28.74
C ALA A 438 -9.95 15.63 27.74
N GLN A 439 -11.26 15.93 27.69
CA GLN A 439 -12.08 15.40 26.60
C GLN A 439 -11.74 16.04 25.27
N TYR A 440 -11.13 17.23 25.27
CA TYR A 440 -10.80 17.93 24.05
C TYR A 440 -9.54 17.39 23.38
N ARG A 441 -8.72 16.65 24.10
CA ARG A 441 -7.40 16.25 23.62
C ARG A 441 -7.41 14.91 22.91
N GLU A 442 -8.55 14.48 22.39
CA GLU A 442 -8.62 13.35 21.48
C GLU A 442 -9.41 13.69 20.22
N VAL A 443 -10.03 14.86 20.17
CA VAL A 443 -11.06 15.17 19.17
C VAL A 443 -10.56 16.24 18.18
N ALA A 444 -9.39 16.84 18.43
CA ALA A 444 -8.86 17.86 17.52
C ALA A 444 -8.53 17.29 16.15
N ALA A 445 -8.01 16.06 16.10
CA ALA A 445 -7.85 15.38 14.82
C ALA A 445 -9.21 14.97 14.24
N PHE A 446 -10.14 14.56 15.10
CA PHE A 446 -11.49 14.25 14.66
C PHE A 446 -12.25 15.51 14.25
N ALA A 447 -11.83 16.68 14.70
CA ALA A 447 -12.37 17.92 14.17
C ALA A 447 -11.68 18.33 12.87
N GLN A 448 -10.42 17.90 12.68
CA GLN A 448 -9.74 18.14 11.42
C GLN A 448 -10.39 17.35 10.29
N PHE A 449 -10.63 16.06 10.50
CA PHE A 449 -11.24 15.21 9.48
C PHE A 449 -12.74 15.03 9.71
N GLY A 450 -13.41 16.06 10.23
CA GLY A 450 -14.79 15.91 10.63
C GLY A 450 -15.81 16.71 9.85
N SER A 451 -16.62 16.01 9.07
CA SER A 451 -17.81 16.57 8.43
C SER A 451 -19.09 15.92 8.90
N ASP A 452 -19.04 14.64 9.24
CA ASP A 452 -20.16 13.91 9.83
C ASP A 452 -19.71 13.42 11.20
N LEU A 453 -19.87 14.27 12.21
CA LEU A 453 -19.55 13.92 13.59
C LEU A 453 -20.83 13.83 14.41
N ASP A 454 -20.70 13.19 15.58
CA ASP A 454 -21.81 13.11 16.51
C ASP A 454 -22.10 14.50 17.07
N ALA A 455 -23.35 14.71 17.48
CA ALA A 455 -23.73 15.99 18.09
C ALA A 455 -23.09 16.16 19.46
N ALA A 456 -22.99 15.08 20.24
CA ALA A 456 -22.34 15.17 21.55
C ALA A 456 -20.84 15.34 21.40
N THR A 457 -20.24 14.69 20.41
CA THR A 457 -18.81 14.82 20.16
C THR A 457 -18.47 16.22 19.70
N GLN A 458 -19.28 16.78 18.80
CA GLN A 458 -19.10 18.17 18.39
C GLN A 458 -19.36 19.13 19.53
N GLN A 459 -20.28 18.78 20.43
CA GLN A 459 -20.57 19.63 21.59
C GLN A 459 -19.39 19.70 22.54
N LEU A 460 -18.78 18.55 22.85
CA LEU A 460 -17.62 18.56 23.74
C LEU A 460 -16.39 19.17 23.07
N LEU A 461 -16.24 18.97 21.76
CA LEU A 461 -15.19 19.64 21.00
C LEU A 461 -15.35 21.16 21.06
N SER A 462 -16.59 21.63 20.91
CA SER A 462 -16.84 23.06 20.91
C SER A 462 -16.66 23.65 22.30
N ARG A 463 -17.03 22.90 23.34
CA ARG A 463 -16.77 23.38 24.70
C ARG A 463 -15.28 23.44 25.00
N GLY A 464 -14.49 22.49 24.47
CA GLY A 464 -13.06 22.59 24.63
C GLY A 464 -12.46 23.78 23.90
N VAL A 465 -13.01 24.10 22.73
CA VAL A 465 -12.61 25.32 22.00
C VAL A 465 -12.95 26.56 22.83
N ARG A 466 -14.12 26.56 23.48
CA ARG A 466 -14.52 27.72 24.25
C ARG A 466 -13.69 27.88 25.52
N LEU A 467 -13.27 26.77 26.12
CA LEU A 467 -12.43 26.88 27.30
C LEU A 467 -11.01 27.30 26.96
N THR A 468 -10.45 26.78 25.85
CA THR A 468 -9.12 27.25 25.47
C THR A 468 -9.14 28.65 24.88
N GLU A 469 -10.30 29.18 24.52
CA GLU A 469 -10.41 30.61 24.25
C GLU A 469 -10.57 31.41 25.55
N LEU A 470 -11.20 30.82 26.56
CA LEU A 470 -11.33 31.49 27.85
C LEU A 470 -9.99 31.65 28.56
N LEU A 471 -9.08 30.69 28.38
CA LEU A 471 -7.80 30.75 29.10
C LEU A 471 -6.82 31.77 28.53
N LYS A 472 -7.15 32.46 27.45
CA LYS A 472 -6.27 33.50 26.94
C LYS A 472 -6.28 34.70 27.88
N GLN A 473 -5.12 35.35 28.00
CA GLN A 473 -4.97 36.43 28.95
C GLN A 473 -3.84 37.33 28.48
N GLY A 474 -4.03 38.63 28.63
CA GLY A 474 -3.04 39.60 28.20
C GLY A 474 -1.93 39.75 29.21
N GLN A 475 -0.99 40.63 28.88
CA GLN A 475 0.11 40.92 29.79
C GLN A 475 -0.37 41.76 30.97
N TYR A 476 0.24 41.49 32.12
CA TYR A 476 0.38 42.43 33.24
C TYR A 476 -0.94 42.77 33.89
N SER A 477 -1.96 41.94 33.71
CA SER A 477 -3.22 42.05 34.44
C SER A 477 -3.54 40.67 34.99
N PRO A 478 -2.93 40.26 36.09
CA PRO A 478 -3.29 38.98 36.70
C PRO A 478 -4.63 39.08 37.40
N MET A 479 -5.32 37.96 37.46
CA MET A 479 -6.67 37.91 38.00
C MET A 479 -6.63 37.63 39.50
N ALA A 480 -7.62 38.16 40.21
CA ALA A 480 -7.85 37.69 41.56
C ALA A 480 -8.44 36.28 41.51
N ILE A 481 -8.32 35.57 42.63
CA ILE A 481 -8.72 34.17 42.66
C ILE A 481 -10.24 34.02 42.58
N GLU A 482 -10.99 34.92 43.21
CA GLU A 482 -12.44 34.90 43.11
C GLU A 482 -12.91 35.30 41.72
N GLU A 483 -12.16 36.17 41.04
CA GLU A 483 -12.46 36.50 39.66
C GLU A 483 -12.23 35.30 38.75
N GLN A 484 -11.17 34.52 39.04
CA GLN A 484 -10.90 33.30 38.28
C GLN A 484 -12.01 32.28 38.47
N VAL A 485 -12.46 32.09 39.71
CA VAL A 485 -13.54 31.14 39.99
C VAL A 485 -14.84 31.60 39.33
N ALA A 486 -15.13 32.90 39.35
CA ALA A 486 -16.37 33.39 38.74
C ALA A 486 -16.33 33.27 37.21
N VAL A 487 -15.20 33.57 36.59
CA VAL A 487 -15.08 33.45 35.13
C VAL A 487 -15.16 31.99 34.70
N ILE A 488 -14.42 31.12 35.37
CA ILE A 488 -14.44 29.70 35.04
C ILE A 488 -15.79 29.08 35.34
N TYR A 489 -16.51 29.58 36.35
CA TYR A 489 -17.88 29.15 36.62
C TYR A 489 -18.81 29.57 35.49
N ALA A 490 -18.59 30.75 34.91
CA ALA A 490 -19.34 31.09 33.71
C ALA A 490 -18.83 30.35 32.48
N GLY A 491 -17.72 29.62 32.59
CA GLY A 491 -17.16 28.94 31.44
C GLY A 491 -17.35 27.44 31.34
N VAL A 492 -17.37 26.74 32.47
CA VAL A 492 -17.28 25.27 32.44
C VAL A 492 -18.59 24.64 31.98
N ARG A 493 -19.69 24.89 32.69
CA ARG A 493 -20.92 24.17 32.43
C ARG A 493 -21.73 24.75 31.28
N GLY A 494 -21.15 25.61 30.46
CA GLY A 494 -21.64 25.85 29.14
C GLY A 494 -22.52 27.06 28.94
N TYR A 495 -22.25 28.16 29.65
CA TYR A 495 -22.93 29.39 29.31
C TYR A 495 -22.33 30.02 28.07
N LEU A 496 -21.10 29.65 27.72
CA LEU A 496 -20.47 30.15 26.51
C LEU A 496 -20.99 29.46 25.25
N ASP A 497 -21.75 28.36 25.38
CA ASP A 497 -22.02 27.47 24.25
C ASP A 497 -22.86 28.10 23.15
N LYS A 498 -23.57 29.18 23.43
CA LYS A 498 -24.25 29.92 22.38
C LYS A 498 -23.45 31.12 21.90
N LEU A 499 -22.23 31.30 22.38
CA LEU A 499 -21.36 32.39 21.95
C LEU A 499 -20.33 31.88 20.95
N GLU A 500 -19.73 32.83 20.25
CA GLU A 500 -18.74 32.50 19.24
C GLU A 500 -17.34 32.74 19.78
N PRO A 501 -16.35 31.93 19.39
CA PRO A 501 -15.00 32.05 19.97
C PRO A 501 -14.26 33.32 19.59
N SER A 502 -14.77 34.13 18.68
CA SER A 502 -14.22 35.46 18.45
C SER A 502 -14.80 36.50 19.41
N LYS A 503 -15.56 36.06 20.42
CA LYS A 503 -16.27 36.96 21.30
C LYS A 503 -16.12 36.57 22.77
N ILE A 504 -15.48 35.43 23.05
CA ILE A 504 -15.43 34.91 24.42
C ILE A 504 -14.53 35.78 25.30
N THR A 505 -13.41 36.25 24.75
CA THR A 505 -12.56 37.15 25.54
C THR A 505 -13.21 38.52 25.71
N LYS A 506 -14.00 38.96 24.73
CA LYS A 506 -14.78 40.18 24.85
C LYS A 506 -15.87 40.02 25.91
N PHE A 507 -16.60 38.90 25.87
CA PHE A 507 -17.58 38.56 26.88
C PHE A 507 -16.96 38.45 28.26
N GLU A 508 -15.75 37.90 28.32
CA GLU A 508 -15.09 37.67 29.60
C GLU A 508 -14.66 38.97 30.24
N ASN A 509 -14.07 39.88 29.47
CA ASN A 509 -13.76 41.20 29.98
C ASN A 509 -15.01 41.97 30.38
N ALA A 510 -16.10 41.77 29.62
CA ALA A 510 -17.36 42.44 29.91
C ALA A 510 -17.93 42.02 31.26
N PHE A 511 -18.16 40.71 31.46
CA PHE A 511 -18.75 40.37 32.76
C PHE A 511 -17.72 40.35 33.87
N LEU A 512 -16.42 40.35 33.57
CA LEU A 512 -15.44 40.56 34.62
C LEU A 512 -15.55 41.97 35.18
N SER A 513 -15.69 42.97 34.30
CA SER A 513 -15.93 44.34 34.74
C SER A 513 -17.27 44.46 35.46
N HIS A 514 -18.30 43.77 34.96
CA HIS A 514 -19.63 43.81 35.57
C HIS A 514 -19.63 43.21 36.97
N VAL A 515 -18.95 42.08 37.16
CA VAL A 515 -18.92 41.43 38.45
C VAL A 515 -18.03 42.21 39.43
N ILE A 516 -16.90 42.74 38.94
CA ILE A 516 -16.02 43.48 39.84
C ILE A 516 -16.61 44.85 40.19
N SER A 517 -17.53 45.38 39.39
CA SER A 517 -18.14 46.65 39.75
C SER A 517 -19.40 46.45 40.59
N GLN A 518 -20.36 45.69 40.07
CA GLN A 518 -21.69 45.65 40.67
C GLN A 518 -21.80 44.61 41.78
N HIS A 519 -21.09 43.49 41.64
CA HIS A 519 -21.33 42.33 42.50
C HIS A 519 -20.10 41.94 43.30
N GLN A 520 -19.50 42.94 43.95
CA GLN A 520 -18.30 42.74 44.76
C GLN A 520 -18.56 41.87 45.99
N THR A 521 -19.81 41.83 46.47
CA THR A 521 -20.11 41.16 47.73
C THR A 521 -19.98 39.64 47.61
N LEU A 522 -20.43 39.06 46.50
CA LEU A 522 -20.25 37.62 46.31
C LEU A 522 -18.79 37.26 46.05
N LEU A 523 -18.01 38.16 45.46
CA LEU A 523 -16.58 37.93 45.35
C LEU A 523 -15.93 37.95 46.73
N GLY A 524 -16.41 38.82 47.62
CA GLY A 524 -15.96 38.78 49.00
C GLY A 524 -16.35 37.49 49.71
N LYS A 525 -17.51 36.94 49.37
CA LYS A 525 -17.92 35.68 49.98
C LYS A 525 -17.12 34.50 49.44
N ILE A 526 -16.68 34.58 48.18
CA ILE A 526 -15.82 33.53 47.64
C ILE A 526 -14.43 33.60 48.25
N ARG A 527 -13.83 34.79 48.30
CA ARG A 527 -12.49 34.91 48.84
C ARG A 527 -12.45 34.80 50.36
N THR A 528 -13.59 34.98 51.03
CA THR A 528 -13.62 34.86 52.49
C THR A 528 -13.64 33.40 52.92
N ASP A 529 -14.70 32.68 52.53
CA ASP A 529 -14.80 31.25 52.78
C ASP A 529 -14.43 30.56 51.49
N GLY A 530 -13.32 29.83 51.50
CA GLY A 530 -12.77 29.26 50.27
C GLY A 530 -13.56 28.11 49.70
N LYS A 531 -14.77 28.41 49.23
CA LYS A 531 -15.73 27.42 48.76
C LYS A 531 -16.85 28.17 48.05
N ILE A 532 -17.39 27.58 46.99
CA ILE A 532 -18.63 28.09 46.43
C ILE A 532 -19.76 27.55 47.28
N SER A 533 -20.32 28.40 48.14
CA SER A 533 -21.48 28.04 48.93
C SER A 533 -22.70 27.90 48.04
N GLU A 534 -23.70 27.16 48.52
CA GLU A 534 -24.85 26.81 47.68
C GLU A 534 -25.71 28.02 47.37
N GLU A 535 -25.88 28.92 48.34
CA GLU A 535 -26.57 30.18 48.07
C GLU A 535 -25.75 31.05 47.13
N ALA A 536 -24.43 31.08 47.33
CA ALA A 536 -23.54 31.76 46.41
C ALA A 536 -23.51 31.09 45.05
N ASP A 537 -23.66 29.77 45.01
CA ASP A 537 -23.77 29.04 43.75
C ASP A 537 -25.01 29.47 42.97
N ALA A 538 -26.14 29.57 43.67
CA ALA A 538 -27.38 30.00 43.04
C ALA A 538 -27.31 31.45 42.58
N LYS A 539 -26.72 32.33 43.40
CA LYS A 539 -26.66 33.74 43.02
C LYS A 539 -25.68 33.96 41.88
N LEU A 540 -24.59 33.19 41.83
CA LEU A 540 -23.63 33.36 40.76
C LEU A 540 -24.17 32.80 39.46
N LYS A 541 -24.95 31.70 39.54
CA LYS A 541 -25.70 31.23 38.37
C LYS A 541 -26.70 32.27 37.90
N GLU A 542 -27.39 32.92 38.85
CA GLU A 542 -28.32 34.01 38.53
C GLU A 542 -27.63 35.13 37.77
N ILE A 543 -26.45 35.54 38.24
CA ILE A 543 -25.85 36.71 37.63
C ILE A 543 -25.17 36.36 36.31
N VAL A 544 -24.72 35.11 36.13
CA VAL A 544 -24.18 34.71 34.83
C VAL A 544 -25.29 34.60 33.79
N THR A 545 -26.44 34.01 34.17
CA THR A 545 -27.56 33.95 33.23
C THR A 545 -28.12 35.34 32.93
N ASN A 546 -28.16 36.22 33.92
CA ASN A 546 -28.71 37.55 33.72
C ASN A 546 -27.80 38.40 32.85
N PHE A 547 -26.48 38.29 33.04
CA PHE A 547 -25.56 38.98 32.15
C PHE A 547 -25.61 38.40 30.74
N LEU A 548 -25.70 37.08 30.62
CA LEU A 548 -25.72 36.47 29.29
C LEU A 548 -27.00 36.81 28.55
N ALA A 549 -28.11 36.99 29.27
CA ALA A 549 -29.33 37.49 28.64
C ALA A 549 -29.19 38.96 28.24
N GLY A 550 -28.64 39.79 29.13
CA GLY A 550 -28.57 41.20 28.84
C GLY A 550 -27.38 41.69 28.05
N PHE A 551 -26.50 40.80 27.61
CA PHE A 551 -25.28 41.17 26.89
C PHE A 551 -25.43 40.81 25.41
N GLU A 552 -25.60 41.82 24.57
CA GLU A 552 -25.71 41.64 23.14
C GLU A 552 -24.39 42.01 22.47
N ALA A 553 -23.79 41.03 21.81
CA ALA A 553 -22.57 41.16 20.98
C ALA A 553 -21.37 41.78 21.71
N VAL B 51 40.15 -35.20 59.22
CA VAL B 51 40.81 -34.46 60.30
C VAL B 51 42.30 -34.69 60.27
N SER B 52 42.71 -35.95 60.47
CA SER B 52 44.12 -36.29 60.48
C SER B 52 44.72 -36.20 59.09
N SER B 53 43.95 -36.56 58.06
CA SER B 53 44.42 -36.39 56.69
C SER B 53 44.54 -34.90 56.34
N ILE B 54 43.64 -34.08 56.89
CA ILE B 54 43.73 -32.64 56.71
C ILE B 54 44.97 -32.10 57.40
N LEU B 55 45.26 -32.61 58.60
CA LEU B 55 46.47 -32.27 59.34
C LEU B 55 47.72 -32.55 58.53
N GLU B 56 47.85 -33.79 58.04
CA GLU B 56 49.07 -34.19 57.36
C GLU B 56 49.21 -33.50 56.01
N GLU B 57 48.10 -33.21 55.31
CA GLU B 57 48.24 -32.50 54.04
C GLU B 57 48.60 -31.04 54.27
N ARG B 58 48.15 -30.44 55.38
CA ARG B 58 48.54 -29.07 55.70
C ARG B 58 50.01 -28.99 56.07
N ILE B 59 50.51 -29.96 56.83
CA ILE B 59 51.89 -29.85 57.33
C ILE B 59 52.92 -30.44 56.38
N LEU B 60 52.50 -31.22 55.39
CA LEU B 60 53.44 -31.69 54.38
C LEU B 60 53.35 -30.92 53.08
N GLY B 61 52.20 -30.32 52.77
CA GLY B 61 52.02 -29.70 51.47
C GLY B 61 52.79 -28.40 51.32
N ALA B 62 52.69 -27.50 52.29
CA ALA B 62 53.46 -26.26 52.24
C ALA B 62 54.90 -26.57 52.57
N ASP B 63 55.81 -26.19 51.66
CA ASP B 63 57.21 -26.49 51.85
C ASP B 63 57.81 -25.63 52.96
N THR B 64 57.35 -24.38 53.07
CA THR B 64 57.99 -23.30 53.83
C THR B 64 59.48 -23.21 53.51
N SER B 65 59.81 -23.36 52.23
CA SER B 65 61.18 -23.32 51.74
C SER B 65 61.47 -21.86 51.41
N VAL B 66 62.07 -21.16 52.38
CA VAL B 66 62.37 -19.76 52.19
C VAL B 66 63.54 -19.61 51.23
N ASP B 67 63.49 -18.58 50.40
CA ASP B 67 64.56 -18.33 49.44
C ASP B 67 64.63 -16.84 49.16
N LEU B 68 65.84 -16.37 48.88
CA LEU B 68 66.04 -14.96 48.55
C LEU B 68 65.39 -14.66 47.21
N GLU B 69 64.71 -13.52 47.13
CA GLU B 69 63.70 -13.31 46.11
C GLU B 69 63.60 -11.83 45.80
N GLU B 70 63.36 -11.51 44.54
CA GLU B 70 63.25 -10.14 44.12
C GLU B 70 61.92 -9.55 44.56
N THR B 71 61.97 -8.36 45.15
CA THR B 71 60.77 -7.65 45.56
C THR B 71 60.90 -6.19 45.15
N GLY B 72 60.01 -5.36 45.68
CA GLY B 72 60.02 -3.94 45.47
C GLY B 72 58.87 -3.32 46.22
N ARG B 73 59.07 -2.14 46.81
CA ARG B 73 58.00 -1.53 47.58
C ARG B 73 56.97 -0.92 46.62
N VAL B 74 55.86 -0.46 47.19
CA VAL B 74 54.72 -0.01 46.40
C VAL B 74 54.55 1.49 46.59
N LEU B 75 54.45 2.20 45.48
CA LEU B 75 53.99 3.58 45.40
C LEU B 75 52.47 3.62 45.43
N SER B 76 51.87 4.62 44.79
CA SER B 76 50.43 4.77 44.66
C SER B 76 49.70 3.48 44.29
N ILE B 77 48.88 2.99 45.22
CA ILE B 77 47.94 1.91 44.98
C ILE B 77 46.59 2.55 44.73
N GLY B 78 46.34 2.91 43.47
CA GLY B 78 45.21 3.76 43.18
C GLY B 78 43.85 3.11 43.22
N ASP B 79 43.51 2.35 42.20
CA ASP B 79 42.17 1.76 42.05
C ASP B 79 42.28 0.36 41.48
N GLY B 80 43.15 -0.44 42.06
CA GLY B 80 43.49 -1.72 41.50
C GLY B 80 44.80 -1.71 40.74
N ILE B 81 45.34 -0.52 40.48
CA ILE B 81 46.66 -0.39 39.88
C ILE B 81 47.64 -0.04 40.99
N ALA B 82 48.87 -0.51 40.85
CA ALA B 82 49.90 -0.24 41.84
C ALA B 82 51.18 0.04 41.10
N ARG B 83 51.66 1.26 41.23
CA ARG B 83 53.00 1.58 40.76
C ARG B 83 53.99 0.97 41.73
N VAL B 84 54.77 0.01 41.27
CA VAL B 84 55.72 -0.67 42.14
C VAL B 84 57.12 -0.26 41.75
N HIS B 85 57.85 0.30 42.71
CA HIS B 85 59.23 0.70 42.53
C HIS B 85 60.15 -0.44 42.94
N GLY B 86 61.04 -0.84 42.04
CA GLY B 86 62.11 -1.71 42.47
C GLY B 86 62.37 -2.91 41.58
N LEU B 87 61.33 -3.45 40.95
CA LEU B 87 61.45 -4.70 40.19
C LEU B 87 62.18 -4.43 38.89
N ARG B 88 63.50 -4.41 38.97
CA ARG B 88 64.33 -4.10 37.83
C ARG B 88 64.63 -5.31 36.97
N ASN B 89 64.13 -6.49 37.35
CA ASN B 89 64.27 -7.69 36.55
C ASN B 89 62.94 -8.35 36.28
N VAL B 90 61.84 -7.65 36.50
CA VAL B 90 60.53 -8.20 36.18
C VAL B 90 60.37 -8.22 34.66
N GLN B 91 59.71 -9.23 34.15
CA GLN B 91 59.46 -9.34 32.74
C GLN B 91 58.03 -8.92 32.44
N ALA B 92 57.81 -8.45 31.22
CA ALA B 92 56.55 -7.76 30.89
C ALA B 92 55.40 -8.73 30.87
N GLU B 93 54.27 -8.30 31.47
CA GLU B 93 53.05 -9.08 31.66
C GLU B 93 53.36 -10.36 32.44
N GLU B 94 53.73 -10.17 33.71
CA GLU B 94 54.11 -11.29 34.56
C GLU B 94 53.23 -11.33 35.80
N MET B 95 52.83 -12.53 36.21
CA MET B 95 52.11 -12.67 37.47
C MET B 95 53.07 -12.43 38.63
N VAL B 96 52.70 -11.51 39.52
CA VAL B 96 53.48 -11.07 40.65
C VAL B 96 52.54 -11.15 41.85
N GLU B 97 53.07 -11.09 43.07
CA GLU B 97 52.27 -11.50 44.21
C GLU B 97 52.39 -10.50 45.36
N PHE B 98 51.28 -9.87 45.71
CA PHE B 98 51.18 -8.99 46.87
C PHE B 98 51.09 -9.81 48.15
N SER B 99 51.77 -9.28 49.18
CA SER B 99 52.07 -9.99 50.43
C SER B 99 50.85 -10.46 51.20
N SER B 100 49.68 -9.87 50.95
CA SER B 100 48.45 -10.33 51.58
C SER B 100 47.90 -11.61 50.95
N GLY B 101 48.62 -12.17 49.99
CA GLY B 101 48.21 -13.40 49.37
C GLY B 101 47.48 -13.23 48.07
N LEU B 102 47.68 -12.12 47.35
CA LEU B 102 46.87 -11.90 46.16
C LEU B 102 47.73 -11.58 44.95
N LYS B 103 47.38 -12.17 43.82
CA LYS B 103 48.17 -11.98 42.63
C LYS B 103 47.85 -10.64 41.97
N GLY B 104 48.77 -10.20 41.14
CA GLY B 104 48.56 -9.08 40.26
C GLY B 104 49.35 -9.38 39.00
N MET B 105 49.06 -8.65 37.94
CA MET B 105 49.76 -8.85 36.68
C MET B 105 50.52 -7.58 36.34
N SER B 106 51.82 -7.72 36.14
CA SER B 106 52.72 -6.62 35.83
C SER B 106 52.62 -6.32 34.36
N LEU B 107 52.06 -5.16 34.04
CA LEU B 107 52.06 -4.54 32.74
C LEU B 107 52.79 -3.21 32.86
N ASN B 108 52.90 -2.53 31.72
CA ASN B 108 53.32 -1.13 31.60
C ASN B 108 54.61 -0.85 32.34
N LEU B 109 55.61 -1.68 32.05
CA LEU B 109 56.97 -1.53 32.56
C LEU B 109 57.52 -0.19 32.09
N GLU B 110 57.81 0.68 33.03
CA GLU B 110 58.32 2.01 32.82
C GLU B 110 59.62 2.15 33.60
N PRO B 111 60.48 3.13 33.28
CA PRO B 111 61.74 3.23 34.04
C PRO B 111 61.54 3.65 35.48
N ASP B 112 60.45 4.36 35.78
CA ASP B 112 60.14 4.72 37.16
C ASP B 112 59.72 3.49 37.96
N ASN B 113 58.76 2.74 37.42
CA ASN B 113 57.95 1.83 38.21
C ASN B 113 57.20 0.92 37.26
N VAL B 114 56.62 -0.14 37.81
CA VAL B 114 55.89 -1.15 37.04
C VAL B 114 54.41 -1.06 37.42
N GLY B 115 53.52 -1.04 36.41
CA GLY B 115 52.13 -0.97 36.81
C GLY B 115 51.58 -2.37 37.00
N VAL B 116 51.48 -2.83 38.23
CA VAL B 116 50.88 -4.14 38.46
C VAL B 116 49.40 -3.90 38.73
N VAL B 117 48.55 -4.62 38.02
CA VAL B 117 47.13 -4.45 38.17
C VAL B 117 46.59 -5.67 38.90
N VAL B 118 45.79 -5.44 39.94
CA VAL B 118 45.63 -6.48 40.95
C VAL B 118 44.52 -7.45 40.53
N PHE B 119 44.62 -8.67 41.01
CA PHE B 119 43.58 -9.67 40.78
C PHE B 119 42.66 -9.73 41.99
N GLY B 120 41.87 -8.68 42.15
CA GLY B 120 40.90 -8.70 43.23
C GLY B 120 40.74 -7.41 43.99
N ASN B 121 40.56 -7.53 45.30
CA ASN B 121 40.17 -6.40 46.12
C ASN B 121 41.35 -5.47 46.36
N ASP B 122 41.04 -4.23 46.70
CA ASP B 122 42.03 -3.18 46.83
C ASP B 122 42.25 -2.73 48.27
N LYS B 123 41.37 -3.13 49.19
CA LYS B 123 41.52 -2.76 50.59
C LYS B 123 42.73 -3.47 51.21
N LEU B 124 43.07 -4.64 50.71
CA LEU B 124 44.08 -5.50 51.32
C LEU B 124 45.51 -5.10 50.96
N ILE B 125 45.71 -3.95 50.32
CA ILE B 125 47.02 -3.49 49.88
C ILE B 125 47.24 -2.09 50.42
N LYS B 126 48.37 -1.89 51.08
CA LYS B 126 48.79 -0.57 51.53
C LYS B 126 49.93 -0.05 50.67
N GLU B 127 50.37 1.16 50.99
CA GLU B 127 51.62 1.70 50.46
C GLU B 127 52.80 1.23 51.29
N GLY B 128 53.79 0.64 50.64
CA GLY B 128 55.02 0.29 51.29
C GLY B 128 55.25 -1.18 51.56
N ASP B 129 54.35 -2.05 51.12
CA ASP B 129 54.50 -3.47 51.35
C ASP B 129 55.25 -4.13 50.20
N ILE B 130 55.72 -5.36 50.44
CA ILE B 130 56.53 -6.05 49.45
C ILE B 130 55.64 -6.56 48.32
N VAL B 131 56.27 -6.82 47.18
CA VAL B 131 55.62 -7.45 46.04
C VAL B 131 56.62 -8.47 45.48
N LYS B 132 56.34 -9.75 45.68
CA LYS B 132 57.28 -10.81 45.33
C LYS B 132 57.03 -11.29 43.90
N ARG B 133 58.10 -11.47 43.14
CA ARG B 133 57.96 -12.08 41.82
C ARG B 133 57.68 -13.56 41.93
N THR B 134 56.61 -14.02 41.28
CA THR B 134 56.33 -15.44 41.23
C THR B 134 57.36 -16.16 40.37
N GLY B 135 57.76 -15.55 39.26
CA GLY B 135 58.80 -16.08 38.42
C GLY B 135 58.37 -16.55 37.06
N ALA B 136 57.08 -16.49 36.74
CA ALA B 136 56.62 -16.97 35.45
C ALA B 136 55.40 -16.18 35.00
N ILE B 137 55.09 -16.30 33.72
CA ILE B 137 53.91 -15.66 33.15
C ILE B 137 52.65 -16.29 33.75
N VAL B 138 51.57 -15.50 33.82
CA VAL B 138 50.32 -15.97 34.41
C VAL B 138 49.77 -17.15 33.62
N ASP B 139 49.32 -18.18 34.35
CA ASP B 139 49.08 -19.48 33.76
C ASP B 139 47.81 -20.09 34.35
N VAL B 140 47.24 -21.02 33.59
CA VAL B 140 45.94 -21.61 33.88
C VAL B 140 46.12 -23.11 34.01
N PRO B 141 45.61 -23.73 35.08
CA PRO B 141 45.76 -25.18 35.24
C PRO B 141 44.65 -25.91 34.47
N VAL B 142 45.05 -26.71 33.49
CA VAL B 142 44.11 -27.32 32.56
C VAL B 142 44.20 -28.84 32.68
N GLY B 143 43.06 -29.50 32.72
CA GLY B 143 43.00 -30.95 32.63
C GLY B 143 41.66 -31.35 32.06
N GLU B 144 41.47 -32.65 31.93
CA GLU B 144 40.16 -33.17 31.58
C GLU B 144 39.36 -33.51 32.84
N GLU B 145 39.98 -33.41 34.00
CA GLU B 145 39.25 -33.45 35.27
C GLU B 145 38.70 -32.09 35.68
N LEU B 146 38.92 -31.07 34.85
CA LEU B 146 38.34 -29.74 35.00
C LEU B 146 36.95 -29.65 34.38
N LEU B 147 36.48 -30.75 33.79
CA LEU B 147 35.19 -30.80 33.11
C LEU B 147 34.03 -30.76 34.09
N GLY B 148 33.02 -29.98 33.74
CA GLY B 148 31.80 -29.94 34.53
C GLY B 148 31.92 -29.22 35.83
N ARG B 149 32.82 -28.24 35.92
CA ARG B 149 33.11 -27.55 37.17
C ARG B 149 33.31 -26.08 36.88
N VAL B 150 32.58 -25.24 37.59
CA VAL B 150 32.69 -23.79 37.41
C VAL B 150 34.01 -23.32 37.98
N VAL B 151 34.83 -22.70 37.13
CA VAL B 151 36.18 -22.35 37.49
C VAL B 151 36.37 -20.83 37.37
N ASP B 152 36.67 -20.20 38.50
CA ASP B 152 37.01 -18.79 38.54
C ASP B 152 38.30 -18.55 37.75
N ALA B 153 38.39 -17.34 37.19
CA ALA B 153 39.06 -17.03 35.93
C ALA B 153 40.50 -17.51 35.84
N LEU B 154 41.22 -17.61 36.96
CA LEU B 154 42.59 -18.08 36.85
C LEU B 154 42.63 -19.61 36.77
N GLY B 155 42.34 -20.27 37.88
CA GLY B 155 42.07 -21.70 37.85
C GLY B 155 41.15 -22.11 38.97
N ASN B 156 40.65 -21.13 39.72
CA ASN B 156 40.22 -21.38 41.09
C ASN B 156 38.74 -21.73 41.08
N ALA B 157 38.43 -23.02 41.23
CA ALA B 157 37.06 -23.50 41.05
C ALA B 157 36.15 -23.07 42.18
N ILE B 158 35.49 -21.93 42.01
CA ILE B 158 34.56 -21.42 43.03
C ILE B 158 33.19 -21.94 42.65
N ASP B 159 32.91 -23.20 43.05
CA ASP B 159 31.55 -23.71 43.02
C ASP B 159 31.20 -24.63 44.18
N GLY B 160 32.11 -24.88 45.13
CA GLY B 160 31.83 -25.77 46.22
C GLY B 160 31.80 -27.24 45.87
N LYS B 161 32.74 -27.71 45.04
CA LYS B 161 32.85 -29.13 44.75
C LYS B 161 34.29 -29.58 44.80
N GLY B 162 35.02 -29.15 45.83
CA GLY B 162 36.37 -29.59 46.04
C GLY B 162 37.35 -28.89 45.13
N PRO B 163 38.62 -29.26 45.21
CA PRO B 163 39.63 -28.64 44.36
C PRO B 163 39.68 -29.29 42.99
N ILE B 164 40.28 -28.56 42.04
CA ILE B 164 40.44 -29.06 40.69
C ILE B 164 41.61 -30.04 40.63
N GLY B 165 41.37 -31.17 39.98
CA GLY B 165 42.41 -32.17 39.83
C GLY B 165 43.18 -31.94 38.55
N SER B 166 43.85 -30.81 38.45
CA SER B 166 44.54 -30.46 37.21
C SER B 166 45.89 -31.17 37.13
N LYS B 167 46.36 -31.31 35.91
CA LYS B 167 47.68 -31.88 35.68
C LYS B 167 48.54 -31.01 34.77
N ALA B 168 47.95 -30.37 33.78
CA ALA B 168 48.69 -29.68 32.73
C ALA B 168 48.51 -28.18 32.87
N ARG B 169 49.44 -27.54 33.57
CA ARG B 169 49.55 -26.10 33.60
C ARG B 169 49.84 -25.58 32.20
N ARG B 170 49.29 -24.42 31.86
CA ARG B 170 49.51 -23.87 30.52
C ARG B 170 49.61 -22.36 30.60
N ARG B 171 50.60 -21.81 29.88
CA ARG B 171 50.72 -20.36 29.75
C ARG B 171 49.51 -19.81 29.01
N VAL B 172 49.02 -18.65 29.45
CA VAL B 172 47.75 -18.16 28.95
C VAL B 172 47.91 -17.18 27.78
N GLY B 173 49.09 -16.61 27.60
CA GLY B 173 49.27 -15.64 26.54
C GLY B 173 50.00 -16.22 25.35
N LEU B 174 49.70 -17.47 25.01
CA LEU B 174 50.47 -18.19 24.00
C LEU B 174 50.21 -17.65 22.61
N LYS B 175 51.11 -18.04 21.70
CA LYS B 175 51.02 -17.67 20.30
C LYS B 175 50.17 -18.67 19.56
N ALA B 176 49.27 -18.17 18.72
CA ALA B 176 48.34 -19.00 17.98
C ALA B 176 49.06 -19.73 16.85
N PRO B 177 48.50 -20.84 16.35
CA PRO B 177 49.19 -21.58 15.29
C PRO B 177 49.22 -20.85 13.96
N GLY B 178 50.21 -21.20 13.14
CA GLY B 178 50.44 -20.55 11.87
C GLY B 178 49.69 -21.22 10.74
N ILE B 179 50.10 -20.88 9.51
CA ILE B 179 49.35 -21.29 8.33
C ILE B 179 49.56 -22.78 8.01
N ILE B 180 50.70 -23.36 8.38
CA ILE B 180 50.94 -24.79 8.20
C ILE B 180 50.25 -25.67 9.25
N PRO B 181 50.31 -25.41 10.58
CA PRO B 181 49.57 -26.29 11.50
C PRO B 181 48.07 -26.24 11.34
N ARG B 182 47.53 -25.20 10.72
CA ARG B 182 46.10 -25.15 10.50
C ARG B 182 45.73 -25.83 9.20
N ILE B 183 44.56 -26.46 9.23
CA ILE B 183 43.85 -26.85 8.03
C ILE B 183 42.41 -26.34 8.20
N SER B 184 41.72 -26.33 7.07
CA SER B 184 40.45 -25.66 6.84
C SER B 184 39.34 -26.37 7.61
N VAL B 185 38.18 -25.71 7.60
CA VAL B 185 36.99 -26.27 8.21
C VAL B 185 36.57 -27.51 7.43
N ARG B 186 36.26 -28.56 8.15
CA ARG B 186 35.68 -29.74 7.52
C ARG B 186 34.50 -30.16 8.37
N GLU B 187 34.60 -29.85 9.96
CA GLU B 187 33.46 -30.70 10.31
C GLU B 187 32.21 -29.86 10.48
N PRO B 188 31.03 -30.41 10.21
CA PRO B 188 29.83 -29.59 10.38
C PRO B 188 29.51 -29.39 11.84
N MET B 189 29.84 -28.23 12.36
CA MET B 189 29.46 -27.88 13.72
C MET B 189 28.01 -27.47 13.65
N GLN B 190 27.17 -28.37 14.17
CA GLN B 190 25.73 -28.25 14.27
C GLN B 190 25.37 -27.60 15.59
N THR B 191 24.33 -26.79 15.56
CA THR B 191 23.87 -26.12 16.76
C THR B 191 22.49 -26.56 17.22
N GLY B 192 21.74 -27.29 16.39
CA GLY B 192 20.39 -27.64 16.72
C GLY B 192 19.38 -26.60 16.34
N ILE B 193 19.79 -25.35 16.22
CA ILE B 193 18.95 -24.31 15.66
C ILE B 193 18.77 -24.57 14.17
N LYS B 194 17.51 -24.54 13.72
CA LYS B 194 17.21 -24.72 12.31
C LYS B 194 17.79 -23.57 11.49
N ALA B 195 17.69 -22.36 12.01
CA ALA B 195 18.12 -21.17 11.27
C ALA B 195 19.63 -21.14 11.12
N VAL B 196 20.36 -21.47 12.19
CA VAL B 196 21.82 -21.47 12.15
C VAL B 196 22.32 -22.58 11.24
N ASP B 197 21.86 -23.80 11.49
CA ASP B 197 22.32 -24.96 10.72
C ASP B 197 21.77 -24.99 9.30
N SER B 198 20.88 -24.10 8.92
CA SER B 198 20.37 -24.08 7.56
C SER B 198 20.71 -22.81 6.80
N LEU B 199 21.15 -21.76 7.46
CA LEU B 199 21.60 -20.58 6.73
C LEU B 199 23.01 -20.16 7.09
N VAL B 200 23.39 -20.24 8.35
CA VAL B 200 24.74 -19.84 8.79
C VAL B 200 25.37 -20.99 9.58
N PRO B 201 25.75 -22.08 8.92
CA PRO B 201 26.20 -23.27 9.65
C PRO B 201 27.60 -23.08 10.21
N ILE B 202 27.90 -23.77 11.31
CA ILE B 202 29.20 -23.51 11.91
C ILE B 202 30.12 -24.65 11.48
N GLY B 203 31.41 -24.39 11.41
CA GLY B 203 32.40 -25.42 11.19
C GLY B 203 33.17 -25.70 12.46
N ARG B 204 33.30 -26.98 12.79
CA ARG B 204 34.36 -27.36 13.70
C ARG B 204 35.63 -27.00 12.96
N GLY B 205 36.28 -25.94 13.50
CA GLY B 205 37.42 -25.24 12.95
C GLY B 205 37.25 -23.73 12.74
N GLN B 206 36.38 -23.05 13.49
CA GLN B 206 35.88 -21.76 12.98
C GLN B 206 35.52 -20.82 14.12
N ARG B 207 35.52 -19.52 13.84
CA ARG B 207 34.93 -18.50 14.70
C ARG B 207 33.72 -17.82 14.06
N GLU B 208 32.66 -17.66 14.85
CA GLU B 208 31.41 -17.10 14.35
C GLU B 208 30.69 -16.33 15.45
N LEU B 209 30.59 -15.02 15.25
CA LEU B 209 29.95 -14.12 16.19
C LEU B 209 28.49 -14.46 16.43
N ILE B 210 28.00 -14.05 17.59
CA ILE B 210 26.59 -13.89 17.83
C ILE B 210 26.42 -12.43 18.20
N ILE B 211 26.15 -11.59 17.22
CA ILE B 211 26.02 -10.16 17.45
C ILE B 211 24.54 -9.79 17.45
N GLY B 212 24.19 -8.89 18.33
CA GLY B 212 22.83 -8.36 18.34
C GLY B 212 22.79 -7.08 19.10
N ASP B 213 21.62 -6.79 19.66
CA ASP B 213 21.47 -5.79 20.70
C ASP B 213 21.11 -6.55 21.97
N ARG B 214 20.95 -5.82 23.09
CA ARG B 214 20.65 -6.46 24.36
C ARG B 214 19.28 -7.13 24.32
N GLN B 215 19.17 -8.27 25.01
CA GLN B 215 17.94 -9.01 25.24
C GLN B 215 17.28 -9.42 23.91
N THR B 216 17.99 -10.28 23.20
CA THR B 216 17.50 -10.74 21.90
C THR B 216 17.50 -12.26 21.80
N GLY B 217 18.38 -12.95 22.49
CA GLY B 217 18.39 -14.39 22.44
C GLY B 217 19.75 -14.96 22.11
N LYS B 218 20.78 -14.15 22.31
CA LYS B 218 22.13 -14.52 21.93
C LYS B 218 22.73 -15.56 22.87
N THR B 219 22.62 -15.33 24.19
CA THR B 219 23.00 -16.35 25.16
C THR B 219 22.14 -17.59 25.01
N SER B 220 20.88 -17.42 24.64
CA SER B 220 20.00 -18.55 24.41
C SER B 220 20.41 -19.34 23.17
N ILE B 221 20.90 -18.67 22.13
CA ILE B 221 21.46 -19.36 20.96
C ILE B 221 22.72 -20.13 21.35
N ALA B 222 23.55 -19.53 22.20
CA ALA B 222 24.75 -20.21 22.68
C ALA B 222 24.40 -21.44 23.51
N ILE B 223 23.31 -21.38 24.27
CA ILE B 223 22.95 -22.52 25.09
C ILE B 223 22.17 -23.56 24.29
N ASP B 224 21.49 -23.17 23.21
CA ASP B 224 20.99 -24.15 22.25
C ASP B 224 22.15 -24.90 21.61
N THR B 225 23.20 -24.17 21.25
CA THR B 225 24.43 -24.75 20.68
C THR B 225 25.07 -25.73 21.65
N ILE B 226 25.07 -25.39 22.94
CA ILE B 226 25.59 -26.29 23.96
C ILE B 226 24.70 -27.52 24.12
N ILE B 227 23.37 -27.33 24.23
CA ILE B 227 22.47 -28.42 24.56
C ILE B 227 22.30 -29.39 23.39
N ASN B 228 22.56 -28.96 22.15
CA ASN B 228 22.54 -29.87 21.01
C ASN B 228 23.57 -30.99 21.14
N GLN B 229 24.76 -30.67 21.64
CA GLN B 229 25.90 -31.56 21.49
C GLN B 229 25.95 -32.66 22.55
N LYS B 230 24.89 -32.85 23.34
CA LYS B 230 24.84 -33.97 24.26
C LYS B 230 24.78 -35.29 23.51
N ARG B 231 23.95 -35.36 22.47
CA ARG B 231 23.76 -36.56 21.66
C ARG B 231 25.01 -36.96 20.89
N PHE B 232 25.98 -36.07 20.74
CA PHE B 232 27.25 -36.44 20.14
C PHE B 232 28.29 -36.84 21.17
N ASN B 233 28.20 -36.31 22.39
CA ASN B 233 29.08 -36.76 23.47
C ASN B 233 28.78 -38.18 23.90
N ASP B 234 27.51 -38.48 24.16
CA ASP B 234 27.23 -39.80 24.69
C ASP B 234 27.24 -40.91 23.62
N GLY B 235 27.50 -40.56 22.36
CA GLY B 235 27.53 -41.54 21.29
C GLY B 235 28.82 -42.34 21.22
N THR B 236 29.31 -42.58 20.00
CA THR B 236 30.41 -43.50 19.78
C THR B 236 31.65 -42.83 19.23
N ASP B 237 31.52 -42.01 18.18
CA ASP B 237 32.68 -41.41 17.55
C ASP B 237 33.30 -40.34 18.45
N GLU B 238 34.63 -40.40 18.57
CA GLU B 238 35.36 -39.36 19.28
C GLU B 238 35.32 -38.04 18.52
N LYS B 239 35.21 -38.11 17.19
CA LYS B 239 35.16 -36.92 16.35
C LYS B 239 33.89 -36.11 16.59
N LYS B 240 32.82 -36.77 17.04
CA LYS B 240 31.59 -36.06 17.31
C LYS B 240 31.59 -35.40 18.68
N LYS B 241 32.37 -35.93 19.62
CA LYS B 241 32.25 -35.59 21.03
C LYS B 241 32.65 -34.14 21.30
N LEU B 242 32.07 -33.56 22.36
CA LEU B 242 32.21 -32.13 22.60
C LEU B 242 32.71 -31.81 24.01
N TYR B 243 33.75 -31.00 24.04
CA TYR B 243 34.21 -30.33 25.24
C TYR B 243 34.17 -28.83 24.94
N CYS B 244 33.25 -28.13 25.59
CA CYS B 244 33.02 -26.72 25.35
C CYS B 244 33.38 -25.95 26.60
N ILE B 245 33.68 -24.67 26.42
CA ILE B 245 34.10 -23.80 27.49
C ILE B 245 33.25 -22.54 27.37
N TYR B 246 32.42 -22.30 28.35
CA TYR B 246 31.54 -21.14 28.34
C TYR B 246 32.16 -20.08 29.25
N VAL B 247 32.82 -19.09 28.65
CA VAL B 247 33.48 -18.04 29.41
C VAL B 247 32.46 -16.91 29.57
N ALA B 248 31.89 -16.77 30.76
CA ALA B 248 30.94 -15.71 31.05
C ALA B 248 31.69 -14.50 31.59
N ILE B 249 31.82 -13.46 30.76
CA ILE B 249 32.61 -12.29 31.12
C ILE B 249 31.67 -11.22 31.62
N GLY B 250 31.94 -10.70 32.81
CA GLY B 250 31.28 -9.51 33.31
C GLY B 250 29.80 -9.65 33.61
N GLN B 251 29.26 -10.86 33.65
CA GLN B 251 27.85 -11.06 33.94
C GLN B 251 27.61 -10.99 35.44
N LYS B 252 26.41 -11.32 35.86
CA LYS B 252 26.07 -11.41 37.26
C LYS B 252 26.09 -12.87 37.70
N ARG B 253 26.32 -13.09 38.99
CA ARG B 253 26.55 -14.45 39.48
C ARG B 253 25.29 -15.29 39.43
N SER B 254 24.11 -14.67 39.55
CA SER B 254 22.90 -15.47 39.53
C SER B 254 22.55 -15.91 38.10
N THR B 255 22.96 -15.14 37.09
CA THR B 255 22.77 -15.60 35.71
C THR B 255 23.66 -16.80 35.42
N VAL B 256 24.90 -16.79 35.90
CA VAL B 256 25.76 -17.96 35.76
C VAL B 256 25.23 -19.12 36.58
N ALA B 257 24.63 -18.84 37.74
CA ALA B 257 24.08 -19.90 38.57
C ALA B 257 22.86 -20.56 37.92
N GLN B 258 21.95 -19.75 37.37
CA GLN B 258 20.82 -20.33 36.64
C GLN B 258 21.24 -20.94 35.33
N LEU B 259 22.37 -20.50 34.77
CA LEU B 259 22.92 -21.13 33.58
C LEU B 259 23.43 -22.53 33.89
N VAL B 260 24.15 -22.67 34.99
CA VAL B 260 24.58 -23.97 35.46
C VAL B 260 23.39 -24.84 35.85
N LYS B 261 22.31 -24.21 36.35
CA LYS B 261 21.08 -24.95 36.60
C LYS B 261 20.48 -25.52 35.33
N ARG B 262 20.40 -24.71 34.26
CA ARG B 262 19.87 -25.19 32.99
C ARG B 262 20.76 -26.27 32.38
N LEU B 263 22.08 -26.15 32.54
CA LEU B 263 22.96 -27.16 31.95
C LEU B 263 22.95 -28.46 32.75
N THR B 264 22.81 -28.37 34.08
CA THR B 264 22.74 -29.57 34.88
C THR B 264 21.40 -30.28 34.70
N ASP B 265 20.31 -29.50 34.59
CA ASP B 265 19.00 -30.09 34.34
C ASP B 265 18.90 -30.66 32.93
N ALA B 266 19.64 -30.10 31.98
CA ALA B 266 19.73 -30.67 30.65
C ALA B 266 20.83 -31.70 30.52
N ASP B 267 21.56 -31.98 31.62
CA ASP B 267 22.67 -32.94 31.68
C ASP B 267 23.76 -32.58 30.66
N ALA B 268 24.36 -31.42 30.88
CA ALA B 268 25.37 -30.90 29.99
C ALA B 268 26.77 -30.96 30.55
N MET B 269 26.97 -31.48 31.75
CA MET B 269 28.23 -31.22 32.45
C MET B 269 29.30 -32.27 32.15
N LYS B 270 29.53 -32.57 30.87
CA LYS B 270 30.76 -33.25 30.48
C LYS B 270 31.48 -32.64 29.28
N TYR B 271 30.81 -32.19 28.23
CA TYR B 271 31.35 -31.11 27.42
C TYR B 271 31.68 -29.86 28.23
N THR B 272 30.77 -29.39 29.09
CA THR B 272 30.88 -28.00 29.56
C THR B 272 32.00 -27.76 30.56
N ILE B 273 32.61 -26.58 30.44
CA ILE B 273 33.49 -25.99 31.44
C ILE B 273 33.05 -24.54 31.54
N VAL B 274 32.38 -24.17 32.63
CA VAL B 274 31.90 -22.81 32.79
C VAL B 274 32.98 -22.01 33.51
N VAL B 275 33.33 -20.85 32.97
CA VAL B 275 34.39 -20.01 33.50
C VAL B 275 33.78 -18.65 33.77
N SER B 276 33.52 -18.33 35.02
CA SER B 276 32.79 -17.12 35.36
C SER B 276 33.74 -16.05 35.86
N ALA B 277 33.82 -14.94 35.15
CA ALA B 277 34.45 -13.73 35.67
C ALA B 277 33.32 -12.70 35.74
N THR B 278 32.68 -12.64 36.89
CA THR B 278 31.44 -11.90 37.02
C THR B 278 31.72 -10.42 37.28
N ALA B 279 30.68 -9.68 37.66
CA ALA B 279 30.82 -8.24 37.81
C ALA B 279 31.62 -7.86 39.04
N SER B 280 31.48 -8.62 40.14
CA SER B 280 32.20 -8.29 41.36
C SER B 280 33.67 -8.65 41.28
N ASP B 281 34.04 -9.52 40.35
CA ASP B 281 35.44 -9.81 40.10
C ASP B 281 36.14 -8.57 39.56
N ALA B 282 37.46 -8.54 39.74
CA ALA B 282 38.22 -7.37 39.34
C ALA B 282 38.29 -7.28 37.82
N ALA B 283 38.63 -6.08 37.34
CA ALA B 283 38.76 -5.88 35.90
C ALA B 283 39.84 -6.72 35.22
N PRO B 284 40.97 -7.11 35.84
CA PRO B 284 41.82 -8.09 35.16
C PRO B 284 41.31 -9.51 35.21
N LEU B 285 40.44 -9.87 36.15
CA LEU B 285 39.81 -11.18 36.06
C LEU B 285 38.82 -11.23 34.91
N GLN B 286 38.14 -10.12 34.63
CA GLN B 286 37.27 -10.06 33.46
C GLN B 286 38.06 -9.93 32.18
N TYR B 287 39.19 -9.24 32.24
CA TYR B 287 40.12 -9.15 31.10
C TYR B 287 40.68 -10.51 30.73
N LEU B 288 41.18 -11.24 31.72
CA LEU B 288 42.01 -12.41 31.49
C LEU B 288 41.20 -13.69 31.34
N ALA B 289 39.91 -13.67 31.67
CA ALA B 289 39.09 -14.87 31.61
C ALA B 289 38.92 -15.51 30.24
N PRO B 290 38.68 -14.79 29.13
CA PRO B 290 38.56 -15.52 27.86
C PRO B 290 39.88 -16.04 27.33
N TYR B 291 41.00 -15.45 27.72
CA TYR B 291 42.28 -16.09 27.41
C TYR B 291 42.45 -17.39 28.17
N SER B 292 41.90 -17.49 29.38
CA SER B 292 41.95 -18.74 30.11
C SER B 292 41.12 -19.81 29.43
N GLY B 293 39.91 -19.45 28.99
CA GLY B 293 39.07 -20.40 28.27
C GLY B 293 39.68 -20.79 26.93
N CYS B 294 40.36 -19.84 26.28
CA CYS B 294 41.10 -20.17 25.08
C CYS B 294 42.26 -21.12 25.36
N SER B 295 42.94 -20.97 26.50
CA SER B 295 44.05 -21.87 26.78
C SER B 295 43.56 -23.28 27.10
N MET B 296 42.41 -23.38 27.76
CA MET B 296 41.80 -24.70 27.98
C MET B 296 41.33 -25.32 26.66
N GLY B 297 40.76 -24.50 25.78
CA GLY B 297 40.39 -24.99 24.46
C GLY B 297 41.59 -25.37 23.61
N GLU B 298 42.71 -24.66 23.76
CA GLU B 298 43.93 -25.01 23.06
C GLU B 298 44.52 -26.31 23.59
N TYR B 299 44.36 -26.58 24.89
CA TYR B 299 44.80 -27.88 25.42
C TYR B 299 44.01 -29.01 24.79
N PHE B 300 42.68 -28.86 24.72
CA PHE B 300 41.88 -29.92 24.10
C PHE B 300 42.15 -30.05 22.61
N ARG B 301 42.39 -28.91 21.95
CA ARG B 301 42.66 -28.89 20.51
C ARG B 301 43.99 -29.55 20.19
N ASP B 302 45.04 -29.20 20.92
CA ASP B 302 46.35 -29.76 20.65
C ASP B 302 46.49 -31.18 21.17
N ASN B 303 45.59 -31.65 22.03
CA ASN B 303 45.53 -33.08 22.25
C ASN B 303 44.77 -33.80 21.15
N GLY B 304 43.82 -33.12 20.51
CA GLY B 304 43.16 -33.75 19.38
C GLY B 304 41.72 -34.10 19.67
N LYS B 305 41.07 -33.27 20.48
CA LYS B 305 39.66 -33.40 20.79
C LYS B 305 38.94 -32.14 20.32
N HIS B 306 37.81 -32.32 19.66
CA HIS B 306 37.07 -31.20 19.09
C HIS B 306 36.45 -30.38 20.21
N ALA B 307 36.93 -29.15 20.38
CA ALA B 307 36.51 -28.30 21.48
C ALA B 307 35.92 -27.00 20.97
N LEU B 308 35.17 -26.32 21.84
CA LEU B 308 34.70 -25.00 21.47
C LEU B 308 34.72 -24.09 22.69
N ILE B 309 34.59 -22.79 22.43
CA ILE B 309 34.50 -21.76 23.47
C ILE B 309 33.42 -20.77 23.07
N ILE B 310 32.47 -20.54 23.97
CA ILE B 310 31.49 -19.47 23.85
C ILE B 310 31.95 -18.32 24.73
N TYR B 311 32.29 -17.20 24.11
CA TYR B 311 32.74 -16.02 24.86
C TYR B 311 31.51 -15.16 25.12
N ASP B 312 30.82 -15.40 26.22
CA ASP B 312 29.61 -14.62 26.44
C ASP B 312 29.95 -13.25 27.00
N ASP B 313 29.42 -12.24 26.32
CA ASP B 313 29.54 -10.82 26.62
C ASP B 313 31.00 -10.38 26.57
N LEU B 314 31.54 -10.47 25.35
CA LEU B 314 32.91 -10.13 25.00
C LEU B 314 33.17 -8.62 25.04
N SER B 315 32.13 -7.82 24.85
CA SER B 315 32.20 -6.39 25.10
C SER B 315 32.54 -6.07 26.55
N LYS B 316 32.22 -6.97 27.50
CA LYS B 316 32.64 -6.73 28.88
C LYS B 316 34.14 -6.88 29.06
N GLN B 317 34.77 -7.77 28.28
CA GLN B 317 36.23 -7.79 28.26
C GLN B 317 36.76 -6.49 27.68
N ALA B 318 36.13 -5.98 26.62
CA ALA B 318 36.57 -4.73 26.02
C ALA B 318 36.47 -3.57 27.00
N VAL B 319 35.40 -3.52 27.79
CA VAL B 319 35.23 -2.39 28.71
C VAL B 319 36.08 -2.57 29.96
N ALA B 320 36.39 -3.82 30.37
CA ALA B 320 37.31 -4.02 31.48
C ALA B 320 38.73 -3.65 31.09
N TYR B 321 39.11 -3.94 29.85
CA TYR B 321 40.42 -3.53 29.38
C TYR B 321 40.49 -2.03 29.15
N ARG B 322 39.35 -1.39 28.83
CA ARG B 322 39.31 0.07 28.81
C ARG B 322 39.55 0.65 30.20
N GLN B 323 38.92 0.08 31.23
CA GLN B 323 39.19 0.49 32.61
C GLN B 323 40.66 0.31 32.97
N MET B 324 41.25 -0.82 32.58
CA MET B 324 42.65 -1.08 32.89
C MET B 324 43.59 -0.10 32.21
N SER B 325 43.37 0.21 30.93
CA SER B 325 44.24 1.14 30.24
C SER B 325 44.09 2.56 30.77
N LEU B 326 42.85 2.98 31.05
CA LEU B 326 42.66 4.33 31.56
C LEU B 326 43.13 4.48 33.00
N LEU B 327 43.22 3.40 33.76
CA LEU B 327 43.82 3.50 35.07
C LEU B 327 45.34 3.39 35.04
N LEU B 328 45.90 2.65 34.07
CA LEU B 328 47.35 2.65 33.88
C LEU B 328 47.84 3.80 33.04
N ARG B 329 46.97 4.78 32.75
CA ARG B 329 47.31 6.07 32.19
C ARG B 329 47.78 5.98 30.74
N ARG B 330 47.40 4.93 30.03
CA ARG B 330 47.62 4.89 28.60
C ARG B 330 46.71 5.89 27.92
N PRO B 331 47.12 6.44 26.78
CA PRO B 331 46.28 7.40 26.07
C PRO B 331 45.02 6.74 25.53
N PRO B 332 43.88 7.40 25.64
CA PRO B 332 42.64 6.83 25.11
C PRO B 332 42.51 7.09 23.62
N GLY B 333 41.90 6.14 22.94
CA GLY B 333 41.68 6.28 21.51
C GLY B 333 40.27 6.69 21.19
N ARG B 334 39.46 5.73 20.74
CA ARG B 334 38.12 6.01 20.25
C ARG B 334 37.11 5.43 21.21
N GLU B 335 36.09 6.22 21.56
CA GLU B 335 35.11 5.92 22.61
C GLU B 335 35.79 5.62 23.95
N ALA B 336 36.97 6.23 24.15
CA ALA B 336 37.94 6.02 25.21
C ALA B 336 38.52 4.61 25.28
N TYR B 337 38.19 3.73 24.34
CA TYR B 337 38.95 2.51 24.22
C TYR B 337 40.33 2.84 23.65
N PRO B 338 41.37 2.17 24.13
CA PRO B 338 42.71 2.41 23.61
C PRO B 338 42.92 1.83 22.22
N GLY B 339 44.16 1.87 21.74
CA GLY B 339 44.47 1.36 20.43
C GLY B 339 44.27 -0.13 20.26
N ASP B 340 44.92 -0.95 21.11
CA ASP B 340 45.12 -2.35 20.81
C ASP B 340 43.96 -3.24 21.26
N VAL B 341 42.74 -2.71 21.29
CA VAL B 341 41.59 -3.56 21.57
C VAL B 341 41.36 -4.53 20.43
N PHE B 342 41.64 -4.09 19.20
CA PHE B 342 41.58 -5.01 18.06
C PHE B 342 42.64 -6.08 18.17
N TYR B 343 43.84 -5.72 18.64
CA TYR B 343 44.89 -6.72 18.83
C TYR B 343 44.53 -7.69 19.94
N LEU B 344 43.85 -7.19 20.98
CA LEU B 344 43.33 -8.01 22.07
C LEU B 344 42.38 -9.09 21.55
N HIS B 345 41.28 -8.66 20.92
CA HIS B 345 40.32 -9.61 20.39
C HIS B 345 40.88 -10.40 19.22
N SER B 346 41.91 -9.89 18.55
CA SER B 346 42.47 -10.60 17.41
C SER B 346 43.31 -11.79 17.84
N ARG B 347 44.12 -11.61 18.89
CA ARG B 347 44.76 -12.75 19.54
C ARG B 347 43.72 -13.75 20.02
N LEU B 348 42.72 -13.24 20.77
CA LEU B 348 41.73 -14.09 21.41
C LEU B 348 40.93 -14.92 20.42
N LEU B 349 40.66 -14.36 19.24
CA LEU B 349 39.82 -15.04 18.27
C LEU B 349 40.58 -15.76 17.19
N GLU B 350 41.85 -15.42 16.95
CA GLU B 350 42.64 -16.25 16.06
C GLU B 350 43.43 -17.32 16.79
N ARG B 351 43.10 -17.58 18.05
CA ARG B 351 43.53 -18.83 18.65
C ARG B 351 42.70 -20.07 18.21
N ALA B 352 41.98 -20.06 17.09
CA ALA B 352 41.07 -21.18 16.77
C ALA B 352 40.93 -21.40 15.27
N ALA B 353 41.34 -22.58 14.80
CA ALA B 353 41.02 -23.14 13.47
C ALA B 353 41.39 -24.62 13.50
N LYS B 354 41.06 -25.35 12.42
CA LYS B 354 41.18 -26.79 12.48
C LYS B 354 42.66 -27.13 12.42
N MET B 355 43.08 -28.13 13.18
CA MET B 355 44.49 -28.47 13.14
C MET B 355 44.78 -29.46 12.03
N ASN B 356 46.05 -29.54 11.67
CA ASN B 356 46.52 -30.43 10.63
C ASN B 356 46.32 -31.89 11.05
N ASP B 357 46.27 -32.77 10.05
CA ASP B 357 46.07 -34.19 10.33
C ASP B 357 47.27 -34.83 10.99
N ALA B 358 48.45 -34.20 10.93
CA ALA B 358 49.63 -34.67 11.63
C ALA B 358 49.77 -34.04 13.01
N PHE B 359 48.86 -33.14 13.38
CA PHE B 359 48.89 -32.45 14.67
C PHE B 359 47.67 -32.81 15.49
N GLY B 360 47.26 -34.06 15.44
CA GLY B 360 46.18 -34.58 16.25
C GLY B 360 44.82 -34.54 15.60
N GLY B 361 44.54 -33.49 14.85
CA GLY B 361 43.25 -33.35 14.22
C GLY B 361 42.19 -32.67 15.06
N GLY B 362 42.56 -32.09 16.19
CA GLY B 362 41.59 -31.43 17.04
C GLY B 362 41.25 -30.04 16.53
N SER B 363 40.01 -29.64 16.75
CA SER B 363 39.48 -28.39 16.27
C SER B 363 39.09 -27.49 17.44
N LEU B 364 38.91 -26.22 17.11
CA LEU B 364 38.39 -25.27 18.07
C LEU B 364 37.34 -24.42 17.37
N THR B 365 36.23 -24.20 18.06
CA THR B 365 35.17 -23.35 17.55
C THR B 365 34.98 -22.19 18.49
N ALA B 366 35.46 -21.02 18.10
CA ALA B 366 35.26 -19.82 18.88
C ALA B 366 33.98 -19.14 18.44
N LEU B 367 33.04 -18.99 19.35
CA LEU B 367 31.88 -18.15 19.06
C LEU B 367 31.73 -17.11 20.15
N PRO B 368 32.09 -15.86 19.87
CA PRO B 368 31.91 -14.80 20.85
C PRO B 368 30.59 -14.07 20.68
N VAL B 369 29.98 -13.74 21.81
CA VAL B 369 28.70 -13.09 21.86
C VAL B 369 28.95 -11.61 22.11
N ILE B 370 28.40 -10.75 21.27
CA ILE B 370 28.65 -9.32 21.41
C ILE B 370 27.33 -8.56 21.23
N GLU B 371 27.11 -7.61 22.13
CA GLU B 371 25.95 -6.75 22.06
C GLU B 371 26.38 -5.37 21.57
N THR B 372 25.53 -4.78 20.75
CA THR B 372 25.68 -3.41 20.32
C THR B 372 24.80 -2.57 21.24
N GLN B 373 24.67 -1.29 20.93
CA GLN B 373 23.72 -0.42 21.64
C GLN B 373 22.93 0.34 20.59
N ALA B 374 21.60 0.20 20.65
CA ALA B 374 20.64 0.69 19.65
C ALA B 374 20.92 0.14 18.26
N GLY B 375 21.48 -1.07 18.19
CA GLY B 375 21.77 -1.71 16.92
C GLY B 375 22.89 -1.08 16.13
N ASP B 376 23.69 -0.22 16.76
CA ASP B 376 24.75 0.53 16.05
C ASP B 376 25.91 -0.43 15.82
N VAL B 377 25.95 -0.99 14.61
CA VAL B 377 27.02 -1.89 14.23
C VAL B 377 28.31 -1.11 14.02
N SER B 378 28.21 0.16 13.66
CA SER B 378 29.34 1.05 13.40
C SER B 378 30.10 1.45 14.65
N ALA B 379 29.83 0.95 15.85
CA ALA B 379 30.62 1.30 17.01
C ALA B 379 31.97 0.58 16.96
N TYR B 380 32.86 0.98 17.87
CA TYR B 380 34.27 0.60 17.77
C TYR B 380 34.49 -0.88 18.00
N ILE B 381 33.95 -1.41 19.09
CA ILE B 381 34.09 -2.83 19.41
C ILE B 381 33.34 -3.71 18.42
N PRO B 382 32.10 -3.42 17.97
CA PRO B 382 31.53 -4.27 16.93
C PRO B 382 32.26 -4.24 15.60
N THR B 383 32.81 -3.10 15.16
CA THR B 383 33.57 -3.11 13.91
C THR B 383 34.86 -3.91 14.05
N ASN B 384 35.53 -3.79 15.20
CA ASN B 384 36.75 -4.57 15.43
C ASN B 384 36.46 -6.07 15.46
N VAL B 385 35.40 -6.47 16.16
CA VAL B 385 35.16 -7.89 16.37
C VAL B 385 34.45 -8.51 15.16
N ILE B 386 33.74 -7.73 14.35
CA ILE B 386 33.32 -8.22 13.05
C ILE B 386 34.51 -8.38 12.11
N SER B 387 35.48 -7.47 12.21
CA SER B 387 36.62 -7.50 11.29
C SER B 387 37.53 -8.70 11.56
N ILE B 388 37.70 -9.09 12.83
CA ILE B 388 38.55 -10.24 13.12
C ILE B 388 37.85 -11.55 12.78
N THR B 389 36.58 -11.70 13.14
CA THR B 389 35.87 -12.95 12.87
C THR B 389 35.51 -13.04 11.39
N ASP B 390 35.10 -14.23 10.99
CA ASP B 390 34.47 -14.37 9.68
C ASP B 390 33.00 -14.74 9.77
N GLY B 391 32.64 -15.82 10.45
CA GLY B 391 31.23 -16.10 10.63
C GLY B 391 30.63 -15.07 11.59
N GLN B 392 29.41 -14.62 11.30
CA GLN B 392 28.71 -13.77 12.26
C GLN B 392 27.21 -13.90 12.09
N ILE B 393 26.52 -14.12 13.21
CA ILE B 393 25.07 -14.28 13.26
C ILE B 393 24.47 -12.99 13.78
N PHE B 394 23.66 -12.33 12.96
CA PHE B 394 23.06 -11.06 13.34
C PHE B 394 21.64 -11.28 13.81
N LEU B 395 21.38 -10.84 15.01
CA LEU B 395 20.01 -10.74 15.47
C LEU B 395 19.65 -9.27 15.31
N GLU B 396 18.76 -8.93 14.36
CA GLU B 396 18.03 -7.72 14.78
C GLU B 396 16.83 -8.12 15.66
N THR B 397 16.35 -7.18 16.50
CA THR B 397 15.43 -7.44 17.61
C THR B 397 13.96 -7.26 17.22
N GLU B 398 13.69 -6.48 16.17
CA GLU B 398 12.33 -6.26 15.73
C GLU B 398 11.66 -7.55 15.25
N LEU B 399 12.44 -8.52 14.76
CA LEU B 399 11.86 -9.84 14.55
C LEU B 399 11.65 -10.62 15.83
N PHE B 400 12.34 -10.29 16.93
CA PHE B 400 12.02 -10.96 18.17
C PHE B 400 10.67 -10.50 18.69
N TYR B 401 10.38 -9.21 18.57
CA TYR B 401 9.06 -8.77 19.00
C TYR B 401 8.01 -9.00 17.92
N LYS B 402 8.43 -9.32 16.71
CA LYS B 402 7.49 -9.61 15.63
C LYS B 402 7.07 -11.07 15.63
N GLY B 403 7.94 -11.98 16.06
CA GLY B 403 7.45 -13.33 16.26
C GLY B 403 8.34 -14.50 15.94
N ILE B 404 9.44 -14.32 15.22
CA ILE B 404 10.33 -15.43 14.93
C ILE B 404 11.31 -15.60 16.08
N ARG B 405 11.54 -16.85 16.47
CA ARG B 405 12.46 -17.19 17.54
C ARG B 405 13.27 -18.40 17.09
N PRO B 406 14.61 -18.38 17.14
CA PRO B 406 15.51 -17.32 17.55
C PRO B 406 15.57 -16.21 16.51
N ALA B 407 15.73 -14.98 17.00
CA ALA B 407 15.50 -13.80 16.19
C ALA B 407 16.69 -13.44 15.32
N ILE B 408 17.16 -14.38 14.49
CA ILE B 408 18.11 -14.00 13.46
C ILE B 408 17.37 -13.13 12.47
N ASN B 409 17.71 -11.84 12.46
CA ASN B 409 17.44 -11.02 11.28
C ASN B 409 18.74 -10.97 10.58
N VAL B 410 18.67 -11.31 9.28
CA VAL B 410 19.34 -12.43 8.61
C VAL B 410 20.39 -12.02 7.60
N GLY B 411 20.01 -11.20 6.64
CA GLY B 411 20.87 -10.89 5.49
C GLY B 411 22.16 -10.20 5.85
N LEU B 412 22.17 -9.58 7.02
CA LEU B 412 23.40 -9.10 7.60
C LEU B 412 24.29 -10.25 8.06
N SER B 413 23.69 -11.38 8.46
CA SER B 413 24.46 -12.51 8.96
C SER B 413 24.97 -13.36 7.81
N VAL B 414 26.22 -13.80 7.93
CA VAL B 414 26.90 -14.53 6.87
C VAL B 414 27.88 -15.51 7.50
N SER B 415 28.05 -16.67 6.88
CA SER B 415 29.08 -17.63 7.25
C SER B 415 29.96 -17.84 6.03
N ARG B 416 31.23 -17.43 6.13
CA ARG B 416 32.13 -17.46 4.98
C ARG B 416 32.55 -18.86 4.59
N VAL B 417 32.36 -19.85 5.45
CA VAL B 417 32.79 -21.19 5.11
C VAL B 417 31.65 -21.91 4.40
N GLY B 418 30.42 -21.40 4.58
CA GLY B 418 29.24 -21.79 3.83
C GLY B 418 28.89 -23.26 3.78
N SER B 419 28.82 -23.80 2.56
CA SER B 419 28.34 -25.15 2.35
C SER B 419 29.37 -26.19 2.75
N ALA B 420 30.62 -25.76 2.97
CA ALA B 420 31.66 -26.69 3.39
C ALA B 420 31.44 -27.20 4.80
N ALA B 421 30.68 -26.47 5.61
CA ALA B 421 30.45 -26.82 7.01
C ALA B 421 29.04 -27.37 7.23
N GLN B 422 28.41 -27.88 6.18
CA GLN B 422 27.13 -28.55 6.28
C GLN B 422 27.29 -30.04 6.05
N THR B 423 26.28 -30.80 6.45
CA THR B 423 26.17 -32.16 5.99
C THR B 423 25.76 -32.16 4.51
N ARG B 424 25.91 -33.32 3.88
CA ARG B 424 25.61 -33.43 2.45
C ARG B 424 24.11 -33.30 2.19
N ALA B 425 23.28 -33.78 3.12
CA ALA B 425 21.83 -33.66 2.95
C ALA B 425 21.38 -32.21 3.06
N MET B 426 21.84 -31.50 4.09
CA MET B 426 21.48 -30.10 4.28
C MET B 426 22.00 -29.23 3.15
N LYS B 427 23.16 -29.60 2.58
CA LYS B 427 23.63 -28.91 1.39
C LYS B 427 22.74 -29.20 0.19
N GLN B 428 22.29 -30.45 0.04
CA GLN B 428 21.41 -30.77 -1.08
C GLN B 428 20.04 -30.12 -0.97
N VAL B 429 19.62 -29.73 0.23
CA VAL B 429 18.28 -29.18 0.41
C VAL B 429 18.30 -27.66 0.51
N ALA B 430 19.17 -27.09 1.33
CA ALA B 430 18.98 -25.73 1.84
C ALA B 430 19.87 -24.68 1.17
N GLY B 431 20.11 -24.75 -0.14
CA GLY B 431 20.74 -23.65 -0.83
C GLY B 431 19.72 -22.82 -1.57
N THR B 432 18.80 -23.54 -2.21
CA THR B 432 17.63 -22.92 -2.82
C THR B 432 16.75 -22.23 -1.79
N MET B 433 16.77 -22.68 -0.54
CA MET B 433 16.06 -21.99 0.52
C MET B 433 16.66 -20.61 0.79
N LYS B 434 18.00 -20.52 0.82
CA LYS B 434 18.65 -19.24 1.06
C LYS B 434 18.45 -18.29 -0.12
N LEU B 435 18.55 -18.82 -1.35
CA LEU B 435 18.30 -17.97 -2.51
C LEU B 435 16.85 -17.52 -2.58
N GLU B 436 15.92 -18.39 -2.18
CA GLU B 436 14.51 -18.02 -2.18
C GLU B 436 14.21 -16.98 -1.11
N LEU B 437 14.85 -17.09 0.05
CA LEU B 437 14.66 -16.07 1.09
C LEU B 437 15.23 -14.72 0.65
N ALA B 438 16.33 -14.73 -0.10
CA ALA B 438 16.85 -13.48 -0.64
C ALA B 438 15.86 -12.84 -1.62
N GLN B 439 15.30 -13.66 -2.53
CA GLN B 439 14.29 -13.19 -3.47
C GLN B 439 13.05 -12.65 -2.76
N TYR B 440 12.59 -13.39 -1.74
CA TYR B 440 11.42 -13.01 -0.94
C TYR B 440 11.62 -11.70 -0.21
N ARG B 441 12.79 -11.51 0.41
CA ARG B 441 13.05 -10.28 1.14
C ARG B 441 13.06 -9.08 0.21
N GLU B 442 13.70 -9.20 -0.95
CA GLU B 442 13.75 -8.01 -1.82
C GLU B 442 12.41 -7.74 -2.48
N VAL B 443 11.62 -8.78 -2.83
CA VAL B 443 10.32 -8.48 -3.43
C VAL B 443 9.33 -7.96 -2.40
N ALA B 444 9.40 -8.41 -1.14
CA ALA B 444 8.52 -7.83 -0.14
C ALA B 444 8.93 -6.41 0.19
N ALA B 445 10.24 -6.13 0.13
CA ALA B 445 10.74 -4.79 0.43
C ALA B 445 10.29 -3.78 -0.63
N PHE B 446 10.28 -4.15 -1.92
CA PHE B 446 9.74 -3.11 -2.79
C PHE B 446 8.22 -3.20 -2.94
N ALA B 447 7.63 -4.39 -2.86
CA ALA B 447 6.17 -4.52 -2.89
C ALA B 447 5.58 -4.59 -1.48
N GLN B 448 5.99 -3.65 -0.62
CA GLN B 448 5.28 -3.44 0.65
C GLN B 448 3.83 -3.02 0.44
N PHE B 449 3.54 -2.23 -0.59
CA PHE B 449 2.21 -1.68 -0.80
C PHE B 449 1.42 -2.41 -1.87
N GLY B 450 2.00 -3.43 -2.53
CA GLY B 450 1.33 -4.04 -3.64
C GLY B 450 1.73 -3.39 -4.95
N SER B 451 3.04 -3.39 -5.23
CA SER B 451 3.57 -2.79 -6.45
C SER B 451 3.05 -3.50 -7.70
N ASP B 452 3.43 -4.77 -7.86
CA ASP B 452 2.86 -5.63 -8.89
C ASP B 452 2.74 -7.04 -8.37
N LEU B 453 1.53 -7.61 -8.43
CA LEU B 453 1.26 -8.95 -7.94
C LEU B 453 0.82 -9.80 -9.13
N ASP B 454 1.76 -10.49 -9.72
CA ASP B 454 1.45 -11.58 -10.63
C ASP B 454 1.43 -12.88 -9.83
N ALA B 455 1.40 -14.01 -10.52
CA ALA B 455 1.47 -15.30 -9.81
C ALA B 455 2.86 -15.54 -9.23
N ALA B 456 3.89 -14.98 -9.86
CA ALA B 456 5.25 -15.18 -9.38
C ALA B 456 5.50 -14.46 -8.07
N THR B 457 4.98 -13.23 -7.93
CA THR B 457 5.22 -12.47 -6.71
C THR B 457 4.45 -13.05 -5.53
N GLN B 458 3.21 -13.51 -5.75
CA GLN B 458 2.50 -14.17 -4.66
C GLN B 458 3.09 -15.54 -4.36
N GLN B 459 3.71 -16.19 -5.36
CA GLN B 459 4.48 -17.40 -5.09
C GLN B 459 5.68 -17.13 -4.21
N LEU B 460 6.41 -16.04 -4.51
CA LEU B 460 7.57 -15.66 -3.71
C LEU B 460 7.18 -15.29 -2.28
N LEU B 461 6.12 -14.50 -2.12
CA LEU B 461 5.69 -14.15 -0.77
C LEU B 461 5.12 -15.35 -0.02
N SER B 462 4.46 -16.27 -0.73
CA SER B 462 3.93 -17.47 -0.07
C SER B 462 5.06 -18.35 0.43
N ARG B 463 6.01 -18.69 -0.43
CA ARG B 463 7.11 -19.55 -0.01
C ARG B 463 7.99 -18.85 1.02
N GLY B 464 8.14 -17.53 0.92
CA GLY B 464 8.93 -16.81 1.90
C GLY B 464 8.31 -16.77 3.28
N VAL B 465 7.01 -16.52 3.36
CA VAL B 465 6.33 -16.49 4.65
C VAL B 465 6.29 -17.89 5.25
N ARG B 466 6.06 -18.91 4.43
CA ARG B 466 6.04 -20.29 4.97
C ARG B 466 7.40 -20.72 5.49
N LEU B 467 8.48 -20.36 4.79
CA LEU B 467 9.81 -20.71 5.32
C LEU B 467 10.18 -19.86 6.52
N THR B 468 9.65 -18.63 6.60
CA THR B 468 9.80 -17.81 7.81
C THR B 468 9.18 -18.49 9.01
N GLU B 469 7.99 -19.06 8.84
CA GLU B 469 7.44 -19.82 9.96
C GLU B 469 8.05 -21.21 10.11
N LEU B 470 8.76 -21.72 9.10
CA LEU B 470 9.60 -22.89 9.36
C LEU B 470 10.71 -22.55 10.34
N LEU B 471 11.38 -21.41 10.15
CA LEU B 471 12.57 -21.12 10.94
C LEU B 471 12.27 -20.68 12.38
N LYS B 472 11.02 -20.65 12.80
CA LYS B 472 10.71 -20.44 14.20
C LYS B 472 11.03 -21.70 15.00
N GLN B 473 11.54 -21.52 16.21
CA GLN B 473 11.92 -22.65 17.05
C GLN B 473 11.94 -22.22 18.51
N GLY B 474 11.39 -23.06 19.38
CA GLY B 474 11.30 -22.71 20.78
C GLY B 474 12.64 -22.71 21.49
N GLN B 475 12.64 -22.11 22.68
CA GLN B 475 13.85 -21.99 23.46
C GLN B 475 14.22 -23.33 24.10
N TYR B 476 15.53 -23.63 24.09
CA TYR B 476 16.14 -24.78 24.78
C TYR B 476 15.63 -26.11 24.23
N SER B 477 15.28 -26.14 22.94
CA SER B 477 14.87 -27.36 22.26
C SER B 477 15.66 -27.51 20.97
N PRO B 478 16.89 -28.00 21.03
CA PRO B 478 17.63 -28.27 19.80
C PRO B 478 17.30 -29.65 19.25
N MET B 479 17.25 -29.74 17.93
CA MET B 479 16.95 -30.99 17.24
C MET B 479 18.16 -31.43 16.43
N ALA B 480 18.19 -32.70 16.06
CA ALA B 480 19.31 -33.22 15.32
C ALA B 480 19.24 -32.80 13.85
N ILE B 481 20.28 -33.17 13.10
CA ILE B 481 20.38 -32.74 11.72
C ILE B 481 19.37 -33.44 10.82
N GLU B 482 19.03 -34.70 11.13
CA GLU B 482 18.16 -35.47 10.26
C GLU B 482 16.72 -34.99 10.29
N GLU B 483 16.23 -34.56 11.47
CA GLU B 483 14.91 -33.97 11.54
C GLU B 483 14.88 -32.60 10.86
N GLN B 484 16.01 -31.88 10.88
CA GLN B 484 16.08 -30.62 10.16
C GLN B 484 16.03 -30.84 8.65
N VAL B 485 16.72 -31.86 8.17
CA VAL B 485 16.67 -32.19 6.74
C VAL B 485 15.25 -32.60 6.36
N ALA B 486 14.58 -33.35 7.24
CA ALA B 486 13.19 -33.76 6.99
C ALA B 486 12.23 -32.56 6.95
N VAL B 487 12.37 -31.63 7.89
CA VAL B 487 11.37 -30.56 7.94
C VAL B 487 11.65 -29.48 6.89
N ILE B 488 12.91 -29.17 6.58
CA ILE B 488 13.17 -28.23 5.50
C ILE B 488 12.91 -28.91 4.14
N TYR B 489 12.98 -30.25 4.05
CA TYR B 489 12.48 -30.93 2.87
C TYR B 489 10.97 -30.77 2.73
N ALA B 490 10.25 -30.85 3.86
CA ALA B 490 8.81 -30.64 3.81
C ALA B 490 8.44 -29.19 3.56
N GLY B 491 9.35 -28.25 3.76
CA GLY B 491 9.05 -26.86 3.51
C GLY B 491 9.46 -26.33 2.15
N VAL B 492 10.62 -26.72 1.66
CA VAL B 492 11.17 -26.19 0.42
C VAL B 492 10.70 -26.96 -0.80
N ARG B 493 10.69 -28.30 -0.71
CA ARG B 493 10.27 -29.13 -1.83
C ARG B 493 8.75 -29.27 -1.88
N GLY B 494 8.04 -28.15 -2.00
CA GLY B 494 6.60 -28.19 -2.12
C GLY B 494 5.93 -28.56 -0.82
N TYR B 495 4.66 -28.95 -0.95
CA TYR B 495 3.84 -29.60 0.08
C TYR B 495 3.51 -28.71 1.26
N LEU B 496 3.85 -27.43 1.20
CA LEU B 496 3.51 -26.54 2.31
C LEU B 496 3.16 -25.15 1.79
N ASP B 497 3.17 -24.97 0.46
CA ASP B 497 3.10 -23.64 -0.11
C ASP B 497 1.71 -23.02 0.03
N LYS B 498 0.66 -23.82 -0.08
CA LYS B 498 -0.69 -23.33 0.16
C LYS B 498 -1.25 -24.09 1.36
N LEU B 499 -0.82 -23.68 2.57
CA LEU B 499 -1.31 -24.34 3.79
C LEU B 499 -1.51 -23.41 4.98
N GLU B 500 -1.94 -22.13 4.80
CA GLU B 500 -2.41 -21.25 5.88
C GLU B 500 -1.35 -20.97 6.95
N PRO B 501 -0.48 -19.97 6.72
CA PRO B 501 0.76 -19.78 7.52
C PRO B 501 0.66 -19.77 9.05
N SER B 502 -0.54 -19.59 9.63
CA SER B 502 -0.65 -19.74 11.07
C SER B 502 -0.57 -21.21 11.50
N LYS B 503 -0.79 -22.15 10.57
CA LYS B 503 -0.82 -23.56 10.89
C LYS B 503 0.53 -24.24 10.72
N ILE B 504 1.62 -23.48 10.59
CA ILE B 504 2.92 -24.11 10.37
C ILE B 504 3.46 -24.72 11.65
N THR B 505 3.14 -24.14 12.82
CA THR B 505 3.73 -24.60 14.07
C THR B 505 3.14 -25.94 14.51
N LYS B 506 1.82 -26.09 14.35
CA LYS B 506 1.20 -27.39 14.61
C LYS B 506 1.64 -28.43 13.60
N PHE B 507 1.94 -27.99 12.37
CA PHE B 507 2.54 -28.86 11.37
C PHE B 507 3.90 -29.35 11.82
N GLU B 508 4.70 -28.45 12.42
CA GLU B 508 6.00 -28.81 12.99
C GLU B 508 5.85 -29.85 14.07
N ASN B 509 4.94 -29.62 15.02
CA ASN B 509 4.79 -30.51 16.17
C ASN B 509 4.30 -31.88 15.74
N ALA B 510 3.24 -31.94 14.92
CA ALA B 510 2.71 -33.23 14.50
C ALA B 510 3.66 -33.94 13.55
N PHE B 511 4.44 -33.19 12.77
CA PHE B 511 5.39 -33.80 11.84
C PHE B 511 6.56 -34.42 12.59
N LEU B 512 7.09 -33.72 13.60
CA LEU B 512 8.16 -34.30 14.40
C LEU B 512 7.66 -35.47 15.22
N SER B 513 6.41 -35.41 15.69
CA SER B 513 5.82 -36.56 16.39
C SER B 513 5.68 -37.77 15.49
N HIS B 514 5.24 -37.55 14.25
CA HIS B 514 5.12 -38.62 13.25
C HIS B 514 6.47 -39.28 12.97
N VAL B 515 7.47 -38.46 12.67
CA VAL B 515 8.76 -38.97 12.24
C VAL B 515 9.53 -39.60 13.40
N ILE B 516 9.36 -39.08 14.62
CA ILE B 516 9.95 -39.76 15.76
C ILE B 516 9.11 -40.97 16.19
N SER B 517 7.87 -41.05 15.73
CA SER B 517 7.03 -42.18 16.11
C SER B 517 7.40 -43.44 15.32
N GLN B 518 7.27 -43.41 13.98
CA GLN B 518 7.54 -44.68 13.30
C GLN B 518 8.62 -44.58 12.22
N HIS B 519 9.49 -43.59 12.28
CA HIS B 519 10.51 -43.41 11.25
C HIS B 519 11.87 -43.16 11.87
N GLN B 520 12.26 -43.98 12.83
CA GLN B 520 13.56 -43.75 13.47
C GLN B 520 14.70 -44.39 12.68
N THR B 521 14.46 -45.57 12.10
CA THR B 521 15.49 -46.25 11.32
C THR B 521 15.76 -45.53 10.00
N LEU B 522 14.75 -44.87 9.45
CA LEU B 522 14.96 -44.09 8.23
C LEU B 522 15.78 -42.84 8.52
N LEU B 523 15.54 -42.19 9.66
CA LEU B 523 16.40 -41.09 10.07
C LEU B 523 17.81 -41.56 10.37
N GLY B 524 17.95 -42.78 10.89
CA GLY B 524 19.28 -43.36 11.04
C GLY B 524 19.97 -43.56 9.71
N LYS B 525 19.21 -43.98 8.70
CA LYS B 525 19.75 -44.09 7.34
C LYS B 525 20.19 -42.73 6.81
N ILE B 526 19.41 -41.68 7.10
CA ILE B 526 19.75 -40.34 6.61
C ILE B 526 21.00 -39.81 7.29
N ARG B 527 21.08 -39.92 8.61
CA ARG B 527 22.22 -39.34 9.31
C ARG B 527 23.48 -40.18 9.18
N THR B 528 23.37 -41.50 8.97
CA THR B 528 24.59 -42.29 8.85
C THR B 528 25.06 -42.43 7.41
N ASP B 529 24.14 -42.39 6.44
CA ASP B 529 24.55 -42.47 5.05
C ASP B 529 25.13 -41.15 4.55
N GLY B 530 24.91 -40.07 5.29
CA GLY B 530 25.40 -38.77 4.84
C GLY B 530 24.36 -38.11 3.96
N LYS B 531 24.50 -38.31 2.65
CA LYS B 531 23.56 -37.82 1.68
C LYS B 531 22.17 -38.42 1.90
N ILE B 532 21.16 -37.66 1.52
CA ILE B 532 19.80 -38.16 1.46
C ILE B 532 19.62 -38.84 0.10
N SER B 533 19.51 -40.17 0.12
CA SER B 533 19.52 -40.95 -1.10
C SER B 533 18.18 -40.82 -1.83
N GLU B 534 18.18 -41.26 -3.09
CA GLU B 534 17.03 -41.05 -3.97
C GLU B 534 15.83 -41.88 -3.53
N GLU B 535 16.05 -43.07 -2.98
CA GLU B 535 14.96 -43.83 -2.40
C GLU B 535 14.46 -43.16 -1.13
N ALA B 536 15.39 -42.63 -0.32
CA ALA B 536 15.01 -41.83 0.83
C ALA B 536 14.38 -40.51 0.40
N ASP B 537 14.77 -39.97 -0.76
CA ASP B 537 14.16 -38.75 -1.27
C ASP B 537 12.70 -38.97 -1.64
N ALA B 538 12.42 -40.02 -2.42
CA ALA B 538 11.03 -40.32 -2.78
C ALA B 538 10.24 -40.85 -1.60
N LYS B 539 10.92 -41.46 -0.62
CA LYS B 539 10.25 -41.88 0.60
C LYS B 539 9.84 -40.69 1.45
N LEU B 540 10.72 -39.68 1.55
CA LEU B 540 10.34 -38.43 2.23
C LEU B 540 9.22 -37.73 1.50
N LYS B 541 9.24 -37.79 0.16
CA LYS B 541 8.13 -37.25 -0.63
C LYS B 541 6.82 -37.95 -0.30
N GLU B 542 6.86 -39.28 -0.21
CA GLU B 542 5.66 -40.06 0.10
C GLU B 542 5.18 -39.83 1.52
N ILE B 543 6.11 -39.71 2.47
CA ILE B 543 5.74 -39.54 3.88
C ILE B 543 5.19 -38.13 4.12
N VAL B 544 5.76 -37.12 3.44
CA VAL B 544 5.21 -35.78 3.57
C VAL B 544 3.87 -35.66 2.83
N THR B 545 3.66 -36.46 1.77
CA THR B 545 2.34 -36.45 1.11
C THR B 545 1.28 -37.13 1.97
N ASN B 546 1.63 -38.29 2.55
CA ASN B 546 0.77 -38.98 3.50
C ASN B 546 0.47 -38.11 4.71
N PHE B 547 1.46 -37.36 5.17
CA PHE B 547 1.25 -36.50 6.31
C PHE B 547 0.49 -35.23 5.93
N LEU B 548 0.57 -34.80 4.68
CA LEU B 548 -0.32 -33.73 4.23
C LEU B 548 -1.76 -34.19 4.22
N ALA B 549 -2.01 -35.45 3.85
CA ALA B 549 -3.35 -36.02 3.98
C ALA B 549 -3.79 -36.09 5.44
N GLY B 550 -2.92 -36.63 6.30
CA GLY B 550 -3.21 -36.70 7.73
C GLY B 550 -3.23 -35.35 8.43
N PHE B 551 -2.75 -34.30 7.76
CA PHE B 551 -2.81 -32.93 8.25
C PHE B 551 -4.06 -32.22 7.78
N GLU B 552 -4.52 -32.53 6.57
CA GLU B 552 -5.90 -32.25 6.17
C GLU B 552 -6.77 -33.49 6.40
N ALA B 553 -6.64 -34.06 7.58
CA ALA B 553 -7.57 -35.04 8.10
C ALA B 553 -8.01 -34.60 9.49
N THR C 46 60.48 18.17 33.95
CA THR C 46 59.43 17.96 32.98
C THR C 46 59.70 18.76 31.72
N GLY C 47 60.82 19.48 31.71
CA GLY C 47 61.13 20.34 30.61
C GLY C 47 61.52 19.57 29.36
N THR C 48 61.38 20.24 28.21
CA THR C 48 61.71 19.60 26.94
C THR C 48 63.19 19.69 26.64
N ALA C 49 63.81 20.83 26.93
CA ALA C 49 65.24 20.96 26.74
C ALA C 49 66.04 20.45 27.92
N GLU C 50 65.43 20.31 29.09
CA GLU C 50 66.14 19.76 30.23
C GLU C 50 66.40 18.28 30.03
N VAL C 51 67.54 17.95 29.44
CA VAL C 51 68.03 16.59 29.35
C VAL C 51 69.44 16.61 29.90
N SER C 52 69.95 15.43 30.27
CA SER C 52 71.22 15.39 30.96
C SER C 52 72.40 15.65 30.04
N SER C 53 72.20 15.58 28.72
CA SER C 53 73.28 15.87 27.79
C SER C 53 73.61 17.36 27.77
N ILE C 54 72.59 18.21 27.57
CA ILE C 54 72.89 19.64 27.47
C ILE C 54 73.13 20.23 28.85
N LEU C 55 72.52 19.65 29.89
CA LEU C 55 72.82 20.05 31.26
C LEU C 55 74.26 19.71 31.63
N GLU C 56 74.72 18.52 31.24
CA GLU C 56 76.08 18.10 31.55
C GLU C 56 77.10 18.94 30.82
N GLU C 57 76.86 19.22 29.53
CA GLU C 57 77.79 20.12 28.83
C GLU C 57 77.63 21.57 29.26
N ARG C 58 76.55 21.91 29.96
CA ARG C 58 76.39 23.25 30.48
C ARG C 58 77.15 23.44 31.79
N ILE C 59 77.11 22.46 32.69
CA ILE C 59 77.69 22.66 34.02
C ILE C 59 79.04 22.00 34.19
N LEU C 60 79.54 21.24 33.20
CA LEU C 60 80.91 20.78 33.39
C LEU C 60 81.90 21.89 33.07
N GLY C 61 81.45 22.89 32.31
CA GLY C 61 82.28 23.99 31.88
C GLY C 61 81.54 24.79 30.83
N ALA C 62 81.73 26.10 30.83
CA ALA C 62 81.02 26.98 29.89
C ALA C 62 81.53 26.72 28.47
N ASP C 63 80.61 26.33 27.59
CA ASP C 63 81.00 25.87 26.26
C ASP C 63 81.43 27.05 25.37
N THR C 64 80.49 27.95 25.05
CA THR C 64 80.66 29.05 24.09
C THR C 64 81.27 28.59 22.76
N SER C 65 80.90 27.39 22.31
CA SER C 65 81.64 26.74 21.24
C SER C 65 80.71 26.32 20.12
N VAL C 66 79.50 25.88 20.45
CA VAL C 66 78.50 25.57 19.43
C VAL C 66 77.82 26.85 18.94
N ASP C 67 78.03 27.96 19.66
CA ASP C 67 77.62 29.35 19.44
C ASP C 67 76.14 29.57 19.70
N LEU C 68 75.34 28.49 19.76
CA LEU C 68 73.98 28.41 20.28
C LEU C 68 72.97 29.35 19.59
N GLU C 69 73.42 30.13 18.60
CA GLU C 69 72.62 31.16 17.97
C GLU C 69 72.44 30.95 16.48
N GLU C 70 73.54 30.76 15.75
CA GLU C 70 73.47 30.47 14.33
C GLU C 70 73.32 28.99 14.05
N THR C 71 73.96 28.15 14.85
CA THR C 71 73.82 26.72 14.73
C THR C 71 72.89 26.23 15.84
N GLY C 72 72.75 24.92 15.94
CA GLY C 72 71.92 24.33 16.97
C GLY C 72 71.96 22.82 16.86
N ARG C 73 71.94 22.14 17.99
CA ARG C 73 72.03 20.70 17.99
C ARG C 73 70.63 20.10 18.04
N VAL C 74 70.46 18.98 17.35
CA VAL C 74 69.15 18.36 17.26
C VAL C 74 68.89 17.58 18.54
N LEU C 75 67.81 17.92 19.21
CA LEU C 75 67.30 17.22 20.39
C LEU C 75 66.33 16.17 19.86
N SER C 76 65.35 15.73 20.66
CA SER C 76 64.34 14.74 20.27
C SER C 76 63.70 14.96 18.90
N ILE C 77 63.94 14.03 17.99
CA ILE C 77 63.40 14.05 16.64
C ILE C 77 62.27 13.04 16.54
N GLY C 78 61.05 13.55 16.36
CA GLY C 78 59.87 12.72 16.34
C GLY C 78 59.65 12.02 15.01
N ASP C 79 58.40 11.97 14.56
CA ASP C 79 58.10 11.30 13.30
C ASP C 79 58.37 12.19 12.10
N GLY C 80 58.17 13.49 12.22
CA GLY C 80 58.55 14.38 11.13
C GLY C 80 59.03 15.73 11.61
N ILE C 81 59.16 15.89 12.92
CA ILE C 81 59.42 17.18 13.53
C ILE C 81 60.60 17.05 14.47
N ALA C 82 61.62 17.86 14.23
CA ALA C 82 62.72 18.00 15.17
C ALA C 82 62.42 19.16 16.10
N ARG C 83 62.84 19.03 17.35
CA ARG C 83 62.70 20.09 18.33
C ARG C 83 64.10 20.49 18.74
N VAL C 84 64.71 21.35 17.95
CA VAL C 84 66.14 21.59 18.11
C VAL C 84 66.41 22.59 19.21
N HIS C 85 67.54 22.40 19.86
CA HIS C 85 68.04 23.27 20.92
C HIS C 85 69.06 24.23 20.34
N GLY C 86 69.03 25.46 20.84
CA GLY C 86 69.86 26.49 20.26
C GLY C 86 69.00 27.36 19.38
N LEU C 87 69.61 27.94 18.35
CA LEU C 87 68.97 28.89 17.42
C LEU C 87 68.31 30.03 18.18
N ARG C 88 69.12 30.73 18.96
CA ARG C 88 68.61 31.88 19.70
C ARG C 88 68.30 33.06 18.80
N ASN C 89 68.93 33.13 17.63
CA ASN C 89 68.71 34.23 16.71
C ASN C 89 67.89 33.83 15.48
N VAL C 90 67.30 32.64 15.48
CA VAL C 90 66.43 32.26 14.37
C VAL C 90 65.14 33.06 14.48
N GLN C 91 64.49 33.30 13.36
CA GLN C 91 63.18 33.91 13.45
C GLN C 91 62.09 32.88 13.20
N ALA C 92 60.84 33.31 13.34
CA ALA C 92 59.74 32.39 13.18
C ALA C 92 59.46 32.15 11.70
N GLU C 93 58.96 30.94 11.40
CA GLU C 93 58.72 30.46 10.04
C GLU C 93 59.97 30.56 9.18
N GLU C 94 61.10 30.07 9.69
CA GLU C 94 62.36 30.34 9.01
C GLU C 94 63.05 29.06 8.62
N MET C 95 63.52 29.00 7.38
CA MET C 95 64.03 27.74 6.83
C MET C 95 65.47 27.54 7.25
N VAL C 96 65.73 26.48 8.01
CA VAL C 96 67.08 26.09 8.38
C VAL C 96 67.45 24.86 7.58
N GLU C 97 68.73 24.48 7.64
CA GLU C 97 69.19 23.28 6.97
C GLU C 97 69.83 22.34 7.99
N PHE C 98 69.70 21.06 7.70
CA PHE C 98 70.23 20.00 8.54
C PHE C 98 71.47 19.42 7.87
N SER C 99 72.45 19.05 8.71
CA SER C 99 73.80 18.66 8.28
C SER C 99 73.84 17.44 7.38
N SER C 100 72.76 16.66 7.31
CA SER C 100 72.65 15.62 6.30
C SER C 100 72.63 16.21 4.90
N GLY C 101 72.14 17.43 4.77
CA GLY C 101 72.01 18.08 3.48
C GLY C 101 70.56 18.41 3.26
N LEU C 102 69.78 18.34 4.33
CA LEU C 102 68.35 18.54 4.23
C LEU C 102 67.99 19.98 4.52
N LYS C 103 66.74 20.31 4.26
CA LYS C 103 66.19 21.57 4.70
C LYS C 103 65.02 21.28 5.62
N GLY C 104 64.49 22.34 6.22
CA GLY C 104 63.34 22.18 7.08
C GLY C 104 62.99 23.51 7.68
N MET C 105 61.70 23.84 7.76
CA MET C 105 61.35 25.17 8.19
C MET C 105 60.97 25.12 9.65
N SER C 106 61.29 26.18 10.38
CA SER C 106 61.24 26.18 11.83
C SER C 106 60.05 26.99 12.28
N LEU C 107 59.10 26.35 12.97
CA LEU C 107 58.23 27.13 13.81
C LEU C 107 58.59 27.04 15.30
N ASN C 108 57.85 26.27 16.09
CA ASN C 108 57.54 26.79 17.43
C ASN C 108 58.74 26.70 18.37
N LEU C 109 58.87 27.71 19.21
CA LEU C 109 60.12 28.25 19.65
C LEU C 109 60.23 28.09 21.15
N GLU C 110 59.20 27.47 21.75
CA GLU C 110 58.69 27.46 23.11
C GLU C 110 59.84 27.56 24.07
N PRO C 111 59.86 28.51 25.01
CA PRO C 111 61.01 29.42 25.19
C PRO C 111 62.44 28.90 25.05
N ASP C 112 62.64 27.58 25.13
CA ASP C 112 63.92 26.97 24.90
C ASP C 112 64.02 26.11 23.64
N ASN C 113 62.97 26.00 22.79
CA ASN C 113 63.15 25.07 21.68
C ASN C 113 62.43 25.44 20.38
N VAL C 114 63.12 25.15 19.28
CA VAL C 114 62.72 25.60 17.95
C VAL C 114 62.09 24.42 17.24
N GLY C 115 60.84 24.57 16.80
CA GLY C 115 60.12 23.43 16.27
C GLY C 115 60.29 23.24 14.79
N VAL C 116 61.42 22.71 14.36
CA VAL C 116 61.68 22.69 12.93
C VAL C 116 61.08 21.43 12.32
N VAL C 117 60.25 21.63 11.31
CA VAL C 117 59.59 20.55 10.61
C VAL C 117 60.44 20.20 9.40
N VAL C 118 60.71 18.91 9.24
CA VAL C 118 61.72 18.42 8.31
C VAL C 118 61.16 18.41 6.91
N PHE C 119 61.86 19.05 5.97
CA PHE C 119 61.48 19.02 4.55
C PHE C 119 62.02 17.76 3.85
N GLY C 120 61.60 16.59 4.34
CA GLY C 120 62.01 15.37 3.70
C GLY C 120 61.77 14.16 4.58
N ASN C 121 62.37 13.05 4.16
CA ASN C 121 62.31 11.81 4.93
C ASN C 121 63.02 11.98 6.26
N ASP C 122 62.41 11.45 7.32
CA ASP C 122 62.97 11.56 8.66
C ASP C 122 63.82 10.35 9.03
N LYS C 123 64.23 9.58 8.03
CA LYS C 123 65.09 8.44 8.30
C LYS C 123 66.51 8.87 8.61
N LEU C 124 66.99 9.96 8.00
CA LEU C 124 68.39 10.32 8.02
C LEU C 124 68.69 11.52 8.89
N ILE C 125 67.77 11.92 9.76
CA ILE C 125 68.02 12.96 10.76
C ILE C 125 68.08 12.29 12.12
N LYS C 126 69.19 12.48 12.81
CA LYS C 126 69.49 11.78 14.05
C LYS C 126 69.61 12.81 15.16
N GLU C 127 69.46 12.36 16.40
CA GLU C 127 69.60 13.25 17.54
C GLU C 127 71.05 13.67 17.70
N GLY C 128 71.26 14.98 17.89
CA GLY C 128 72.60 15.51 18.03
C GLY C 128 73.18 16.13 16.79
N ASP C 129 72.49 16.08 15.66
CA ASP C 129 73.00 16.65 14.42
C ASP C 129 73.02 18.17 14.51
N ILE C 130 73.78 18.79 13.61
CA ILE C 130 73.98 20.23 13.61
C ILE C 130 73.03 20.86 12.61
N VAL C 131 72.22 21.81 13.07
CA VAL C 131 71.40 22.61 12.16
C VAL C 131 72.16 23.89 11.87
N LYS C 132 71.78 24.56 10.80
CA LYS C 132 72.36 25.84 10.42
C LYS C 132 71.27 26.74 9.88
N ARG C 133 71.30 28.01 10.27
CA ARG C 133 70.37 28.98 9.72
C ARG C 133 70.72 29.28 8.27
N THR C 134 69.68 29.56 7.47
CA THR C 134 69.90 30.10 6.14
C THR C 134 69.86 31.63 6.18
N GLY C 135 69.00 32.20 7.01
CA GLY C 135 68.97 33.63 7.24
C GLY C 135 67.75 34.33 6.71
N ALA C 136 66.85 33.62 6.04
CA ALA C 136 65.67 34.26 5.47
C ALA C 136 64.51 33.28 5.49
N ILE C 137 63.30 33.84 5.61
CA ILE C 137 62.07 33.09 5.43
C ILE C 137 62.06 32.54 4.01
N VAL C 138 61.54 31.30 3.85
CA VAL C 138 61.73 30.49 2.65
C VAL C 138 61.19 31.19 1.42
N ASP C 139 61.98 31.21 0.36
CA ASP C 139 61.66 31.91 -0.87
C ASP C 139 61.30 30.91 -1.95
N VAL C 140 60.62 31.41 -2.97
CA VAL C 140 60.26 30.59 -4.13
C VAL C 140 60.85 31.26 -5.36
N PRO C 141 61.65 30.55 -6.16
CA PRO C 141 62.17 31.15 -7.39
C PRO C 141 61.06 31.30 -8.42
N VAL C 142 60.76 32.54 -8.78
CA VAL C 142 59.67 32.85 -9.69
C VAL C 142 60.26 33.44 -10.95
N GLY C 143 59.40 33.75 -11.92
CA GLY C 143 59.88 34.30 -13.17
C GLY C 143 59.08 33.78 -14.34
N GLU C 144 59.41 34.24 -15.54
CA GLU C 144 58.80 33.69 -16.76
C GLU C 144 59.59 32.54 -17.34
N GLU C 145 60.52 31.96 -16.58
CA GLU C 145 61.28 30.82 -17.01
C GLU C 145 60.82 29.55 -16.33
N LEU C 146 59.84 29.66 -15.44
CA LEU C 146 59.21 28.52 -14.80
C LEU C 146 58.15 27.88 -15.69
N LEU C 147 57.84 28.48 -16.83
CA LEU C 147 56.69 28.07 -17.62
C LEU C 147 56.99 26.79 -18.39
N GLY C 148 56.01 25.89 -18.41
CA GLY C 148 56.17 24.66 -19.13
C GLY C 148 57.11 23.67 -18.49
N ARG C 149 57.38 23.82 -17.20
CA ARG C 149 58.27 22.91 -16.50
C ARG C 149 57.68 22.58 -15.13
N VAL C 150 57.50 21.31 -14.87
CA VAL C 150 56.93 20.84 -13.62
C VAL C 150 57.96 20.99 -12.53
N VAL C 151 57.61 21.73 -11.48
CA VAL C 151 58.55 21.99 -10.40
C VAL C 151 58.00 21.46 -9.09
N ASP C 152 58.76 21.64 -8.03
CA ASP C 152 58.43 21.11 -6.72
C ASP C 152 58.57 22.26 -5.72
N ALA C 153 57.80 22.12 -4.63
CA ALA C 153 57.29 23.23 -3.82
C ALA C 153 58.36 24.13 -3.21
N LEU C 154 59.60 23.67 -3.13
CA LEU C 154 60.70 24.56 -2.80
C LEU C 154 61.21 25.33 -4.01
N GLY C 155 60.60 25.11 -5.17
CA GLY C 155 61.01 25.76 -6.38
C GLY C 155 62.10 25.05 -7.14
N ASN C 156 62.16 23.72 -7.06
CA ASN C 156 63.21 22.98 -7.73
C ASN C 156 62.63 21.96 -8.71
N ALA C 157 63.32 21.80 -9.84
CA ALA C 157 62.78 21.02 -10.94
C ALA C 157 62.73 19.54 -10.61
N ILE C 158 61.64 18.90 -11.02
CA ILE C 158 61.41 17.50 -10.69
C ILE C 158 61.25 16.64 -11.94
N ASP C 159 60.89 17.21 -13.09
CA ASP C 159 60.70 16.44 -14.31
C ASP C 159 62.00 16.09 -15.01
N GLY C 160 63.14 16.54 -14.50
CA GLY C 160 64.43 16.13 -15.01
C GLY C 160 64.84 16.71 -16.34
N LYS C 161 64.05 17.62 -16.92
CA LYS C 161 64.42 18.28 -18.16
C LYS C 161 65.10 19.62 -17.91
N GLY C 162 66.15 19.60 -17.10
CA GLY C 162 66.98 20.76 -16.90
C GLY C 162 66.51 21.62 -15.73
N PRO C 163 67.39 22.47 -15.21
CA PRO C 163 67.04 23.30 -14.08
C PRO C 163 66.20 24.49 -14.52
N ILE C 164 65.73 25.25 -13.54
CA ILE C 164 64.91 26.43 -13.79
C ILE C 164 65.79 27.66 -13.90
N GLY C 165 65.52 28.48 -14.90
CA GLY C 165 66.32 29.68 -15.12
C GLY C 165 65.72 30.90 -14.47
N SER C 166 65.42 30.83 -13.18
CA SER C 166 64.79 31.93 -12.48
C SER C 166 65.79 33.04 -12.22
N LYS C 167 65.29 34.29 -12.26
CA LYS C 167 66.11 35.46 -12.02
C LYS C 167 65.81 36.17 -10.71
N ALA C 168 64.66 35.91 -10.09
CA ALA C 168 64.33 36.56 -8.84
C ALA C 168 63.50 35.60 -7.99
N ARG C 169 63.72 35.67 -6.69
CA ARG C 169 63.06 34.79 -5.73
C ARG C 169 62.11 35.63 -4.89
N ARG C 170 60.83 35.30 -4.94
CA ARG C 170 59.85 36.03 -4.16
C ARG C 170 59.68 35.35 -2.81
N ARG C 171 59.56 36.16 -1.76
CA ARG C 171 59.36 35.61 -0.42
C ARG C 171 57.98 35.00 -0.33
N VAL C 172 57.91 33.75 0.09
CA VAL C 172 56.63 33.07 0.14
C VAL C 172 55.87 33.54 1.37
N GLY C 173 54.54 33.43 1.31
CA GLY C 173 53.72 33.84 2.43
C GLY C 173 53.72 35.32 2.71
N LEU C 174 53.84 36.16 1.68
CA LEU C 174 53.67 37.58 1.86
C LEU C 174 52.20 37.91 2.16
N LYS C 175 51.97 39.13 2.63
CA LYS C 175 50.62 39.57 2.89
C LYS C 175 49.87 39.82 1.59
N ALA C 176 48.56 39.63 1.65
CA ALA C 176 47.71 39.90 0.51
C ALA C 176 47.61 41.40 0.26
N PRO C 177 47.35 41.83 -0.97
CA PRO C 177 47.12 43.25 -1.21
C PRO C 177 45.78 43.69 -0.65
N GLY C 178 45.74 44.93 -0.20
CA GLY C 178 44.62 45.43 0.56
C GLY C 178 43.40 45.79 -0.25
N ILE C 179 42.72 46.85 0.14
CA ILE C 179 41.45 47.24 -0.46
C ILE C 179 41.64 48.18 -1.63
N ILE C 180 42.36 49.27 -1.40
CA ILE C 180 42.67 50.26 -2.44
C ILE C 180 43.54 49.72 -3.58
N PRO C 181 44.62 48.93 -3.36
CA PRO C 181 45.37 48.43 -4.53
C PRO C 181 44.60 47.51 -5.44
N ARG C 182 43.65 46.75 -4.91
CA ARG C 182 42.88 45.89 -5.79
C ARG C 182 41.62 46.58 -6.28
N ILE C 183 41.09 46.05 -7.37
CA ILE C 183 39.74 46.30 -7.82
C ILE C 183 39.10 44.96 -8.19
N SER C 184 37.82 45.06 -8.55
CA SER C 184 36.93 43.93 -8.72
C SER C 184 37.16 43.24 -10.05
N VAL C 185 36.36 42.21 -10.29
CA VAL C 185 36.43 41.45 -11.53
C VAL C 185 35.96 42.34 -12.68
N ARG C 186 36.91 42.74 -13.50
CA ARG C 186 36.60 43.37 -14.75
C ARG C 186 36.96 42.51 -15.94
N GLU C 187 37.57 41.32 -15.73
CA GLU C 187 37.62 40.63 -17.01
C GLU C 187 36.86 39.31 -16.92
N PRO C 188 36.26 38.85 -18.02
CA PRO C 188 35.57 37.55 -17.99
C PRO C 188 36.55 36.41 -18.10
N MET C 189 36.59 35.55 -17.10
CA MET C 189 37.41 34.35 -17.11
C MET C 189 36.54 33.21 -17.61
N GLN C 190 36.91 32.73 -18.81
CA GLN C 190 36.19 31.74 -19.59
C GLN C 190 36.75 30.35 -19.29
N THR C 191 35.91 29.49 -18.76
CA THR C 191 36.30 28.11 -18.48
C THR C 191 36.32 27.26 -19.74
N GLY C 192 35.40 27.51 -20.67
CA GLY C 192 35.19 26.63 -21.79
C GLY C 192 34.06 25.64 -21.56
N ILE C 193 33.84 25.27 -20.30
CA ILE C 193 32.64 24.55 -19.92
C ILE C 193 31.44 25.48 -20.11
N LYS C 194 30.44 25.02 -20.87
CA LYS C 194 29.28 25.85 -21.16
C LYS C 194 28.44 26.09 -19.91
N ALA C 195 28.33 25.08 -19.05
CA ALA C 195 27.56 25.24 -17.82
C ALA C 195 28.19 26.27 -16.91
N VAL C 196 29.51 26.23 -16.77
CA VAL C 196 30.22 27.19 -15.93
C VAL C 196 30.15 28.58 -16.54
N ASP C 197 30.56 28.70 -17.81
CA ASP C 197 30.61 30.02 -18.46
C ASP C 197 29.25 30.63 -18.70
N SER C 198 28.17 29.85 -18.64
CA SER C 198 26.84 30.45 -18.74
C SER C 198 26.27 30.74 -17.36
N LEU C 199 26.15 29.72 -16.51
CA LEU C 199 25.44 29.87 -15.26
C LEU C 199 26.30 30.47 -14.17
N VAL C 200 27.56 30.03 -14.06
CA VAL C 200 28.44 30.46 -12.98
C VAL C 200 29.80 30.87 -13.54
N PRO C 201 29.88 32.01 -14.23
CA PRO C 201 31.10 32.35 -14.96
C PRO C 201 32.22 32.78 -14.03
N ILE C 202 33.46 32.68 -14.49
CA ILE C 202 34.53 33.06 -13.60
C ILE C 202 34.96 34.45 -14.03
N GLY C 203 35.53 35.21 -13.11
CA GLY C 203 36.05 36.53 -13.41
C GLY C 203 37.56 36.53 -13.23
N ARG C 204 38.25 37.01 -14.25
CA ARG C 204 39.65 37.37 -14.06
C ARG C 204 39.64 38.51 -13.06
N GLY C 205 40.08 38.14 -11.86
CA GLY C 205 40.11 38.88 -10.62
C GLY C 205 39.51 38.22 -9.40
N GLN C 206 39.33 36.89 -9.33
CA GLN C 206 38.53 36.35 -8.22
C GLN C 206 38.89 34.90 -7.90
N ARG C 207 38.14 34.34 -6.95
CA ARG C 207 38.31 32.97 -6.46
C ARG C 207 36.99 32.19 -6.52
N GLU C 208 37.07 31.00 -7.10
CA GLU C 208 35.90 30.20 -7.44
C GLU C 208 36.18 28.76 -7.07
N LEU C 209 35.51 28.27 -6.04
CA LEU C 209 35.84 27.01 -5.40
C LEU C 209 35.09 25.87 -6.09
N ILE C 210 35.84 25.00 -6.76
CA ILE C 210 35.30 23.79 -7.34
C ILE C 210 35.12 22.79 -6.20
N ILE C 211 33.90 22.33 -5.99
CA ILE C 211 33.58 21.46 -4.87
C ILE C 211 32.74 20.28 -5.35
N GLY C 212 33.12 19.09 -4.91
CA GLY C 212 32.31 17.94 -5.21
C GLY C 212 32.83 16.73 -4.48
N ASP C 213 32.16 15.61 -4.70
CA ASP C 213 32.66 14.36 -4.17
C ASP C 213 33.84 13.88 -5.01
N ARG C 214 34.47 12.80 -4.55
CA ARG C 214 35.60 12.24 -5.27
C ARG C 214 35.13 11.55 -6.54
N GLN C 215 35.93 11.71 -7.59
CA GLN C 215 35.63 11.27 -8.97
C GLN C 215 34.26 11.79 -9.43
N THR C 216 34.08 13.10 -9.28
CA THR C 216 32.91 13.80 -9.82
C THR C 216 33.44 15.00 -10.57
N GLY C 217 33.91 14.79 -11.80
CA GLY C 217 34.53 15.87 -12.55
C GLY C 217 35.72 16.44 -11.81
N LYS C 218 35.68 17.76 -11.57
CA LYS C 218 36.38 18.48 -10.50
C LYS C 218 37.89 18.62 -10.73
N THR C 219 38.43 17.92 -11.71
CA THR C 219 39.79 18.17 -12.14
C THR C 219 39.73 18.23 -13.66
N SER C 220 38.75 17.54 -14.24
CA SER C 220 38.45 17.72 -15.66
C SER C 220 38.02 19.14 -15.96
N ILE C 221 37.33 19.79 -15.03
CA ILE C 221 36.98 21.20 -15.20
C ILE C 221 38.23 22.05 -15.15
N ALA C 222 39.21 21.66 -14.32
CA ALA C 222 40.47 22.38 -14.25
C ALA C 222 41.30 22.21 -15.52
N ILE C 223 41.32 21.01 -16.09
CA ILE C 223 42.08 20.78 -17.30
C ILE C 223 41.39 21.43 -18.49
N ASP C 224 40.05 21.48 -18.50
CA ASP C 224 39.35 22.25 -19.52
C ASP C 224 39.58 23.75 -19.36
N THR C 225 39.70 24.22 -18.12
CA THR C 225 40.01 25.61 -17.85
C THR C 225 41.40 25.97 -18.34
N ILE C 226 42.31 25.01 -18.29
CA ILE C 226 43.67 25.22 -18.81
C ILE C 226 43.69 25.17 -20.33
N ILE C 227 43.09 24.13 -20.92
CA ILE C 227 43.20 23.91 -22.36
C ILE C 227 42.40 24.96 -23.14
N ASN C 228 41.35 25.54 -22.52
CA ASN C 228 40.62 26.65 -23.13
C ASN C 228 41.52 27.85 -23.40
N GLN C 229 42.54 28.06 -22.58
CA GLN C 229 43.36 29.24 -22.74
C GLN C 229 44.47 29.07 -23.76
N LYS C 230 44.41 28.03 -24.61
CA LYS C 230 45.37 27.94 -25.69
C LYS C 230 45.08 28.98 -26.77
N ARG C 231 43.81 29.10 -27.16
CA ARG C 231 43.43 30.04 -28.22
C ARG C 231 43.58 31.49 -27.81
N PHE C 232 43.67 31.77 -26.51
CA PHE C 232 43.94 33.12 -26.06
C PHE C 232 45.42 33.38 -25.87
N ASN C 233 46.23 32.32 -25.83
CA ASN C 233 47.67 32.39 -25.71
C ASN C 233 48.38 32.15 -27.03
N ASP C 234 47.63 31.92 -28.11
CA ASP C 234 48.24 31.77 -29.42
C ASP C 234 48.65 33.09 -30.05
N GLY C 235 47.94 34.18 -29.78
CA GLY C 235 48.10 35.39 -30.55
C GLY C 235 48.41 36.60 -29.69
N THR C 236 47.77 37.70 -30.04
CA THR C 236 48.03 39.03 -29.51
C THR C 236 47.18 39.26 -28.25
N ASP C 237 47.00 40.53 -27.86
CA ASP C 237 46.22 40.96 -26.70
C ASP C 237 46.77 40.44 -25.39
N GLU C 238 47.89 41.03 -24.93
CA GLU C 238 48.48 40.83 -23.60
C GLU C 238 47.47 40.76 -22.45
N LYS C 239 46.41 41.55 -22.51
CA LYS C 239 45.34 41.47 -21.53
C LYS C 239 44.36 40.34 -21.80
N LYS C 240 44.70 39.39 -22.66
CA LYS C 240 43.95 38.16 -22.85
C LYS C 240 44.78 36.91 -22.61
N LYS C 241 46.07 36.94 -22.92
CA LYS C 241 46.97 35.80 -22.79
C LYS C 241 47.12 35.38 -21.33
N LEU C 242 47.54 34.13 -21.11
CA LEU C 242 47.33 33.60 -19.76
C LEU C 242 48.34 32.53 -19.32
N TYR C 243 48.46 32.49 -18.00
CA TYR C 243 49.39 31.67 -17.26
C TYR C 243 48.61 30.93 -16.18
N CYS C 244 48.48 29.62 -16.37
CA CYS C 244 47.83 28.71 -15.44
C CYS C 244 48.89 28.11 -14.54
N ILE C 245 48.53 27.87 -13.29
CA ILE C 245 49.43 27.25 -12.32
C ILE C 245 48.65 26.16 -11.61
N TYR C 246 49.01 24.91 -11.85
CA TYR C 246 48.30 23.78 -11.28
C TYR C 246 49.10 23.28 -10.08
N VAL C 247 48.58 23.50 -8.87
CA VAL C 247 49.26 23.11 -7.65
C VAL C 247 48.59 21.83 -7.17
N ALA C 248 49.23 20.70 -7.42
CA ALA C 248 48.72 19.41 -6.98
C ALA C 248 49.25 19.14 -5.58
N ILE C 249 48.34 18.90 -4.63
CA ILE C 249 48.73 18.75 -3.23
C ILE C 249 48.36 17.34 -2.82
N GLY C 250 49.37 16.47 -2.70
CA GLY C 250 49.10 15.15 -2.16
C GLY C 250 48.36 14.22 -3.07
N GLN C 251 48.49 14.39 -4.39
CA GLN C 251 47.96 13.42 -5.32
C GLN C 251 48.88 12.22 -5.41
N LYS C 252 48.49 11.25 -6.22
CA LYS C 252 49.42 10.27 -6.72
C LYS C 252 50.41 10.97 -7.66
N ARG C 253 51.61 10.42 -7.80
CA ARG C 253 52.54 11.07 -8.71
C ARG C 253 52.32 10.62 -10.15
N SER C 254 51.78 9.41 -10.32
CA SER C 254 51.46 8.95 -11.67
C SER C 254 50.31 9.74 -12.28
N THR C 255 49.38 10.23 -11.47
CA THR C 255 48.35 11.09 -12.05
C THR C 255 48.85 12.49 -12.34
N VAL C 256 49.93 12.94 -11.69
CA VAL C 256 50.56 14.18 -12.11
C VAL C 256 51.30 13.95 -13.43
N ALA C 257 51.85 12.76 -13.63
CA ALA C 257 52.43 12.43 -14.93
C ALA C 257 51.37 12.35 -16.02
N GLN C 258 50.18 11.83 -15.68
CA GLN C 258 49.07 11.80 -16.65
C GLN C 258 48.57 13.22 -16.94
N LEU C 259 48.53 14.07 -15.92
CA LEU C 259 48.15 15.47 -16.10
C LEU C 259 49.12 16.20 -17.02
N VAL C 260 50.42 16.03 -16.80
CA VAL C 260 51.37 16.74 -17.64
C VAL C 260 51.45 16.12 -19.04
N LYS C 261 51.12 14.83 -19.21
CA LYS C 261 51.06 14.32 -20.57
C LYS C 261 49.82 14.83 -21.29
N ARG C 262 48.71 15.00 -20.58
CA ARG C 262 47.52 15.58 -21.21
C ARG C 262 47.76 17.03 -21.60
N LEU C 263 48.48 17.78 -20.76
CA LEU C 263 48.76 19.16 -21.10
C LEU C 263 49.78 19.26 -22.23
N THR C 264 50.77 18.35 -22.29
CA THR C 264 51.72 18.42 -23.39
C THR C 264 51.09 18.03 -24.72
N ASP C 265 50.23 17.00 -24.75
CA ASP C 265 49.67 16.64 -26.03
C ASP C 265 48.41 17.44 -26.37
N ALA C 266 47.95 18.31 -25.47
CA ALA C 266 47.10 19.43 -25.86
C ALA C 266 47.90 20.70 -26.04
N ASP C 267 49.24 20.60 -25.94
CA ASP C 267 50.19 21.70 -26.11
C ASP C 267 49.92 22.81 -25.09
N ALA C 268 49.63 22.40 -23.86
CA ALA C 268 49.28 23.33 -22.79
C ALA C 268 50.45 23.61 -21.87
N MET C 269 51.58 24.10 -22.40
CA MET C 269 52.76 24.35 -21.57
C MET C 269 53.37 25.72 -21.88
N LYS C 270 52.53 26.74 -22.08
CA LYS C 270 53.01 28.10 -22.26
C LYS C 270 52.48 29.04 -21.17
N TYR C 271 51.17 29.21 -21.07
CA TYR C 271 50.46 29.39 -19.83
C TYR C 271 50.90 28.53 -18.63
N THR C 272 51.20 27.24 -18.74
CA THR C 272 51.19 26.47 -17.49
C THR C 272 52.52 26.32 -16.77
N ILE C 273 52.44 26.39 -15.45
CA ILE C 273 53.37 25.84 -14.48
C ILE C 273 52.62 24.73 -13.75
N VAL C 274 53.28 23.62 -13.47
CA VAL C 274 52.69 22.59 -12.62
C VAL C 274 53.57 22.45 -11.38
N VAL C 275 53.07 22.90 -10.25
CA VAL C 275 53.72 22.67 -8.96
C VAL C 275 53.12 21.40 -8.38
N SER C 276 54.00 20.50 -7.91
CA SER C 276 53.57 19.17 -7.49
C SER C 276 54.18 18.83 -6.15
N ALA C 277 53.33 18.52 -5.17
CA ALA C 277 53.78 17.99 -3.89
C ALA C 277 52.91 16.77 -3.64
N THR C 278 53.40 15.61 -4.04
CA THR C 278 52.59 14.41 -4.10
C THR C 278 52.43 13.78 -2.72
N ALA C 279 51.78 12.62 -2.70
CA ALA C 279 51.51 11.97 -1.44
C ALA C 279 52.74 11.31 -0.84
N SER C 280 53.75 11.01 -1.65
CA SER C 280 54.99 10.49 -1.13
C SER C 280 55.85 11.57 -0.48
N ASP C 281 55.63 12.83 -0.84
CA ASP C 281 56.40 13.91 -0.24
C ASP C 281 55.94 14.16 1.19
N ALA C 282 56.75 14.93 1.91
CA ALA C 282 56.56 15.12 3.33
C ALA C 282 55.35 16.00 3.60
N ALA C 283 54.90 15.98 4.85
CA ALA C 283 53.79 16.84 5.27
C ALA C 283 54.05 18.34 5.12
N PRO C 284 55.19 18.92 5.52
CA PRO C 284 55.34 20.36 5.33
C PRO C 284 55.56 20.76 3.89
N LEU C 285 56.10 19.86 3.07
CA LEU C 285 56.29 20.18 1.66
C LEU C 285 54.97 20.12 0.90
N GLN C 286 53.98 19.39 1.42
CA GLN C 286 52.62 19.48 0.88
C GLN C 286 51.89 20.68 1.45
N TYR C 287 52.22 21.07 2.69
CA TYR C 287 51.69 22.30 3.27
C TYR C 287 52.12 23.53 2.48
N LEU C 288 53.36 23.56 2.04
CA LEU C 288 53.94 24.77 1.46
C LEU C 288 53.75 24.84 -0.05
N ALA C 289 53.15 23.81 -0.64
CA ALA C 289 52.90 23.81 -2.08
C ALA C 289 51.93 24.89 -2.59
N PRO C 290 50.79 25.20 -1.94
CA PRO C 290 49.93 26.23 -2.53
C PRO C 290 50.50 27.62 -2.44
N TYR C 291 51.26 27.90 -1.39
CA TYR C 291 51.86 29.22 -1.26
C TYR C 291 52.95 29.44 -2.28
N SER C 292 53.64 28.38 -2.69
CA SER C 292 54.67 28.49 -3.71
C SER C 292 54.08 28.85 -5.07
N GLY C 293 53.07 28.11 -5.50
CA GLY C 293 52.40 28.44 -6.75
C GLY C 293 51.68 29.78 -6.69
N CYS C 294 51.14 30.13 -5.53
CA CYS C 294 50.47 31.41 -5.41
C CYS C 294 51.46 32.56 -5.41
N SER C 295 52.71 32.30 -4.98
CA SER C 295 53.76 33.30 -5.10
C SER C 295 54.21 33.46 -6.55
N MET C 296 54.21 32.36 -7.32
CA MET C 296 54.47 32.45 -8.75
C MET C 296 53.39 33.26 -9.46
N GLY C 297 52.13 33.00 -9.13
CA GLY C 297 51.04 33.78 -9.69
C GLY C 297 51.04 35.22 -9.23
N GLU C 298 51.53 35.47 -8.02
CA GLU C 298 51.64 36.84 -7.54
C GLU C 298 52.73 37.59 -8.28
N TYR C 299 53.81 36.89 -8.67
CA TYR C 299 54.77 37.48 -9.59
C TYR C 299 54.12 37.82 -10.92
N PHE C 300 53.27 36.92 -11.42
CA PHE C 300 52.66 37.17 -12.74
C PHE C 300 51.66 38.30 -12.70
N ARG C 301 50.99 38.52 -11.57
CA ARG C 301 50.01 39.60 -11.53
C ARG C 301 50.59 40.92 -11.05
N ASP C 302 51.76 40.92 -10.43
CA ASP C 302 52.40 42.20 -10.16
C ASP C 302 52.99 42.80 -11.42
N ASN C 303 53.45 41.97 -12.35
CA ASN C 303 54.03 42.48 -13.58
C ASN C 303 52.99 42.56 -14.71
N GLY C 304 51.84 43.14 -14.41
CA GLY C 304 50.88 43.47 -15.45
C GLY C 304 50.01 42.34 -15.96
N LYS C 305 50.56 41.13 -16.03
CA LYS C 305 49.92 40.04 -16.73
C LYS C 305 48.87 39.36 -15.85
N HIS C 306 48.02 38.56 -16.47
CA HIS C 306 46.97 37.85 -15.79
C HIS C 306 47.41 36.43 -15.51
N ALA C 307 46.82 35.81 -14.47
CA ALA C 307 47.17 34.45 -14.13
C ALA C 307 46.03 33.79 -13.37
N LEU C 308 45.94 32.47 -13.50
CA LEU C 308 45.08 31.72 -12.61
C LEU C 308 45.87 30.58 -11.99
N ILE C 309 45.31 30.05 -10.92
CA ILE C 309 45.92 28.99 -10.14
C ILE C 309 44.81 28.01 -9.78
N ILE C 310 45.13 26.73 -9.82
CA ILE C 310 44.19 25.66 -9.54
C ILE C 310 44.78 24.84 -8.40
N TYR C 311 44.22 24.98 -7.22
CA TYR C 311 44.70 24.27 -6.05
C TYR C 311 44.00 22.93 -6.02
N ASP C 312 44.60 21.92 -6.62
CA ASP C 312 43.96 20.61 -6.61
C ASP C 312 44.30 19.90 -5.31
N ASP C 313 43.23 19.46 -4.63
CA ASP C 313 43.24 18.82 -3.32
C ASP C 313 43.81 19.77 -2.26
N LEU C 314 43.15 20.91 -2.11
CA LEU C 314 43.48 21.85 -1.03
C LEU C 314 43.02 21.33 0.33
N SER C 315 42.02 20.45 0.35
CA SER C 315 41.67 19.75 1.58
C SER C 315 42.83 18.88 2.06
N LYS C 316 43.60 18.31 1.14
CA LYS C 316 44.78 17.56 1.54
C LYS C 316 45.88 18.47 2.09
N GLN C 317 45.90 19.72 1.66
CA GLN C 317 46.80 20.69 2.28
C GLN C 317 46.38 20.98 3.71
N ALA C 318 45.07 21.02 3.96
CA ALA C 318 44.58 21.15 5.33
C ALA C 318 44.93 19.92 6.17
N VAL C 319 44.87 18.75 5.55
CA VAL C 319 45.23 17.50 6.25
C VAL C 319 46.71 17.47 6.60
N ALA C 320 47.57 17.92 5.69
CA ALA C 320 49.00 17.97 5.97
C ALA C 320 49.33 18.98 7.07
N TYR C 321 48.62 20.12 7.07
CA TYR C 321 48.84 21.08 8.15
C TYR C 321 48.34 20.53 9.48
N ARG C 322 47.25 19.77 9.47
CA ARG C 322 46.78 19.15 10.71
C ARG C 322 47.77 18.13 11.23
N GLN C 323 48.40 17.35 10.32
CA GLN C 323 49.43 16.40 10.70
C GLN C 323 50.61 17.08 11.37
N MET C 324 51.16 18.11 10.72
CA MET C 324 52.34 18.75 11.28
C MET C 324 52.00 19.54 12.55
N SER C 325 50.80 20.10 12.66
CA SER C 325 50.47 20.83 13.89
C SER C 325 50.22 19.88 15.06
N LEU C 326 49.50 18.78 14.82
CA LEU C 326 49.28 17.81 15.89
C LEU C 326 50.55 17.10 16.31
N LEU C 327 51.54 17.02 15.43
CA LEU C 327 52.83 16.55 15.92
C LEU C 327 53.68 17.67 16.51
N LEU C 328 53.32 18.94 16.28
CA LEU C 328 53.89 20.00 17.10
C LEU C 328 53.18 20.18 18.42
N ARG C 329 52.13 19.38 18.67
CA ARG C 329 51.30 19.43 19.87
C ARG C 329 50.62 20.77 20.05
N ARG C 330 50.34 21.44 18.93
CA ARG C 330 49.43 22.57 18.96
C ARG C 330 48.03 22.06 19.28
N PRO C 331 47.24 22.84 20.04
CA PRO C 331 45.95 22.35 20.52
C PRO C 331 44.96 22.16 19.38
N PRO C 332 44.37 20.98 19.25
CA PRO C 332 43.43 20.74 18.16
C PRO C 332 42.11 21.45 18.39
N GLY C 333 41.57 21.99 17.30
CA GLY C 333 40.27 22.62 17.35
C GLY C 333 39.22 21.60 17.01
N ARG C 334 38.55 21.75 15.88
CA ARG C 334 37.42 20.91 15.54
C ARG C 334 37.84 19.92 14.47
N GLU C 335 37.39 18.66 14.62
CA GLU C 335 37.78 17.53 13.77
C GLU C 335 39.29 17.32 13.75
N ALA C 336 39.95 17.70 14.85
CA ALA C 336 41.38 17.82 15.12
C ALA C 336 42.09 18.90 14.30
N TYR C 337 41.38 19.63 13.43
CA TYR C 337 41.98 20.81 12.80
C TYR C 337 42.17 21.89 13.85
N PRO C 338 43.37 22.47 13.95
CA PRO C 338 43.63 23.50 14.96
C PRO C 338 42.99 24.84 14.63
N GLY C 339 43.38 25.86 15.39
CA GLY C 339 42.66 27.13 15.32
C GLY C 339 42.85 27.87 14.02
N ASP C 340 44.10 27.96 13.54
CA ASP C 340 44.42 28.86 12.44
C ASP C 340 44.24 28.23 11.07
N VAL C 341 43.35 27.24 10.94
CA VAL C 341 43.16 26.60 9.64
C VAL C 341 42.39 27.52 8.69
N PHE C 342 41.38 28.22 9.21
CA PHE C 342 40.70 29.24 8.43
C PHE C 342 41.65 30.38 8.07
N TYR C 343 42.50 30.76 9.02
CA TYR C 343 43.51 31.77 8.76
C TYR C 343 44.50 31.32 7.71
N LEU C 344 44.82 30.02 7.70
CA LEU C 344 45.68 29.44 6.68
C LEU C 344 45.06 29.56 5.30
N HIS C 345 43.84 29.03 5.12
CA HIS C 345 43.25 29.04 3.79
C HIS C 345 42.86 30.43 3.35
N SER C 346 42.57 31.35 4.27
CA SER C 346 42.27 32.71 3.87
C SER C 346 43.52 33.47 3.46
N ARG C 347 44.61 33.33 4.22
CA ARG C 347 45.88 33.91 3.84
C ARG C 347 46.38 33.35 2.52
N LEU C 348 46.01 32.11 2.20
CA LEU C 348 46.32 31.56 0.89
C LEU C 348 45.42 32.13 -0.20
N LEU C 349 44.10 32.09 0.00
CA LEU C 349 43.16 32.32 -1.07
C LEU C 349 42.82 33.77 -1.35
N GLU C 350 43.00 34.67 -0.39
CA GLU C 350 42.66 36.06 -0.62
C GLU C 350 43.81 36.86 -1.21
N ARG C 351 44.72 36.21 -1.92
CA ARG C 351 45.75 36.88 -2.69
C ARG C 351 45.31 37.08 -4.14
N ALA C 352 44.08 36.68 -4.47
CA ALA C 352 43.56 36.71 -5.82
C ALA C 352 42.59 37.87 -5.98
N ALA C 353 42.94 38.83 -6.84
CA ALA C 353 42.12 40.02 -7.07
C ALA C 353 42.60 40.69 -8.34
N LYS C 354 41.75 41.54 -8.93
CA LYS C 354 42.24 42.27 -10.09
C LYS C 354 42.93 43.50 -9.53
N MET C 355 43.94 44.00 -10.22
CA MET C 355 44.61 45.19 -9.72
C MET C 355 44.15 46.42 -10.46
N ASN C 356 44.20 47.56 -9.78
CA ASN C 356 43.84 48.82 -10.43
C ASN C 356 44.89 49.19 -11.48
N ASP C 357 44.50 50.12 -12.36
CA ASP C 357 45.30 50.47 -13.53
C ASP C 357 46.62 51.13 -13.16
N ALA C 358 46.76 51.64 -11.94
CA ALA C 358 48.06 52.09 -11.48
C ALA C 358 49.01 50.93 -11.24
N PHE C 359 48.52 49.86 -10.63
CA PHE C 359 49.38 48.72 -10.28
C PHE C 359 49.34 47.66 -11.37
N GLY C 360 49.75 48.05 -12.56
CA GLY C 360 49.62 47.19 -13.71
C GLY C 360 48.17 47.02 -14.08
N GLY C 361 47.82 45.83 -14.55
CA GLY C 361 46.43 45.48 -14.73
C GLY C 361 46.28 44.02 -14.36
N GLY C 362 47.22 43.55 -13.56
CA GLY C 362 47.34 42.12 -13.33
C GLY C 362 46.23 41.61 -12.43
N SER C 363 45.78 40.40 -12.72
CA SER C 363 44.72 39.77 -11.99
C SER C 363 45.08 38.32 -11.72
N LEU C 364 44.52 37.79 -10.64
CA LEU C 364 44.69 36.39 -10.33
C LEU C 364 43.32 35.76 -10.13
N THR C 365 43.24 34.50 -10.51
CA THR C 365 42.01 33.73 -10.36
C THR C 365 42.34 32.46 -9.60
N ALA C 366 41.89 32.37 -8.37
CA ALA C 366 42.08 31.14 -7.61
C ALA C 366 40.95 30.17 -7.88
N LEU C 367 41.30 28.90 -8.03
CA LEU C 367 40.33 27.82 -8.18
C LEU C 367 40.72 26.70 -7.22
N PRO C 368 40.33 26.80 -5.97
CA PRO C 368 40.58 25.69 -5.05
C PRO C 368 39.65 24.53 -5.35
N VAL C 369 40.09 23.34 -4.98
CA VAL C 369 39.34 22.11 -5.23
C VAL C 369 39.12 21.41 -3.90
N ILE C 370 37.87 21.06 -3.59
CA ILE C 370 37.55 20.36 -2.36
C ILE C 370 36.73 19.10 -2.65
N GLU C 371 37.28 17.96 -2.25
CA GLU C 371 36.55 16.72 -2.09
C GLU C 371 35.72 16.81 -0.81
N THR C 372 34.42 16.62 -0.93
CA THR C 372 33.55 16.42 0.21
C THR C 372 33.28 14.93 0.38
N GLN C 373 32.94 14.55 1.60
CA GLN C 373 32.69 13.15 1.93
C GLN C 373 31.19 12.90 1.94
N ALA C 374 30.68 12.40 0.80
CA ALA C 374 29.27 12.07 0.58
C ALA C 374 28.38 13.29 0.77
N GLY C 375 28.68 14.36 0.04
CA GLY C 375 27.87 15.55 0.05
C GLY C 375 27.90 16.36 1.33
N ASP C 376 28.81 16.05 2.25
CA ASP C 376 28.89 16.74 3.53
C ASP C 376 29.56 18.09 3.30
N VAL C 377 28.75 19.04 2.83
CA VAL C 377 29.16 20.43 2.70
C VAL C 377 29.25 21.12 4.05
N SER C 378 28.70 20.50 5.10
CA SER C 378 28.71 21.05 6.45
C SER C 378 29.93 20.63 7.24
N ALA C 379 31.00 20.17 6.60
CA ALA C 379 32.19 19.74 7.30
C ALA C 379 33.01 20.98 7.69
N TYR C 380 34.24 20.77 8.16
CA TYR C 380 35.02 21.91 8.61
C TYR C 380 35.58 22.68 7.43
N ILE C 381 36.41 22.03 6.63
CA ILE C 381 37.12 22.65 5.50
C ILE C 381 36.18 23.12 4.37
N PRO C 382 35.13 22.38 3.95
CA PRO C 382 34.22 22.99 2.97
C PRO C 382 33.47 24.22 3.48
N THR C 383 33.07 24.26 4.75
CA THR C 383 32.45 25.48 5.27
C THR C 383 33.43 26.64 5.35
N ASN C 384 34.68 26.35 5.75
CA ASN C 384 35.70 27.40 5.80
C ASN C 384 35.96 28.00 4.43
N VAL C 385 36.19 27.15 3.44
CA VAL C 385 36.59 27.67 2.14
C VAL C 385 35.40 28.23 1.37
N ILE C 386 34.19 27.72 1.58
CA ILE C 386 33.00 28.33 0.97
C ILE C 386 32.73 29.70 1.58
N SER C 387 32.97 29.86 2.88
CA SER C 387 32.91 31.21 3.43
C SER C 387 34.04 32.11 2.94
N ILE C 388 35.19 31.55 2.57
CA ILE C 388 36.28 32.37 2.03
C ILE C 388 35.99 32.77 0.59
N THR C 389 35.76 31.78 -0.27
CA THR C 389 35.79 31.98 -1.71
C THR C 389 34.58 32.77 -2.21
N ASP C 390 34.76 33.40 -3.36
CA ASP C 390 33.79 34.31 -3.95
C ASP C 390 32.80 33.60 -4.85
N GLY C 391 33.04 32.34 -5.18
CA GLY C 391 31.96 31.54 -5.74
C GLY C 391 32.19 30.08 -5.45
N GLN C 392 31.19 29.26 -5.77
CA GLN C 392 31.40 27.82 -5.79
C GLN C 392 30.82 27.23 -7.07
N ILE C 393 31.51 26.22 -7.58
CA ILE C 393 31.02 25.36 -8.65
C ILE C 393 30.76 24.01 -8.02
N PHE C 394 29.49 23.67 -7.83
CA PHE C 394 29.12 22.51 -7.06
C PHE C 394 28.71 21.36 -7.97
N LEU C 395 29.20 20.18 -7.64
CA LEU C 395 29.05 19.02 -8.50
C LEU C 395 28.27 17.96 -7.75
N GLU C 396 26.92 17.99 -7.74
CA GLU C 396 26.36 16.80 -7.08
C GLU C 396 26.30 15.63 -8.06
N THR C 397 26.63 14.43 -7.58
CA THR C 397 27.10 13.31 -8.41
C THR C 397 26.00 12.50 -9.07
N GLU C 398 24.76 12.63 -8.61
CA GLU C 398 23.66 11.93 -9.25
C GLU C 398 23.44 12.42 -10.67
N LEU C 399 23.81 13.66 -10.98
CA LEU C 399 23.79 14.13 -12.36
C LEU C 399 24.87 13.45 -13.19
N PHE C 400 26.03 13.18 -12.58
CA PHE C 400 27.11 12.51 -13.29
C PHE C 400 26.71 11.10 -13.69
N TYR C 401 26.18 10.33 -12.75
CA TYR C 401 25.77 8.98 -13.15
C TYR C 401 24.42 8.97 -13.85
N LYS C 402 23.65 10.06 -13.76
CA LYS C 402 22.43 10.22 -14.52
C LYS C 402 22.72 10.56 -15.97
N GLY C 403 23.92 11.03 -16.27
CA GLY C 403 24.38 11.06 -17.64
C GLY C 403 24.44 12.44 -18.24
N ILE C 404 24.61 13.45 -17.41
CA ILE C 404 24.83 14.81 -17.88
C ILE C 404 26.22 15.19 -17.40
N ARG C 405 27.18 15.13 -18.33
CA ARG C 405 28.58 15.35 -18.06
C ARG C 405 29.06 16.54 -18.91
N PRO C 406 29.76 17.52 -18.33
CA PRO C 406 30.40 17.64 -17.01
C PRO C 406 29.41 17.79 -15.88
N ALA C 407 29.84 17.34 -14.70
CA ALA C 407 28.94 16.99 -13.62
C ALA C 407 28.51 18.16 -12.76
N ILE C 408 28.56 19.38 -13.31
CA ILE C 408 28.22 20.55 -12.51
C ILE C 408 26.74 20.53 -12.24
N ASN C 409 26.37 20.00 -11.08
CA ASN C 409 24.95 19.90 -10.79
C ASN C 409 24.72 20.96 -9.75
N VAL C 410 24.05 22.00 -10.28
CA VAL C 410 23.83 23.33 -9.75
C VAL C 410 22.57 23.40 -8.91
N GLY C 411 22.32 24.60 -8.40
CA GLY C 411 21.18 24.92 -7.56
C GLY C 411 21.76 25.23 -6.21
N LEU C 412 22.74 24.42 -5.83
CA LEU C 412 23.65 24.81 -4.76
C LEU C 412 24.78 25.67 -5.32
N SER C 413 25.16 25.41 -6.57
CA SER C 413 26.25 26.15 -7.21
C SER C 413 25.81 27.57 -7.54
N VAL C 414 26.66 28.53 -7.20
CA VAL C 414 26.38 29.94 -7.45
C VAL C 414 27.71 30.68 -7.51
N SER C 415 27.76 31.73 -8.33
CA SER C 415 28.87 32.66 -8.34
C SER C 415 28.35 34.01 -7.87
N ARG C 416 28.97 34.57 -6.84
CA ARG C 416 28.47 35.79 -6.23
C ARG C 416 28.71 37.02 -7.06
N VAL C 417 29.38 36.96 -8.21
CA VAL C 417 29.54 38.13 -9.05
C VAL C 417 29.20 37.73 -10.48
N GLY C 418 28.60 36.55 -10.62
CA GLY C 418 28.50 35.91 -11.92
C GLY C 418 27.47 36.44 -12.89
N SER C 419 27.37 37.75 -13.01
CA SER C 419 26.68 38.39 -14.13
C SER C 419 27.53 39.47 -14.78
N ALA C 420 28.30 40.21 -13.98
CA ALA C 420 29.20 41.22 -14.53
C ALA C 420 30.48 40.61 -15.09
N ALA C 421 30.77 39.36 -14.77
CA ALA C 421 31.94 38.67 -15.34
C ALA C 421 31.57 37.89 -16.58
N GLN C 422 30.89 38.53 -17.53
CA GLN C 422 30.51 37.91 -18.79
C GLN C 422 30.54 38.93 -19.91
N THR C 423 30.85 38.43 -21.11
CA THR C 423 30.63 39.21 -22.32
C THR C 423 29.13 39.36 -22.57
N ARG C 424 28.77 40.45 -23.26
CA ARG C 424 27.36 40.85 -23.33
C ARG C 424 26.53 39.87 -24.16
N ALA C 425 27.17 39.19 -25.12
CA ALA C 425 26.55 38.06 -25.80
C ALA C 425 26.16 36.97 -24.79
N MET C 426 27.16 36.44 -24.09
CA MET C 426 26.92 35.43 -23.07
C MET C 426 26.10 35.99 -21.92
N LYS C 427 26.19 37.30 -21.64
CA LYS C 427 25.36 37.89 -20.59
C LYS C 427 23.88 37.80 -20.93
N GLN C 428 23.52 38.21 -22.15
CA GLN C 428 22.12 38.15 -22.58
C GLN C 428 21.61 36.72 -22.64
N VAL C 429 22.34 35.86 -23.35
CA VAL C 429 21.88 34.49 -23.59
C VAL C 429 21.87 33.70 -22.29
N ALA C 430 22.88 33.88 -21.45
CA ALA C 430 22.96 33.17 -20.19
C ALA C 430 21.97 33.70 -19.17
N GLY C 431 21.61 34.98 -19.23
CA GLY C 431 20.59 35.48 -18.32
C GLY C 431 19.23 34.88 -18.60
N THR C 432 18.83 34.87 -19.89
CA THR C 432 17.57 34.24 -20.24
C THR C 432 17.61 32.73 -20.00
N MET C 433 18.77 32.11 -20.22
CA MET C 433 18.92 30.68 -20.05
C MET C 433 18.87 30.27 -18.58
N LYS C 434 19.45 31.10 -17.71
CA LYS C 434 19.41 30.88 -16.28
C LYS C 434 17.99 31.01 -15.75
N LEU C 435 17.22 31.97 -16.26
CA LEU C 435 15.83 32.09 -15.82
C LEU C 435 14.99 30.92 -16.31
N GLU C 436 15.26 30.43 -17.53
CA GLU C 436 14.55 29.24 -18.01
C GLU C 436 14.88 28.00 -17.20
N LEU C 437 16.15 27.80 -16.84
CA LEU C 437 16.48 26.65 -16.01
C LEU C 437 15.99 26.80 -14.58
N ALA C 438 15.87 28.04 -14.08
CA ALA C 438 15.31 28.23 -12.76
C ALA C 438 13.82 27.90 -12.76
N GLN C 439 13.14 28.16 -13.87
CA GLN C 439 11.75 27.70 -13.99
C GLN C 439 11.66 26.20 -14.21
N TYR C 440 12.70 25.60 -14.80
CA TYR C 440 12.68 24.16 -15.06
C TYR C 440 12.88 23.34 -13.80
N ARG C 441 13.87 23.70 -12.98
CA ARG C 441 14.33 22.84 -11.90
C ARG C 441 13.32 22.70 -10.77
N GLU C 442 12.32 23.58 -10.70
CA GLU C 442 11.27 23.44 -9.70
C GLU C 442 10.36 22.26 -10.01
N VAL C 443 10.18 21.96 -11.29
CA VAL C 443 9.04 21.18 -11.75
C VAL C 443 9.47 19.80 -12.30
N ALA C 444 10.72 19.39 -12.03
CA ALA C 444 11.21 18.13 -12.60
C ALA C 444 10.60 16.91 -11.92
N ALA C 445 10.37 16.98 -10.61
CA ALA C 445 9.64 15.93 -9.91
C ALA C 445 8.18 15.86 -10.35
N PHE C 446 7.67 16.94 -10.94
CA PHE C 446 6.35 16.96 -11.56
C PHE C 446 6.44 16.55 -13.03
N ALA C 447 7.66 16.48 -13.58
CA ALA C 447 7.89 16.07 -14.95
C ALA C 447 8.11 14.57 -15.09
N GLN C 448 8.47 13.88 -14.00
CA GLN C 448 8.39 12.43 -14.04
C GLN C 448 6.95 11.94 -14.21
N PHE C 449 5.97 12.73 -13.77
CA PHE C 449 4.58 12.55 -14.11
C PHE C 449 4.07 13.65 -15.02
N GLY C 450 4.91 14.15 -15.92
CA GLY C 450 4.55 15.30 -16.73
C GLY C 450 3.63 15.00 -17.89
N SER C 451 3.36 13.71 -18.15
CA SER C 451 2.58 13.34 -19.32
C SER C 451 1.10 13.68 -19.16
N ASP C 452 0.56 13.54 -17.95
CA ASP C 452 -0.84 13.84 -17.67
C ASP C 452 -1.02 15.15 -16.88
N LEU C 453 -0.24 16.18 -17.23
CA LEU C 453 -0.46 17.52 -16.72
C LEU C 453 -0.85 18.46 -17.85
N ASP C 454 -0.91 19.76 -17.57
CA ASP C 454 -1.30 20.75 -18.55
C ASP C 454 -0.15 21.06 -19.52
N ALA C 455 -0.40 22.01 -20.42
CA ALA C 455 0.50 22.23 -21.55
C ALA C 455 1.57 23.27 -21.27
N ALA C 456 1.28 24.25 -20.42
CA ALA C 456 2.25 25.29 -20.08
C ALA C 456 3.47 24.71 -19.39
N THR C 457 3.22 23.83 -18.41
CA THR C 457 4.29 23.08 -17.78
C THR C 457 5.06 22.27 -18.80
N GLN C 458 4.35 21.44 -19.59
CA GLN C 458 4.90 20.58 -20.65
C GLN C 458 5.85 21.31 -21.59
N GLN C 459 5.48 22.53 -21.97
CA GLN C 459 6.37 23.39 -22.76
C GLN C 459 7.59 23.82 -21.95
N LEU C 460 7.38 24.27 -20.71
CA LEU C 460 8.48 24.73 -19.87
C LEU C 460 9.49 23.63 -19.53
N LEU C 461 8.99 22.47 -19.12
CA LEU C 461 9.82 21.29 -18.84
C LEU C 461 10.51 20.76 -20.07
N SER C 462 9.86 20.81 -21.24
CA SER C 462 10.53 20.41 -22.47
C SER C 462 11.70 21.33 -22.80
N ARG C 463 11.47 22.65 -22.71
CA ARG C 463 12.54 23.62 -22.96
C ARG C 463 13.69 23.44 -21.98
N GLY C 464 13.37 23.14 -20.73
CA GLY C 464 14.41 22.89 -19.74
C GLY C 464 15.21 21.62 -20.04
N VAL C 465 14.54 20.57 -20.54
CA VAL C 465 15.25 19.34 -20.91
C VAL C 465 16.20 19.59 -22.08
N ARG C 466 15.75 20.38 -23.07
CA ARG C 466 16.65 20.70 -24.19
C ARG C 466 17.84 21.53 -23.74
N LEU C 467 17.62 22.49 -22.84
CA LEU C 467 18.75 23.30 -22.34
C LEU C 467 19.69 22.47 -21.47
N THR C 468 19.15 21.58 -20.65
CA THR C 468 19.97 20.79 -19.75
C THR C 468 20.81 19.77 -20.52
N GLU C 469 20.30 19.28 -21.64
CA GLU C 469 21.15 18.44 -22.48
C GLU C 469 21.98 19.25 -23.47
N LEU C 470 21.74 20.56 -23.60
CA LEU C 470 22.75 21.40 -24.24
C LEU C 470 23.95 21.59 -23.35
N LEU C 471 23.74 21.68 -22.03
CA LEU C 471 24.85 22.00 -21.14
C LEU C 471 25.89 20.89 -21.00
N LYS C 472 25.58 19.67 -21.41
CA LYS C 472 26.57 18.60 -21.34
C LYS C 472 27.59 18.77 -22.45
N GLN C 473 28.79 18.23 -22.22
CA GLN C 473 29.94 18.53 -23.06
C GLN C 473 30.97 17.41 -22.90
N GLY C 474 31.64 17.08 -23.99
CA GLY C 474 32.66 16.06 -23.93
C GLY C 474 33.87 16.50 -23.14
N GLN C 475 34.60 15.52 -22.61
CA GLN C 475 35.79 15.80 -21.82
C GLN C 475 36.93 16.24 -22.72
N TYR C 476 37.75 17.17 -22.21
CA TYR C 476 39.00 17.63 -22.82
C TYR C 476 38.78 18.30 -24.17
N SER C 477 37.64 18.97 -24.34
CA SER C 477 37.35 19.72 -25.56
C SER C 477 36.60 20.99 -25.19
N PRO C 478 37.32 22.01 -24.74
CA PRO C 478 36.65 23.25 -24.32
C PRO C 478 36.17 24.05 -25.52
N MET C 479 34.97 24.59 -25.39
CA MET C 479 34.39 25.40 -26.45
C MET C 479 34.78 26.86 -26.27
N ALA C 480 35.00 27.54 -27.39
CA ALA C 480 35.22 28.97 -27.35
C ALA C 480 33.92 29.69 -27.01
N ILE C 481 34.04 30.96 -26.65
CA ILE C 481 32.88 31.75 -26.23
C ILE C 481 31.90 31.94 -27.37
N GLU C 482 32.40 32.08 -28.60
CA GLU C 482 31.55 32.40 -29.75
C GLU C 482 30.63 31.24 -30.10
N GLU C 483 31.14 30.02 -30.11
CA GLU C 483 30.32 28.89 -30.50
C GLU C 483 29.36 28.48 -29.39
N GLN C 484 29.74 28.65 -28.12
CA GLN C 484 28.80 28.33 -27.06
C GLN C 484 27.72 29.40 -26.96
N VAL C 485 28.04 30.66 -27.29
CA VAL C 485 27.00 31.67 -27.44
C VAL C 485 26.03 31.29 -28.54
N ALA C 486 26.54 30.77 -29.66
CA ALA C 486 25.67 30.32 -30.74
C ALA C 486 24.76 29.17 -30.33
N VAL C 487 25.31 28.17 -29.63
CA VAL C 487 24.54 26.98 -29.26
C VAL C 487 23.48 27.31 -28.22
N ILE C 488 23.88 28.00 -27.15
CA ILE C 488 22.93 28.35 -26.11
C ILE C 488 21.93 29.40 -26.62
N TYR C 489 22.31 30.20 -27.63
CA TYR C 489 21.37 31.07 -28.31
C TYR C 489 20.30 30.26 -29.03
N ALA C 490 20.70 29.19 -29.72
CA ALA C 490 19.73 28.34 -30.41
C ALA C 490 18.78 27.70 -29.43
N GLY C 491 19.29 27.26 -28.28
CA GLY C 491 18.43 26.67 -27.28
C GLY C 491 17.50 27.66 -26.60
N VAL C 492 17.95 28.90 -26.42
CA VAL C 492 17.10 29.89 -25.78
C VAL C 492 16.02 30.38 -26.74
N ARG C 493 16.37 30.62 -28.01
CA ARG C 493 15.36 31.01 -28.99
C ARG C 493 14.43 29.86 -29.34
N GLY C 494 14.81 28.62 -29.04
CA GLY C 494 13.83 27.57 -29.01
C GLY C 494 13.58 26.94 -30.36
N TYR C 495 14.65 26.76 -31.13
CA TYR C 495 14.62 25.97 -32.34
C TYR C 495 14.90 24.51 -32.09
N LEU C 496 14.74 24.07 -30.84
CA LEU C 496 15.05 22.72 -30.42
C LEU C 496 13.87 22.03 -29.76
N ASP C 497 12.74 22.71 -29.61
CA ASP C 497 11.66 22.18 -28.79
C ASP C 497 10.95 21.03 -29.48
N LYS C 498 11.11 20.90 -30.80
CA LYS C 498 10.48 19.81 -31.52
C LYS C 498 11.35 18.57 -31.64
N LEU C 499 12.66 18.68 -31.39
CA LEU C 499 13.55 17.56 -31.63
C LEU C 499 13.49 16.55 -30.49
N GLU C 500 13.97 15.34 -30.77
CA GLU C 500 14.06 14.31 -29.76
C GLU C 500 15.15 14.67 -28.75
N PRO C 501 15.05 14.15 -27.51
CA PRO C 501 16.11 14.46 -26.54
C PRO C 501 17.46 13.84 -26.89
N SER C 502 17.47 12.60 -27.39
CA SER C 502 18.74 11.97 -27.74
C SER C 502 19.37 12.52 -29.01
N LYS C 503 18.71 13.45 -29.69
CA LYS C 503 19.21 14.05 -30.91
C LYS C 503 19.70 15.48 -30.68
N ILE C 504 19.71 15.94 -29.44
CA ILE C 504 20.16 17.30 -29.15
C ILE C 504 21.67 17.41 -29.23
N THR C 505 22.39 16.42 -28.69
CA THR C 505 23.84 16.46 -28.69
C THR C 505 24.41 16.24 -30.10
N LYS C 506 23.72 15.42 -30.91
CA LYS C 506 24.14 15.24 -32.29
C LYS C 506 23.93 16.53 -33.09
N PHE C 507 22.81 17.21 -32.84
CA PHE C 507 22.59 18.55 -33.39
C PHE C 507 23.67 19.52 -32.95
N GLU C 508 24.09 19.42 -31.69
CA GLU C 508 25.11 20.31 -31.15
C GLU C 508 26.44 20.13 -31.89
N ASN C 509 26.86 18.88 -32.09
CA ASN C 509 28.11 18.62 -32.79
C ASN C 509 28.02 19.00 -34.27
N ALA C 510 26.88 18.71 -34.92
CA ALA C 510 26.72 19.09 -36.31
C ALA C 510 26.62 20.60 -36.48
N PHE C 511 26.07 21.29 -35.48
CA PHE C 511 25.95 22.74 -35.54
C PHE C 511 27.29 23.40 -35.31
N LEU C 512 28.12 22.85 -34.42
CA LEU C 512 29.50 23.31 -34.31
C LEU C 512 30.27 23.13 -35.60
N SER C 513 30.14 21.95 -36.23
CA SER C 513 30.84 21.72 -37.50
C SER C 513 30.35 22.68 -38.58
N HIS C 514 29.04 22.93 -38.62
CA HIS C 514 28.46 23.81 -39.64
C HIS C 514 28.87 25.27 -39.43
N VAL C 515 28.87 25.73 -38.19
CA VAL C 515 29.16 27.14 -37.92
C VAL C 515 30.65 27.42 -38.02
N ILE C 516 31.50 26.46 -37.61
CA ILE C 516 32.94 26.63 -37.79
C ILE C 516 33.31 26.57 -39.27
N SER C 517 32.68 25.67 -40.03
CA SER C 517 33.05 25.49 -41.43
C SER C 517 32.53 26.64 -42.29
N GLN C 518 31.23 26.88 -42.28
CA GLN C 518 30.66 27.86 -43.20
C GLN C 518 30.83 29.28 -42.67
N HIS C 519 30.22 29.59 -41.53
CA HIS C 519 30.07 30.97 -41.09
C HIS C 519 31.14 31.34 -40.07
N GLN C 520 32.34 31.58 -40.60
CA GLN C 520 33.45 32.06 -39.78
C GLN C 520 33.26 33.51 -39.39
N THR C 521 32.73 34.33 -40.31
CA THR C 521 32.62 35.76 -40.10
C THR C 521 31.61 36.09 -39.01
N LEU C 522 30.63 35.22 -38.79
CA LEU C 522 29.64 35.47 -37.75
C LEU C 522 30.23 35.27 -36.36
N LEU C 523 31.04 34.23 -36.19
CA LEU C 523 31.78 34.09 -34.94
C LEU C 523 32.80 35.18 -34.78
N GLY C 524 33.36 35.68 -35.89
CA GLY C 524 34.21 36.87 -35.82
C GLY C 524 33.46 38.09 -35.34
N LYS C 525 32.21 38.26 -35.80
CA LYS C 525 31.35 39.34 -35.31
C LYS C 525 31.10 39.21 -33.81
N ILE C 526 30.84 37.99 -33.35
CA ILE C 526 30.52 37.78 -31.94
C ILE C 526 31.76 37.99 -31.06
N ARG C 527 32.94 37.54 -31.51
CA ARG C 527 34.11 37.68 -30.65
C ARG C 527 34.75 39.06 -30.76
N THR C 528 34.49 39.82 -31.83
CA THR C 528 35.05 41.16 -31.93
C THR C 528 34.12 42.24 -31.42
N ASP C 529 32.82 42.17 -31.70
CA ASP C 529 31.88 43.11 -31.10
C ASP C 529 31.68 42.82 -29.62
N GLY C 530 31.92 41.59 -29.19
CA GLY C 530 31.64 41.18 -27.83
C GLY C 530 30.20 40.85 -27.54
N LYS C 531 29.30 41.04 -28.50
CA LYS C 531 27.89 40.84 -28.26
C LYS C 531 27.17 40.59 -29.58
N ILE C 532 25.90 40.22 -29.47
CA ILE C 532 25.00 40.17 -30.61
C ILE C 532 24.33 41.52 -30.73
N SER C 533 24.52 42.20 -31.86
CA SER C 533 23.83 43.47 -32.09
C SER C 533 23.03 43.37 -33.38
N GLU C 534 21.87 42.71 -33.29
CA GLU C 534 20.75 42.70 -34.23
C GLU C 534 21.04 42.16 -35.63
N GLU C 535 22.30 42.15 -36.04
CA GLU C 535 22.67 41.62 -37.35
C GLU C 535 23.18 40.20 -37.23
N ALA C 536 23.98 39.94 -36.21
CA ALA C 536 24.21 38.57 -35.76
C ALA C 536 22.90 37.91 -35.35
N ASP C 537 21.96 38.69 -34.78
CA ASP C 537 20.66 38.16 -34.40
C ASP C 537 19.84 37.77 -35.63
N ALA C 538 19.75 38.65 -36.62
CA ALA C 538 19.01 38.32 -37.84
C ALA C 538 19.66 37.18 -38.62
N LYS C 539 20.99 37.20 -38.73
CA LYS C 539 21.71 36.15 -39.44
C LYS C 539 21.59 34.81 -38.72
N LEU C 540 21.56 34.82 -37.38
CA LEU C 540 21.38 33.57 -36.66
C LEU C 540 19.95 33.06 -36.73
N LYS C 541 18.95 33.95 -36.74
CA LYS C 541 17.59 33.56 -37.11
C LYS C 541 17.57 32.81 -38.44
N GLU C 542 18.21 33.40 -39.45
CA GLU C 542 18.21 32.83 -40.80
C GLU C 542 18.95 31.49 -40.86
N ILE C 543 20.15 31.42 -40.27
CA ILE C 543 20.95 30.21 -40.42
C ILE C 543 20.42 29.08 -39.56
N VAL C 544 19.82 29.39 -38.40
CA VAL C 544 19.31 28.30 -37.59
C VAL C 544 17.97 27.82 -38.15
N THR C 545 17.16 28.70 -38.73
CA THR C 545 15.96 28.24 -39.43
C THR C 545 16.30 27.39 -40.64
N ASN C 546 17.34 27.76 -41.40
CA ASN C 546 17.70 26.96 -42.56
C ASN C 546 18.35 25.64 -42.17
N PHE C 547 19.16 25.63 -41.10
CA PHE C 547 19.79 24.37 -40.72
C PHE C 547 18.80 23.44 -40.00
N LEU C 548 17.81 23.99 -39.31
CA LEU C 548 16.73 23.14 -38.83
C LEU C 548 15.84 22.67 -39.98
N ALA C 549 15.79 23.43 -41.07
CA ALA C 549 15.09 22.94 -42.25
C ALA C 549 15.87 21.86 -42.98
N GLY C 550 17.18 21.80 -42.79
CA GLY C 550 17.96 20.78 -43.47
C GLY C 550 18.79 19.88 -42.59
N PHE C 551 18.26 19.52 -41.42
CA PHE C 551 19.06 18.74 -40.46
C PHE C 551 19.03 17.25 -40.78
N GLU C 552 17.84 16.64 -40.71
CA GLU C 552 17.71 15.20 -40.90
C GLU C 552 17.87 14.78 -42.35
N ALA D 59 56.48 49.61 29.16
CA ALA D 59 57.65 48.88 29.69
C ALA D 59 58.39 48.18 28.56
N THR D 60 59.47 47.47 28.86
CA THR D 60 60.26 46.82 27.82
C THR D 60 60.45 45.36 28.17
N GLY D 61 59.79 44.48 27.42
CA GLY D 61 59.91 43.05 27.63
C GLY D 61 60.48 42.35 26.43
N ARG D 62 60.33 41.04 26.35
CA ARG D 62 61.00 40.31 25.28
C ARG D 62 60.17 39.12 24.82
N ILE D 63 59.89 39.10 23.51
CA ILE D 63 59.36 37.93 22.84
C ILE D 63 60.28 36.75 23.13
N VAL D 64 59.69 35.68 23.66
CA VAL D 64 60.41 34.45 23.99
C VAL D 64 59.86 33.22 23.30
N ALA D 65 58.62 33.24 22.77
CA ALA D 65 58.12 32.13 21.97
C ALA D 65 57.00 32.62 21.06
N VAL D 66 56.84 31.97 19.91
CA VAL D 66 55.96 32.43 18.84
C VAL D 66 55.15 31.29 18.24
N ILE D 67 53.83 31.30 18.43
CA ILE D 67 52.95 30.51 17.56
C ILE D 67 51.87 31.43 16.97
N GLY D 68 52.15 32.04 15.82
CA GLY D 68 51.13 32.86 15.12
C GLY D 68 50.65 34.06 15.92
N ALA D 69 49.32 34.18 16.06
CA ALA D 69 48.63 35.03 17.02
C ALA D 69 48.75 34.52 18.46
N VAL D 70 49.67 33.61 18.78
CA VAL D 70 50.01 33.35 20.17
C VAL D 70 51.51 33.56 20.33
N VAL D 71 51.92 34.74 20.76
CA VAL D 71 53.31 34.93 21.17
C VAL D 71 53.30 35.36 22.63
N ASP D 72 54.23 34.89 23.43
CA ASP D 72 54.24 35.24 24.83
C ASP D 72 55.45 36.09 25.16
N VAL D 73 55.24 37.07 26.02
CA VAL D 73 56.27 38.03 26.35
C VAL D 73 56.68 37.83 27.80
N GLN D 74 57.97 37.84 28.04
CA GLN D 74 58.54 37.70 29.37
C GLN D 74 58.92 39.08 29.88
N PHE D 75 58.07 39.65 30.73
CA PHE D 75 58.43 40.89 31.40
C PHE D 75 59.13 40.60 32.72
N ASP D 76 60.17 41.42 32.95
CA ASP D 76 61.08 41.39 34.09
C ASP D 76 60.76 42.52 35.07
N GLU D 77 59.94 43.47 34.65
CA GLU D 77 59.58 44.63 35.45
C GLU D 77 58.08 44.86 35.31
N GLY D 78 57.62 46.08 35.62
CA GLY D 78 56.23 46.53 35.51
C GLY D 78 55.45 46.00 34.34
N LEU D 79 54.31 45.40 34.64
CA LEU D 79 53.65 44.42 33.80
C LEU D 79 52.27 44.89 33.39
N PRO D 80 51.88 44.77 32.13
CA PRO D 80 50.53 45.15 31.72
C PRO D 80 49.51 44.16 32.25
N PRO D 81 48.35 44.64 32.70
CA PRO D 81 47.25 43.74 33.06
C PRO D 81 46.69 42.97 31.88
N ILE D 82 45.76 42.07 32.19
CA ILE D 82 44.99 41.31 31.21
C ILE D 82 44.30 42.24 30.22
N LEU D 83 44.17 41.80 28.97
CA LEU D 83 43.56 42.54 27.86
C LEU D 83 44.28 43.86 27.61
N ASN D 84 45.55 43.77 27.19
CA ASN D 84 46.27 45.03 26.89
C ASN D 84 47.06 44.95 25.60
N ALA D 85 47.65 46.09 25.22
CA ALA D 85 48.33 46.27 23.94
C ALA D 85 49.84 46.29 24.11
N LEU D 86 50.52 45.81 23.08
CA LEU D 86 51.98 45.76 23.06
C LEU D 86 52.48 46.10 21.66
N GLU D 87 53.41 47.03 21.57
CA GLU D 87 54.02 47.33 20.29
C GLU D 87 55.28 46.48 20.19
N VAL D 88 55.25 45.44 19.35
CA VAL D 88 56.48 44.78 18.94
C VAL D 88 57.17 45.68 17.94
N GLN D 89 58.42 46.03 18.28
CA GLN D 89 59.41 46.85 17.60
C GLN D 89 60.30 45.97 16.73
N GLY D 90 61.06 46.61 15.85
CA GLY D 90 61.87 45.92 14.88
C GLY D 90 61.16 45.49 13.63
N ARG D 91 59.82 45.51 13.63
CA ARG D 91 59.04 45.20 12.45
C ARG D 91 58.99 46.41 11.54
N GLU D 92 58.70 46.17 10.25
CA GLU D 92 58.51 47.29 9.35
C GLU D 92 57.19 48.00 9.60
N THR D 93 56.21 47.27 10.10
CA THR D 93 54.96 47.85 10.58
C THR D 93 54.99 47.89 12.10
N ARG D 94 53.87 48.22 12.71
CA ARG D 94 53.65 47.93 14.11
C ARG D 94 53.28 46.47 14.23
N LEU D 95 53.75 45.79 15.29
CA LEU D 95 53.08 44.52 15.58
C LEU D 95 52.41 44.62 16.95
N VAL D 96 51.14 44.96 16.96
CA VAL D 96 50.41 45.06 18.21
C VAL D 96 50.07 43.66 18.71
N LEU D 97 50.18 43.48 20.01
CA LEU D 97 49.86 42.23 20.68
C LEU D 97 48.84 42.53 21.75
N GLU D 98 48.08 41.51 22.15
CA GLU D 98 47.16 41.66 23.26
C GLU D 98 47.52 40.70 24.37
N VAL D 99 47.97 41.27 25.49
CA VAL D 99 48.32 40.55 26.70
C VAL D 99 47.09 39.92 27.33
N ALA D 100 47.18 38.60 27.59
CA ALA D 100 46.56 37.95 28.76
C ALA D 100 47.27 36.60 29.00
N GLN D 101 48.13 36.46 30.01
CA GLN D 101 48.17 35.37 31.02
C GLN D 101 49.55 35.40 31.67
N HIS D 102 49.66 35.66 32.96
CA HIS D 102 50.84 36.24 33.57
C HIS D 102 51.91 35.24 33.97
N LEU D 103 51.84 34.02 33.45
CA LEU D 103 52.24 32.75 34.06
C LEU D 103 53.44 32.76 35.02
N GLY D 104 54.48 33.52 34.73
CA GLY D 104 55.64 33.60 35.63
C GLY D 104 56.86 34.12 34.90
N GLU D 105 57.79 34.77 35.61
CA GLU D 105 58.80 35.69 35.05
C GLU D 105 58.11 36.82 34.29
N SER D 106 57.00 37.27 34.85
CA SER D 106 55.94 38.04 34.23
C SER D 106 55.60 37.60 32.81
N THR D 107 55.10 36.39 32.59
CA THR D 107 54.85 35.90 31.23
C THR D 107 53.39 36.15 30.86
N VAL D 108 53.18 36.73 29.69
CA VAL D 108 51.86 37.14 29.23
C VAL D 108 51.60 36.54 27.85
N ARG D 109 50.45 35.84 27.69
CA ARG D 109 50.22 35.16 26.43
C ARG D 109 49.46 36.14 25.54
N THR D 110 50.15 36.71 24.58
CA THR D 110 49.59 37.79 23.81
C THR D 110 49.12 37.21 22.50
N ILE D 111 47.83 37.40 22.21
CA ILE D 111 47.39 37.10 20.86
C ILE D 111 47.99 38.14 19.92
N ALA D 112 48.68 37.63 18.91
CA ALA D 112 49.51 38.43 18.02
C ALA D 112 48.79 38.51 16.68
N MET D 113 48.64 39.78 16.24
CA MET D 113 47.58 40.37 15.44
C MET D 113 47.92 40.49 13.97
N ASP D 114 49.07 40.02 13.53
CA ASP D 114 49.45 40.13 12.14
C ASP D 114 50.34 38.94 11.82
N GLY D 115 50.94 38.97 10.64
CA GLY D 115 51.84 37.90 10.24
C GLY D 115 53.10 37.90 11.06
N THR D 116 53.23 36.90 11.93
CA THR D 116 54.37 36.82 12.84
C THR D 116 55.48 35.94 12.24
N GLU D 117 55.91 36.33 11.05
CA GLU D 117 57.13 35.83 10.48
C GLU D 117 58.20 36.89 10.67
N GLY D 118 59.36 36.49 11.17
CA GLY D 118 60.42 37.42 11.47
C GLY D 118 60.62 37.67 12.95
N LEU D 119 59.78 37.12 13.82
CA LEU D 119 59.95 37.35 15.24
C LEU D 119 60.99 36.39 15.81
N VAL D 120 61.89 36.94 16.61
CA VAL D 120 63.03 36.20 17.16
C VAL D 120 62.81 36.11 18.67
N ARG D 121 63.38 35.06 19.28
CA ARG D 121 63.48 35.02 20.74
C ARG D 121 64.21 36.23 21.29
N GLY D 122 63.80 36.65 22.48
CA GLY D 122 64.38 37.80 23.14
C GLY D 122 64.18 39.11 22.42
N GLN D 123 63.10 39.27 21.67
CA GLN D 123 62.94 40.47 20.83
C GLN D 123 62.14 41.52 21.59
N LYS D 124 62.65 42.76 21.62
CA LYS D 124 62.14 43.76 22.55
C LYS D 124 60.73 44.20 22.20
N VAL D 125 59.90 44.35 23.23
CA VAL D 125 58.49 44.71 23.12
C VAL D 125 58.22 45.90 24.01
N LEU D 126 57.72 46.98 23.43
CA LEU D 126 57.32 48.13 24.23
C LEU D 126 55.88 47.92 24.67
N ASP D 127 55.58 48.29 25.90
CA ASP D 127 54.27 48.16 26.49
C ASP D 127 53.65 49.53 26.67
N SER D 128 52.44 49.70 26.11
CA SER D 128 51.78 50.99 25.98
C SER D 128 50.75 51.27 27.05
N GLY D 129 50.49 50.32 27.95
CA GLY D 129 49.48 50.61 28.95
C GLY D 129 48.08 50.21 28.52
N ALA D 130 47.36 51.17 27.94
CA ALA D 130 45.96 51.17 27.50
C ALA D 130 45.55 49.90 26.75
N PRO D 131 44.29 49.43 26.89
CA PRO D 131 43.88 48.15 26.27
C PRO D 131 44.03 48.07 24.76
N ILE D 132 43.32 48.87 23.96
CA ILE D 132 43.81 49.29 22.64
C ILE D 132 43.30 50.71 22.37
N ARG D 133 44.19 51.63 22.00
CA ARG D 133 43.78 52.97 21.61
C ARG D 133 43.50 53.03 20.11
N ILE D 134 42.31 53.50 19.75
CA ILE D 134 41.97 53.76 18.36
C ILE D 134 41.61 55.23 18.22
N PRO D 135 41.77 55.79 17.03
CA PRO D 135 41.32 57.16 16.78
C PRO D 135 39.82 57.22 16.52
N VAL D 136 39.09 57.82 17.45
CA VAL D 136 37.68 58.07 17.27
C VAL D 136 37.50 59.56 17.03
N GLY D 137 36.30 59.94 16.62
CA GLY D 137 36.02 61.32 16.32
C GLY D 137 35.05 61.49 15.18
N PRO D 138 34.62 62.73 14.93
CA PRO D 138 33.94 63.03 13.67
C PRO D 138 34.87 63.12 12.48
N GLU D 139 36.19 63.08 12.71
CA GLU D 139 37.18 63.03 11.65
C GLU D 139 37.45 61.62 11.16
N THR D 140 36.66 60.63 11.60
CA THR D 140 36.82 59.25 11.18
C THR D 140 35.79 58.82 10.16
N LEU D 141 34.95 59.73 9.68
CA LEU D 141 33.85 59.35 8.83
C LEU D 141 34.31 59.30 7.38
N GLY D 142 33.92 58.24 6.68
CA GLY D 142 34.46 57.98 5.37
C GLY D 142 35.81 57.31 5.40
N ARG D 143 36.35 57.02 6.58
CA ARG D 143 37.67 56.45 6.73
C ARG D 143 37.55 54.96 6.97
N ILE D 144 38.43 54.21 6.33
CA ILE D 144 38.56 52.78 6.59
C ILE D 144 39.73 52.61 7.54
N MET D 145 39.49 51.94 8.66
CA MET D 145 40.57 51.64 9.58
C MET D 145 40.54 50.15 9.89
N ASN D 146 41.63 49.67 10.46
CA ASN D 146 41.66 48.33 11.00
C ASN D 146 42.03 48.38 12.48
N VAL D 147 41.83 47.24 13.14
CA VAL D 147 41.63 47.11 14.58
C VAL D 147 42.76 47.64 15.45
N ILE D 148 43.92 47.92 14.86
CA ILE D 148 44.92 48.70 15.54
C ILE D 148 44.45 50.15 15.67
N GLY D 149 43.52 50.57 14.83
CA GLY D 149 43.22 51.97 14.67
C GLY D 149 43.94 52.59 13.50
N GLU D 150 44.35 51.79 12.52
CA GLU D 150 45.25 52.29 11.51
C GLU D 150 44.52 52.44 10.19
N PRO D 151 44.67 53.56 9.48
CA PRO D 151 43.91 53.76 8.24
C PRO D 151 44.46 52.94 7.10
N ILE D 152 43.59 52.18 6.43
CA ILE D 152 44.01 51.32 5.33
C ILE D 152 43.30 51.71 4.05
N ASP D 153 42.81 52.94 3.96
CA ASP D 153 42.32 53.45 2.69
C ASP D 153 43.33 54.34 1.97
N GLU D 154 44.52 54.53 2.58
CA GLU D 154 45.65 55.24 1.97
C GLU D 154 45.29 56.65 1.53
N ARG D 155 44.78 57.44 2.48
CA ARG D 155 44.47 58.85 2.27
C ARG D 155 44.94 59.67 3.45
N GLY D 156 46.13 59.35 3.97
CA GLY D 156 46.67 60.05 5.10
C GLY D 156 46.14 59.49 6.41
N PRO D 157 46.68 59.97 7.53
CA PRO D 157 46.20 59.49 8.84
C PRO D 157 44.87 60.13 9.21
N ILE D 158 44.29 59.61 10.28
CA ILE D 158 42.98 60.08 10.76
C ILE D 158 43.28 61.17 11.78
N LYS D 159 43.30 62.42 11.31
CA LYS D 159 43.69 63.56 12.13
C LYS D 159 42.54 63.93 13.06
N THR D 160 42.48 63.23 14.19
CA THR D 160 41.46 63.48 15.21
C THR D 160 42.14 63.87 16.51
N LYS D 161 41.32 64.30 17.47
CA LYS D 161 41.83 64.81 18.74
C LYS D 161 41.78 63.79 19.86
N GLN D 162 40.66 63.09 20.01
CA GLN D 162 40.44 62.19 21.14
C GLN D 162 40.59 60.75 20.68
N PHE D 163 41.43 59.99 21.36
CA PHE D 163 41.48 58.56 21.17
C PHE D 163 40.46 57.88 22.10
N ALA D 164 40.28 56.58 21.91
CA ALA D 164 39.41 55.83 22.80
C ALA D 164 39.91 54.40 22.84
N ALA D 165 39.70 53.75 23.98
CA ALA D 165 40.19 52.41 24.20
C ALA D 165 39.09 51.40 23.87
N ILE D 166 39.36 50.53 22.91
CA ILE D 166 38.58 49.32 22.85
C ILE D 166 39.05 48.42 24.00
N HIS D 167 38.17 47.45 24.34
CA HIS D 167 38.05 46.75 25.62
C HIS D 167 37.59 47.70 26.73
N ALA D 168 36.46 48.37 26.49
CA ALA D 168 35.73 49.08 27.51
C ALA D 168 34.68 48.16 28.13
N GLU D 169 33.84 48.71 29.01
CA GLU D 169 32.85 47.92 29.71
C GLU D 169 31.44 48.28 29.26
N ALA D 170 30.48 47.54 29.77
CA ALA D 170 29.07 47.82 29.53
C ALA D 170 28.67 49.09 30.29
N PRO D 171 27.59 49.74 29.87
CA PRO D 171 27.05 50.82 30.70
C PRO D 171 26.45 50.26 31.98
N GLU D 172 26.44 51.09 33.03
CA GLU D 172 25.90 50.65 34.30
C GLU D 172 24.38 50.56 34.23
N PHE D 173 23.79 50.04 35.30
CA PHE D 173 22.34 49.90 35.36
C PHE D 173 21.66 51.27 35.48
N VAL D 174 22.33 52.25 36.08
CA VAL D 174 21.79 53.59 36.15
C VAL D 174 22.03 54.38 34.88
N GLU D 175 22.91 53.92 34.00
CA GLU D 175 23.08 54.51 32.68
C GLU D 175 22.25 53.75 31.65
N MET D 176 20.98 53.59 31.92
CA MET D 176 20.10 52.85 31.03
C MET D 176 18.85 53.68 30.75
N SER D 177 18.17 53.33 29.67
CA SER D 177 16.92 53.96 29.31
C SER D 177 15.81 52.93 29.47
N VAL D 178 14.80 53.26 30.25
CA VAL D 178 13.73 52.32 30.59
C VAL D 178 12.56 52.49 29.62
N GLU D 179 12.79 53.22 28.54
CA GLU D 179 11.76 53.53 27.56
C GLU D 179 12.15 52.91 26.24
N GLN D 180 11.36 51.94 25.76
CA GLN D 180 11.62 51.29 24.48
C GLN D 180 11.03 52.17 23.38
N GLU D 181 11.78 53.20 23.02
CA GLU D 181 11.38 54.05 21.90
C GLU D 181 11.53 53.30 20.60
N ILE D 182 10.48 53.32 19.78
CA ILE D 182 10.51 52.68 18.48
C ILE D 182 11.43 53.46 17.54
N LEU D 183 12.55 52.85 17.18
CA LEU D 183 13.41 53.45 16.17
C LEU D 183 12.75 53.28 14.81
N VAL D 184 12.49 54.42 14.17
CA VAL D 184 11.84 54.53 12.88
C VAL D 184 12.92 54.71 11.84
N THR D 185 13.12 53.69 11.00
CA THR D 185 14.03 53.86 9.88
C THR D 185 13.47 54.83 8.85
N GLY D 186 12.25 54.58 8.39
CA GLY D 186 11.68 55.29 7.27
C GLY D 186 11.27 54.38 6.14
N ILE D 187 11.63 53.11 6.19
CA ILE D 187 11.13 52.15 5.22
C ILE D 187 9.75 51.69 5.68
N LYS D 188 8.83 51.52 4.73
CA LYS D 188 7.46 51.17 5.07
C LYS D 188 7.37 49.77 5.66
N VAL D 189 7.94 48.79 4.98
CA VAL D 189 7.84 47.39 5.40
C VAL D 189 8.59 47.15 6.71
N VAL D 190 9.74 47.81 6.88
CA VAL D 190 10.50 47.71 8.11
C VAL D 190 9.72 48.32 9.28
N ASP D 191 9.40 49.61 9.19
CA ASP D 191 8.74 50.30 10.28
C ASP D 191 7.28 49.95 10.45
N LEU D 192 6.72 49.08 9.62
CA LEU D 192 5.36 48.62 9.82
C LEU D 192 5.26 47.17 10.26
N LEU D 193 6.17 46.30 9.83
CA LEU D 193 6.03 44.88 10.13
C LEU D 193 7.13 44.31 11.00
N ALA D 194 8.26 44.98 11.16
CA ALA D 194 9.31 44.58 12.07
C ALA D 194 10.15 45.80 12.45
N PRO D 195 9.60 46.73 13.24
CA PRO D 195 10.23 48.04 13.39
C PRO D 195 11.44 47.98 14.32
N TYR D 196 12.23 49.04 14.30
CA TYR D 196 13.52 48.90 14.98
C TYR D 196 13.41 49.50 16.36
N ALA D 197 14.47 49.33 17.15
CA ALA D 197 14.44 49.79 18.53
C ALA D 197 15.73 50.52 18.84
N LYS D 198 15.60 51.66 19.53
CA LYS D 198 16.75 52.38 20.04
C LYS D 198 17.45 51.53 21.09
N GLY D 199 18.65 51.08 20.79
CA GLY D 199 19.31 50.10 21.60
C GLY D 199 19.05 48.68 21.17
N GLY D 200 18.40 48.49 20.02
CA GLY D 200 18.14 47.17 19.53
C GLY D 200 19.42 46.50 19.07
N LYS D 201 19.34 45.19 18.93
CA LYS D 201 20.47 44.39 18.52
C LYS D 201 20.10 43.63 17.27
N ILE D 202 19.46 44.30 16.32
CA ILE D 202 18.67 43.61 15.32
C ILE D 202 19.57 43.00 14.26
N GLY D 203 18.98 42.11 13.47
CA GLY D 203 19.74 41.28 12.58
C GLY D 203 19.01 41.02 11.29
N LEU D 204 19.72 41.12 10.18
CA LEU D 204 19.13 40.94 8.87
C LEU D 204 19.66 39.67 8.23
N PHE D 205 18.77 38.90 7.63
CA PHE D 205 19.11 37.58 7.11
C PHE D 205 19.09 37.67 5.59
N GLY D 206 20.22 38.07 5.01
CA GLY D 206 20.30 38.33 3.59
C GLY D 206 21.15 37.34 2.85
N GLY D 207 21.84 37.82 1.83
CA GLY D 207 22.67 36.98 0.99
C GLY D 207 23.38 37.76 -0.08
N ALA D 208 23.47 37.19 -1.29
CA ALA D 208 24.21 37.84 -2.37
C ALA D 208 23.28 38.54 -3.35
N GLY D 209 22.32 37.79 -3.89
CA GLY D 209 21.45 38.35 -4.93
C GLY D 209 20.43 39.33 -4.39
N VAL D 210 20.16 39.26 -3.09
CA VAL D 210 19.19 40.17 -2.49
C VAL D 210 19.81 41.54 -2.34
N GLY D 211 18.97 42.54 -2.10
CA GLY D 211 19.48 43.89 -1.95
C GLY D 211 19.92 44.21 -0.55
N LYS D 212 21.00 43.56 -0.07
CA LYS D 212 21.47 43.84 1.27
C LYS D 212 22.25 45.15 1.33
N THR D 213 23.11 45.39 0.36
CA THR D 213 23.92 46.61 0.35
C THR D 213 23.06 47.84 0.14
N VAL D 214 22.04 47.71 -0.72
CA VAL D 214 21.11 48.81 -0.98
C VAL D 214 20.31 49.12 0.28
N LEU D 215 19.89 48.09 1.01
CA LEU D 215 19.15 48.34 2.24
C LEU D 215 20.05 48.91 3.33
N ILE D 216 21.33 48.53 3.34
CA ILE D 216 22.27 49.06 4.32
C ILE D 216 22.54 50.53 4.08
N MET D 217 22.81 50.92 2.83
CA MET D 217 23.05 52.32 2.53
C MET D 217 21.78 53.15 2.68
N GLU D 218 20.62 52.53 2.43
CA GLU D 218 19.35 53.23 2.65
C GLU D 218 19.08 53.43 4.13
N LEU D 219 19.45 52.46 4.97
CA LEU D 219 19.39 52.63 6.42
C LEU D 219 20.29 53.77 6.88
N ILE D 220 21.50 53.85 6.33
CA ILE D 220 22.43 54.92 6.72
C ILE D 220 21.87 56.28 6.34
N ASN D 221 21.36 56.42 5.11
CA ASN D 221 20.83 57.71 4.68
C ASN D 221 19.54 58.07 5.41
N ASN D 222 18.68 57.10 5.69
CA ASN D 222 17.42 57.43 6.36
C ASN D 222 17.65 57.79 7.82
N VAL D 223 18.60 57.13 8.49
CA VAL D 223 18.86 57.48 9.88
C VAL D 223 19.67 58.77 9.97
N ALA D 224 20.54 59.05 9.00
CA ALA D 224 21.26 60.32 9.02
C ALA D 224 20.37 61.50 8.66
N LYS D 225 19.32 61.29 7.86
CA LYS D 225 18.41 62.39 7.56
C LYS D 225 17.37 62.57 8.65
N ALA D 226 16.64 61.50 8.99
CA ALA D 226 15.55 61.59 9.94
C ALA D 226 16.05 61.92 11.34
N HIS D 227 16.86 61.04 11.90
CA HIS D 227 17.56 61.35 13.13
C HIS D 227 18.85 62.09 12.77
N GLY D 228 19.64 62.43 13.79
CA GLY D 228 20.87 63.14 13.51
C GLY D 228 22.09 62.26 13.64
N GLY D 229 21.93 60.96 13.42
CA GLY D 229 22.95 59.97 13.75
C GLY D 229 23.82 59.61 12.57
N TYR D 230 25.12 59.48 12.83
CA TYR D 230 26.01 58.89 11.84
C TYR D 230 26.05 57.38 12.10
N SER D 231 26.86 56.66 11.35
CA SER D 231 26.89 55.21 11.52
C SER D 231 28.30 54.69 11.33
N VAL D 232 28.48 53.42 11.69
CA VAL D 232 29.75 52.72 11.55
C VAL D 232 29.44 51.34 10.99
N PHE D 233 30.29 50.88 10.09
CA PHE D 233 30.14 49.58 9.46
C PHE D 233 31.38 48.76 9.81
N ALA D 234 31.19 47.77 10.68
CA ALA D 234 32.24 46.85 11.05
C ALA D 234 32.10 45.60 10.19
N GLY D 235 33.00 45.43 9.24
CA GLY D 235 33.00 44.22 8.45
C GLY D 235 33.87 43.18 9.10
N VAL D 236 33.27 42.16 9.72
CA VAL D 236 34.04 41.22 10.53
C VAL D 236 34.32 40.00 9.67
N GLY D 237 35.59 39.73 9.41
CA GLY D 237 35.90 38.77 8.38
C GLY D 237 35.47 39.26 7.03
N GLU D 238 35.58 40.56 6.78
CA GLU D 238 35.09 41.13 5.54
C GLU D 238 36.01 40.73 4.40
N ARG D 239 35.44 40.13 3.36
CA ARG D 239 36.20 39.78 2.17
C ARG D 239 36.74 41.05 1.53
N THR D 240 37.98 40.98 1.07
CA THR D 240 38.63 42.18 0.58
C THR D 240 38.05 42.60 -0.76
N ARG D 241 37.64 41.64 -1.57
CA ARG D 241 36.91 41.93 -2.80
C ARG D 241 35.56 42.56 -2.47
N GLU D 242 34.81 41.92 -1.56
CA GLU D 242 33.48 42.42 -1.19
C GLU D 242 33.59 43.73 -0.43
N GLY D 243 34.63 43.88 0.40
CA GLY D 243 34.82 45.15 1.10
C GLY D 243 35.19 46.29 0.16
N ASN D 244 36.00 46.00 -0.85
CA ASN D 244 36.35 47.00 -1.85
C ASN D 244 35.14 47.40 -2.68
N ASP D 245 34.30 46.42 -3.03
CA ASP D 245 33.08 46.74 -3.77
C ASP D 245 32.09 47.51 -2.93
N LEU D 246 32.02 47.22 -1.63
CA LEU D 246 31.11 47.98 -0.79
C LEU D 246 31.64 49.40 -0.55
N TYR D 247 32.95 49.57 -0.54
CA TYR D 247 33.53 50.89 -0.40
C TYR D 247 33.28 51.74 -1.65
N HIS D 248 33.51 51.17 -2.83
CA HIS D 248 33.17 51.89 -4.07
C HIS D 248 31.66 52.10 -4.22
N GLU D 249 30.85 51.19 -3.68
CA GLU D 249 29.41 51.36 -3.74
C GLU D 249 28.96 52.51 -2.86
N MET D 250 29.53 52.63 -1.66
CA MET D 250 29.21 53.76 -0.80
C MET D 250 29.70 55.08 -1.39
N ILE D 251 30.86 55.05 -2.06
CA ILE D 251 31.37 56.27 -2.70
C ILE D 251 30.46 56.70 -3.85
N GLU D 252 30.08 55.75 -4.72
CA GLU D 252 29.25 56.12 -5.86
C GLU D 252 27.78 56.33 -5.47
N SER D 253 27.39 55.93 -4.26
CA SER D 253 26.06 56.26 -3.77
C SER D 253 26.01 57.60 -3.05
N GLY D 254 27.12 58.01 -2.43
CA GLY D 254 27.17 59.29 -1.76
C GLY D 254 27.14 59.22 -0.25
N VAL D 255 27.09 58.02 0.33
CA VAL D 255 27.19 57.88 1.77
C VAL D 255 28.57 58.30 2.26
N ILE D 256 29.61 57.81 1.61
CA ILE D 256 30.96 58.29 1.83
C ILE D 256 31.25 59.38 0.81
N ASN D 257 31.76 60.51 1.26
CA ASN D 257 32.24 61.53 0.35
C ASN D 257 33.73 61.71 0.57
N LEU D 258 34.50 61.53 -0.50
CA LEU D 258 35.93 61.76 -0.46
C LEU D 258 36.30 63.22 -0.73
N LYS D 259 35.31 64.08 -0.92
CA LYS D 259 35.58 65.46 -1.31
C LYS D 259 35.57 66.42 -0.14
N ASP D 260 34.65 66.25 0.80
CA ASP D 260 34.56 67.15 1.94
C ASP D 260 34.04 66.38 3.15
N ALA D 261 33.67 67.11 4.19
CA ALA D 261 33.30 66.51 5.47
C ALA D 261 31.79 66.42 5.59
N THR D 262 31.20 65.55 4.77
CA THR D 262 29.76 65.33 4.79
C THR D 262 29.40 63.85 4.73
N SER D 263 30.38 62.96 4.88
CA SER D 263 30.08 61.54 4.85
C SER D 263 29.35 61.11 6.11
N LYS D 264 28.81 59.90 6.08
CA LYS D 264 27.84 59.47 7.06
C LYS D 264 28.22 58.18 7.77
N VAL D 265 29.28 57.50 7.33
CA VAL D 265 29.65 56.22 7.91
C VAL D 265 31.16 56.19 8.13
N ALA D 266 31.57 55.49 9.18
CA ALA D 266 32.96 55.17 9.43
C ALA D 266 33.14 53.68 9.21
N LEU D 267 34.16 53.30 8.46
CA LEU D 267 34.35 51.89 8.13
C LEU D 267 35.45 51.29 8.99
N VAL D 268 35.18 50.11 9.55
CA VAL D 268 36.20 49.30 10.22
C VAL D 268 36.18 47.95 9.54
N TYR D 269 37.18 47.68 8.72
CA TYR D 269 37.25 46.43 7.97
C TYR D 269 38.29 45.53 8.61
N GLY D 270 37.83 44.47 9.27
CA GLY D 270 38.77 43.46 9.69
C GLY D 270 38.71 42.31 8.71
N GLN D 271 39.75 42.18 7.91
CA GLN D 271 39.71 41.28 6.76
C GLN D 271 39.93 39.85 7.20
N MET D 272 39.66 38.92 6.28
CA MET D 272 39.84 37.50 6.58
C MET D 272 41.31 37.11 6.62
N ASN D 273 42.18 37.82 5.92
CA ASN D 273 43.59 37.43 5.86
C ASN D 273 44.36 37.72 7.14
N GLU D 274 43.75 38.41 8.08
CA GLU D 274 44.27 38.70 9.39
C GLU D 274 44.02 37.51 10.33
N PRO D 275 44.84 37.33 11.36
CA PRO D 275 44.61 36.25 12.31
C PRO D 275 43.37 36.49 13.15
N PRO D 276 42.81 35.47 13.81
CA PRO D 276 41.53 35.65 14.50
C PRO D 276 41.61 36.55 15.72
N GLY D 277 42.79 36.77 16.27
CA GLY D 277 42.95 37.83 17.24
C GLY D 277 42.64 39.19 16.68
N ALA D 278 42.93 39.41 15.39
CA ALA D 278 42.64 40.65 14.72
C ALA D 278 41.29 40.65 14.03
N ARG D 279 40.50 39.60 14.22
CA ARG D 279 39.13 39.57 13.72
C ARG D 279 38.09 39.53 14.81
N ALA D 280 38.43 39.08 16.02
CA ALA D 280 37.51 39.17 17.14
C ALA D 280 37.52 40.53 17.80
N ARG D 281 38.24 41.50 17.24
CA ARG D 281 38.30 42.85 17.77
C ARG D 281 37.64 43.87 16.84
N VAL D 282 37.15 43.43 15.68
CA VAL D 282 36.59 44.35 14.71
C VAL D 282 35.27 44.90 15.21
N ALA D 283 34.43 44.02 15.76
CA ALA D 283 33.21 44.45 16.42
C ALA D 283 33.52 45.36 17.59
N LEU D 284 34.60 45.07 18.32
CA LEU D 284 34.98 45.92 19.44
C LEU D 284 35.47 47.28 18.98
N THR D 285 36.17 47.33 17.84
CA THR D 285 36.67 48.60 17.32
C THR D 285 35.54 49.46 16.78
N GLY D 286 34.65 48.87 15.97
CA GLY D 286 33.53 49.63 15.44
C GLY D 286 32.55 50.04 16.52
N LEU D 287 32.36 49.19 17.53
CA LEU D 287 31.59 49.54 18.70
C LEU D 287 32.24 50.63 19.52
N THR D 288 33.58 50.73 19.51
CA THR D 288 34.22 51.81 20.24
C THR D 288 34.04 53.14 19.54
N VAL D 289 34.10 53.15 18.21
CA VAL D 289 33.80 54.36 17.44
C VAL D 289 32.35 54.80 17.66
N ALA D 290 31.43 53.85 17.59
CA ALA D 290 30.02 54.17 17.83
C ALA D 290 29.76 54.55 19.29
N GLU D 291 30.56 54.08 20.23
CA GLU D 291 30.42 54.49 21.61
C GLU D 291 30.98 55.89 21.82
N TYR D 292 31.92 56.32 20.98
CA TYR D 292 32.26 57.74 20.96
C TYR D 292 31.08 58.57 20.50
N PHE D 293 30.38 58.12 19.45
CA PHE D 293 29.22 58.88 19.00
C PHE D 293 28.09 58.86 20.02
N ARG D 294 27.99 57.78 20.80
CA ARG D 294 26.93 57.71 21.81
C ARG D 294 27.22 58.63 22.98
N ASP D 295 28.46 58.63 23.48
CA ASP D 295 28.78 59.20 24.77
C ASP D 295 29.35 60.61 24.72
N GLN D 296 29.60 61.17 23.54
CA GLN D 296 30.07 62.55 23.47
C GLN D 296 29.28 63.42 22.51
N GLU D 297 28.21 62.90 21.92
CA GLU D 297 27.26 63.75 21.18
C GLU D 297 25.84 63.46 21.65
N GLY D 298 25.59 62.23 22.08
CA GLY D 298 24.25 61.83 22.46
C GLY D 298 23.42 61.68 21.21
N GLN D 299 23.78 60.70 20.40
CA GLN D 299 23.33 60.64 19.02
C GLN D 299 22.63 59.30 18.79
N ASP D 300 22.07 59.11 17.60
CA ASP D 300 21.29 57.91 17.28
C ASP D 300 22.07 57.07 16.28
N VAL D 301 22.89 56.17 16.79
CA VAL D 301 24.02 55.63 16.05
C VAL D 301 23.67 54.24 15.58
N LEU D 302 24.30 53.80 14.49
CA LEU D 302 24.07 52.48 13.92
C LEU D 302 25.40 51.76 13.73
N LEU D 303 25.59 50.68 14.46
CA LEU D 303 26.67 49.74 14.22
C LEU D 303 26.17 48.65 13.30
N PHE D 304 26.67 48.61 12.08
CA PHE D 304 26.31 47.57 11.13
C PHE D 304 27.44 46.57 11.12
N ILE D 305 27.20 45.41 11.70
CA ILE D 305 28.22 44.37 11.72
C ILE D 305 27.89 43.39 10.62
N ASP D 306 28.76 43.31 9.62
CA ASP D 306 28.64 42.31 8.57
C ASP D 306 29.45 41.11 8.99
N ASN D 307 29.00 40.43 10.06
CA ASN D 307 28.70 39.02 10.15
C ASN D 307 28.76 38.82 11.65
N ILE D 308 27.81 38.13 12.28
CA ILE D 308 28.07 37.85 13.67
C ILE D 308 28.71 36.48 13.81
N PHE D 309 28.55 35.65 12.77
CA PHE D 309 29.13 34.32 12.80
C PHE D 309 30.63 34.35 12.63
N ARG D 310 31.15 35.32 11.87
CA ARG D 310 32.59 35.41 11.75
C ARG D 310 33.21 36.01 13.00
N PHE D 311 32.45 36.82 13.75
CA PHE D 311 32.89 37.25 15.07
C PHE D 311 32.98 36.07 16.03
N THR D 312 31.95 35.23 16.03
CA THR D 312 31.96 34.06 16.92
C THR D 312 33.04 33.07 16.50
N GLN D 313 33.25 32.91 15.19
CA GLN D 313 34.30 32.02 14.69
C GLN D 313 35.69 32.55 15.03
N ALA D 314 35.88 33.87 14.97
CA ALA D 314 37.16 34.45 15.35
C ALA D 314 37.43 34.29 16.84
N GLY D 315 36.42 34.49 17.67
CA GLY D 315 36.59 34.24 19.10
C GLY D 315 36.85 32.77 19.40
N SER D 316 36.20 31.88 18.64
CA SER D 316 36.43 30.45 18.77
C SER D 316 37.85 30.07 18.41
N GLU D 317 38.40 30.68 17.37
CA GLU D 317 39.76 30.34 16.98
C GLU D 317 40.79 30.98 17.91
N VAL D 318 40.47 32.14 18.51
CA VAL D 318 41.35 32.68 19.55
C VAL D 318 41.40 31.75 20.75
N SER D 319 40.24 31.34 21.24
CA SER D 319 40.21 30.43 22.38
C SER D 319 40.69 29.03 22.05
N ALA D 320 40.73 28.66 20.76
CA ALA D 320 41.40 27.41 20.39
C ALA D 320 42.90 27.58 20.39
N LEU D 321 43.40 28.73 19.93
CA LEU D 321 44.83 28.95 19.91
C LEU D 321 45.40 29.16 21.31
N LEU D 322 44.58 29.64 22.24
CA LEU D 322 45.07 29.89 23.59
C LEU D 322 45.07 28.66 24.47
N GLY D 323 44.81 27.47 23.91
CA GLY D 323 44.95 26.25 24.66
C GLY D 323 43.76 25.87 25.50
N ARG D 324 42.66 26.61 25.42
CA ARG D 324 41.47 26.29 26.20
C ARG D 324 40.78 25.08 25.60
N ILE D 325 40.28 24.21 26.47
CA ILE D 325 39.45 23.08 26.04
C ILE D 325 38.19 23.66 25.42
N PRO D 326 37.89 23.35 24.16
CA PRO D 326 36.71 23.91 23.52
C PRO D 326 35.44 23.27 24.06
N SER D 327 34.35 23.99 23.84
CA SER D 327 33.01 23.77 24.35
C SER D 327 32.32 22.65 23.59
N ALA D 328 31.01 22.84 23.36
CA ALA D 328 30.11 22.01 22.55
C ALA D 328 30.55 22.03 21.09
N VAL D 329 29.61 22.09 20.15
CA VAL D 329 29.70 21.85 18.69
C VAL D 329 31.00 22.33 17.98
N GLY D 330 31.87 23.05 18.67
CA GLY D 330 33.24 23.25 18.21
C GLY D 330 33.75 24.58 18.69
N TYR D 331 32.90 25.29 19.42
CA TYR D 331 33.09 26.66 19.78
C TYR D 331 33.90 26.79 21.07
N GLN D 332 33.98 27.98 21.56
CA GLN D 332 34.74 28.31 22.75
C GLN D 332 33.85 28.21 23.97
N PRO D 333 34.43 28.03 25.16
CA PRO D 333 33.61 28.12 26.37
C PRO D 333 33.04 29.50 26.59
N THR D 334 33.79 30.53 26.20
CA THR D 334 33.47 31.92 26.52
C THR D 334 32.52 32.55 25.52
N LEU D 335 31.69 31.76 24.84
CA LEU D 335 30.90 32.30 23.73
C LEU D 335 29.86 33.27 24.23
N ALA D 336 29.04 32.83 25.20
CA ALA D 336 28.00 33.68 25.75
C ALA D 336 28.58 34.87 26.48
N THR D 337 29.77 34.73 27.07
CA THR D 337 30.39 35.84 27.79
C THR D 337 30.92 36.89 26.81
N ASP D 338 31.53 36.48 25.70
CA ASP D 338 32.05 37.44 24.73
C ASP D 338 30.93 38.15 24.00
N MET D 339 29.90 37.40 23.60
CA MET D 339 28.69 38.01 23.06
C MET D 339 28.01 38.89 24.10
N GLY D 340 28.12 38.55 25.37
CA GLY D 340 27.56 39.41 26.41
C GLY D 340 28.26 40.74 26.49
N THR D 341 29.59 40.73 26.47
CA THR D 341 30.38 41.96 26.52
C THR D 341 30.05 42.88 25.35
N MET D 342 30.11 42.36 24.13
CA MET D 342 29.86 43.20 22.96
C MET D 342 28.37 43.59 22.85
N GLN D 343 27.49 42.59 22.79
CA GLN D 343 26.05 42.81 22.64
C GLN D 343 25.40 43.53 23.82
N GLU D 344 26.10 43.72 24.95
CA GLU D 344 25.59 44.60 25.98
C GLU D 344 26.31 45.94 26.04
N ARG D 345 27.41 46.10 25.32
CA ARG D 345 27.83 47.47 25.06
C ARG D 345 26.99 48.15 24.00
N ILE D 346 26.34 47.41 23.10
CA ILE D 346 25.53 48.09 22.08
C ILE D 346 24.13 48.46 22.56
N THR D 347 23.87 48.39 23.86
CA THR D 347 22.54 48.77 24.32
C THR D 347 22.42 50.28 24.40
N THR D 348 21.18 50.74 24.54
CA THR D 348 20.95 52.18 24.65
C THR D 348 21.38 52.67 26.03
N THR D 349 21.64 53.97 26.11
CA THR D 349 21.93 54.60 27.39
C THR D 349 20.96 55.75 27.59
N LYS D 350 21.19 56.55 28.62
CA LYS D 350 20.37 57.72 28.85
C LYS D 350 20.70 58.86 27.91
N LYS D 351 21.85 58.80 27.24
CA LYS D 351 22.34 59.91 26.43
C LYS D 351 22.25 59.63 24.93
N GLY D 352 22.69 58.45 24.49
CA GLY D 352 22.64 58.07 23.10
C GLY D 352 21.97 56.73 22.89
N SER D 353 21.81 56.39 21.61
CA SER D 353 21.03 55.23 21.18
C SER D 353 21.79 54.50 20.07
N ILE D 354 22.97 53.96 20.40
CA ILE D 354 23.61 53.00 19.53
C ILE D 354 22.66 51.84 19.24
N THR D 355 22.67 51.38 17.98
CA THR D 355 21.76 50.37 17.50
C THR D 355 22.50 49.53 16.50
N SER D 356 22.58 48.23 16.73
CA SER D 356 23.28 47.36 15.80
C SER D 356 22.29 46.77 14.83
N VAL D 357 22.62 46.84 13.55
CA VAL D 357 22.03 46.00 12.52
C VAL D 357 23.14 45.07 12.07
N GLN D 358 22.90 43.77 12.17
CA GLN D 358 24.00 42.86 11.98
C GLN D 358 23.59 41.70 11.07
N ALA D 359 24.42 41.48 10.06
CA ALA D 359 24.25 40.39 9.11
C ALA D 359 24.87 39.15 9.73
N ILE D 360 24.05 38.09 9.74
CA ILE D 360 24.18 36.90 10.58
C ILE D 360 24.14 35.68 9.67
N TYR D 361 25.04 34.73 9.90
CA TYR D 361 25.12 33.51 9.11
C TYR D 361 24.83 32.32 10.02
N VAL D 362 23.81 31.54 9.66
CA VAL D 362 23.49 30.32 10.41
C VAL D 362 24.17 29.12 9.75
N PRO D 363 24.94 28.32 10.49
CA PRO D 363 25.61 27.17 9.88
C PRO D 363 24.67 25.99 9.72
N ALA D 364 24.82 25.26 8.60
CA ALA D 364 24.09 24.03 8.27
C ALA D 364 22.58 24.23 8.21
N ASP D 365 22.15 25.49 8.00
CA ASP D 365 20.76 25.93 8.12
C ASP D 365 20.15 25.46 9.44
N ASP D 366 20.89 25.65 10.52
CA ASP D 366 20.49 25.19 11.84
C ASP D 366 20.30 26.37 12.77
N LEU D 367 19.24 26.31 13.56
CA LEU D 367 18.95 27.33 14.55
C LEU D 367 19.47 26.98 15.94
N THR D 368 19.64 25.70 16.23
CA THR D 368 20.06 25.22 17.53
C THR D 368 21.58 25.20 17.69
N ASP D 369 22.33 25.63 16.68
CA ASP D 369 23.77 25.76 16.79
C ASP D 369 24.09 26.85 17.82
N PRO D 370 25.18 26.72 18.59
CA PRO D 370 25.39 27.65 19.70
C PRO D 370 25.65 29.09 19.32
N ALA D 371 26.26 29.35 18.15
CA ALA D 371 26.47 30.74 17.74
C ALA D 371 25.15 31.43 17.38
N PRO D 372 24.23 30.83 16.59
CA PRO D 372 22.90 31.45 16.51
C PRO D 372 22.10 31.35 17.79
N ALA D 373 22.39 30.39 18.68
CA ALA D 373 21.65 30.34 19.94
C ALA D 373 21.93 31.58 20.78
N THR D 374 23.20 31.96 20.92
CA THR D 374 23.52 33.17 21.67
C THR D 374 23.12 34.43 20.90
N THR D 375 23.25 34.39 19.57
CA THR D 375 22.88 35.53 18.74
C THR D 375 21.38 35.83 18.85
N PHE D 376 20.53 34.84 18.61
CA PHE D 376 19.09 35.00 18.83
C PHE D 376 18.72 35.21 20.28
N ALA D 377 19.59 34.85 21.24
CA ALA D 377 19.35 35.28 22.60
C ALA D 377 19.52 36.78 22.76
N HIS D 378 20.33 37.40 21.90
CA HIS D 378 20.48 38.86 21.98
C HIS D 378 19.69 39.63 20.93
N LEU D 379 19.11 38.96 19.93
CA LEU D 379 18.43 39.61 18.83
C LEU D 379 17.09 40.24 19.23
N ASP D 380 16.61 41.15 18.36
CA ASP D 380 15.34 41.85 18.56
C ASP D 380 14.37 41.81 17.38
N ALA D 381 14.86 41.90 16.14
CA ALA D 381 13.94 42.04 15.01
C ALA D 381 14.00 40.92 13.99
N THR D 382 15.20 40.59 13.48
CA THR D 382 15.46 39.52 12.49
C THR D 382 14.66 39.71 11.20
N THR D 383 14.95 40.80 10.49
CA THR D 383 14.26 41.08 9.22
C THR D 383 14.78 40.15 8.14
N VAL D 384 13.87 39.44 7.38
CA VAL D 384 14.46 38.48 6.44
C VAL D 384 14.60 39.17 5.10
N LEU D 385 15.75 39.01 4.44
CA LEU D 385 15.86 39.38 3.04
C LEU D 385 15.88 38.10 2.22
N SER D 386 15.26 38.15 1.05
CA SER D 386 15.11 36.97 0.22
C SER D 386 14.88 37.39 -1.21
N ARG D 387 14.85 36.37 -2.06
CA ARG D 387 14.73 36.46 -3.51
C ARG D 387 13.36 36.11 -4.03
N ALA D 388 12.47 35.55 -3.21
CA ALA D 388 11.15 35.16 -3.70
C ALA D 388 10.32 36.39 -4.04
N ILE D 389 10.21 37.32 -3.10
CA ILE D 389 9.47 38.55 -3.34
C ILE D 389 10.33 39.54 -4.15
N ALA D 390 11.62 39.23 -4.35
CA ALA D 390 12.44 40.01 -5.27
C ALA D 390 12.18 39.60 -6.70
N GLU D 391 11.96 38.31 -6.94
CA GLU D 391 11.44 37.85 -8.22
C GLU D 391 9.96 38.14 -8.37
N LEU D 392 9.29 38.52 -7.30
CA LEU D 392 8.01 39.20 -7.43
C LEU D 392 8.16 40.69 -7.73
N GLY D 393 9.39 41.17 -7.95
CA GLY D 393 9.62 42.53 -8.35
C GLY D 393 9.89 43.50 -7.22
N ILE D 394 9.61 43.12 -5.98
CA ILE D 394 9.73 44.03 -4.85
C ILE D 394 11.19 44.06 -4.41
N TYR D 395 11.77 45.25 -4.36
CA TYR D 395 13.16 45.28 -3.96
C TYR D 395 13.33 45.93 -2.60
N PRO D 396 14.08 45.31 -1.67
CA PRO D 396 14.59 43.94 -1.70
C PRO D 396 13.62 43.02 -0.97
N ALA D 397 13.68 41.68 -1.07
CA ALA D 397 12.53 40.97 -0.54
C ALA D 397 12.68 40.81 0.97
N VAL D 398 12.43 41.88 1.70
CA VAL D 398 12.31 41.73 3.14
C VAL D 398 11.01 40.99 3.43
N ASP D 399 11.15 39.73 3.77
CA ASP D 399 10.09 38.92 4.27
C ASP D 399 9.69 39.43 5.64
N PRO D 400 8.38 39.79 5.83
CA PRO D 400 7.83 40.10 7.15
C PRO D 400 7.24 38.90 7.88
N LEU D 401 6.78 37.90 7.11
CA LEU D 401 6.15 36.72 7.69
C LEU D 401 7.18 35.85 8.41
N ASP D 402 8.45 35.97 8.04
CA ASP D 402 9.52 35.32 8.76
C ASP D 402 10.33 36.28 9.62
N SER D 403 9.90 37.53 9.74
CA SER D 403 10.59 38.53 10.56
C SER D 403 9.76 38.78 11.81
N THR D 404 10.17 38.18 12.92
CA THR D 404 9.46 38.30 14.18
C THR D 404 10.21 39.30 15.05
N SER D 405 9.74 40.54 15.07
CA SER D 405 10.31 41.55 15.94
C SER D 405 9.71 41.45 17.33
N ARG D 406 10.54 41.70 18.35
CA ARG D 406 10.06 41.61 19.72
C ARG D 406 9.26 42.86 20.11
N ILE D 407 9.55 44.00 19.49
CA ILE D 407 8.89 45.25 19.85
C ILE D 407 7.48 45.34 19.27
N MET D 408 7.10 44.42 18.38
CA MET D 408 5.73 44.42 17.86
C MET D 408 4.77 43.98 18.95
N ASP D 409 4.21 44.94 19.64
CA ASP D 409 3.47 44.76 20.88
C ASP D 409 2.70 46.05 21.08
N PRO D 410 1.37 46.04 21.24
CA PRO D 410 0.63 47.30 21.35
C PRO D 410 0.88 48.06 22.63
N ASN D 411 1.48 47.44 23.63
CA ASN D 411 1.89 48.17 24.83
C ASN D 411 3.10 49.05 24.58
N ILE D 412 3.86 48.81 23.52
CA ILE D 412 5.11 49.50 23.25
C ILE D 412 4.97 50.45 22.07
N VAL D 413 4.48 49.96 20.94
CA VAL D 413 4.38 50.77 19.74
C VAL D 413 3.00 51.40 19.55
N GLY D 414 2.00 50.98 20.31
CA GLY D 414 0.69 51.58 20.22
C GLY D 414 -0.34 50.62 19.65
N SER D 415 -1.61 50.90 19.95
CA SER D 415 -2.69 50.02 19.52
C SER D 415 -3.02 50.18 18.05
N GLU D 416 -2.90 51.40 17.51
CA GLU D 416 -3.16 51.62 16.08
C GLU D 416 -2.10 50.96 15.22
N HIS D 417 -0.83 51.12 15.61
CA HIS D 417 0.28 50.51 14.89
C HIS D 417 0.19 49.00 14.91
N TYR D 418 -0.09 48.42 16.09
CA TYR D 418 -0.19 46.97 16.20
C TYR D 418 -1.43 46.43 15.50
N ASP D 419 -2.53 47.18 15.52
CA ASP D 419 -3.75 46.77 14.82
C ASP D 419 -3.51 46.72 13.32
N VAL D 420 -2.86 47.76 12.77
CA VAL D 420 -2.53 47.80 11.34
C VAL D 420 -1.55 46.68 10.99
N ALA D 421 -0.56 46.43 11.85
CA ALA D 421 0.44 45.41 11.54
C ALA D 421 -0.16 44.01 11.59
N ARG D 422 -1.05 43.74 12.54
CA ARG D 422 -1.75 42.46 12.57
C ARG D 422 -2.66 42.31 11.36
N GLY D 423 -3.32 43.39 10.93
CA GLY D 423 -4.17 43.32 9.75
C GLY D 423 -3.38 43.00 8.50
N VAL D 424 -2.21 43.64 8.35
CA VAL D 424 -1.36 43.40 7.18
C VAL D 424 -0.81 41.98 7.17
N GLN D 425 -0.30 41.51 8.32
CA GLN D 425 0.30 40.18 8.38
C GLN D 425 -0.76 39.09 8.21
N LYS D 426 -1.94 39.29 8.78
CA LYS D 426 -3.02 38.33 8.63
C LYS D 426 -3.53 38.30 7.19
N ILE D 427 -3.60 39.46 6.54
CA ILE D 427 -4.15 39.48 5.20
C ILE D 427 -3.15 38.91 4.20
N LEU D 428 -1.84 39.01 4.49
CA LEU D 428 -0.87 38.37 3.60
C LEU D 428 -0.76 36.87 3.85
N GLN D 429 -0.96 36.42 5.11
CA GLN D 429 -1.02 34.98 5.36
C GLN D 429 -2.22 34.35 4.67
N ASP D 430 -3.38 35.02 4.76
CA ASP D 430 -4.58 34.55 4.06
C ASP D 430 -4.41 34.62 2.56
N TYR D 431 -3.67 35.61 2.05
CA TYR D 431 -3.35 35.65 0.63
C TYR D 431 -2.43 34.52 0.22
N LYS D 432 -1.52 34.09 1.10
CA LYS D 432 -0.65 32.98 0.75
C LYS D 432 -1.44 31.68 0.65
N SER D 433 -2.36 31.47 1.59
CA SER D 433 -3.23 30.29 1.53
C SER D 433 -4.13 30.31 0.30
N LEU D 434 -4.81 31.44 0.07
CA LEU D 434 -5.69 31.56 -1.09
C LEU D 434 -4.91 31.64 -2.40
N GLN D 435 -3.64 32.02 -2.36
CA GLN D 435 -2.79 31.94 -3.54
C GLN D 435 -2.48 30.50 -3.88
N ASP D 436 -2.24 29.67 -2.85
CA ASP D 436 -2.09 28.23 -3.10
C ASP D 436 -3.37 27.63 -3.69
N ILE D 437 -4.53 28.03 -3.17
CA ILE D 437 -5.78 27.47 -3.66
C ILE D 437 -6.10 27.99 -5.07
N ILE D 438 -5.81 29.26 -5.36
CA ILE D 438 -6.07 29.80 -6.69
C ILE D 438 -5.01 29.31 -7.68
N ALA D 439 -3.87 28.83 -7.19
CA ALA D 439 -2.88 28.22 -8.06
C ALA D 439 -3.27 26.80 -8.43
N ILE D 440 -3.90 26.07 -7.49
CA ILE D 440 -4.36 24.72 -7.81
C ILE D 440 -5.73 24.72 -8.48
N LEU D 441 -6.42 25.87 -8.49
CA LEU D 441 -7.73 26.09 -9.11
C LEU D 441 -8.81 25.13 -8.61
N GLY D 442 -9.13 25.19 -7.32
CA GLY D 442 -10.20 24.38 -6.77
C GLY D 442 -11.58 25.01 -6.81
N MET D 443 -11.69 26.31 -6.57
CA MET D 443 -12.95 27.03 -6.72
C MET D 443 -12.76 28.23 -7.64
N ASP D 444 -11.52 28.42 -8.11
CA ASP D 444 -11.09 29.19 -9.27
C ASP D 444 -11.16 30.71 -9.11
N GLU D 445 -12.03 31.21 -8.24
CA GLU D 445 -11.97 32.59 -7.72
C GLU D 445 -12.65 32.69 -6.36
N LEU D 446 -12.34 31.79 -5.43
CA LEU D 446 -13.26 31.10 -4.52
C LEU D 446 -14.56 31.83 -4.17
N SER D 447 -14.49 33.10 -3.81
CA SER D 447 -15.66 33.91 -3.54
C SER D 447 -15.36 35.37 -3.88
N GLU D 448 -16.34 36.24 -3.64
CA GLU D 448 -16.08 37.67 -3.74
C GLU D 448 -15.13 38.12 -2.65
N GLU D 449 -15.19 37.47 -1.49
CA GLU D 449 -14.26 37.79 -0.41
C GLU D 449 -12.85 37.34 -0.76
N ASP D 450 -12.73 36.19 -1.44
CA ASP D 450 -11.44 35.72 -1.95
C ASP D 450 -10.83 36.69 -2.94
N LYS D 451 -11.61 37.12 -3.93
CA LYS D 451 -11.10 38.08 -4.91
C LYS D 451 -10.82 39.43 -4.26
N LEU D 452 -11.59 39.81 -3.25
CA LEU D 452 -11.36 41.06 -2.54
C LEU D 452 -10.04 41.03 -1.77
N THR D 453 -9.79 39.95 -1.01
CA THR D 453 -8.55 39.90 -0.26
C THR D 453 -7.35 39.64 -1.16
N VAL D 454 -7.54 38.97 -2.29
CA VAL D 454 -6.45 38.81 -3.24
C VAL D 454 -6.08 40.15 -3.87
N SER D 455 -7.08 40.97 -4.21
CA SER D 455 -6.80 42.30 -4.73
C SER D 455 -6.15 43.20 -3.69
N ARG D 456 -6.68 43.19 -2.45
CA ARG D 456 -6.12 43.99 -1.36
C ARG D 456 -4.68 43.63 -1.07
N ALA D 457 -4.40 42.34 -0.87
CA ALA D 457 -3.06 41.93 -0.49
C ALA D 457 -2.08 41.98 -1.65
N ARG D 458 -2.53 41.83 -2.90
CA ARG D 458 -1.65 42.08 -4.03
C ARG D 458 -1.27 43.55 -4.10
N LYS D 459 -2.23 44.44 -3.81
CA LYS D 459 -1.93 45.86 -3.72
C LYS D 459 -0.97 46.16 -2.59
N ILE D 460 -1.11 45.46 -1.46
CA ILE D 460 -0.22 45.67 -0.31
C ILE D 460 1.19 45.20 -0.63
N GLN D 461 1.33 44.04 -1.27
CA GLN D 461 2.65 43.55 -1.65
C GLN D 461 3.30 44.44 -2.68
N ARG D 462 2.52 45.03 -3.59
CA ARG D 462 3.10 46.04 -4.44
C ARG D 462 3.43 47.32 -3.69
N PHE D 463 2.71 47.61 -2.61
CA PHE D 463 2.94 48.85 -1.88
C PHE D 463 4.10 48.78 -0.90
N LEU D 464 4.50 47.57 -0.49
CA LEU D 464 5.63 47.41 0.42
C LEU D 464 6.95 47.85 -0.21
N SER D 465 7.02 47.90 -1.53
CA SER D 465 8.18 48.47 -2.22
C SER D 465 8.31 49.95 -1.89
N GLN D 466 9.54 50.45 -1.99
CA GLN D 466 9.79 51.84 -1.80
C GLN D 466 10.97 52.18 -2.69
N PRO D 467 10.90 53.27 -3.46
CA PRO D 467 12.08 53.70 -4.22
C PRO D 467 13.12 54.25 -3.27
N PHE D 468 14.35 53.84 -3.45
CA PHE D 468 15.42 54.18 -2.52
C PHE D 468 16.30 55.28 -3.07
N GLN D 469 16.77 56.15 -2.15
CA GLN D 469 17.59 57.29 -2.54
C GLN D 469 18.98 56.86 -2.99
N VAL D 470 19.44 55.70 -2.52
CA VAL D 470 20.72 55.18 -2.99
C VAL D 470 20.62 54.60 -4.39
N ALA D 471 19.41 54.31 -4.87
CA ALA D 471 19.19 53.86 -6.23
C ALA D 471 18.75 54.99 -7.15
N GLU D 472 18.84 56.23 -6.68
CA GLU D 472 18.40 57.38 -7.46
C GLU D 472 19.40 57.75 -8.54
N VAL D 473 20.68 57.43 -8.33
CA VAL D 473 21.74 57.93 -9.20
C VAL D 473 21.73 57.23 -10.56
N PHE D 474 21.13 56.04 -10.67
CA PHE D 474 21.08 55.34 -11.94
C PHE D 474 19.67 54.94 -12.35
N THR D 475 18.69 55.00 -11.46
CA THR D 475 17.29 54.86 -11.81
C THR D 475 16.58 56.15 -11.43
N GLY D 476 15.73 56.64 -12.33
CA GLY D 476 15.04 57.89 -12.12
C GLY D 476 13.92 57.85 -11.10
N HIS D 477 13.62 56.67 -10.55
CA HIS D 477 12.64 56.54 -9.47
C HIS D 477 13.23 57.20 -8.24
N LEU D 478 12.75 58.40 -7.91
CA LEU D 478 13.36 59.19 -6.86
C LEU D 478 13.08 58.57 -5.51
N GLY D 479 14.07 58.60 -4.62
CA GLY D 479 13.97 57.92 -3.35
C GLY D 479 13.28 58.76 -2.29
N LYS D 480 12.24 58.19 -1.69
CA LYS D 480 11.45 58.89 -0.71
C LYS D 480 11.72 58.35 0.70
N LEU D 481 11.61 59.24 1.68
CA LEU D 481 11.58 58.88 3.09
C LEU D 481 10.12 58.89 3.53
N VAL D 482 9.66 57.79 4.12
CA VAL D 482 8.27 57.67 4.52
C VAL D 482 8.23 57.53 6.04
N PRO D 483 7.75 58.51 6.78
CA PRO D 483 7.70 58.40 8.24
C PRO D 483 6.61 57.43 8.69
N LEU D 484 6.62 57.18 10.01
CA LEU D 484 5.80 56.12 10.60
C LEU D 484 4.31 56.42 10.47
N LYS D 485 3.93 57.67 10.74
CA LYS D 485 2.54 58.08 10.69
C LYS D 485 1.94 57.91 9.30
N GLU D 486 2.75 58.15 8.27
CA GLU D 486 2.25 58.00 6.90
C GLU D 486 2.13 56.54 6.50
N THR D 487 3.03 55.67 7.00
CA THR D 487 2.87 54.23 6.79
C THR D 487 1.60 53.71 7.44
N ILE D 488 1.34 54.18 8.66
CA ILE D 488 0.12 53.79 9.39
C ILE D 488 -1.12 54.24 8.63
N LYS D 489 -1.13 55.50 8.20
CA LYS D 489 -2.27 56.04 7.47
C LYS D 489 -2.46 55.33 6.14
N GLY D 490 -1.37 55.00 5.46
CA GLY D 490 -1.47 54.35 4.16
C GLY D 490 -1.99 52.94 4.25
N PHE D 491 -1.41 52.12 5.13
CA PHE D 491 -1.90 50.75 5.25
C PHE D 491 -3.27 50.69 5.89
N GLN D 492 -3.61 51.66 6.76
CA GLN D 492 -4.95 51.68 7.33
C GLN D 492 -5.99 52.02 6.28
N GLN D 493 -5.69 52.98 5.40
CA GLN D 493 -6.62 53.30 4.33
C GLN D 493 -6.65 52.26 3.22
N ILE D 494 -5.63 51.42 3.10
CA ILE D 494 -5.71 50.31 2.14
C ILE D 494 -6.53 49.17 2.73
N LEU D 495 -6.28 48.81 4.00
CA LEU D 495 -7.05 47.75 4.64
C LEU D 495 -8.49 48.12 4.89
N ALA D 496 -8.81 49.41 4.97
CA ALA D 496 -10.19 49.84 5.20
C ALA D 496 -11.04 49.82 3.94
N GLY D 497 -10.49 49.39 2.81
CA GLY D 497 -11.25 49.35 1.57
C GLY D 497 -11.48 50.69 0.94
N GLU D 498 -10.76 51.73 1.38
CA GLU D 498 -10.96 53.07 0.85
C GLU D 498 -10.42 53.18 -0.57
N PHE D 499 -9.29 52.55 -0.85
CA PHE D 499 -8.67 52.64 -2.17
C PHE D 499 -8.83 51.34 -2.96
N ASP D 500 -10.00 50.71 -2.88
CA ASP D 500 -10.26 49.50 -3.62
C ASP D 500 -10.38 49.76 -5.12
N HIS D 501 -10.78 50.97 -5.51
CA HIS D 501 -11.04 51.31 -6.90
C HIS D 501 -9.80 51.73 -7.67
N LEU D 502 -8.60 51.43 -7.16
CA LEU D 502 -7.33 51.73 -7.78
C LEU D 502 -6.71 50.44 -8.34
N PRO D 503 -5.94 50.53 -9.42
CA PRO D 503 -5.24 49.33 -9.90
C PRO D 503 -4.08 48.96 -8.99
N GLU D 504 -3.65 47.71 -9.09
CA GLU D 504 -2.57 47.21 -8.25
C GLU D 504 -1.23 47.80 -8.65
N GLN D 505 -1.09 48.23 -9.90
CA GLN D 505 0.18 48.76 -10.38
C GLN D 505 0.46 50.15 -9.83
N ALA D 506 -0.57 50.85 -9.34
CA ALA D 506 -0.42 52.20 -8.80
C ALA D 506 0.24 52.24 -7.43
N PHE D 507 0.68 51.10 -6.88
CA PHE D 507 1.37 51.06 -5.60
C PHE D 507 2.81 50.62 -5.70
N TYR D 508 3.24 50.14 -6.86
CA TYR D 508 4.59 49.63 -7.00
C TYR D 508 5.57 50.79 -7.09
N MET D 509 6.53 50.80 -6.16
CA MET D 509 7.59 51.81 -6.05
C MET D 509 7.02 53.22 -5.92
N VAL D 510 6.31 53.43 -4.82
CA VAL D 510 5.80 54.75 -4.47
C VAL D 510 6.03 54.94 -2.97
N GLY D 511 6.34 56.16 -2.56
CA GLY D 511 6.66 56.40 -1.18
C GLY D 511 5.47 56.46 -0.25
N PRO D 512 4.74 57.55 -0.27
CA PRO D 512 3.53 57.63 0.57
C PRO D 512 2.28 57.14 -0.15
N ILE D 513 1.12 57.26 0.50
CA ILE D 513 -0.12 56.80 -0.11
C ILE D 513 -0.73 57.86 -1.02
N GLU D 514 -0.55 59.14 -0.72
CA GLU D 514 -1.13 60.17 -1.59
C GLU D 514 -0.37 60.26 -2.91
N GLU D 515 0.90 59.90 -2.92
CA GLU D 515 1.58 59.77 -4.20
C GLU D 515 1.17 58.51 -4.94
N ALA D 516 0.67 57.49 -4.24
CA ALA D 516 0.05 56.37 -4.92
C ALA D 516 -1.29 56.77 -5.54
N VAL D 517 -2.00 57.70 -4.90
CA VAL D 517 -3.20 58.29 -5.50
C VAL D 517 -2.84 59.05 -6.77
N ALA D 518 -1.80 59.88 -6.69
CA ALA D 518 -1.36 60.64 -7.86
C ALA D 518 -0.81 59.74 -8.96
N LYS D 519 -0.20 58.61 -8.59
CA LYS D 519 0.26 57.65 -9.58
C LYS D 519 -0.90 56.93 -10.24
N ALA D 520 -1.97 56.65 -9.50
CA ALA D 520 -3.18 56.11 -10.10
C ALA D 520 -3.83 57.11 -11.04
N ASP D 521 -3.76 58.39 -10.69
CA ASP D 521 -4.28 59.44 -11.57
C ASP D 521 -3.47 59.56 -12.84
N LYS D 522 -2.14 59.52 -12.74
CA LYS D 522 -1.28 59.63 -13.92
C LYS D 522 -1.21 58.33 -14.72
N LEU D 523 -1.65 57.22 -14.16
CA LEU D 523 -1.77 56.00 -14.94
C LEU D 523 -3.06 55.98 -15.76
N ALA D 524 -4.09 56.70 -15.33
CA ALA D 524 -5.37 56.72 -16.02
C ALA D 524 -5.30 57.65 -17.22
N GLU D 525 -4.59 57.19 -18.26
CA GLU D 525 -4.46 57.92 -19.50
C GLU D 525 -4.71 56.99 -20.68
N GLY E 57 79.18 -1.06 13.86
CA GLY E 57 77.80 -0.75 13.52
C GLY E 57 76.80 -1.43 14.43
N GLY E 58 77.10 -2.67 14.79
CA GLY E 58 76.20 -3.47 15.60
C GLY E 58 76.22 -3.05 17.05
N ALA E 59 75.58 -1.91 17.36
CA ALA E 59 75.72 -1.29 18.67
C ALA E 59 74.65 -1.78 19.62
N THR E 60 75.04 -2.06 20.86
CA THR E 60 74.14 -2.68 21.81
C THR E 60 73.47 -1.63 22.68
N GLY E 61 72.24 -1.93 23.10
CA GLY E 61 71.43 -1.00 23.85
C GLY E 61 70.61 -1.73 24.89
N ARG E 62 69.85 -0.96 25.66
CA ARG E 62 69.12 -1.49 26.80
C ARG E 62 67.63 -1.16 26.66
N ILE E 63 66.82 -2.20 26.50
CA ILE E 63 65.38 -2.10 26.74
C ILE E 63 65.17 -1.65 28.16
N VAL E 64 64.40 -0.56 28.31
CA VAL E 64 64.14 0.04 29.61
C VAL E 64 62.64 0.22 29.88
N ALA E 65 61.76 0.18 28.88
CA ALA E 65 60.33 0.33 29.11
C ALA E 65 59.57 -0.38 28.00
N VAL E 66 58.59 -1.20 28.39
CA VAL E 66 57.94 -2.15 27.48
C VAL E 66 56.43 -1.97 27.56
N ILE E 67 55.81 -1.53 26.46
CA ILE E 67 54.36 -1.56 26.29
C ILE E 67 54.02 -2.02 24.87
N GLY E 68 53.76 -3.31 24.67
CA GLY E 68 53.45 -3.86 23.34
C GLY E 68 54.63 -3.72 22.37
N ALA E 69 54.31 -3.50 21.08
CA ALA E 69 55.16 -2.77 20.16
C ALA E 69 55.95 -1.63 20.80
N VAL E 70 55.31 -0.70 21.50
CA VAL E 70 56.05 0.49 21.93
C VAL E 70 57.01 0.16 23.07
N VAL E 71 58.29 0.11 22.72
CA VAL E 71 59.39 -0.31 23.58
C VAL E 71 60.46 0.78 23.52
N ASP E 72 60.82 1.33 24.66
CA ASP E 72 61.85 2.36 24.70
C ASP E 72 63.21 1.72 24.94
N VAL E 73 64.17 2.00 24.06
CA VAL E 73 65.51 1.46 24.21
C VAL E 73 66.47 2.63 24.35
N GLN E 74 67.38 2.54 25.33
CA GLN E 74 68.34 3.59 25.62
C GLN E 74 69.70 3.26 25.03
N PHE E 75 70.11 4.05 24.05
CA PHE E 75 71.46 4.02 23.52
C PHE E 75 72.24 5.22 24.03
N ASP E 76 73.50 4.95 24.35
CA ASP E 76 74.45 5.92 24.86
C ASP E 76 75.77 5.91 24.11
N GLU E 77 76.02 4.92 23.27
CA GLU E 77 77.23 4.81 22.47
C GLU E 77 76.97 5.01 20.99
N GLY E 78 76.07 4.22 20.41
CA GLY E 78 75.71 4.37 19.03
C GLY E 78 74.21 4.45 18.86
N LEU E 79 73.72 5.52 18.26
CA LEU E 79 72.28 5.75 18.16
C LEU E 79 71.81 5.41 16.76
N PRO E 80 70.94 4.41 16.58
CA PRO E 80 70.43 4.10 15.26
C PRO E 80 69.45 5.15 14.79
N PRO E 81 69.53 5.56 13.53
CA PRO E 81 68.55 6.49 12.99
C PRO E 81 67.17 5.85 12.85
N ILE E 82 66.19 6.71 12.57
CA ILE E 82 64.78 6.35 12.58
C ILE E 82 64.49 5.37 11.46
N LEU E 83 63.46 4.54 11.66
CA LEU E 83 63.07 3.42 10.80
C LEU E 83 64.22 2.43 10.70
N ASN E 84 64.57 1.83 11.83
CA ASN E 84 65.61 0.79 11.80
C ASN E 84 65.15 -0.53 12.40
N ALA E 85 66.10 -1.47 12.50
CA ALA E 85 65.83 -2.82 12.97
C ALA E 85 66.77 -3.16 14.12
N LEU E 86 66.19 -3.43 15.29
CA LEU E 86 66.94 -3.87 16.46
C LEU E 86 66.63 -5.32 16.75
N GLU E 87 67.66 -6.13 16.95
CA GLU E 87 67.51 -7.53 17.30
C GLU E 87 67.57 -7.65 18.82
N VAL E 88 66.41 -7.81 19.45
CA VAL E 88 66.33 -8.16 20.86
C VAL E 88 66.67 -9.63 20.99
N GLN E 89 67.75 -9.90 21.76
CA GLN E 89 68.14 -11.22 22.24
C GLN E 89 67.50 -11.48 23.59
N GLY E 90 67.85 -12.63 24.18
CA GLY E 90 67.22 -13.08 25.39
C GLY E 90 65.93 -13.86 25.18
N ARG E 91 65.27 -13.67 24.05
CA ARG E 91 64.13 -14.48 23.67
C ARG E 91 64.63 -15.75 23.01
N GLU E 92 63.84 -16.82 23.13
CA GLU E 92 64.21 -18.06 22.45
C GLU E 92 64.04 -17.93 20.94
N THR E 93 63.12 -17.08 20.51
CA THR E 93 63.06 -16.63 19.13
C THR E 93 63.86 -15.34 19.00
N ARG E 94 63.84 -14.76 17.81
CA ARG E 94 64.39 -13.43 17.64
C ARG E 94 63.28 -12.41 17.86
N LEU E 95 63.62 -11.26 18.43
CA LEU E 95 62.65 -10.17 18.41
C LEU E 95 63.23 -9.01 17.60
N VAL E 96 62.40 -8.40 16.77
CA VAL E 96 62.85 -7.29 15.94
C VAL E 96 62.10 -6.04 16.38
N LEU E 97 62.76 -4.90 16.26
CA LEU E 97 62.20 -3.62 16.64
C LEU E 97 62.37 -2.67 15.47
N GLU E 98 61.29 -2.00 15.09
CA GLU E 98 61.39 -0.91 14.13
C GLU E 98 61.66 0.35 14.94
N VAL E 99 62.90 0.86 14.83
CA VAL E 99 63.30 2.08 15.48
C VAL E 99 62.52 3.26 14.92
N ALA E 100 61.91 4.04 15.80
CA ALA E 100 61.47 5.39 15.55
C ALA E 100 61.99 6.21 16.73
N GLN E 101 61.42 7.41 16.92
CA GLN E 101 61.96 8.58 17.62
C GLN E 101 62.83 8.43 18.88
N HIS E 102 63.78 9.37 19.03
CA HIS E 102 65.08 9.31 19.68
C HIS E 102 65.13 10.03 21.03
N LEU E 103 63.99 10.13 21.71
CA LEU E 103 63.58 11.22 22.60
C LEU E 103 64.63 11.92 23.48
N GLY E 104 65.70 11.25 23.86
CA GLY E 104 66.75 11.91 24.60
C GLY E 104 67.37 10.95 25.58
N GLU E 105 68.64 11.23 25.93
CA GLU E 105 69.52 10.31 26.67
C GLU E 105 69.56 8.97 25.95
N SER E 106 70.21 9.00 24.78
CA SER E 106 69.58 8.72 23.49
C SER E 106 68.51 7.65 23.56
N THR E 107 67.27 7.95 23.16
CA THR E 107 66.19 7.00 23.34
C THR E 107 65.46 6.77 22.03
N VAL E 108 65.54 5.57 21.55
CA VAL E 108 64.72 5.18 20.42
C VAL E 108 63.41 4.66 20.98
N ARG E 109 62.32 5.07 20.37
CA ARG E 109 61.02 4.51 20.70
C ARG E 109 60.71 3.57 19.55
N THR E 110 60.81 2.29 19.82
CA THR E 110 60.70 1.29 18.79
C THR E 110 59.33 0.66 18.88
N ILE E 111 58.90 0.06 17.78
CA ILE E 111 57.70 -0.78 17.78
C ILE E 111 58.12 -2.23 17.59
N ALA E 112 57.63 -3.07 18.48
CA ALA E 112 57.99 -4.47 18.58
C ALA E 112 56.83 -5.27 18.01
N MET E 113 57.20 -6.15 17.06
CA MET E 113 56.49 -6.97 16.08
C MET E 113 56.02 -8.30 16.63
N ASP E 114 56.80 -8.96 17.46
CA ASP E 114 56.29 -10.15 18.10
C ASP E 114 55.72 -9.75 19.46
N GLY E 115 55.01 -10.68 20.09
CA GLY E 115 54.43 -10.40 21.39
C GLY E 115 55.51 -10.20 22.43
N THR E 116 55.34 -9.15 23.24
CA THR E 116 56.33 -8.79 24.25
C THR E 116 55.97 -9.33 25.62
N GLU E 117 55.36 -10.52 25.65
CA GLU E 117 55.24 -11.25 26.90
C GLU E 117 56.62 -11.69 27.34
N GLY E 118 57.17 -11.05 28.37
CA GLY E 118 58.46 -11.47 28.88
C GLY E 118 59.66 -10.70 28.38
N LEU E 119 59.63 -9.37 28.47
CA LEU E 119 60.80 -8.55 28.22
C LEU E 119 61.20 -7.87 29.51
N VAL E 120 62.45 -8.08 29.91
CA VAL E 120 62.96 -7.55 31.17
C VAL E 120 63.42 -6.11 30.96
N ARG E 121 63.14 -5.24 31.94
CA ARG E 121 63.70 -3.90 31.92
C ARG E 121 65.21 -3.97 32.07
N GLY E 122 65.93 -3.52 31.04
CA GLY E 122 67.36 -3.61 31.04
C GLY E 122 67.83 -4.77 30.21
N GLN E 123 67.22 -4.99 29.05
CA GLN E 123 67.76 -6.07 28.22
C GLN E 123 68.69 -5.54 27.15
N LYS E 124 69.49 -6.44 26.61
CA LYS E 124 70.48 -6.08 25.60
C LYS E 124 69.90 -6.29 24.20
N VAL E 125 69.81 -5.22 23.43
CA VAL E 125 69.47 -5.30 22.02
C VAL E 125 70.73 -5.09 21.22
N LEU E 126 70.74 -5.63 20.00
CA LEU E 126 71.77 -5.35 19.02
C LEU E 126 71.22 -4.44 17.94
N ASP E 127 72.09 -3.56 17.46
CA ASP E 127 71.76 -2.55 16.47
C ASP E 127 72.50 -2.88 15.19
N SER E 128 71.74 -3.09 14.12
CA SER E 128 72.27 -3.20 12.77
C SER E 128 71.81 -2.00 11.95
N GLY E 129 72.46 -1.79 10.82
CA GLY E 129 72.16 -0.62 10.01
C GLY E 129 71.07 -0.83 8.99
N ALA E 130 70.12 -1.67 9.30
CA ALA E 130 69.07 -2.08 8.37
C ALA E 130 67.75 -1.40 8.70
N PRO E 131 67.07 -0.83 7.72
CA PRO E 131 65.67 -0.40 7.93
C PRO E 131 64.77 -1.58 8.30
N ILE E 132 64.61 -2.58 7.42
CA ILE E 132 64.69 -3.99 7.82
C ILE E 132 64.98 -4.85 6.58
N ARG E 133 65.97 -5.73 6.65
CA ARG E 133 66.42 -6.45 5.46
C ARG E 133 65.81 -7.84 5.42
N ILE E 134 65.37 -8.25 4.23
CA ILE E 134 64.68 -9.52 4.01
C ILE E 134 65.33 -10.29 2.87
N PRO E 135 65.26 -11.62 2.88
CA PRO E 135 65.72 -12.40 1.74
C PRO E 135 64.79 -12.23 0.56
N VAL E 136 65.35 -11.89 -0.59
CA VAL E 136 64.59 -11.54 -1.77
C VAL E 136 65.33 -12.07 -2.99
N GLY E 137 64.63 -12.83 -3.83
CA GLY E 137 65.20 -13.33 -5.06
C GLY E 137 64.22 -14.17 -5.86
N PRO E 138 64.72 -15.01 -6.77
CA PRO E 138 63.87 -16.04 -7.35
C PRO E 138 63.69 -17.25 -6.46
N GLU E 139 64.46 -17.36 -5.38
CA GLU E 139 64.32 -18.47 -4.46
C GLU E 139 63.09 -18.32 -3.56
N THR E 140 62.69 -17.08 -3.27
CA THR E 140 61.61 -16.82 -2.35
C THR E 140 60.22 -16.95 -3.00
N LEU E 141 60.09 -17.63 -4.14
CA LEU E 141 58.79 -17.71 -4.79
C LEU E 141 57.81 -18.61 -4.07
N GLY E 142 58.03 -19.92 -4.06
CA GLY E 142 57.01 -20.80 -3.55
C GLY E 142 56.86 -20.88 -2.04
N ARG E 143 57.36 -19.87 -1.32
CA ARG E 143 57.56 -19.95 0.12
C ARG E 143 56.91 -18.76 0.79
N ILE E 144 56.28 -19.00 1.94
CA ILE E 144 55.62 -17.95 2.71
C ILE E 144 56.59 -17.40 3.75
N MET E 145 56.87 -16.11 3.66
CA MET E 145 57.71 -15.43 4.63
C MET E 145 56.89 -14.41 5.40
N ASN E 146 57.37 -14.04 6.58
CA ASN E 146 56.79 -12.92 7.29
C ASN E 146 57.82 -11.82 7.47
N VAL E 147 57.28 -10.67 7.92
CA VAL E 147 57.82 -9.32 7.77
C VAL E 147 59.28 -9.18 8.19
N ILE E 148 59.72 -9.96 9.18
CA ILE E 148 61.11 -9.95 9.59
C ILE E 148 62.00 -10.53 8.50
N GLY E 149 61.43 -11.33 7.61
CA GLY E 149 62.16 -12.02 6.60
C GLY E 149 62.24 -13.49 6.81
N GLU E 150 61.36 -14.06 7.62
CA GLU E 150 61.69 -15.46 7.91
C GLU E 150 60.55 -16.38 7.48
N PRO E 151 60.88 -17.59 7.02
CA PRO E 151 59.85 -18.46 6.46
C PRO E 151 58.97 -19.06 7.54
N ILE E 152 57.66 -19.02 7.30
CA ILE E 152 56.72 -19.62 8.23
C ILE E 152 55.96 -20.74 7.54
N ASP E 153 56.59 -21.34 6.52
CA ASP E 153 56.02 -22.50 5.85
C ASP E 153 56.67 -23.81 6.26
N GLU E 154 57.61 -23.78 7.22
CA GLU E 154 58.28 -24.95 7.79
C GLU E 154 59.02 -25.77 6.75
N ARG E 155 59.75 -25.09 5.87
CA ARG E 155 60.51 -25.72 4.81
C ARG E 155 61.97 -25.31 4.84
N GLY E 156 62.54 -25.19 6.03
CA GLY E 156 63.93 -24.81 6.19
C GLY E 156 64.14 -23.34 5.90
N PRO E 157 65.40 -22.92 5.80
CA PRO E 157 65.68 -21.51 5.53
C PRO E 157 65.50 -21.18 4.05
N ILE E 158 65.55 -19.88 3.75
CA ILE E 158 65.50 -19.40 2.38
C ILE E 158 66.94 -19.11 1.95
N LYS E 159 67.45 -19.90 1.02
CA LYS E 159 68.83 -19.77 0.57
C LYS E 159 68.88 -18.80 -0.59
N THR E 160 69.13 -17.53 -0.30
CA THR E 160 69.27 -16.51 -1.32
C THR E 160 70.68 -15.91 -1.24
N LYS E 161 71.00 -15.09 -2.23
CA LYS E 161 72.30 -14.41 -2.31
C LYS E 161 72.22 -12.95 -1.87
N GLN E 162 71.32 -12.18 -2.48
CA GLN E 162 71.17 -10.78 -2.16
C GLN E 162 69.89 -10.55 -1.36
N PHE E 163 69.94 -9.57 -0.47
CA PHE E 163 68.82 -9.20 0.37
C PHE E 163 68.21 -7.91 -0.15
N ALA E 164 67.21 -7.41 0.55
CA ALA E 164 66.61 -6.15 0.17
C ALA E 164 66.12 -5.44 1.40
N ALA E 165 66.22 -4.12 1.40
CA ALA E 165 65.90 -3.31 2.56
C ALA E 165 64.48 -2.79 2.45
N ILE E 166 63.68 -3.07 3.47
CA ILE E 166 62.34 -2.49 3.59
C ILE E 166 62.54 -1.16 4.31
N HIS E 167 62.92 -0.16 3.51
CA HIS E 167 62.31 1.17 3.41
C HIS E 167 63.02 1.88 2.26
N ALA E 168 62.26 2.42 1.32
CA ALA E 168 62.87 3.12 0.19
C ALA E 168 61.95 4.27 -0.20
N GLU E 169 62.48 5.17 -1.01
CA GLU E 169 61.69 6.28 -1.50
C GLU E 169 60.86 5.85 -2.71
N ALA E 170 59.73 6.50 -2.89
CA ALA E 170 59.02 6.40 -4.15
C ALA E 170 59.87 7.06 -5.22
N PRO E 171 60.03 6.44 -6.41
CA PRO E 171 61.27 6.59 -7.20
C PRO E 171 61.67 8.00 -7.62
N GLU E 172 60.88 8.64 -8.50
CA GLU E 172 61.11 9.99 -9.01
C GLU E 172 59.94 10.26 -9.94
N PHE E 173 59.72 11.53 -10.25
CA PHE E 173 58.71 11.89 -11.23
C PHE E 173 59.13 11.51 -12.64
N VAL E 174 60.44 11.54 -12.94
CA VAL E 174 60.90 11.30 -14.30
C VAL E 174 60.83 9.82 -14.66
N GLU E 175 60.66 8.94 -13.70
CA GLU E 175 60.56 7.51 -13.97
C GLU E 175 59.13 7.01 -14.03
N MET E 176 58.14 7.88 -13.84
CA MET E 176 56.75 7.46 -13.89
C MET E 176 56.35 7.11 -15.31
N SER E 177 55.78 5.92 -15.49
CA SER E 177 55.30 5.51 -16.79
C SER E 177 54.02 6.26 -17.14
N VAL E 178 53.64 6.19 -18.41
CA VAL E 178 52.57 7.05 -18.91
C VAL E 178 51.56 6.23 -19.70
N GLU E 179 51.93 5.01 -20.08
CA GLU E 179 51.06 4.19 -20.90
C GLU E 179 49.93 3.60 -20.08
N GLN E 180 48.77 3.45 -20.74
CA GLN E 180 47.56 2.93 -20.10
C GLN E 180 46.92 1.93 -21.05
N GLU E 181 47.08 0.65 -20.77
CA GLU E 181 46.46 -0.40 -21.56
C GLU E 181 45.50 -1.19 -20.70
N ILE E 182 44.33 -1.51 -21.27
CA ILE E 182 43.25 -2.13 -20.53
C ILE E 182 43.61 -3.56 -20.16
N LEU E 183 43.29 -3.95 -18.93
CA LEU E 183 43.37 -5.32 -18.46
C LEU E 183 41.95 -5.85 -18.31
N VAL E 184 41.72 -7.01 -18.95
CA VAL E 184 40.45 -7.71 -18.97
C VAL E 184 40.60 -8.95 -18.12
N THR E 185 39.78 -9.06 -17.07
CA THR E 185 39.90 -10.15 -16.11
C THR E 185 38.86 -11.23 -16.30
N GLY E 186 37.89 -11.05 -17.21
CA GLY E 186 36.85 -12.02 -17.41
C GLY E 186 35.60 -11.80 -16.59
N ILE E 187 35.61 -10.85 -15.68
CA ILE E 187 34.44 -10.52 -14.87
C ILE E 187 33.65 -9.45 -15.60
N LYS E 188 32.33 -9.62 -15.65
CA LYS E 188 31.46 -8.78 -16.46
C LYS E 188 31.46 -7.33 -15.98
N VAL E 189 31.11 -7.11 -14.71
CA VAL E 189 31.00 -5.77 -14.14
C VAL E 189 32.37 -5.09 -14.06
N VAL E 190 33.44 -5.86 -14.01
CA VAL E 190 34.75 -5.26 -14.15
C VAL E 190 34.99 -4.86 -15.59
N ASP E 191 34.74 -5.77 -16.54
CA ASP E 191 35.19 -5.55 -17.90
C ASP E 191 34.42 -4.44 -18.62
N LEU E 192 33.17 -4.17 -18.24
CA LEU E 192 32.57 -3.03 -18.91
C LEU E 192 32.39 -1.81 -18.03
N LEU E 193 32.22 -1.97 -16.72
CA LEU E 193 31.89 -0.82 -15.89
C LEU E 193 33.07 -0.24 -15.12
N ALA E 194 34.13 -1.01 -14.91
CA ALA E 194 35.34 -0.45 -14.28
C ALA E 194 36.57 -1.23 -14.71
N PRO E 195 37.06 -1.07 -15.95
CA PRO E 195 38.06 -2.00 -16.48
C PRO E 195 39.42 -1.80 -15.81
N TYR E 196 40.26 -2.82 -15.90
CA TYR E 196 41.47 -2.68 -15.12
C TYR E 196 42.60 -2.17 -16.00
N ALA E 197 43.77 -1.96 -15.40
CA ALA E 197 44.88 -1.38 -16.12
C ALA E 197 46.14 -2.18 -15.85
N LYS E 198 46.77 -2.68 -16.91
CA LYS E 198 48.06 -3.34 -16.76
C LYS E 198 49.10 -2.29 -16.43
N GLY E 199 49.37 -2.12 -15.13
CA GLY E 199 50.22 -1.03 -14.70
C GLY E 199 49.43 0.05 -14.00
N GLY E 200 48.49 -0.35 -13.15
CA GLY E 200 47.69 0.62 -12.44
C GLY E 200 47.19 0.11 -11.10
N LYS E 201 47.05 1.00 -10.13
CA LYS E 201 46.66 0.61 -8.78
C LYS E 201 45.17 0.30 -8.75
N ILE E 202 44.84 -0.96 -8.90
CA ILE E 202 43.47 -1.46 -8.84
C ILE E 202 43.11 -1.61 -7.37
N GLY E 203 41.96 -1.10 -6.99
CA GLY E 203 41.49 -1.24 -5.62
C GLY E 203 40.05 -1.64 -5.59
N LEU E 204 39.72 -2.57 -4.71
CA LEU E 204 38.35 -3.05 -4.55
C LEU E 204 37.94 -2.86 -3.10
N PHE E 205 36.99 -1.97 -2.85
CA PHE E 205 36.62 -1.69 -1.47
C PHE E 205 35.47 -2.60 -1.08
N GLY E 206 35.14 -2.59 0.21
CA GLY E 206 33.99 -3.32 0.68
C GLY E 206 33.99 -3.37 2.19
N GLY E 207 32.83 -3.71 2.73
CA GLY E 207 32.69 -3.86 4.17
C GLY E 207 33.13 -5.22 4.63
N ALA E 208 32.33 -5.87 5.47
CA ALA E 208 32.62 -7.24 5.90
C ALA E 208 31.48 -8.14 5.46
N GLY E 209 31.80 -9.14 4.66
CA GLY E 209 30.82 -10.04 4.12
C GLY E 209 30.24 -9.63 2.79
N VAL E 210 30.93 -8.75 2.06
CA VAL E 210 30.44 -8.29 0.77
C VAL E 210 31.04 -9.08 -0.38
N GLY E 211 32.18 -9.74 -0.19
CA GLY E 211 32.73 -10.57 -1.23
C GLY E 211 34.08 -10.13 -1.76
N LYS E 212 34.90 -9.47 -0.93
CA LYS E 212 36.22 -9.05 -1.40
C LYS E 212 37.18 -10.23 -1.51
N THR E 213 37.08 -11.19 -0.58
CA THR E 213 38.02 -12.30 -0.59
C THR E 213 37.69 -13.27 -1.72
N VAL E 214 36.41 -13.49 -1.99
CA VAL E 214 36.04 -14.33 -3.13
C VAL E 214 36.41 -13.65 -4.45
N LEU E 215 36.27 -12.32 -4.51
CA LEU E 215 36.70 -11.58 -5.68
C LEU E 215 38.20 -11.64 -5.86
N ILE E 216 38.96 -11.57 -4.76
CA ILE E 216 40.41 -11.60 -4.91
C ILE E 216 40.87 -13.02 -5.24
N MET E 217 40.10 -14.04 -4.83
CA MET E 217 40.38 -15.40 -5.28
C MET E 217 40.13 -15.54 -6.77
N GLU E 218 39.05 -14.94 -7.27
CA GLU E 218 38.76 -14.99 -8.70
C GLU E 218 39.80 -14.24 -9.51
N LEU E 219 40.28 -13.10 -9.01
CA LEU E 219 41.34 -12.39 -9.71
C LEU E 219 42.65 -13.16 -9.66
N ILE E 220 42.99 -13.78 -8.51
CA ILE E 220 44.23 -14.56 -8.40
C ILE E 220 44.22 -15.73 -9.37
N ASN E 221 43.12 -16.50 -9.39
CA ASN E 221 42.91 -17.59 -10.34
C ASN E 221 43.00 -17.09 -11.78
N ASN E 222 42.04 -16.25 -12.17
CA ASN E 222 41.79 -15.88 -13.53
C ASN E 222 42.83 -14.94 -14.12
N VAL E 223 43.75 -14.39 -13.30
CA VAL E 223 44.76 -13.48 -13.79
C VAL E 223 46.17 -14.03 -13.55
N ALA E 224 46.44 -14.53 -12.34
CA ALA E 224 47.73 -15.14 -12.06
C ALA E 224 47.94 -16.44 -12.81
N LYS E 225 46.88 -17.09 -13.31
CA LYS E 225 47.13 -18.17 -14.26
C LYS E 225 47.31 -17.63 -15.68
N ALA E 226 46.71 -16.49 -15.99
CA ALA E 226 46.86 -15.85 -17.30
C ALA E 226 47.95 -14.78 -17.25
N HIS E 227 49.16 -15.23 -16.90
CA HIS E 227 50.27 -14.31 -16.66
C HIS E 227 51.56 -15.11 -16.77
N GLY E 228 52.39 -14.77 -17.75
CA GLY E 228 53.66 -15.46 -17.89
C GLY E 228 54.70 -15.06 -16.86
N GLY E 229 54.57 -13.87 -16.28
CA GLY E 229 55.57 -13.35 -15.37
C GLY E 229 55.45 -13.89 -13.97
N TYR E 230 55.58 -13.02 -12.97
CA TYR E 230 55.52 -13.42 -11.57
C TYR E 230 54.32 -12.78 -10.88
N SER E 231 54.07 -13.24 -9.66
CA SER E 231 53.01 -12.73 -8.84
C SER E 231 53.53 -12.59 -7.42
N VAL E 232 52.95 -11.67 -6.66
CA VAL E 232 53.29 -11.49 -5.25
C VAL E 232 51.99 -11.29 -4.48
N PHE E 233 51.67 -12.21 -3.59
CA PHE E 233 50.55 -11.99 -2.69
C PHE E 233 51.06 -11.40 -1.39
N ALA E 234 50.27 -10.49 -0.82
CA ALA E 234 50.57 -9.88 0.47
C ALA E 234 49.31 -9.95 1.31
N GLY E 235 49.30 -10.87 2.27
CA GLY E 235 48.24 -10.98 3.24
C GLY E 235 48.55 -10.15 4.47
N VAL E 236 48.00 -8.95 4.51
CA VAL E 236 48.33 -7.95 5.50
C VAL E 236 47.20 -7.96 6.53
N GLY E 237 47.34 -8.79 7.56
CA GLY E 237 46.26 -8.90 8.51
C GLY E 237 45.03 -9.55 7.91
N GLU E 238 45.22 -10.60 7.11
CA GLU E 238 44.12 -11.45 6.68
C GLU E 238 44.06 -12.67 7.59
N ARG E 239 42.84 -13.11 7.86
CA ARG E 239 42.62 -14.23 8.75
C ARG E 239 43.22 -15.51 8.19
N THR E 240 43.66 -16.37 9.11
CA THR E 240 44.66 -17.38 8.80
C THR E 240 44.09 -18.51 7.95
N ARG E 241 42.80 -18.82 8.11
CA ARG E 241 42.24 -19.91 7.33
C ARG E 241 42.01 -19.52 5.87
N GLU E 242 41.67 -18.26 5.61
CA GLU E 242 41.49 -17.83 4.22
C GLU E 242 42.82 -17.82 3.48
N GLY E 243 43.89 -17.36 4.15
CA GLY E 243 45.22 -17.47 3.58
C GLY E 243 45.71 -18.89 3.48
N ASN E 244 45.25 -19.77 4.37
CA ASN E 244 45.62 -21.17 4.30
C ASN E 244 44.94 -21.85 3.12
N ASP E 245 43.67 -21.54 2.89
CA ASP E 245 42.97 -22.01 1.70
C ASP E 245 43.60 -21.45 0.44
N LEU E 246 44.11 -20.22 0.51
CA LEU E 246 44.85 -19.65 -0.61
C LEU E 246 46.12 -20.46 -0.90
N TYR E 247 46.88 -20.80 0.15
CA TYR E 247 48.12 -21.55 -0.06
C TYR E 247 47.87 -22.96 -0.56
N HIS E 248 46.86 -23.64 -0.01
CA HIS E 248 46.55 -24.99 -0.49
C HIS E 248 45.94 -24.96 -1.88
N GLU E 249 45.12 -23.96 -2.20
CA GLU E 249 44.57 -23.86 -3.55
C GLU E 249 45.65 -23.52 -4.56
N MET E 250 46.64 -22.72 -4.15
CA MET E 250 47.77 -22.42 -5.02
C MET E 250 48.63 -23.65 -5.28
N ILE E 251 48.86 -24.47 -4.25
CA ILE E 251 49.59 -25.72 -4.44
C ILE E 251 48.83 -26.66 -5.36
N GLU E 252 47.53 -26.81 -5.13
CA GLU E 252 46.76 -27.78 -5.90
C GLU E 252 46.45 -27.30 -7.31
N SER E 253 46.46 -25.99 -7.56
CA SER E 253 46.32 -25.47 -8.90
C SER E 253 47.65 -25.44 -9.65
N GLY E 254 48.77 -25.44 -8.93
CA GLY E 254 50.05 -25.59 -9.56
C GLY E 254 50.83 -24.32 -9.75
N VAL E 255 50.33 -23.20 -9.24
CA VAL E 255 51.08 -21.95 -9.33
C VAL E 255 52.22 -21.95 -8.30
N ILE E 256 52.08 -22.70 -7.21
CA ILE E 256 53.19 -23.04 -6.34
C ILE E 256 53.58 -24.49 -6.62
N ASN E 257 54.86 -24.71 -6.91
CA ASN E 257 55.37 -26.05 -7.15
C ASN E 257 56.34 -26.41 -6.03
N LEU E 258 55.98 -27.42 -5.24
CA LEU E 258 56.74 -27.80 -4.07
C LEU E 258 57.92 -28.71 -4.39
N LYS E 259 58.15 -29.02 -5.68
CA LYS E 259 59.19 -29.95 -6.06
C LYS E 259 60.41 -29.28 -6.67
N ASP E 260 60.24 -28.16 -7.36
CA ASP E 260 61.35 -27.48 -8.01
C ASP E 260 61.05 -25.98 -8.05
N ALA E 261 61.75 -25.26 -8.91
CA ALA E 261 61.67 -23.80 -8.97
C ALA E 261 60.74 -23.30 -10.06
N THR E 262 59.64 -24.01 -10.30
CA THR E 262 58.70 -23.63 -11.37
C THR E 262 57.47 -22.96 -10.77
N SER E 263 57.68 -22.13 -9.77
CA SER E 263 56.60 -21.36 -9.17
C SER E 263 56.63 -19.94 -9.72
N LYS E 264 55.48 -19.25 -9.62
CA LYS E 264 55.41 -17.88 -10.12
C LYS E 264 54.61 -16.96 -9.21
N VAL E 265 54.34 -17.35 -7.97
CA VAL E 265 53.77 -16.44 -6.99
C VAL E 265 54.63 -16.51 -5.74
N ALA E 266 54.92 -15.35 -5.17
CA ALA E 266 55.68 -15.20 -3.94
C ALA E 266 54.76 -14.67 -2.86
N LEU E 267 54.65 -15.39 -1.77
CA LEU E 267 53.67 -15.10 -0.74
C LEU E 267 54.33 -14.47 0.47
N VAL E 268 53.82 -13.32 0.88
CA VAL E 268 54.22 -12.67 2.12
C VAL E 268 52.98 -12.53 2.96
N TYR E 269 52.97 -13.15 4.13
CA TYR E 269 51.74 -13.28 4.90
C TYR E 269 52.03 -12.93 6.36
N GLY E 270 51.46 -11.83 6.83
CA GLY E 270 51.45 -11.49 8.24
C GLY E 270 50.03 -11.67 8.77
N GLN E 271 49.91 -12.50 9.81
CA GLN E 271 48.62 -12.87 10.37
C GLN E 271 47.94 -11.66 11.03
N MET E 272 46.65 -11.81 11.29
CA MET E 272 45.87 -10.70 11.84
C MET E 272 46.06 -10.57 13.35
N ASN E 273 46.72 -11.54 14.00
CA ASN E 273 46.93 -11.47 15.45
C ASN E 273 48.37 -11.16 15.81
N GLU E 274 49.03 -10.34 15.03
CA GLU E 274 50.38 -9.94 15.39
C GLU E 274 50.38 -8.49 15.87
N PRO E 275 51.37 -8.11 16.69
CA PRO E 275 51.48 -6.72 17.13
C PRO E 275 51.62 -5.78 15.97
N PRO E 276 51.22 -4.50 16.13
CA PRO E 276 50.99 -3.60 14.99
C PRO E 276 52.22 -3.28 14.17
N GLY E 277 53.43 -3.41 14.73
CA GLY E 277 54.62 -3.31 13.92
C GLY E 277 54.78 -4.43 12.93
N ALA E 278 54.20 -5.59 13.20
CA ALA E 278 54.23 -6.71 12.27
C ALA E 278 53.05 -6.72 11.33
N ARG E 279 52.03 -5.90 11.60
CA ARG E 279 50.85 -5.89 10.77
C ARG E 279 50.80 -4.63 9.91
N ALA E 280 51.60 -3.62 10.21
CA ALA E 280 51.77 -2.50 9.30
C ALA E 280 52.87 -2.77 8.28
N ARG E 281 54.02 -3.26 8.74
CA ARG E 281 55.18 -3.34 7.87
C ARG E 281 55.17 -4.55 6.94
N VAL E 282 54.20 -5.46 7.07
CA VAL E 282 54.17 -6.64 6.21
C VAL E 282 53.70 -6.29 4.80
N ALA E 283 52.85 -5.25 4.68
CA ALA E 283 52.52 -4.69 3.38
C ALA E 283 53.76 -4.15 2.69
N LEU E 284 54.65 -3.53 3.46
CA LEU E 284 55.89 -3.01 2.92
C LEU E 284 56.84 -4.14 2.50
N THR E 285 56.73 -5.31 3.16
CA THR E 285 57.50 -6.47 2.73
C THR E 285 57.04 -6.98 1.38
N GLY E 286 55.71 -7.06 1.20
CA GLY E 286 55.17 -7.37 -0.11
C GLY E 286 55.57 -6.37 -1.18
N LEU E 287 55.62 -5.09 -0.81
CA LEU E 287 56.08 -4.06 -1.74
C LEU E 287 57.54 -4.26 -2.11
N THR E 288 58.37 -4.67 -1.15
CA THR E 288 59.79 -4.81 -1.43
C THR E 288 60.06 -5.99 -2.34
N VAL E 289 59.38 -7.12 -2.10
CA VAL E 289 59.52 -8.30 -2.96
C VAL E 289 59.03 -7.99 -4.37
N ALA E 290 57.86 -7.36 -4.49
CA ALA E 290 57.37 -7.04 -5.81
C ALA E 290 58.10 -5.89 -6.47
N GLU E 291 58.84 -5.07 -5.71
CA GLU E 291 59.72 -4.11 -6.34
C GLU E 291 60.93 -4.77 -6.94
N TYR E 292 61.51 -5.75 -6.25
CA TYR E 292 62.62 -6.49 -6.84
C TYR E 292 62.20 -7.26 -8.08
N PHE E 293 60.99 -7.80 -8.10
CA PHE E 293 60.54 -8.42 -9.33
C PHE E 293 60.19 -7.41 -10.42
N ARG E 294 60.25 -6.12 -10.13
CA ARG E 294 60.01 -5.06 -11.09
C ARG E 294 61.25 -4.22 -11.36
N ASP E 295 62.11 -4.01 -10.35
CA ASP E 295 63.26 -3.12 -10.51
C ASP E 295 64.30 -3.73 -11.45
N GLN E 296 64.89 -4.85 -11.03
CA GLN E 296 66.02 -5.40 -11.77
C GLN E 296 65.81 -6.85 -12.19
N GLU E 297 64.61 -7.38 -12.07
CA GLU E 297 64.30 -8.62 -12.76
C GLU E 297 63.92 -8.33 -14.21
N GLY E 298 63.24 -7.22 -14.45
CA GLY E 298 62.79 -6.87 -15.79
C GLY E 298 61.60 -7.72 -16.21
N GLN E 299 60.52 -7.66 -15.43
CA GLN E 299 59.40 -8.56 -15.63
C GLN E 299 58.11 -7.84 -15.27
N ASP E 300 57.05 -8.12 -16.02
CA ASP E 300 55.72 -7.67 -15.66
C ASP E 300 55.26 -8.45 -14.44
N VAL E 301 55.07 -7.75 -13.32
CA VAL E 301 54.75 -8.38 -12.05
C VAL E 301 53.48 -7.77 -11.50
N LEU E 302 52.67 -8.59 -10.85
CA LEU E 302 51.44 -8.14 -10.22
C LEU E 302 51.44 -8.54 -8.77
N LEU E 303 50.96 -7.62 -7.95
CA LEU E 303 50.94 -7.74 -6.49
C LEU E 303 49.51 -7.59 -5.99
N PHE E 304 49.08 -8.57 -5.21
CA PHE E 304 47.75 -8.62 -4.61
C PHE E 304 47.91 -8.32 -3.13
N ILE E 305 47.69 -7.07 -2.73
CA ILE E 305 47.68 -6.75 -1.31
C ILE E 305 46.23 -6.85 -0.85
N ASP E 306 45.92 -7.90 -0.14
CA ASP E 306 44.71 -7.98 0.67
C ASP E 306 45.18 -7.82 2.11
N ASN E 307 44.77 -6.77 2.81
CA ASN E 307 43.57 -6.01 2.88
C ASN E 307 44.15 -4.75 3.53
N ILE E 308 44.42 -3.68 2.79
CA ILE E 308 45.09 -2.56 3.47
C ILE E 308 44.08 -1.67 4.17
N PHE E 309 43.64 -2.16 5.31
CA PHE E 309 43.07 -1.37 6.38
C PHE E 309 43.63 -1.81 7.71
N ARG E 310 44.22 -3.01 7.78
CA ARG E 310 45.03 -3.40 8.92
C ARG E 310 46.28 -2.55 9.04
N PHE E 311 46.78 -2.03 7.92
CA PHE E 311 47.88 -1.08 7.94
C PHE E 311 47.51 0.18 8.72
N THR E 312 46.34 0.73 8.44
CA THR E 312 45.91 1.95 9.11
C THR E 312 45.47 1.66 10.55
N GLN E 313 44.86 0.49 10.79
CA GLN E 313 44.57 0.09 12.17
C GLN E 313 45.84 -0.06 12.98
N ALA E 314 46.88 -0.67 12.40
CA ALA E 314 48.15 -0.84 13.10
C ALA E 314 48.80 0.51 13.40
N GLY E 315 48.75 1.43 12.43
CA GLY E 315 49.26 2.77 12.66
C GLY E 315 48.50 3.51 13.74
N SER E 316 47.18 3.34 13.80
CA SER E 316 46.39 4.00 14.84
C SER E 316 46.67 3.40 16.21
N GLU E 317 46.98 2.10 16.27
CA GLU E 317 47.27 1.47 17.55
C GLU E 317 48.64 1.91 18.09
N VAL E 318 49.66 1.96 17.23
CA VAL E 318 50.94 2.45 17.73
C VAL E 318 50.87 3.94 18.02
N SER E 319 50.11 4.72 17.25
CA SER E 319 50.02 6.15 17.50
C SER E 319 49.25 6.45 18.76
N ALA E 320 48.33 5.57 19.14
CA ALA E 320 47.79 5.63 20.49
C ALA E 320 48.90 5.39 21.50
N LEU E 321 49.77 4.40 21.25
CA LEU E 321 50.77 4.08 22.26
C LEU E 321 52.09 4.87 22.13
N LEU E 322 52.41 5.42 20.95
CA LEU E 322 53.69 6.13 20.79
C LEU E 322 53.72 7.46 21.51
N GLY E 323 52.56 8.08 21.72
CA GLY E 323 52.55 9.41 22.27
C GLY E 323 52.30 10.46 21.20
N ARG E 324 51.32 10.21 20.34
CA ARG E 324 50.87 11.20 19.38
C ARG E 324 49.39 11.48 19.59
N ILE E 325 49.02 12.74 19.42
CA ILE E 325 47.64 13.21 19.60
C ILE E 325 46.74 12.54 18.59
N PRO E 326 45.57 12.03 18.97
CA PRO E 326 44.66 11.45 17.97
C PRO E 326 44.10 12.51 17.05
N SER E 327 44.08 12.17 15.77
CA SER E 327 43.60 12.99 14.67
C SER E 327 42.08 12.94 14.58
N ALA E 328 41.53 13.19 13.39
CA ALA E 328 40.15 12.83 13.06
C ALA E 328 39.96 11.32 13.19
N VAL E 329 38.77 10.77 12.91
CA VAL E 329 38.01 9.84 13.75
C VAL E 329 38.74 9.12 14.91
N GLY E 330 40.04 8.90 14.82
CA GLY E 330 40.79 8.30 15.91
C GLY E 330 42.07 7.68 15.41
N TYR E 331 42.30 7.84 14.11
CA TYR E 331 43.51 7.35 13.47
C TYR E 331 44.67 8.31 13.73
N GLN E 332 45.84 7.94 13.21
CA GLN E 332 47.03 8.72 13.42
C GLN E 332 46.99 10.00 12.59
N PRO E 333 47.75 11.03 13.00
CA PRO E 333 47.86 12.21 12.14
C PRO E 333 48.65 11.94 10.88
N THR E 334 49.54 10.94 10.90
CA THR E 334 50.38 10.61 9.78
C THR E 334 49.75 9.59 8.84
N LEU E 335 48.42 9.56 8.79
CA LEU E 335 47.70 8.62 7.93
C LEU E 335 48.01 8.87 6.47
N ALA E 336 47.73 10.08 5.99
CA ALA E 336 47.87 10.39 4.59
C ALA E 336 49.33 10.35 4.14
N THR E 337 50.25 10.76 5.02
CA THR E 337 51.66 10.74 4.67
C THR E 337 52.22 9.32 4.64
N ASP E 338 51.90 8.51 5.65
CA ASP E 338 52.42 7.14 5.70
C ASP E 338 51.83 6.29 4.58
N MET E 339 50.52 6.40 4.35
CA MET E 339 49.96 5.64 3.26
C MET E 339 50.33 6.25 1.92
N GLY E 340 50.69 7.53 1.86
CA GLY E 340 51.21 8.08 0.63
C GLY E 340 52.56 7.50 0.27
N THR E 341 53.41 7.28 1.27
CA THR E 341 54.68 6.61 1.03
C THR E 341 54.47 5.17 0.57
N MET E 342 53.66 4.41 1.30
CA MET E 342 53.52 3.00 0.93
C MET E 342 52.54 2.76 -0.21
N GLN E 343 51.89 3.79 -0.75
CA GLN E 343 51.13 3.61 -1.98
C GLN E 343 51.75 4.31 -3.18
N GLU E 344 52.77 5.13 -2.98
CA GLU E 344 53.52 5.66 -4.10
C GLU E 344 54.81 4.90 -4.34
N ARG E 345 55.22 4.05 -3.39
CA ARG E 345 56.23 3.06 -3.74
C ARG E 345 55.70 2.04 -4.73
N ILE E 346 54.40 1.74 -4.68
CA ILE E 346 53.81 0.68 -5.51
C ILE E 346 53.13 1.35 -6.70
N THR E 347 53.92 1.51 -7.76
CA THR E 347 53.42 2.03 -9.03
C THR E 347 54.37 1.56 -10.11
N THR E 348 53.85 1.48 -11.33
CA THR E 348 54.71 1.10 -12.44
C THR E 348 55.64 2.23 -12.82
N THR E 349 56.87 1.87 -13.16
CA THR E 349 57.92 2.80 -13.51
C THR E 349 58.37 2.52 -14.94
N LYS E 350 59.36 3.29 -15.38
CA LYS E 350 59.92 3.05 -16.70
C LYS E 350 60.80 1.80 -16.76
N LYS E 351 61.26 1.30 -15.62
CA LYS E 351 62.11 0.11 -15.65
C LYS E 351 61.27 -1.16 -15.78
N GLY E 352 60.14 -1.21 -15.09
CA GLY E 352 59.31 -2.41 -15.10
C GLY E 352 57.86 -2.05 -14.88
N SER E 353 57.00 -3.03 -15.19
CA SER E 353 55.56 -2.84 -15.10
C SER E 353 55.00 -3.68 -13.98
N ILE E 354 54.32 -3.02 -13.05
CA ILE E 354 53.78 -3.69 -11.86
C ILE E 354 52.35 -3.23 -11.65
N THR E 355 51.45 -4.19 -11.52
CA THR E 355 50.04 -3.92 -11.35
C THR E 355 49.55 -4.50 -10.05
N SER E 356 48.84 -3.69 -9.27
CA SER E 356 48.61 -3.94 -7.86
C SER E 356 47.13 -3.96 -7.57
N VAL E 357 46.59 -5.12 -7.29
CA VAL E 357 45.20 -5.24 -6.88
C VAL E 357 45.15 -5.25 -5.36
N GLN E 358 44.33 -4.36 -4.79
CA GLN E 358 44.34 -4.11 -3.37
C GLN E 358 42.95 -4.34 -2.79
N ALA E 359 42.83 -5.34 -1.92
CA ALA E 359 41.64 -5.58 -1.15
C ALA E 359 41.74 -4.81 0.16
N ILE E 360 40.79 -3.87 0.30
CA ILE E 360 40.83 -2.68 1.14
C ILE E 360 39.54 -2.64 1.94
N TYR E 361 39.61 -2.90 3.23
CA TYR E 361 38.43 -2.98 4.08
C TYR E 361 37.90 -1.59 4.42
N VAL E 362 36.58 -1.45 4.45
CA VAL E 362 35.98 -0.25 5.02
C VAL E 362 35.19 -0.68 6.25
N PRO E 363 35.15 0.11 7.31
CA PRO E 363 34.46 -0.32 8.54
C PRO E 363 32.95 -0.09 8.48
N ALA E 364 32.20 -1.19 8.40
CA ALA E 364 30.74 -1.21 8.45
C ALA E 364 30.08 -0.36 7.37
N ASP E 365 30.68 -0.42 6.16
CA ASP E 365 30.20 0.29 4.95
C ASP E 365 30.15 1.80 5.18
N ASP E 366 31.28 2.36 5.57
CA ASP E 366 31.39 3.80 5.83
C ASP E 366 32.51 4.33 4.94
N LEU E 367 32.14 4.81 3.76
CA LEU E 367 33.12 5.26 2.77
C LEU E 367 33.70 6.63 3.10
N THR E 368 33.16 7.32 4.09
CA THR E 368 33.64 8.63 4.51
C THR E 368 34.58 8.55 5.70
N ASP E 369 34.92 7.34 6.12
CA ASP E 369 36.10 7.13 6.95
C ASP E 369 37.31 7.69 6.20
N PRO E 370 38.19 8.47 6.86
CA PRO E 370 39.31 9.09 6.12
C PRO E 370 40.33 8.14 5.51
N ALA E 371 40.52 6.95 6.07
CA ALA E 371 41.50 6.06 5.45
C ALA E 371 40.98 5.45 4.14
N PRO E 372 39.72 5.01 4.00
CA PRO E 372 39.23 4.71 2.65
C PRO E 372 39.16 5.90 1.71
N ALA E 373 38.94 7.11 2.22
CA ALA E 373 38.90 8.27 1.32
C ALA E 373 40.28 8.58 0.75
N THR E 374 41.31 8.53 1.59
CA THR E 374 42.66 8.74 1.07
C THR E 374 43.10 7.57 0.20
N THR E 375 42.59 6.37 0.49
CA THR E 375 42.87 5.22 -0.37
C THR E 375 42.23 5.40 -1.74
N PHE E 376 41.01 5.96 -1.79
CA PHE E 376 40.43 6.37 -3.07
C PHE E 376 41.32 7.35 -3.79
N ALA E 377 41.91 8.29 -3.05
CA ALA E 377 42.79 9.27 -3.66
C ALA E 377 44.06 8.64 -4.24
N HIS E 378 44.45 7.46 -3.79
CA HIS E 378 45.65 6.83 -4.33
C HIS E 378 45.42 5.88 -5.50
N LEU E 379 44.18 5.49 -5.79
CA LEU E 379 43.97 4.41 -6.76
C LEU E 379 43.97 4.92 -8.19
N ASP E 380 43.76 3.98 -9.11
CA ASP E 380 43.51 4.26 -10.52
C ASP E 380 42.16 3.75 -11.01
N ALA E 381 41.71 2.59 -10.53
CA ALA E 381 40.43 2.05 -10.97
C ALA E 381 39.86 1.23 -9.81
N THR E 382 39.00 1.85 -9.01
CA THR E 382 38.43 1.16 -7.87
C THR E 382 37.19 0.37 -8.27
N THR E 383 36.62 -0.34 -7.30
CA THR E 383 35.44 -1.16 -7.52
C THR E 383 34.73 -1.25 -6.18
N VAL E 384 33.52 -0.67 -6.04
CA VAL E 384 32.96 -0.71 -4.70
C VAL E 384 32.26 -2.05 -4.55
N LEU E 385 32.45 -2.72 -3.44
CA LEU E 385 31.74 -3.97 -3.20
C LEU E 385 30.76 -3.68 -2.08
N SER E 386 29.60 -3.18 -2.45
CA SER E 386 28.51 -3.00 -1.52
C SER E 386 27.95 -4.34 -1.08
N ARG E 387 27.09 -4.22 -0.06
CA ARG E 387 26.31 -5.26 0.61
C ARG E 387 24.84 -5.26 0.18
N ALA E 388 24.30 -4.09 -0.16
CA ALA E 388 22.86 -3.94 -0.43
C ALA E 388 22.43 -4.74 -1.64
N ILE E 389 23.32 -4.90 -2.63
CA ILE E 389 22.98 -5.67 -3.82
C ILE E 389 23.13 -7.17 -3.56
N ALA E 390 23.61 -7.56 -2.39
CA ALA E 390 23.62 -8.94 -1.94
C ALA E 390 22.48 -9.23 -1.00
N GLU E 391 22.00 -8.20 -0.30
CA GLU E 391 20.64 -8.25 0.23
C GLU E 391 19.63 -8.41 -0.90
N LEU E 392 19.89 -7.80 -2.06
CA LEU E 392 19.20 -8.19 -3.28
C LEU E 392 19.54 -9.64 -3.65
N GLY E 393 20.84 -9.95 -3.74
CA GLY E 393 21.25 -11.30 -4.06
C GLY E 393 22.31 -11.40 -5.14
N ILE E 394 22.65 -10.26 -5.72
CA ILE E 394 23.72 -10.20 -6.72
C ILE E 394 25.06 -10.34 -6.03
N TYR E 395 25.90 -11.26 -6.49
CA TYR E 395 27.20 -11.38 -5.86
C TYR E 395 28.32 -11.16 -6.88
N PRO E 396 29.39 -10.44 -6.50
CA PRO E 396 29.66 -9.69 -5.25
C PRO E 396 28.85 -8.40 -5.29
N ALA E 397 28.48 -7.69 -4.19
CA ALA E 397 27.39 -6.76 -4.40
C ALA E 397 27.95 -5.45 -4.94
N VAL E 398 28.45 -5.54 -6.17
CA VAL E 398 29.36 -4.56 -6.71
C VAL E 398 28.59 -3.30 -7.06
N ASP E 399 29.08 -2.17 -6.56
CA ASP E 399 28.60 -0.88 -6.96
C ASP E 399 29.53 -0.40 -8.07
N PRO E 400 29.02 -0.29 -9.31
CA PRO E 400 29.69 0.46 -10.37
C PRO E 400 29.25 1.91 -10.45
N LEU E 401 28.15 2.24 -9.77
CA LEU E 401 27.65 3.60 -9.63
C LEU E 401 28.46 4.38 -8.61
N ASP E 402 29.38 3.70 -7.92
CA ASP E 402 30.35 4.35 -7.06
C ASP E 402 31.76 3.98 -7.48
N SER E 403 31.92 3.08 -8.46
CA SER E 403 33.23 2.69 -8.96
C SER E 403 33.77 3.71 -9.95
N THR E 404 35.09 3.72 -10.10
CA THR E 404 35.78 4.69 -10.94
C THR E 404 36.58 3.95 -12.00
N SER E 405 37.22 4.73 -12.87
CA SER E 405 38.22 4.22 -13.81
C SER E 405 39.01 5.38 -14.38
N ARG E 406 40.32 5.26 -14.34
CA ARG E 406 41.15 6.13 -15.17
C ARG E 406 41.20 5.63 -16.59
N ILE E 407 40.95 4.33 -16.79
CA ILE E 407 41.12 3.72 -18.10
C ILE E 407 39.94 3.97 -19.02
N MET E 408 38.79 4.38 -18.49
CA MET E 408 37.57 4.44 -19.29
C MET E 408 37.48 5.79 -19.98
N ASP E 409 37.97 5.85 -21.22
CA ASP E 409 37.89 7.03 -22.04
C ASP E 409 37.63 6.55 -23.46
N PRO E 410 36.90 7.30 -24.28
CA PRO E 410 36.58 6.84 -25.64
C PRO E 410 37.78 6.58 -26.54
N ASN E 411 38.95 7.15 -26.27
CA ASN E 411 40.10 6.78 -27.08
C ASN E 411 40.82 5.54 -26.55
N ILE E 412 40.78 5.31 -25.24
CA ILE E 412 41.53 4.19 -24.67
C ILE E 412 40.85 2.86 -24.97
N VAL E 413 39.58 2.74 -24.59
CA VAL E 413 38.88 1.46 -24.71
C VAL E 413 38.10 1.37 -26.02
N GLY E 414 37.48 2.46 -26.42
CA GLY E 414 36.68 2.51 -27.62
C GLY E 414 35.47 3.38 -27.39
N SER E 415 34.72 3.60 -28.47
CA SER E 415 33.47 4.33 -28.33
C SER E 415 32.29 3.41 -28.04
N GLU E 416 32.34 2.18 -28.55
CA GLU E 416 31.27 1.22 -28.33
C GLU E 416 31.20 0.79 -26.88
N HIS E 417 32.34 0.39 -26.32
CA HIS E 417 32.45 -0.01 -24.92
C HIS E 417 32.09 1.13 -23.98
N TYR E 418 32.58 2.35 -24.28
CA TYR E 418 32.30 3.51 -23.46
C TYR E 418 30.82 3.87 -23.49
N ASP E 419 30.19 3.79 -24.66
CA ASP E 419 28.80 4.18 -24.76
C ASP E 419 27.87 3.14 -24.12
N VAL E 420 28.21 1.86 -24.22
CA VAL E 420 27.36 0.89 -23.54
C VAL E 420 27.58 0.93 -22.02
N ALA E 421 28.79 1.29 -21.57
CA ALA E 421 29.03 1.43 -20.14
C ALA E 421 28.28 2.61 -19.56
N ARG E 422 28.33 3.76 -20.25
CA ARG E 422 27.58 4.91 -19.78
C ARG E 422 26.09 4.73 -19.93
N GLY E 423 25.64 3.91 -20.89
CA GLY E 423 24.22 3.58 -20.96
C GLY E 423 23.75 2.72 -19.80
N VAL E 424 24.56 1.73 -19.40
CA VAL E 424 24.23 0.90 -18.25
C VAL E 424 24.22 1.73 -16.97
N GLN E 425 25.22 2.60 -16.79
CA GLN E 425 25.25 3.46 -15.61
C GLN E 425 24.10 4.48 -15.61
N LYS E 426 23.73 4.98 -16.79
CA LYS E 426 22.63 5.92 -16.88
C LYS E 426 21.29 5.26 -16.56
N ILE E 427 21.09 4.04 -17.03
CA ILE E 427 19.82 3.38 -16.76
C ILE E 427 19.76 2.79 -15.36
N LEU E 428 20.91 2.52 -14.72
CA LEU E 428 20.86 2.09 -13.33
C LEU E 428 20.73 3.25 -12.38
N GLN E 429 21.27 4.42 -12.73
CA GLN E 429 21.11 5.58 -11.85
C GLN E 429 19.68 6.12 -11.92
N ASP E 430 19.08 6.08 -13.11
CA ASP E 430 17.68 6.50 -13.24
C ASP E 430 16.74 5.55 -12.53
N TYR E 431 17.09 4.26 -12.47
CA TYR E 431 16.30 3.25 -11.78
C TYR E 431 16.19 3.51 -10.28
N LYS E 432 17.09 4.29 -9.69
CA LYS E 432 17.01 4.56 -8.26
C LYS E 432 15.89 5.56 -7.94
N SER E 433 15.89 6.70 -8.62
CA SER E 433 14.84 7.69 -8.41
C SER E 433 13.49 7.19 -8.88
N LEU E 434 13.48 6.46 -10.00
CA LEU E 434 12.26 5.82 -10.49
C LEU E 434 11.77 4.75 -9.52
N GLN E 435 12.69 4.06 -8.85
CA GLN E 435 12.29 3.07 -7.86
C GLN E 435 11.72 3.74 -6.61
N ASP E 436 12.23 4.91 -6.27
CA ASP E 436 11.66 5.67 -5.17
C ASP E 436 10.30 6.26 -5.54
N ILE E 437 10.06 6.48 -6.84
CA ILE E 437 8.70 6.80 -7.32
C ILE E 437 7.80 5.60 -7.17
N ILE E 438 8.32 4.40 -7.49
CA ILE E 438 7.57 3.15 -7.34
C ILE E 438 7.18 2.90 -5.87
N ALA E 439 8.07 3.25 -4.94
CA ALA E 439 7.98 2.80 -3.56
C ALA E 439 6.77 3.32 -2.80
N ILE E 440 6.09 4.36 -3.29
CA ILE E 440 4.87 4.85 -2.66
C ILE E 440 3.61 4.31 -3.34
N LEU E 441 3.55 4.31 -4.66
CA LEU E 441 2.33 3.93 -5.36
C LEU E 441 2.42 2.57 -6.04
N GLY E 442 3.57 2.20 -6.58
CA GLY E 442 3.71 0.90 -7.21
C GLY E 442 4.00 0.96 -8.69
N MET E 443 3.74 -0.13 -9.40
CA MET E 443 3.99 -0.22 -10.82
C MET E 443 2.83 0.28 -11.65
N ASP E 444 1.83 0.90 -11.04
CA ASP E 444 0.62 1.29 -11.76
C ASP E 444 0.85 2.52 -12.64
N GLU E 445 1.16 3.65 -12.03
CA GLU E 445 1.40 4.90 -12.76
C GLU E 445 2.90 5.16 -12.79
N LEU E 446 3.57 4.68 -13.85
CA LEU E 446 4.88 5.23 -14.19
C LEU E 446 4.86 5.83 -15.60
N SER E 447 4.76 4.98 -16.64
CA SER E 447 4.33 5.23 -18.01
C SER E 447 4.45 3.89 -18.72
N GLU E 448 4.20 3.86 -20.02
CA GLU E 448 4.69 2.76 -20.83
C GLU E 448 6.21 2.71 -20.81
N GLU E 449 6.87 3.80 -21.22
CA GLU E 449 8.32 3.84 -21.34
C GLU E 449 9.00 3.81 -19.97
N ASP E 450 8.36 4.36 -18.95
CA ASP E 450 8.97 4.38 -17.61
C ASP E 450 9.00 2.99 -16.99
N LYS E 451 7.89 2.24 -17.09
CA LYS E 451 7.88 0.85 -16.65
C LYS E 451 8.81 0.00 -17.50
N LEU E 452 8.90 0.33 -18.79
CA LEU E 452 9.81 -0.38 -19.69
C LEU E 452 11.27 -0.20 -19.29
N THR E 453 11.67 1.03 -18.94
CA THR E 453 13.07 1.24 -18.56
C THR E 453 13.34 0.75 -17.14
N VAL E 454 12.33 0.69 -16.27
CA VAL E 454 12.50 0.06 -14.97
C VAL E 454 12.77 -1.43 -15.13
N SER E 455 11.98 -2.12 -15.96
CA SER E 455 12.20 -3.54 -16.17
C SER E 455 13.51 -3.83 -16.91
N ARG E 456 13.87 -2.96 -17.86
CA ARG E 456 15.14 -3.10 -18.58
C ARG E 456 16.33 -2.92 -17.65
N ALA E 457 16.28 -1.91 -16.77
CA ALA E 457 17.37 -1.68 -15.83
C ALA E 457 17.49 -2.77 -14.80
N ARG E 458 16.34 -3.29 -14.33
CA ARG E 458 16.35 -4.42 -13.41
C ARG E 458 16.93 -5.66 -14.07
N LYS E 459 16.65 -5.84 -15.36
CA LYS E 459 17.19 -6.97 -16.11
C LYS E 459 18.69 -6.85 -16.30
N ILE E 460 19.18 -5.63 -16.54
CA ILE E 460 20.62 -5.39 -16.62
C ILE E 460 21.29 -5.68 -15.28
N GLN E 461 20.71 -5.18 -14.18
CA GLN E 461 21.29 -5.38 -12.85
C GLN E 461 21.32 -6.83 -12.45
N ARG E 462 20.34 -7.63 -12.88
CA ARG E 462 20.44 -9.07 -12.71
C ARG E 462 21.49 -9.67 -13.64
N PHE E 463 21.71 -9.07 -14.81
CA PHE E 463 22.72 -9.59 -15.72
C PHE E 463 24.14 -9.27 -15.25
N LEU E 464 24.32 -8.31 -14.34
CA LEU E 464 25.66 -8.02 -13.83
C LEU E 464 26.23 -9.16 -12.99
N SER E 465 25.39 -10.02 -12.42
CA SER E 465 25.90 -11.13 -11.63
C SER E 465 26.54 -12.18 -12.53
N GLN E 466 27.58 -12.83 -12.00
CA GLN E 466 28.39 -13.73 -12.79
C GLN E 466 28.95 -14.80 -11.88
N PRO E 467 28.77 -16.09 -12.19
CA PRO E 467 29.23 -17.15 -11.28
C PRO E 467 30.74 -17.31 -11.33
N PHE E 468 31.38 -17.11 -10.19
CA PHE E 468 32.82 -17.27 -10.13
C PHE E 468 33.19 -18.74 -10.09
N GLN E 469 34.33 -19.06 -10.70
CA GLN E 469 34.81 -20.43 -10.71
C GLN E 469 35.29 -20.85 -9.33
N VAL E 470 35.84 -19.91 -8.56
CA VAL E 470 36.29 -20.21 -7.20
C VAL E 470 35.13 -20.26 -6.22
N ALA E 471 33.96 -19.75 -6.60
CA ALA E 471 32.78 -19.75 -5.75
C ALA E 471 31.72 -20.71 -6.28
N GLU E 472 32.15 -21.88 -6.74
CA GLU E 472 31.21 -22.92 -7.14
C GLU E 472 30.67 -23.71 -5.97
N VAL E 473 31.03 -23.34 -4.74
CA VAL E 473 30.52 -24.01 -3.55
C VAL E 473 29.54 -23.16 -2.77
N PHE E 474 29.47 -21.85 -3.02
CA PHE E 474 28.52 -21.01 -2.31
C PHE E 474 27.15 -21.05 -2.96
N THR E 475 27.11 -21.06 -4.29
CA THR E 475 25.86 -21.15 -5.03
C THR E 475 25.65 -22.49 -5.70
N GLY E 476 26.71 -23.29 -5.89
CA GLY E 476 26.61 -24.56 -6.58
C GLY E 476 26.84 -24.51 -8.07
N HIS E 477 26.64 -23.35 -8.70
CA HIS E 477 26.83 -23.23 -10.15
C HIS E 477 28.31 -23.29 -10.49
N LEU E 478 28.60 -23.86 -11.68
CA LEU E 478 29.97 -24.23 -12.04
C LEU E 478 30.84 -23.01 -12.29
N GLY E 479 30.30 -21.97 -12.90
CA GLY E 479 31.06 -20.75 -13.09
C GLY E 479 31.71 -20.69 -14.46
N LYS E 480 31.68 -19.51 -15.09
CA LYS E 480 32.09 -19.38 -16.48
C LYS E 480 33.08 -18.23 -16.63
N LEU E 481 33.65 -18.13 -17.83
CA LEU E 481 34.57 -17.08 -18.22
C LEU E 481 33.95 -16.31 -19.37
N VAL E 482 33.95 -14.99 -19.28
CA VAL E 482 33.32 -14.12 -20.26
C VAL E 482 34.38 -13.19 -20.84
N PRO E 483 34.62 -13.22 -22.14
CA PRO E 483 35.52 -12.22 -22.73
C PRO E 483 34.92 -10.82 -22.77
N LEU E 484 35.69 -9.85 -23.24
CA LEU E 484 35.25 -8.45 -23.22
C LEU E 484 34.20 -8.17 -24.29
N LYS E 485 34.43 -8.67 -25.51
CA LYS E 485 33.55 -8.39 -26.64
C LYS E 485 32.19 -9.01 -26.42
N GLU E 486 32.14 -10.13 -25.72
CA GLU E 486 30.87 -10.77 -25.39
C GLU E 486 30.10 -9.93 -24.37
N THR E 487 30.79 -9.32 -23.41
CA THR E 487 30.12 -8.45 -22.44
C THR E 487 29.57 -7.19 -23.12
N ILE E 488 30.35 -6.61 -24.04
CA ILE E 488 29.89 -5.46 -24.81
C ILE E 488 28.66 -5.81 -25.63
N LYS E 489 28.69 -6.97 -26.31
CA LYS E 489 27.57 -7.39 -27.14
C LYS E 489 26.34 -7.71 -26.29
N GLY E 490 26.54 -8.30 -25.12
CA GLY E 490 25.41 -8.65 -24.27
C GLY E 490 24.71 -7.44 -23.70
N PHE E 491 25.48 -6.49 -23.15
CA PHE E 491 24.85 -5.29 -22.62
C PHE E 491 24.30 -4.39 -23.73
N GLN E 492 24.96 -4.34 -24.89
CA GLN E 492 24.43 -3.58 -26.01
C GLN E 492 23.17 -4.23 -26.57
N GLN E 493 23.04 -5.55 -26.41
CA GLN E 493 21.87 -6.24 -26.89
C GLN E 493 20.72 -6.16 -25.89
N ILE E 494 21.01 -5.94 -24.61
CA ILE E 494 19.94 -5.68 -23.66
C ILE E 494 19.47 -4.22 -23.78
N LEU E 495 20.40 -3.28 -23.97
CA LEU E 495 20.00 -1.89 -24.22
C LEU E 495 19.35 -1.71 -25.59
N ALA E 496 19.67 -2.57 -26.55
CA ALA E 496 19.14 -2.42 -27.90
C ALA E 496 17.68 -2.84 -28.02
N GLY E 497 17.11 -3.44 -26.98
CA GLY E 497 15.72 -3.82 -27.00
C GLY E 497 15.44 -5.22 -27.48
N GLU E 498 16.45 -6.09 -27.52
CA GLU E 498 16.22 -7.43 -28.04
C GLU E 498 15.51 -8.31 -27.04
N PHE E 499 15.76 -8.11 -25.75
CA PHE E 499 15.33 -9.04 -24.71
C PHE E 499 14.35 -8.42 -23.73
N ASP E 500 13.37 -7.67 -24.23
CA ASP E 500 12.38 -7.03 -23.37
C ASP E 500 11.35 -8.01 -22.84
N HIS E 501 11.30 -9.23 -23.36
CA HIS E 501 10.26 -10.20 -23.02
C HIS E 501 10.72 -11.30 -22.07
N LEU E 502 12.02 -11.58 -22.01
CA LEU E 502 12.51 -12.63 -21.13
C LEU E 502 12.44 -12.18 -19.67
N PRO E 503 12.22 -13.11 -18.74
CA PRO E 503 12.10 -12.72 -17.34
C PRO E 503 13.44 -12.33 -16.72
N GLU E 504 13.35 -11.71 -15.55
CA GLU E 504 14.53 -11.20 -14.86
C GLU E 504 15.42 -12.33 -14.34
N GLN E 505 14.85 -13.50 -14.03
CA GLN E 505 15.63 -14.61 -13.51
C GLN E 505 16.34 -15.39 -14.60
N ALA E 506 16.06 -15.11 -15.87
CA ALA E 506 16.79 -15.75 -16.96
C ALA E 506 18.18 -15.16 -17.12
N PHE E 507 18.39 -13.94 -16.65
CA PHE E 507 19.67 -13.25 -16.75
C PHE E 507 20.48 -13.29 -15.48
N TYR E 508 19.99 -13.98 -14.44
CA TYR E 508 20.56 -13.86 -13.10
C TYR E 508 22.00 -14.36 -12.97
N MET E 509 22.23 -15.65 -13.11
CA MET E 509 23.56 -16.21 -12.90
C MET E 509 23.96 -16.85 -14.22
N VAL E 510 24.48 -16.03 -15.12
CA VAL E 510 24.83 -16.46 -16.48
C VAL E 510 26.21 -15.92 -16.82
N GLY E 511 26.73 -16.37 -17.96
CA GLY E 511 27.96 -15.86 -18.49
C GLY E 511 27.69 -14.96 -19.69
N PRO E 512 27.79 -15.52 -20.89
CA PRO E 512 27.41 -14.79 -22.11
C PRO E 512 25.90 -14.63 -22.27
N ILE E 513 25.47 -14.06 -23.39
CA ILE E 513 24.05 -13.94 -23.65
C ILE E 513 23.45 -15.28 -24.09
N GLU E 514 24.29 -16.20 -24.60
CA GLU E 514 23.82 -17.53 -24.96
C GLU E 514 23.42 -18.33 -23.72
N GLU E 515 24.09 -18.10 -22.60
CA GLU E 515 23.70 -18.76 -21.36
C GLU E 515 22.36 -18.23 -20.86
N ALA E 516 22.10 -16.94 -21.07
CA ALA E 516 20.79 -16.38 -20.73
C ALA E 516 19.69 -16.94 -21.62
N VAL E 517 20.00 -17.14 -22.91
CA VAL E 517 19.07 -17.80 -23.83
C VAL E 517 18.77 -19.22 -23.38
N ALA E 518 19.82 -19.96 -22.99
CA ALA E 518 19.64 -21.35 -22.56
C ALA E 518 18.85 -21.44 -21.26
N LYS E 519 19.08 -20.50 -20.33
CA LYS E 519 18.33 -20.54 -19.07
C LYS E 519 16.88 -20.11 -19.27
N ALA E 520 16.63 -19.19 -20.21
CA ALA E 520 15.24 -18.84 -20.53
C ALA E 520 14.52 -20.00 -21.18
N ASP E 521 15.19 -20.75 -22.05
CA ASP E 521 14.59 -21.95 -22.63
C ASP E 521 14.38 -23.04 -21.58
N LYS E 522 15.24 -23.09 -20.56
CA LYS E 522 15.05 -24.09 -19.52
C LYS E 522 13.88 -23.73 -18.61
N LEU E 523 13.72 -22.44 -18.29
CA LEU E 523 12.59 -22.03 -17.46
C LEU E 523 11.27 -22.12 -18.19
N ALA E 524 11.27 -21.78 -19.49
CA ALA E 524 10.02 -21.80 -20.25
C ALA E 524 9.62 -23.23 -20.61
N GLU E 525 10.47 -23.92 -21.35
CA GLU E 525 10.14 -25.27 -21.83
C GLU E 525 11.38 -26.15 -21.96
N GLY F 57 45.25 3.40 68.51
CA GLY F 57 44.06 3.11 67.73
C GLY F 57 43.98 3.92 66.45
N GLY F 58 43.68 5.20 66.60
CA GLY F 58 43.62 6.09 65.46
C GLY F 58 44.95 6.74 65.19
N ALA F 59 45.05 7.36 64.02
CA ALA F 59 46.29 8.03 63.61
C ALA F 59 45.97 9.46 63.19
N THR F 60 46.69 10.42 63.74
CA THR F 60 46.41 11.82 63.47
C THR F 60 47.26 12.29 62.30
N GLY F 61 46.61 12.64 61.20
CA GLY F 61 47.27 13.15 60.02
C GLY F 61 46.81 14.55 59.70
N ARG F 62 47.24 15.10 58.57
CA ARG F 62 47.02 16.51 58.25
C ARG F 62 46.44 16.66 56.86
N ILE F 63 45.30 17.35 56.76
CA ILE F 63 44.80 17.82 55.48
C ILE F 63 45.77 18.82 54.91
N VAL F 64 46.18 18.59 53.66
CA VAL F 64 47.04 19.50 52.91
C VAL F 64 46.45 19.95 51.59
N ALA F 65 45.38 19.34 51.10
CA ALA F 65 44.75 19.77 49.85
C ALA F 65 43.28 19.41 49.88
N VAL F 66 42.44 20.29 49.32
CA VAL F 66 40.99 20.22 49.49
C VAL F 66 40.30 20.50 48.16
N ILE F 67 39.59 19.50 47.61
CA ILE F 67 38.60 19.77 46.55
C ILE F 67 37.33 18.94 46.82
N GLY F 68 36.34 19.51 47.50
CA GLY F 68 35.06 18.79 47.69
C GLY F 68 35.19 17.56 48.58
N ALA F 69 34.51 16.48 48.17
CA ALA F 69 35.00 15.13 48.44
C ALA F 69 36.52 15.00 48.40
N VAL F 70 37.19 15.34 47.30
CA VAL F 70 38.59 14.93 47.17
C VAL F 70 39.47 15.79 48.06
N VAL F 71 39.92 15.22 49.17
CA VAL F 71 40.76 15.87 50.15
C VAL F 71 42.01 15.02 50.30
N ASP F 72 43.16 15.57 49.94
CA ASP F 72 44.43 14.86 50.06
C ASP F 72 44.94 15.04 51.49
N VAL F 73 44.99 13.96 52.25
CA VAL F 73 45.39 14.02 53.64
C VAL F 73 46.77 13.40 53.77
N GLN F 74 47.65 14.09 54.49
CA GLN F 74 49.03 13.70 54.67
C GLN F 74 49.18 12.83 55.91
N PHE F 75 49.61 11.60 55.72
CA PHE F 75 50.01 10.69 56.77
C PHE F 75 51.47 10.30 56.58
N ASP F 76 52.23 10.48 57.67
CA ASP F 76 53.67 10.29 57.74
C ASP F 76 54.04 9.13 58.64
N GLU F 77 53.17 8.73 59.56
CA GLU F 77 53.42 7.58 60.42
C GLU F 77 52.31 6.55 60.39
N GLY F 78 51.06 6.98 60.32
CA GLY F 78 49.93 6.08 60.48
C GLY F 78 48.97 5.95 59.31
N LEU F 79 49.50 5.78 58.09
CA LEU F 79 48.64 5.84 56.90
C LEU F 79 47.69 4.65 56.85
N PRO F 80 46.39 4.88 56.67
CA PRO F 80 45.42 3.80 56.77
C PRO F 80 45.18 3.15 55.42
N PRO F 81 44.70 1.92 55.41
CA PRO F 81 44.39 1.26 54.13
C PRO F 81 43.22 1.93 53.41
N ILE F 82 43.08 1.56 52.12
CA ILE F 82 42.04 2.09 51.24
C ILE F 82 40.66 1.70 51.81
N LEU F 83 39.67 2.54 51.49
CA LEU F 83 38.27 2.39 51.91
C LEU F 83 38.16 2.51 53.43
N ASN F 84 38.69 3.60 53.96
CA ASN F 84 38.60 3.82 55.40
C ASN F 84 37.77 5.04 55.78
N ALA F 85 37.35 5.08 57.03
CA ALA F 85 36.51 6.14 57.57
C ALA F 85 37.33 6.88 58.61
N LEU F 86 37.70 8.12 58.30
CA LEU F 86 38.56 8.91 59.16
C LEU F 86 37.93 10.27 59.35
N GLU F 87 37.78 10.69 60.59
CA GLU F 87 36.99 11.86 60.90
C GLU F 87 37.84 13.12 60.96
N VAL F 88 37.36 14.18 60.32
CA VAL F 88 37.89 15.52 60.51
C VAL F 88 37.22 16.10 61.74
N GLN F 89 38.07 16.53 62.67
CA GLN F 89 37.85 17.24 63.93
C GLN F 89 37.87 18.74 63.69
N GLY F 90 37.55 19.48 64.73
CA GLY F 90 37.46 20.93 64.61
C GLY F 90 36.22 21.40 63.89
N ARG F 91 35.24 20.53 63.73
CA ARG F 91 34.07 20.77 62.91
C ARG F 91 32.82 20.76 63.78
N GLU F 92 31.76 21.38 63.28
CA GLU F 92 30.47 21.28 63.97
C GLU F 92 29.91 19.88 63.86
N THR F 93 29.62 19.43 62.65
CA THR F 93 29.26 18.05 62.40
C THR F 93 30.51 17.28 62.04
N ARG F 94 30.57 16.02 62.50
CA ARG F 94 31.68 15.10 62.24
C ARG F 94 31.95 14.95 60.76
N LEU F 95 33.17 15.29 60.31
CA LEU F 95 33.35 15.25 58.85
C LEU F 95 34.07 13.95 58.52
N VAL F 96 33.31 12.88 58.34
CA VAL F 96 33.89 11.60 57.99
C VAL F 96 34.36 11.66 56.55
N LEU F 97 35.65 11.48 56.35
CA LEU F 97 36.28 11.32 55.05
C LEU F 97 36.46 9.82 54.80
N GLU F 98 36.59 9.45 53.53
CA GLU F 98 36.83 8.07 53.16
C GLU F 98 38.16 7.97 52.43
N VAL F 99 39.13 7.29 53.06
CA VAL F 99 40.42 7.03 52.43
C VAL F 99 40.23 6.14 51.21
N ALA F 100 40.71 6.65 50.06
CA ALA F 100 41.18 5.95 48.88
C ALA F 100 42.61 6.46 48.67
N GLN F 101 43.14 6.33 47.46
CA GLN F 101 44.55 6.31 47.02
C GLN F 101 45.62 7.03 47.85
N HIS F 102 46.75 6.36 48.10
CA HIS F 102 47.87 6.72 48.97
C HIS F 102 48.92 7.60 48.28
N LEU F 103 48.53 8.26 47.18
CA LEU F 103 49.29 8.50 45.96
C LEU F 103 50.80 8.68 46.11
N GLY F 104 51.23 9.65 46.90
CA GLY F 104 52.67 9.84 47.03
C GLY F 104 53.21 9.05 48.20
N GLU F 105 54.12 9.68 48.94
CA GLU F 105 54.23 9.37 50.36
C GLU F 105 53.08 10.08 51.06
N SER F 106 52.63 9.50 52.19
CA SER F 106 51.60 10.09 53.03
C SER F 106 50.21 10.26 52.40
N THR F 107 49.99 10.08 51.09
CA THR F 107 48.87 10.78 50.48
C THR F 107 47.66 9.85 50.38
N VAL F 108 46.81 9.91 51.39
CA VAL F 108 45.52 9.27 51.24
C VAL F 108 44.61 10.26 50.56
N ARG F 109 43.99 9.84 49.48
CA ARG F 109 43.08 10.72 48.75
C ARG F 109 41.69 10.34 49.24
N THR F 110 41.14 11.16 50.11
CA THR F 110 39.87 10.85 50.73
C THR F 110 38.76 11.52 49.97
N ILE F 111 37.56 10.98 50.11
CA ILE F 111 36.35 11.62 49.60
C ILE F 111 35.51 12.08 50.80
N ALA F 112 35.16 13.34 50.78
CA ALA F 112 34.55 14.04 51.89
C ALA F 112 33.09 14.22 51.59
N MET F 113 32.27 13.78 52.56
CA MET F 113 30.86 13.43 52.57
C MET F 113 29.94 14.57 52.93
N ASP F 114 30.46 15.72 53.33
CA ASP F 114 29.61 16.72 53.93
C ASP F 114 30.18 18.08 53.55
N GLY F 115 29.81 19.11 54.31
CA GLY F 115 30.23 20.47 54.06
C GLY F 115 31.73 20.66 54.06
N THR F 116 32.28 20.82 52.86
CA THR F 116 33.70 21.03 52.66
C THR F 116 34.14 22.43 53.08
N GLU F 117 33.17 23.33 53.27
CA GLU F 117 33.41 24.69 53.71
C GLU F 117 34.15 24.75 55.05
N GLY F 118 35.24 25.50 55.08
CA GLY F 118 36.01 25.67 56.29
C GLY F 118 37.18 24.74 56.47
N LEU F 119 37.46 23.87 55.50
CA LEU F 119 38.60 22.96 55.62
C LEU F 119 39.89 23.72 55.37
N VAL F 120 40.53 24.13 56.46
CA VAL F 120 41.82 24.81 56.38
C VAL F 120 42.87 23.79 55.94
N ARG F 121 43.85 24.23 55.15
CA ARG F 121 44.99 23.39 54.87
C ARG F 121 45.81 23.15 56.14
N GLY F 122 46.42 21.98 56.20
CA GLY F 122 47.14 21.57 57.38
C GLY F 122 46.24 21.39 58.58
N GLN F 123 45.20 20.57 58.46
CA GLN F 123 44.22 20.43 59.54
C GLN F 123 44.19 19.00 60.06
N LYS F 124 44.09 18.85 61.38
CA LYS F 124 44.28 17.56 62.02
C LYS F 124 43.08 16.64 61.81
N VAL F 125 43.37 15.39 61.45
CA VAL F 125 42.38 14.39 61.06
C VAL F 125 42.65 13.11 61.80
N LEU F 126 41.66 12.60 62.51
CA LEU F 126 41.82 11.40 63.31
C LEU F 126 41.35 10.21 62.49
N ASP F 127 42.26 9.28 62.21
CA ASP F 127 41.92 8.06 61.49
C ASP F 127 41.47 7.00 62.48
N SER F 128 40.23 6.52 62.28
CA SER F 128 39.62 5.58 63.20
C SER F 128 40.04 4.15 62.92
N GLY F 129 40.31 3.82 61.66
CA GLY F 129 40.88 2.53 61.32
C GLY F 129 39.90 1.45 60.93
N ALA F 130 38.77 1.80 60.32
CA ALA F 130 37.77 0.85 59.92
C ALA F 130 37.02 1.42 58.73
N PRO F 131 36.30 0.58 57.96
CA PRO F 131 35.34 1.12 57.00
C PRO F 131 34.13 1.75 57.68
N ILE F 132 33.13 2.23 56.94
CA ILE F 132 32.18 3.11 57.64
C ILE F 132 31.19 2.26 58.44
N ARG F 133 31.50 2.02 59.70
CA ARG F 133 30.68 1.20 60.57
C ARG F 133 29.39 1.94 60.88
N ILE F 134 28.24 1.35 60.53
CA ILE F 134 26.96 2.00 60.79
C ILE F 134 26.14 1.07 61.67
N PRO F 135 25.14 1.62 62.38
CA PRO F 135 24.21 0.77 63.12
C PRO F 135 23.35 -0.07 62.20
N VAL F 136 23.20 -1.35 62.55
CA VAL F 136 22.21 -2.25 61.97
C VAL F 136 21.53 -2.99 63.10
N GLY F 137 20.54 -3.81 62.76
CA GLY F 137 19.79 -4.54 63.75
C GLY F 137 18.32 -4.25 63.64
N PRO F 138 17.50 -4.87 64.51
CA PRO F 138 16.07 -4.55 64.53
C PRO F 138 15.76 -3.22 65.20
N GLU F 139 16.77 -2.53 65.72
CA GLU F 139 16.60 -1.21 66.31
C GLU F 139 16.64 -0.09 65.27
N THR F 140 16.76 -0.42 63.99
CA THR F 140 16.78 0.57 62.93
C THR F 140 15.51 0.59 62.10
N LEU F 141 14.53 -0.28 62.39
CA LEU F 141 13.26 -0.20 61.68
C LEU F 141 12.50 1.02 62.13
N GLY F 142 11.90 1.73 61.18
CA GLY F 142 11.17 2.94 61.53
C GLY F 142 12.07 4.05 62.01
N ARG F 143 13.29 4.12 61.50
CA ARG F 143 14.28 5.06 61.99
C ARG F 143 15.16 5.46 60.81
N ILE F 144 15.19 6.73 60.51
CA ILE F 144 15.94 7.25 59.36
C ILE F 144 17.41 7.36 59.74
N MET F 145 18.29 7.09 58.79
CA MET F 145 19.71 7.34 59.01
C MET F 145 20.33 7.81 57.71
N ASN F 146 21.45 8.50 57.81
CA ASN F 146 22.27 8.82 56.66
C ASN F 146 23.65 8.18 56.79
N VAL F 147 24.40 8.28 55.70
CA VAL F 147 25.48 7.37 55.30
C VAL F 147 26.55 7.13 56.34
N ILE F 148 26.75 8.06 57.28
CA ILE F 148 27.67 7.82 58.38
C ILE F 148 27.09 6.83 59.36
N GLY F 149 25.78 6.63 59.33
CA GLY F 149 25.06 5.97 60.39
C GLY F 149 24.33 6.92 61.28
N GLU F 150 24.17 8.16 60.86
CA GLU F 150 23.61 9.04 61.88
C GLU F 150 22.12 9.17 61.72
N PRO F 151 21.37 9.14 62.82
CA PRO F 151 19.91 9.30 62.74
C PRO F 151 19.55 10.75 62.44
N ILE F 152 18.78 10.95 61.38
CA ILE F 152 18.43 12.30 60.97
C ILE F 152 16.93 12.51 61.05
N ASP F 153 16.28 11.81 61.98
CA ASP F 153 14.88 12.08 62.26
C ASP F 153 14.64 12.69 63.63
N GLU F 154 15.72 13.04 64.34
CA GLU F 154 15.69 13.81 65.59
C GLU F 154 14.89 13.12 66.68
N ARG F 155 14.92 11.79 66.70
CA ARG F 155 14.27 11.01 67.73
C ARG F 155 15.26 10.53 68.79
N GLY F 156 16.56 10.64 68.52
CA GLY F 156 17.56 10.10 69.40
C GLY F 156 18.52 9.24 68.62
N PRO F 157 19.58 8.77 69.26
CA PRO F 157 20.56 7.93 68.57
C PRO F 157 20.03 6.53 68.39
N ILE F 158 20.77 5.74 67.60
CA ILE F 158 20.40 4.35 67.43
C ILE F 158 20.79 3.59 68.68
N LYS F 159 19.86 2.81 69.22
CA LYS F 159 20.13 2.04 70.42
C LYS F 159 20.38 0.57 70.11
N THR F 160 20.98 0.30 68.97
CA THR F 160 21.27 -1.06 68.57
C THR F 160 22.51 -1.59 69.27
N LYS F 161 22.78 -2.87 69.07
CA LYS F 161 23.89 -3.55 69.74
C LYS F 161 25.13 -3.68 68.88
N GLN F 162 24.99 -3.99 67.60
CA GLN F 162 26.13 -4.25 66.75
C GLN F 162 26.14 -3.31 65.55
N PHE F 163 27.33 -3.14 65.00
CA PHE F 163 27.58 -2.31 63.83
C PHE F 163 27.97 -3.21 62.67
N ALA F 164 27.54 -2.82 61.48
CA ALA F 164 27.98 -3.48 60.26
C ALA F 164 28.69 -2.47 59.39
N ALA F 165 29.74 -2.92 58.72
CA ALA F 165 30.59 -2.00 57.99
C ALA F 165 30.04 -1.73 56.60
N ILE F 166 30.10 -0.46 56.21
CA ILE F 166 29.99 -0.09 54.80
C ILE F 166 31.40 -0.23 54.26
N HIS F 167 31.70 -1.48 53.90
CA HIS F 167 32.24 -1.98 52.64
C HIS F 167 32.31 -3.49 52.79
N ALA F 168 31.74 -4.24 51.86
CA ALA F 168 31.65 -5.68 52.03
C ALA F 168 31.85 -6.35 50.68
N GLU F 169 31.97 -7.67 50.73
CA GLU F 169 32.18 -8.49 49.55
C GLU F 169 30.89 -9.16 49.14
N ALA F 170 30.80 -9.48 47.85
CA ALA F 170 29.60 -10.10 47.32
C ALA F 170 29.48 -11.53 47.83
N PRO F 171 28.27 -12.09 47.89
CA PRO F 171 28.14 -13.53 48.10
C PRO F 171 28.75 -14.30 46.94
N GLU F 172 29.43 -15.40 47.28
CA GLU F 172 30.18 -16.14 46.30
C GLU F 172 29.26 -16.96 45.40
N PHE F 173 29.85 -17.64 44.42
CA PHE F 173 29.07 -18.48 43.52
C PHE F 173 28.61 -19.76 44.20
N VAL F 174 29.29 -20.15 45.29
CA VAL F 174 29.07 -21.44 45.95
C VAL F 174 27.64 -21.55 46.46
N GLU F 175 27.08 -20.45 46.94
CA GLU F 175 25.75 -20.43 47.50
C GLU F 175 24.95 -19.28 46.90
N MET F 176 24.05 -19.64 45.98
CA MET F 176 23.21 -18.74 45.21
C MET F 176 21.87 -19.42 44.94
N SER F 177 20.78 -18.73 45.25
CA SER F 177 19.47 -19.28 44.99
C SER F 177 19.14 -19.18 43.51
N VAL F 178 18.53 -20.24 42.97
CA VAL F 178 18.28 -20.33 41.54
C VAL F 178 16.80 -20.56 41.28
N GLU F 179 15.97 -20.37 42.31
CA GLU F 179 14.53 -20.57 42.18
C GLU F 179 13.84 -19.24 41.88
N GLN F 180 12.77 -19.32 41.10
CA GLN F 180 12.09 -18.14 40.57
C GLN F 180 10.58 -18.26 40.75
N GLU F 181 10.06 -17.68 41.81
CA GLU F 181 8.63 -17.59 42.01
C GLU F 181 8.14 -16.27 41.43
N ILE F 182 6.98 -16.30 40.76
CA ILE F 182 6.49 -15.11 40.10
C ILE F 182 5.90 -14.15 41.12
N LEU F 183 6.40 -12.93 41.11
CA LEU F 183 5.85 -11.84 41.88
C LEU F 183 4.84 -11.13 41.00
N VAL F 184 3.58 -11.19 41.42
CA VAL F 184 2.45 -10.55 40.76
C VAL F 184 2.16 -9.27 41.53
N THR F 185 2.38 -8.13 40.88
CA THR F 185 2.30 -6.83 41.55
C THR F 185 1.01 -6.09 41.23
N GLY F 186 -0.01 -6.79 40.74
CA GLY F 186 -1.29 -6.17 40.47
C GLY F 186 -1.33 -5.15 39.37
N ILE F 187 -0.28 -5.02 38.59
CA ILE F 187 -0.22 -4.08 37.49
C ILE F 187 -0.32 -4.88 36.20
N LYS F 188 -1.15 -4.42 35.27
CA LYS F 188 -1.43 -5.21 34.08
C LYS F 188 -0.24 -5.31 33.16
N VAL F 189 0.47 -4.20 32.95
CA VAL F 189 1.59 -4.20 32.01
C VAL F 189 2.76 -5.02 32.57
N VAL F 190 2.96 -4.96 33.88
CA VAL F 190 4.01 -5.74 34.51
C VAL F 190 3.64 -7.22 34.50
N ASP F 191 2.51 -7.58 35.11
CA ASP F 191 2.12 -8.99 35.23
C ASP F 191 1.81 -9.65 33.90
N LEU F 192 1.62 -8.89 32.83
CA LEU F 192 1.46 -9.47 31.51
C LEU F 192 2.80 -9.64 30.80
N LEU F 193 3.58 -8.56 30.68
CA LEU F 193 4.68 -8.59 29.71
C LEU F 193 6.05 -8.75 30.34
N ALA F 194 6.27 -8.23 31.54
CA ALA F 194 7.54 -8.38 32.26
C ALA F 194 7.25 -8.64 33.72
N PRO F 195 6.78 -9.85 34.07
CA PRO F 195 6.32 -10.10 35.44
C PRO F 195 7.49 -10.18 36.40
N TYR F 196 7.23 -9.86 37.65
CA TYR F 196 8.40 -9.64 38.47
C TYR F 196 8.84 -10.95 39.11
N ALA F 197 10.07 -10.96 39.61
CA ALA F 197 10.66 -12.16 40.17
C ALA F 197 10.77 -11.98 41.69
N LYS F 198 10.09 -12.84 42.42
CA LYS F 198 10.13 -12.78 43.88
C LYS F 198 11.47 -13.30 44.36
N GLY F 199 12.46 -12.41 44.44
CA GLY F 199 13.82 -12.82 44.74
C GLY F 199 14.79 -12.51 43.62
N GLY F 200 14.54 -11.43 42.89
CA GLY F 200 15.43 -11.00 41.84
C GLY F 200 15.40 -9.50 41.71
N LYS F 201 16.44 -8.97 41.08
CA LYS F 201 16.56 -7.52 40.91
C LYS F 201 15.60 -7.02 39.84
N ILE F 202 14.91 -5.93 40.15
CA ILE F 202 13.87 -5.36 39.32
C ILE F 202 14.24 -3.91 39.03
N GLY F 203 14.21 -3.52 37.77
CA GLY F 203 14.65 -2.18 37.42
C GLY F 203 13.66 -1.36 36.65
N LEU F 204 13.50 -0.10 37.07
CA LEU F 204 12.50 0.79 36.53
C LEU F 204 13.22 1.90 35.76
N PHE F 205 13.50 1.67 34.49
CA PHE F 205 14.22 2.69 33.75
C PHE F 205 13.26 3.78 33.32
N GLY F 206 13.79 4.88 32.85
CA GLY F 206 12.95 5.95 32.36
C GLY F 206 13.60 7.30 32.57
N GLY F 207 13.04 8.30 31.91
CA GLY F 207 13.65 9.62 31.93
C GLY F 207 13.25 10.47 33.11
N ALA F 208 13.01 11.74 32.87
CA ALA F 208 12.59 12.68 33.89
C ALA F 208 11.10 12.93 33.74
N GLY F 209 10.35 12.75 34.81
CA GLY F 209 8.91 12.94 34.75
C GLY F 209 8.19 11.87 33.96
N VAL F 210 8.62 10.62 34.10
CA VAL F 210 8.02 9.51 33.38
C VAL F 210 7.20 8.61 34.28
N GLY F 211 7.22 8.82 35.58
CA GLY F 211 6.45 8.04 36.51
C GLY F 211 7.17 6.96 37.26
N LYS F 212 8.49 7.08 37.44
CA LYS F 212 9.24 6.09 38.20
C LYS F 212 8.84 6.10 39.67
N THR F 213 8.77 7.30 40.27
CA THR F 213 8.46 7.40 41.68
C THR F 213 7.05 6.96 41.98
N VAL F 214 6.09 7.30 41.10
CA VAL F 214 4.72 6.86 41.26
C VAL F 214 4.63 5.33 41.14
N LEU F 215 5.45 4.75 40.28
CA LEU F 215 5.45 3.30 40.15
C LEU F 215 6.09 2.63 41.36
N ILE F 216 7.09 3.26 41.97
CA ILE F 216 7.65 2.76 43.22
C ILE F 216 6.63 2.83 44.33
N MET F 217 5.86 3.92 44.39
CA MET F 217 4.87 4.06 45.46
C MET F 217 3.73 3.08 45.28
N GLU F 218 3.39 2.75 44.03
CA GLU F 218 2.50 1.63 43.78
C GLU F 218 3.10 0.30 44.24
N LEU F 219 4.39 0.10 44.00
CA LEU F 219 5.03 -1.16 44.40
C LEU F 219 5.09 -1.31 45.91
N ILE F 220 5.35 -0.23 46.65
CA ILE F 220 5.25 -0.28 48.11
C ILE F 220 3.81 -0.53 48.54
N ASN F 221 2.87 0.27 48.03
CA ASN F 221 1.48 0.21 48.48
C ASN F 221 0.75 -1.03 47.99
N ASN F 222 1.41 -1.87 47.20
CA ASN F 222 0.83 -3.10 46.69
C ASN F 222 1.58 -4.33 47.20
N VAL F 223 2.90 -4.37 47.10
CA VAL F 223 3.66 -5.56 47.45
C VAL F 223 4.12 -5.50 48.90
N ALA F 224 4.43 -4.30 49.40
CA ALA F 224 5.01 -4.16 50.74
C ALA F 224 4.00 -4.49 51.82
N LYS F 225 2.70 -4.45 51.49
CA LYS F 225 1.69 -4.97 52.40
C LYS F 225 1.80 -6.48 52.54
N ALA F 226 2.24 -7.16 51.49
CA ALA F 226 2.23 -8.62 51.48
C ALA F 226 3.42 -9.20 52.23
N HIS F 227 4.64 -8.75 51.90
CA HIS F 227 5.83 -9.22 52.58
C HIS F 227 5.87 -8.82 54.04
N GLY F 228 5.76 -9.81 54.94
CA GLY F 228 6.04 -9.57 56.33
C GLY F 228 7.49 -9.28 56.61
N GLY F 229 8.38 -9.65 55.68
CA GLY F 229 9.78 -9.30 55.73
C GLY F 229 10.03 -7.81 55.80
N TYR F 230 11.01 -7.43 56.61
CA TYR F 230 11.38 -6.04 56.84
C TYR F 230 11.88 -5.37 55.57
N SER F 231 11.19 -4.33 55.13
CA SER F 231 11.60 -3.65 53.91
C SER F 231 12.64 -2.58 54.23
N VAL F 232 13.40 -2.18 53.20
CA VAL F 232 14.39 -1.11 53.32
C VAL F 232 14.25 -0.20 52.11
N PHE F 233 13.96 1.08 52.35
CA PHE F 233 13.95 2.07 51.29
C PHE F 233 15.26 2.85 51.34
N ALA F 234 15.91 2.98 50.19
CA ALA F 234 17.11 3.78 50.05
C ALA F 234 16.86 4.85 48.98
N GLY F 235 16.83 6.10 49.42
CA GLY F 235 16.75 7.22 48.51
C GLY F 235 18.14 7.78 48.32
N VAL F 236 18.55 7.84 47.07
CA VAL F 236 19.89 8.28 46.68
C VAL F 236 19.68 9.39 45.67
N GLY F 237 20.03 10.62 46.03
CA GLY F 237 20.03 11.70 45.06
C GLY F 237 18.68 12.10 44.51
N GLU F 238 17.61 11.87 45.25
CA GLU F 238 16.28 12.26 44.79
C GLU F 238 15.81 13.45 45.64
N ARG F 239 14.59 13.90 45.41
CA ARG F 239 14.02 15.05 46.09
C ARG F 239 13.81 14.75 47.57
N THR F 240 14.15 15.72 48.41
CA THR F 240 13.88 15.59 49.83
C THR F 240 12.39 15.73 50.12
N ARG F 241 11.66 16.39 49.21
CA ARG F 241 10.21 16.43 49.23
C ARG F 241 9.62 15.02 49.19
N GLU F 242 10.17 14.16 48.33
CA GLU F 242 9.65 12.81 48.21
C GLU F 242 10.00 11.95 49.43
N GLY F 243 11.18 12.15 50.02
CA GLY F 243 11.50 11.45 51.23
C GLY F 243 10.64 11.88 52.40
N ASN F 244 10.28 13.17 52.43
CA ASN F 244 9.38 13.67 53.47
C ASN F 244 7.97 13.10 53.30
N ASP F 245 7.45 13.13 52.07
CA ASP F 245 6.12 12.57 51.81
C ASP F 245 6.08 11.08 52.09
N LEU F 246 7.18 10.38 51.77
CA LEU F 246 7.25 8.95 52.02
C LEU F 246 7.32 8.66 53.52
N TYR F 247 8.02 9.49 54.28
CA TYR F 247 8.11 9.27 55.72
C TYR F 247 6.77 9.49 56.40
N HIS F 248 6.04 10.54 56.02
CA HIS F 248 4.72 10.73 56.63
C HIS F 248 3.71 9.71 56.11
N GLU F 249 3.88 9.21 54.88
CA GLU F 249 3.01 8.16 54.39
C GLU F 249 3.27 6.85 55.13
N MET F 250 4.53 6.56 55.46
CA MET F 250 4.82 5.36 56.23
C MET F 250 4.34 5.48 57.67
N ILE F 251 4.30 6.70 58.22
CA ILE F 251 3.72 6.88 59.54
C ILE F 251 2.22 6.64 59.50
N GLU F 252 1.52 7.30 58.56
CA GLU F 252 0.06 7.24 58.55
C GLU F 252 -0.45 5.88 58.11
N SER F 253 0.26 5.21 57.20
CA SER F 253 -0.15 3.90 56.72
C SER F 253 0.17 2.78 57.69
N GLY F 254 0.75 3.08 58.85
CA GLY F 254 1.08 2.06 59.83
C GLY F 254 2.26 1.20 59.47
N VAL F 255 3.01 1.55 58.43
CA VAL F 255 4.15 0.72 58.05
C VAL F 255 5.31 0.94 59.02
N ILE F 256 5.45 2.16 59.54
CA ILE F 256 6.30 2.38 60.70
C ILE F 256 5.42 2.83 61.86
N ASN F 257 5.99 2.76 63.05
CA ASN F 257 5.21 2.97 64.27
C ASN F 257 6.12 3.66 65.28
N LEU F 258 5.85 4.93 65.56
CA LEU F 258 6.71 5.74 66.41
C LEU F 258 6.44 5.56 67.90
N LYS F 259 5.61 4.61 68.29
CA LYS F 259 5.34 4.35 69.70
C LYS F 259 5.61 2.91 70.10
N ASP F 260 6.18 2.11 69.20
CA ASP F 260 6.36 0.69 69.45
C ASP F 260 7.55 0.22 68.63
N ALA F 261 8.05 -0.98 68.97
CA ALA F 261 9.17 -1.59 68.27
C ALA F 261 8.72 -2.59 67.21
N THR F 262 7.57 -2.36 66.58
CA THR F 262 7.04 -3.28 65.59
C THR F 262 6.74 -2.53 64.30
N SER F 263 7.73 -1.79 63.84
CA SER F 263 7.72 -1.14 62.54
C SER F 263 8.33 -2.07 61.50
N LYS F 264 8.14 -1.74 60.23
CA LYS F 264 8.43 -2.69 59.17
C LYS F 264 9.47 -2.26 58.14
N VAL F 265 9.63 -0.97 57.87
CA VAL F 265 10.57 -0.53 56.85
C VAL F 265 11.61 0.39 57.50
N ALA F 266 12.87 0.15 57.16
CA ALA F 266 13.95 1.06 57.50
C ALA F 266 14.15 2.04 56.35
N LEU F 267 14.68 3.22 56.69
CA LEU F 267 14.81 4.29 55.72
C LEU F 267 16.23 4.81 55.74
N VAL F 268 16.83 4.97 54.55
CA VAL F 268 18.09 5.67 54.39
C VAL F 268 17.88 6.73 53.33
N TYR F 269 18.30 7.96 53.61
CA TYR F 269 18.14 9.06 52.66
C TYR F 269 19.44 9.82 52.51
N GLY F 270 19.97 9.83 51.29
CA GLY F 270 21.12 10.57 50.83
C GLY F 270 20.74 11.50 49.70
N GLN F 271 19.74 12.34 49.91
CA GLN F 271 19.04 13.06 48.86
C GLN F 271 19.94 14.03 48.09
N MET F 272 19.38 14.61 47.03
CA MET F 272 20.20 15.28 46.00
C MET F 272 20.84 16.58 46.48
N ASN F 273 20.53 17.06 47.66
CA ASN F 273 21.22 18.23 48.20
C ASN F 273 22.63 17.94 48.68
N GLU F 274 23.01 16.66 48.79
CA GLU F 274 24.23 16.19 49.41
C GLU F 274 25.41 16.30 48.46
N PRO F 275 26.61 16.53 49.00
CA PRO F 275 27.83 16.52 48.19
C PRO F 275 28.11 15.14 47.61
N PRO F 276 28.90 15.04 46.53
CA PRO F 276 28.95 13.77 45.76
C PRO F 276 29.50 12.59 46.51
N GLY F 277 30.37 12.81 47.49
CA GLY F 277 30.86 11.71 48.29
C GLY F 277 29.76 11.04 49.09
N ALA F 278 28.81 11.83 49.58
CA ALA F 278 27.69 11.28 50.32
C ALA F 278 26.79 10.45 49.43
N ARG F 279 26.37 11.01 48.28
CA ARG F 279 25.51 10.29 47.34
C ARG F 279 26.17 9.08 46.72
N ALA F 280 27.51 9.02 46.71
CA ALA F 280 28.16 7.80 46.24
C ALA F 280 28.17 6.69 47.27
N ARG F 281 27.57 6.89 48.46
CA ARG F 281 27.64 5.87 49.50
C ARG F 281 26.29 5.64 50.18
N VAL F 282 25.17 5.95 49.53
CA VAL F 282 23.87 5.75 50.15
C VAL F 282 23.31 4.38 49.86
N ALA F 283 23.49 3.94 48.61
CA ALA F 283 23.09 2.60 48.22
C ALA F 283 23.83 1.55 49.02
N LEU F 284 25.10 1.83 49.34
CA LEU F 284 25.88 0.97 50.22
C LEU F 284 25.29 0.94 51.63
N THR F 285 24.78 2.08 52.10
CA THR F 285 24.20 2.16 53.45
C THR F 285 22.93 1.35 53.56
N GLY F 286 21.94 1.67 52.73
CA GLY F 286 20.68 0.94 52.75
C GLY F 286 20.84 -0.51 52.37
N LEU F 287 21.84 -0.80 51.55
CA LEU F 287 22.10 -2.16 51.14
C LEU F 287 22.76 -2.96 52.26
N THR F 288 23.63 -2.37 53.08
CA THR F 288 24.13 -3.19 54.17
C THR F 288 23.14 -3.29 55.32
N VAL F 289 22.18 -2.37 55.43
CA VAL F 289 21.05 -2.60 56.33
C VAL F 289 20.21 -3.79 55.88
N ALA F 290 19.81 -3.78 54.59
CA ALA F 290 19.03 -4.89 54.05
C ALA F 290 19.85 -6.18 53.96
N GLU F 291 21.17 -6.08 53.92
CA GLU F 291 22.01 -7.26 53.90
C GLU F 291 22.17 -7.84 55.30
N TYR F 292 22.09 -7.00 56.33
CA TYR F 292 21.93 -7.56 57.67
C TYR F 292 20.61 -8.30 57.79
N PHE F 293 19.51 -7.68 57.34
CA PHE F 293 18.20 -8.31 57.48
C PHE F 293 18.05 -9.57 56.64
N ARG F 294 18.89 -9.76 55.64
CA ARG F 294 18.95 -11.03 54.92
C ARG F 294 19.76 -12.06 55.68
N ASP F 295 21.00 -11.72 56.05
CA ASP F 295 21.94 -12.74 56.52
C ASP F 295 21.61 -13.18 57.95
N GLN F 296 21.71 -12.28 58.91
CA GLN F 296 21.68 -12.66 60.31
C GLN F 296 20.30 -12.56 60.92
N GLU F 297 19.26 -12.48 60.10
CA GLU F 297 17.90 -12.66 60.59
C GLU F 297 17.09 -13.62 59.73
N GLY F 298 17.44 -13.81 58.46
CA GLY F 298 16.75 -14.78 57.62
C GLY F 298 15.41 -14.35 57.10
N GLN F 299 15.21 -13.06 56.87
CA GLN F 299 13.91 -12.56 56.44
C GLN F 299 13.87 -12.38 54.92
N ASP F 300 12.66 -12.20 54.41
CA ASP F 300 12.43 -12.01 52.98
C ASP F 300 12.22 -10.52 52.74
N VAL F 301 13.34 -9.82 52.56
CA VAL F 301 13.30 -8.36 52.55
C VAL F 301 12.97 -7.84 51.17
N LEU F 302 12.40 -6.64 51.15
CA LEU F 302 12.29 -5.82 49.96
C LEU F 302 13.33 -4.70 50.05
N LEU F 303 13.89 -4.34 48.92
CA LEU F 303 14.89 -3.28 48.88
C LEU F 303 14.49 -2.32 47.76
N PHE F 304 13.92 -1.19 48.14
CA PHE F 304 13.47 -0.18 47.19
C PHE F 304 14.51 0.90 47.11
N ILE F 305 15.40 0.80 46.12
CA ILE F 305 16.45 1.80 45.91
C ILE F 305 16.03 2.68 44.75
N ASP F 306 15.66 3.91 45.04
CA ASP F 306 15.54 4.95 44.03
C ASP F 306 16.81 5.77 44.19
N ASN F 307 17.62 5.98 43.14
CA ASN F 307 17.48 6.11 41.74
C ASN F 307 18.95 5.89 41.44
N ILE F 308 19.37 4.73 40.94
CA ILE F 308 20.77 4.31 41.08
C ILE F 308 21.71 5.07 40.15
N PHE F 309 21.16 5.81 39.19
CA PHE F 309 21.98 6.70 38.38
C PHE F 309 22.57 7.82 39.21
N ARG F 310 21.94 8.17 40.34
CA ARG F 310 22.53 9.19 41.21
C ARG F 310 23.79 8.67 41.88
N PHE F 311 23.80 7.39 42.23
CA PHE F 311 25.02 6.72 42.69
C PHE F 311 26.12 6.78 41.65
N THR F 312 25.79 6.39 40.41
CA THR F 312 26.80 6.39 39.35
C THR F 312 27.26 7.80 38.99
N GLN F 313 26.36 8.77 39.04
CA GLN F 313 26.69 10.14 38.69
C GLN F 313 27.54 10.80 39.76
N ALA F 314 27.26 10.50 41.04
CA ALA F 314 28.11 10.98 42.11
C ALA F 314 29.50 10.37 42.03
N GLY F 315 29.58 9.10 41.60
CA GLY F 315 30.87 8.52 41.30
C GLY F 315 31.61 9.25 40.19
N SER F 316 30.89 9.67 39.15
CA SER F 316 31.52 10.38 38.04
C SER F 316 32.01 11.77 38.46
N GLU F 317 31.25 12.44 39.32
CA GLU F 317 31.64 13.76 39.82
C GLU F 317 32.90 13.67 40.67
N VAL F 318 32.91 12.71 41.61
CA VAL F 318 34.08 12.46 42.46
C VAL F 318 35.29 12.08 41.63
N SER F 319 35.10 11.22 40.62
CA SER F 319 36.22 10.77 39.79
C SER F 319 36.77 11.87 38.90
N ALA F 320 35.91 12.78 38.45
CA ALA F 320 36.40 13.96 37.77
C ALA F 320 37.24 14.81 38.70
N LEU F 321 36.90 14.81 40.00
CA LEU F 321 37.79 15.45 40.96
C LEU F 321 38.98 14.57 41.35
N LEU F 322 38.85 13.25 41.26
CA LEU F 322 39.91 12.32 41.68
C LEU F 322 41.09 12.24 40.72
N GLY F 323 41.04 12.94 39.60
CA GLY F 323 42.17 12.92 38.68
C GLY F 323 42.29 11.68 37.83
N ARG F 324 41.24 10.88 37.72
CA ARG F 324 41.28 9.78 36.79
C ARG F 324 40.92 10.27 35.39
N ILE F 325 41.45 9.58 34.39
CA ILE F 325 41.21 9.94 32.99
C ILE F 325 39.74 9.73 32.67
N PRO F 326 39.06 10.67 32.02
CA PRO F 326 37.66 10.43 31.66
C PRO F 326 37.52 9.34 30.62
N SER F 327 36.57 8.47 30.86
CA SER F 327 36.15 7.36 30.01
C SER F 327 35.27 7.88 28.88
N ALA F 328 34.39 7.02 28.38
CA ALA F 328 33.37 7.42 27.44
C ALA F 328 32.37 8.32 28.16
N VAL F 329 31.22 8.63 27.55
CA VAL F 329 30.59 9.95 27.42
C VAL F 329 31.04 11.09 28.36
N GLY F 330 31.58 10.79 29.54
CA GLY F 330 31.99 11.77 30.53
C GLY F 330 32.06 11.14 31.90
N TYR F 331 31.87 9.83 31.95
CA TYR F 331 31.92 9.07 33.17
C TYR F 331 33.36 8.70 33.52
N GLN F 332 33.51 7.83 34.52
CA GLN F 332 34.75 7.31 35.06
C GLN F 332 35.09 5.99 34.38
N PRO F 333 36.36 5.56 34.44
CA PRO F 333 36.68 4.24 33.89
C PRO F 333 36.13 3.11 34.74
N THR F 334 35.90 3.33 36.02
CA THR F 334 35.37 2.32 36.92
C THR F 334 33.85 2.42 37.03
N LEU F 335 33.17 2.41 35.89
CA LEU F 335 31.71 2.40 35.93
C LEU F 335 31.20 0.97 35.99
N ALA F 336 31.90 0.04 35.34
CA ALA F 336 31.44 -1.33 35.31
C ALA F 336 31.67 -2.03 36.64
N THR F 337 32.79 -1.74 37.30
CA THR F 337 33.17 -2.52 38.48
C THR F 337 32.73 -1.90 39.80
N ASP F 338 32.64 -0.57 39.91
CA ASP F 338 32.08 0.01 41.12
C ASP F 338 30.59 -0.32 41.24
N MET F 339 29.85 -0.07 40.16
CA MET F 339 28.47 -0.53 40.10
C MET F 339 28.40 -2.05 40.08
N GLY F 340 29.45 -2.72 39.61
CA GLY F 340 29.49 -4.17 39.67
C GLY F 340 29.46 -4.71 41.08
N THR F 341 30.34 -4.19 41.95
CA THR F 341 30.36 -4.62 43.34
C THR F 341 29.07 -4.24 44.05
N MET F 342 28.57 -3.02 43.78
CA MET F 342 27.36 -2.57 44.47
C MET F 342 26.13 -3.37 44.03
N GLN F 343 26.07 -3.81 42.77
CA GLN F 343 24.93 -4.60 42.31
C GLN F 343 25.07 -6.07 42.66
N GLU F 344 26.29 -6.59 42.73
CA GLU F 344 26.46 -7.99 43.12
C GLU F 344 26.21 -8.19 44.59
N ARG F 345 26.35 -7.16 45.41
CA ARG F 345 25.89 -7.33 46.78
C ARG F 345 24.37 -7.34 46.90
N ILE F 346 23.65 -6.82 45.91
CA ILE F 346 22.18 -6.83 45.94
C ILE F 346 21.76 -8.16 45.30
N THR F 347 21.76 -9.21 46.11
CA THR F 347 21.41 -10.49 45.52
C THR F 347 20.70 -11.38 46.54
N THR F 348 19.83 -12.23 46.01
CA THR F 348 19.14 -13.22 46.82
C THR F 348 20.04 -14.42 46.96
N THR F 349 20.18 -14.92 48.19
CA THR F 349 21.20 -15.88 48.53
C THR F 349 20.50 -17.06 49.20
N LYS F 350 21.27 -18.05 49.64
CA LYS F 350 20.67 -19.16 50.39
C LYS F 350 20.18 -18.72 51.75
N LYS F 351 20.85 -17.75 52.37
CA LYS F 351 20.54 -17.34 53.73
C LYS F 351 19.25 -16.54 53.82
N GLY F 352 18.80 -15.94 52.73
CA GLY F 352 17.59 -15.16 52.78
C GLY F 352 17.30 -14.60 51.42
N SER F 353 16.18 -13.90 51.32
CA SER F 353 15.69 -13.39 50.05
C SER F 353 15.71 -11.87 50.03
N ILE F 354 16.19 -11.30 48.94
CA ILE F 354 16.01 -9.89 48.64
C ILE F 354 15.17 -9.81 47.37
N THR F 355 14.10 -9.03 47.42
CA THR F 355 13.41 -8.58 46.22
C THR F 355 13.66 -7.08 46.14
N SER F 356 14.50 -6.67 45.20
CA SER F 356 15.01 -5.31 45.18
C SER F 356 14.49 -4.58 43.95
N VAL F 357 13.55 -3.68 44.17
CA VAL F 357 13.04 -2.80 43.13
C VAL F 357 13.86 -1.53 43.16
N GLN F 358 14.48 -1.18 42.04
CA GLN F 358 15.38 -0.04 42.00
C GLN F 358 15.10 0.81 40.79
N ALA F 359 14.95 2.10 41.03
CA ALA F 359 14.72 3.08 39.98
C ALA F 359 16.02 3.74 39.59
N ILE F 360 16.18 3.80 38.27
CA ILE F 360 17.43 3.95 37.53
C ILE F 360 17.12 5.05 36.53
N TYR F 361 17.56 6.27 36.81
CA TYR F 361 17.35 7.39 35.90
C TYR F 361 18.15 7.17 34.63
N VAL F 362 17.62 7.64 33.51
CA VAL F 362 18.44 7.66 32.30
C VAL F 362 18.68 9.13 31.94
N PRO F 363 19.89 9.50 31.56
CA PRO F 363 20.18 10.90 31.25
C PRO F 363 19.75 11.23 29.83
N ALA F 364 18.82 12.18 29.72
CA ALA F 364 18.31 12.73 28.46
C ALA F 364 17.72 11.65 27.56
N ASP F 365 17.08 10.66 28.18
CA ASP F 365 16.38 9.55 27.53
C ASP F 365 17.31 8.71 26.65
N ASP F 366 18.60 8.65 26.99
CA ASP F 366 19.54 7.81 26.27
C ASP F 366 19.67 6.47 26.98
N LEU F 367 19.23 5.41 26.31
CA LEU F 367 19.50 4.07 26.81
C LEU F 367 20.85 3.54 26.37
N THR F 368 21.55 4.26 25.50
CA THR F 368 22.90 3.90 25.09
C THR F 368 23.97 4.55 25.96
N ASP F 369 23.57 5.33 26.95
CA ASP F 369 24.49 5.89 27.92
C ASP F 369 25.09 4.73 28.73
N PRO F 370 26.36 4.84 29.16
CA PRO F 370 27.02 3.67 29.80
C PRO F 370 26.39 3.19 31.10
N ALA F 371 25.91 4.10 31.95
CA ALA F 371 25.33 3.65 33.22
C ALA F 371 23.98 2.93 33.04
N PRO F 372 23.01 3.41 32.23
CA PRO F 372 21.85 2.55 31.96
C PRO F 372 22.18 1.27 31.21
N ALA F 373 23.20 1.27 30.35
CA ALA F 373 23.55 0.08 29.58
C ALA F 373 24.07 -1.03 30.49
N THR F 374 25.02 -0.70 31.36
CA THR F 374 25.50 -1.69 32.32
C THR F 374 24.41 -2.06 33.34
N THR F 375 23.46 -1.16 33.60
CA THR F 375 22.40 -1.54 34.50
C THR F 375 21.38 -2.46 33.82
N PHE F 376 21.19 -2.36 32.50
CA PHE F 376 20.48 -3.40 31.77
C PHE F 376 21.20 -4.73 31.88
N ALA F 377 22.54 -4.70 31.90
CA ALA F 377 23.28 -5.95 32.04
C ALA F 377 23.13 -6.57 33.43
N HIS F 378 22.90 -5.76 34.47
CA HIS F 378 22.93 -6.29 35.84
C HIS F 378 21.55 -6.62 36.42
N LEU F 379 20.55 -6.92 35.61
CA LEU F 379 19.18 -7.01 36.12
C LEU F 379 18.47 -8.28 35.69
N ASP F 380 17.37 -8.56 36.40
CA ASP F 380 16.51 -9.71 36.14
C ASP F 380 15.14 -9.36 35.61
N ALA F 381 14.70 -8.11 35.77
CA ALA F 381 13.41 -7.69 35.21
C ALA F 381 13.49 -6.19 34.97
N THR F 382 13.53 -5.80 33.71
CA THR F 382 13.55 -4.40 33.33
C THR F 382 12.15 -3.94 32.95
N THR F 383 11.95 -2.62 33.00
CA THR F 383 10.65 -2.03 32.68
C THR F 383 10.93 -0.64 32.13
N VAL F 384 10.74 -0.37 30.83
CA VAL F 384 11.34 0.86 30.31
C VAL F 384 10.24 1.90 30.38
N LEU F 385 10.14 2.60 31.52
CA LEU F 385 9.09 3.58 31.75
C LEU F 385 9.34 4.78 30.85
N SER F 386 8.97 4.62 29.59
CA SER F 386 9.13 5.67 28.62
C SER F 386 8.14 6.80 28.87
N ARG F 387 8.37 7.83 28.05
CA ARG F 387 7.81 9.17 27.97
C ARG F 387 6.90 9.37 26.76
N ALA F 388 7.27 8.80 25.60
CA ALA F 388 6.48 8.99 24.39
C ALA F 388 5.09 8.35 24.50
N ILE F 389 4.98 7.28 25.29
CA ILE F 389 3.68 6.69 25.51
C ILE F 389 2.86 7.52 26.49
N ALA F 390 3.49 8.47 27.19
CA ALA F 390 2.78 9.44 28.01
C ALA F 390 2.42 10.68 27.22
N GLU F 391 3.21 10.98 26.17
CA GLU F 391 2.77 11.92 25.14
C GLU F 391 1.50 11.41 24.47
N LEU F 392 1.40 10.08 24.29
CA LEU F 392 0.15 9.49 23.83
C LEU F 392 -0.91 9.43 24.93
N GLY F 393 -0.53 9.63 26.20
CA GLY F 393 -1.48 9.70 27.28
C GLY F 393 -1.55 8.48 28.17
N ILE F 394 -0.78 7.44 27.88
CA ILE F 394 -0.80 6.20 28.64
C ILE F 394 0.13 6.35 29.84
N TYR F 395 -0.40 6.13 31.04
CA TYR F 395 0.39 6.18 32.25
C TYR F 395 0.30 4.85 32.99
N PRO F 396 1.44 4.24 33.38
CA PRO F 396 2.86 4.62 33.29
C PRO F 396 3.36 4.52 31.85
N ALA F 397 4.36 5.25 31.32
CA ALA F 397 4.44 5.07 29.89
C ALA F 397 5.42 3.96 29.55
N VAL F 398 5.18 2.80 30.17
CA VAL F 398 6.05 1.65 30.11
C VAL F 398 6.08 1.19 28.68
N ASP F 399 7.20 1.45 28.03
CA ASP F 399 7.60 0.74 26.85
C ASP F 399 7.68 -0.72 27.27
N PRO F 400 6.80 -1.60 26.67
CA PRO F 400 6.73 -3.02 27.02
C PRO F 400 7.55 -3.91 26.11
N LEU F 401 7.92 -3.39 24.95
CA LEU F 401 8.80 -4.11 24.07
C LEU F 401 10.20 -4.14 24.68
N ASP F 402 10.78 -2.97 24.91
CA ASP F 402 12.08 -2.90 25.56
C ASP F 402 12.05 -3.31 27.02
N SER F 403 10.88 -3.58 27.61
CA SER F 403 10.81 -4.17 28.95
C SER F 403 10.69 -5.68 28.82
N THR F 404 11.60 -6.40 29.47
CA THR F 404 11.47 -7.85 29.55
C THR F 404 11.68 -8.29 30.98
N SER F 405 11.52 -9.59 31.18
CA SER F 405 11.81 -10.20 32.46
C SER F 405 12.44 -11.54 32.19
N ARG F 406 13.34 -11.96 33.08
CA ARG F 406 14.00 -13.24 32.93
C ARG F 406 13.04 -14.39 33.19
N ILE F 407 11.97 -14.14 33.96
CA ILE F 407 11.08 -15.20 34.43
C ILE F 407 10.06 -15.62 33.38
N MET F 408 9.91 -14.86 32.30
CA MET F 408 8.94 -15.24 31.27
C MET F 408 9.49 -16.40 30.45
N ASP F 409 8.93 -17.56 30.67
CA ASP F 409 9.40 -18.85 30.20
C ASP F 409 8.19 -19.77 30.32
N PRO F 410 7.80 -20.49 29.26
CA PRO F 410 6.61 -21.36 29.36
C PRO F 410 6.75 -22.50 30.35
N ASN F 411 7.96 -22.84 30.77
CA ASN F 411 8.16 -23.79 31.84
C ASN F 411 8.09 -23.14 33.21
N ILE F 412 7.75 -21.85 33.28
CA ILE F 412 7.58 -21.16 34.55
C ILE F 412 6.19 -20.55 34.64
N VAL F 413 5.87 -19.62 33.73
CA VAL F 413 4.69 -18.79 33.88
C VAL F 413 3.47 -19.45 33.25
N GLY F 414 3.63 -20.66 32.72
CA GLY F 414 2.55 -21.35 32.09
C GLY F 414 2.42 -21.00 30.61
N SER F 415 1.67 -21.83 29.89
CA SER F 415 1.56 -21.64 28.46
C SER F 415 0.58 -20.53 28.10
N GLU F 416 -0.46 -20.34 28.91
CA GLU F 416 -1.50 -19.36 28.60
C GLU F 416 -0.96 -17.95 28.73
N HIS F 417 -0.30 -17.64 29.85
CA HIS F 417 0.33 -16.34 30.07
C HIS F 417 1.37 -16.05 29.00
N TYR F 418 2.15 -17.05 28.61
CA TYR F 418 3.20 -16.83 27.61
C TYR F 418 2.60 -16.55 26.24
N ASP F 419 1.56 -17.30 25.85
CA ASP F 419 0.95 -17.08 24.55
C ASP F 419 0.27 -15.72 24.48
N VAL F 420 -0.39 -15.31 25.56
CA VAL F 420 -1.04 -14.00 25.58
C VAL F 420 -0.01 -12.88 25.54
N ALA F 421 1.10 -13.03 26.28
CA ALA F 421 2.13 -12.00 26.31
C ALA F 421 2.83 -11.86 24.96
N ARG F 422 3.19 -12.98 24.34
CA ARG F 422 3.89 -12.88 23.07
C ARG F 422 2.96 -12.45 21.95
N GLY F 423 1.66 -12.76 22.04
CA GLY F 423 0.72 -12.22 21.09
C GLY F 423 0.55 -10.72 21.21
N VAL F 424 0.49 -10.20 22.45
CA VAL F 424 0.41 -8.76 22.68
C VAL F 424 1.64 -8.04 22.12
N GLN F 425 2.82 -8.60 22.36
CA GLN F 425 4.04 -7.99 21.83
C GLN F 425 4.10 -8.09 20.31
N LYS F 426 3.58 -9.17 19.73
CA LYS F 426 3.52 -9.31 18.28
C LYS F 426 2.61 -8.25 17.66
N ILE F 427 1.43 -8.06 18.25
CA ILE F 427 0.48 -7.08 17.73
C ILE F 427 1.05 -5.67 17.87
N LEU F 428 1.79 -5.39 18.94
CA LEU F 428 2.36 -4.05 19.08
C LEU F 428 3.55 -3.82 18.16
N GLN F 429 4.33 -4.86 17.84
CA GLN F 429 5.42 -4.66 16.88
C GLN F 429 4.90 -4.46 15.47
N ASP F 430 3.88 -5.25 15.08
CA ASP F 430 3.20 -5.02 13.81
C ASP F 430 2.56 -3.64 13.77
N TYR F 431 2.05 -3.15 14.90
CA TYR F 431 1.52 -1.81 14.95
C TYR F 431 2.60 -0.74 14.83
N LYS F 432 3.82 -1.03 15.27
CA LYS F 432 4.87 -0.03 15.10
C LYS F 432 5.28 0.12 13.64
N SER F 433 5.40 -1.01 12.93
CA SER F 433 5.65 -0.93 11.49
C SER F 433 4.50 -0.25 10.76
N LEU F 434 3.27 -0.64 11.09
CA LEU F 434 2.12 -0.03 10.46
C LEU F 434 1.92 1.42 10.86
N GLN F 435 2.45 1.87 12.00
CA GLN F 435 2.28 3.28 12.33
C GLN F 435 3.32 4.13 11.63
N ASP F 436 4.45 3.52 11.22
CA ASP F 436 5.30 4.19 10.23
C ASP F 436 4.53 4.44 8.93
N ILE F 437 3.88 3.40 8.40
CA ILE F 437 3.10 3.54 7.16
C ILE F 437 1.93 4.51 7.34
N ILE F 438 1.26 4.45 8.49
CA ILE F 438 0.14 5.35 8.80
C ILE F 438 0.59 6.79 8.92
N ALA F 439 1.73 7.03 9.58
CA ALA F 439 2.22 8.40 9.76
C ALA F 439 2.59 9.04 8.43
N ILE F 440 3.07 8.23 7.47
CA ILE F 440 3.29 8.83 6.16
C ILE F 440 1.96 8.97 5.41
N LEU F 441 1.33 7.85 5.07
CA LEU F 441 0.17 7.87 4.19
C LEU F 441 -1.12 8.15 4.96
N GLY F 442 -1.49 7.23 5.84
CA GLY F 442 -2.78 7.28 6.50
C GLY F 442 -3.38 5.90 6.63
N MET F 443 -4.49 5.78 7.37
CA MET F 443 -5.09 4.48 7.59
C MET F 443 -5.93 3.98 6.41
N ASP F 444 -6.05 4.77 5.35
CA ASP F 444 -6.78 4.34 4.17
C ASP F 444 -5.88 3.68 3.14
N GLU F 445 -4.74 3.15 3.55
CA GLU F 445 -3.86 2.36 2.71
C GLU F 445 -3.70 0.94 3.19
N LEU F 446 -4.41 0.56 4.26
CA LEU F 446 -4.23 -0.72 4.89
C LEU F 446 -5.33 -1.68 4.46
N SER F 447 -5.03 -2.97 4.51
CA SER F 447 -6.01 -3.99 4.19
C SER F 447 -6.86 -4.30 5.41
N GLU F 448 -7.70 -5.34 5.31
CA GLU F 448 -8.53 -5.73 6.44
C GLU F 448 -7.70 -6.37 7.55
N GLU F 449 -6.70 -7.17 7.17
CA GLU F 449 -5.79 -7.77 8.14
C GLU F 449 -5.00 -6.69 8.89
N ASP F 450 -4.48 -5.71 8.14
CA ASP F 450 -3.70 -4.64 8.74
C ASP F 450 -4.55 -3.75 9.63
N LYS F 451 -5.78 -3.46 9.22
CA LYS F 451 -6.63 -2.61 10.05
C LYS F 451 -7.13 -3.34 11.28
N LEU F 452 -7.31 -4.66 11.21
CA LEU F 452 -7.74 -5.37 12.40
C LEU F 452 -6.58 -5.44 13.37
N THR F 453 -5.36 -5.58 12.86
CA THR F 453 -4.17 -5.51 13.71
C THR F 453 -3.98 -4.14 14.35
N VAL F 454 -4.20 -3.05 13.59
CA VAL F 454 -4.10 -1.70 14.15
C VAL F 454 -5.18 -1.45 15.20
N SER F 455 -6.41 -1.91 14.95
CA SER F 455 -7.50 -1.68 15.90
C SER F 455 -7.30 -2.48 17.18
N ARG F 456 -6.96 -3.78 17.05
CA ARG F 456 -6.63 -4.60 18.21
C ARG F 456 -5.43 -4.05 18.97
N ALA F 457 -4.47 -3.45 18.25
CA ALA F 457 -3.28 -2.92 18.88
C ALA F 457 -3.58 -1.69 19.70
N ARG F 458 -4.41 -0.78 19.16
CA ARG F 458 -4.77 0.41 19.93
C ARG F 458 -5.63 0.03 21.13
N LYS F 459 -6.48 -0.98 20.98
CA LYS F 459 -7.27 -1.48 22.11
C LYS F 459 -6.39 -2.05 23.21
N ILE F 460 -5.39 -2.87 22.82
CA ILE F 460 -4.45 -3.43 23.79
C ILE F 460 -3.63 -2.34 24.44
N GLN F 461 -3.10 -1.40 23.65
CA GLN F 461 -2.22 -0.35 24.14
C GLN F 461 -2.95 0.61 25.09
N ARG F 462 -4.24 0.83 24.89
CA ARG F 462 -5.00 1.55 25.91
C ARG F 462 -5.27 0.69 27.11
N PHE F 463 -5.48 -0.63 26.91
CA PHE F 463 -5.83 -1.49 28.03
C PHE F 463 -4.62 -1.82 28.92
N LEU F 464 -3.39 -1.59 28.46
CA LEU F 464 -2.23 -1.73 29.34
C LEU F 464 -2.27 -0.69 30.45
N SER F 465 -2.82 0.49 30.19
CA SER F 465 -2.89 1.54 31.19
C SER F 465 -3.93 1.22 32.24
N GLN F 466 -3.60 1.50 33.49
CA GLN F 466 -4.53 1.39 34.58
C GLN F 466 -4.30 2.58 35.51
N PRO F 467 -5.29 2.95 36.31
CA PRO F 467 -5.05 3.97 37.33
C PRO F 467 -4.47 3.37 38.60
N PHE F 468 -3.47 4.04 39.15
CA PHE F 468 -2.90 3.53 40.39
C PHE F 468 -3.57 4.19 41.59
N GLN F 469 -3.27 3.63 42.76
CA GLN F 469 -3.82 4.15 44.01
C GLN F 469 -3.13 5.46 44.40
N VAL F 470 -1.82 5.52 44.23
CA VAL F 470 -1.07 6.70 44.65
C VAL F 470 -1.27 7.86 43.68
N ALA F 471 -1.47 7.59 42.40
CA ALA F 471 -1.73 8.65 41.42
C ALA F 471 -3.22 8.85 41.19
N GLU F 472 -3.97 8.99 42.29
CA GLU F 472 -5.38 9.32 42.18
C GLU F 472 -5.61 10.81 42.22
N VAL F 473 -4.58 11.59 42.53
CA VAL F 473 -4.69 13.04 42.53
C VAL F 473 -4.65 13.57 41.12
N PHE F 474 -3.81 12.98 40.27
CA PHE F 474 -3.67 13.44 38.90
C PHE F 474 -4.88 13.05 38.06
N THR F 475 -5.18 11.75 38.00
CA THR F 475 -6.38 11.27 37.32
C THR F 475 -7.59 11.41 38.22
N GLY F 476 -8.71 10.83 37.79
CA GLY F 476 -9.91 10.87 38.60
C GLY F 476 -10.24 9.54 39.22
N HIS F 477 -9.74 8.47 38.63
CA HIS F 477 -10.13 7.12 39.01
C HIS F 477 -9.49 6.71 40.33
N LEU F 478 -10.14 5.77 41.01
CA LEU F 478 -9.60 5.18 42.22
C LEU F 478 -8.54 4.14 41.86
N GLY F 479 -7.91 3.58 42.88
CA GLY F 479 -6.86 2.61 42.65
C GLY F 479 -7.38 1.24 42.26
N LYS F 480 -7.00 0.77 41.08
CA LYS F 480 -7.43 -0.53 40.60
C LYS F 480 -6.33 -1.55 40.85
N LEU F 481 -6.66 -2.59 41.59
CA LEU F 481 -5.77 -3.72 41.83
C LEU F 481 -6.28 -4.88 40.98
N VAL F 482 -5.61 -5.13 39.87
CA VAL F 482 -6.03 -6.13 38.90
C VAL F 482 -5.34 -7.44 39.23
N PRO F 483 -6.07 -8.51 39.49
CA PRO F 483 -5.44 -9.82 39.69
C PRO F 483 -4.80 -10.37 38.42
N LEU F 484 -4.12 -11.50 38.55
CA LEU F 484 -3.36 -12.05 37.44
C LEU F 484 -4.29 -12.67 36.39
N LYS F 485 -5.23 -13.51 36.84
CA LYS F 485 -6.08 -14.24 35.90
C LYS F 485 -7.01 -13.31 35.14
N GLU F 486 -7.35 -12.16 35.72
CA GLU F 486 -8.14 -11.18 34.98
C GLU F 486 -7.31 -10.45 33.94
N THR F 487 -6.01 -10.27 34.20
CA THR F 487 -5.12 -9.72 33.18
C THR F 487 -5.00 -10.66 31.99
N ILE F 488 -4.77 -11.96 32.27
CA ILE F 488 -4.70 -12.96 31.20
C ILE F 488 -6.03 -13.06 30.45
N LYS F 489 -7.15 -13.05 31.17
CA LYS F 489 -8.45 -13.19 30.51
C LYS F 489 -8.78 -11.95 29.68
N GLY F 490 -8.49 -10.76 30.19
CA GLY F 490 -8.80 -9.54 29.45
C GLY F 490 -7.96 -9.40 28.19
N PHE F 491 -6.63 -9.56 28.33
CA PHE F 491 -5.79 -9.48 27.14
C PHE F 491 -6.00 -10.65 26.19
N GLN F 492 -6.44 -11.81 26.71
CA GLN F 492 -6.72 -12.93 25.83
C GLN F 492 -7.98 -12.69 25.01
N GLN F 493 -8.99 -12.06 25.62
CA GLN F 493 -10.19 -11.71 24.86
C GLN F 493 -9.92 -10.63 23.84
N ILE F 494 -9.14 -9.60 24.21
CA ILE F 494 -8.84 -8.53 23.26
C ILE F 494 -7.94 -9.04 22.14
N LEU F 495 -7.04 -9.97 22.44
CA LEU F 495 -6.16 -10.53 21.44
C LEU F 495 -6.89 -11.49 20.50
N ALA F 496 -7.78 -12.31 21.05
CA ALA F 496 -8.58 -13.20 20.23
C ALA F 496 -9.63 -12.45 19.42
N GLY F 497 -9.99 -11.24 19.84
CA GLY F 497 -10.77 -10.37 18.98
C GLY F 497 -12.25 -10.50 19.20
N GLU F 498 -12.66 -10.62 20.45
CA GLU F 498 -14.07 -10.62 20.78
C GLU F 498 -14.61 -9.21 20.98
N PHE F 499 -13.75 -8.20 20.93
CA PHE F 499 -14.13 -6.82 21.21
C PHE F 499 -13.87 -5.94 19.99
N ASP F 500 -14.31 -6.39 18.82
CA ASP F 500 -14.22 -5.61 17.59
C ASP F 500 -15.36 -4.61 17.44
N HIS F 501 -16.08 -4.29 18.52
CA HIS F 501 -17.13 -3.28 18.48
C HIS F 501 -17.01 -2.22 19.56
N LEU F 502 -16.25 -2.45 20.63
CA LEU F 502 -16.05 -1.43 21.64
C LEU F 502 -15.09 -0.37 21.11
N PRO F 503 -15.27 0.89 21.52
CA PRO F 503 -14.30 1.93 21.13
C PRO F 503 -13.01 1.79 21.91
N GLU F 504 -11.94 2.36 21.35
CA GLU F 504 -10.67 2.39 22.04
C GLU F 504 -10.66 3.35 23.22
N GLN F 505 -11.60 4.28 23.27
CA GLN F 505 -11.73 5.17 24.41
C GLN F 505 -12.26 4.46 25.65
N ALA F 506 -12.84 3.27 25.48
CA ALA F 506 -13.41 2.50 26.57
C ALA F 506 -12.39 1.63 27.29
N PHE F 507 -11.16 1.57 26.80
CA PHE F 507 -10.11 0.77 27.41
C PHE F 507 -9.10 1.63 28.17
N TYR F 508 -9.34 2.92 28.28
CA TYR F 508 -8.35 3.84 28.85
C TYR F 508 -8.64 4.04 30.33
N MET F 509 -7.62 3.78 31.16
CA MET F 509 -7.67 3.90 32.62
C MET F 509 -8.81 3.07 33.22
N VAL F 510 -8.68 1.76 33.05
CA VAL F 510 -9.79 0.86 33.26
C VAL F 510 -9.51 -0.15 34.37
N GLY F 511 -8.50 -0.99 34.18
CA GLY F 511 -8.30 -2.08 35.10
C GLY F 511 -8.80 -3.40 34.56
N PRO F 512 -9.76 -4.01 35.24
CA PRO F 512 -10.31 -5.29 34.76
C PRO F 512 -11.12 -5.10 33.50
N ILE F 513 -11.28 -6.18 32.74
CA ILE F 513 -11.95 -6.07 31.44
C ILE F 513 -13.45 -5.86 31.57
N GLU F 514 -14.04 -6.29 32.69
CA GLU F 514 -15.45 -6.01 32.93
C GLU F 514 -15.67 -4.53 33.16
N GLU F 515 -14.68 -3.83 33.69
CA GLU F 515 -14.73 -2.38 33.76
C GLU F 515 -14.67 -1.75 32.36
N ALA F 516 -14.00 -2.41 31.42
CA ALA F 516 -13.97 -1.90 30.05
C ALA F 516 -15.31 -2.07 29.35
N VAL F 517 -15.94 -3.24 29.55
CA VAL F 517 -17.28 -3.47 29.02
C VAL F 517 -18.27 -2.50 29.65
N ALA F 518 -18.15 -2.27 30.96
CA ALA F 518 -19.03 -1.33 31.65
C ALA F 518 -18.79 0.10 31.22
N LYS F 519 -17.54 0.47 30.93
CA LYS F 519 -17.26 1.82 30.46
C LYS F 519 -17.81 2.04 29.06
N ALA F 520 -17.76 1.02 28.20
CA ALA F 520 -18.37 1.14 26.89
C ALA F 520 -19.89 1.21 26.97
N ASP F 521 -20.49 0.43 27.88
CA ASP F 521 -21.94 0.48 28.05
C ASP F 521 -22.39 1.82 28.64
N LYS F 522 -21.61 2.36 29.58
CA LYS F 522 -21.93 3.65 30.15
C LYS F 522 -21.69 4.79 29.16
N LEU F 523 -20.72 4.63 28.26
CA LEU F 523 -20.51 5.60 27.19
C LEU F 523 -21.67 5.59 26.21
N ALA F 524 -22.14 4.40 25.84
CA ALA F 524 -23.30 4.31 24.95
C ALA F 524 -24.57 4.81 25.63
N GLU F 525 -24.69 4.61 26.94
CA GLU F 525 -25.88 5.07 27.65
C GLU F 525 -25.85 6.58 27.89
N GLU F 526 -24.67 7.17 28.12
CA GLU F 526 -24.62 8.63 28.22
C GLU F 526 -24.72 9.29 26.84
N HIS F 527 -24.37 8.58 25.76
CA HIS F 527 -24.78 9.02 24.44
C HIS F 527 -26.23 8.69 24.13
N SER F 528 -26.89 7.91 24.98
CA SER F 528 -28.32 7.68 24.89
C SER F 528 -29.08 8.59 25.85
N ALA G 26 19.76 7.88 17.22
CA ALA G 26 20.10 7.15 16.01
C ALA G 26 21.51 7.49 15.56
N THR G 27 21.97 6.86 14.49
CA THR G 27 23.23 7.29 13.89
C THR G 27 22.97 8.45 12.94
N LEU G 28 24.02 8.91 12.28
CA LEU G 28 23.89 10.07 11.42
C LEU G 28 23.48 9.68 9.99
N LYS G 29 24.08 8.60 9.48
CA LYS G 29 23.76 8.15 8.14
C LYS G 29 22.35 7.57 8.05
N ASP G 30 21.86 7.01 9.16
CA ASP G 30 20.48 6.51 9.21
C ASP G 30 19.48 7.64 9.05
N ILE G 31 19.71 8.76 9.74
CA ILE G 31 18.78 9.87 9.64
C ILE G 31 18.94 10.58 8.29
N THR G 32 20.14 10.53 7.71
CA THR G 32 20.31 11.06 6.35
C THR G 32 19.52 10.24 5.34
N ARG G 33 19.56 8.91 5.46
CA ARG G 33 18.76 8.03 4.60
C ARG G 33 17.27 8.27 4.78
N ARG G 34 16.83 8.42 6.03
CA ARG G 34 15.42 8.64 6.33
C ARG G 34 14.94 9.98 5.77
N LEU G 35 15.75 11.04 5.91
CA LEU G 35 15.37 12.33 5.35
C LEU G 35 15.35 12.32 3.84
N LYS G 36 16.28 11.60 3.20
CA LYS G 36 16.26 11.47 1.74
C LYS G 36 14.97 10.79 1.28
N SER G 37 14.61 9.70 1.97
CA SER G 37 13.39 8.94 1.63
C SER G 37 12.13 9.79 1.79
N ILE G 38 12.04 10.56 2.88
CA ILE G 38 10.79 11.28 3.10
C ILE G 38 10.74 12.57 2.27
N LYS G 39 11.89 13.17 1.92
CA LYS G 39 11.88 14.27 0.97
C LYS G 39 11.42 13.81 -0.40
N ASN G 40 11.83 12.61 -0.80
CA ASN G 40 11.35 12.08 -2.08
C ASN G 40 9.86 11.76 -2.03
N ILE G 41 9.39 11.14 -0.95
CA ILE G 41 7.95 10.85 -0.80
C ILE G 41 7.12 12.13 -0.77
N GLN G 42 7.66 13.21 -0.20
CA GLN G 42 6.95 14.48 -0.16
C GLN G 42 6.86 15.12 -1.55
N LYS G 43 7.94 15.07 -2.33
CA LYS G 43 7.90 15.61 -3.68
C LYS G 43 6.99 14.80 -4.60
N ILE G 44 7.04 13.47 -4.49
CA ILE G 44 6.18 12.61 -5.30
C ILE G 44 4.72 12.76 -4.90
N THR G 45 4.45 13.04 -3.62
CA THR G 45 3.07 13.22 -3.18
C THR G 45 2.52 14.57 -3.63
N LYS G 46 3.36 15.62 -3.69
CA LYS G 46 2.92 16.85 -4.36
C LYS G 46 2.68 16.63 -5.85
N SER G 47 3.47 15.76 -6.49
CA SER G 47 3.24 15.44 -7.90
C SER G 47 1.91 14.73 -8.10
N MET G 48 1.58 13.79 -7.21
CA MET G 48 0.28 13.13 -7.25
C MET G 48 -0.85 14.11 -6.96
N LYS G 49 -0.60 15.11 -6.10
CA LYS G 49 -1.61 16.11 -5.81
C LYS G 49 -1.90 16.96 -7.04
N MET G 50 -0.86 17.35 -7.79
CA MET G 50 -1.10 18.15 -8.99
C MET G 50 -1.69 17.34 -10.15
N VAL G 51 -1.30 16.07 -10.27
CA VAL G 51 -1.91 15.19 -11.27
C VAL G 51 -3.39 14.96 -10.96
N ALA G 52 -3.71 14.71 -9.68
CA ALA G 52 -5.10 14.59 -9.28
C ALA G 52 -5.86 15.89 -9.45
N ALA G 53 -5.19 17.04 -9.32
CA ALA G 53 -5.87 18.31 -9.55
C ALA G 53 -6.19 18.51 -11.03
N ALA G 54 -5.26 18.18 -11.92
CA ALA G 54 -5.51 18.33 -13.36
C ALA G 54 -6.61 17.37 -13.83
N LYS G 55 -6.54 16.11 -13.41
CA LYS G 55 -7.59 15.16 -13.76
C LYS G 55 -8.91 15.49 -13.09
N TYR G 56 -8.86 16.17 -11.93
CA TYR G 56 -10.08 16.64 -11.28
C TYR G 56 -10.72 17.76 -12.08
N ALA G 57 -9.92 18.70 -12.59
CA ALA G 57 -10.47 19.77 -13.40
C ALA G 57 -11.06 19.23 -14.69
N ARG G 58 -10.42 18.23 -15.28
CA ARG G 58 -10.96 17.58 -16.47
C ARG G 58 -12.27 16.85 -16.16
N ALA G 59 -12.31 16.11 -15.04
CA ALA G 59 -13.52 15.39 -14.69
C ALA G 59 -14.64 16.34 -14.28
N GLU G 60 -14.30 17.49 -13.71
CA GLU G 60 -15.32 18.47 -13.32
C GLU G 60 -15.91 19.15 -14.53
N ARG G 61 -15.09 19.51 -15.52
CA ARG G 61 -15.67 20.10 -16.71
C ARG G 61 -16.37 19.05 -17.57
N GLU G 62 -16.00 17.78 -17.44
CA GLU G 62 -16.79 16.72 -18.08
C GLU G 62 -18.05 16.37 -17.31
N LEU G 63 -18.15 16.77 -16.03
CA LEU G 63 -19.26 16.34 -15.20
C LEU G 63 -20.55 17.08 -15.53
N LYS G 64 -20.45 18.24 -16.18
CA LYS G 64 -21.63 19.06 -16.42
C LYS G 64 -22.65 18.44 -17.39
N PRO G 65 -22.27 17.88 -18.55
CA PRO G 65 -23.32 17.23 -19.36
C PRO G 65 -23.79 15.91 -18.78
N ALA G 66 -22.90 15.12 -18.18
CA ALA G 66 -23.28 13.81 -17.66
C ALA G 66 -24.15 13.90 -16.42
N ARG G 67 -24.11 15.02 -15.70
CA ARG G 67 -24.99 15.19 -14.56
C ARG G 67 -26.43 15.38 -15.00
N VAL G 68 -26.65 16.20 -16.04
CA VAL G 68 -28.00 16.51 -16.52
C VAL G 68 -28.63 15.27 -17.14
N TYR G 69 -27.83 14.51 -17.88
CA TYR G 69 -28.22 13.23 -18.48
C TYR G 69 -28.75 12.26 -17.43
N GLY G 70 -27.98 12.06 -16.37
CA GLY G 70 -28.37 11.15 -15.32
C GLY G 70 -29.53 11.64 -14.48
N VAL G 71 -29.59 12.95 -14.20
CA VAL G 71 -30.72 13.41 -13.40
C VAL G 71 -31.98 13.47 -14.23
N GLY G 72 -31.87 13.53 -15.56
CA GLY G 72 -33.04 13.36 -16.40
C GLY G 72 -33.57 11.95 -16.36
N SER G 73 -32.65 10.97 -16.39
CA SER G 73 -33.06 9.57 -16.26
C SER G 73 -33.68 9.30 -14.88
N LEU G 74 -33.10 9.87 -13.84
CA LEU G 74 -33.69 9.71 -12.50
C LEU G 74 -35.00 10.49 -12.37
N ALA G 75 -35.16 11.59 -13.11
CA ALA G 75 -36.40 12.35 -13.03
C ALA G 75 -37.54 11.61 -13.72
N LEU G 76 -37.25 10.96 -14.85
CA LEU G 76 -38.29 10.16 -15.49
C LEU G 76 -38.61 8.92 -14.67
N TYR G 77 -37.61 8.36 -13.96
CA TYR G 77 -37.99 7.28 -13.06
C TYR G 77 -38.58 7.76 -11.74
N GLU G 78 -38.54 9.06 -11.44
CA GLU G 78 -39.18 9.58 -10.23
C GLU G 78 -40.63 9.96 -10.52
N LYS G 79 -40.91 10.52 -11.69
CA LYS G 79 -42.29 10.77 -12.07
C LYS G 79 -43.02 9.46 -12.31
N ALA G 80 -42.39 8.53 -13.02
CA ALA G 80 -42.87 7.15 -13.11
C ALA G 80 -42.33 6.37 -11.91
N ASP G 81 -42.90 6.67 -10.75
CA ASP G 81 -42.44 6.12 -9.47
C ASP G 81 -42.99 4.71 -9.23
N ILE G 82 -42.56 3.79 -10.09
CA ILE G 82 -42.95 2.39 -9.95
C ILE G 82 -42.25 1.78 -8.76
N LYS G 83 -42.98 0.97 -8.02
CA LYS G 83 -42.44 0.39 -6.79
C LYS G 83 -41.69 -0.90 -7.11
N THR G 84 -41.15 -1.54 -6.08
CA THR G 84 -40.46 -2.80 -6.26
C THR G 84 -41.35 -3.97 -5.85
N PRO G 85 -41.57 -4.95 -6.72
CA PRO G 85 -42.24 -6.18 -6.31
C PRO G 85 -41.37 -6.96 -5.34
N GLU G 86 -42.00 -7.57 -4.34
CA GLU G 86 -41.30 -8.31 -3.33
C GLU G 86 -41.37 -9.81 -3.64
N ASP G 87 -40.73 -10.59 -2.75
CA ASP G 87 -40.82 -12.05 -2.70
C ASP G 87 -40.26 -12.71 -3.97
N LYS G 88 -39.14 -12.17 -4.43
CA LYS G 88 -38.39 -12.79 -5.51
C LYS G 88 -36.90 -12.72 -5.19
N LYS G 89 -36.10 -13.30 -6.07
CA LYS G 89 -34.71 -13.64 -5.78
C LYS G 89 -33.71 -12.74 -6.47
N LYS G 90 -33.83 -12.54 -7.78
CA LYS G 90 -32.69 -12.17 -8.61
C LYS G 90 -32.31 -10.69 -8.47
N HIS G 91 -31.33 -10.45 -7.62
CA HIS G 91 -30.84 -9.12 -7.28
C HIS G 91 -29.44 -8.95 -7.81
N LEU G 92 -29.01 -7.69 -7.89
CA LEU G 92 -27.77 -7.34 -8.56
C LEU G 92 -27.20 -6.08 -7.91
N ILE G 93 -25.99 -6.18 -7.37
CA ILE G 93 -25.28 -5.02 -6.86
C ILE G 93 -24.15 -4.70 -7.83
N ILE G 94 -24.11 -3.46 -8.27
CA ILE G 94 -23.15 -2.99 -9.25
C ILE G 94 -22.18 -2.09 -8.49
N GLY G 95 -21.00 -2.60 -8.17
CA GLY G 95 -20.03 -1.75 -7.53
C GLY G 95 -19.25 -0.92 -8.53
N VAL G 96 -19.40 0.40 -8.48
CA VAL G 96 -18.64 1.26 -9.37
C VAL G 96 -17.86 2.31 -8.58
N SER G 97 -16.55 2.20 -8.71
CA SER G 97 -15.45 2.78 -7.96
C SER G 97 -14.21 2.74 -8.85
N SER G 98 -13.04 2.85 -8.24
CA SER G 98 -11.79 3.00 -8.97
C SER G 98 -11.05 1.68 -9.06
N ASP G 99 -10.07 1.62 -9.95
CA ASP G 99 -9.22 0.44 -10.08
C ASP G 99 -7.94 0.61 -9.28
N ARG G 100 -7.40 1.82 -9.28
CA ARG G 100 -6.13 2.11 -8.63
C ARG G 100 -6.40 3.11 -7.52
N GLY G 101 -6.00 2.77 -6.31
CA GLY G 101 -6.47 3.49 -5.14
C GLY G 101 -5.69 4.74 -4.86
N LEU G 102 -5.11 4.81 -3.64
CA LEU G 102 -4.32 5.94 -3.16
C LEU G 102 -5.16 7.21 -3.14
N CYS G 103 -6.41 7.06 -2.69
CA CYS G 103 -7.41 8.11 -2.86
C CYS G 103 -8.33 8.26 -1.65
N GLY G 104 -7.93 7.75 -0.49
CA GLY G 104 -8.71 7.98 0.72
C GLY G 104 -9.67 6.87 1.07
N ALA G 105 -10.79 7.24 1.70
CA ALA G 105 -11.75 6.30 2.26
C ALA G 105 -12.89 6.00 1.32
N ILE G 106 -12.62 6.00 0.02
CA ILE G 106 -13.62 5.74 -1.01
C ILE G 106 -14.07 4.29 -0.97
N HIS G 107 -13.11 3.38 -1.17
CA HIS G 107 -13.45 1.98 -1.38
C HIS G 107 -13.91 1.34 -0.08
N SER G 108 -13.48 1.90 1.05
CA SER G 108 -13.98 1.47 2.36
C SER G 108 -15.48 1.72 2.47
N SER G 109 -15.93 2.92 2.09
CA SER G 109 -17.34 3.25 2.17
C SER G 109 -18.14 2.44 1.16
N VAL G 110 -17.57 2.19 -0.02
CA VAL G 110 -18.25 1.40 -1.04
C VAL G 110 -18.41 -0.04 -0.60
N ALA G 111 -17.36 -0.63 -0.04
CA ALA G 111 -17.41 -2.00 0.44
C ALA G 111 -18.34 -2.14 1.63
N LYS G 112 -18.37 -1.13 2.50
CA LYS G 112 -19.30 -1.11 3.63
C LYS G 112 -20.74 -1.10 3.16
N GLN G 113 -21.07 -0.23 2.20
CA GLN G 113 -22.43 -0.16 1.69
C GLN G 113 -22.80 -1.42 0.92
N MET G 114 -21.85 -1.99 0.18
CA MET G 114 -22.09 -3.20 -0.59
C MET G 114 -22.38 -4.39 0.31
N LYS G 115 -21.54 -4.61 1.33
CA LYS G 115 -21.81 -5.73 2.23
C LYS G 115 -22.99 -5.47 3.16
N SER G 116 -23.33 -4.22 3.44
CA SER G 116 -24.56 -3.95 4.20
C SER G 116 -25.79 -4.32 3.37
N GLU G 117 -25.78 -3.96 2.09
CA GLU G 117 -26.87 -4.37 1.22
C GLU G 117 -26.84 -5.87 0.96
N ALA G 118 -25.67 -6.49 1.06
CA ALA G 118 -25.58 -7.94 0.89
C ALA G 118 -26.16 -8.67 2.09
N ALA G 119 -25.92 -8.15 3.30
CA ALA G 119 -26.51 -8.76 4.49
C ALA G 119 -28.00 -8.48 4.58
N ASN G 120 -28.44 -7.31 4.08
CA ASN G 120 -29.87 -7.05 4.02
C ASN G 120 -30.55 -7.89 2.95
N LEU G 121 -29.84 -8.17 1.86
CA LEU G 121 -30.32 -9.06 0.82
C LEU G 121 -29.93 -10.52 1.06
N ALA G 122 -29.27 -10.81 2.17
CA ALA G 122 -29.10 -12.20 2.56
C ALA G 122 -30.41 -12.79 3.07
N ALA G 123 -31.13 -12.04 3.89
CA ALA G 123 -32.45 -12.46 4.35
C ALA G 123 -33.52 -12.04 3.34
N ALA G 124 -34.32 -13.03 2.93
CA ALA G 124 -35.46 -12.98 2.01
C ALA G 124 -35.06 -12.73 0.55
N GLY G 125 -33.78 -12.48 0.30
CA GLY G 125 -33.25 -12.57 -1.04
C GLY G 125 -32.17 -13.63 -1.12
N LYS G 126 -32.02 -14.21 -2.30
CA LYS G 126 -31.03 -15.28 -2.42
C LYS G 126 -29.96 -14.97 -3.46
N GLU G 127 -30.35 -14.58 -4.67
CA GLU G 127 -29.39 -14.42 -5.76
C GLU G 127 -28.78 -13.03 -5.67
N VAL G 128 -27.68 -12.94 -4.93
CA VAL G 128 -26.97 -11.69 -4.69
C VAL G 128 -25.67 -11.82 -5.46
N LYS G 129 -25.76 -12.44 -6.63
CA LYS G 129 -24.63 -12.48 -7.57
C LYS G 129 -24.36 -11.07 -8.08
N ILE G 130 -23.11 -10.63 -8.01
CA ILE G 130 -22.85 -9.21 -8.21
C ILE G 130 -21.80 -8.94 -9.30
N ILE G 131 -21.82 -7.68 -9.74
CA ILE G 131 -20.84 -7.23 -10.71
C ILE G 131 -20.12 -6.04 -10.10
N GLY G 132 -18.87 -5.87 -10.48
CA GLY G 132 -18.06 -4.80 -9.93
C GLY G 132 -17.00 -4.39 -10.93
N VAL G 133 -16.56 -3.14 -10.79
CA VAL G 133 -15.50 -2.65 -11.65
C VAL G 133 -14.26 -2.45 -10.80
N GLY G 134 -13.12 -2.37 -11.46
CA GLY G 134 -11.88 -2.01 -10.82
C GLY G 134 -11.26 -3.16 -10.04
N ASP G 135 -9.95 -3.02 -9.81
CA ASP G 135 -9.23 -4.00 -9.01
C ASP G 135 -9.57 -3.88 -7.53
N LYS G 136 -9.87 -2.67 -7.05
CA LYS G 136 -10.01 -2.45 -5.62
C LYS G 136 -11.30 -3.06 -5.07
N ILE G 137 -12.35 -3.16 -5.91
CA ILE G 137 -13.60 -3.72 -5.44
C ILE G 137 -13.51 -5.24 -5.29
N ARG G 138 -12.88 -5.91 -6.23
CA ARG G 138 -12.66 -7.34 -6.05
C ARG G 138 -11.55 -7.61 -5.03
N SER G 139 -10.65 -6.64 -4.84
CA SER G 139 -9.60 -6.80 -3.85
C SER G 139 -10.11 -6.57 -2.44
N ILE G 140 -11.23 -5.86 -2.30
CA ILE G 140 -11.83 -5.72 -0.98
C ILE G 140 -12.93 -6.79 -0.87
N LEU G 141 -13.12 -7.57 -1.94
CA LEU G 141 -14.06 -8.70 -1.94
C LEU G 141 -13.40 -10.01 -2.34
N HIS G 142 -12.26 -10.36 -1.76
CA HIS G 142 -11.74 -11.72 -1.85
C HIS G 142 -12.10 -12.57 -0.65
N ARG G 143 -12.79 -12.03 0.35
CA ARG G 143 -12.95 -12.73 1.61
C ARG G 143 -14.40 -12.97 1.98
N THR G 144 -15.24 -11.94 2.01
CA THR G 144 -16.57 -12.10 2.55
C THR G 144 -17.55 -12.65 1.51
N HIS G 145 -17.53 -12.11 0.30
CA HIS G 145 -18.38 -12.58 -0.79
C HIS G 145 -17.51 -12.94 -1.99
N SER G 146 -16.48 -13.75 -1.75
CA SER G 146 -15.61 -14.22 -2.81
C SER G 146 -16.29 -15.24 -3.71
N ASP G 147 -17.42 -15.81 -3.28
CA ASP G 147 -18.20 -16.64 -4.19
C ASP G 147 -19.10 -15.80 -5.08
N GLN G 148 -19.76 -14.78 -4.51
CA GLN G 148 -20.88 -14.14 -5.15
C GLN G 148 -20.50 -13.07 -6.17
N PHE G 149 -19.24 -12.68 -6.28
CA PHE G 149 -18.91 -11.67 -7.28
C PHE G 149 -18.85 -12.36 -8.64
N LEU G 150 -19.75 -11.95 -9.54
CA LEU G 150 -19.89 -12.66 -10.80
C LEU G 150 -18.99 -12.08 -11.87
N VAL G 151 -19.08 -10.77 -12.14
CA VAL G 151 -18.08 -10.27 -13.09
C VAL G 151 -17.35 -9.08 -12.51
N THR G 152 -16.12 -8.89 -12.96
CA THR G 152 -15.29 -7.79 -12.50
C THR G 152 -14.73 -7.08 -13.72
N PHE G 153 -14.46 -5.80 -13.58
CA PHE G 153 -13.88 -5.03 -14.67
C PHE G 153 -12.55 -4.45 -14.25
N LYS G 154 -11.83 -3.92 -15.23
CA LYS G 154 -10.44 -3.57 -15.07
C LYS G 154 -10.15 -2.37 -15.95
N GLU G 155 -9.16 -1.56 -15.53
CA GLU G 155 -8.68 -0.33 -16.18
C GLU G 155 -9.67 0.81 -16.07
N VAL G 156 -10.51 0.81 -15.04
CA VAL G 156 -11.32 2.00 -14.78
C VAL G 156 -10.44 3.04 -14.10
N GLY G 157 -10.81 4.30 -14.24
CA GLY G 157 -10.09 5.37 -13.58
C GLY G 157 -8.72 5.69 -14.15
N ARG G 158 -8.28 5.03 -15.23
CA ARG G 158 -7.02 5.39 -15.86
C ARG G 158 -7.25 6.43 -16.94
N ARG G 159 -8.02 6.06 -17.94
CA ARG G 159 -8.64 7.01 -18.84
C ARG G 159 -9.89 7.57 -18.17
N PRO G 160 -10.38 8.73 -18.62
CA PRO G 160 -11.69 9.18 -18.16
C PRO G 160 -12.77 8.25 -18.68
N PRO G 161 -13.84 8.05 -17.93
CA PRO G 161 -14.91 7.16 -18.40
C PRO G 161 -15.71 7.80 -19.52
N THR G 162 -16.10 6.96 -20.47
CA THR G 162 -16.76 7.35 -21.71
C THR G 162 -18.09 6.62 -21.77
N PHE G 163 -18.71 6.63 -22.95
CA PHE G 163 -19.94 5.86 -23.10
C PHE G 163 -19.71 4.47 -23.69
N GLY G 164 -18.71 4.30 -24.56
CA GLY G 164 -18.50 3.00 -25.19
C GLY G 164 -17.99 1.94 -24.24
N ASP G 165 -17.23 2.34 -23.22
CA ASP G 165 -16.87 1.37 -22.20
C ASP G 165 -18.05 1.02 -21.31
N ALA G 166 -18.94 1.98 -21.04
CA ALA G 166 -20.18 1.66 -20.34
C ALA G 166 -21.05 0.74 -21.18
N SER G 167 -20.97 0.87 -22.50
CA SER G 167 -21.58 -0.10 -23.39
C SER G 167 -20.94 -1.48 -23.24
N VAL G 168 -19.62 -1.52 -23.03
CA VAL G 168 -18.96 -2.81 -22.81
C VAL G 168 -19.44 -3.43 -21.50
N ILE G 169 -19.62 -2.62 -20.46
CA ILE G 169 -20.19 -3.10 -19.21
C ILE G 169 -21.63 -3.63 -19.41
N ALA G 170 -22.43 -2.92 -20.21
CA ALA G 170 -23.79 -3.36 -20.45
C ALA G 170 -23.83 -4.65 -21.27
N LEU G 171 -22.92 -4.81 -22.22
CA LEU G 171 -22.85 -6.05 -22.99
C LEU G 171 -22.36 -7.22 -22.14
N GLU G 172 -21.44 -6.97 -21.21
CA GLU G 172 -20.99 -8.05 -20.34
C GLU G 172 -21.97 -8.32 -19.21
N LEU G 173 -22.96 -7.45 -19.01
CA LEU G 173 -24.06 -7.73 -18.09
C LEU G 173 -25.21 -8.45 -18.76
N LEU G 174 -25.49 -8.13 -20.02
CA LEU G 174 -26.69 -8.63 -20.70
C LEU G 174 -26.39 -9.81 -21.61
N ASN G 175 -25.42 -9.68 -22.52
CA ASN G 175 -25.13 -10.75 -23.47
C ASN G 175 -24.46 -11.93 -22.80
N SER G 176 -23.62 -11.67 -21.79
CA SER G 176 -23.30 -12.76 -20.87
C SER G 176 -24.53 -12.98 -20.02
N GLY G 177 -25.33 -13.99 -20.37
CA GLY G 177 -26.70 -14.14 -19.93
C GLY G 177 -26.94 -14.23 -18.43
N TYR G 178 -27.59 -13.19 -17.89
CA TYR G 178 -28.08 -13.22 -16.53
C TYR G 178 -29.32 -12.36 -16.46
N GLU G 179 -30.29 -12.81 -15.66
CA GLU G 179 -31.53 -12.09 -15.44
C GLU G 179 -31.63 -11.69 -13.98
N PHE G 180 -32.11 -10.47 -13.74
CA PHE G 180 -32.18 -9.91 -12.40
C PHE G 180 -33.43 -9.04 -12.33
N ASP G 181 -34.04 -8.96 -11.13
CA ASP G 181 -35.22 -8.13 -10.99
C ASP G 181 -35.00 -6.90 -10.12
N GLU G 182 -34.05 -6.94 -9.18
CA GLU G 182 -33.88 -5.78 -8.32
C GLU G 182 -32.44 -5.70 -7.83
N GLY G 183 -32.05 -4.59 -7.23
CA GLY G 183 -30.70 -4.44 -6.73
C GLY G 183 -30.34 -2.98 -6.60
N SER G 184 -29.05 -2.68 -6.71
CA SER G 184 -28.60 -1.31 -6.56
C SER G 184 -27.32 -1.13 -7.35
N ILE G 185 -27.08 0.10 -7.78
CA ILE G 185 -25.82 0.47 -8.41
C ILE G 185 -25.09 1.38 -7.42
N ILE G 186 -24.21 0.76 -6.63
CA ILE G 186 -23.47 1.48 -5.60
C ILE G 186 -22.38 2.27 -6.29
N PHE G 187 -22.60 3.56 -6.44
CA PHE G 187 -21.67 4.42 -7.15
C PHE G 187 -21.07 5.43 -6.19
N ASN G 188 -19.81 5.75 -6.40
CA ASN G 188 -19.24 6.88 -5.67
C ASN G 188 -19.87 8.21 -6.10
N ARG G 189 -20.66 8.83 -5.22
CA ARG G 189 -21.33 10.07 -5.59
C ARG G 189 -20.43 11.26 -5.27
N PHE G 190 -20.32 12.17 -6.23
CA PHE G 190 -19.54 13.38 -6.08
C PHE G 190 -20.44 14.51 -5.59
N ARG G 191 -19.96 15.26 -4.59
CA ARG G 191 -20.69 16.43 -4.12
C ARG G 191 -19.87 17.70 -4.09
N SER G 192 -18.59 17.63 -3.70
CA SER G 192 -17.82 18.85 -3.49
C SER G 192 -16.34 18.52 -3.66
N VAL G 193 -15.50 19.53 -3.46
CA VAL G 193 -14.06 19.37 -3.56
C VAL G 193 -13.54 18.51 -2.41
N ILE G 194 -14.12 18.63 -1.23
CA ILE G 194 -13.68 17.89 -0.06
C ILE G 194 -14.50 16.63 0.15
N SER G 195 -15.83 16.75 0.12
CA SER G 195 -16.71 15.67 0.50
C SER G 195 -17.08 14.81 -0.69
N TYR G 196 -17.75 13.70 -0.38
CA TYR G 196 -18.34 12.81 -1.37
C TYR G 196 -19.51 12.11 -0.70
N LYS G 197 -20.09 11.12 -1.37
CA LYS G 197 -21.20 10.39 -0.80
C LYS G 197 -21.21 8.98 -1.38
N THR G 198 -21.53 8.00 -0.55
CA THR G 198 -21.70 6.63 -0.99
C THR G 198 -23.16 6.24 -0.79
N GLU G 199 -23.90 6.13 -1.89
CA GLU G 199 -25.33 5.84 -1.84
C GLU G 199 -25.74 5.20 -3.15
N GLU G 200 -26.94 4.62 -3.15
CA GLU G 200 -27.41 3.73 -4.20
C GLU G 200 -28.41 4.42 -5.12
N LYS G 201 -28.66 3.79 -6.25
CA LYS G 201 -29.81 4.14 -7.06
C LYS G 201 -30.61 2.89 -7.36
N PRO G 202 -31.94 2.98 -7.38
CA PRO G 202 -32.74 1.81 -7.74
C PRO G 202 -32.60 1.47 -9.21
N ILE G 203 -32.20 0.24 -9.48
CA ILE G 203 -32.09 -0.24 -10.86
C ILE G 203 -33.29 -1.12 -11.17
N PHE G 204 -34.31 -0.48 -11.76
CA PHE G 204 -35.51 -1.19 -12.20
C PHE G 204 -35.16 -2.08 -13.37
N SER G 205 -35.47 -3.37 -13.25
CA SER G 205 -34.68 -4.32 -14.02
C SER G 205 -35.47 -5.08 -15.08
N LEU G 206 -36.52 -5.78 -14.66
CA LEU G 206 -37.33 -6.50 -15.63
C LEU G 206 -38.56 -5.67 -15.98
N ASP G 207 -39.12 -5.93 -17.15
CA ASP G 207 -40.25 -5.18 -17.70
C ASP G 207 -41.48 -5.26 -16.82
N THR G 208 -41.63 -6.36 -16.07
CA THR G 208 -42.76 -6.52 -15.18
C THR G 208 -42.71 -5.53 -14.02
N ILE G 209 -41.50 -5.18 -13.57
CA ILE G 209 -41.35 -4.08 -12.61
C ILE G 209 -41.78 -2.77 -13.26
N SER G 210 -41.41 -2.59 -14.53
CA SER G 210 -41.81 -1.39 -15.24
C SER G 210 -43.28 -1.43 -15.60
N SER G 211 -43.68 -2.37 -16.46
CA SER G 211 -45.07 -2.45 -16.93
C SER G 211 -45.93 -3.10 -15.85
N ALA G 212 -46.22 -2.33 -14.80
CA ALA G 212 -47.15 -2.76 -13.76
C ALA G 212 -48.38 -1.87 -13.69
N GLU G 213 -48.24 -0.58 -13.41
CA GLU G 213 -49.40 0.31 -13.50
C GLU G 213 -49.10 1.60 -14.26
N SER G 214 -47.89 2.14 -14.10
CA SER G 214 -47.60 3.47 -14.62
C SER G 214 -47.39 3.44 -16.12
N MET G 215 -46.80 2.35 -16.63
CA MET G 215 -46.71 2.17 -18.06
C MET G 215 -48.07 1.84 -18.69
N SER G 216 -48.98 1.24 -17.92
CA SER G 216 -50.34 1.06 -18.42
C SER G 216 -51.08 2.39 -18.50
N ILE G 217 -50.73 3.34 -17.62
CA ILE G 217 -51.18 4.72 -17.81
C ILE G 217 -50.55 5.34 -19.05
N TYR G 218 -49.30 5.02 -19.34
CA TYR G 218 -48.59 5.66 -20.44
C TYR G 218 -48.93 4.96 -21.76
N ASP G 219 -48.20 5.32 -22.80
CA ASP G 219 -48.53 4.87 -24.15
C ASP G 219 -47.30 4.26 -24.81
N ASP G 220 -47.56 3.35 -25.75
CA ASP G 220 -46.54 2.65 -26.55
C ASP G 220 -45.56 1.90 -25.66
N ILE G 221 -46.10 0.96 -24.90
CA ILE G 221 -45.36 0.30 -23.84
C ILE G 221 -45.24 -1.18 -24.15
N ASP G 222 -45.12 -1.49 -25.44
CA ASP G 222 -44.92 -2.87 -25.89
C ASP G 222 -43.61 -3.43 -25.37
N ALA G 223 -43.53 -4.77 -25.35
CA ALA G 223 -42.50 -5.47 -24.59
C ALA G 223 -41.11 -5.23 -25.15
N ASP G 224 -40.96 -5.25 -26.47
CA ASP G 224 -39.64 -5.09 -27.07
C ASP G 224 -39.14 -3.66 -26.96
N VAL G 225 -40.01 -2.68 -27.22
CA VAL G 225 -39.64 -1.28 -27.10
C VAL G 225 -39.25 -0.95 -25.66
N LEU G 226 -40.00 -1.47 -24.70
CA LEU G 226 -39.71 -1.17 -23.32
C LEU G 226 -38.48 -1.93 -22.82
N ARG G 227 -38.20 -3.12 -23.35
CA ARG G 227 -36.99 -3.79 -22.89
C ARG G 227 -35.73 -3.24 -23.55
N ASN G 228 -35.84 -2.74 -24.79
CA ASN G 228 -34.71 -2.03 -25.38
C ASN G 228 -34.48 -0.70 -24.66
N TYR G 229 -35.58 -0.06 -24.24
CA TYR G 229 -35.50 1.09 -23.36
C TYR G 229 -34.83 0.74 -22.04
N GLN G 230 -35.11 -0.45 -21.53
CA GLN G 230 -34.54 -0.84 -20.25
C GLN G 230 -33.03 -1.08 -20.35
N GLU G 231 -32.59 -1.73 -21.44
CA GLU G 231 -31.16 -1.90 -21.66
C GLU G 231 -30.47 -0.57 -21.84
N TYR G 232 -31.12 0.38 -22.54
CA TYR G 232 -30.53 1.70 -22.65
C TYR G 232 -30.54 2.45 -21.32
N SER G 233 -31.52 2.18 -20.46
CA SER G 233 -31.52 2.75 -19.12
C SER G 233 -30.36 2.21 -18.30
N LEU G 234 -30.01 0.94 -18.50
CA LEU G 234 -28.82 0.39 -17.87
C LEU G 234 -27.57 1.12 -18.30
N ALA G 235 -27.41 1.32 -19.62
CA ALA G 235 -26.22 2.02 -20.12
C ALA G 235 -26.19 3.47 -19.65
N ASN G 236 -27.37 4.07 -19.53
CA ASN G 236 -27.53 5.44 -19.03
C ASN G 236 -27.01 5.56 -17.60
N ILE G 237 -27.53 4.72 -16.69
CA ILE G 237 -27.17 4.88 -15.29
C ILE G 237 -25.74 4.43 -15.05
N ILE G 238 -25.20 3.53 -15.88
CA ILE G 238 -23.82 3.13 -15.72
C ILE G 238 -22.87 4.22 -16.19
N TYR G 239 -23.22 4.94 -17.26
CA TYR G 239 -22.45 6.11 -17.68
C TYR G 239 -22.42 7.18 -16.61
N TYR G 240 -23.60 7.49 -16.05
CA TYR G 240 -23.72 8.47 -14.97
C TYR G 240 -22.90 8.07 -13.76
N SER G 241 -22.94 6.78 -13.41
CA SER G 241 -22.20 6.27 -12.26
C SER G 241 -20.70 6.35 -12.47
N LEU G 242 -20.22 6.00 -13.67
CA LEU G 242 -18.78 6.04 -13.91
C LEU G 242 -18.24 7.46 -13.90
N LYS G 243 -18.95 8.42 -14.48
CA LYS G 243 -18.36 9.76 -14.46
C LYS G 243 -18.48 10.40 -13.08
N GLU G 244 -19.55 10.08 -12.33
CA GLU G 244 -19.67 10.55 -10.96
C GLU G 244 -18.57 9.96 -10.07
N SER G 245 -18.27 8.67 -10.27
CA SER G 245 -17.26 7.99 -9.46
C SER G 245 -15.86 8.48 -9.79
N THR G 246 -15.59 8.77 -11.07
CA THR G 246 -14.26 9.25 -11.41
C THR G 246 -14.03 10.68 -10.91
N THR G 247 -15.08 11.52 -10.93
CA THR G 247 -14.93 12.86 -10.37
C THR G 247 -14.72 12.80 -8.86
N SER G 248 -15.45 11.92 -8.16
CA SER G 248 -15.23 11.76 -6.72
C SER G 248 -13.86 11.14 -6.42
N GLU G 249 -13.40 10.23 -7.28
CA GLU G 249 -12.05 9.66 -7.15
C GLU G 249 -10.99 10.74 -7.21
N GLN G 250 -11.05 11.60 -8.23
CA GLN G 250 -9.99 12.59 -8.38
C GLN G 250 -10.05 13.66 -7.29
N SER G 251 -11.25 14.03 -6.84
CA SER G 251 -11.36 14.98 -5.73
C SER G 251 -10.78 14.41 -4.44
N ALA G 252 -11.18 13.20 -4.07
CA ALA G 252 -10.68 12.63 -2.83
C ALA G 252 -9.21 12.24 -2.93
N ARG G 253 -8.71 11.93 -4.13
CA ARG G 253 -7.29 11.64 -4.28
C ARG G 253 -6.46 12.90 -4.13
N MET G 254 -6.95 14.02 -4.67
CA MET G 254 -6.27 15.31 -4.46
C MET G 254 -6.25 15.68 -2.99
N THR G 255 -7.35 15.40 -2.27
CA THR G 255 -7.39 15.68 -0.84
C THR G 255 -6.41 14.80 -0.07
N ALA G 256 -6.37 13.50 -0.41
CA ALA G 256 -5.48 12.58 0.29
C ALA G 256 -4.02 12.89 0.03
N MET G 257 -3.68 13.31 -1.18
CA MET G 257 -2.29 13.64 -1.45
C MET G 257 -1.89 14.99 -0.87
N ASP G 258 -2.85 15.91 -0.73
CA ASP G 258 -2.58 17.15 0.00
C ASP G 258 -2.26 16.86 1.47
N ASN G 259 -3.09 16.02 2.11
CA ASN G 259 -2.85 15.70 3.51
C ASN G 259 -1.60 14.85 3.71
N ALA G 260 -1.28 13.98 2.75
CA ALA G 260 -0.06 13.18 2.89
C ALA G 260 1.20 14.02 2.66
N SER G 261 1.14 15.01 1.76
CA SER G 261 2.25 15.94 1.62
C SER G 261 2.44 16.78 2.88
N LYS G 262 1.34 17.17 3.53
CA LYS G 262 1.48 17.94 4.76
C LYS G 262 2.07 17.10 5.90
N ASN G 263 1.63 15.84 6.02
CA ASN G 263 2.17 14.98 7.07
C ASN G 263 3.62 14.63 6.80
N ALA G 264 3.98 14.44 5.54
CA ALA G 264 5.37 14.17 5.19
C ALA G 264 6.24 15.39 5.42
N SER G 265 5.72 16.60 5.19
CA SER G 265 6.50 17.80 5.45
C SER G 265 6.72 18.01 6.95
N GLU G 266 5.70 17.72 7.75
CA GLU G 266 5.86 17.78 9.21
C GLU G 266 6.89 16.79 9.69
N MET G 267 6.89 15.58 9.13
CA MET G 267 7.86 14.59 9.59
C MET G 267 9.27 14.90 9.08
N ILE G 268 9.38 15.54 7.91
CA ILE G 268 10.67 16.06 7.45
C ILE G 268 11.21 17.11 8.41
N ASP G 269 10.33 17.99 8.92
CA ASP G 269 10.76 19.01 9.87
C ASP G 269 11.25 18.38 11.18
N LYS G 270 10.50 17.40 11.70
CA LYS G 270 10.90 16.72 12.94
C LYS G 270 12.21 15.96 12.77
N LEU G 271 12.35 15.25 11.65
CA LEU G 271 13.56 14.48 11.42
C LEU G 271 14.75 15.37 11.10
N THR G 272 14.53 16.57 10.56
CA THR G 272 15.64 17.51 10.37
C THR G 272 16.12 18.05 11.71
N LEU G 273 15.19 18.30 12.64
CA LEU G 273 15.59 18.72 13.98
C LEU G 273 16.38 17.63 14.70
N THR G 274 15.94 16.37 14.61
CA THR G 274 16.72 15.34 15.28
C THR G 274 18.00 15.01 14.53
N PHE G 275 18.07 15.25 13.21
CA PHE G 275 19.32 15.13 12.48
C PHE G 275 20.32 16.17 12.94
N ASN G 276 19.86 17.40 13.16
CA ASN G 276 20.77 18.46 13.58
C ASN G 276 21.29 18.21 14.98
N ARG G 277 20.42 17.78 15.91
CA ARG G 277 20.91 17.52 17.27
C ARG G 277 21.82 16.29 17.30
N THR G 278 21.58 15.30 16.43
CA THR G 278 22.49 14.17 16.34
C THR G 278 23.83 14.58 15.76
N ARG G 279 23.83 15.47 14.78
CA ARG G 279 25.05 16.01 14.19
C ARG G 279 25.89 16.74 15.23
N GLN G 280 25.24 17.60 16.02
CA GLN G 280 25.95 18.34 17.06
C GLN G 280 26.50 17.40 18.13
N ALA G 281 25.75 16.34 18.47
CA ALA G 281 26.24 15.38 19.46
C ALA G 281 27.44 14.60 18.93
N VAL G 282 27.45 14.27 17.62
CA VAL G 282 28.59 13.57 17.04
C VAL G 282 29.82 14.46 17.01
N ILE G 283 29.65 15.74 16.68
CA ILE G 283 30.79 16.67 16.66
C ILE G 283 31.35 16.85 18.07
N THR G 284 30.48 17.00 19.06
CA THR G 284 30.94 17.19 20.44
C THR G 284 31.58 15.93 20.99
N LYS G 285 31.08 14.75 20.61
CA LYS G 285 31.68 13.50 21.06
C LYS G 285 33.08 13.32 20.49
N GLU G 286 33.23 13.53 19.17
CA GLU G 286 34.54 13.41 18.52
C GLU G 286 35.52 14.43 19.06
N LEU G 287 35.04 15.64 19.35
CA LEU G 287 35.87 16.69 19.93
C LEU G 287 36.33 16.33 21.33
N ILE G 288 35.44 15.77 22.15
CA ILE G 288 35.83 15.38 23.51
C ILE G 288 36.82 14.22 23.48
N GLU G 289 36.70 13.32 22.50
CA GLU G 289 37.68 12.24 22.39
C GLU G 289 39.06 12.77 22.00
N ILE G 290 39.12 13.70 21.04
CA ILE G 290 40.41 14.26 20.62
C ILE G 290 41.04 15.08 21.75
N ILE G 291 40.24 15.87 22.46
CA ILE G 291 40.75 16.69 23.55
C ILE G 291 41.19 15.84 24.73
N SER G 292 40.46 14.75 25.01
CA SER G 292 40.87 13.82 26.06
C SER G 292 42.16 13.11 25.70
N GLY G 293 42.35 12.76 24.42
CA GLY G 293 43.60 12.15 24.01
C GLY G 293 44.78 13.10 24.13
N ALA G 294 44.62 14.32 23.63
CA ALA G 294 45.70 15.32 23.69
C ALA G 294 45.96 15.81 25.11
N ALA G 295 45.01 15.66 26.03
CA ALA G 295 45.24 16.03 27.41
C ALA G 295 45.86 14.90 28.22
N ALA G 296 45.43 13.66 27.98
CA ALA G 296 46.04 12.51 28.65
C ALA G 296 47.40 12.14 28.07
N LEU G 297 47.77 12.71 26.94
CA LEU G 297 49.13 12.58 26.42
C LEU G 297 50.11 13.26 27.36
N GLN H 37 -45.38 23.42 -19.05
CA GLN H 37 -45.85 22.67 -20.21
C GLN H 37 -44.93 21.49 -20.50
N MET H 38 -43.98 21.73 -21.40
CA MET H 38 -42.95 20.76 -21.73
C MET H 38 -41.57 21.36 -21.55
N SER H 39 -40.68 20.54 -21.02
CA SER H 39 -39.28 20.87 -20.79
C SER H 39 -38.47 19.90 -21.63
N PHE H 40 -38.05 20.34 -22.82
CA PHE H 40 -37.28 19.49 -23.73
C PHE H 40 -35.83 19.48 -23.28
N THR H 41 -35.54 18.61 -22.32
CA THR H 41 -34.18 18.38 -21.88
C THR H 41 -33.54 17.40 -22.86
N PHE H 42 -32.82 17.93 -23.84
CA PHE H 42 -32.03 17.12 -24.74
C PHE H 42 -30.67 16.94 -24.10
N ALA H 43 -30.12 15.73 -24.17
CA ALA H 43 -28.77 15.54 -23.68
C ALA H 43 -28.09 14.51 -24.54
N SER H 44 -26.77 14.46 -24.42
CA SER H 44 -25.95 13.43 -25.03
C SER H 44 -24.67 13.37 -24.22
N PRO H 45 -24.00 12.20 -24.14
CA PRO H 45 -22.75 12.05 -23.37
C PRO H 45 -21.62 13.04 -23.70
N THR H 46 -21.74 13.79 -24.79
CA THR H 46 -20.85 14.91 -25.06
C THR H 46 -21.38 16.23 -24.49
N GLN H 47 -22.63 16.61 -24.81
CA GLN H 47 -23.14 17.89 -24.33
C GLN H 47 -24.66 17.88 -24.20
N VAL H 48 -25.19 18.97 -23.64
CA VAL H 48 -26.61 19.09 -23.30
C VAL H 48 -27.22 20.25 -24.07
N PHE H 49 -28.47 20.05 -24.52
CA PHE H 49 -29.22 21.04 -25.27
C PHE H 49 -30.55 21.32 -24.58
N PHE H 50 -30.86 22.61 -24.41
CA PHE H 50 -32.15 23.13 -23.96
C PHE H 50 -32.63 22.56 -22.62
N ASN H 51 -31.71 22.16 -21.74
CA ASN H 51 -32.11 21.47 -20.52
C ASN H 51 -32.86 22.37 -19.54
N GLY H 52 -34.18 22.19 -19.49
CA GLY H 52 -35.05 23.08 -18.76
C GLY H 52 -35.42 24.32 -19.56
N ALA H 53 -36.06 24.14 -20.72
CA ALA H 53 -36.43 25.25 -21.58
C ALA H 53 -37.79 24.98 -22.21
N ASN H 54 -38.59 26.05 -22.36
CA ASN H 54 -39.92 25.95 -22.94
C ASN H 54 -39.79 25.88 -24.46
N VAL H 55 -40.18 24.72 -25.01
CA VAL H 55 -40.03 24.43 -26.43
C VAL H 55 -41.45 24.14 -26.96
N ARG H 56 -41.71 24.54 -28.21
CA ARG H 56 -43.10 24.38 -28.64
C ARG H 56 -43.33 23.06 -29.39
N GLN H 57 -42.40 22.62 -30.24
CA GLN H 57 -42.60 21.40 -31.01
C GLN H 57 -41.29 20.69 -31.27
N VAL H 58 -41.21 19.42 -30.89
CA VAL H 58 -40.03 18.59 -31.11
C VAL H 58 -40.42 17.43 -32.01
N ASP H 59 -39.87 17.41 -33.22
CA ASP H 59 -39.99 16.24 -34.09
C ASP H 59 -39.02 15.21 -33.53
N VAL H 60 -39.62 14.23 -32.82
CA VAL H 60 -38.97 13.12 -32.14
C VAL H 60 -38.81 11.96 -33.12
N PRO H 61 -37.63 11.74 -33.60
CA PRO H 61 -37.41 11.14 -34.91
C PRO H 61 -36.87 9.72 -35.01
N THR H 62 -37.72 8.74 -34.62
CA THR H 62 -37.37 7.48 -33.98
C THR H 62 -37.46 6.27 -34.90
N GLN H 63 -37.40 5.09 -34.25
CA GLN H 63 -37.36 3.79 -34.89
C GLN H 63 -38.75 3.25 -35.18
N THR H 64 -39.67 3.39 -34.22
CA THR H 64 -41.06 2.99 -34.38
C THR H 64 -41.79 3.85 -35.41
N GLY H 65 -41.28 5.05 -35.68
CA GLY H 65 -41.83 5.97 -36.65
C GLY H 65 -41.71 7.38 -36.14
N ALA H 66 -41.10 8.24 -36.96
CA ALA H 66 -40.76 9.59 -36.54
C ALA H 66 -42.02 10.43 -36.36
N PHE H 67 -42.20 10.99 -35.16
CA PHE H 67 -43.43 11.67 -34.85
C PHE H 67 -43.13 12.95 -34.09
N GLY H 68 -43.90 13.99 -34.34
CA GLY H 68 -43.73 15.22 -33.62
C GLY H 68 -44.31 15.14 -32.24
N ILE H 69 -44.02 16.16 -31.45
CA ILE H 69 -44.61 16.30 -30.12
C ILE H 69 -44.77 17.78 -29.84
N LEU H 70 -45.87 18.13 -29.18
CA LEU H 70 -46.14 19.48 -28.71
C LEU H 70 -46.28 19.37 -27.19
N ALA H 71 -46.73 20.45 -26.55
CA ALA H 71 -46.80 20.54 -25.09
C ALA H 71 -47.73 19.49 -24.48
N ALA H 72 -49.02 19.55 -24.79
CA ALA H 72 -49.93 18.51 -24.31
C ALA H 72 -49.80 17.30 -25.20
N HIS H 73 -49.40 16.17 -24.63
CA HIS H 73 -49.17 14.96 -25.40
C HIS H 73 -49.32 13.77 -24.46
N VAL H 74 -49.62 12.62 -25.05
CA VAL H 74 -49.72 11.37 -24.30
C VAL H 74 -48.34 10.98 -23.82
N PRO H 75 -48.21 10.36 -22.65
CA PRO H 75 -46.88 10.03 -22.14
C PRO H 75 -46.35 8.78 -22.81
N THR H 76 -45.05 8.78 -23.10
CA THR H 76 -44.50 7.69 -23.89
C THR H 76 -43.03 7.48 -23.56
N LEU H 77 -42.55 6.29 -23.89
CA LEU H 77 -41.18 5.87 -23.65
C LEU H 77 -40.72 5.09 -24.87
N GLN H 78 -39.88 5.69 -25.70
CA GLN H 78 -39.47 5.00 -26.93
C GLN H 78 -37.98 5.13 -27.18
N VAL H 79 -37.41 4.14 -27.84
CA VAL H 79 -36.01 4.17 -28.26
C VAL H 79 -35.89 4.93 -29.57
N LEU H 80 -34.67 5.20 -30.00
CA LEU H 80 -34.42 6.03 -31.18
C LEU H 80 -33.81 5.19 -32.30
N ARG H 81 -33.67 5.84 -33.44
CA ARG H 81 -33.17 5.33 -34.72
C ARG H 81 -31.93 6.16 -35.04
N PRO H 82 -31.11 5.78 -36.00
CA PRO H 82 -30.31 6.79 -36.68
C PRO H 82 -31.30 7.69 -37.40
N GLY H 83 -31.52 8.86 -36.82
CA GLY H 83 -32.69 9.64 -37.14
C GLY H 83 -32.47 11.10 -36.89
N LEU H 84 -33.53 11.90 -36.91
CA LEU H 84 -33.32 13.35 -37.19
C LEU H 84 -34.10 14.38 -36.37
N VAL H 85 -33.54 14.82 -35.25
CA VAL H 85 -34.25 15.67 -34.29
C VAL H 85 -34.51 17.03 -34.92
N VAL H 86 -35.77 17.45 -34.94
CA VAL H 86 -36.08 18.80 -35.41
C VAL H 86 -36.73 19.55 -34.27
N VAL H 87 -36.03 20.52 -33.71
CA VAL H 87 -36.54 21.23 -32.55
C VAL H 87 -37.08 22.59 -33.01
N HIS H 88 -38.16 23.01 -32.32
CA HIS H 88 -38.87 24.26 -32.58
C HIS H 88 -39.19 24.87 -31.22
N ALA H 89 -38.42 25.87 -30.81
CA ALA H 89 -38.56 26.45 -29.47
C ALA H 89 -39.28 27.79 -29.55
N GLU H 90 -40.61 27.74 -29.58
CA GLU H 90 -41.57 28.82 -29.32
C GLU H 90 -41.60 29.94 -30.38
N ASP H 91 -40.69 29.96 -31.35
CA ASP H 91 -40.62 31.13 -32.22
C ASP H 91 -40.44 30.75 -33.68
N GLY H 92 -40.84 29.54 -34.06
CA GLY H 92 -40.67 29.11 -35.43
C GLY H 92 -39.25 28.77 -35.80
N THR H 93 -38.39 28.52 -34.82
CA THR H 93 -37.03 28.07 -35.09
C THR H 93 -37.08 26.65 -35.65
N THR H 94 -36.29 26.39 -36.68
CA THR H 94 -36.20 25.06 -37.25
C THR H 94 -34.76 24.60 -37.12
N SER H 95 -34.43 23.91 -36.03
CA SER H 95 -33.08 23.43 -35.83
C SER H 95 -33.08 21.91 -35.92
N LYS H 96 -32.57 21.38 -37.03
CA LYS H 96 -32.51 19.95 -37.25
C LYS H 96 -31.08 19.47 -37.10
N TYR H 97 -30.93 18.25 -36.57
CA TYR H 97 -29.62 17.63 -36.38
C TYR H 97 -29.82 16.13 -36.21
N PHE H 98 -28.71 15.39 -36.23
CA PHE H 98 -28.74 13.95 -36.41
C PHE H 98 -28.39 13.22 -35.11
N VAL H 99 -29.05 12.09 -34.89
CA VAL H 99 -28.94 11.33 -33.65
C VAL H 99 -28.74 9.86 -33.96
N SER H 100 -27.69 9.26 -33.38
CA SER H 100 -27.41 7.84 -33.55
C SER H 100 -28.47 6.96 -32.89
N SER H 101 -28.64 7.09 -31.58
CA SER H 101 -29.61 6.31 -30.82
C SER H 101 -29.88 7.06 -29.53
N GLY H 102 -30.67 6.46 -28.65
CA GLY H 102 -30.97 7.06 -27.38
C GLY H 102 -32.39 6.72 -26.95
N SER H 103 -33.00 7.64 -26.20
CA SER H 103 -34.31 7.36 -25.64
C SER H 103 -35.09 8.65 -25.39
N VAL H 104 -36.37 8.64 -25.76
CA VAL H 104 -37.31 9.72 -25.48
C VAL H 104 -38.29 9.23 -24.42
N THR H 105 -38.58 10.11 -23.46
CA THR H 105 -39.53 9.83 -22.39
C THR H 105 -40.30 11.08 -22.08
N VAL H 106 -41.62 11.05 -22.24
CA VAL H 106 -42.46 12.14 -21.80
C VAL H 106 -43.49 11.57 -20.83
N ASN H 107 -43.93 12.42 -19.91
CA ASN H 107 -44.80 12.08 -18.80
C ASN H 107 -46.12 12.84 -18.97
N ALA H 108 -46.96 12.78 -17.93
CA ALA H 108 -48.18 13.59 -17.91
C ALA H 108 -47.85 15.08 -17.90
N ASP H 109 -47.23 15.56 -16.83
CA ASP H 109 -46.61 16.87 -16.85
C ASP H 109 -45.39 16.81 -17.77
N SER H 110 -45.41 17.62 -18.83
CA SER H 110 -44.66 17.28 -20.03
C SER H 110 -43.18 17.60 -19.83
N SER H 111 -42.43 16.61 -19.38
CA SER H 111 -40.99 16.71 -19.20
C SER H 111 -40.34 15.80 -20.24
N VAL H 112 -39.92 16.39 -21.35
CA VAL H 112 -39.43 15.63 -22.48
C VAL H 112 -37.95 15.33 -22.29
N GLN H 113 -37.62 14.15 -21.79
CA GLN H 113 -36.21 13.75 -21.71
C GLN H 113 -35.84 13.07 -23.02
N LEU H 114 -34.99 13.72 -23.82
CA LEU H 114 -34.46 13.11 -25.03
C LEU H 114 -32.96 12.91 -24.79
N LEU H 115 -32.63 11.72 -24.31
CA LEU H 115 -31.26 11.37 -23.95
C LEU H 115 -30.71 10.61 -25.15
N ALA H 116 -30.05 11.34 -26.04
CA ALA H 116 -29.47 10.75 -27.24
C ALA H 116 -28.13 10.11 -26.91
N GLU H 117 -27.50 9.51 -27.90
CA GLU H 117 -26.23 8.83 -27.71
C GLU H 117 -25.07 9.57 -28.37
N GLU H 118 -25.17 9.86 -29.66
CA GLU H 118 -24.22 10.75 -30.33
C GLU H 118 -25.03 11.71 -31.19
N ALA H 119 -25.10 12.96 -30.75
CA ALA H 119 -25.90 13.99 -31.40
C ALA H 119 -24.97 14.91 -32.17
N VAL H 120 -24.95 14.78 -33.48
CA VAL H 120 -24.11 15.60 -34.33
C VAL H 120 -25.00 16.58 -35.07
N THR H 121 -24.39 17.64 -35.59
CA THR H 121 -25.09 18.74 -36.23
C THR H 121 -24.81 18.67 -37.73
N LEU H 122 -25.59 19.42 -38.52
CA LEU H 122 -25.32 19.51 -39.94
C LEU H 122 -24.08 20.34 -40.24
N ASP H 123 -23.55 21.08 -39.27
CA ASP H 123 -22.26 21.74 -39.37
C ASP H 123 -21.12 20.79 -39.02
N MET H 124 -21.41 19.49 -38.86
CA MET H 124 -20.43 18.55 -38.37
C MET H 124 -20.18 17.38 -39.32
N LEU H 125 -21.03 17.18 -40.31
CA LEU H 125 -21.03 15.98 -41.12
C LEU H 125 -20.37 16.19 -42.48
N ASP H 126 -19.99 15.07 -43.11
CA ASP H 126 -19.46 15.05 -44.47
C ASP H 126 -20.23 14.05 -45.32
N LEU H 127 -19.85 13.90 -46.58
CA LEU H 127 -20.63 13.18 -47.56
C LEU H 127 -19.94 11.93 -48.08
N GLY H 128 -18.70 12.06 -48.56
CA GLY H 128 -18.04 10.96 -49.24
C GLY H 128 -17.61 9.85 -48.32
N ALA H 129 -17.38 10.17 -47.04
CA ALA H 129 -17.11 9.13 -46.05
C ALA H 129 -18.34 8.24 -45.86
N ALA H 130 -19.52 8.85 -45.82
CA ALA H 130 -20.76 8.09 -45.70
C ALA H 130 -21.06 7.31 -46.98
N LYS H 131 -20.72 7.87 -48.14
CA LYS H 131 -20.91 7.15 -49.40
C LYS H 131 -20.01 5.93 -49.49
N ALA H 132 -18.72 6.10 -49.20
CA ALA H 132 -17.79 4.97 -49.20
C ALA H 132 -18.13 3.97 -48.11
N ASN H 133 -18.65 4.44 -46.97
CA ASN H 133 -19.00 3.53 -45.89
C ASN H 133 -20.24 2.70 -46.24
N LEU H 134 -21.22 3.30 -46.93
CA LEU H 134 -22.37 2.52 -47.34
C LEU H 134 -22.00 1.55 -48.45
N GLU H 135 -21.03 1.91 -49.30
CA GLU H 135 -20.54 0.94 -50.29
C GLU H 135 -19.82 -0.23 -49.61
N LYS H 136 -19.02 0.06 -48.58
CA LYS H 136 -18.40 -1.01 -47.80
C LYS H 136 -19.43 -1.86 -47.09
N ALA H 137 -20.51 -1.24 -46.60
CA ALA H 137 -21.58 -1.98 -45.95
C ALA H 137 -22.35 -2.84 -46.94
N GLN H 138 -22.53 -2.35 -48.17
CA GLN H 138 -23.15 -3.14 -49.23
C GLN H 138 -22.31 -4.36 -49.57
N SER H 139 -20.99 -4.17 -49.69
CA SER H 139 -20.09 -5.26 -50.00
C SER H 139 -20.03 -6.30 -48.88
N GLU H 140 -19.95 -5.83 -47.62
CA GLU H 140 -19.90 -6.76 -46.50
C GLU H 140 -21.25 -7.43 -46.25
N LEU H 141 -22.34 -6.78 -46.67
CA LEU H 141 -23.65 -7.42 -46.60
C LEU H 141 -23.81 -8.47 -47.68
N LEU H 142 -23.17 -8.26 -48.83
CA LEU H 142 -23.11 -9.32 -49.82
C LEU H 142 -22.13 -10.42 -49.43
N GLY H 143 -21.24 -10.16 -48.48
CA GLY H 143 -20.35 -11.18 -47.98
C GLY H 143 -20.74 -11.82 -46.66
N ALA H 144 -21.81 -11.37 -46.02
CA ALA H 144 -22.16 -11.88 -44.70
C ALA H 144 -22.81 -13.26 -44.79
N ALA H 145 -22.61 -14.06 -43.74
CA ALA H 145 -23.15 -15.41 -43.71
C ALA H 145 -23.91 -15.73 -42.42
N ASP H 146 -23.51 -15.12 -41.32
CA ASP H 146 -24.15 -15.38 -40.03
C ASP H 146 -25.22 -14.34 -39.74
N GLU H 147 -26.21 -14.75 -38.94
CA GLU H 147 -27.39 -13.90 -38.69
C GLU H 147 -27.06 -12.68 -37.86
N ALA H 148 -26.18 -12.82 -36.85
CA ALA H 148 -25.76 -11.65 -36.08
C ALA H 148 -24.88 -10.74 -36.93
N THR H 149 -24.04 -11.34 -37.78
CA THR H 149 -23.20 -10.55 -38.68
C THR H 149 -24.04 -9.83 -39.73
N ARG H 150 -25.06 -10.50 -40.28
CA ARG H 150 -25.95 -9.85 -41.22
C ARG H 150 -26.78 -8.77 -40.55
N ALA H 151 -27.16 -8.97 -39.28
CA ALA H 151 -27.91 -7.94 -38.56
C ALA H 151 -27.05 -6.71 -38.29
N GLU H 152 -25.77 -6.91 -37.95
CA GLU H 152 -24.86 -5.79 -37.76
C GLU H 152 -24.61 -5.05 -39.06
N ILE H 153 -24.46 -5.78 -40.17
CA ILE H 153 -24.21 -5.06 -41.41
C ILE H 153 -25.49 -4.40 -41.94
N GLN H 154 -26.67 -4.91 -41.58
CA GLN H 154 -27.91 -4.24 -41.95
C GLN H 154 -28.13 -2.96 -41.15
N ILE H 155 -27.84 -2.98 -39.84
CA ILE H 155 -27.97 -1.72 -39.09
C ILE H 155 -26.89 -0.74 -39.51
N ARG H 156 -25.71 -1.23 -39.90
CA ARG H 156 -24.68 -0.34 -40.43
C ARG H 156 -25.13 0.31 -41.73
N ILE H 157 -25.69 -0.47 -42.66
CA ILE H 157 -26.08 0.09 -43.95
C ILE H 157 -27.34 0.94 -43.83
N GLU H 158 -28.22 0.68 -42.85
CA GLU H 158 -29.40 1.53 -42.76
C GLU H 158 -29.10 2.80 -41.99
N ALA H 159 -28.15 2.76 -41.05
CA ALA H 159 -27.60 3.98 -40.48
C ALA H 159 -26.95 4.83 -41.54
N ASN H 160 -26.16 4.21 -42.44
CA ASN H 160 -25.53 4.96 -43.52
C ASN H 160 -26.56 5.51 -44.52
N GLU H 161 -27.62 4.76 -44.81
CA GLU H 161 -28.53 5.27 -45.85
C GLU H 161 -29.48 6.33 -45.30
N ALA H 162 -29.95 6.18 -44.05
CA ALA H 162 -30.71 7.27 -43.43
C ALA H 162 -29.79 8.45 -43.13
N LEU H 163 -28.51 8.19 -42.92
CA LEU H 163 -27.51 9.24 -42.77
C LEU H 163 -27.39 10.05 -44.04
N VAL H 164 -27.21 9.39 -45.19
CA VAL H 164 -27.08 10.10 -46.46
C VAL H 164 -28.38 10.78 -46.86
N LYS H 165 -29.54 10.19 -46.50
CA LYS H 165 -30.81 10.86 -46.71
C LYS H 165 -30.93 12.11 -45.85
N ALA H 166 -30.32 12.11 -44.67
CA ALA H 166 -30.19 13.34 -43.90
C ALA H 166 -29.20 14.30 -44.53
N LEU H 167 -28.16 13.78 -45.17
CA LEU H 167 -27.09 14.61 -45.72
C LEU H 167 -27.59 15.42 -46.91
N GLU H 168 -28.28 14.77 -47.83
CA GLU H 168 -28.72 15.39 -49.07
C GLU H 168 -30.05 16.10 -48.89
N VAL I 2 -40.03 -8.29 -31.71
CA VAL I 2 -40.45 -7.26 -32.66
C VAL I 2 -39.33 -6.97 -33.66
N ALA I 3 -38.16 -6.58 -33.14
CA ALA I 3 -37.07 -6.16 -33.99
C ALA I 3 -36.42 -7.35 -34.68
N TYR I 4 -35.78 -7.07 -35.81
CA TYR I 4 -35.09 -8.13 -36.54
C TYR I 4 -33.80 -8.53 -35.85
N TRP I 5 -33.10 -7.56 -35.26
CA TRP I 5 -31.86 -7.84 -34.56
C TRP I 5 -32.09 -8.52 -33.22
N ARG I 6 -33.25 -8.33 -32.60
CA ARG I 6 -33.61 -9.16 -31.45
C ARG I 6 -33.88 -10.60 -31.87
N GLN I 7 -34.36 -10.80 -33.10
CA GLN I 7 -34.52 -12.15 -33.62
C GLN I 7 -33.18 -12.75 -34.03
N ALA I 8 -32.20 -11.90 -34.32
CA ALA I 8 -30.83 -12.37 -34.47
C ALA I 8 -30.20 -12.70 -33.13
N GLY I 9 -30.73 -12.14 -32.04
CA GLY I 9 -30.14 -12.34 -30.74
C GLY I 9 -29.19 -11.24 -30.32
N LEU I 10 -29.45 -10.01 -30.71
CA LEU I 10 -28.52 -8.91 -30.49
C LEU I 10 -29.07 -7.98 -29.42
N SER I 11 -28.16 -7.38 -28.66
CA SER I 11 -28.56 -6.44 -27.63
C SER I 11 -28.71 -5.05 -28.21
N TYR I 12 -29.57 -4.25 -27.58
CA TYR I 12 -29.76 -2.87 -28.00
C TYR I 12 -28.54 -2.00 -27.73
N ILE I 13 -27.69 -2.41 -26.80
CA ILE I 13 -26.51 -1.61 -26.53
C ILE I 13 -25.45 -1.85 -27.60
N ARG I 14 -25.36 -3.09 -28.12
CA ARG I 14 -24.55 -3.36 -29.30
C ARG I 14 -25.07 -2.61 -30.51
N TYR I 15 -26.40 -2.54 -30.65
CA TYR I 15 -27.07 -1.73 -31.66
C TYR I 15 -26.63 -0.27 -31.56
N SER I 16 -26.64 0.27 -30.35
CA SER I 16 -26.25 1.65 -30.12
C SER I 16 -24.78 1.87 -30.39
N GLN I 17 -23.94 0.88 -30.12
CA GLN I 17 -22.51 1.04 -30.34
C GLN I 17 -22.17 1.01 -31.83
N ILE I 18 -22.91 0.19 -32.60
CA ILE I 18 -22.73 0.17 -34.06
C ILE I 18 -23.21 1.47 -34.67
N CYS I 19 -24.34 2.00 -34.18
CA CYS I 19 -24.81 3.31 -34.65
C CYS I 19 -23.85 4.42 -34.23
N ALA I 20 -23.20 4.27 -33.08
CA ALA I 20 -22.19 5.22 -32.63
C ALA I 20 -20.97 5.18 -33.53
N LYS I 21 -20.56 3.98 -33.96
CA LYS I 21 -19.43 3.86 -34.86
C LYS I 21 -19.73 4.47 -36.21
N ALA I 22 -20.96 4.29 -36.70
CA ALA I 22 -21.37 4.89 -37.96
C ALA I 22 -21.42 6.41 -37.88
N VAL I 23 -21.89 6.95 -36.75
CA VAL I 23 -21.97 8.40 -36.59
C VAL I 23 -20.58 9.01 -36.37
N ARG I 24 -19.68 8.29 -35.70
CA ARG I 24 -18.30 8.76 -35.60
C ARG I 24 -17.59 8.70 -36.95
N ASP I 25 -18.00 7.78 -37.82
CA ASP I 25 -17.52 7.81 -39.19
C ASP I 25 -18.15 8.93 -40.01
N ALA I 26 -19.34 9.39 -39.61
CA ALA I 26 -20.05 10.45 -40.33
C ALA I 26 -19.44 11.83 -40.15
N LEU I 27 -18.49 11.99 -39.25
CA LEU I 27 -17.82 13.26 -39.02
C LEU I 27 -16.64 13.40 -39.96
N LYS I 28 -16.24 14.64 -40.23
CA LYS I 28 -15.24 14.84 -41.28
C LYS I 28 -13.79 14.63 -40.81
N THR I 29 -13.22 15.57 -40.04
CA THR I 29 -11.91 15.33 -39.44
C THR I 29 -11.85 15.68 -37.97
N GLU I 30 -12.18 16.93 -37.65
CA GLU I 30 -11.92 17.49 -36.33
C GLU I 30 -12.93 16.98 -35.32
N PHE I 31 -14.20 16.99 -35.71
CA PHE I 31 -15.24 16.41 -34.90
C PHE I 31 -15.09 14.90 -34.81
N LYS I 32 -14.54 14.26 -35.84
CA LYS I 32 -14.16 12.86 -35.76
C LYS I 32 -13.11 12.64 -34.68
N ALA I 33 -12.14 13.56 -34.56
CA ALA I 33 -11.11 13.45 -33.53
C ALA I 33 -11.69 13.63 -32.14
N ASN I 34 -12.60 14.60 -31.97
CA ASN I 34 -13.26 14.81 -30.69
C ASN I 34 -14.11 13.61 -30.30
N ALA I 35 -14.80 13.00 -31.27
CA ALA I 35 -15.65 11.85 -30.96
C ALA I 35 -14.84 10.61 -30.66
N MET I 36 -13.73 10.39 -31.38
CA MET I 36 -12.91 9.23 -31.09
C MET I 36 -12.12 9.40 -29.81
N LYS I 37 -11.87 10.64 -29.37
CA LYS I 37 -11.34 10.84 -28.04
C LYS I 37 -12.43 10.61 -26.99
N THR I 38 -13.69 10.88 -27.33
CA THR I 38 -14.81 10.63 -26.45
C THR I 38 -15.37 9.20 -26.62
N SER I 39 -14.85 8.45 -27.59
CA SER I 39 -15.31 7.08 -27.83
C SER I 39 -14.82 6.15 -26.73
N GLY I 40 -15.28 4.90 -26.79
CA GLY I 40 -15.03 3.94 -25.73
C GLY I 40 -13.65 3.34 -25.67
N SER I 41 -12.89 3.69 -24.63
CA SER I 41 -11.66 2.99 -24.32
C SER I 41 -12.00 1.62 -23.74
N SER I 42 -11.13 0.65 -23.96
CA SER I 42 -11.42 -0.73 -23.59
C SER I 42 -11.27 -0.91 -22.10
N ILE I 43 -12.37 -0.88 -21.36
CA ILE I 43 -12.39 -1.43 -20.03
C ILE I 43 -12.36 -2.95 -20.13
N LYS I 44 -11.35 -3.55 -19.51
CA LYS I 44 -11.16 -4.98 -19.69
C LYS I 44 -12.00 -5.75 -18.68
N ILE I 45 -12.12 -7.06 -18.90
CA ILE I 45 -12.99 -7.88 -18.09
C ILE I 45 -12.18 -8.85 -17.25
N VAL I 46 -12.79 -9.33 -16.17
CA VAL I 46 -12.26 -10.37 -15.32
C VAL I 46 -13.42 -11.31 -15.00
N LYS I 47 -13.28 -12.56 -15.43
CA LYS I 47 -14.28 -13.59 -15.26
C LYS I 47 -14.02 -14.31 -13.92
N VAL I 48 -14.70 -15.42 -13.69
CA VAL I 48 -14.43 -16.23 -12.52
C VAL I 48 -13.92 -17.60 -12.95
N PHE J 24 75.59 14.41 20.89
CA PHE J 24 76.04 15.10 22.08
C PHE J 24 77.39 14.58 22.55
N ALA J 25 77.80 15.06 23.72
CA ALA J 25 78.93 14.47 24.40
C ALA J 25 78.51 13.13 25.00
N LYS J 26 79.48 12.25 25.20
CA LYS J 26 79.21 10.94 25.78
C LYS J 26 78.91 11.11 27.25
N LEU J 27 77.63 10.95 27.60
CA LEU J 27 77.20 11.09 28.98
C LEU J 27 77.70 9.89 29.78
N VAL J 28 78.45 10.17 30.86
CA VAL J 28 79.05 9.09 31.64
C VAL J 28 78.00 8.41 32.49
N ARG J 29 77.92 7.09 32.39
CA ARG J 29 76.85 6.31 32.99
C ARG J 29 76.94 6.30 34.51
N PRO J 30 75.89 6.71 35.23
CA PRO J 30 75.88 6.58 36.68
C PRO J 30 75.50 5.17 37.10
N PRO J 31 75.85 4.75 38.32
CA PRO J 31 75.57 3.36 38.71
C PRO J 31 74.11 3.08 39.01
N VAL J 32 73.40 4.01 39.63
CA VAL J 32 71.96 3.87 39.86
C VAL J 32 71.24 4.94 39.07
N GLN J 33 70.37 4.51 38.16
CA GLN J 33 69.54 5.45 37.41
C GLN J 33 68.44 5.98 38.31
N ILE J 34 68.69 7.11 38.97
CA ILE J 34 67.61 7.82 39.65
C ILE J 34 66.84 8.61 38.63
N TYR J 35 65.53 8.45 38.61
CA TYR J 35 64.69 9.04 37.59
C TYR J 35 63.93 10.23 38.16
N GLY J 36 63.23 10.93 37.27
CA GLY J 36 62.56 12.15 37.63
C GLY J 36 63.37 13.36 37.21
N ILE J 37 62.95 14.52 37.72
CA ILE J 37 63.67 15.75 37.45
C ILE J 37 64.98 15.78 38.22
N GLU J 38 64.91 15.48 39.52
CA GLU J 38 66.06 15.60 40.39
C GLU J 38 67.09 14.53 40.06
N GLY J 39 66.62 13.36 39.65
CA GLY J 39 67.53 12.35 39.15
C GLY J 39 68.20 12.76 37.85
N ARG J 40 67.52 13.57 37.04
CA ARG J 40 68.10 14.02 35.77
C ARG J 40 69.21 15.03 36.01
N TYR J 41 68.93 16.04 36.86
CA TYR J 41 69.95 16.97 37.34
C TYR J 41 71.13 16.23 37.99
N ALA J 42 70.83 15.19 38.77
CA ALA J 42 71.89 14.45 39.46
C ALA J 42 72.72 13.61 38.52
N THR J 43 72.12 13.00 37.49
CA THR J 43 72.91 12.26 36.51
C THR J 43 73.78 13.19 35.68
N ALA J 44 73.29 14.38 35.35
CA ALA J 44 74.12 15.37 34.67
C ALA J 44 75.31 15.76 35.53
N LEU J 45 75.06 16.05 36.80
CA LEU J 45 76.12 16.44 37.72
C LEU J 45 77.10 15.30 37.97
N TYR J 46 76.61 14.06 38.01
CA TYR J 46 77.49 12.91 38.22
C TYR J 46 78.38 12.68 37.01
N SER J 47 77.82 12.78 35.80
CA SER J 47 78.61 12.59 34.59
C SER J 47 79.68 13.66 34.45
N ALA J 48 79.33 14.91 34.80
CA ALA J 48 80.32 15.98 34.77
C ALA J 48 81.42 15.77 35.80
N ALA J 49 81.04 15.44 37.04
CA ALA J 49 82.02 15.23 38.08
C ALA J 49 82.85 13.96 37.89
N SER J 50 82.36 13.02 37.09
CA SER J 50 83.16 11.84 36.77
C SER J 50 84.00 12.03 35.54
N LYS J 51 83.65 12.95 34.65
CA LYS J 51 84.60 13.37 33.62
C LYS J 51 85.76 14.11 34.23
N GLN J 52 85.49 15.08 35.11
CA GLN J 52 86.60 15.83 35.69
C GLN J 52 87.15 15.21 36.97
N ASN J 53 86.55 14.11 37.44
CA ASN J 53 87.12 13.20 38.44
C ASN J 53 87.35 13.89 39.79
N LYS J 54 86.30 14.55 40.28
CA LYS J 54 86.33 15.19 41.59
C LYS J 54 85.04 14.89 42.34
N LEU J 55 84.66 13.62 42.36
CA LEU J 55 83.30 13.22 42.73
C LEU J 55 83.02 13.46 44.20
N GLU J 56 83.94 13.07 45.07
CA GLU J 56 83.73 13.25 46.51
C GLU J 56 83.82 14.72 46.89
N GLN J 57 84.61 15.50 46.15
CA GLN J 57 84.65 16.95 46.36
C GLN J 57 83.31 17.58 46.05
N VAL J 58 82.70 17.18 44.93
CA VAL J 58 81.40 17.73 44.56
C VAL J 58 80.33 17.23 45.52
N GLU J 59 80.47 16.00 46.04
CA GLU J 59 79.49 15.49 47.00
C GLU J 59 79.54 16.25 48.31
N LYS J 60 80.74 16.51 48.84
CA LYS J 60 80.84 17.24 50.09
C LYS J 60 80.44 18.71 49.92
N GLU J 61 80.65 19.27 48.72
CA GLU J 61 80.19 20.62 48.47
C GLU J 61 78.67 20.69 48.37
N LEU J 62 78.04 19.67 47.77
CA LEU J 62 76.58 19.66 47.75
C LEU J 62 75.99 19.43 49.13
N LEU J 63 76.69 18.68 49.99
CA LEU J 63 76.23 18.55 51.38
C LEU J 63 76.35 19.89 52.11
N ARG J 64 77.40 20.66 51.83
CA ARG J 64 77.52 22.00 52.41
C ARG J 64 76.45 22.94 51.90
N VAL J 65 76.08 22.82 50.61
CA VAL J 65 74.98 23.63 50.05
C VAL J 65 73.66 23.27 50.71
N GLY J 66 73.39 21.97 50.87
CA GLY J 66 72.17 21.53 51.54
C GLY J 66 72.12 21.93 53.00
N GLN J 67 73.28 22.10 53.63
CA GLN J 67 73.32 22.72 54.94
C GLN J 67 73.01 24.22 54.86
N ILE J 68 73.44 24.89 53.78
CA ILE J 68 73.22 26.33 53.66
C ILE J 68 71.75 26.64 53.43
N LEU J 69 71.12 25.96 52.47
CA LEU J 69 69.78 26.33 52.04
C LEU J 69 68.68 25.84 52.96
N LYS J 70 69.01 25.32 54.14
CA LYS J 70 68.03 25.07 55.19
C LYS J 70 68.00 26.19 56.21
N GLU J 71 68.84 27.22 56.05
CA GLU J 71 68.73 28.40 56.88
C GLU J 71 67.43 29.13 56.55
N PRO J 72 66.74 29.69 57.55
CA PRO J 72 65.42 30.27 57.28
C PRO J 72 65.47 31.55 56.46
N LYS J 73 66.56 32.32 56.55
CA LYS J 73 66.64 33.56 55.77
C LYS J 73 66.88 33.28 54.29
N MET J 74 67.86 32.41 53.99
CA MET J 74 68.16 32.05 52.61
C MET J 74 67.00 31.29 51.96
N ALA J 75 66.46 30.28 52.65
CA ALA J 75 65.36 29.52 52.08
C ALA J 75 64.08 30.34 52.01
N ALA J 76 63.91 31.29 52.93
CA ALA J 76 62.76 32.19 52.83
C ALA J 76 62.91 33.14 51.65
N SER J 77 64.15 33.57 51.37
CA SER J 77 64.39 34.41 50.21
C SER J 77 64.19 33.64 48.92
N LEU J 78 64.49 32.34 48.92
CA LEU J 78 64.46 31.59 47.68
C LEU J 78 63.09 30.99 47.36
N MET J 79 62.39 30.45 48.34
CA MET J 79 61.11 29.80 48.04
C MET J 79 60.02 30.81 47.73
N ASN J 80 60.14 32.02 48.26
CA ASN J 80 59.16 33.07 48.01
C ASN J 80 59.28 33.55 46.57
N PRO J 81 58.19 33.66 45.83
CA PRO J 81 58.21 34.41 44.58
C PRO J 81 58.24 35.91 44.85
N TYR J 82 58.33 36.68 43.74
CA TYR J 82 58.40 38.14 43.73
C TYR J 82 59.64 38.65 44.45
N VAL J 83 60.68 37.82 44.39
CA VAL J 83 62.04 38.19 44.71
C VAL J 83 62.87 38.29 43.44
N LYS J 84 62.21 38.25 42.26
CA LYS J 84 62.73 38.69 40.98
C LYS J 84 63.97 37.90 40.53
N ARG J 85 63.73 36.70 39.96
CA ARG J 85 64.66 35.62 39.62
C ARG J 85 66.10 36.00 39.31
N SER J 86 66.29 37.11 38.59
CA SER J 86 67.62 37.69 38.43
C SER J 86 68.29 37.98 39.77
N VAL J 87 67.53 38.44 40.77
CA VAL J 87 68.12 38.68 42.08
C VAL J 87 68.42 37.36 42.79
N LYS J 88 67.64 36.30 42.51
CA LYS J 88 67.95 34.97 43.03
C LYS J 88 69.27 34.45 42.47
N VAL J 89 69.46 34.60 41.16
CA VAL J 89 70.69 34.19 40.50
C VAL J 89 71.87 35.00 41.00
N LYS J 90 71.65 36.30 41.23
CA LYS J 90 72.71 37.15 41.76
C LYS J 90 73.06 36.78 43.21
N SER J 91 72.05 36.44 44.01
CA SER J 91 72.30 36.09 45.41
C SER J 91 73.02 34.75 45.51
N LEU J 92 72.65 33.78 44.68
CA LEU J 92 73.34 32.50 44.73
C LEU J 92 74.73 32.58 44.13
N ASN J 93 74.94 33.42 43.12
CA ASN J 93 76.30 33.60 42.62
C ASN J 93 77.17 34.33 43.63
N ASP J 94 76.59 35.25 44.40
CA ASP J 94 77.38 35.93 45.43
C ASP J 94 77.64 35.02 46.63
N MET J 95 76.70 34.13 46.95
CA MET J 95 76.93 33.14 47.99
C MET J 95 77.98 32.12 47.55
N THR J 96 78.02 31.79 46.27
CA THR J 96 79.06 30.92 45.75
C THR J 96 80.42 31.60 45.78
N ALA J 97 80.47 32.85 45.31
CA ALA J 97 81.71 33.62 45.30
C ALA J 97 82.14 34.07 46.68
N LYS J 98 81.29 33.92 47.70
CA LYS J 98 81.72 34.19 49.07
C LYS J 98 82.39 32.98 49.71
N GLU J 99 81.86 31.79 49.50
CA GLU J 99 82.40 30.59 50.12
C GLU J 99 83.24 29.75 49.18
N LYS J 100 83.44 30.20 47.94
CA LYS J 100 84.45 29.69 47.01
C LYS J 100 84.24 28.20 46.68
N PHE J 101 83.12 27.92 46.01
CA PHE J 101 82.82 26.58 45.56
C PHE J 101 83.68 26.19 44.37
N SER J 102 83.67 24.89 44.06
CA SER J 102 84.30 24.39 42.87
C SER J 102 83.49 24.80 41.63
N PRO J 103 84.10 24.79 40.44
CA PRO J 103 83.32 25.15 39.24
C PRO J 103 82.31 24.10 38.80
N LEU J 104 82.14 23.00 39.51
CA LEU J 104 81.02 22.11 39.19
C LEU J 104 79.74 22.58 39.89
N THR J 105 79.77 22.64 41.22
CA THR J 105 78.56 22.97 41.96
C THR J 105 78.21 24.44 41.83
N SER J 106 79.15 25.30 41.44
CA SER J 106 78.83 26.68 41.11
C SER J 106 77.86 26.76 39.93
N ASN J 107 78.21 26.08 38.84
CA ASN J 107 77.33 26.07 37.68
C ASN J 107 76.09 25.23 37.93
N LEU J 108 76.15 24.25 38.84
CA LEU J 108 74.95 23.49 39.22
C LEU J 108 73.93 24.38 39.92
N ILE J 109 74.37 25.13 40.92
CA ILE J 109 73.47 26.03 41.64
C ILE J 109 72.99 27.16 40.72
N ASN J 110 73.84 27.62 39.81
CA ASN J 110 73.41 28.63 38.84
C ASN J 110 72.36 28.07 37.89
N LEU J 111 72.49 26.82 37.47
CA LEU J 111 71.51 26.20 36.58
C LEU J 111 70.19 25.95 37.30
N LEU J 112 70.25 25.49 38.54
CA LEU J 112 69.03 25.32 39.34
C LEU J 112 68.36 26.66 39.61
N ALA J 113 69.13 27.73 39.72
CA ALA J 113 68.55 29.04 39.90
C ALA J 113 67.92 29.56 38.61
N GLU J 114 68.57 29.31 37.47
CA GLU J 114 68.04 29.79 36.20
C GLU J 114 66.76 29.05 35.82
N ASN J 115 66.71 27.75 36.05
CA ASN J 115 65.48 27.03 35.74
C ASN J 115 64.41 27.20 36.80
N GLY J 116 64.75 27.71 37.99
CA GLY J 116 63.76 27.89 39.02
C GLY J 116 63.45 26.66 39.83
N ARG J 117 64.18 25.58 39.64
CA ARG J 117 64.00 24.39 40.46
C ARG J 117 64.95 24.37 41.65
N LEU J 118 64.96 25.49 42.39
CA LEU J 118 65.58 25.56 43.70
C LEU J 118 64.70 24.95 44.76
N ASN J 119 63.43 24.71 44.45
CA ASN J 119 62.59 23.87 45.29
C ASN J 119 63.07 22.43 45.29
N ASN J 120 63.72 22.00 44.20
CA ASN J 120 64.15 20.63 44.03
C ASN J 120 65.60 20.39 44.42
N THR J 121 66.29 21.40 44.95
CA THR J 121 67.69 21.15 45.28
C THR J 121 67.97 20.24 46.49
N PRO J 122 67.16 20.14 47.57
CA PRO J 122 67.50 19.08 48.54
C PRO J 122 67.22 17.70 48.00
N ALA J 123 66.30 17.58 47.06
CA ALA J 123 66.04 16.28 46.46
C ALA J 123 67.12 15.89 45.46
N VAL J 124 67.71 16.85 44.75
CA VAL J 124 68.84 16.49 43.90
C VAL J 124 70.08 16.19 44.76
N ILE J 125 70.20 16.84 45.93
CA ILE J 125 71.28 16.48 46.85
C ILE J 125 71.08 15.08 47.39
N SER J 126 69.85 14.71 47.73
CA SER J 126 69.55 13.36 48.18
C SER J 126 69.80 12.32 47.09
N ALA J 127 69.43 12.64 45.84
CA ALA J 127 69.61 11.71 44.74
C ALA J 127 71.09 11.52 44.40
N PHE J 128 71.86 12.61 44.36
CA PHE J 128 73.29 12.48 44.08
C PHE J 128 74.04 11.86 45.26
N SER J 129 73.55 12.05 46.48
CA SER J 129 74.12 11.37 47.63
C SER J 129 73.87 9.87 47.53
N THR J 130 72.69 9.48 47.06
CA THR J 130 72.39 8.07 46.84
C THR J 130 73.29 7.47 45.76
N MET J 131 73.49 8.21 44.67
CA MET J 131 74.34 7.74 43.58
C MET J 131 75.80 7.62 44.01
N MET J 132 76.27 8.54 44.86
CA MET J 132 77.63 8.42 45.37
C MET J 132 77.74 7.33 46.43
N SER J 133 76.69 7.09 47.20
CA SER J 133 76.73 6.02 48.18
C SER J 133 76.72 4.65 47.51
N VAL J 134 76.12 4.55 46.33
CA VAL J 134 76.26 3.32 45.56
C VAL J 134 77.63 3.30 44.87
N HIS J 135 78.18 4.48 44.55
CA HIS J 135 79.54 4.50 44.01
C HIS J 135 80.57 4.08 45.04
N ARG J 136 80.29 4.27 46.33
CA ARG J 136 81.16 3.72 47.35
C ARG J 136 81.03 2.21 47.44
N GLY J 137 79.84 1.68 47.13
CA GLY J 137 79.58 0.27 47.20
C GLY J 137 78.64 -0.16 48.30
N GLU J 138 77.99 0.77 48.98
CA GLU J 138 77.11 0.41 50.09
C GLU J 138 75.85 -0.28 49.58
N VAL J 139 75.31 -1.15 50.43
CA VAL J 139 74.02 -1.80 50.18
C VAL J 139 73.09 -1.41 51.32
N PRO J 140 71.94 -0.80 51.04
CA PRO J 140 71.04 -0.37 52.12
C PRO J 140 70.25 -1.52 52.73
N CYS J 141 70.85 -2.21 53.69
CA CYS J 141 70.24 -3.40 54.26
C CYS J 141 69.14 -3.02 55.24
N THR J 142 68.02 -3.72 55.16
CA THR J 142 66.92 -3.56 56.09
C THR J 142 66.72 -4.87 56.83
N VAL J 143 66.65 -4.81 58.15
CA VAL J 143 66.34 -6.00 58.94
C VAL J 143 65.26 -5.65 59.97
N THR J 144 64.29 -6.55 60.09
CA THR J 144 63.28 -6.47 61.16
C THR J 144 63.36 -7.77 61.94
N THR J 145 63.85 -7.66 63.16
CA THR J 145 63.84 -8.78 64.10
C THR J 145 62.48 -8.91 64.78
N ALA J 146 61.66 -7.85 64.71
CA ALA J 146 60.34 -7.65 65.32
C ALA J 146 60.40 -7.68 66.85
N SER J 147 61.58 -7.49 67.42
CA SER J 147 61.80 -7.39 68.86
C SER J 147 63.12 -6.65 69.05
N PRO J 148 63.31 -5.98 70.19
CA PRO J 148 64.61 -5.34 70.44
C PRO J 148 65.70 -6.39 70.64
N LEU J 149 66.57 -6.49 69.64
CA LEU J 149 67.62 -7.50 69.58
C LEU J 149 68.87 -6.97 70.28
N ASP J 150 69.80 -7.89 70.53
CA ASP J 150 70.99 -7.60 71.30
C ASP J 150 72.18 -7.45 70.36
N GLU J 151 73.36 -7.26 70.96
CA GLU J 151 74.53 -6.88 70.18
C GLU J 151 75.26 -8.07 69.58
N ALA J 152 75.19 -9.24 70.23
CA ALA J 152 75.85 -10.42 69.68
C ALA J 152 75.09 -10.93 68.46
N THR J 153 73.75 -10.85 68.53
CA THR J 153 72.91 -11.16 67.37
C THR J 153 73.22 -10.22 66.21
N LEU J 154 73.37 -8.93 66.52
CA LEU J 154 73.69 -7.95 65.48
C LEU J 154 75.08 -8.19 64.89
N THR J 155 76.02 -8.62 65.72
CA THR J 155 77.38 -8.89 65.25
C THR J 155 77.42 -10.09 64.32
N GLU J 156 76.81 -11.20 64.74
CA GLU J 156 76.79 -12.38 63.89
C GLU J 156 75.95 -12.16 62.64
N LEU J 157 74.91 -11.32 62.74
CA LEU J 157 74.07 -11.04 61.59
C LEU J 157 74.80 -10.20 60.57
N LYS J 158 75.53 -9.18 61.04
CA LYS J 158 76.34 -8.36 60.13
C LYS J 158 77.46 -9.19 59.51
N THR J 159 77.99 -10.15 60.27
CA THR J 159 79.04 -11.03 59.75
C THR J 159 78.52 -11.90 58.61
N VAL J 160 77.41 -12.62 58.85
CA VAL J 160 76.88 -13.50 57.82
C VAL J 160 76.29 -12.70 56.66
N LEU J 161 75.86 -11.47 56.90
CA LEU J 161 75.24 -10.69 55.83
C LEU J 161 76.29 -10.03 54.95
N LYS J 162 77.38 -9.54 55.56
CA LYS J 162 78.54 -9.07 54.81
C LYS J 162 79.15 -10.20 53.98
N SER J 163 79.17 -11.41 54.52
CA SER J 163 79.57 -12.54 53.69
C SER J 163 78.52 -12.86 52.63
N PHE J 164 77.26 -12.53 52.90
CA PHE J 164 76.16 -12.97 52.05
C PHE J 164 75.99 -12.09 50.82
N LEU J 165 76.35 -10.81 50.89
CA LEU J 165 75.94 -9.89 49.83
C LEU J 165 76.75 -10.06 48.54
N SER J 166 78.05 -9.78 48.57
CA SER J 166 78.90 -9.75 47.37
C SER J 166 80.34 -9.50 47.80
N LYS J 167 81.24 -9.50 46.82
CA LYS J 167 82.65 -9.21 47.05
C LYS J 167 82.92 -7.74 46.79
N GLY J 168 83.65 -7.09 47.70
CA GLY J 168 84.08 -5.73 47.49
C GLY J 168 83.02 -4.68 47.69
N GLN J 169 81.92 -5.02 48.38
CA GLN J 169 80.88 -4.06 48.67
C GLN J 169 80.63 -4.02 50.17
N VAL J 170 80.30 -2.84 50.67
CA VAL J 170 80.11 -2.59 52.09
C VAL J 170 78.64 -2.34 52.35
N LEU J 171 78.12 -2.95 53.41
CA LEU J 171 76.71 -2.80 53.75
C LEU J 171 76.50 -1.66 54.74
N LYS J 172 75.32 -1.06 54.65
CA LYS J 172 74.86 -0.07 55.61
C LYS J 172 73.48 -0.54 56.05
N LEU J 173 73.41 -1.10 57.25
CA LEU J 173 72.20 -1.78 57.69
C LEU J 173 71.42 -0.92 58.66
N GLU J 174 70.10 -1.11 58.64
CA GLU J 174 69.19 -0.49 59.58
C GLU J 174 68.27 -1.57 60.11
N VAL J 175 67.81 -1.38 61.35
CA VAL J 175 66.93 -2.32 62.01
C VAL J 175 65.69 -1.57 62.48
N LYS J 176 64.53 -2.19 62.26
CA LYS J 176 63.30 -1.62 62.80
C LYS J 176 62.48 -2.72 63.45
N ILE J 177 61.59 -2.33 64.35
CA ILE J 177 60.84 -3.29 65.17
C ILE J 177 59.37 -2.93 65.17
N ASP J 178 58.54 -3.96 65.37
CA ASP J 178 57.11 -3.87 65.56
C ASP J 178 56.60 -5.17 66.17
N PRO J 179 55.79 -5.11 67.21
CA PRO J 179 55.30 -6.33 67.86
C PRO J 179 54.23 -7.09 67.09
N SER J 180 53.72 -6.54 65.98
CA SER J 180 52.59 -7.15 65.28
C SER J 180 53.01 -8.43 64.57
N ILE J 181 54.01 -8.31 63.70
CA ILE J 181 54.56 -9.46 62.98
C ILE J 181 55.31 -10.33 63.97
N MET J 182 54.78 -11.52 64.24
CA MET J 182 55.38 -12.39 65.23
C MET J 182 56.66 -13.01 64.67
N GLY J 183 57.51 -13.49 65.59
CA GLY J 183 58.81 -14.01 65.21
C GLY J 183 59.74 -12.92 64.75
N GLY J 184 60.00 -12.86 63.47
CA GLY J 184 60.76 -11.76 62.92
C GLY J 184 61.81 -12.27 61.95
N MET J 185 62.88 -11.47 61.84
CA MET J 185 63.98 -11.68 60.90
C MET J 185 63.51 -11.72 59.45
N ILE J 186 63.03 -10.56 58.99
CA ILE J 186 62.99 -10.30 57.56
C ILE J 186 64.24 -9.49 57.22
N VAL J 187 64.86 -9.81 56.08
CA VAL J 187 66.09 -9.17 55.66
C VAL J 187 65.96 -8.81 54.20
N ARG J 188 65.98 -7.51 53.89
CA ARG J 188 66.05 -7.02 52.52
C ARG J 188 67.46 -6.53 52.27
N ILE J 189 68.19 -7.22 51.40
CA ILE J 189 69.50 -6.77 50.96
C ILE J 189 69.50 -6.70 49.43
N GLY J 190 69.76 -5.50 48.89
CA GLY J 190 69.85 -5.23 47.46
C GLY J 190 68.79 -5.82 46.55
N GLU J 191 67.52 -5.52 46.87
CA GLU J 191 66.26 -5.96 46.24
C GLU J 191 65.93 -7.42 46.56
N LYS J 192 66.87 -8.15 47.13
CA LYS J 192 66.66 -9.55 47.46
C LYS J 192 66.13 -9.65 48.88
N TYR J 193 64.96 -10.27 49.03
CA TYR J 193 64.17 -10.11 50.25
C TYR J 193 63.92 -11.50 50.84
N VAL J 194 64.78 -11.89 51.77
CA VAL J 194 64.58 -13.17 52.43
C VAL J 194 63.71 -12.96 53.66
N ASP J 195 62.78 -13.89 53.87
CA ASP J 195 61.62 -13.66 54.73
C ASP J 195 61.33 -14.91 55.52
N MET J 196 61.94 -15.04 56.71
CA MET J 196 61.58 -16.13 57.62
C MET J 196 60.68 -15.66 58.74
N SER J 197 59.84 -14.65 58.50
CA SER J 197 59.02 -14.13 59.57
C SER J 197 57.94 -15.14 59.90
N ALA J 198 57.65 -15.26 61.20
CA ALA J 198 56.68 -16.24 61.68
C ALA J 198 55.29 -15.94 61.17
N LYS J 199 54.99 -14.67 60.96
CA LYS J 199 53.71 -14.27 60.42
C LYS J 199 53.54 -14.77 58.98
N THR J 200 54.57 -14.65 58.14
CA THR J 200 54.40 -15.12 56.77
C THR J 200 54.53 -16.64 56.70
N LYS J 201 55.14 -17.28 57.71
CA LYS J 201 55.08 -18.74 57.76
C LYS J 201 53.67 -19.20 58.06
N ILE J 202 52.99 -18.49 58.95
CA ILE J 202 51.58 -18.79 59.20
C ILE J 202 50.73 -18.39 58.00
N GLN J 203 51.17 -17.43 57.20
CA GLN J 203 50.42 -17.08 56.00
C GLN J 203 50.59 -18.14 54.91
N LYS J 204 51.78 -18.73 54.78
CA LYS J 204 51.98 -19.80 53.83
C LYS J 204 51.20 -21.04 54.24
N LEU J 205 51.25 -21.37 55.54
CA LEU J 205 50.43 -22.46 56.05
C LEU J 205 48.95 -22.11 56.00
N SER J 206 48.63 -20.82 55.98
CA SER J 206 47.24 -20.39 55.86
C SER J 206 46.70 -20.62 54.46
N ARG J 207 47.49 -20.28 53.44
CA ARG J 207 47.12 -20.64 52.07
C ARG J 207 47.11 -22.15 51.88
N ALA J 208 47.92 -22.87 52.64
CA ALA J 208 47.90 -24.34 52.56
C ALA J 208 46.66 -24.92 53.23
N MET J 209 46.17 -24.29 54.30
CA MET J 209 45.14 -24.92 55.10
C MET J 209 43.74 -24.63 54.54
N ARG J 210 43.58 -23.49 53.87
CA ARG J 210 42.26 -23.13 53.35
C ARG J 210 41.88 -23.99 52.15
N GLU J 211 42.87 -24.55 51.46
CA GLU J 211 42.59 -25.42 50.33
C GLU J 211 42.33 -26.85 50.78
N PRO K 43 -45.03 -60.28 -26.23
CA PRO K 43 -44.09 -59.96 -27.33
C PRO K 43 -44.67 -60.24 -28.71
N VAL K 44 -44.71 -59.20 -29.54
CA VAL K 44 -45.23 -59.30 -30.90
C VAL K 44 -44.02 -59.29 -31.84
N PRO K 45 -43.95 -60.18 -32.83
CA PRO K 45 -42.79 -60.23 -33.69
C PRO K 45 -42.70 -58.96 -34.56
N PRO K 46 -41.48 -58.52 -34.87
CA PRO K 46 -41.31 -57.14 -35.34
C PRO K 46 -41.75 -56.94 -36.78
N LEU K 47 -41.73 -55.67 -37.18
CA LEU K 47 -42.23 -55.30 -38.49
C LEU K 47 -41.24 -55.72 -39.58
N PRO K 48 -41.73 -56.07 -40.77
CA PRO K 48 -40.83 -56.17 -41.91
C PRO K 48 -40.35 -54.79 -42.31
N GLU K 49 -39.06 -54.67 -42.57
CA GLU K 49 -38.44 -53.38 -42.79
C GLU K 49 -38.73 -52.83 -44.19
N HIS K 50 -39.06 -53.69 -45.14
CA HIS K 50 -39.57 -53.24 -46.44
C HIS K 50 -40.75 -54.12 -46.83
N GLY K 51 -41.84 -53.49 -47.22
CA GLY K 51 -42.98 -54.26 -47.68
C GLY K 51 -43.57 -53.74 -48.97
N GLY K 52 -43.45 -54.54 -50.03
CA GLY K 52 -44.07 -54.21 -51.29
C GLY K 52 -43.33 -53.17 -52.10
N LYS K 53 -43.23 -53.39 -53.41
CA LYS K 53 -42.67 -52.42 -54.34
C LYS K 53 -43.75 -52.07 -55.36
N VAL K 54 -44.03 -50.79 -55.49
CA VAL K 54 -45.18 -50.31 -56.25
C VAL K 54 -44.70 -49.30 -57.27
N ARG K 55 -45.01 -49.53 -58.55
CA ARG K 55 -44.36 -48.79 -59.63
C ARG K 55 -44.89 -47.37 -59.74
N PHE K 56 -46.16 -47.22 -60.09
CA PHE K 56 -46.80 -45.92 -60.04
C PHE K 56 -47.32 -45.67 -58.64
N GLY K 57 -48.22 -44.71 -58.50
CA GLY K 57 -48.82 -44.49 -57.19
C GLY K 57 -49.73 -45.61 -56.74
N LEU K 58 -50.23 -46.44 -57.66
CA LEU K 58 -51.30 -47.35 -57.28
C LEU K 58 -51.27 -48.75 -57.90
N ILE K 59 -50.25 -49.12 -58.67
CA ILE K 59 -50.20 -50.48 -59.21
C ILE K 59 -48.90 -51.17 -58.82
N PRO K 60 -48.96 -52.40 -58.33
CA PRO K 60 -47.79 -53.02 -57.72
C PRO K 60 -46.89 -53.72 -58.74
N GLU K 61 -45.72 -54.14 -58.25
CA GLU K 61 -44.83 -54.98 -59.04
C GLU K 61 -45.32 -56.42 -59.11
N GLU K 62 -46.19 -56.81 -58.17
CA GLU K 62 -46.78 -58.16 -58.17
C GLU K 62 -47.58 -58.39 -59.44
N PHE K 63 -48.32 -57.37 -59.88
CA PHE K 63 -49.08 -57.45 -61.13
C PHE K 63 -48.14 -57.55 -62.33
N PHE K 64 -47.01 -56.86 -62.27
CA PHE K 64 -46.05 -56.88 -63.37
C PHE K 64 -45.44 -58.26 -63.53
N GLN K 65 -44.92 -58.84 -62.44
CA GLN K 65 -44.32 -60.16 -62.54
C GLN K 65 -45.36 -61.25 -62.69
N PHE K 66 -46.62 -60.96 -62.34
CA PHE K 66 -47.74 -61.80 -62.73
C PHE K 66 -47.94 -61.80 -64.23
N LEU K 67 -47.66 -60.66 -64.88
CA LEU K 67 -47.90 -60.52 -66.31
C LEU K 67 -46.61 -60.49 -67.13
N TYR K 68 -45.44 -60.59 -66.48
CA TYR K 68 -44.18 -60.53 -67.21
C TYR K 68 -43.88 -61.70 -68.16
N PRO K 69 -44.06 -62.99 -67.81
CA PRO K 69 -43.56 -64.05 -68.72
C PRO K 69 -44.32 -64.16 -70.04
N LYS K 70 -45.55 -63.68 -70.14
CA LYS K 70 -46.27 -63.77 -71.41
C LYS K 70 -46.03 -62.58 -72.32
N THR K 71 -46.03 -61.37 -71.78
CA THR K 71 -46.01 -60.19 -72.64
C THR K 71 -44.96 -59.16 -72.20
N GLY K 72 -44.02 -59.55 -71.35
CA GLY K 72 -42.86 -58.72 -71.09
C GLY K 72 -43.15 -57.55 -70.15
N VAL K 73 -42.38 -56.49 -70.35
CA VAL K 73 -42.48 -55.30 -69.50
C VAL K 73 -43.38 -54.23 -70.12
N THR K 74 -43.42 -54.11 -71.46
CA THR K 74 -44.35 -53.19 -72.10
C THR K 74 -45.76 -53.74 -72.17
N GLY K 75 -45.93 -55.02 -71.85
CA GLY K 75 -47.23 -55.65 -71.74
C GLY K 75 -48.24 -54.99 -70.81
N PRO K 76 -47.92 -54.87 -69.51
CA PRO K 76 -48.87 -54.18 -68.61
C PRO K 76 -49.07 -52.70 -68.93
N TYR K 77 -48.05 -52.03 -69.46
CA TYR K 77 -48.21 -50.63 -69.83
C TYR K 77 -49.13 -50.48 -71.03
N VAL K 78 -48.99 -51.35 -72.04
CA VAL K 78 -49.90 -51.27 -73.19
C VAL K 78 -51.27 -51.82 -72.82
N LEU K 79 -51.36 -52.66 -71.79
CA LEU K 79 -52.66 -53.09 -71.28
C LEU K 79 -53.39 -51.93 -70.63
N GLY K 80 -52.67 -51.12 -69.83
CA GLY K 80 -53.28 -49.93 -69.26
C GLY K 80 -53.63 -48.89 -70.32
N THR K 81 -52.81 -48.79 -71.36
CA THR K 81 -53.11 -47.90 -72.48
C THR K 81 -54.40 -48.33 -73.18
N GLY K 82 -54.56 -49.63 -73.43
CA GLY K 82 -55.78 -50.10 -74.07
C GLY K 82 -57.00 -49.97 -73.18
N LEU K 83 -56.83 -50.11 -71.87
CA LEU K 83 -57.94 -49.88 -70.96
C LEU K 83 -58.37 -48.43 -70.93
N ILE K 84 -57.42 -47.48 -70.91
CA ILE K 84 -57.78 -46.06 -70.94
C ILE K 84 -58.42 -45.70 -72.27
N LEU K 85 -57.90 -46.24 -73.37
CA LEU K 85 -58.49 -46.00 -74.68
C LEU K 85 -59.84 -46.70 -74.88
N TYR K 86 -60.15 -47.71 -74.09
CA TYR K 86 -61.47 -48.31 -74.07
C TYR K 86 -62.44 -47.56 -73.18
N LEU K 87 -61.94 -46.95 -72.11
CA LEU K 87 -62.77 -46.09 -71.27
C LEU K 87 -63.24 -44.83 -71.99
N LEU K 88 -62.53 -44.40 -73.03
CA LEU K 88 -63.07 -43.42 -73.97
C LEU K 88 -63.59 -44.16 -75.19
N SER K 89 -64.46 -43.48 -75.96
CA SER K 89 -65.12 -43.94 -77.19
C SER K 89 -66.12 -45.07 -76.99
N LYS K 90 -66.22 -45.60 -75.77
CA LYS K 90 -67.25 -46.54 -75.40
C LYS K 90 -68.06 -46.04 -74.23
N GLU K 91 -67.68 -44.89 -73.66
CA GLU K 91 -68.48 -44.12 -72.72
C GLU K 91 -68.78 -44.88 -71.43
N ILE K 92 -67.93 -45.86 -71.10
CA ILE K 92 -67.94 -46.39 -69.75
C ILE K 92 -67.29 -45.40 -68.79
N TYR K 93 -66.40 -44.55 -69.30
CA TYR K 93 -65.89 -43.39 -68.57
C TYR K 93 -66.34 -42.15 -69.33
N VAL K 94 -67.35 -41.47 -68.80
CA VAL K 94 -67.89 -40.26 -69.43
C VAL K 94 -67.04 -39.07 -69.05
N ILE K 95 -67.12 -37.99 -69.82
CA ILE K 95 -66.40 -36.77 -69.52
C ILE K 95 -67.38 -35.86 -68.80
N THR K 96 -67.44 -36.03 -67.49
CA THR K 96 -68.22 -35.21 -66.59
C THR K 96 -67.51 -33.86 -66.43
N PRO K 97 -68.23 -32.79 -66.10
CA PRO K 97 -67.55 -31.59 -65.58
C PRO K 97 -66.75 -31.80 -64.31
N GLU K 98 -66.96 -32.89 -63.60
CA GLU K 98 -66.12 -33.26 -62.46
C GLU K 98 -64.80 -33.90 -62.86
N THR K 99 -64.58 -34.22 -64.14
CA THR K 99 -63.34 -34.92 -64.45
C THR K 99 -62.15 -33.97 -64.58
N PHE K 100 -62.39 -32.68 -64.82
CA PHE K 100 -61.28 -31.75 -64.71
C PHE K 100 -60.95 -31.49 -63.25
N SER K 101 -61.95 -31.55 -62.37
CA SER K 101 -61.70 -31.58 -60.93
C SER K 101 -60.91 -32.81 -60.53
N ALA K 102 -61.18 -33.95 -61.19
CA ALA K 102 -60.41 -35.16 -60.97
C ALA K 102 -58.95 -34.97 -61.33
N ILE K 103 -58.71 -34.44 -62.53
CA ILE K 103 -57.36 -34.15 -63.01
C ILE K 103 -56.63 -33.21 -62.06
N SER K 104 -57.31 -32.15 -61.62
CA SER K 104 -56.67 -31.17 -60.76
C SER K 104 -56.40 -31.71 -59.35
N THR K 105 -57.34 -32.45 -58.77
CA THR K 105 -57.16 -32.94 -57.42
C THR K 105 -56.08 -34.02 -57.36
N ILE K 106 -56.08 -34.94 -58.34
CA ILE K 106 -55.05 -35.96 -58.34
C ILE K 106 -53.69 -35.38 -58.70
N GLY K 107 -53.65 -34.36 -59.56
CA GLY K 107 -52.38 -33.69 -59.84
C GLY K 107 -51.83 -32.93 -58.65
N PHE K 108 -52.72 -32.29 -57.88
CA PHE K 108 -52.29 -31.61 -56.66
C PHE K 108 -51.79 -32.61 -55.61
N LEU K 109 -52.42 -33.78 -55.53
CA LEU K 109 -51.94 -34.79 -54.58
C LEU K 109 -50.60 -35.37 -55.02
N VAL K 110 -50.38 -35.52 -56.33
CA VAL K 110 -49.07 -35.90 -56.84
C VAL K 110 -48.04 -34.85 -56.48
N TYR K 111 -48.40 -33.57 -56.57
CA TYR K 111 -47.48 -32.49 -56.22
C TYR K 111 -47.12 -32.50 -54.74
N VAL K 112 -48.11 -32.78 -53.88
CA VAL K 112 -47.85 -32.82 -52.45
C VAL K 112 -46.98 -34.02 -52.08
N VAL K 113 -47.28 -35.19 -52.65
CA VAL K 113 -46.55 -36.40 -52.31
C VAL K 113 -45.12 -36.35 -52.85
N LYS K 114 -44.92 -35.73 -54.01
CA LYS K 114 -43.54 -35.62 -54.52
C LYS K 114 -42.75 -34.55 -53.77
N LYS K 115 -43.26 -33.32 -53.69
CA LYS K 115 -42.42 -32.24 -53.18
C LYS K 115 -42.39 -32.22 -51.66
N TYR K 116 -43.55 -32.17 -51.01
CA TYR K 116 -43.62 -32.25 -49.56
C TYR K 116 -43.78 -33.68 -49.07
N GLY K 117 -42.96 -34.60 -49.57
CA GLY K 117 -43.06 -35.98 -49.14
C GLY K 117 -41.83 -36.53 -48.48
N ALA K 118 -40.66 -36.07 -48.95
CA ALA K 118 -39.40 -36.54 -48.37
C ALA K 118 -39.18 -35.96 -46.98
N SER K 119 -39.72 -34.77 -46.71
CA SER K 119 -39.67 -34.25 -45.36
C SER K 119 -40.61 -35.01 -44.44
N VAL K 120 -41.72 -35.52 -44.99
CA VAL K 120 -42.64 -36.33 -44.19
C VAL K 120 -42.00 -37.67 -43.88
N GLY K 121 -41.28 -38.24 -44.84
CA GLY K 121 -40.66 -39.54 -44.64
C GLY K 121 -39.57 -39.51 -43.57
N GLU K 122 -38.80 -38.43 -43.52
CA GLU K 122 -37.83 -38.32 -42.43
C GLU K 122 -38.51 -37.88 -41.14
N PHE K 123 -39.69 -37.29 -41.21
CA PHE K 123 -40.36 -36.84 -40.00
C PHE K 123 -40.96 -38.01 -39.22
N ALA K 124 -41.52 -38.99 -39.94
CA ALA K 124 -42.09 -40.14 -39.26
C ALA K 124 -41.01 -41.01 -38.64
N ASP K 125 -39.86 -41.11 -39.31
CA ASP K 125 -38.78 -41.92 -38.77
C ASP K 125 -38.11 -41.22 -37.59
N LYS K 126 -38.09 -39.89 -37.59
CA LYS K 126 -37.42 -39.16 -36.53
C LYS K 126 -38.16 -39.28 -35.21
N LEU K 127 -39.50 -39.32 -35.25
CA LEU K 127 -40.28 -39.44 -34.03
C LEU K 127 -40.07 -40.79 -33.37
N ASN K 128 -40.15 -41.86 -34.17
CA ASN K 128 -40.01 -43.20 -33.63
C ASN K 128 -38.57 -43.44 -33.20
N GLU K 129 -37.61 -42.88 -33.94
CA GLU K 129 -36.21 -43.01 -33.56
C GLU K 129 -35.90 -42.19 -32.31
N GLN K 130 -36.60 -41.08 -32.09
CA GLN K 130 -36.41 -40.30 -30.88
C GLN K 130 -37.02 -41.00 -29.67
N LYS K 131 -38.15 -41.68 -29.87
CA LYS K 131 -38.71 -42.52 -28.80
C LYS K 131 -37.76 -43.66 -28.44
N ILE K 132 -37.15 -44.28 -29.46
CA ILE K 132 -36.13 -45.30 -29.24
C ILE K 132 -34.93 -44.71 -28.51
N ALA K 133 -34.53 -43.49 -28.87
CA ALA K 133 -33.39 -42.84 -28.24
C ALA K 133 -33.65 -42.55 -26.77
N GLN K 134 -34.86 -42.09 -26.44
CA GLN K 134 -35.18 -41.79 -25.06
C GLN K 134 -35.28 -43.05 -24.23
N LEU K 135 -35.87 -44.11 -24.77
CA LEU K 135 -35.98 -45.35 -24.00
C LEU K 135 -34.61 -46.01 -23.82
N GLU K 136 -33.75 -45.92 -24.83
CA GLU K 136 -32.39 -46.42 -24.72
C GLU K 136 -31.61 -45.64 -23.67
N GLU K 137 -31.76 -44.31 -23.67
CA GLU K 137 -31.03 -43.47 -22.73
C GLU K 137 -31.49 -43.70 -21.30
N VAL K 138 -32.80 -43.92 -21.09
CA VAL K 138 -33.26 -44.14 -19.73
C VAL K 138 -32.90 -45.54 -19.26
N LYS K 139 -32.77 -46.50 -20.18
CA LYS K 139 -32.28 -47.82 -19.77
C LYS K 139 -30.80 -47.76 -19.41
N GLN K 140 -30.02 -46.94 -20.13
CA GLN K 140 -28.60 -46.80 -19.79
C GLN K 140 -28.42 -46.07 -18.47
N ALA K 141 -29.25 -45.06 -18.20
CA ALA K 141 -29.19 -44.36 -16.92
C ALA K 141 -29.58 -45.29 -15.77
N SER K 142 -30.55 -46.18 -16.01
CA SER K 142 -30.95 -47.13 -15.00
C SER K 142 -29.85 -48.14 -14.69
N ILE K 143 -29.19 -48.69 -15.73
CA ILE K 143 -28.15 -49.68 -15.47
C ILE K 143 -26.91 -49.02 -14.85
N LYS K 144 -26.67 -47.75 -15.19
CA LYS K 144 -25.56 -47.03 -14.54
C LYS K 144 -25.84 -46.81 -13.07
N GLN K 145 -27.09 -46.45 -12.73
CA GLN K 145 -27.45 -46.25 -11.33
C GLN K 145 -27.41 -47.57 -10.56
N ILE K 146 -27.78 -48.68 -11.21
CA ILE K 146 -27.74 -49.98 -10.55
C ILE K 146 -26.30 -50.41 -10.28
N GLN K 147 -25.41 -50.23 -11.26
CA GLN K 147 -24.01 -50.58 -11.05
C GLN K 147 -23.33 -49.68 -10.02
N ASP K 148 -23.70 -48.40 -9.97
CA ASP K 148 -23.15 -47.52 -8.95
C ASP K 148 -23.66 -47.91 -7.57
N ALA K 149 -24.91 -48.38 -7.48
CA ALA K 149 -25.43 -48.84 -6.18
C ALA K 149 -24.73 -50.12 -5.74
N ILE K 150 -24.41 -51.00 -6.69
CA ILE K 150 -23.66 -52.22 -6.40
C ILE K 150 -22.26 -51.87 -5.87
N ASP K 151 -21.59 -50.91 -6.51
CA ASP K 151 -20.27 -50.52 -6.05
C ASP K 151 -20.34 -49.80 -4.71
N MET K 152 -21.45 -49.10 -4.44
CA MET K 152 -21.67 -48.53 -3.13
C MET K 152 -21.79 -49.61 -2.06
N GLU K 153 -22.52 -50.68 -2.36
CA GLU K 153 -22.67 -51.78 -1.41
C GLU K 153 -21.35 -52.52 -1.22
N LYS K 154 -20.53 -52.64 -2.28
CA LYS K 154 -19.22 -53.29 -2.12
C LYS K 154 -18.25 -52.41 -1.34
N SER K 155 -18.37 -51.10 -1.46
CA SER K 155 -17.57 -50.21 -0.62
C SER K 155 -17.99 -50.32 0.84
N GLN K 156 -19.29 -50.49 1.08
CA GLN K 156 -19.77 -50.72 2.44
C GLN K 156 -19.32 -52.09 2.96
N GLN K 157 -19.19 -53.08 2.06
CA GLN K 157 -18.55 -54.35 2.40
C GLN K 157 -17.10 -54.14 2.85
N ALA K 158 -16.38 -53.27 2.13
CA ALA K 158 -14.99 -52.98 2.49
C ALA K 158 -14.89 -52.29 3.85
N LEU K 159 -15.85 -51.42 4.16
CA LEU K 159 -15.85 -50.80 5.49
C LEU K 159 -16.29 -51.78 6.57
N VAL K 160 -17.10 -52.78 6.20
CA VAL K 160 -17.43 -53.87 7.13
C VAL K 160 -16.19 -54.68 7.48
N GLN K 161 -15.32 -54.92 6.49
CA GLN K 161 -14.13 -55.74 6.73
C GLN K 161 -13.14 -55.04 7.67
N LYS K 162 -13.11 -53.72 7.67
CA LYS K 162 -12.09 -53.00 8.42
C LYS K 162 -12.49 -52.77 9.87
N ARG K 163 -13.60 -53.36 10.32
CA ARG K 163 -14.08 -53.11 11.67
C ARG K 163 -13.34 -53.94 12.73
N HIS K 164 -12.02 -53.90 12.74
CA HIS K 164 -11.26 -54.38 13.88
C HIS K 164 -10.06 -53.48 14.13
N TYR K 165 -10.16 -52.23 13.70
CA TYR K 165 -9.09 -51.24 13.85
C TYR K 165 -9.34 -50.23 14.96
N LEU K 166 -10.55 -49.67 15.03
CA LEU K 166 -10.92 -48.72 16.07
C LEU K 166 -10.81 -49.34 17.46
N PHE K 167 -11.32 -50.56 17.60
CA PHE K 167 -11.32 -51.23 18.88
C PHE K 167 -9.90 -51.63 19.28
N ASP K 168 -9.06 -51.92 18.30
CA ASP K 168 -7.64 -52.14 18.54
C ASP K 168 -6.94 -50.87 19.01
N VAL K 169 -7.37 -49.72 18.48
CA VAL K 169 -6.80 -48.45 18.93
C VAL K 169 -7.19 -48.18 20.38
N GLN K 170 -8.43 -48.50 20.77
CA GLN K 170 -8.78 -48.37 22.19
C GLN K 170 -8.00 -49.35 23.06
N ARG K 171 -7.76 -50.57 22.56
CA ARG K 171 -7.06 -51.59 23.33
C ARG K 171 -5.60 -51.21 23.60
N ASN K 172 -4.88 -50.84 22.54
CA ASN K 172 -3.48 -50.47 22.79
C ASN K 172 -3.34 -49.10 23.43
N ASN K 173 -4.34 -48.21 23.30
CA ASN K 173 -4.34 -46.97 24.08
C ASN K 173 -4.40 -47.25 25.57
N ILE K 174 -5.32 -48.14 25.99
CA ILE K 174 -5.41 -48.48 27.41
C ILE K 174 -4.15 -49.21 27.89
N ALA K 175 -3.59 -50.11 27.06
CA ALA K 175 -2.37 -50.83 27.45
C ALA K 175 -1.18 -49.89 27.60
N MET K 176 -1.04 -48.92 26.69
CA MET K 176 0.05 -47.96 26.79
C MET K 176 -0.13 -47.02 27.98
N ALA K 177 -1.36 -46.61 28.27
CA ALA K 177 -1.59 -45.75 29.43
C ALA K 177 -1.26 -46.46 30.73
N LEU K 178 -1.63 -47.73 30.84
CA LEU K 178 -1.33 -48.48 32.07
C LEU K 178 0.15 -48.77 32.22
N GLU K 179 0.84 -49.10 31.12
CA GLU K 179 2.28 -49.33 31.22
C GLU K 179 3.05 -48.07 31.53
N VAL K 180 2.62 -46.92 30.97
CA VAL K 180 3.23 -45.65 31.33
C VAL K 180 2.99 -45.32 32.79
N THR K 181 1.80 -45.65 33.31
CA THR K 181 1.51 -45.38 34.72
C THR K 181 2.37 -46.24 35.65
N TYR K 182 2.59 -47.51 35.30
CA TYR K 182 3.46 -48.35 36.13
C TYR K 182 4.91 -47.90 36.06
N ARG K 183 5.37 -47.47 34.90
CA ARG K 183 6.72 -46.94 34.80
C ARG K 183 6.86 -45.63 35.57
N GLU K 184 5.77 -44.85 35.68
CA GLU K 184 5.81 -43.66 36.50
C GLU K 184 5.86 -44.00 37.98
N ARG K 185 5.20 -45.09 38.41
CA ARG K 185 5.38 -45.61 39.76
C ARG K 185 6.85 -45.90 40.05
N LEU K 186 7.49 -46.58 39.09
CA LEU K 186 8.89 -46.99 39.24
C LEU K 186 9.82 -45.78 39.34
N HIS K 187 9.68 -44.85 38.38
CA HIS K 187 10.46 -43.62 38.40
C HIS K 187 10.22 -42.79 39.65
N ARG K 188 8.97 -42.79 40.15
CA ARG K 188 8.63 -41.98 41.32
C ARG K 188 9.30 -42.50 42.59
N VAL K 189 9.23 -43.81 42.83
CA VAL K 189 9.86 -44.33 44.04
C VAL K 189 11.38 -44.25 43.94
N TYR K 190 11.93 -44.36 42.72
CA TYR K 190 13.35 -44.08 42.51
C TYR K 190 13.69 -42.64 42.90
N ARG K 191 12.82 -41.69 42.53
CA ARG K 191 13.02 -40.28 42.85
C ARG K 191 13.02 -40.03 44.36
N GLU K 192 12.07 -40.61 45.07
CA GLU K 192 12.03 -40.29 46.51
C GLU K 192 13.14 -40.98 47.31
N VAL K 193 13.54 -42.20 46.93
CA VAL K 193 14.66 -42.79 47.66
C VAL K 193 15.98 -42.09 47.31
N LYS K 194 16.10 -41.65 46.05
CA LYS K 194 17.17 -40.75 45.64
C LYS K 194 17.20 -39.49 46.48
N ASN K 195 16.02 -38.90 46.75
CA ASN K 195 15.93 -37.69 47.57
C ASN K 195 16.41 -37.95 48.99
N ARG K 196 16.02 -39.10 49.57
CA ARG K 196 16.42 -39.42 50.93
C ARG K 196 17.93 -39.56 51.06
N LEU K 197 18.54 -40.31 50.13
CA LEU K 197 19.98 -40.56 50.22
C LEU K 197 20.79 -39.31 49.92
N ASP K 198 20.34 -38.50 48.95
CA ASP K 198 21.04 -37.26 48.66
C ASP K 198 20.88 -36.24 49.79
N TYR K 199 19.75 -36.27 50.49
CA TYR K 199 19.58 -35.38 51.63
C TYR K 199 20.51 -35.74 52.77
N HIS K 200 20.65 -37.05 53.04
CA HIS K 200 21.59 -37.48 54.08
C HIS K 200 23.02 -37.13 53.71
N ILE K 201 23.39 -37.28 52.43
CA ILE K 201 24.74 -36.96 51.98
C ILE K 201 25.02 -35.46 52.09
N SER K 202 24.04 -34.62 51.72
CA SER K 202 24.24 -33.19 51.82
C SER K 202 24.28 -32.70 53.27
N VAL K 203 23.50 -33.34 54.16
CA VAL K 203 23.56 -32.99 55.58
C VAL K 203 24.93 -33.36 56.15
N GLN K 204 25.47 -34.52 55.77
CA GLN K 204 26.80 -34.88 56.23
C GLN K 204 27.87 -33.93 55.69
N ASN K 205 27.70 -33.48 54.44
CA ASN K 205 28.67 -32.58 53.84
C ASN K 205 28.65 -31.21 54.53
N MET K 206 27.47 -30.69 54.87
CA MET K 206 27.45 -29.40 55.57
C MET K 206 27.93 -29.53 57.01
N MET K 207 27.68 -30.69 57.65
CA MET K 207 28.23 -30.94 58.99
C MET K 207 29.76 -30.90 58.99
N ARG K 208 30.38 -31.69 58.10
CA ARG K 208 31.83 -31.71 58.04
C ARG K 208 32.40 -30.39 57.53
N GLN K 209 31.65 -29.66 56.71
CA GLN K 209 32.09 -28.36 56.23
C GLN K 209 32.16 -27.35 57.37
N LYS K 210 31.10 -27.23 58.15
CA LYS K 210 31.09 -26.21 59.19
C LYS K 210 31.98 -26.60 60.36
N GLU K 211 32.09 -27.91 60.66
CA GLU K 211 33.07 -28.34 61.65
C GLU K 211 34.49 -28.10 61.16
N GLN K 212 34.75 -28.25 59.86
CA GLN K 212 36.05 -27.93 59.29
C GLN K 212 36.38 -26.45 59.42
N GLU K 213 35.39 -25.59 59.19
CA GLU K 213 35.62 -24.16 59.30
C GLU K 213 35.86 -23.74 60.75
N HIS K 214 35.08 -24.32 61.67
CA HIS K 214 35.26 -24.05 63.09
C HIS K 214 36.64 -24.51 63.56
N MET K 215 37.04 -25.70 63.09
CA MET K 215 38.35 -26.26 63.43
C MET K 215 39.49 -25.38 62.92
N ILE K 216 39.42 -24.97 61.64
CA ILE K 216 40.52 -24.24 61.04
C ILE K 216 40.63 -22.85 61.65
N ASN K 217 39.51 -22.23 62.03
CA ASN K 217 39.57 -20.91 62.61
C ASN K 217 40.08 -20.97 64.04
N TRP K 218 39.67 -21.99 64.80
CA TRP K 218 40.20 -22.14 66.14
C TRP K 218 41.68 -22.50 66.13
N VAL K 219 42.14 -23.26 65.14
CA VAL K 219 43.56 -23.55 65.01
C VAL K 219 44.36 -22.28 64.77
N GLU K 220 43.88 -21.44 63.84
CA GLU K 220 44.59 -20.19 63.54
C GLU K 220 44.59 -19.25 64.75
N LYS K 221 43.48 -19.20 65.47
CA LYS K 221 43.39 -18.32 66.65
C LYS K 221 44.29 -18.82 67.76
N HIS K 222 44.37 -20.14 67.95
CA HIS K 222 45.24 -20.69 68.99
C HIS K 222 46.71 -20.51 68.63
N VAL K 223 47.03 -20.59 67.33
CA VAL K 223 48.39 -20.34 66.87
C VAL K 223 48.79 -18.89 67.16
N VAL K 224 47.88 -17.94 66.88
CA VAL K 224 48.14 -16.54 67.21
C VAL K 224 48.33 -16.37 68.71
N GLN K 225 47.49 -17.06 69.50
CA GLN K 225 47.53 -16.94 70.95
C GLN K 225 48.85 -17.46 71.54
N SER K 226 49.36 -18.56 71.00
CA SER K 226 50.59 -19.12 71.57
C SER K 226 51.84 -18.47 71.01
N ILE K 227 51.96 -18.41 69.67
CA ILE K 227 53.19 -17.93 69.04
C ILE K 227 53.31 -16.42 69.16
N SER K 228 52.22 -15.71 69.45
CA SER K 228 52.34 -14.28 69.75
C SER K 228 53.07 -14.06 71.08
N ALA K 229 53.06 -15.05 71.97
CA ALA K 229 53.75 -14.99 73.25
C ALA K 229 54.80 -16.09 73.39
N GLN K 230 55.56 -16.34 72.32
CA GLN K 230 56.61 -17.35 72.35
C GLN K 230 57.89 -16.72 71.82
N GLN K 231 58.87 -16.53 72.70
CA GLN K 231 60.20 -16.10 72.30
C GLN K 231 61.23 -16.86 73.12
N GLU K 232 62.13 -17.57 72.42
CA GLU K 232 63.18 -18.29 73.13
C GLU K 232 64.48 -18.26 72.31
N LYS K 233 64.55 -17.40 71.28
CA LYS K 233 65.72 -17.07 70.47
C LYS K 233 66.22 -18.22 69.59
N GLU K 234 65.58 -19.39 69.63
CA GLU K 234 65.86 -20.38 68.60
C GLU K 234 65.18 -20.03 67.29
N THR K 235 64.18 -19.15 67.34
CA THR K 235 63.66 -18.53 66.13
C THR K 235 64.76 -17.76 65.41
N ILE K 236 65.44 -16.87 66.14
CA ILE K 236 66.51 -16.06 65.56
C ILE K 236 67.71 -16.95 65.21
N ALA K 237 67.93 -18.02 65.99
CA ALA K 237 69.00 -18.95 65.69
C ALA K 237 68.75 -19.72 64.40
N LYS K 238 67.51 -20.18 64.20
CA LYS K 238 67.17 -20.82 62.93
C LYS K 238 67.24 -19.83 61.78
N CYS K 239 66.91 -18.57 62.04
CA CYS K 239 66.95 -17.58 60.96
C CYS K 239 68.39 -17.24 60.56
N ILE K 240 69.30 -17.14 61.53
CA ILE K 240 70.69 -16.89 61.15
C ILE K 240 71.30 -18.15 60.54
N ALA K 241 70.82 -19.33 60.93
CA ALA K 241 71.23 -20.55 60.25
C ALA K 241 70.74 -20.56 58.81
N ASP K 242 69.56 -19.99 58.56
CA ASP K 242 69.03 -19.94 57.19
C ASP K 242 69.80 -18.93 56.35
N LEU K 243 70.15 -17.77 56.91
CA LEU K 243 71.05 -16.86 56.20
C LEU K 243 72.42 -17.49 55.94
N LYS K 244 72.90 -18.31 56.87
CA LYS K 244 74.15 -19.03 56.66
C LYS K 244 74.02 -20.06 55.54
N LEU K 245 72.87 -20.73 55.46
CA LEU K 245 72.66 -21.74 54.43
C LEU K 245 72.51 -21.10 53.06
N LEU K 246 71.80 -19.97 52.98
CA LEU K 246 71.74 -19.23 51.72
C LEU K 246 73.07 -18.61 51.36
N ALA K 247 73.93 -18.35 52.36
CA ALA K 247 75.29 -17.89 52.06
C ALA K 247 76.13 -19.00 51.47
N LYS K 248 76.02 -20.21 52.03
CA LYS K 248 76.78 -21.34 51.51
C LYS K 248 76.30 -21.73 50.11
N LYS K 249 75.01 -21.60 49.84
CA LYS K 249 74.54 -21.91 48.49
C LYS K 249 74.61 -20.70 47.55
N ALA K 250 74.91 -19.52 48.05
CA ALA K 250 74.97 -18.32 47.22
C ALA K 250 76.40 -18.04 46.76
N GLN L 40 62.69 -26.52 61.71
CA GLN L 40 61.31 -26.94 61.55
C GLN L 40 60.34 -26.20 62.48
N LYS L 41 60.67 -24.93 62.77
CA LYS L 41 60.20 -24.18 63.92
C LYS L 41 58.69 -24.11 64.15
N LEU L 42 57.96 -23.52 63.20
CA LEU L 42 56.58 -23.13 63.48
C LEU L 42 55.59 -24.26 63.27
N PHE L 43 55.76 -25.02 62.19
CA PHE L 43 54.71 -25.93 61.78
C PHE L 43 54.61 -27.12 62.71
N VAL L 44 55.67 -27.43 63.45
CA VAL L 44 55.58 -28.49 64.46
C VAL L 44 54.79 -27.99 65.67
N ASP L 45 54.85 -26.68 65.95
CA ASP L 45 54.00 -26.11 66.99
C ASP L 45 52.54 -26.11 66.53
N LYS L 46 52.34 -25.89 65.24
CA LYS L 46 50.99 -25.99 64.69
C LYS L 46 50.47 -27.44 64.72
N ILE L 47 51.36 -28.41 64.47
CA ILE L 47 51.05 -29.84 64.63
C ILE L 47 50.59 -30.14 66.04
N ARG L 48 51.34 -29.61 67.01
CA ARG L 48 51.00 -29.78 68.42
C ARG L 48 49.63 -29.20 68.73
N GLU L 49 49.33 -28.05 68.14
CA GLU L 49 47.99 -27.48 68.39
C GLU L 49 46.90 -28.21 67.61
N TYR L 50 47.27 -28.87 66.51
CA TYR L 50 46.32 -29.76 65.83
C TYR L 50 45.99 -30.95 66.71
N ARG L 51 47.00 -31.46 67.43
CA ARG L 51 46.73 -32.49 68.43
C ARG L 51 45.82 -31.98 69.54
N THR L 52 46.07 -30.77 70.03
CA THR L 52 45.28 -30.27 71.16
C THR L 52 43.84 -29.98 70.76
N LYS L 53 43.61 -29.51 69.54
CA LYS L 53 42.21 -29.40 69.09
C LYS L 53 41.64 -30.78 68.77
N ARG L 54 42.49 -31.71 68.35
CA ARG L 54 42.02 -33.05 68.04
C ARG L 54 41.65 -33.80 69.32
N GLN L 55 42.45 -33.61 70.37
CA GLN L 55 42.18 -34.29 71.65
C GLN L 55 40.93 -33.74 72.31
N THR L 56 40.51 -32.53 71.95
CA THR L 56 39.32 -31.94 72.54
C THR L 56 38.09 -32.46 71.79
N SER L 57 37.81 -33.76 71.96
CA SER L 57 36.62 -34.37 71.38
C SER L 57 35.43 -34.25 72.33
N GLY L 58 34.37 -35.00 72.08
CA GLY L 58 33.16 -34.85 72.85
C GLY L 58 32.41 -33.59 72.47
N GLY L 59 32.11 -33.46 71.18
CA GLY L 59 31.43 -32.30 70.67
C GLY L 59 32.35 -31.38 69.93
N PRO L 60 31.80 -30.50 69.09
CA PRO L 60 32.62 -29.47 68.45
C PRO L 60 33.12 -28.47 69.48
N VAL L 61 34.40 -28.09 69.35
CA VAL L 61 35.11 -27.30 70.34
C VAL L 61 34.51 -25.90 70.46
N ASP L 62 34.44 -25.39 71.69
CA ASP L 62 34.16 -24.02 72.15
C ASP L 62 33.19 -23.22 71.28
N ALA L 63 32.05 -23.84 70.97
CA ALA L 63 31.26 -23.45 69.80
C ALA L 63 30.49 -22.16 70.02
N GLY L 64 29.79 -22.03 71.14
CA GLY L 64 28.91 -20.91 71.35
C GLY L 64 27.55 -21.14 70.71
N PRO L 65 26.58 -20.29 71.05
CA PRO L 65 25.21 -20.54 70.59
C PRO L 65 25.00 -20.26 69.10
N GLU L 66 25.72 -19.28 68.54
CA GLU L 66 25.53 -18.91 67.14
C GLU L 66 26.03 -19.99 66.19
N TYR L 67 26.94 -20.85 66.65
CA TYR L 67 27.27 -22.09 65.97
C TYR L 67 26.02 -22.92 65.67
N GLN L 68 25.27 -23.24 66.73
CA GLN L 68 24.05 -24.04 66.58
C GLN L 68 22.96 -23.24 65.87
N GLN L 69 22.99 -21.91 65.98
CA GLN L 69 22.02 -21.10 65.24
C GLN L 69 22.25 -21.17 63.74
N ASP L 70 23.52 -21.12 63.32
CA ASP L 70 23.84 -21.27 61.90
C ASP L 70 23.54 -22.69 61.43
N LEU L 71 23.81 -23.69 62.29
CA LEU L 71 23.36 -25.06 62.02
C LEU L 71 21.86 -25.13 61.81
N ASP L 72 21.10 -24.42 62.64
CA ASP L 72 19.65 -24.50 62.54
C ASP L 72 19.12 -23.78 61.30
N ARG L 73 19.75 -22.68 60.90
CA ARG L 73 19.30 -22.01 59.68
C ARG L 73 19.66 -22.82 58.44
N GLU L 74 20.86 -23.41 58.40
CA GLU L 74 21.22 -24.25 57.27
C GLU L 74 20.37 -25.51 57.24
N LEU L 75 20.09 -26.10 58.40
CA LEU L 75 19.20 -27.23 58.48
C LEU L 75 17.77 -26.84 58.14
N PHE L 76 17.38 -25.59 58.39
CA PHE L 76 16.03 -25.15 58.06
C PHE L 76 15.86 -24.99 56.56
N LYS L 77 16.86 -24.43 55.88
CA LYS L 77 16.82 -24.39 54.42
C LYS L 77 16.86 -25.79 53.83
N LEU L 78 17.62 -26.70 54.47
CA LEU L 78 17.61 -28.07 54.02
C LEU L 78 16.28 -28.76 54.28
N LYS L 79 15.55 -28.35 55.32
CA LYS L 79 14.18 -28.82 55.50
C LYS L 79 13.28 -28.26 54.41
N GLN L 80 13.56 -27.05 53.94
CA GLN L 80 12.79 -26.47 52.84
C GLN L 80 13.04 -27.19 51.53
N MET L 81 14.24 -27.77 51.33
CA MET L 81 14.49 -28.35 50.01
C MET L 81 13.94 -29.76 49.83
N TYR L 82 13.22 -30.33 50.79
CA TYR L 82 12.54 -31.58 50.46
C TYR L 82 11.08 -31.62 50.95
N GLY L 83 10.78 -30.92 52.05
CA GLY L 83 9.46 -30.98 52.65
C GLY L 83 9.56 -31.44 54.11
N LYS L 84 8.59 -32.27 54.51
CA LYS L 84 8.47 -32.67 55.91
C LYS L 84 8.49 -34.18 56.05
N ALA L 85 9.44 -34.84 55.40
CA ALA L 85 9.54 -36.28 55.40
C ALA L 85 10.36 -36.76 56.60
N ASP L 86 10.70 -38.04 56.61
CA ASP L 86 11.43 -38.66 57.71
C ASP L 86 12.80 -39.12 57.22
N MET L 87 13.73 -39.23 58.16
CA MET L 87 15.08 -39.67 57.84
C MET L 87 15.22 -41.17 57.73
N ASN L 88 14.18 -41.91 58.11
CA ASN L 88 14.11 -43.36 57.93
C ASN L 88 12.76 -43.70 57.33
N THR L 89 12.61 -44.99 56.99
CA THR L 89 11.40 -45.67 56.48
C THR L 89 10.56 -44.82 55.52
N PHE L 90 11.22 -44.44 54.41
CA PHE L 90 10.71 -43.72 53.24
C PHE L 90 9.36 -44.24 52.76
N PRO L 91 8.45 -43.36 52.36
CA PRO L 91 7.21 -43.81 51.70
C PRO L 91 7.42 -43.96 50.20
N ASN L 92 6.53 -44.71 49.58
CA ASN L 92 6.69 -45.03 48.16
C ASN L 92 5.92 -44.06 47.25
N PHE L 93 4.59 -44.03 47.36
CA PHE L 93 3.73 -43.15 46.57
C PHE L 93 2.33 -43.17 47.17
N THR L 94 1.42 -42.43 46.53
CA THR L 94 -0.01 -42.50 46.77
C THR L 94 -0.62 -43.13 45.53
N PHE L 95 -1.33 -44.23 45.73
CA PHE L 95 -1.76 -45.08 44.62
C PHE L 95 -2.89 -44.40 43.85
N GLU L 96 -2.56 -43.88 42.66
CA GLU L 96 -3.57 -43.24 41.83
C GLU L 96 -4.16 -44.27 40.88
N ASP L 97 -5.15 -43.86 40.11
CA ASP L 97 -5.83 -44.76 39.18
C ASP L 97 -6.10 -44.08 37.85
N PRO L 98 -5.46 -44.52 36.77
CA PRO L 98 -5.77 -43.95 35.45
C PRO L 98 -7.13 -44.45 34.96
N LYS L 99 -8.04 -43.50 34.75
CA LYS L 99 -9.42 -43.84 34.42
C LYS L 99 -9.76 -43.17 33.09
N PHE L 100 -9.63 -43.92 32.01
CA PHE L 100 -9.98 -43.45 30.68
C PHE L 100 -11.43 -43.83 30.40
N GLU L 101 -12.24 -42.83 30.01
CA GLU L 101 -13.67 -43.03 29.84
C GLU L 101 -13.96 -43.87 28.60
N VAL L 102 -14.95 -44.74 28.70
CA VAL L 102 -15.31 -45.62 27.59
C VAL L 102 -15.96 -44.82 26.47
N VAL L 103 -15.36 -44.89 25.29
CA VAL L 103 -16.01 -44.32 24.11
C VAL L 103 -17.13 -45.25 23.66
N GLU L 104 -18.24 -44.65 23.23
CA GLU L 104 -19.41 -45.39 22.80
C GLU L 104 -19.91 -44.76 21.51
N LYS L 105 -20.88 -45.40 20.87
CA LYS L 105 -21.52 -44.84 19.69
C LYS L 105 -22.93 -45.40 19.60
N PRO L 106 -23.89 -44.61 19.08
CA PRO L 106 -25.23 -45.15 18.84
C PRO L 106 -25.25 -46.23 17.76
N GLN L 107 -24.68 -45.92 16.60
CA GLN L 107 -24.77 -46.78 15.43
C GLN L 107 -23.71 -46.37 14.41
N SER L 108 -23.09 -47.35 13.77
CA SER L 108 -22.21 -47.08 12.63
C SER L 108 -22.80 -47.65 11.35
N LYS M 5 5.60 -54.54 29.59
CA LYS M 5 4.68 -55.62 29.27
C LYS M 5 3.54 -55.10 28.40
N LEU M 6 3.89 -54.72 27.17
CA LEU M 6 2.98 -54.05 26.26
C LEU M 6 2.66 -54.92 25.05
N ALA M 7 1.40 -54.89 24.62
CA ALA M 7 0.95 -55.55 23.41
C ALA M 7 0.41 -54.47 22.47
N LEU M 8 1.17 -54.16 21.42
CA LEU M 8 0.88 -53.05 20.53
C LEU M 8 0.58 -53.56 19.13
N LYS M 9 -0.45 -52.96 18.51
CA LYS M 9 -0.82 -53.23 17.13
C LYS M 9 -1.04 -51.88 16.45
N THR M 10 -0.08 -51.47 15.64
CA THR M 10 -0.16 -50.18 14.97
C THR M 10 -0.92 -50.30 13.64
N ILE M 11 -1.85 -49.38 13.41
CA ILE M 11 -2.56 -49.30 12.14
C ILE M 11 -2.18 -48.03 11.41
N ASP M 12 -2.56 -47.93 10.14
CA ASP M 12 -2.07 -46.88 9.25
C ASP M 12 -2.84 -45.58 9.37
N TRP M 13 -3.85 -45.52 10.24
CA TRP M 13 -4.63 -44.34 10.60
C TRP M 13 -5.42 -43.73 9.43
N VAL M 14 -5.53 -44.43 8.30
CA VAL M 14 -6.41 -43.98 7.23
C VAL M 14 -7.78 -44.61 7.38
N ALA M 15 -7.82 -45.91 7.67
CA ALA M 15 -9.08 -46.58 7.96
C ALA M 15 -9.68 -46.13 9.29
N PHE M 16 -8.85 -45.59 10.19
CA PHE M 16 -9.37 -44.91 11.37
C PHE M 16 -10.21 -43.70 10.99
N GLY M 17 -9.84 -43.01 9.91
CA GLY M 17 -10.67 -41.94 9.41
C GLY M 17 -11.84 -42.43 8.60
N GLU M 18 -11.67 -43.55 7.90
CA GLU M 18 -12.73 -44.14 7.11
C GLU M 18 -13.76 -44.88 7.94
N ILE M 19 -13.53 -45.07 9.24
CA ILE M 19 -14.32 -46.00 10.02
C ILE M 19 -15.30 -45.31 10.97
N ILE M 20 -15.17 -44.01 11.18
CA ILE M 20 -15.86 -43.33 12.28
C ILE M 20 -17.20 -42.77 11.84
N PRO M 21 -18.18 -42.63 12.76
CA PRO M 21 -19.41 -41.93 12.42
C PRO M 21 -19.28 -40.42 12.55
N ARG M 22 -20.29 -39.71 12.06
CA ARG M 22 -20.39 -38.27 12.27
C ARG M 22 -20.71 -37.96 13.73
N ASN M 23 -21.35 -38.90 14.42
CA ASN M 23 -21.76 -38.69 15.81
C ASN M 23 -20.59 -38.62 16.76
N GLN M 24 -19.53 -39.39 16.49
CA GLN M 24 -18.40 -39.49 17.39
C GLN M 24 -17.11 -39.05 16.71
N LYS M 25 -17.21 -38.14 15.74
CA LYS M 25 -16.03 -37.67 15.02
C LYS M 25 -15.16 -36.78 15.91
N ALA M 26 -15.78 -35.92 16.71
CA ALA M 26 -15.02 -35.06 17.62
C ALA M 26 -14.36 -35.88 18.73
N VAL M 27 -15.08 -36.88 19.26
CA VAL M 27 -14.51 -37.74 20.29
C VAL M 27 -13.42 -38.62 19.69
N ALA M 28 -13.56 -39.00 18.41
CA ALA M 28 -12.51 -39.76 17.75
C ALA M 28 -11.28 -38.90 17.51
N ASN M 29 -11.47 -37.61 17.22
CA ASN M 29 -10.35 -36.67 17.16
C ASN M 29 -9.66 -36.55 18.51
N SER M 30 -10.45 -36.47 19.59
CA SER M 30 -9.89 -36.38 20.93
C SER M 30 -9.11 -37.64 21.30
N LEU M 31 -9.65 -38.81 20.98
CA LEU M 31 -8.98 -40.06 21.28
C LEU M 31 -7.74 -40.24 20.41
N LYS M 32 -7.79 -39.78 19.15
CA LYS M 32 -6.64 -39.86 18.26
C LYS M 32 -5.51 -38.96 18.73
N SER M 33 -5.82 -37.70 19.05
CA SER M 33 -4.79 -36.77 19.50
C SER M 33 -4.25 -37.17 20.88
N TRP M 34 -5.13 -37.68 21.75
CA TRP M 34 -4.68 -38.17 23.04
C TRP M 34 -3.83 -39.43 22.89
N ASN M 35 -4.13 -40.28 21.90
CA ASN M 35 -3.30 -41.45 21.69
C ASN M 35 -1.96 -41.08 21.08
N GLU M 36 -1.93 -40.06 20.21
CA GLU M 36 -0.67 -39.55 19.68
C GLU M 36 0.21 -38.99 20.79
N THR M 37 -0.38 -38.16 21.67
CA THR M 37 0.34 -37.61 22.81
C THR M 37 0.81 -38.71 23.75
N LEU M 38 0.00 -39.76 23.91
CA LEU M 38 0.37 -40.81 24.85
C LEU M 38 1.45 -41.72 24.26
N THR M 39 1.45 -41.93 22.94
CA THR M 39 2.55 -42.65 22.30
C THR M 39 3.85 -41.86 22.39
N SER M 40 3.78 -40.53 22.21
CA SER M 40 4.96 -39.71 22.39
C SER M 40 5.45 -39.72 23.84
N ARG M 41 4.51 -39.76 24.80
CA ARG M 41 4.86 -39.83 26.21
C ARG M 41 5.50 -41.18 26.55
N LEU M 42 5.06 -42.25 25.89
CA LEU M 42 5.75 -43.53 25.99
C LEU M 42 7.15 -43.43 25.42
N ALA M 43 7.29 -42.78 24.27
CA ALA M 43 8.59 -42.71 23.59
C ALA M 43 9.58 -41.85 24.35
N THR M 44 9.11 -40.88 25.14
CA THR M 44 10.03 -40.06 25.91
C THR M 44 10.60 -40.81 27.11
N LEU M 45 9.95 -41.89 27.53
CA LEU M 45 10.50 -42.53 28.73
C LEU M 45 11.36 -43.75 28.36
N PRO M 46 12.60 -43.79 28.83
CA PRO M 46 13.34 -45.06 28.85
C PRO M 46 12.76 -46.00 29.90
N GLU M 47 13.18 -47.27 29.83
CA GLU M 47 12.44 -48.34 30.50
C GLU M 47 12.59 -48.29 32.02
N LYS M 48 13.82 -48.15 32.52
CA LYS M 48 14.05 -48.03 33.96
C LYS M 48 15.42 -47.42 34.20
N PRO M 49 15.58 -46.66 35.28
CA PRO M 49 16.91 -46.28 35.73
C PRO M 49 17.59 -47.45 36.41
N PRO M 50 18.91 -47.43 36.59
CA PRO M 50 19.58 -48.52 37.30
C PRO M 50 19.22 -48.52 38.78
N ALA M 51 19.52 -49.65 39.43
CA ALA M 51 19.27 -49.79 40.85
C ALA M 51 20.22 -48.89 41.65
N ILE M 52 19.73 -48.40 42.78
CA ILE M 52 20.51 -47.53 43.64
C ILE M 52 21.63 -48.34 44.29
N ASP M 53 22.87 -47.91 44.07
CA ASP M 53 24.02 -48.58 44.63
C ASP M 53 24.09 -48.35 46.13
N TRP M 54 24.75 -49.28 46.83
CA TRP M 54 24.82 -49.22 48.28
C TRP M 54 26.22 -49.33 48.85
N ALA M 55 27.23 -49.71 48.05
CA ALA M 55 28.60 -49.63 48.54
C ALA M 55 29.06 -48.19 48.62
N TYR M 56 28.78 -47.42 47.56
CA TYR M 56 29.15 -46.00 47.53
C TYR M 56 28.35 -45.20 48.54
N TYR M 57 27.04 -45.45 48.62
CA TYR M 57 26.19 -44.74 49.58
C TYR M 57 26.33 -45.29 50.99
N LYS M 58 26.89 -46.48 51.15
CA LYS M 58 27.22 -46.98 52.49
C LYS M 58 28.53 -46.38 52.98
N ALA M 59 29.50 -46.20 52.06
CA ALA M 59 30.74 -45.56 52.43
C ALA M 59 30.56 -44.06 52.68
N ASN M 60 29.68 -43.41 51.91
CA ASN M 60 29.44 -41.99 52.11
C ASN M 60 28.64 -41.74 53.38
N VAL M 61 27.44 -42.31 53.45
CA VAL M 61 26.58 -42.10 54.62
C VAL M 61 27.14 -42.92 55.77
N THR M 62 27.69 -42.25 56.77
CA THR M 62 28.22 -42.90 57.96
C THR M 62 27.14 -43.23 58.98
N LYS M 63 25.89 -42.91 58.72
CA LYS M 63 24.82 -43.21 59.65
C LYS M 63 24.59 -44.71 59.69
N ALA M 64 24.97 -45.34 60.79
CA ALA M 64 24.92 -46.80 60.90
C ALA M 64 23.47 -47.27 61.02
N GLY M 65 23.18 -48.40 60.39
CA GLY M 65 21.84 -48.96 60.33
C GLY M 65 20.99 -48.42 59.18
N LEU M 66 21.19 -47.14 58.83
CA LEU M 66 20.31 -46.47 57.87
C LEU M 66 20.52 -46.98 56.46
N VAL M 67 21.78 -47.22 56.06
CA VAL M 67 22.05 -47.62 54.69
C VAL M 67 21.59 -49.06 54.44
N ASP M 68 21.81 -49.95 55.41
CA ASP M 68 21.31 -51.32 55.25
C ASP M 68 19.81 -51.38 55.41
N ASP M 69 19.24 -50.48 56.21
CA ASP M 69 17.79 -50.39 56.37
C ASP M 69 17.13 -49.96 55.07
N PHE M 70 17.65 -48.90 54.43
CA PHE M 70 17.11 -48.46 53.15
C PHE M 70 17.38 -49.46 52.04
N GLU M 71 18.52 -50.17 52.10
CA GLU M 71 18.81 -51.21 51.13
C GLU M 71 17.82 -52.36 51.22
N LYS M 72 17.48 -52.76 52.46
CA LYS M 72 16.51 -53.85 52.65
C LYS M 72 15.10 -53.41 52.29
N LYS M 73 14.72 -52.18 52.67
CA LYS M 73 13.36 -51.73 52.40
C LYS M 73 13.15 -51.25 50.98
N PHE M 74 14.21 -51.00 50.22
CA PHE M 74 14.10 -50.58 48.84
C PHE M 74 14.30 -51.73 47.86
N ASN M 75 15.34 -52.55 48.06
CA ASN M 75 15.56 -53.63 47.11
C ASN M 75 14.57 -54.78 47.29
N ALA M 76 13.83 -54.82 48.39
CA ALA M 76 12.77 -55.81 48.55
C ALA M 76 11.41 -55.11 48.51
N LEU M 77 11.33 -54.02 47.78
CA LEU M 77 10.10 -53.26 47.60
C LEU M 77 9.53 -53.60 46.24
N LYS M 78 8.30 -54.09 46.20
CA LYS M 78 7.64 -54.40 44.94
C LYS M 78 6.23 -53.82 44.97
N VAL M 79 5.82 -53.26 43.84
CA VAL M 79 4.48 -52.68 43.69
C VAL M 79 3.84 -53.23 42.43
N PRO M 80 2.54 -53.51 42.44
CA PRO M 80 1.90 -54.13 41.28
C PRO M 80 1.54 -53.12 40.21
N ILE M 81 1.25 -53.65 39.03
CA ILE M 81 0.79 -52.84 37.90
C ILE M 81 -0.63 -52.33 38.20
N PRO M 82 -0.91 -51.05 37.99
CA PRO M 82 -2.29 -50.54 38.16
C PRO M 82 -3.26 -51.19 37.18
N GLU M 83 -4.33 -51.76 37.73
CA GLU M 83 -5.22 -52.65 37.02
C GLU M 83 -6.13 -51.88 36.05
N ASP M 84 -6.94 -52.62 35.30
CA ASP M 84 -7.70 -52.07 34.18
C ASP M 84 -9.21 -52.11 34.38
N LYS M 85 -9.77 -53.32 34.57
CA LYS M 85 -11.20 -53.67 34.57
C LYS M 85 -12.01 -53.04 33.42
N TYR M 86 -11.35 -52.75 32.29
CA TYR M 86 -11.99 -52.17 31.11
C TYR M 86 -11.78 -52.97 29.83
N THR M 87 -10.72 -53.78 29.75
CA THR M 87 -10.42 -54.56 28.55
C THR M 87 -11.51 -55.58 28.24
N ALA M 88 -12.14 -56.13 29.28
CA ALA M 88 -13.26 -57.05 29.09
C ALA M 88 -14.45 -56.34 28.46
N GLN M 89 -14.73 -55.11 28.91
CA GLN M 89 -15.81 -54.32 28.31
C GLN M 89 -15.49 -53.96 26.87
N VAL M 90 -14.24 -53.57 26.60
CA VAL M 90 -13.83 -53.18 25.26
C VAL M 90 -13.93 -54.36 24.30
N ASP M 91 -13.50 -55.55 24.74
CA ASP M 91 -13.57 -56.73 23.89
C ASP M 91 -14.99 -57.23 23.71
N ALA M 92 -15.84 -57.11 24.74
CA ALA M 92 -17.23 -57.53 24.58
C ALA M 92 -18.01 -56.58 23.68
N GLU M 93 -17.74 -55.28 23.79
CA GLU M 93 -18.34 -54.31 22.87
C GLU M 93 -17.82 -54.49 21.46
N GLU M 94 -16.54 -54.89 21.32
CA GLU M 94 -15.99 -55.29 20.03
C GLU M 94 -16.76 -56.45 19.43
N LYS M 95 -17.02 -57.49 20.23
CA LYS M 95 -17.74 -58.66 19.73
C LYS M 95 -19.19 -58.31 19.37
N GLU M 96 -19.81 -57.41 20.13
CA GLU M 96 -21.18 -57.01 19.83
C GLU M 96 -21.27 -56.18 18.56
N ASP M 97 -20.35 -55.25 18.36
CA ASP M 97 -20.37 -54.47 17.12
C ASP M 97 -19.94 -55.32 15.92
N VAL M 98 -19.12 -56.36 16.14
CA VAL M 98 -18.83 -57.30 15.06
C VAL M 98 -20.07 -58.13 14.71
N LYS M 99 -20.89 -58.51 15.69
CA LYS M 99 -22.11 -59.26 15.39
C LYS M 99 -23.14 -58.40 14.67
N SER M 100 -23.32 -57.15 15.12
CA SER M 100 -24.19 -56.23 14.39
C SER M 100 -23.65 -55.90 13.02
N CYS M 101 -22.33 -55.85 12.87
CA CYS M 101 -21.72 -55.61 11.57
C CYS M 101 -21.87 -56.83 10.67
N ALA M 102 -21.98 -58.03 11.25
CA ALA M 102 -22.18 -59.23 10.46
C ALA M 102 -23.63 -59.36 9.97
N GLU M 103 -24.60 -58.95 10.80
CA GLU M 103 -25.96 -58.94 10.26
C GLU M 103 -26.15 -57.82 9.24
N PHE M 104 -25.45 -56.69 9.43
CA PHE M 104 -25.40 -55.67 8.37
C PHE M 104 -24.74 -56.21 7.10
N LEU M 105 -23.72 -57.03 7.27
CA LEU M 105 -23.05 -57.69 6.15
C LEU M 105 -24.01 -58.58 5.36
N ILE M 106 -24.76 -59.44 6.04
CA ILE M 106 -25.65 -60.35 5.32
C ILE M 106 -26.84 -59.60 4.70
N GLN M 107 -27.28 -58.50 5.32
CA GLN M 107 -28.34 -57.69 4.70
C GLN M 107 -27.83 -57.00 3.44
N SER M 108 -26.58 -56.53 3.46
CA SER M 108 -25.99 -55.97 2.25
C SER M 108 -25.77 -57.02 1.17
N LYS M 109 -25.51 -58.27 1.57
CA LYS M 109 -25.38 -59.35 0.59
C LYS M 109 -26.72 -59.63 -0.10
N THR M 110 -27.81 -59.65 0.67
CA THR M 110 -29.12 -59.82 0.05
C THR M 110 -29.48 -58.63 -0.84
N ARG M 111 -29.09 -57.43 -0.42
CA ARG M 111 -29.38 -56.23 -1.20
C ARG M 111 -28.62 -56.21 -2.53
N ILE M 112 -27.34 -56.58 -2.51
CA ILE M 112 -26.57 -56.62 -3.75
C ILE M 112 -27.02 -57.79 -4.63
N GLN M 113 -27.55 -58.88 -4.04
CA GLN M 113 -28.07 -59.95 -4.88
C GLN M 113 -29.36 -59.52 -5.60
N GLU M 114 -30.21 -58.76 -4.91
CA GLU M 114 -31.41 -58.23 -5.57
C GLU M 114 -31.05 -57.21 -6.66
N TYR M 115 -30.01 -56.41 -6.41
CA TYR M 115 -29.49 -55.51 -7.43
C TYR M 115 -29.05 -56.28 -8.67
N GLU M 116 -28.30 -57.36 -8.48
CA GLU M 116 -27.81 -58.15 -9.61
C GLU M 116 -28.96 -58.84 -10.33
N LYS M 117 -30.01 -59.23 -9.59
CA LYS M 117 -31.18 -59.82 -10.22
C LYS M 117 -31.88 -58.82 -11.13
N GLU M 118 -32.06 -57.57 -10.65
CA GLU M 118 -32.67 -56.54 -11.49
C GLU M 118 -31.80 -56.19 -12.69
N LEU M 119 -30.47 -56.21 -12.51
CA LEU M 119 -29.58 -55.86 -13.61
C LEU M 119 -29.56 -56.95 -14.67
N GLU M 120 -29.60 -58.22 -14.26
CA GLU M 120 -29.65 -59.29 -15.24
C GLU M 120 -31.00 -59.37 -15.93
N LYS M 121 -32.07 -58.94 -15.24
CA LYS M 121 -33.33 -58.73 -15.92
C LYS M 121 -33.20 -57.65 -16.98
N MET M 122 -32.58 -56.53 -16.61
CA MET M 122 -32.64 -55.32 -17.44
C MET M 122 -31.71 -55.40 -18.65
N ARG M 123 -30.59 -56.12 -18.55
CA ARG M 123 -29.80 -56.36 -19.75
C ARG M 123 -30.52 -57.29 -20.71
N ASN M 124 -31.22 -58.30 -20.19
CA ASN M 124 -31.96 -59.25 -21.02
C ASN M 124 -33.39 -58.74 -21.16
N ILE M 125 -33.54 -57.70 -21.97
CA ILE M 125 -34.81 -57.03 -22.19
C ILE M 125 -35.20 -57.22 -23.65
N ILE M 126 -36.50 -57.09 -23.93
CA ILE M 126 -36.99 -57.06 -25.31
C ILE M 126 -36.39 -55.85 -26.01
N PRO M 127 -35.88 -55.98 -27.25
CA PRO M 127 -35.06 -54.92 -27.84
C PRO M 127 -35.80 -53.69 -28.34
N PHE M 128 -37.03 -53.46 -27.87
CA PHE M 128 -37.92 -52.32 -28.15
C PHE M 128 -38.49 -52.34 -29.56
N ASP M 129 -38.14 -53.35 -30.35
CA ASP M 129 -38.77 -53.55 -31.65
C ASP M 129 -39.91 -54.53 -31.56
N GLN M 130 -39.84 -55.43 -30.58
CA GLN M 130 -40.90 -56.40 -30.31
C GLN M 130 -41.72 -56.02 -29.10
N MET M 131 -41.52 -54.81 -28.59
CA MET M 131 -42.10 -54.37 -27.32
C MET M 131 -43.51 -53.88 -27.54
N THR M 132 -44.43 -54.38 -26.73
CA THR M 132 -45.78 -53.86 -26.73
C THR M 132 -45.86 -52.74 -25.70
N ILE M 133 -46.99 -52.04 -25.65
CA ILE M 133 -47.17 -51.05 -24.59
C ILE M 133 -47.40 -51.75 -23.25
N GLU M 134 -48.05 -52.91 -23.29
CA GLU M 134 -48.33 -53.63 -22.05
C GLU M 134 -47.06 -54.26 -21.47
N ASP M 135 -46.20 -54.79 -22.33
CA ASP M 135 -44.93 -55.30 -21.84
C ASP M 135 -44.00 -54.18 -21.37
N LEU M 136 -44.12 -53.00 -21.98
CA LEU M 136 -43.32 -51.87 -21.53
C LEU M 136 -43.83 -51.34 -20.20
N ASN M 137 -45.12 -51.48 -19.92
CA ASN M 137 -45.59 -51.15 -18.58
C ASN M 137 -45.25 -52.23 -17.58
N GLU M 138 -45.12 -53.49 -18.05
CA GLU M 138 -44.75 -54.59 -17.17
C GLU M 138 -43.29 -54.49 -16.75
N VAL M 139 -42.41 -54.05 -17.66
CA VAL M 139 -40.99 -54.07 -17.37
C VAL M 139 -40.63 -52.96 -16.39
N PHE M 140 -41.40 -51.85 -16.39
CA PHE M 140 -41.35 -50.89 -15.29
C PHE M 140 -42.67 -50.14 -15.19
N PRO M 141 -43.25 -50.06 -13.99
CA PRO M 141 -44.54 -49.35 -13.83
C PRO M 141 -44.41 -47.86 -13.57
N GLU M 142 -43.26 -47.25 -13.90
CA GLU M 142 -43.14 -45.80 -13.81
C GLU M 142 -44.09 -45.10 -14.78
N THR M 143 -44.24 -45.65 -15.98
CA THR M 143 -44.92 -44.98 -17.08
C THR M 143 -46.34 -45.48 -17.30
N LYS M 144 -46.88 -46.25 -16.36
CA LYS M 144 -48.22 -46.79 -16.53
C LYS M 144 -49.27 -45.71 -16.34
N LEU M 145 -50.18 -45.60 -17.29
CA LEU M 145 -51.36 -44.77 -17.13
C LEU M 145 -52.28 -45.40 -16.10
N ASP M 146 -52.50 -44.69 -14.98
CA ASP M 146 -53.07 -45.32 -13.78
C ASP M 146 -54.55 -45.65 -13.95
N LYS M 147 -55.27 -44.83 -14.70
CA LYS M 147 -56.71 -44.94 -14.98
C LYS M 147 -57.56 -44.85 -13.72
N LYS M 148 -57.00 -44.29 -12.64
CA LYS M 148 -57.73 -43.95 -11.43
C LYS M 148 -57.36 -42.52 -11.11
N LYS M 149 -58.39 -41.66 -11.01
CA LYS M 149 -58.42 -40.19 -11.01
C LYS M 149 -58.09 -39.61 -12.39
N TYR M 150 -57.78 -40.45 -13.37
CA TYR M 150 -57.78 -40.06 -14.78
C TYR M 150 -58.34 -41.21 -15.62
N PRO M 151 -59.63 -41.53 -15.46
CA PRO M 151 -60.14 -42.76 -16.06
C PRO M 151 -60.58 -42.62 -17.51
N TYR M 152 -60.43 -41.44 -18.10
CA TYR M 152 -60.90 -41.20 -19.46
C TYR M 152 -59.70 -41.05 -20.40
N TRP M 153 -60.01 -40.93 -21.68
CA TRP M 153 -58.86 -40.77 -22.57
C TRP M 153 -58.43 -39.31 -22.61
N PRO M 154 -57.12 -39.02 -22.66
CA PRO M 154 -56.04 -39.94 -22.34
C PRO M 154 -55.83 -39.90 -20.85
N HIS M 155 -55.12 -40.88 -20.29
CA HIS M 155 -55.14 -41.07 -18.85
C HIS M 155 -54.04 -40.28 -18.14
N ARG M 156 -53.52 -39.25 -18.77
CA ARG M 156 -52.76 -38.20 -18.11
C ARG M 156 -53.59 -36.92 -18.21
N PRO M 157 -53.28 -35.90 -17.40
CA PRO M 157 -53.87 -34.59 -17.67
C PRO M 157 -53.22 -33.98 -18.90
N ILE M 158 -54.00 -33.16 -19.62
CA ILE M 158 -53.66 -32.74 -20.97
C ILE M 158 -52.43 -31.85 -20.98
N GLU M 159 -52.28 -31.02 -19.94
CA GLU M 159 -51.17 -30.09 -19.86
C GLU M 159 -49.82 -30.78 -19.70
N SER M 160 -49.79 -32.06 -19.33
CA SER M 160 -48.55 -32.81 -19.27
C SER M 160 -48.16 -33.35 -20.65
N ASP N 62 -103.61 -8.25 -52.31
CA ASP N 62 -103.13 -8.26 -53.68
C ASP N 62 -101.84 -7.45 -53.84
N ILE N 63 -101.85 -6.42 -54.68
CA ILE N 63 -100.63 -5.74 -55.07
C ILE N 63 -100.07 -4.92 -53.91
N ASP N 64 -100.92 -4.43 -52.99
CA ASP N 64 -100.43 -3.68 -51.86
C ASP N 64 -99.81 -4.59 -50.80
N THR N 65 -100.41 -5.77 -50.58
CA THR N 65 -99.82 -6.74 -49.66
C THR N 65 -98.51 -7.28 -50.23
N ALA N 66 -98.48 -7.49 -51.56
CA ALA N 66 -97.27 -7.93 -52.24
C ALA N 66 -96.15 -6.92 -52.11
N ALA N 67 -96.47 -5.64 -52.31
CA ALA N 67 -95.43 -4.65 -52.24
C ALA N 67 -95.08 -4.24 -50.82
N LYS N 68 -95.95 -4.48 -49.83
CA LYS N 68 -95.48 -4.28 -48.47
C LYS N 68 -94.64 -5.45 -48.01
N PHE N 69 -94.84 -6.64 -48.60
CA PHE N 69 -93.87 -7.72 -48.43
C PHE N 69 -92.52 -7.36 -49.03
N ILE N 70 -92.53 -6.76 -50.21
CA ILE N 70 -91.28 -6.30 -50.84
C ILE N 70 -90.61 -5.22 -50.01
N GLY N 71 -91.39 -4.25 -49.52
CA GLY N 71 -90.82 -3.19 -48.70
C GLY N 71 -90.35 -3.67 -47.35
N ALA N 72 -90.98 -4.70 -46.80
CA ALA N 72 -90.46 -5.30 -45.57
C ALA N 72 -89.19 -6.09 -45.85
N GLY N 73 -89.06 -6.65 -47.04
CA GLY N 73 -87.81 -7.29 -47.42
C GLY N 73 -86.69 -6.30 -47.64
N ALA N 74 -87.02 -5.09 -48.08
CA ALA N 74 -85.99 -4.10 -48.36
C ALA N 74 -85.60 -3.31 -47.12
N ALA N 75 -86.50 -3.15 -46.16
CA ALA N 75 -86.21 -2.33 -44.99
C ALA N 75 -85.52 -3.10 -43.88
N THR N 76 -85.16 -4.36 -44.11
CA THR N 76 -84.40 -5.15 -43.15
C THR N 76 -82.91 -5.10 -43.45
N VAL N 77 -82.54 -4.56 -44.62
CA VAL N 77 -81.14 -4.49 -45.04
C VAL N 77 -80.34 -3.57 -44.13
N GLY N 78 -80.98 -2.56 -43.54
CA GLY N 78 -80.32 -1.61 -42.66
C GLY N 78 -79.80 -2.18 -41.36
N VAL N 79 -80.18 -3.42 -41.01
CA VAL N 79 -79.65 -4.09 -39.83
C VAL N 79 -78.16 -4.41 -40.01
N ALA N 80 -77.70 -4.52 -41.26
CA ALA N 80 -76.29 -4.77 -41.56
C ALA N 80 -75.38 -3.66 -41.03
N GLY N 81 -75.87 -2.41 -41.01
CA GLY N 81 -75.10 -1.35 -40.40
C GLY N 81 -74.93 -1.52 -38.91
N SER N 82 -75.96 -2.04 -38.24
CA SER N 82 -75.82 -2.37 -36.82
C SER N 82 -74.87 -3.53 -36.61
N GLY N 83 -74.90 -4.51 -37.50
CA GLY N 83 -74.00 -5.65 -37.38
C GLY N 83 -72.55 -5.25 -37.51
N ALA N 84 -72.22 -4.52 -38.58
CA ALA N 84 -70.84 -4.05 -38.76
C ALA N 84 -70.46 -3.02 -37.71
N GLY N 85 -71.43 -2.24 -37.22
CA GLY N 85 -71.15 -1.25 -36.21
C GLY N 85 -70.74 -1.88 -34.90
N ILE N 86 -71.46 -2.90 -34.45
CA ILE N 86 -71.06 -3.49 -33.18
C ILE N 86 -69.91 -4.47 -33.37
N GLY N 87 -69.66 -4.93 -34.61
CA GLY N 87 -68.41 -5.62 -34.87
C GLY N 87 -67.21 -4.71 -34.70
N THR N 88 -67.28 -3.50 -35.23
CA THR N 88 -66.22 -2.52 -35.02
C THR N 88 -66.14 -2.10 -33.56
N VAL N 89 -67.27 -2.08 -32.85
CA VAL N 89 -67.26 -1.72 -31.42
C VAL N 89 -66.54 -2.79 -30.59
N PHE N 90 -66.87 -4.06 -30.79
CA PHE N 90 -66.18 -5.09 -30.01
C PHE N 90 -64.73 -5.28 -30.43
N GLY N 91 -64.43 -5.06 -31.72
CA GLY N 91 -63.04 -5.04 -32.12
C GLY N 91 -62.27 -3.90 -31.48
N SER N 92 -62.91 -2.76 -31.33
CA SER N 92 -62.22 -1.69 -30.63
C SER N 92 -62.16 -1.93 -29.14
N LEU N 93 -63.08 -2.70 -28.58
CA LEU N 93 -62.99 -3.08 -27.17
C LEU N 93 -61.79 -3.95 -26.92
N ILE N 94 -61.54 -4.93 -27.79
CA ILE N 94 -60.41 -5.81 -27.53
C ILE N 94 -59.08 -5.13 -27.87
N ILE N 95 -59.04 -4.24 -28.87
CA ILE N 95 -57.79 -3.52 -29.10
C ILE N 95 -57.57 -2.43 -28.05
N GLY N 96 -58.63 -1.95 -27.38
CA GLY N 96 -58.44 -1.00 -26.33
C GLY N 96 -58.09 -1.68 -25.02
N TYR N 97 -58.52 -2.93 -24.88
CA TYR N 97 -58.11 -3.71 -23.71
C TYR N 97 -56.67 -4.17 -23.83
N ALA N 98 -56.17 -4.35 -25.05
CA ALA N 98 -54.75 -4.66 -25.21
C ALA N 98 -53.85 -3.49 -24.84
N ARG N 99 -54.37 -2.26 -24.84
CA ARG N 99 -53.57 -1.09 -24.48
C ARG N 99 -53.35 -0.99 -22.98
N ASN N 100 -54.43 -1.08 -22.20
CA ASN N 100 -54.34 -0.98 -20.75
C ASN N 100 -55.42 -1.83 -20.07
N PRO N 101 -55.03 -2.95 -19.47
CA PRO N 101 -56.01 -3.80 -18.77
C PRO N 101 -56.54 -3.21 -17.47
N SER N 102 -55.92 -2.15 -16.94
CA SER N 102 -56.31 -1.66 -15.63
C SER N 102 -57.57 -0.82 -15.66
N LEU N 103 -58.14 -0.56 -16.83
CA LEU N 103 -59.39 0.19 -16.91
C LEU N 103 -60.46 -0.65 -17.56
N LYS N 104 -60.60 -1.91 -17.13
CA LYS N 104 -61.41 -2.89 -17.85
C LYS N 104 -62.89 -2.57 -17.79
N GLN N 105 -63.42 -2.26 -16.60
CA GLN N 105 -64.87 -2.26 -16.39
C GLN N 105 -65.53 -1.06 -17.05
N GLN N 106 -64.93 0.11 -16.91
CA GLN N 106 -65.46 1.33 -17.52
C GLN N 106 -65.35 1.28 -19.04
N LEU N 107 -64.27 0.67 -19.54
CA LEU N 107 -64.11 0.46 -20.98
C LEU N 107 -65.18 -0.47 -21.52
N PHE N 108 -65.49 -1.54 -20.79
CA PHE N 108 -66.55 -2.45 -21.21
C PHE N 108 -67.91 -1.78 -21.12
N SER N 109 -68.09 -0.87 -20.17
CA SER N 109 -69.33 -0.10 -20.08
C SER N 109 -69.52 0.77 -21.31
N TYR N 110 -68.48 1.50 -21.74
CA TYR N 110 -68.59 2.28 -22.97
C TYR N 110 -68.75 1.41 -24.20
N ALA N 111 -68.13 0.22 -24.20
CA ALA N 111 -68.27 -0.67 -25.36
C ALA N 111 -69.69 -1.22 -25.47
N ILE N 112 -70.29 -1.62 -24.35
CA ILE N 112 -71.63 -2.17 -24.42
C ILE N 112 -72.64 -1.05 -24.63
N LEU N 113 -72.30 0.19 -24.26
CA LEU N 113 -73.13 1.33 -24.63
C LEU N 113 -73.11 1.58 -26.12
N GLY N 114 -71.93 1.49 -26.75
CA GLY N 114 -71.86 1.65 -28.21
C GLY N 114 -72.56 0.52 -28.94
N PHE N 115 -72.44 -0.71 -28.42
CA PHE N 115 -73.24 -1.83 -28.90
C PHE N 115 -74.72 -1.54 -28.84
N ALA N 116 -75.20 -1.06 -27.70
CA ALA N 116 -76.62 -0.82 -27.54
C ALA N 116 -77.12 0.33 -28.40
N LEU N 117 -76.25 1.29 -28.71
CA LEU N 117 -76.73 2.41 -29.53
C LEU N 117 -76.77 2.06 -31.02
N SER N 118 -75.80 1.29 -31.51
CA SER N 118 -75.97 0.75 -32.87
C SER N 118 -77.08 -0.28 -32.91
N GLU N 119 -77.30 -0.99 -31.80
CA GLU N 119 -78.44 -1.88 -31.67
C GLU N 119 -79.76 -1.12 -31.74
N ALA N 120 -79.78 0.09 -31.18
CA ALA N 120 -80.95 0.95 -31.28
C ALA N 120 -81.19 1.39 -32.72
N MET N 121 -80.11 1.66 -33.46
CA MET N 121 -80.27 1.98 -34.89
C MET N 121 -80.80 0.79 -35.68
N GLY N 122 -80.27 -0.41 -35.41
CA GLY N 122 -80.71 -1.60 -36.13
C GLY N 122 -82.14 -1.99 -35.78
N LEU N 123 -82.49 -1.97 -34.50
CA LEU N 123 -83.87 -2.23 -34.11
C LEU N 123 -84.80 -1.12 -34.53
N PHE N 124 -84.30 0.09 -34.74
CA PHE N 124 -85.12 1.17 -35.26
C PHE N 124 -85.50 0.92 -36.71
N CYS N 125 -84.53 0.54 -37.54
CA CYS N 125 -84.89 0.26 -38.94
C CYS N 125 -85.65 -1.06 -39.07
N LEU N 126 -85.44 -2.00 -38.15
CA LEU N 126 -86.28 -3.21 -38.14
C LEU N 126 -87.70 -2.90 -37.68
N MET N 127 -87.87 -1.92 -36.79
CA MET N 127 -89.20 -1.48 -36.39
C MET N 127 -89.90 -0.79 -37.54
N VAL N 128 -89.16 -0.01 -38.34
CA VAL N 128 -89.74 0.57 -39.55
C VAL N 128 -90.12 -0.52 -40.56
N ALA N 129 -89.31 -1.59 -40.62
CA ALA N 129 -89.61 -2.72 -41.49
C ALA N 129 -90.90 -3.42 -41.07
N PHE N 130 -91.06 -3.66 -39.76
CA PHE N 130 -92.30 -4.28 -39.29
C PHE N 130 -93.48 -3.32 -39.36
N LEU N 131 -93.24 -2.01 -39.29
CA LEU N 131 -94.29 -1.04 -39.53
C LEU N 131 -94.80 -1.12 -40.96
N ILE N 132 -93.88 -1.26 -41.92
CA ILE N 132 -94.28 -1.46 -43.31
C ILE N 132 -94.97 -2.81 -43.49
N LEU N 133 -94.53 -3.83 -42.74
CA LEU N 133 -95.08 -5.17 -42.90
C LEU N 133 -96.49 -5.28 -42.34
N PHE N 134 -96.79 -4.62 -41.23
CA PHE N 134 -98.11 -4.75 -40.61
C PHE N 134 -98.85 -3.42 -40.52
N ALA N 135 -98.54 -2.48 -41.40
CA ALA N 135 -99.28 -1.22 -41.46
C ALA N 135 -99.29 -0.66 -42.88
N ASP O 62 -99.05 -16.61 -57.07
CA ASP O 62 -99.29 -15.44 -57.90
C ASP O 62 -98.35 -14.30 -57.56
N ILE O 63 -98.86 -13.07 -57.66
CA ILE O 63 -98.09 -11.88 -57.29
C ILE O 63 -97.76 -11.90 -55.82
N ASP O 64 -98.65 -12.45 -54.99
CA ASP O 64 -98.42 -12.49 -53.54
C ASP O 64 -97.26 -13.42 -53.19
N THR O 65 -97.26 -14.65 -53.71
CA THR O 65 -96.19 -15.60 -53.45
C THR O 65 -94.89 -15.15 -54.11
N ALA O 66 -95.00 -14.57 -55.30
CA ALA O 66 -93.84 -14.06 -56.02
C ALA O 66 -93.15 -12.94 -55.25
N ALA O 67 -93.93 -12.02 -54.68
CA ALA O 67 -93.35 -10.95 -53.89
C ALA O 67 -92.90 -11.42 -52.51
N LYS O 68 -93.47 -12.52 -51.99
CA LYS O 68 -92.89 -13.13 -50.81
C LYS O 68 -91.49 -13.64 -51.10
N PHE O 69 -91.29 -14.25 -52.27
CA PHE O 69 -89.94 -14.70 -52.65
C PHE O 69 -89.01 -13.52 -52.90
N ILE O 70 -89.52 -12.44 -53.49
CA ILE O 70 -88.68 -11.26 -53.72
C ILE O 70 -88.28 -10.60 -52.40
N GLY O 71 -89.22 -10.47 -51.47
CA GLY O 71 -88.88 -9.92 -50.17
C GLY O 71 -87.99 -10.82 -49.35
N ALA O 72 -88.09 -12.13 -49.55
CA ALA O 72 -87.16 -13.04 -48.91
C ALA O 72 -85.76 -12.91 -49.49
N GLY O 73 -85.67 -12.69 -50.80
CA GLY O 73 -84.37 -12.44 -51.41
C GLY O 73 -83.80 -11.08 -51.08
N ALA O 74 -84.66 -10.14 -50.67
CA ALA O 74 -84.18 -8.81 -50.32
C ALA O 74 -83.71 -8.74 -48.88
N ALA O 75 -84.34 -9.50 -47.98
CA ALA O 75 -84.03 -9.45 -46.57
C ALA O 75 -82.86 -10.33 -46.16
N THR O 76 -82.07 -10.82 -47.12
CA THR O 76 -80.92 -11.66 -46.85
C THR O 76 -79.63 -10.89 -47.03
N VAL O 77 -79.70 -9.64 -47.51
CA VAL O 77 -78.52 -8.81 -47.73
C VAL O 77 -77.89 -8.41 -46.40
N GLY O 78 -78.70 -8.28 -45.34
CA GLY O 78 -78.21 -7.81 -44.06
C GLY O 78 -77.33 -8.76 -43.27
N VAL O 79 -77.00 -9.93 -43.82
CA VAL O 79 -76.01 -10.80 -43.21
C VAL O 79 -74.60 -10.30 -43.49
N ALA O 80 -74.46 -9.45 -44.52
CA ALA O 80 -73.18 -8.82 -44.85
C ALA O 80 -72.65 -8.00 -43.70
N GLY O 81 -73.54 -7.39 -42.91
CA GLY O 81 -73.10 -6.62 -41.77
C GLY O 81 -72.50 -7.47 -40.68
N SER O 82 -73.11 -8.63 -40.40
CA SER O 82 -72.50 -9.57 -39.47
C SER O 82 -71.18 -10.09 -40.01
N GLY O 83 -71.08 -10.29 -41.33
CA GLY O 83 -69.85 -10.70 -41.97
C GLY O 83 -68.69 -9.75 -41.76
N ALA O 84 -68.87 -8.50 -42.21
CA ALA O 84 -67.82 -7.49 -42.03
C ALA O 84 -67.59 -7.15 -40.56
N GLY O 85 -68.64 -7.24 -39.74
CA GLY O 85 -68.48 -6.94 -38.32
C GLY O 85 -67.61 -7.96 -37.61
N ILE O 86 -67.87 -9.25 -37.82
CA ILE O 86 -67.03 -10.22 -37.12
C ILE O 86 -65.67 -10.35 -37.80
N GLY O 87 -65.56 -9.95 -39.06
CA GLY O 87 -64.24 -9.78 -39.66
C GLY O 87 -63.41 -8.76 -38.90
N THR O 88 -64.03 -7.60 -38.60
CA THR O 88 -63.37 -6.59 -37.79
C THR O 88 -63.09 -7.09 -36.37
N VAL O 89 -63.99 -7.93 -35.82
CA VAL O 89 -63.81 -8.48 -34.47
C VAL O 89 -62.57 -9.35 -34.40
N PHE O 90 -62.46 -10.35 -35.27
CA PHE O 90 -61.32 -11.26 -35.14
C PHE O 90 -60.02 -10.65 -35.66
N GLY O 91 -60.12 -9.68 -36.58
CA GLY O 91 -58.94 -8.92 -36.92
C GLY O 91 -58.41 -8.09 -35.75
N SER O 92 -59.31 -7.50 -34.98
CA SER O 92 -58.81 -6.80 -33.84
C SER O 92 -58.44 -7.74 -32.69
N LEU O 93 -58.94 -8.98 -32.71
CA LEU O 93 -58.42 -9.99 -31.81
C LEU O 93 -56.96 -10.29 -32.08
N ILE O 94 -56.60 -10.45 -33.35
CA ILE O 94 -55.22 -10.82 -33.61
C ILE O 94 -54.27 -9.62 -33.45
N ILE O 95 -54.74 -8.39 -33.73
CA ILE O 95 -53.84 -7.27 -33.45
C ILE O 95 -53.83 -6.94 -31.95
N GLY O 96 -54.89 -7.26 -31.21
CA GLY O 96 -54.81 -7.09 -29.77
C GLY O 96 -54.08 -8.21 -29.05
N TYR O 97 -53.85 -9.32 -29.73
CA TYR O 97 -52.99 -10.34 -29.17
C TYR O 97 -51.53 -10.11 -29.55
N ALA O 98 -51.27 -9.40 -30.65
CA ALA O 98 -49.89 -9.12 -31.03
C ALA O 98 -49.17 -8.21 -30.03
N ARG O 99 -49.91 -7.43 -29.24
CA ARG O 99 -49.26 -6.56 -28.29
C ARG O 99 -48.79 -7.31 -27.05
N ASN O 100 -49.70 -7.94 -26.32
CA ASN O 100 -49.37 -8.56 -25.04
C ASN O 100 -49.92 -9.98 -25.00
N PRO O 101 -49.11 -10.97 -25.37
CA PRO O 101 -49.61 -12.35 -25.50
C PRO O 101 -49.95 -13.05 -24.20
N SER O 102 -49.68 -12.42 -23.05
CA SER O 102 -50.06 -13.00 -21.76
C SER O 102 -51.53 -12.81 -21.44
N LEU O 103 -52.31 -12.25 -22.37
CA LEU O 103 -53.71 -11.91 -22.15
C LEU O 103 -54.57 -12.68 -23.14
N LYS O 104 -54.30 -13.98 -23.29
CA LYS O 104 -54.97 -14.77 -24.32
C LYS O 104 -56.43 -15.03 -23.97
N GLN O 105 -56.69 -15.40 -22.72
CA GLN O 105 -57.97 -16.02 -22.37
C GLN O 105 -59.09 -15.00 -22.32
N GLN O 106 -58.89 -13.90 -21.60
CA GLN O 106 -59.95 -12.90 -21.44
C GLN O 106 -60.22 -12.16 -22.76
N LEU O 107 -59.17 -11.94 -23.54
CA LEU O 107 -59.32 -11.34 -24.86
C LEU O 107 -60.11 -12.26 -25.78
N PHE O 108 -59.84 -13.57 -25.70
CA PHE O 108 -60.60 -14.53 -26.50
C PHE O 108 -62.06 -14.59 -26.04
N SER O 109 -62.29 -14.40 -24.74
CA SER O 109 -63.65 -14.31 -24.21
C SER O 109 -64.41 -13.13 -24.81
N TYR O 110 -63.82 -11.93 -24.75
CA TYR O 110 -64.45 -10.78 -25.37
C TYR O 110 -64.60 -10.92 -26.89
N ALA O 111 -63.68 -11.62 -27.54
CA ALA O 111 -63.76 -11.79 -28.99
C ALA O 111 -64.91 -12.69 -29.38
N ILE O 112 -65.09 -13.81 -28.67
CA ILE O 112 -66.21 -14.69 -28.99
C ILE O 112 -67.53 -14.06 -28.53
N LEU O 113 -67.48 -13.16 -27.55
CA LEU O 113 -68.66 -12.42 -27.17
C LEU O 113 -69.10 -11.47 -28.30
N GLY O 114 -68.14 -10.75 -28.86
CA GLY O 114 -68.45 -9.84 -29.97
C GLY O 114 -68.93 -10.58 -31.20
N PHE O 115 -68.32 -11.74 -31.48
CA PHE O 115 -68.80 -12.60 -32.56
C PHE O 115 -70.24 -13.05 -32.32
N ALA O 116 -70.55 -13.39 -31.06
CA ALA O 116 -71.90 -13.85 -30.73
C ALA O 116 -72.93 -12.74 -30.94
N LEU O 117 -72.60 -11.52 -30.55
CA LEU O 117 -73.58 -10.44 -30.66
C LEU O 117 -73.74 -9.96 -32.11
N SER O 118 -72.66 -9.94 -32.90
CA SER O 118 -72.84 -9.55 -34.30
C SER O 118 -73.50 -10.65 -35.11
N GLU O 119 -73.24 -11.91 -34.77
CA GLU O 119 -73.98 -13.00 -35.40
C GLU O 119 -75.44 -12.97 -34.98
N ALA O 120 -75.72 -12.48 -33.76
CA ALA O 120 -77.11 -12.29 -33.34
C ALA O 120 -77.80 -11.26 -34.21
N MET O 121 -77.11 -10.18 -34.58
CA MET O 121 -77.74 -9.19 -35.45
C MET O 121 -77.96 -9.73 -36.87
N GLY O 122 -76.95 -10.44 -37.40
CA GLY O 122 -77.10 -11.04 -38.72
C GLY O 122 -78.19 -12.10 -38.77
N LEU O 123 -78.33 -12.87 -37.70
CA LEU O 123 -79.38 -13.88 -37.68
C LEU O 123 -80.73 -13.31 -37.30
N PHE O 124 -80.80 -12.12 -36.69
CA PHE O 124 -82.06 -11.41 -36.60
C PHE O 124 -82.55 -11.03 -37.98
N CYS O 125 -81.63 -10.51 -38.81
CA CYS O 125 -82.01 -10.17 -40.18
C CYS O 125 -82.41 -11.42 -40.97
N LEU O 126 -81.69 -12.53 -40.78
CA LEU O 126 -82.05 -13.75 -41.50
C LEU O 126 -83.33 -14.38 -40.95
N MET O 127 -83.64 -14.16 -39.67
CA MET O 127 -84.89 -14.63 -39.08
C MET O 127 -86.08 -13.86 -39.62
N VAL O 128 -85.93 -12.54 -39.80
CA VAL O 128 -86.96 -11.76 -40.49
C VAL O 128 -87.08 -12.20 -41.95
N ALA O 129 -85.96 -12.61 -42.57
CA ALA O 129 -86.01 -13.12 -43.94
C ALA O 129 -86.82 -14.42 -44.02
N PHE O 130 -86.60 -15.33 -43.08
CA PHE O 130 -87.41 -16.55 -43.05
C PHE O 130 -88.85 -16.29 -42.65
N LEU O 131 -89.11 -15.23 -41.87
CA LEU O 131 -90.48 -14.87 -41.54
C LEU O 131 -91.22 -14.37 -42.78
N ILE O 132 -90.55 -13.56 -43.59
CA ILE O 132 -91.12 -13.11 -44.86
C ILE O 132 -91.31 -14.30 -45.81
N LEU O 133 -90.39 -15.26 -45.75
CA LEU O 133 -90.50 -16.43 -46.62
C LEU O 133 -91.65 -17.35 -46.21
N PHE O 134 -91.93 -17.47 -44.90
CA PHE O 134 -92.93 -18.41 -44.43
C PHE O 134 -94.07 -17.72 -43.69
N ALA O 135 -94.42 -16.51 -44.11
CA ALA O 135 -95.65 -15.88 -43.63
C ALA O 135 -96.31 -15.08 -44.75
N ASP P 62 -92.85 -17.24 -66.51
CA ASP P 62 -93.82 -17.06 -65.44
C ASP P 62 -93.26 -16.15 -64.35
N ILE P 63 -94.15 -15.41 -63.70
CA ILE P 63 -93.73 -14.46 -62.68
C ILE P 63 -93.20 -15.14 -61.43
N ASP P 64 -93.62 -16.37 -61.14
CA ASP P 64 -93.15 -17.01 -59.91
C ASP P 64 -91.70 -17.50 -60.06
N THR P 65 -91.40 -18.15 -61.18
CA THR P 65 -90.02 -18.52 -61.50
C THR P 65 -89.16 -17.27 -61.70
N ALA P 66 -89.77 -16.24 -62.29
CA ALA P 66 -89.11 -14.95 -62.44
C ALA P 66 -88.74 -14.33 -61.10
N ALA P 67 -89.64 -14.43 -60.13
CA ALA P 67 -89.38 -13.87 -58.81
C ALA P 67 -88.43 -14.72 -58.00
N LYS P 68 -88.39 -16.03 -58.26
CA LYS P 68 -87.32 -16.85 -57.70
C LYS P 68 -85.97 -16.40 -58.23
N PHE P 69 -85.91 -16.04 -59.52
CA PHE P 69 -84.66 -15.52 -60.09
C PHE P 69 -84.29 -14.16 -59.49
N ILE P 70 -85.30 -13.31 -59.25
CA ILE P 70 -85.06 -12.01 -58.62
C ILE P 70 -84.56 -12.16 -57.19
N GLY P 71 -85.20 -13.02 -56.41
CA GLY P 71 -84.77 -13.23 -55.03
C GLY P 71 -83.45 -13.96 -54.92
N ALA P 72 -83.09 -14.75 -55.92
CA ALA P 72 -81.77 -15.36 -55.93
C ALA P 72 -80.69 -14.36 -56.29
N GLY P 73 -80.96 -13.46 -57.24
CA GLY P 73 -80.01 -12.40 -57.54
C GLY P 73 -79.85 -11.41 -56.40
N ALA P 74 -80.93 -11.14 -55.67
CA ALA P 74 -80.87 -10.13 -54.62
C ALA P 74 -80.21 -10.63 -53.36
N ALA P 75 -80.32 -11.93 -53.06
CA ALA P 75 -79.78 -12.45 -51.81
C ALA P 75 -78.28 -12.71 -51.86
N THR P 76 -77.63 -12.43 -52.98
CA THR P 76 -76.20 -12.68 -53.12
C THR P 76 -75.37 -11.46 -52.73
N VAL P 77 -76.02 -10.30 -52.53
CA VAL P 77 -75.33 -9.08 -52.15
C VAL P 77 -74.71 -9.21 -50.75
N GLY P 78 -75.30 -10.04 -49.89
CA GLY P 78 -74.81 -10.27 -48.55
C GLY P 78 -73.46 -10.96 -48.44
N VAL P 79 -72.93 -11.53 -49.53
CA VAL P 79 -71.62 -12.15 -49.49
C VAL P 79 -70.51 -11.10 -49.53
N ALA P 80 -70.84 -9.87 -49.96
CA ALA P 80 -69.87 -8.79 -50.01
C ALA P 80 -69.35 -8.42 -48.62
N GLY P 81 -70.20 -8.56 -47.60
CA GLY P 81 -69.74 -8.38 -46.24
C GLY P 81 -68.77 -9.45 -45.79
N SER P 82 -68.94 -10.68 -46.30
CA SER P 82 -67.95 -11.71 -46.02
C SER P 82 -66.62 -11.41 -46.70
N GLY P 83 -66.69 -10.85 -47.92
CA GLY P 83 -65.48 -10.45 -48.61
C GLY P 83 -64.71 -9.38 -47.85
N ALA P 84 -65.42 -8.33 -47.43
CA ALA P 84 -64.77 -7.27 -46.65
C ALA P 84 -64.33 -7.77 -45.28
N GLY P 85 -65.08 -8.73 -44.70
CA GLY P 85 -64.70 -9.26 -43.41
C GLY P 85 -63.40 -10.05 -43.45
N ILE P 86 -63.26 -10.93 -44.44
CA ILE P 86 -62.00 -11.69 -44.50
C ILE P 86 -60.86 -10.81 -45.02
N GLY P 87 -61.16 -9.75 -45.77
CA GLY P 87 -60.13 -8.77 -46.09
C GLY P 87 -59.60 -8.07 -44.85
N THR P 88 -60.50 -7.65 -43.96
CA THR P 88 -60.08 -7.06 -42.69
C THR P 88 -59.33 -8.06 -41.83
N VAL P 89 -59.74 -9.33 -41.86
CA VAL P 89 -59.08 -10.38 -41.07
C VAL P 89 -57.64 -10.57 -41.52
N PHE P 90 -57.42 -10.77 -42.81
CA PHE P 90 -56.05 -11.00 -43.25
C PHE P 90 -55.21 -9.73 -43.23
N GLY P 91 -55.83 -8.56 -43.36
CA GLY P 91 -55.10 -7.32 -43.18
C GLY P 91 -54.64 -7.12 -41.74
N SER P 92 -55.47 -7.52 -40.79
CA SER P 92 -55.00 -7.45 -39.43
C SER P 92 -54.02 -8.57 -39.11
N LEU P 93 -54.07 -9.67 -39.85
CA LEU P 93 -53.01 -10.68 -39.72
C LEU P 93 -51.67 -10.12 -40.15
N ILE P 94 -51.63 -9.39 -41.25
CA ILE P 94 -50.33 -8.92 -41.70
C ILE P 94 -49.84 -7.73 -40.90
N ILE P 95 -50.73 -6.90 -40.36
CA ILE P 95 -50.22 -5.86 -39.47
C ILE P 95 -49.91 -6.41 -38.06
N GLY P 96 -50.61 -7.44 -37.60
CA GLY P 96 -50.31 -8.03 -36.31
C GLY P 96 -49.07 -8.89 -36.35
N TYR P 97 -48.79 -9.51 -37.50
CA TYR P 97 -47.52 -10.18 -37.70
C TYR P 97 -46.41 -9.17 -37.91
N ALA P 98 -46.74 -7.99 -38.41
CA ALA P 98 -45.75 -6.93 -38.54
C ALA P 98 -45.28 -6.41 -37.20
N ARG P 99 -46.06 -6.62 -36.14
CA ARG P 99 -45.62 -6.19 -34.82
C ARG P 99 -44.59 -7.15 -34.23
N ASN P 100 -45.00 -8.38 -33.93
CA ASN P 100 -44.08 -9.36 -33.33
C ASN P 100 -44.03 -10.64 -34.16
N PRO P 101 -43.04 -10.79 -35.03
CA PRO P 101 -43.02 -11.94 -35.95
C PRO P 101 -42.69 -13.26 -35.29
N SER P 102 -42.38 -13.29 -33.99
CA SER P 102 -42.13 -14.53 -33.28
C SER P 102 -43.41 -15.34 -33.03
N LEU P 103 -44.58 -14.78 -33.32
CA LEU P 103 -45.85 -15.42 -32.98
C LEU P 103 -46.59 -15.93 -34.19
N LYS P 104 -45.86 -16.47 -35.18
CA LYS P 104 -46.41 -16.74 -36.52
C LYS P 104 -47.56 -17.74 -36.48
N GLN P 105 -47.33 -18.92 -35.88
CA GLN P 105 -48.23 -20.06 -36.01
C GLN P 105 -49.56 -19.82 -35.29
N GLN P 106 -49.50 -19.30 -34.06
CA GLN P 106 -50.70 -19.10 -33.27
C GLN P 106 -51.53 -17.93 -33.80
N LEU P 107 -50.86 -16.89 -34.30
CA LEU P 107 -51.57 -15.75 -34.88
C LEU P 107 -52.29 -16.15 -36.16
N PHE P 108 -51.62 -16.96 -37.00
CA PHE P 108 -52.27 -17.47 -38.19
C PHE P 108 -53.42 -18.43 -37.85
N SER P 109 -53.31 -19.15 -36.72
CA SER P 109 -54.43 -19.98 -36.26
C SER P 109 -55.67 -19.14 -35.94
N TYR P 110 -55.48 -18.06 -35.16
CA TYR P 110 -56.60 -17.16 -34.87
C TYR P 110 -57.14 -16.48 -36.13
N ALA P 111 -56.26 -16.16 -37.07
CA ALA P 111 -56.73 -15.51 -38.31
C ALA P 111 -57.50 -16.49 -39.19
N ILE P 112 -57.13 -17.78 -39.17
CA ILE P 112 -57.85 -18.73 -39.98
C ILE P 112 -59.20 -19.03 -39.35
N LEU P 113 -59.30 -18.87 -38.02
CA LEU P 113 -60.58 -18.97 -37.34
C LEU P 113 -61.51 -17.83 -37.75
N GLY P 114 -60.98 -16.61 -37.75
CA GLY P 114 -61.78 -15.46 -38.18
C GLY P 114 -62.22 -15.57 -39.64
N PHE P 115 -61.34 -16.11 -40.49
CA PHE P 115 -61.68 -16.36 -41.89
C PHE P 115 -62.86 -17.30 -42.04
N ALA P 116 -62.83 -18.43 -41.33
CA ALA P 116 -63.92 -19.38 -41.48
C ALA P 116 -65.23 -18.85 -40.92
N LEU P 117 -65.17 -18.03 -39.86
CA LEU P 117 -66.43 -17.51 -39.32
C LEU P 117 -67.04 -16.44 -40.24
N SER P 118 -66.21 -15.60 -40.88
CA SER P 118 -66.78 -14.61 -41.80
C SER P 118 -67.29 -15.26 -43.08
N GLU P 119 -66.58 -16.27 -43.58
CA GLU P 119 -67.09 -17.05 -44.70
C GLU P 119 -68.36 -17.80 -44.31
N ALA P 120 -68.52 -18.12 -43.03
CA ALA P 120 -69.73 -18.80 -42.59
C ALA P 120 -70.94 -17.87 -42.59
N MET P 121 -70.75 -16.59 -42.24
CA MET P 121 -71.87 -15.64 -42.42
C MET P 121 -72.22 -15.45 -43.89
N GLY P 122 -71.19 -15.30 -44.74
CA GLY P 122 -71.43 -15.18 -46.18
C GLY P 122 -72.10 -16.41 -46.78
N LEU P 123 -71.83 -17.58 -46.22
CA LEU P 123 -72.45 -18.76 -46.78
C LEU P 123 -73.78 -19.10 -46.13
N PHE P 124 -74.07 -18.55 -44.95
CA PHE P 124 -75.46 -18.45 -44.48
C PHE P 124 -76.32 -17.76 -45.52
N CYS P 125 -75.92 -16.55 -45.93
CA CYS P 125 -76.79 -15.83 -46.85
C CYS P 125 -76.77 -16.43 -48.25
N LEU P 126 -75.65 -17.05 -48.65
CA LEU P 126 -75.65 -17.70 -49.97
C LEU P 126 -76.46 -19.00 -49.98
N MET P 127 -76.52 -19.73 -48.86
CA MET P 127 -77.37 -20.91 -48.83
C MET P 127 -78.85 -20.52 -48.81
N VAL P 128 -79.19 -19.40 -48.17
CA VAL P 128 -80.56 -18.92 -48.25
C VAL P 128 -80.88 -18.46 -49.68
N ALA P 129 -79.88 -17.95 -50.39
CA ALA P 129 -80.05 -17.63 -51.81
C ALA P 129 -80.35 -18.88 -52.64
N PHE P 130 -79.59 -19.96 -52.41
CA PHE P 130 -79.88 -21.20 -53.13
C PHE P 130 -81.19 -21.84 -52.70
N LEU P 131 -81.61 -21.64 -51.45
CA LEU P 131 -82.90 -22.18 -51.02
C LEU P 131 -84.04 -21.43 -51.69
N ILE P 132 -83.92 -20.11 -51.83
CA ILE P 132 -84.92 -19.35 -52.57
C ILE P 132 -84.91 -19.74 -54.05
N LEU P 133 -83.73 -20.00 -54.61
CA LEU P 133 -83.63 -20.32 -56.02
C LEU P 133 -84.17 -21.72 -56.34
N PHE P 134 -83.95 -22.71 -55.48
CA PHE P 134 -84.44 -24.06 -55.76
C PHE P 134 -85.40 -24.54 -54.68
N ALA P 135 -86.24 -23.66 -54.16
CA ALA P 135 -87.31 -24.05 -53.26
C ALA P 135 -88.53 -23.15 -53.46
N ASP Q 62 -89.06 -11.52 -73.06
CA ASP Q 62 -89.90 -12.35 -72.21
C ASP Q 62 -89.58 -12.03 -70.75
N ILE Q 63 -90.53 -12.32 -69.85
CA ILE Q 63 -90.31 -12.04 -68.44
C ILE Q 63 -89.28 -12.99 -67.84
N ASP Q 64 -89.10 -14.16 -68.46
CA ASP Q 64 -88.12 -15.13 -67.99
C ASP Q 64 -86.70 -14.62 -68.25
N THR Q 65 -86.43 -14.22 -69.49
CA THR Q 65 -85.15 -13.60 -69.86
C THR Q 65 -84.93 -12.29 -69.11
N ALA Q 66 -86.01 -11.54 -68.89
CA ALA Q 66 -85.96 -10.29 -68.14
C ALA Q 66 -85.49 -10.50 -66.72
N ALA Q 67 -86.08 -11.48 -66.03
CA ALA Q 67 -85.68 -11.74 -64.65
C ALA Q 67 -84.33 -12.43 -64.56
N LYS Q 68 -83.92 -13.19 -65.59
CA LYS Q 68 -82.57 -13.71 -65.58
C LYS Q 68 -81.54 -12.59 -65.72
N PHE Q 69 -81.85 -11.58 -66.54
CA PHE Q 69 -80.97 -10.40 -66.62
C PHE Q 69 -80.94 -9.63 -65.31
N ILE Q 70 -82.08 -9.51 -64.63
CA ILE Q 70 -82.10 -8.80 -63.33
C ILE Q 70 -81.32 -9.59 -62.28
N GLY Q 71 -81.56 -10.90 -62.17
CA GLY Q 71 -80.86 -11.73 -61.22
C GLY Q 71 -79.38 -11.87 -61.48
N ALA Q 72 -78.95 -11.77 -62.74
CA ALA Q 72 -77.53 -11.71 -63.03
C ALA Q 72 -76.93 -10.35 -62.78
N GLY Q 73 -77.72 -9.27 -62.90
CA GLY Q 73 -77.22 -7.96 -62.54
C GLY Q 73 -77.25 -7.63 -61.07
N ALA Q 74 -77.93 -8.45 -60.27
CA ALA Q 74 -77.98 -8.23 -58.83
C ALA Q 74 -77.00 -9.09 -58.05
N ALA Q 75 -76.53 -10.18 -58.64
CA ALA Q 75 -75.53 -11.03 -57.99
C ALA Q 75 -74.11 -10.68 -58.38
N THR Q 76 -73.92 -9.69 -59.26
CA THR Q 76 -72.61 -9.15 -59.58
C THR Q 76 -72.19 -8.09 -58.57
N VAL Q 77 -73.10 -7.70 -57.68
CA VAL Q 77 -72.81 -6.68 -56.67
C VAL Q 77 -71.81 -7.20 -55.64
N GLY Q 78 -71.74 -8.51 -55.45
CA GLY Q 78 -70.86 -9.09 -54.46
C GLY Q 78 -69.38 -9.06 -54.80
N VAL Q 79 -69.01 -8.57 -55.98
CA VAL Q 79 -67.60 -8.38 -56.31
C VAL Q 79 -67.05 -7.15 -55.60
N ALA Q 80 -67.96 -6.24 -55.21
CA ALA Q 80 -67.58 -5.05 -54.43
C ALA Q 80 -66.98 -5.43 -53.09
N GLY Q 81 -67.45 -6.54 -52.49
CA GLY Q 81 -66.89 -6.98 -51.24
C GLY Q 81 -65.47 -7.46 -51.38
N SER Q 82 -65.16 -8.14 -52.48
CA SER Q 82 -63.78 -8.50 -52.78
C SER Q 82 -62.93 -7.27 -53.06
N GLY Q 83 -63.53 -6.24 -53.69
CA GLY Q 83 -62.80 -5.00 -53.93
C GLY Q 83 -62.40 -4.30 -52.64
N ALA Q 84 -63.37 -4.10 -51.75
CA ALA Q 84 -63.07 -3.48 -50.46
C ALA Q 84 -62.19 -4.36 -49.60
N GLY Q 85 -62.32 -5.68 -49.73
CA GLY Q 85 -61.48 -6.59 -48.97
C GLY Q 85 -60.02 -6.51 -49.37
N ILE Q 86 -59.75 -6.54 -50.68
CA ILE Q 86 -58.35 -6.47 -51.08
C ILE Q 86 -57.82 -5.06 -50.95
N GLY Q 87 -58.70 -4.05 -50.94
CA GLY Q 87 -58.27 -2.72 -50.57
C GLY Q 87 -57.76 -2.66 -49.14
N THR Q 88 -58.52 -3.25 -48.21
CA THR Q 88 -58.09 -3.34 -46.82
C THR Q 88 -56.82 -4.19 -46.68
N VAL Q 89 -56.69 -5.25 -47.47
CA VAL Q 89 -55.53 -6.13 -47.39
C VAL Q 89 -54.27 -5.40 -47.83
N PHE Q 90 -54.29 -4.76 -49.00
CA PHE Q 90 -53.07 -4.09 -49.47
C PHE Q 90 -52.77 -2.82 -48.69
N GLY Q 91 -53.80 -2.18 -48.14
CA GLY Q 91 -53.54 -1.06 -47.25
C GLY Q 91 -52.89 -1.50 -45.94
N SER Q 92 -53.31 -2.63 -45.41
CA SER Q 92 -52.62 -3.15 -44.25
C SER Q 92 -51.24 -3.68 -44.59
N LEU Q 93 -51.02 -4.12 -45.84
CA LEU Q 93 -49.69 -4.50 -46.28
C LEU Q 93 -48.75 -3.31 -46.24
N ILE Q 94 -49.20 -2.16 -46.73
CA ILE Q 94 -48.28 -1.04 -46.76
C ILE Q 94 -48.09 -0.42 -45.36
N ILE Q 95 -49.12 -0.45 -44.50
CA ILE Q 95 -48.87 0.09 -43.16
C ILE Q 95 -48.10 -0.91 -42.29
N GLY Q 96 -48.24 -2.23 -42.51
CA GLY Q 96 -47.42 -3.18 -41.79
C GLY Q 96 -46.02 -3.25 -42.32
N TYR Q 97 -45.84 -2.88 -43.59
CA TYR Q 97 -44.50 -2.70 -44.12
C TYR Q 97 -43.85 -1.44 -43.56
N ALA Q 98 -44.66 -0.46 -43.15
CA ALA Q 98 -44.10 0.73 -42.51
C ALA Q 98 -43.49 0.45 -41.15
N ARG Q 99 -43.83 -0.67 -40.49
CA ARG Q 99 -43.21 -0.97 -39.20
C ARG Q 99 -41.84 -1.61 -39.37
N ASN Q 100 -41.79 -2.81 -39.94
CA ASN Q 100 -40.56 -3.57 -40.08
C ASN Q 100 -40.31 -3.90 -41.55
N PRO Q 101 -39.55 -3.07 -42.26
CA PRO Q 101 -39.35 -3.27 -43.69
C PRO Q 101 -38.50 -4.47 -44.05
N SER Q 102 -37.81 -5.09 -43.10
CA SER Q 102 -36.95 -6.21 -43.42
C SER Q 102 -37.72 -7.50 -43.73
N LEU Q 103 -39.04 -7.52 -43.50
CA LEU Q 103 -39.87 -8.69 -43.74
C LEU Q 103 -40.70 -8.54 -45.00
N LYS Q 104 -40.09 -7.98 -46.05
CA LYS Q 104 -40.82 -7.53 -47.24
C LYS Q 104 -41.52 -8.69 -47.97
N GLN Q 105 -40.75 -9.71 -48.35
CA GLN Q 105 -41.28 -10.78 -49.21
C GLN Q 105 -42.29 -11.65 -48.48
N GLN Q 106 -42.06 -11.96 -47.21
CA GLN Q 106 -42.94 -12.85 -46.49
C GLN Q 106 -44.28 -12.19 -46.20
N LEU Q 107 -44.24 -10.92 -45.77
CA LEU Q 107 -45.45 -10.16 -45.53
C LEU Q 107 -46.22 -9.95 -46.83
N PHE Q 108 -45.50 -9.76 -47.94
CA PHE Q 108 -46.14 -9.66 -49.24
C PHE Q 108 -46.80 -10.97 -49.65
N SER Q 109 -46.21 -12.11 -49.29
CA SER Q 109 -46.84 -13.40 -49.56
C SER Q 109 -48.13 -13.57 -48.77
N TYR Q 110 -48.12 -13.16 -47.50
CA TYR Q 110 -49.36 -13.14 -46.71
C TYR Q 110 -50.41 -12.23 -47.33
N ALA Q 111 -49.98 -11.08 -47.85
CA ALA Q 111 -50.94 -10.15 -48.46
C ALA Q 111 -51.53 -10.71 -49.76
N ILE Q 112 -50.73 -11.42 -50.55
CA ILE Q 112 -51.27 -11.99 -51.76
C ILE Q 112 -52.14 -13.21 -51.45
N LEU Q 113 -51.93 -13.85 -50.30
CA LEU Q 113 -52.86 -14.88 -49.86
C LEU Q 113 -54.21 -14.27 -49.49
N GLY Q 114 -54.19 -13.13 -48.79
CA GLY Q 114 -55.45 -12.44 -48.49
C GLY Q 114 -56.17 -11.96 -49.75
N PHE Q 115 -55.40 -11.49 -50.73
CA PHE Q 115 -55.93 -11.14 -52.05
C PHE Q 115 -56.62 -12.32 -52.70
N ALA Q 116 -55.97 -13.50 -52.68
CA ALA Q 116 -56.55 -14.68 -53.32
C ALA Q 116 -57.81 -15.17 -52.61
N LEU Q 117 -57.87 -15.05 -51.28
CA LEU Q 117 -59.08 -15.52 -50.60
C LEU Q 117 -60.25 -14.57 -50.80
N SER Q 118 -60.00 -13.26 -50.88
CA SER Q 118 -61.09 -12.38 -51.27
C SER Q 118 -61.49 -12.58 -52.74
N GLU Q 119 -60.54 -12.99 -53.60
CA GLU Q 119 -60.92 -13.38 -54.95
C GLU Q 119 -61.79 -14.63 -54.95
N ALA Q 120 -61.57 -15.54 -54.01
CA ALA Q 120 -62.47 -16.68 -53.86
C ALA Q 120 -63.88 -16.24 -53.48
N MET Q 121 -63.99 -15.23 -52.61
CA MET Q 121 -65.32 -14.70 -52.28
C MET Q 121 -65.99 -14.04 -53.50
N GLY Q 122 -65.21 -13.26 -54.25
CA GLY Q 122 -65.72 -12.67 -55.49
C GLY Q 122 -66.14 -13.71 -56.51
N LEU Q 123 -65.46 -14.86 -56.53
CA LEU Q 123 -65.86 -15.89 -57.47
C LEU Q 123 -67.07 -16.67 -57.01
N PHE Q 124 -67.30 -16.78 -55.68
CA PHE Q 124 -68.60 -17.28 -55.21
C PHE Q 124 -69.73 -16.40 -55.71
N CYS Q 125 -69.55 -15.08 -55.61
CA CYS Q 125 -70.56 -14.14 -56.09
C CYS Q 125 -70.76 -14.26 -57.59
N LEU Q 126 -69.66 -14.38 -58.34
CA LEU Q 126 -69.73 -14.46 -59.79
C LEU Q 126 -70.34 -15.78 -60.26
N MET Q 127 -70.10 -16.87 -59.52
CA MET Q 127 -70.69 -18.13 -59.97
C MET Q 127 -72.18 -18.20 -59.65
N VAL Q 128 -72.63 -17.55 -58.56
CA VAL Q 128 -74.07 -17.40 -58.37
C VAL Q 128 -74.68 -16.58 -59.50
N ALA Q 129 -73.97 -15.52 -59.92
CA ALA Q 129 -74.46 -14.67 -61.01
C ALA Q 129 -74.57 -15.43 -62.33
N PHE Q 130 -73.55 -16.22 -62.67
CA PHE Q 130 -73.64 -16.95 -63.94
C PHE Q 130 -74.58 -18.14 -63.86
N LEU Q 131 -74.77 -18.73 -62.68
CA LEU Q 131 -75.78 -19.78 -62.53
C LEU Q 131 -77.17 -19.21 -62.76
N ILE Q 132 -77.43 -18.00 -62.26
CA ILE Q 132 -78.72 -17.37 -62.52
C ILE Q 132 -78.84 -16.96 -63.99
N LEU Q 133 -77.74 -16.50 -64.59
CA LEU Q 133 -77.79 -16.04 -65.97
C LEU Q 133 -78.01 -17.17 -66.97
N PHE Q 134 -77.45 -18.35 -66.71
CA PHE Q 134 -77.58 -19.45 -67.65
C PHE Q 134 -78.51 -20.57 -67.17
N ALA Q 135 -79.11 -20.42 -66.00
CA ALA Q 135 -80.04 -21.44 -65.49
C ALA Q 135 -81.04 -20.83 -64.53
N ASP R 62 -89.11 -2.86 -74.75
CA ASP R 62 -90.18 -3.49 -73.97
C ASP R 62 -89.70 -3.91 -72.57
N ILE R 63 -90.30 -4.97 -72.05
CA ILE R 63 -89.94 -5.50 -70.74
C ILE R 63 -88.52 -6.07 -70.76
N ASP R 64 -88.04 -6.54 -71.91
CA ASP R 64 -86.70 -7.11 -72.00
C ASP R 64 -85.64 -6.03 -71.84
N THR R 65 -85.70 -4.98 -72.66
CA THR R 65 -84.74 -3.89 -72.56
C THR R 65 -84.94 -3.09 -71.27
N ALA R 66 -86.17 -3.08 -70.76
CA ALA R 66 -86.45 -2.45 -69.47
C ALA R 66 -85.71 -3.16 -68.34
N ALA R 67 -85.81 -4.49 -68.29
CA ALA R 67 -85.06 -5.23 -67.29
C ALA R 67 -83.56 -5.22 -67.55
N LYS R 68 -83.14 -5.02 -68.81
CA LYS R 68 -81.73 -4.78 -69.07
C LYS R 68 -81.26 -3.49 -68.43
N PHE R 69 -82.09 -2.44 -68.48
CA PHE R 69 -81.78 -1.20 -67.77
C PHE R 69 -81.72 -1.41 -66.26
N ILE R 70 -82.67 -2.18 -65.72
CA ILE R 70 -82.69 -2.45 -64.28
C ILE R 70 -81.47 -3.24 -63.85
N GLY R 71 -81.12 -4.29 -64.61
CA GLY R 71 -79.96 -5.10 -64.28
C GLY R 71 -78.64 -4.42 -64.50
N ALA R 72 -78.56 -3.46 -65.43
CA ALA R 72 -77.34 -2.69 -65.58
C ALA R 72 -77.19 -1.67 -64.47
N GLY R 73 -78.28 -0.99 -64.10
CA GLY R 73 -78.21 -0.05 -63.00
C GLY R 73 -78.00 -0.70 -61.64
N ALA R 74 -78.46 -1.94 -61.48
CA ALA R 74 -78.21 -2.68 -60.25
C ALA R 74 -76.79 -3.22 -60.19
N ALA R 75 -76.19 -3.49 -61.34
CA ALA R 75 -74.81 -3.99 -61.38
C ALA R 75 -73.79 -2.86 -61.39
N THR R 76 -74.21 -1.62 -61.17
CA THR R 76 -73.29 -0.51 -61.00
C THR R 76 -73.14 -0.16 -59.53
N VAL R 77 -73.84 -0.89 -58.65
CA VAL R 77 -73.63 -0.75 -57.22
C VAL R 77 -72.24 -1.26 -56.84
N GLY R 78 -71.71 -2.23 -57.57
CA GLY R 78 -70.42 -2.82 -57.27
C GLY R 78 -69.19 -1.95 -57.48
N VAL R 79 -69.37 -0.70 -57.88
CA VAL R 79 -68.28 0.27 -57.89
C VAL R 79 -68.06 0.85 -56.51
N ALA R 80 -69.07 0.77 -55.63
CA ALA R 80 -68.96 1.31 -54.28
C ALA R 80 -67.91 0.57 -53.45
N GLY R 81 -67.79 -0.75 -53.65
CA GLY R 81 -66.75 -1.48 -52.96
C GLY R 81 -65.36 -1.10 -53.43
N SER R 82 -65.22 -0.78 -54.72
CA SER R 82 -63.94 -0.26 -55.20
C SER R 82 -63.67 1.13 -54.63
N GLY R 83 -64.73 1.93 -54.45
CA GLY R 83 -64.55 3.25 -53.86
C GLY R 83 -64.07 3.17 -52.42
N ALA R 84 -64.74 2.36 -51.59
CA ALA R 84 -64.32 2.18 -50.21
C ALA R 84 -62.97 1.48 -50.12
N GLY R 85 -62.69 0.58 -51.06
CA GLY R 85 -61.41 -0.10 -51.06
C GLY R 85 -60.25 0.83 -51.36
N ILE R 86 -60.38 1.67 -52.39
CA ILE R 86 -59.25 2.55 -52.69
C ILE R 86 -59.21 3.73 -51.73
N GLY R 87 -60.33 4.03 -51.06
CA GLY R 87 -60.29 4.95 -49.94
C GLY R 87 -59.45 4.39 -48.80
N THR R 88 -59.65 3.11 -48.47
CA THR R 88 -58.83 2.46 -47.45
C THR R 88 -57.37 2.36 -47.90
N VAL R 89 -57.14 2.16 -49.20
CA VAL R 89 -55.78 2.07 -49.72
C VAL R 89 -55.03 3.38 -49.54
N PHE R 90 -55.63 4.50 -49.97
CA PHE R 90 -54.90 5.76 -49.83
C PHE R 90 -54.87 6.26 -48.40
N GLY R 91 -55.87 5.88 -47.59
CA GLY R 91 -55.79 6.17 -46.17
C GLY R 91 -54.64 5.44 -45.50
N SER R 92 -54.47 4.17 -45.83
CA SER R 92 -53.34 3.47 -45.26
C SER R 92 -52.02 3.91 -45.85
N LEU R 93 -52.01 4.45 -47.08
CA LEU R 93 -50.82 5.08 -47.62
C LEU R 93 -50.40 6.28 -46.81
N ILE R 94 -51.35 7.13 -46.44
CA ILE R 94 -50.94 8.35 -45.75
C ILE R 94 -50.60 8.09 -44.28
N ILE R 95 -51.28 7.14 -43.62
CA ILE R 95 -50.82 6.83 -42.27
C ILE R 95 -49.54 5.99 -42.28
N GLY R 96 -49.31 5.17 -43.30
CA GLY R 96 -48.04 4.46 -43.39
C GLY R 96 -46.88 5.37 -43.75
N TYR R 97 -47.16 6.44 -44.49
CA TYR R 97 -46.15 7.45 -44.74
C TYR R 97 -45.87 8.29 -43.51
N ALA R 98 -46.85 8.40 -42.60
CA ALA R 98 -46.62 9.11 -41.35
C ALA R 98 -45.60 8.41 -40.45
N ARG R 99 -45.34 7.12 -40.65
CA ARG R 99 -44.36 6.42 -39.83
C ARG R 99 -42.94 6.62 -40.33
N ASN R 100 -42.63 6.13 -41.54
CA ASN R 100 -41.27 6.17 -42.06
C ASN R 100 -41.21 6.96 -43.36
N PRO R 101 -40.94 8.27 -43.28
CA PRO R 101 -40.86 9.10 -44.49
C PRO R 101 -39.67 8.79 -45.38
N SER R 102 -38.68 8.03 -44.91
CA SER R 102 -37.55 7.64 -45.72
C SER R 102 -37.83 6.45 -46.61
N LEU R 103 -39.09 6.03 -46.73
CA LEU R 103 -39.48 4.94 -47.61
C LEU R 103 -40.60 5.43 -48.52
N LYS R 104 -40.40 6.56 -49.19
CA LYS R 104 -41.47 7.23 -49.92
C LYS R 104 -41.90 6.44 -51.15
N GLN R 105 -40.97 6.21 -52.08
CA GLN R 105 -41.34 5.78 -53.43
C GLN R 105 -41.76 4.32 -53.47
N GLN R 106 -41.11 3.46 -52.67
CA GLN R 106 -41.43 2.04 -52.73
C GLN R 106 -42.77 1.75 -52.05
N LEU R 107 -43.03 2.43 -50.93
CA LEU R 107 -44.33 2.34 -50.29
C LEU R 107 -45.45 2.85 -51.19
N PHE R 108 -45.20 3.96 -51.89
CA PHE R 108 -46.18 4.47 -52.83
C PHE R 108 -46.37 3.53 -54.01
N SER R 109 -45.32 2.80 -54.40
CA SER R 109 -45.47 1.81 -55.47
C SER R 109 -46.34 0.65 -55.03
N TYR R 110 -46.15 0.16 -53.80
CA TYR R 110 -47.07 -0.83 -53.25
C TYR R 110 -48.50 -0.31 -53.11
N ALA R 111 -48.66 0.98 -52.79
CA ALA R 111 -49.99 1.55 -52.67
C ALA R 111 -50.70 1.67 -54.02
N ILE R 112 -49.95 2.04 -55.06
CA ILE R 112 -50.57 2.14 -56.37
C ILE R 112 -50.82 0.75 -56.94
N LEU R 113 -50.09 -0.27 -56.47
CA LEU R 113 -50.42 -1.64 -56.84
C LEU R 113 -51.74 -2.08 -56.21
N GLY R 114 -51.94 -1.77 -54.92
CA GLY R 114 -53.22 -2.06 -54.29
C GLY R 114 -54.38 -1.29 -54.93
N PHE R 115 -54.11 -0.04 -55.33
CA PHE R 115 -55.10 0.74 -56.06
C PHE R 115 -55.46 0.09 -57.39
N ALA R 116 -54.46 -0.37 -58.15
CA ALA R 116 -54.72 -0.96 -59.45
C ALA R 116 -55.49 -2.26 -59.33
N LEU R 117 -55.27 -3.02 -58.25
CA LEU R 117 -56.01 -4.27 -58.10
C LEU R 117 -57.46 -4.03 -57.67
N SER R 118 -57.70 -3.06 -56.78
CA SER R 118 -59.09 -2.71 -56.47
C SER R 118 -59.78 -2.05 -57.66
N GLU R 119 -59.01 -1.31 -58.47
CA GLU R 119 -59.49 -0.75 -59.72
C GLU R 119 -59.93 -1.84 -60.68
N ALA R 120 -59.15 -2.93 -60.76
CA ALA R 120 -59.50 -4.04 -61.61
C ALA R 120 -60.78 -4.72 -61.15
N MET R 121 -60.98 -4.85 -59.83
CA MET R 121 -62.23 -5.45 -59.35
C MET R 121 -63.45 -4.59 -59.64
N GLY R 122 -63.35 -3.28 -59.37
CA GLY R 122 -64.49 -2.40 -59.62
C GLY R 122 -64.83 -2.26 -61.09
N LEU R 123 -63.82 -2.10 -61.94
CA LEU R 123 -64.09 -1.99 -63.36
C LEU R 123 -64.46 -3.32 -63.99
N PHE R 124 -64.10 -4.44 -63.36
CA PHE R 124 -64.61 -5.72 -63.84
C PHE R 124 -66.10 -5.86 -63.53
N CYS R 125 -66.53 -5.39 -62.35
CA CYS R 125 -67.96 -5.36 -62.05
C CYS R 125 -68.72 -4.46 -63.01
N LEU R 126 -68.16 -3.28 -63.31
CA LEU R 126 -68.86 -2.41 -64.26
C LEU R 126 -68.74 -2.91 -65.70
N MET R 127 -67.72 -3.71 -66.02
CA MET R 127 -67.66 -4.31 -67.35
C MET R 127 -68.73 -5.38 -67.52
N VAL R 128 -69.01 -6.15 -66.46
CA VAL R 128 -70.14 -7.07 -66.51
C VAL R 128 -71.46 -6.29 -66.57
N ALA R 129 -71.50 -5.11 -65.93
CA ALA R 129 -72.69 -4.25 -66.02
C ALA R 129 -72.94 -3.76 -67.44
N PHE R 130 -71.89 -3.32 -68.14
CA PHE R 130 -72.07 -2.91 -69.54
C PHE R 130 -72.32 -4.08 -70.46
N LEU R 131 -71.80 -5.27 -70.13
CA LEU R 131 -72.13 -6.46 -70.91
C LEU R 131 -73.61 -6.80 -70.79
N ILE R 132 -74.18 -6.63 -69.60
CA ILE R 132 -75.62 -6.81 -69.43
C ILE R 132 -76.39 -5.73 -70.16
N LEU R 133 -75.88 -4.49 -70.15
CA LEU R 133 -76.59 -3.37 -70.78
C LEU R 133 -76.60 -3.48 -72.30
N PHE R 134 -75.50 -3.90 -72.92
CA PHE R 134 -75.42 -3.97 -74.37
C PHE R 134 -75.33 -5.42 -74.86
N ALA R 135 -75.83 -6.36 -74.06
CA ALA R 135 -75.91 -7.75 -74.47
C ALA R 135 -77.10 -8.45 -73.83
N ASP S 62 -95.07 4.09 -69.28
CA ASP S 62 -94.13 3.27 -70.03
C ASP S 62 -93.25 2.46 -69.10
N ILE S 63 -93.13 1.17 -69.39
CA ILE S 63 -92.24 0.32 -68.61
C ILE S 63 -90.78 0.66 -68.93
N ASP S 64 -90.52 1.21 -70.11
CA ASP S 64 -89.15 1.57 -70.48
C ASP S 64 -88.68 2.78 -69.69
N THR S 65 -89.48 3.85 -69.69
CA THR S 65 -89.17 5.05 -68.88
C THR S 65 -89.21 4.72 -67.39
N ALA S 66 -90.12 3.84 -66.99
CA ALA S 66 -90.20 3.39 -65.61
C ALA S 66 -88.92 2.71 -65.15
N ALA S 67 -88.43 1.75 -65.95
CA ALA S 67 -87.20 1.07 -65.63
C ALA S 67 -85.98 1.96 -65.77
N LYS S 68 -86.04 3.00 -66.63
CA LYS S 68 -85.00 4.02 -66.63
C LYS S 68 -84.93 4.73 -65.29
N PHE S 69 -86.10 5.05 -64.73
CA PHE S 69 -86.13 5.73 -63.43
C PHE S 69 -85.62 4.84 -62.30
N ILE S 70 -86.01 3.56 -62.30
CA ILE S 70 -85.55 2.65 -61.25
C ILE S 70 -84.06 2.37 -61.39
N GLY S 71 -83.59 2.13 -62.62
CA GLY S 71 -82.17 1.86 -62.84
C GLY S 71 -81.29 3.07 -62.64
N ALA S 72 -81.83 4.26 -62.80
CA ALA S 72 -81.10 5.45 -62.40
C ALA S 72 -81.06 5.60 -60.89
N GLY S 73 -82.13 5.19 -60.19
CA GLY S 73 -82.06 5.14 -58.75
C GLY S 73 -81.15 4.06 -58.21
N ALA S 74 -80.89 3.02 -58.99
CA ALA S 74 -80.09 1.89 -58.54
C ALA S 74 -78.60 2.11 -58.72
N ALA S 75 -78.19 2.78 -59.79
CA ALA S 75 -76.79 3.10 -60.01
C ALA S 75 -76.34 4.35 -59.28
N THR S 76 -77.19 4.90 -58.41
CA THR S 76 -76.83 6.01 -57.54
C THR S 76 -76.43 5.49 -56.16
N VAL S 77 -76.63 4.19 -55.91
CA VAL S 77 -76.18 3.56 -54.67
C VAL S 77 -74.66 3.52 -54.61
N GLY S 78 -73.99 3.46 -55.77
CA GLY S 78 -72.55 3.41 -55.82
C GLY S 78 -71.81 4.70 -55.52
N VAL S 79 -72.52 5.73 -55.07
CA VAL S 79 -71.88 6.94 -54.53
C VAL S 79 -71.59 6.76 -53.04
N ALA S 80 -72.30 5.85 -52.37
CA ALA S 80 -72.07 5.55 -50.96
C ALA S 80 -70.66 5.04 -50.70
N GLY S 81 -70.15 4.20 -51.61
CA GLY S 81 -68.79 3.71 -51.44
C GLY S 81 -67.73 4.77 -51.60
N SER S 82 -67.97 5.74 -52.50
CA SER S 82 -67.05 6.86 -52.62
C SER S 82 -67.11 7.75 -51.38
N GLY S 83 -68.31 7.89 -50.80
CA GLY S 83 -68.43 8.66 -49.57
C GLY S 83 -67.69 8.03 -48.42
N ALA S 84 -67.87 6.72 -48.23
CA ALA S 84 -67.14 6.01 -47.18
C ALA S 84 -65.64 5.96 -47.46
N GLY S 85 -65.25 5.90 -48.74
CA GLY S 85 -63.85 5.91 -49.08
C GLY S 85 -63.16 7.22 -48.74
N ILE S 86 -63.80 8.35 -49.06
CA ILE S 86 -63.16 9.61 -48.71
C ILE S 86 -63.28 9.91 -47.22
N GLY S 87 -64.28 9.32 -46.56
CA GLY S 87 -64.28 9.36 -45.10
C GLY S 87 -63.07 8.67 -44.52
N THR S 88 -62.73 7.49 -45.05
CA THR S 88 -61.53 6.78 -44.62
C THR S 88 -60.26 7.56 -44.97
N VAL S 89 -60.25 8.23 -46.13
CA VAL S 89 -59.08 8.98 -46.58
C VAL S 89 -58.80 10.15 -45.64
N PHE S 90 -59.79 11.01 -45.41
CA PHE S 90 -59.51 12.15 -44.55
C PHE S 90 -59.41 11.77 -43.08
N GLY S 91 -60.02 10.66 -42.66
CA GLY S 91 -59.76 10.17 -41.33
C GLY S 91 -58.33 9.70 -41.15
N SER S 92 -57.79 9.02 -42.15
CA SER S 92 -56.40 8.67 -42.01
C SER S 92 -55.46 9.85 -42.25
N LEU S 93 -55.95 10.91 -42.91
CA LEU S 93 -55.18 12.15 -42.96
C LEU S 93 -55.04 12.76 -41.58
N ILE S 94 -56.12 12.79 -40.81
CA ILE S 94 -55.99 13.45 -39.53
C ILE S 94 -55.25 12.57 -38.50
N ILE S 95 -55.39 11.24 -38.58
CA ILE S 95 -54.58 10.44 -37.66
C ILE S 95 -53.11 10.38 -38.10
N GLY S 96 -52.81 10.43 -39.39
CA GLY S 96 -51.43 10.52 -39.81
C GLY S 96 -50.81 11.87 -39.64
N TYR S 97 -51.63 12.91 -39.48
CA TYR S 97 -51.16 14.21 -39.06
C TYR S 97 -50.92 14.25 -37.56
N ALA S 98 -51.63 13.44 -36.79
CA ALA S 98 -51.44 13.43 -35.35
C ALA S 98 -50.08 12.89 -34.92
N ARG S 99 -49.37 12.15 -35.78
CA ARG S 99 -48.04 11.71 -35.39
C ARG S 99 -47.00 12.79 -35.64
N ASN S 100 -46.76 13.14 -36.90
CA ASN S 100 -45.66 14.03 -37.28
C ASN S 100 -46.19 15.22 -38.06
N PRO S 101 -46.49 16.34 -37.37
CA PRO S 101 -47.07 17.50 -38.03
C PRO S 101 -46.11 18.26 -38.95
N SER S 102 -44.82 17.92 -38.97
CA SER S 102 -43.90 18.55 -39.90
C SER S 102 -44.09 18.07 -41.34
N LEU S 103 -44.89 17.04 -41.55
CA LEU S 103 -45.12 16.46 -42.87
C LEU S 103 -46.44 16.90 -43.47
N LYS S 104 -46.93 18.08 -43.10
CA LYS S 104 -48.32 18.45 -43.36
C LYS S 104 -48.61 18.59 -44.85
N GLN S 105 -47.69 19.20 -45.61
CA GLN S 105 -48.00 19.56 -46.99
C GLN S 105 -48.01 18.33 -47.89
N GLN S 106 -46.98 17.49 -47.79
CA GLN S 106 -46.86 16.37 -48.72
C GLN S 106 -47.91 15.30 -48.41
N LEU S 107 -48.26 15.17 -47.13
CA LEU S 107 -49.31 14.26 -46.73
C LEU S 107 -50.68 14.78 -47.17
N PHE S 108 -50.86 16.10 -47.12
CA PHE S 108 -52.09 16.71 -47.64
C PHE S 108 -52.23 16.52 -49.14
N SER S 109 -51.10 16.55 -49.86
CA SER S 109 -51.12 16.26 -51.29
C SER S 109 -51.53 14.82 -51.57
N TYR S 110 -50.95 13.87 -50.84
CA TYR S 110 -51.39 12.47 -50.96
C TYR S 110 -52.85 12.30 -50.59
N ALA S 111 -53.33 13.04 -49.59
CA ALA S 111 -54.71 12.91 -49.16
C ALA S 111 -55.69 13.45 -50.21
N ILE S 112 -55.36 14.58 -50.83
CA ILE S 112 -56.24 15.11 -51.85
C ILE S 112 -56.16 14.27 -53.12
N LEU S 113 -55.04 13.56 -53.33
CA LEU S 113 -54.99 12.62 -54.45
C LEU S 113 -55.89 11.42 -54.19
N GLY S 114 -55.91 10.92 -52.96
CA GLY S 114 -56.82 9.84 -52.62
C GLY S 114 -58.28 10.25 -52.70
N PHE S 115 -58.58 11.48 -52.29
CA PHE S 115 -59.91 12.04 -52.48
C PHE S 115 -60.29 12.12 -53.96
N ALA S 116 -59.36 12.57 -54.80
CA ALA S 116 -59.65 12.71 -56.22
C ALA S 116 -59.90 11.35 -56.88
N LEU S 117 -59.22 10.31 -56.41
CA LEU S 117 -59.40 9.02 -57.06
C LEU S 117 -60.68 8.32 -56.60
N SER S 118 -61.05 8.47 -55.32
CA SER S 118 -62.37 7.98 -54.90
C SER S 118 -63.49 8.79 -55.54
N GLU S 119 -63.26 10.09 -55.74
CA GLU S 119 -64.20 10.94 -56.46
C GLU S 119 -64.35 10.50 -57.90
N ALA S 120 -63.26 10.06 -58.52
CA ALA S 120 -63.31 9.58 -59.89
C ALA S 120 -64.15 8.31 -59.99
N MET S 121 -64.02 7.42 -59.00
CA MET S 121 -64.86 6.21 -59.00
C MET S 121 -66.34 6.55 -58.80
N GLY S 122 -66.63 7.46 -57.87
CA GLY S 122 -68.02 7.84 -57.63
C GLY S 122 -68.64 8.57 -58.81
N LEU S 123 -67.90 9.48 -59.43
CA LEU S 123 -68.41 10.19 -60.60
C LEU S 123 -68.49 9.31 -61.83
N PHE S 124 -67.65 8.28 -61.94
CA PHE S 124 -67.80 7.34 -63.05
C PHE S 124 -69.07 6.50 -62.89
N CYS S 125 -69.35 6.08 -61.64
CA CYS S 125 -70.60 5.39 -61.36
C CYS S 125 -71.81 6.27 -61.63
N LEU S 126 -71.75 7.53 -61.24
CA LEU S 126 -72.90 8.39 -61.47
C LEU S 126 -72.99 8.86 -62.92
N MET S 127 -71.89 8.81 -63.67
CA MET S 127 -71.98 9.02 -65.11
C MET S 127 -72.69 7.87 -65.80
N VAL S 128 -72.46 6.64 -65.33
CA VAL S 128 -73.24 5.50 -65.83
C VAL S 128 -74.72 5.64 -65.44
N ALA S 129 -74.97 6.18 -64.24
CA ALA S 129 -76.35 6.43 -63.80
C ALA S 129 -77.04 7.46 -64.69
N PHE S 130 -76.37 8.57 -64.99
CA PHE S 130 -76.93 9.57 -65.91
C PHE S 130 -77.09 9.03 -67.32
N LEU S 131 -76.20 8.15 -67.77
CA LEU S 131 -76.34 7.57 -69.10
C LEU S 131 -77.58 6.68 -69.18
N ILE S 132 -77.83 5.89 -68.14
CA ILE S 132 -79.04 5.08 -68.09
C ILE S 132 -80.28 5.96 -67.99
N LEU S 133 -80.17 7.09 -67.28
CA LEU S 133 -81.33 7.94 -67.09
C LEU S 133 -81.70 8.72 -68.34
N PHE S 134 -80.72 9.27 -69.07
CA PHE S 134 -81.03 10.11 -70.23
C PHE S 134 -80.39 9.56 -71.49
N ALA S 135 -80.36 8.24 -71.65
CA ALA S 135 -79.97 7.66 -72.93
C ALA S 135 -80.83 6.44 -73.26
N ASP T 62 -99.67 6.02 -61.85
CA ASP T 62 -99.46 4.86 -62.70
C ASP T 62 -98.08 4.25 -62.52
N ILE T 63 -97.64 3.52 -63.55
CA ILE T 63 -96.33 2.87 -63.52
C ILE T 63 -95.20 3.90 -63.55
N ASP T 64 -95.44 5.07 -64.15
CA ASP T 64 -94.39 6.06 -64.30
C ASP T 64 -94.09 6.76 -62.98
N THR T 65 -95.13 7.28 -62.33
CA THR T 65 -94.99 7.88 -61.00
C THR T 65 -94.59 6.82 -59.98
N ALA T 66 -95.06 5.59 -60.18
CA ALA T 66 -94.71 4.46 -59.31
C ALA T 66 -93.21 4.18 -59.34
N ALA T 67 -92.63 4.13 -60.54
CA ALA T 67 -91.21 3.88 -60.64
C ALA T 67 -90.38 5.11 -60.31
N LYS T 68 -90.94 6.32 -60.44
CA LYS T 68 -90.31 7.49 -59.84
C LYS T 68 -90.16 7.31 -58.33
N PHE T 69 -91.20 6.77 -57.68
CA PHE T 69 -91.13 6.54 -56.24
C PHE T 69 -90.16 5.43 -55.89
N ILE T 70 -90.09 4.38 -56.73
CA ILE T 70 -89.15 3.29 -56.48
C ILE T 70 -87.71 3.77 -56.65
N GLY T 71 -87.43 4.52 -57.71
CA GLY T 71 -86.11 5.08 -57.90
C GLY T 71 -85.74 6.14 -56.90
N ALA T 72 -86.72 6.83 -56.32
CA ALA T 72 -86.42 7.75 -55.24
C ALA T 72 -86.13 7.03 -53.94
N GLY T 73 -86.80 5.91 -53.69
CA GLY T 73 -86.43 5.09 -52.55
C GLY T 73 -85.10 4.41 -52.74
N ALA T 74 -84.74 4.11 -53.98
CA ALA T 74 -83.51 3.36 -54.25
C ALA T 74 -82.26 4.23 -54.18
N ALA T 75 -82.37 5.49 -54.58
CA ALA T 75 -81.22 6.38 -54.64
C ALA T 75 -80.96 7.12 -53.33
N THR T 76 -81.56 6.66 -52.24
CA THR T 76 -81.35 7.25 -50.93
C THR T 76 -80.46 6.35 -50.07
N VAL T 77 -80.05 5.20 -50.61
CA VAL T 77 -79.11 4.31 -49.93
C VAL T 77 -77.72 4.95 -49.88
N GLY T 78 -77.41 5.85 -50.80
CA GLY T 78 -76.13 6.54 -50.80
C GLY T 78 -75.90 7.47 -49.63
N VAL T 79 -76.94 7.80 -48.86
CA VAL T 79 -76.78 8.57 -47.63
C VAL T 79 -76.03 7.75 -46.59
N ALA T 80 -76.16 6.42 -46.63
CA ALA T 80 -75.45 5.54 -45.71
C ALA T 80 -73.95 5.62 -45.87
N GLY T 81 -73.48 5.85 -47.10
CA GLY T 81 -72.06 6.02 -47.31
C GLY T 81 -71.53 7.31 -46.71
N SER T 82 -72.31 8.38 -46.77
CA SER T 82 -71.94 9.60 -46.07
C SER T 82 -71.98 9.40 -44.56
N GLY T 83 -72.93 8.59 -44.07
CA GLY T 83 -72.99 8.32 -42.64
C GLY T 83 -71.78 7.57 -42.12
N ALA T 84 -71.40 6.50 -42.82
CA ALA T 84 -70.20 5.76 -42.44
C ALA T 84 -68.93 6.55 -42.67
N GLY T 85 -68.92 7.41 -43.70
CA GLY T 85 -67.76 8.25 -43.94
C GLY T 85 -67.53 9.27 -42.85
N ILE T 86 -68.59 9.94 -42.40
CA ILE T 86 -68.40 10.91 -41.33
C ILE T 86 -68.23 10.22 -39.99
N GLY T 87 -68.72 9.00 -39.83
CA GLY T 87 -68.39 8.21 -38.65
C GLY T 87 -66.90 7.90 -38.58
N THR T 88 -66.31 7.50 -39.71
CA THR T 88 -64.87 7.26 -39.77
C THR T 88 -64.08 8.55 -39.54
N VAL T 89 -64.57 9.67 -40.08
CA VAL T 89 -63.88 10.95 -39.94
C VAL T 89 -63.87 11.41 -38.48
N PHE T 90 -65.00 11.33 -37.79
CA PHE T 90 -64.99 11.76 -36.41
C PHE T 90 -64.34 10.75 -35.47
N GLY T 91 -64.37 9.46 -35.82
CA GLY T 91 -63.60 8.50 -35.06
C GLY T 91 -62.11 8.74 -35.18
N SER T 92 -61.67 9.14 -36.35
CA SER T 92 -60.27 9.51 -36.45
C SER T 92 -59.97 10.86 -35.84
N LEU T 93 -60.97 11.74 -35.73
CA LEU T 93 -60.78 12.98 -34.98
C LEU T 93 -60.49 12.68 -33.53
N ILE T 94 -61.25 11.77 -32.94
CA ILE T 94 -61.07 11.54 -31.52
C ILE T 94 -59.83 10.68 -31.24
N ILE T 95 -59.47 9.77 -32.15
CA ILE T 95 -58.22 9.03 -31.91
C ILE T 95 -56.99 9.86 -32.29
N GLY T 96 -57.10 10.81 -33.22
CA GLY T 96 -55.97 11.66 -33.53
C GLY T 96 -55.84 12.77 -32.52
N TYR T 97 -56.92 13.03 -31.78
CA TYR T 97 -56.82 13.87 -30.60
C TYR T 97 -56.22 13.09 -29.44
N ALA T 98 -56.38 11.78 -29.43
CA ALA T 98 -55.86 10.97 -28.34
C ALA T 98 -54.36 10.68 -28.44
N ARG T 99 -53.59 11.42 -29.24
CA ARG T 99 -52.15 11.31 -29.24
C ARG T 99 -51.44 12.62 -28.90
N ASN T 100 -51.77 13.70 -29.60
CA ASN T 100 -51.21 15.03 -29.30
C ASN T 100 -52.37 16.03 -29.19
N PRO T 101 -52.95 16.18 -27.99
CA PRO T 101 -54.19 16.95 -27.86
C PRO T 101 -54.02 18.45 -27.98
N SER T 102 -52.81 18.96 -28.02
CA SER T 102 -52.64 20.40 -28.15
C SER T 102 -52.64 20.87 -29.60
N LEU T 103 -53.15 20.05 -30.50
CA LEU T 103 -53.33 20.41 -31.89
C LEU T 103 -54.81 20.38 -32.22
N LYS T 104 -55.63 20.89 -31.31
CA LYS T 104 -57.08 20.75 -31.39
C LYS T 104 -57.65 21.48 -32.59
N GLN T 105 -57.14 22.68 -32.87
CA GLN T 105 -57.79 23.58 -33.82
C GLN T 105 -57.59 23.13 -35.26
N GLN T 106 -56.35 22.93 -35.68
CA GLN T 106 -56.10 22.60 -37.09
C GLN T 106 -56.53 21.17 -37.41
N LEU T 107 -56.46 20.29 -36.43
CA LEU T 107 -56.95 18.92 -36.63
C LEU T 107 -58.46 18.92 -36.78
N PHE T 108 -59.17 19.74 -35.99
CA PHE T 108 -60.61 19.89 -36.19
C PHE T 108 -60.92 20.55 -37.52
N SER T 109 -60.03 21.41 -38.01
CA SER T 109 -60.24 22.02 -39.33
C SER T 109 -60.17 20.98 -40.45
N TYR T 110 -59.14 20.12 -40.41
CA TYR T 110 -59.07 19.01 -41.38
C TYR T 110 -60.23 18.03 -41.21
N ALA T 111 -60.69 17.83 -39.96
CA ALA T 111 -61.81 16.94 -39.73
C ALA T 111 -63.11 17.51 -40.29
N ILE T 112 -63.32 18.82 -40.18
CA ILE T 112 -64.54 19.39 -40.71
C ILE T 112 -64.43 19.53 -42.22
N LEU T 113 -63.22 19.57 -42.77
CA LEU T 113 -63.10 19.51 -44.23
C LEU T 113 -63.50 18.13 -44.74
N GLY T 114 -63.05 17.07 -44.05
CA GLY T 114 -63.49 15.73 -44.41
C GLY T 114 -64.98 15.53 -44.22
N PHE T 115 -65.54 16.13 -43.17
CA PHE T 115 -66.98 16.09 -42.96
C PHE T 115 -67.74 16.77 -44.09
N ALA T 116 -67.28 17.95 -44.51
CA ALA T 116 -67.98 18.69 -45.56
C ALA T 116 -67.88 17.99 -46.90
N LEU T 117 -66.75 17.32 -47.18
CA LEU T 117 -66.64 16.60 -48.45
C LEU T 117 -67.50 15.32 -48.45
N SER T 118 -67.60 14.63 -47.32
CA SER T 118 -68.51 13.48 -47.27
C SER T 118 -69.96 13.92 -47.36
N GLU T 119 -70.30 15.06 -46.75
CA GLU T 119 -71.65 15.60 -46.90
C GLU T 119 -71.92 16.06 -48.31
N ALA T 120 -70.89 16.53 -49.01
CA ALA T 120 -71.04 16.87 -50.42
C ALA T 120 -71.39 15.66 -51.24
N MET T 121 -70.75 14.52 -50.96
CA MET T 121 -71.10 13.31 -51.72
C MET T 121 -72.48 12.78 -51.34
N GLY T 122 -72.84 12.85 -50.06
CA GLY T 122 -74.16 12.40 -49.64
C GLY T 122 -75.29 13.24 -50.23
N LEU T 123 -75.13 14.56 -50.16
CA LEU T 123 -76.13 15.46 -50.75
C LEU T 123 -76.10 15.45 -52.26
N PHE T 124 -74.97 15.07 -52.88
CA PHE T 124 -74.94 14.92 -54.32
C PHE T 124 -75.76 13.70 -54.75
N CYS T 125 -75.61 12.59 -54.02
CA CYS T 125 -76.43 11.42 -54.26
C CYS T 125 -77.91 11.70 -54.03
N LEU T 126 -78.24 12.41 -52.95
CA LEU T 126 -79.65 12.70 -52.69
C LEU T 126 -80.19 13.79 -53.62
N MET T 127 -79.33 14.64 -54.17
CA MET T 127 -79.75 15.55 -55.23
C MET T 127 -80.12 14.77 -56.47
N VAL T 128 -79.37 13.72 -56.79
CA VAL T 128 -79.75 12.87 -57.92
C VAL T 128 -81.05 12.13 -57.60
N ALA T 129 -81.25 11.75 -56.33
CA ALA T 129 -82.51 11.13 -55.91
C ALA T 129 -83.69 12.05 -56.11
N PHE T 130 -83.57 13.31 -55.68
CA PHE T 130 -84.67 14.26 -55.87
C PHE T 130 -84.83 14.66 -57.33
N LEU T 131 -83.75 14.60 -58.12
CA LEU T 131 -83.87 14.85 -59.56
C LEU T 131 -84.69 13.75 -60.22
N ILE T 132 -84.49 12.49 -59.79
CA ILE T 132 -85.30 11.39 -60.28
C ILE T 132 -86.75 11.54 -59.80
N LEU T 133 -86.92 11.98 -58.55
CA LEU T 133 -88.26 12.06 -57.97
C LEU T 133 -89.08 13.20 -58.60
N PHE T 134 -88.45 14.32 -58.91
CA PHE T 134 -89.14 15.52 -59.35
C PHE T 134 -88.74 15.95 -60.75
N ALA T 135 -88.20 15.03 -61.55
CA ALA T 135 -87.84 15.30 -62.93
C ALA T 135 -87.90 14.03 -63.76
N ASP U 62 -103.51 0.99 -55.12
CA ASP U 62 -103.14 0.44 -56.42
C ASP U 62 -101.63 0.31 -56.57
N ILE U 63 -101.15 0.44 -57.81
CA ILE U 63 -99.72 0.31 -58.07
C ILE U 63 -98.94 1.50 -57.52
N ASP U 64 -99.57 2.67 -57.35
CA ASP U 64 -98.86 3.80 -56.77
C ASP U 64 -98.70 3.62 -55.26
N THR U 65 -99.76 3.15 -54.58
CA THR U 65 -99.65 2.78 -53.17
C THR U 65 -98.62 1.68 -52.96
N ALA U 66 -98.61 0.72 -53.89
CA ALA U 66 -97.64 -0.36 -53.90
C ALA U 66 -96.21 0.16 -53.97
N ALA U 67 -95.94 1.03 -54.93
CA ALA U 67 -94.59 1.54 -55.07
C ALA U 67 -94.22 2.57 -54.01
N LYS U 68 -95.19 3.21 -53.37
CA LYS U 68 -94.88 4.01 -52.19
C LYS U 68 -94.39 3.12 -51.05
N PHE U 69 -95.01 1.94 -50.90
CA PHE U 69 -94.50 0.97 -49.93
C PHE U 69 -93.12 0.45 -50.32
N ILE U 70 -92.90 0.24 -51.62
CA ILE U 70 -91.59 -0.23 -52.11
C ILE U 70 -90.51 0.81 -51.85
N GLY U 71 -90.77 2.07 -52.22
CA GLY U 71 -89.80 3.13 -52.04
C GLY U 71 -89.56 3.45 -50.58
N ALA U 72 -90.57 3.27 -49.74
CA ALA U 72 -90.34 3.40 -48.30
C ALA U 72 -89.55 2.24 -47.73
N GLY U 73 -89.65 1.05 -48.32
CA GLY U 73 -88.84 -0.06 -47.87
C GLY U 73 -87.39 0.10 -48.25
N ALA U 74 -87.12 0.44 -49.51
CA ALA U 74 -85.75 0.49 -50.01
C ALA U 74 -85.02 1.77 -49.65
N ALA U 75 -85.67 2.72 -48.97
CA ALA U 75 -85.00 3.92 -48.48
C ALA U 75 -84.72 3.85 -46.98
N THR U 76 -85.00 2.72 -46.35
CA THR U 76 -84.66 2.50 -44.95
C THR U 76 -83.26 1.91 -44.83
N VAL U 77 -82.61 1.64 -45.96
CA VAL U 77 -81.27 1.08 -45.97
C VAL U 77 -80.24 2.09 -45.48
N GLY U 78 -80.54 3.39 -45.58
CA GLY U 78 -79.57 4.41 -45.20
C GLY U 78 -79.40 4.59 -43.70
N VAL U 79 -80.19 3.92 -42.87
CA VAL U 79 -79.98 3.94 -41.43
C VAL U 79 -78.76 3.10 -41.06
N ALA U 80 -78.42 2.14 -41.93
CA ALA U 80 -77.21 1.34 -41.77
C ALA U 80 -75.95 2.19 -41.72
N GLY U 81 -75.94 3.30 -42.46
CA GLY U 81 -74.84 4.24 -42.36
C GLY U 81 -74.73 4.88 -41.00
N SER U 82 -75.86 5.19 -40.38
CA SER U 82 -75.81 5.73 -39.02
C SER U 82 -75.36 4.67 -38.03
N GLY U 83 -75.77 3.42 -38.26
CA GLY U 83 -75.35 2.31 -37.42
C GLY U 83 -73.84 2.09 -37.46
N ALA U 84 -73.30 1.94 -38.66
CA ALA U 84 -71.85 1.79 -38.82
C ALA U 84 -71.10 3.04 -38.39
N GLY U 85 -71.70 4.22 -38.57
CA GLY U 85 -71.03 5.45 -38.22
C GLY U 85 -70.86 5.62 -36.73
N ILE U 86 -71.94 5.40 -35.96
CA ILE U 86 -71.78 5.56 -34.52
C ILE U 86 -71.08 4.35 -33.92
N GLY U 87 -71.08 3.21 -34.62
CA GLY U 87 -70.22 2.11 -34.21
C GLY U 87 -68.75 2.47 -34.32
N THR U 88 -68.35 3.06 -35.44
CA THR U 88 -66.98 3.53 -35.60
C THR U 88 -66.65 4.64 -34.60
N VAL U 89 -67.60 5.53 -34.32
CA VAL U 89 -67.33 6.64 -33.41
C VAL U 89 -67.14 6.16 -31.98
N PHE U 90 -68.04 5.31 -31.47
CA PHE U 90 -67.86 4.78 -30.12
C PHE U 90 -66.69 3.82 -30.03
N GLY U 91 -66.35 3.15 -31.13
CA GLY U 91 -65.17 2.31 -31.13
C GLY U 91 -63.89 3.11 -31.05
N SER U 92 -63.84 4.22 -31.76
CA SER U 92 -62.67 5.06 -31.59
C SER U 92 -62.70 5.81 -30.26
N LEU U 93 -63.88 5.98 -29.66
CA LEU U 93 -63.95 6.50 -28.30
C LEU U 93 -63.29 5.54 -27.31
N ILE U 94 -63.57 4.25 -27.43
CA ILE U 94 -63.01 3.34 -26.44
C ILE U 94 -61.53 3.05 -26.70
N ILE U 95 -61.07 3.02 -27.96
CA ILE U 95 -59.62 2.89 -28.15
C ILE U 95 -58.89 4.19 -27.80
N GLY U 96 -59.48 5.36 -28.06
CA GLY U 96 -58.83 6.60 -27.71
C GLY U 96 -58.85 6.91 -26.24
N TYR U 97 -59.84 6.38 -25.52
CA TYR U 97 -59.83 6.51 -24.08
C TYR U 97 -58.88 5.51 -23.45
N ALA U 98 -58.65 4.38 -24.12
CA ALA U 98 -57.64 3.45 -23.66
C ALA U 98 -56.23 4.04 -23.74
N ARG U 99 -56.00 4.99 -24.65
CA ARG U 99 -54.67 5.55 -24.80
C ARG U 99 -54.34 6.56 -23.71
N ASN U 100 -55.06 7.67 -23.68
CA ASN U 100 -54.92 8.66 -22.62
C ASN U 100 -56.22 8.75 -21.85
N PRO U 101 -56.31 8.02 -20.73
CA PRO U 101 -57.52 8.09 -19.90
C PRO U 101 -57.76 9.44 -19.23
N SER U 102 -56.75 10.30 -19.14
CA SER U 102 -56.86 11.56 -18.44
C SER U 102 -57.64 12.62 -19.22
N LEU U 103 -58.23 12.28 -20.36
CA LEU U 103 -58.94 13.25 -21.19
C LEU U 103 -60.34 12.77 -21.49
N LYS U 104 -61.07 12.39 -20.44
CA LYS U 104 -62.35 11.70 -20.60
C LYS U 104 -63.42 12.59 -21.22
N GLN U 105 -63.71 13.72 -20.58
CA GLN U 105 -64.95 14.44 -20.84
C GLN U 105 -64.93 15.14 -22.18
N GLN U 106 -63.78 15.69 -22.58
CA GLN U 106 -63.71 16.39 -23.86
C GLN U 106 -63.75 15.41 -25.02
N LEU U 107 -63.09 14.27 -24.86
CA LEU U 107 -63.11 13.23 -25.88
C LEU U 107 -64.52 12.65 -26.03
N PHE U 108 -65.22 12.50 -24.90
CA PHE U 108 -66.60 12.05 -24.94
C PHE U 108 -67.51 13.10 -25.56
N SER U 109 -67.20 14.39 -25.40
CA SER U 109 -67.97 15.43 -26.05
C SER U 109 -67.81 15.38 -27.56
N TYR U 110 -66.57 15.18 -28.03
CA TYR U 110 -66.36 14.93 -29.46
C TYR U 110 -67.03 13.64 -29.92
N ALA U 111 -67.09 12.64 -29.05
CA ALA U 111 -67.75 11.38 -29.40
C ALA U 111 -69.25 11.56 -29.54
N ILE U 112 -69.86 12.36 -28.66
CA ILE U 112 -71.30 12.58 -28.76
C ILE U 112 -71.60 13.54 -29.90
N LEU U 113 -70.65 14.38 -30.31
CA LEU U 113 -70.83 15.18 -31.51
C LEU U 113 -70.83 14.32 -32.76
N GLY U 114 -69.89 13.38 -32.84
CA GLY U 114 -69.90 12.44 -33.97
C GLY U 114 -71.12 11.55 -33.97
N PHE U 115 -71.56 11.13 -32.79
CA PHE U 115 -72.80 10.37 -32.64
C PHE U 115 -74.01 11.16 -33.16
N ALA U 116 -74.13 12.43 -32.74
CA ALA U 116 -75.27 13.24 -33.14
C ALA U 116 -75.24 13.56 -34.62
N LEU U 117 -74.06 13.67 -35.21
CA LEU U 117 -74.01 13.98 -36.64
C LEU U 117 -74.29 12.76 -37.50
N SER U 118 -73.83 11.57 -37.09
CA SER U 118 -74.26 10.36 -37.80
C SER U 118 -75.75 10.08 -37.57
N GLU U 119 -76.26 10.45 -36.39
CA GLU U 119 -77.68 10.35 -36.12
C GLU U 119 -78.48 11.30 -36.99
N ALA U 120 -77.94 12.50 -37.23
CA ALA U 120 -78.58 13.45 -38.13
C ALA U 120 -78.61 12.93 -39.55
N MET U 121 -77.58 12.21 -39.97
CA MET U 121 -77.61 11.64 -41.32
C MET U 121 -78.56 10.45 -41.43
N GLY U 122 -78.64 9.62 -40.38
CA GLY U 122 -79.62 8.54 -40.39
C GLY U 122 -81.05 9.04 -40.38
N LEU U 123 -81.33 10.04 -39.55
CA LEU U 123 -82.67 10.63 -39.54
C LEU U 123 -82.94 11.45 -40.78
N PHE U 124 -81.89 11.96 -41.44
CA PHE U 124 -82.04 12.64 -42.71
C PHE U 124 -82.54 11.67 -43.77
N CYS U 125 -81.90 10.51 -43.87
CA CYS U 125 -82.34 9.50 -44.82
C CYS U 125 -83.72 8.95 -44.49
N LEU U 126 -84.01 8.74 -43.20
CA LEU U 126 -85.32 8.16 -42.88
C LEU U 126 -86.44 9.21 -42.93
N MET U 127 -86.12 10.51 -42.78
CA MET U 127 -87.09 11.54 -43.03
C MET U 127 -87.42 11.61 -44.52
N VAL U 128 -86.42 11.40 -45.38
CA VAL U 128 -86.69 11.28 -46.82
C VAL U 128 -87.54 10.03 -47.10
N ALA U 129 -87.30 8.95 -46.35
CA ALA U 129 -88.08 7.72 -46.51
C ALA U 129 -89.53 7.92 -46.12
N PHE U 130 -89.79 8.59 -45.00
CA PHE U 130 -91.17 8.90 -44.62
C PHE U 130 -91.81 9.92 -45.57
N LEU U 131 -91.03 10.82 -46.14
CA LEU U 131 -91.55 11.75 -47.14
C LEU U 131 -92.03 11.02 -48.38
N ILE U 132 -91.28 10.01 -48.82
CA ILE U 132 -91.74 9.20 -49.95
C ILE U 132 -92.91 8.32 -49.55
N LEU U 133 -92.93 7.88 -48.28
CA LEU U 133 -94.02 7.02 -47.81
C LEU U 133 -95.34 7.75 -47.73
N PHE U 134 -95.34 9.04 -47.40
CA PHE U 134 -96.60 9.78 -47.36
C PHE U 134 -96.49 11.09 -48.12
N ALA U 135 -95.94 11.05 -49.33
CA ALA U 135 -96.01 12.19 -50.23
C ALA U 135 -96.39 11.75 -51.64
N ASN V 2 -80.10 -28.68 -63.42
CA ASN V 2 -80.91 -28.84 -62.22
C ASN V 2 -80.63 -30.19 -61.57
N GLU V 3 -81.26 -31.24 -62.10
CA GLU V 3 -81.04 -32.58 -61.57
C GLU V 3 -79.66 -33.12 -61.93
N ASN V 4 -79.02 -32.56 -62.97
CA ASN V 4 -77.60 -32.82 -63.17
C ASN V 4 -76.74 -31.99 -62.24
N LEU V 5 -77.25 -30.86 -61.76
CA LEU V 5 -76.48 -29.99 -60.88
C LEU V 5 -76.44 -30.55 -59.46
N PHE V 6 -77.57 -31.00 -58.94
CA PHE V 6 -77.65 -31.65 -57.64
C PHE V 6 -77.63 -33.16 -57.73
N ALA V 7 -76.89 -33.70 -58.70
CA ALA V 7 -76.77 -35.16 -58.79
C ALA V 7 -75.77 -35.72 -57.78
N SER V 8 -74.74 -34.94 -57.42
CA SER V 8 -73.72 -35.42 -56.51
C SER V 8 -74.15 -35.34 -55.05
N PHE V 9 -75.30 -34.76 -54.76
CA PHE V 9 -75.72 -34.52 -53.39
C PHE V 9 -76.83 -35.43 -52.92
N ILE V 10 -77.48 -36.17 -53.83
CA ILE V 10 -78.54 -37.09 -53.43
C ILE V 10 -77.92 -38.28 -52.73
N THR V 11 -78.55 -38.70 -51.61
CA THR V 11 -78.11 -39.79 -50.76
C THR V 11 -77.98 -41.10 -51.55
N PRO V 12 -76.77 -41.58 -51.78
CA PRO V 12 -76.60 -42.78 -52.61
C PRO V 12 -77.00 -44.02 -51.84
N MET V 13 -77.73 -44.91 -52.51
CA MET V 13 -78.18 -46.15 -51.90
C MET V 13 -78.04 -47.28 -52.91
N MET V 14 -77.94 -48.50 -52.40
CA MET V 14 -78.19 -49.66 -53.23
C MET V 14 -79.68 -49.95 -53.21
N PHE V 15 -80.06 -51.11 -53.75
CA PHE V 15 -81.40 -51.45 -54.23
C PHE V 15 -82.53 -51.07 -53.26
N GLY V 16 -82.29 -51.29 -51.98
CA GLY V 16 -83.09 -50.70 -50.93
C GLY V 16 -82.19 -50.39 -49.76
N LEU V 17 -80.88 -50.47 -50.00
CA LEU V 17 -79.99 -50.60 -48.86
C LEU V 17 -79.13 -49.36 -48.66
N PRO V 18 -78.80 -49.04 -47.40
CA PRO V 18 -78.00 -47.83 -47.13
C PRO V 18 -76.52 -47.96 -47.47
N LEU V 19 -76.16 -47.64 -48.72
CA LEU V 19 -74.75 -47.53 -49.06
C LEU V 19 -74.07 -46.36 -48.35
N VAL V 20 -74.82 -45.32 -47.99
CA VAL V 20 -74.22 -44.17 -47.32
C VAL V 20 -73.77 -44.52 -45.90
N THR V 21 -74.34 -45.57 -45.32
CA THR V 21 -73.77 -46.15 -44.10
C THR V 21 -72.35 -46.63 -44.34
N LEU V 22 -72.11 -47.29 -45.46
CA LEU V 22 -70.75 -47.74 -45.76
C LEU V 22 -69.86 -46.57 -46.12
N ILE V 23 -70.44 -45.49 -46.65
CA ILE V 23 -69.68 -44.28 -46.94
C ILE V 23 -69.17 -43.65 -45.65
N VAL V 24 -70.04 -43.46 -44.68
CA VAL V 24 -69.61 -42.85 -43.43
C VAL V 24 -68.80 -43.83 -42.57
N LEU V 25 -68.98 -45.14 -42.73
CA LEU V 25 -68.10 -46.09 -42.06
C LEU V 25 -66.75 -46.25 -42.75
N PHE V 26 -66.58 -45.73 -43.96
CA PHE V 26 -65.30 -45.89 -44.64
C PHE V 26 -64.08 -45.24 -43.97
N PRO V 27 -64.10 -44.01 -43.41
CA PRO V 27 -62.86 -43.47 -42.82
C PRO V 27 -62.39 -44.18 -41.55
N SER V 28 -63.16 -45.12 -41.00
CA SER V 28 -62.67 -45.94 -39.90
C SER V 28 -61.56 -46.86 -40.34
N LEU V 29 -61.51 -47.22 -41.62
CA LEU V 29 -60.38 -47.96 -42.16
C LEU V 29 -59.12 -47.09 -42.23
N LEU V 30 -59.28 -45.77 -42.27
CA LEU V 30 -58.14 -44.88 -42.41
C LEU V 30 -57.55 -44.44 -41.08
N PHE V 31 -57.96 -45.06 -39.98
CA PHE V 31 -57.38 -44.86 -38.66
C PHE V 31 -57.23 -46.21 -37.98
N PRO V 32 -56.18 -46.95 -38.27
CA PRO V 32 -55.97 -48.23 -37.59
C PRO V 32 -55.34 -48.03 -36.22
N THR V 33 -55.47 -49.06 -35.39
CA THR V 33 -54.91 -49.06 -34.05
C THR V 33 -53.89 -50.18 -33.92
N SER V 34 -52.97 -50.01 -32.96
CA SER V 34 -51.99 -51.04 -32.69
C SER V 34 -51.46 -50.86 -31.27
N ASN V 35 -51.20 -52.00 -30.63
CA ASN V 35 -50.61 -52.05 -29.30
C ASN V 35 -49.09 -52.16 -29.33
N ARG V 36 -48.47 -51.68 -30.39
CA ARG V 36 -47.03 -51.73 -30.54
C ARG V 36 -46.38 -50.51 -29.88
N LEU V 37 -45.06 -50.56 -29.73
CA LEU V 37 -44.32 -49.38 -29.32
C LEU V 37 -43.75 -48.64 -30.53
N VAL V 38 -42.87 -49.30 -31.28
CA VAL V 38 -42.51 -48.84 -32.61
C VAL V 38 -43.50 -49.46 -33.57
N ASN V 39 -43.77 -48.75 -34.66
CA ASN V 39 -44.80 -49.15 -35.60
C ASN V 39 -44.46 -48.53 -36.94
N ASN V 40 -45.44 -48.50 -37.84
CA ASN V 40 -45.20 -48.00 -39.18
C ASN V 40 -45.07 -46.48 -39.18
N ARG V 41 -45.02 -45.90 -40.38
CA ARG V 41 -45.13 -44.46 -40.48
C ARG V 41 -46.51 -43.98 -40.07
N LEU V 42 -47.54 -44.79 -40.32
CA LEU V 42 -48.92 -44.31 -40.32
C LEU V 42 -49.41 -44.04 -38.90
N ILE V 43 -49.44 -45.08 -38.05
CA ILE V 43 -49.97 -44.93 -36.70
C ILE V 43 -49.08 -44.02 -35.87
N SER V 44 -47.77 -43.99 -36.16
CA SER V 44 -46.88 -43.02 -35.51
C SER V 44 -47.23 -41.59 -35.90
N LEU V 45 -47.56 -41.34 -37.18
CA LEU V 45 -47.93 -39.99 -37.58
C LEU V 45 -49.27 -39.57 -36.99
N GLN V 46 -50.27 -40.46 -37.00
CA GLN V 46 -51.54 -40.09 -36.39
C GLN V 46 -51.41 -39.97 -34.87
N GLN V 47 -50.48 -40.69 -34.26
CA GLN V 47 -50.26 -40.55 -32.83
C GLN V 47 -49.65 -39.21 -32.49
N TRP V 48 -48.65 -38.78 -33.27
CA TRP V 48 -48.08 -37.45 -33.06
C TRP V 48 -49.08 -36.35 -33.33
N MET V 49 -49.87 -36.49 -34.41
CA MET V 49 -50.88 -35.49 -34.74
C MET V 49 -51.96 -35.43 -33.68
N LEU V 50 -52.32 -36.59 -33.12
CA LEU V 50 -53.33 -36.64 -32.08
C LEU V 50 -52.84 -35.98 -30.80
N GLN V 51 -51.58 -36.21 -30.45
CA GLN V 51 -50.99 -35.55 -29.28
C GLN V 51 -50.86 -34.04 -29.52
N LEU V 52 -50.55 -33.65 -30.76
CA LEU V 52 -50.42 -32.23 -31.09
C LEU V 52 -51.74 -31.50 -30.96
N VAL V 53 -52.79 -32.05 -31.56
CA VAL V 53 -54.11 -31.43 -31.51
C VAL V 53 -54.69 -31.50 -30.10
N SER V 54 -54.36 -32.56 -29.35
CA SER V 54 -54.84 -32.66 -27.98
C SER V 54 -54.16 -31.63 -27.09
N LYS V 55 -52.86 -31.43 -27.27
CA LYS V 55 -52.14 -30.45 -26.46
C LYS V 55 -52.48 -29.03 -26.89
N GLN V 56 -52.91 -28.83 -28.13
CA GLN V 56 -53.14 -27.47 -28.62
C GLN V 56 -54.44 -26.88 -28.06
N MET V 57 -55.58 -27.52 -28.33
CA MET V 57 -56.84 -26.89 -28.03
C MET V 57 -57.48 -27.36 -26.72
N MET V 58 -57.03 -28.47 -26.15
CA MET V 58 -57.64 -29.00 -24.93
C MET V 58 -56.85 -28.63 -23.68
N SER V 59 -55.84 -27.78 -23.81
CA SER V 59 -55.01 -27.39 -22.68
C SER V 59 -55.59 -26.23 -21.90
N ILE V 60 -56.89 -25.99 -22.00
CA ILE V 60 -57.54 -24.87 -21.34
C ILE V 60 -58.72 -25.28 -20.49
N HIS V 61 -58.99 -26.58 -20.35
CA HIS V 61 -60.19 -27.04 -19.66
C HIS V 61 -59.85 -27.56 -18.26
N ASN V 62 -60.91 -27.91 -17.53
CA ASN V 62 -60.78 -28.59 -16.24
C ASN V 62 -60.87 -30.10 -16.49
N THR V 63 -60.81 -30.90 -15.43
CA THR V 63 -60.98 -32.34 -15.58
C THR V 63 -62.41 -32.68 -15.98
N LYS V 64 -63.38 -31.89 -15.49
CA LYS V 64 -64.74 -31.98 -16.00
C LYS V 64 -64.82 -31.56 -17.46
N GLY V 65 -63.96 -30.64 -17.89
CA GLY V 65 -63.82 -30.39 -19.31
C GLY V 65 -63.00 -31.43 -20.04
N GLN V 66 -62.07 -32.09 -19.35
CA GLN V 66 -61.18 -33.02 -20.02
C GLN V 66 -61.71 -34.44 -20.06
N THR V 67 -62.88 -34.71 -19.48
CA THR V 67 -63.51 -36.00 -19.74
C THR V 67 -64.14 -36.03 -21.13
N TRP V 68 -64.32 -34.86 -21.74
CA TRP V 68 -64.88 -34.74 -23.07
C TRP V 68 -63.84 -34.97 -24.16
N ALA V 69 -62.57 -35.14 -23.78
CA ALA V 69 -61.46 -35.00 -24.71
C ALA V 69 -61.46 -36.08 -25.77
N LEU V 70 -61.90 -37.29 -25.41
CA LEU V 70 -61.91 -38.39 -26.37
C LEU V 70 -62.94 -38.13 -27.46
N MET V 71 -64.08 -37.56 -27.09
CA MET V 71 -65.13 -37.32 -28.09
C MET V 71 -64.77 -36.16 -29.00
N LEU V 72 -64.16 -35.10 -28.47
CA LEU V 72 -63.75 -34.00 -29.32
C LEU V 72 -62.60 -34.39 -30.25
N MET V 73 -61.69 -35.25 -29.80
CA MET V 73 -60.62 -35.65 -30.70
C MET V 73 -61.12 -36.63 -31.75
N SER V 74 -62.06 -37.51 -31.37
CA SER V 74 -62.81 -38.30 -32.33
C SER V 74 -63.49 -37.42 -33.38
N LEU V 75 -64.10 -36.33 -32.94
CA LEU V 75 -64.87 -35.49 -33.85
C LEU V 75 -63.96 -34.71 -34.80
N ILE V 76 -62.83 -34.21 -34.31
CA ILE V 76 -61.95 -33.46 -35.21
C ILE V 76 -61.28 -34.39 -36.21
N LEU V 77 -60.87 -35.60 -35.79
CA LEU V 77 -60.34 -36.55 -36.77
C LEU V 77 -61.39 -37.00 -37.75
N PHE V 78 -62.65 -37.11 -37.30
CA PHE V 78 -63.70 -37.58 -38.19
C PHE V 78 -64.08 -36.54 -39.21
N ILE V 79 -64.28 -35.29 -38.79
CA ILE V 79 -64.71 -34.27 -39.72
C ILE V 79 -63.56 -33.87 -40.65
N GLY V 80 -62.33 -33.87 -40.14
CA GLY V 80 -61.19 -33.67 -41.01
C GLY V 80 -61.03 -34.79 -42.03
N SER V 81 -61.19 -36.04 -41.60
CA SER V 81 -61.07 -37.16 -42.51
C SER V 81 -62.21 -37.17 -43.53
N THR V 82 -63.41 -36.79 -43.12
CA THR V 82 -64.55 -36.80 -44.02
C THR V 82 -64.47 -35.67 -45.04
N ASN V 83 -64.08 -34.47 -44.61
CA ASN V 83 -63.95 -33.36 -45.54
C ASN V 83 -62.77 -33.56 -46.49
N LEU V 84 -61.66 -34.14 -46.02
CA LEU V 84 -60.59 -34.42 -46.95
C LEU V 84 -60.87 -35.67 -47.78
N LEU V 85 -61.83 -36.49 -47.36
CA LEU V 85 -62.24 -37.63 -48.16
C LEU V 85 -63.21 -37.21 -49.26
N GLY V 86 -64.01 -36.19 -48.99
CA GLY V 86 -65.01 -35.79 -49.94
C GLY V 86 -64.50 -35.04 -51.14
N LEU V 87 -63.33 -34.43 -51.03
CA LEU V 87 -62.73 -33.71 -52.15
C LEU V 87 -62.15 -34.64 -53.20
N LEU V 88 -62.17 -35.95 -52.94
CA LEU V 88 -61.98 -36.94 -53.98
C LEU V 88 -62.99 -36.74 -55.11
N PRO V 89 -62.62 -37.06 -56.38
CA PRO V 89 -63.38 -36.59 -57.55
C PRO V 89 -64.85 -36.97 -57.62
N HIS V 90 -65.14 -38.26 -57.66
CA HIS V 90 -66.50 -38.74 -57.66
C HIS V 90 -66.73 -39.40 -56.32
N SER V 91 -67.29 -38.65 -55.38
CA SER V 91 -67.63 -39.22 -54.08
C SER V 91 -68.76 -38.43 -53.48
N PHE V 92 -69.35 -38.99 -52.44
CA PHE V 92 -70.42 -38.35 -51.70
C PHE V 92 -69.91 -38.03 -50.31
N THR V 93 -69.78 -36.75 -50.02
CA THR V 93 -69.57 -36.34 -48.64
C THR V 93 -70.84 -36.64 -47.87
N PRO V 94 -70.77 -37.41 -46.78
CA PRO V 94 -71.93 -37.49 -45.88
C PRO V 94 -72.14 -36.21 -45.11
N THR V 95 -71.12 -35.37 -45.00
CA THR V 95 -71.16 -34.16 -44.20
C THR V 95 -71.71 -32.95 -44.93
N THR V 96 -72.33 -33.14 -46.11
CA THR V 96 -73.12 -32.07 -46.68
C THR V 96 -74.62 -32.28 -46.54
N GLN V 97 -75.06 -33.45 -46.12
CA GLN V 97 -76.44 -33.60 -45.67
C GLN V 97 -76.64 -32.79 -44.39
N LEU V 98 -77.71 -32.00 -44.35
CA LEU V 98 -77.92 -31.10 -43.22
C LEU V 98 -78.29 -31.85 -41.96
N SER V 99 -78.85 -33.05 -42.10
CA SER V 99 -79.30 -33.82 -40.94
C SER V 99 -78.11 -34.32 -40.13
N MET V 100 -77.01 -34.65 -40.79
CA MET V 100 -75.86 -35.23 -40.10
C MET V 100 -75.16 -34.20 -39.23
N ASN V 101 -74.94 -33.00 -39.76
CA ASN V 101 -74.35 -31.96 -38.94
C ASN V 101 -75.36 -31.38 -37.97
N LEU V 102 -76.66 -31.48 -38.26
CA LEU V 102 -77.68 -31.13 -37.28
C LEU V 102 -77.61 -32.05 -36.07
N GLY V 103 -77.43 -33.35 -36.31
CA GLY V 103 -77.25 -34.34 -35.27
C GLY V 103 -75.88 -34.39 -34.67
N MET V 104 -74.91 -33.71 -35.28
CA MET V 104 -73.68 -33.42 -34.56
C MET V 104 -73.81 -32.22 -33.67
N ALA V 105 -74.55 -31.22 -34.11
CA ALA V 105 -74.56 -29.95 -33.41
C ALA V 105 -75.49 -29.94 -32.21
N ILE V 106 -76.71 -30.44 -32.36
CA ILE V 106 -77.70 -30.32 -31.28
C ILE V 106 -77.36 -31.16 -30.04
N PRO V 107 -77.04 -32.46 -30.10
CA PRO V 107 -76.74 -33.15 -28.84
C PRO V 107 -75.45 -32.72 -28.17
N LEU V 108 -74.44 -32.28 -28.92
CA LEU V 108 -73.22 -31.81 -28.26
C LEU V 108 -73.41 -30.44 -27.62
N TRP V 109 -74.11 -29.54 -28.31
CA TRP V 109 -74.47 -28.25 -27.72
C TRP V 109 -75.38 -28.42 -26.51
N GLY V 110 -76.37 -29.30 -26.62
CA GLY V 110 -77.24 -29.58 -25.51
C GLY V 110 -76.52 -30.24 -24.35
N GLY V 111 -75.54 -31.09 -24.64
CA GLY V 111 -74.74 -31.69 -23.58
C GLY V 111 -73.89 -30.67 -22.86
N ALA V 112 -73.30 -29.74 -23.60
CA ALA V 112 -72.54 -28.66 -22.97
C ALA V 112 -73.43 -27.77 -22.11
N VAL V 113 -74.59 -27.39 -22.64
CA VAL V 113 -75.47 -26.44 -21.96
C VAL V 113 -76.06 -27.06 -20.69
N ILE V 114 -76.54 -28.31 -20.78
CA ILE V 114 -77.15 -28.89 -19.59
C ILE V 114 -76.11 -29.53 -18.67
N THR V 115 -74.86 -29.70 -19.12
CA THR V 115 -73.75 -29.86 -18.19
C THR V 115 -73.59 -28.61 -17.33
N GLY V 116 -73.61 -27.45 -17.98
CA GLY V 116 -73.51 -26.19 -17.26
C GLY V 116 -74.68 -25.97 -16.31
N PHE V 117 -75.88 -26.31 -16.75
CA PHE V 117 -77.04 -26.29 -15.85
C PHE V 117 -76.96 -27.35 -14.76
N ARG V 118 -76.23 -28.45 -14.98
CA ARG V 118 -76.20 -29.50 -13.99
C ARG V 118 -75.22 -29.19 -12.87
N ASN V 119 -74.03 -28.71 -13.21
CA ASN V 119 -73.06 -28.45 -12.14
C ASN V 119 -73.21 -27.05 -11.56
N LYS V 120 -72.90 -26.03 -12.36
CA LYS V 120 -72.97 -24.64 -11.91
C LYS V 120 -74.22 -23.99 -12.48
N THR V 121 -75.36 -24.30 -11.88
CA THR V 121 -76.62 -23.70 -12.32
C THR V 121 -76.64 -22.21 -12.04
N LYS V 122 -76.06 -21.81 -10.90
CA LYS V 122 -75.90 -20.41 -10.56
C LYS V 122 -75.01 -19.68 -11.56
N ALA V 123 -73.91 -20.31 -12.00
CA ALA V 123 -73.00 -19.64 -12.91
C ALA V 123 -73.52 -19.67 -14.35
N SER V 124 -73.96 -20.84 -14.82
CA SER V 124 -74.43 -20.97 -16.19
C SER V 124 -75.78 -20.29 -16.42
N LEU V 125 -76.53 -20.01 -15.36
CA LEU V 125 -77.69 -19.14 -15.48
C LEU V 125 -77.29 -17.67 -15.51
N ALA V 126 -76.08 -17.35 -15.07
CA ALA V 126 -75.60 -15.98 -15.02
C ALA V 126 -74.75 -15.60 -16.22
N HIS V 127 -74.45 -16.55 -17.10
CA HIS V 127 -73.70 -16.26 -18.32
C HIS V 127 -74.52 -15.59 -19.39
N PHE V 128 -75.81 -15.36 -19.16
CA PHE V 128 -76.63 -14.69 -20.15
C PHE V 128 -76.53 -13.18 -20.08
N LEU V 129 -75.76 -12.63 -19.13
CA LEU V 129 -75.41 -11.23 -19.25
C LEU V 129 -74.00 -11.10 -18.72
N PRO V 130 -73.10 -10.50 -19.48
CA PRO V 130 -71.75 -10.25 -18.98
C PRO V 130 -71.74 -9.11 -17.95
N GLN V 131 -70.71 -9.12 -17.12
CA GLN V 131 -70.64 -8.17 -16.03
C GLN V 131 -70.28 -6.77 -16.53
N GLY V 132 -70.67 -5.76 -15.76
CA GLY V 132 -70.38 -4.40 -16.14
C GLY V 132 -71.36 -3.77 -17.10
N THR V 133 -72.36 -4.52 -17.56
CA THR V 133 -73.42 -3.95 -18.37
C THR V 133 -74.29 -3.05 -17.49
N PRO V 134 -74.56 -1.83 -17.90
CA PRO V 134 -75.39 -0.93 -17.07
C PRO V 134 -76.84 -1.39 -17.04
N THR V 135 -77.56 -0.86 -16.05
CA THR V 135 -78.91 -1.32 -15.75
C THR V 135 -79.96 -1.08 -16.86
N PRO V 136 -80.04 0.06 -17.56
CA PRO V 136 -81.05 0.15 -18.63
C PRO V 136 -80.75 -0.68 -19.86
N LEU V 137 -79.58 -1.30 -19.95
CA LEU V 137 -79.21 -2.17 -21.06
C LEU V 137 -79.45 -3.64 -20.77
N ILE V 138 -79.75 -3.98 -19.51
CA ILE V 138 -79.91 -5.35 -19.03
C ILE V 138 -81.02 -6.15 -19.72
N PRO V 139 -82.28 -5.68 -19.87
CA PRO V 139 -83.30 -6.57 -20.45
C PRO V 139 -83.07 -6.89 -21.92
N MET V 140 -82.81 -5.87 -22.74
CA MET V 140 -82.51 -6.10 -24.16
C MET V 140 -81.22 -6.89 -24.33
N LEU V 141 -80.24 -6.66 -23.45
CA LEU V 141 -78.98 -7.38 -23.53
C LEU V 141 -79.15 -8.86 -23.18
N VAL V 142 -79.92 -9.18 -22.14
CA VAL V 142 -80.09 -10.59 -21.79
C VAL V 142 -81.02 -11.28 -22.79
N ILE V 143 -81.94 -10.52 -23.41
CA ILE V 143 -82.75 -11.10 -24.47
C ILE V 143 -81.90 -11.45 -25.69
N ILE V 144 -81.05 -10.52 -26.14
CA ILE V 144 -80.24 -10.78 -27.34
C ILE V 144 -79.19 -11.85 -27.05
N GLU V 145 -78.70 -11.93 -25.81
CA GLU V 145 -77.75 -12.98 -25.49
C GLU V 145 -78.43 -14.35 -25.45
N THR V 146 -79.65 -14.41 -24.91
CA THR V 146 -80.36 -15.69 -24.83
C THR V 146 -80.78 -16.19 -26.22
N ILE V 147 -81.28 -15.29 -27.06
CA ILE V 147 -81.76 -15.74 -28.36
C ILE V 147 -80.64 -15.65 -29.38
N SER V 148 -79.42 -15.36 -28.92
CA SER V 148 -78.23 -15.72 -29.67
C SER V 148 -77.65 -17.05 -29.24
N LEU V 149 -77.84 -17.43 -27.97
CA LEU V 149 -77.41 -18.73 -27.52
C LEU V 149 -78.32 -19.83 -28.03
N PHE V 150 -79.58 -19.52 -28.32
CA PHE V 150 -80.49 -20.54 -28.83
C PHE V 150 -80.26 -20.88 -30.29
N ILE V 151 -79.50 -20.09 -31.04
CA ILE V 151 -79.25 -20.38 -32.45
C ILE V 151 -77.86 -20.95 -32.69
N GLN V 152 -77.18 -21.39 -31.62
CA GLN V 152 -75.80 -21.83 -31.78
C GLN V 152 -75.64 -23.16 -32.53
N PRO V 153 -76.37 -24.26 -32.20
CA PRO V 153 -76.19 -25.46 -33.02
C PRO V 153 -76.75 -25.33 -34.42
N VAL V 154 -77.80 -24.51 -34.59
CA VAL V 154 -78.28 -24.15 -35.93
C VAL V 154 -77.17 -23.47 -36.72
N ALA V 155 -76.45 -22.54 -36.08
CA ALA V 155 -75.35 -21.85 -36.74
C ALA V 155 -74.22 -22.79 -37.10
N LEU V 156 -73.92 -23.75 -36.22
CA LEU V 156 -72.84 -24.70 -36.50
C LEU V 156 -73.18 -25.63 -37.66
N ALA V 157 -74.38 -26.23 -37.62
CA ALA V 157 -74.78 -27.16 -38.67
C ALA V 157 -74.91 -26.46 -40.02
N VAL V 158 -75.53 -25.28 -40.03
CA VAL V 158 -75.71 -24.58 -41.29
C VAL V 158 -74.38 -24.03 -41.80
N ARG V 159 -73.45 -23.65 -40.92
CA ARG V 159 -72.18 -23.14 -41.41
C ARG V 159 -71.34 -24.26 -42.02
N LEU V 160 -71.40 -25.46 -41.44
CA LEU V 160 -70.61 -26.54 -42.01
C LEU V 160 -71.20 -27.05 -43.32
N THR V 161 -72.53 -27.22 -43.37
CA THR V 161 -73.17 -27.65 -44.60
C THR V 161 -73.02 -26.61 -45.71
N ALA V 162 -73.16 -25.33 -45.37
CA ALA V 162 -73.09 -24.29 -46.38
C ALA V 162 -71.68 -24.17 -46.94
N ASN V 163 -70.67 -24.17 -46.06
CA ASN V 163 -69.29 -24.02 -46.52
C ASN V 163 -68.86 -25.21 -47.36
N ILE V 164 -69.10 -26.44 -46.90
CA ILE V 164 -68.63 -27.58 -47.67
C ILE V 164 -69.46 -27.78 -48.95
N THR V 165 -70.76 -27.52 -48.87
CA THR V 165 -71.64 -27.71 -50.03
C THR V 165 -71.31 -26.72 -51.14
N ALA V 166 -71.16 -25.44 -50.78
CA ALA V 166 -70.83 -24.46 -51.79
C ALA V 166 -69.40 -24.59 -52.28
N GLY V 167 -68.51 -25.16 -51.47
CA GLY V 167 -67.18 -25.46 -51.96
C GLY V 167 -67.20 -26.51 -53.05
N HIS V 168 -67.87 -27.63 -52.80
CA HIS V 168 -68.02 -28.66 -53.83
C HIS V 168 -68.78 -28.15 -55.05
N LEU V 169 -69.74 -27.27 -54.83
CA LEU V 169 -70.55 -26.80 -55.95
C LEU V 169 -69.79 -25.78 -56.79
N LEU V 170 -68.94 -24.96 -56.15
CA LEU V 170 -68.07 -24.07 -56.90
C LEU V 170 -67.04 -24.84 -57.70
N ILE V 171 -66.50 -25.93 -57.14
CA ILE V 171 -65.60 -26.79 -57.91
C ILE V 171 -66.33 -27.40 -59.10
N HIS V 172 -67.58 -27.82 -58.90
CA HIS V 172 -68.37 -28.41 -59.97
C HIS V 172 -68.67 -27.41 -61.08
N LEU V 173 -69.00 -26.17 -60.71
CA LEU V 173 -69.34 -25.19 -61.73
C LEU V 173 -68.12 -24.68 -62.47
N ILE V 174 -66.99 -24.55 -61.77
CA ILE V 174 -65.77 -24.15 -62.47
C ILE V 174 -65.27 -25.30 -63.36
N GLY V 175 -65.54 -26.55 -62.98
CA GLY V 175 -65.28 -27.66 -63.89
C GLY V 175 -66.17 -27.62 -65.12
N GLY V 176 -67.45 -27.24 -64.94
CA GLY V 176 -68.34 -27.07 -66.07
C GLY V 176 -67.88 -25.95 -67.00
N ALA V 177 -67.42 -24.84 -66.42
CA ALA V 177 -66.89 -23.75 -67.21
C ALA V 177 -65.60 -24.14 -67.91
N THR V 178 -64.77 -24.98 -67.27
CA THR V 178 -63.56 -25.49 -67.89
C THR V 178 -63.88 -26.33 -69.11
N LEU V 179 -64.86 -27.22 -68.98
CA LEU V 179 -65.23 -28.09 -70.10
C LEU V 179 -65.86 -27.30 -71.24
N ALA V 180 -66.73 -26.34 -70.92
CA ALA V 180 -67.36 -25.53 -71.95
C ALA V 180 -66.36 -24.62 -72.66
N LEU V 181 -65.43 -24.02 -71.91
CA LEU V 181 -64.44 -23.16 -72.54
C LEU V 181 -63.42 -23.97 -73.34
N MET V 182 -63.11 -25.19 -72.91
CA MET V 182 -62.22 -26.04 -73.71
C MET V 182 -62.92 -26.48 -74.99
N SER V 183 -64.26 -26.57 -74.95
CA SER V 183 -65.01 -26.65 -76.20
C SER V 183 -64.91 -25.34 -77.01
N ILE V 184 -64.80 -24.20 -76.34
CA ILE V 184 -64.82 -22.92 -77.06
C ILE V 184 -63.41 -22.40 -77.34
N ASN V 185 -62.64 -22.10 -76.30
CA ASN V 185 -61.35 -21.41 -76.47
C ASN V 185 -60.38 -21.88 -75.40
N THR V 186 -59.22 -22.37 -75.84
CA THR V 186 -58.26 -23.01 -74.93
C THR V 186 -57.59 -22.02 -73.99
N THR V 187 -57.53 -20.74 -74.36
CA THR V 187 -56.82 -19.76 -73.55
C THR V 187 -57.56 -19.49 -72.23
N THR V 188 -58.82 -19.07 -72.34
CA THR V 188 -59.63 -18.81 -71.15
C THR V 188 -59.96 -20.11 -70.42
N ALA V 189 -59.98 -21.24 -71.14
CA ALA V 189 -60.12 -22.54 -70.50
C ALA V 189 -58.91 -22.85 -69.61
N LEU V 190 -57.71 -22.52 -70.09
CA LEU V 190 -56.51 -22.74 -69.29
C LEU V 190 -56.49 -21.79 -68.09
N ILE V 191 -56.98 -20.57 -68.28
CA ILE V 191 -57.10 -19.63 -67.16
C ILE V 191 -58.08 -20.16 -66.11
N THR V 192 -59.21 -20.70 -66.56
CA THR V 192 -60.20 -21.23 -65.63
C THR V 192 -59.71 -22.51 -64.95
N PHE V 193 -58.88 -23.29 -65.64
CA PHE V 193 -58.29 -24.47 -65.02
C PHE V 193 -57.28 -24.08 -63.93
N ILE V 194 -56.52 -23.00 -64.15
CA ILE V 194 -55.65 -22.49 -63.10
C ILE V 194 -56.47 -21.98 -61.92
N ILE V 195 -57.62 -21.34 -62.20
CA ILE V 195 -58.53 -20.92 -61.13
C ILE V 195 -59.07 -22.14 -60.39
N LEU V 196 -59.29 -23.24 -61.10
CA LEU V 196 -59.83 -24.44 -60.46
C LEU V 196 -58.78 -25.13 -59.59
N ILE V 197 -57.51 -25.13 -60.02
CA ILE V 197 -56.50 -25.80 -59.19
C ILE V 197 -56.18 -24.96 -57.96
N LEU V 198 -56.15 -23.63 -58.11
CA LEU V 198 -56.04 -22.76 -56.95
C LEU V 198 -57.25 -22.93 -56.03
N LEU V 199 -58.42 -23.13 -56.61
CA LEU V 199 -59.63 -23.26 -55.82
C LEU V 199 -59.64 -24.61 -55.09
N THR V 200 -59.09 -25.66 -55.68
CA THR V 200 -59.12 -26.92 -54.96
C THR V 200 -58.05 -27.00 -53.89
N VAL V 201 -56.94 -26.27 -54.05
CA VAL V 201 -56.02 -26.07 -52.92
C VAL V 201 -56.73 -25.37 -51.78
N LEU V 202 -57.48 -24.30 -52.12
CA LEU V 202 -58.23 -23.56 -51.12
C LEU V 202 -59.35 -24.41 -50.53
N GLU V 203 -59.84 -25.42 -51.25
CA GLU V 203 -60.88 -26.25 -50.68
C GLU V 203 -60.35 -27.34 -49.78
N PHE V 204 -59.14 -27.88 -50.04
CA PHE V 204 -58.50 -28.71 -49.02
C PHE V 204 -58.24 -27.90 -47.75
N ALA V 205 -57.83 -26.64 -47.93
CA ALA V 205 -57.72 -25.70 -46.81
C ALA V 205 -59.04 -25.59 -46.07
N VAL V 206 -60.11 -25.13 -46.75
CA VAL V 206 -61.44 -24.91 -46.18
C VAL V 206 -62.00 -26.17 -45.52
N ALA V 207 -61.66 -27.35 -46.06
CA ALA V 207 -61.98 -28.61 -45.41
C ALA V 207 -61.39 -28.70 -44.00
N MET V 208 -60.05 -28.59 -43.90
CA MET V 208 -59.43 -28.69 -42.57
C MET V 208 -59.81 -27.53 -41.66
N ILE V 209 -60.02 -26.35 -42.25
CA ILE V 209 -60.36 -25.16 -41.49
C ILE V 209 -61.74 -25.28 -40.86
N GLN V 210 -62.74 -25.74 -41.64
CA GLN V 210 -64.08 -25.90 -41.10
C GLN V 210 -64.16 -27.02 -40.07
N ALA V 211 -63.37 -28.08 -40.25
CA ALA V 211 -63.30 -29.11 -39.21
C ALA V 211 -62.74 -28.54 -37.91
N TYR V 212 -61.63 -27.80 -38.00
CA TYR V 212 -61.03 -27.18 -36.81
C TYR V 212 -61.97 -26.18 -36.17
N VAL V 213 -62.75 -25.45 -36.97
CA VAL V 213 -63.63 -24.42 -36.45
C VAL V 213 -64.82 -25.04 -35.73
N PHE V 214 -65.38 -26.11 -36.29
CA PHE V 214 -66.47 -26.79 -35.59
C PHE V 214 -65.99 -27.39 -34.28
N THR V 215 -64.78 -27.96 -34.27
CA THR V 215 -64.27 -28.53 -33.02
C THR V 215 -63.95 -27.44 -32.00
N LEU V 216 -63.46 -26.29 -32.46
CA LEU V 216 -63.16 -25.22 -31.51
C LEU V 216 -64.43 -24.59 -30.96
N LEU V 217 -65.50 -24.54 -31.76
CA LEU V 217 -66.75 -23.99 -31.25
C LEU V 217 -67.41 -24.93 -30.26
N VAL V 218 -67.30 -26.25 -30.48
CA VAL V 218 -67.76 -27.21 -29.48
C VAL V 218 -66.94 -27.09 -28.21
N SER V 219 -65.61 -26.91 -28.34
CA SER V 219 -64.74 -26.74 -27.19
C SER V 219 -65.08 -25.47 -26.40
N LEU V 220 -65.43 -24.40 -27.10
CA LEU V 220 -65.74 -23.16 -26.42
C LEU V 220 -67.11 -23.22 -25.76
N TYR V 221 -68.06 -23.93 -26.38
CA TYR V 221 -69.36 -24.12 -25.74
C TYR V 221 -69.25 -25.04 -24.54
N LEU V 222 -68.25 -25.92 -24.53
CA LEU V 222 -67.99 -26.72 -23.34
C LEU V 222 -67.38 -25.88 -22.23
N HIS V 223 -66.27 -25.19 -22.53
CA HIS V 223 -65.52 -24.48 -21.50
C HIS V 223 -66.27 -23.24 -21.01
N ASP V 224 -67.24 -22.75 -21.78
CA ASP V 224 -68.02 -21.59 -21.36
C ASP V 224 -68.84 -21.91 -20.10
N ASN V 225 -69.24 -23.17 -19.94
CA ASN V 225 -69.94 -23.61 -18.73
C ASN V 225 -69.39 -24.95 -18.26
N THR V 226 -68.07 -25.06 -18.19
CA THR V 226 -67.42 -26.31 -17.79
C THR V 226 -67.61 -26.66 -16.32
N PHE W 10 -67.64 -3.91 -5.03
CA PHE W 10 -68.88 -4.18 -5.76
C PHE W 10 -69.98 -4.63 -4.79
N HIS W 11 -69.77 -4.37 -3.51
CA HIS W 11 -70.71 -4.70 -2.45
C HIS W 11 -71.41 -3.42 -2.02
N PHE W 12 -72.67 -3.25 -2.43
CA PHE W 12 -73.43 -2.05 -2.07
C PHE W 12 -74.92 -2.36 -2.18
N THR W 13 -75.74 -1.37 -1.85
CA THR W 13 -77.19 -1.52 -1.85
C THR W 13 -77.92 -0.31 -2.44
N GLY W 14 -77.24 0.49 -3.27
CA GLY W 14 -77.90 1.55 -4.02
C GLY W 14 -78.89 0.97 -5.02
N ILE W 15 -78.38 0.23 -6.00
CA ILE W 15 -79.22 -0.75 -6.68
C ILE W 15 -79.32 -1.98 -5.78
N LYS W 16 -80.30 -2.84 -6.07
CA LYS W 16 -80.58 -3.97 -5.20
C LYS W 16 -79.43 -4.97 -5.21
N LYS W 17 -79.22 -5.59 -4.03
CA LYS W 17 -78.09 -6.48 -3.83
C LYS W 17 -78.20 -7.74 -4.68
N TYR W 18 -79.42 -8.15 -4.99
CA TYR W 18 -79.67 -9.34 -5.79
C TYR W 18 -80.35 -8.98 -7.10
N PHE W 19 -80.05 -7.77 -7.60
CA PHE W 19 -80.39 -7.41 -8.97
C PHE W 19 -79.28 -6.60 -9.65
N ASN W 20 -78.04 -6.70 -9.18
CA ASN W 20 -76.97 -5.94 -9.82
C ASN W 20 -76.46 -6.70 -11.05
N SER W 21 -75.41 -6.16 -11.67
CA SER W 21 -74.85 -6.75 -12.88
C SER W 21 -73.38 -7.10 -12.72
N TYR W 22 -72.93 -7.43 -11.50
CA TYR W 22 -71.53 -7.77 -11.28
C TYR W 22 -71.35 -9.16 -10.66
N THR W 23 -71.98 -9.43 -9.51
CA THR W 23 -71.78 -10.71 -8.87
C THR W 23 -72.75 -11.74 -9.43
N LEU W 24 -72.42 -13.03 -9.21
CA LEU W 24 -73.18 -14.10 -9.84
C LEU W 24 -74.57 -14.25 -9.27
N THR W 25 -74.77 -13.88 -8.00
CA THR W 25 -76.09 -13.98 -7.40
C THR W 25 -77.04 -12.93 -7.96
N GLY W 26 -76.58 -11.68 -8.04
CA GLY W 26 -77.43 -10.62 -8.56
C GLY W 26 -77.68 -10.75 -10.05
N ARG W 27 -76.65 -11.16 -10.81
CA ARG W 27 -76.83 -11.43 -12.24
C ARG W 27 -77.78 -12.60 -12.47
N MET W 28 -77.64 -13.67 -11.67
CA MET W 28 -78.54 -14.82 -11.72
C MET W 28 -79.98 -14.42 -11.48
N ASN W 29 -80.23 -13.72 -10.37
CA ASN W 29 -81.61 -13.38 -10.02
C ASN W 29 -82.16 -12.28 -10.92
N CYS W 30 -81.29 -11.48 -11.55
CA CYS W 30 -81.79 -10.50 -12.51
C CYS W 30 -82.17 -11.16 -13.82
N VAL W 31 -81.41 -12.17 -14.25
CA VAL W 31 -81.80 -12.94 -15.43
C VAL W 31 -83.09 -13.71 -15.17
N LEU W 32 -83.24 -14.25 -13.96
CA LEU W 32 -84.50 -14.88 -13.57
C LEU W 32 -85.65 -13.89 -13.53
N ALA W 33 -85.39 -12.65 -13.08
CA ALA W 33 -86.43 -11.64 -13.05
C ALA W 33 -86.84 -11.23 -14.46
N THR W 34 -85.88 -11.16 -15.39
CA THR W 34 -86.24 -10.80 -16.76
C THR W 34 -86.97 -11.94 -17.46
N TYR W 35 -86.57 -13.19 -17.18
CA TYR W 35 -87.32 -14.35 -17.67
C TYR W 35 -88.76 -14.35 -17.14
N GLY W 36 -88.92 -14.12 -15.84
CA GLY W 36 -90.26 -14.06 -15.28
C GLY W 36 -91.07 -12.88 -15.77
N SER W 37 -90.40 -11.76 -16.08
CA SER W 37 -91.12 -10.60 -16.58
C SER W 37 -91.59 -10.82 -18.01
N ILE W 38 -90.76 -11.47 -18.84
CA ILE W 38 -91.20 -11.78 -20.20
C ILE W 38 -92.29 -12.84 -20.18
N ALA W 39 -92.22 -13.78 -19.22
CA ALA W 39 -93.30 -14.74 -19.05
C ALA W 39 -94.60 -14.06 -18.63
N LEU W 40 -94.50 -13.06 -17.75
CA LEU W 40 -95.69 -12.33 -17.32
C LEU W 40 -96.25 -11.47 -18.46
N ILE W 41 -95.39 -10.92 -19.32
CA ILE W 41 -95.88 -10.11 -20.42
C ILE W 41 -96.53 -10.97 -21.50
N VAL W 42 -95.98 -12.17 -21.77
CA VAL W 42 -96.64 -13.03 -22.74
C VAL W 42 -97.91 -13.67 -22.15
N LEU W 43 -97.98 -13.84 -20.82
CA LEU W 43 -99.23 -14.28 -20.22
C LEU W 43 -100.27 -13.17 -20.23
N TYR W 44 -99.82 -11.92 -20.10
CA TYR W 44 -100.68 -10.76 -20.28
C TYR W 44 -101.21 -10.68 -21.71
N PHE W 45 -100.37 -11.03 -22.68
CA PHE W 45 -100.78 -11.08 -24.08
C PHE W 45 -101.78 -12.20 -24.30
N LYS W 46 -101.62 -13.32 -23.59
CA LYS W 46 -102.56 -14.41 -23.72
C LYS W 46 -103.87 -14.11 -22.99
N LEU W 47 -103.81 -13.28 -21.96
CA LEU W 47 -104.98 -13.06 -21.11
C LEU W 47 -105.89 -11.96 -21.64
N ARG W 48 -105.35 -10.75 -21.80
CA ARG W 48 -106.18 -9.60 -22.12
C ARG W 48 -106.56 -9.54 -23.60
N SER W 49 -106.01 -10.42 -24.43
CA SER W 49 -106.36 -10.46 -25.84
C SER W 49 -107.02 -11.79 -26.21
N MET X 1 -71.32 -63.76 -30.08
CA MET X 1 -71.31 -62.50 -30.83
C MET X 1 -71.69 -61.34 -29.93
N LEU X 2 -72.78 -61.51 -29.17
CA LEU X 2 -73.20 -60.47 -28.23
C LEU X 2 -72.24 -60.37 -27.05
N GLN X 3 -71.67 -61.50 -26.63
CA GLN X 3 -70.68 -61.46 -25.57
C GLN X 3 -69.40 -60.80 -26.04
N SER X 4 -69.02 -61.01 -27.31
CA SER X 4 -67.89 -60.29 -27.88
C SER X 4 -68.20 -58.81 -28.03
N LEU X 5 -69.45 -58.47 -28.33
CA LEU X 5 -69.88 -57.08 -28.38
C LEU X 5 -69.75 -56.41 -27.03
N ILE X 6 -70.10 -57.12 -25.96
CA ILE X 6 -69.90 -56.59 -24.62
C ILE X 6 -68.42 -56.46 -24.30
N LYS X 7 -67.65 -57.50 -24.58
CA LYS X 7 -66.24 -57.57 -24.22
C LYS X 7 -65.33 -56.75 -25.13
N LYS X 8 -65.87 -56.11 -26.16
CA LYS X 8 -65.10 -55.17 -26.95
C LYS X 8 -65.67 -53.76 -26.96
N VAL X 9 -66.98 -53.60 -26.82
CA VAL X 9 -67.60 -52.28 -26.81
C VAL X 9 -67.85 -51.79 -25.39
N TRP X 10 -68.63 -52.53 -24.61
CA TRP X 10 -69.12 -51.98 -23.35
C TRP X 10 -68.03 -51.94 -22.29
N ILE X 11 -67.02 -52.82 -22.38
CA ILE X 11 -65.94 -52.83 -21.40
C ILE X 11 -65.06 -51.58 -21.51
N PRO X 12 -64.60 -51.12 -22.70
CA PRO X 12 -63.91 -49.82 -22.70
C PRO X 12 -64.83 -48.64 -22.49
N MET X 13 -66.06 -48.69 -22.99
CA MET X 13 -66.93 -47.52 -23.00
C MET X 13 -67.76 -47.39 -21.74
N LYS X 14 -67.42 -48.13 -20.69
CA LYS X 14 -68.28 -48.12 -19.49
C LYS X 14 -68.23 -46.80 -18.72
N PRO X 15 -67.08 -46.20 -18.36
CA PRO X 15 -67.15 -44.90 -17.69
C PRO X 15 -67.50 -43.75 -18.62
N TYR X 16 -67.35 -43.94 -19.94
CA TYR X 16 -67.77 -42.94 -20.89
C TYR X 16 -69.27 -42.86 -21.01
N TYR X 17 -69.93 -44.00 -21.17
CA TYR X 17 -71.37 -44.04 -21.36
C TYR X 17 -72.14 -44.20 -20.07
N THR X 18 -71.45 -44.38 -18.94
CA THR X 18 -72.11 -44.60 -17.66
C THR X 18 -72.16 -43.34 -16.82
N GLN X 19 -71.00 -42.80 -16.45
CA GLN X 19 -70.96 -41.61 -15.63
C GLN X 19 -70.89 -40.34 -16.47
N ALA X 20 -70.00 -40.32 -17.46
CA ALA X 20 -69.95 -39.19 -18.37
C ALA X 20 -71.07 -39.32 -19.40
N TYR X 21 -71.20 -38.27 -20.21
CA TYR X 21 -71.97 -38.22 -21.45
C TYR X 21 -73.48 -38.34 -21.25
N GLN X 22 -73.95 -38.36 -20.01
CA GLN X 22 -75.40 -38.43 -19.76
C GLN X 22 -76.09 -37.18 -20.26
N GLU X 23 -75.39 -36.05 -20.18
CA GLU X 23 -75.88 -34.81 -20.78
C GLU X 23 -76.00 -34.94 -22.29
N ILE X 24 -75.06 -35.66 -22.92
CA ILE X 24 -75.14 -35.90 -24.35
C ILE X 24 -76.31 -36.82 -24.68
N TRP X 25 -76.64 -37.76 -23.79
CA TRP X 25 -77.81 -38.60 -24.06
C TRP X 25 -79.11 -37.81 -23.93
N VAL X 26 -79.17 -36.87 -22.98
CA VAL X 26 -80.37 -36.06 -22.85
C VAL X 26 -80.51 -35.13 -24.05
N GLY X 27 -79.39 -34.55 -24.50
CA GLY X 27 -79.42 -33.79 -25.74
C GLY X 27 -79.71 -34.64 -26.96
N THR X 28 -79.35 -35.93 -26.91
CA THR X 28 -79.66 -36.86 -27.99
C THR X 28 -81.16 -37.09 -28.08
N GLY X 29 -81.81 -37.22 -26.93
CA GLY X 29 -83.27 -37.28 -26.91
C GLY X 29 -83.92 -36.00 -27.39
N LEU X 30 -83.33 -34.84 -27.04
CA LEU X 30 -83.85 -33.56 -27.51
C LEU X 30 -83.70 -33.45 -29.03
N MET X 31 -82.57 -33.89 -29.56
CA MET X 31 -82.31 -33.84 -30.99
C MET X 31 -83.23 -34.79 -31.73
N ALA X 32 -83.45 -35.98 -31.20
CA ALA X 32 -84.35 -36.93 -31.83
C ALA X 32 -85.79 -36.42 -31.78
N TYR X 33 -86.14 -35.70 -30.72
CA TYR X 33 -87.44 -35.04 -30.66
C TYR X 33 -87.59 -33.97 -31.75
N ILE X 34 -86.55 -33.16 -31.94
CA ILE X 34 -86.61 -32.11 -32.96
C ILE X 34 -86.66 -32.70 -34.36
N VAL X 35 -85.84 -33.71 -34.63
CA VAL X 35 -85.83 -34.37 -35.94
C VAL X 35 -87.13 -35.11 -36.18
N TYR X 36 -87.76 -35.65 -35.12
CA TYR X 36 -89.07 -36.26 -35.27
C TYR X 36 -90.14 -35.22 -35.58
N LYS X 37 -90.03 -34.04 -34.97
CA LYS X 37 -90.95 -32.95 -35.31
C LYS X 37 -90.79 -32.49 -36.75
N ILE X 38 -89.55 -32.38 -37.23
CA ILE X 38 -89.31 -31.94 -38.61
C ILE X 38 -89.74 -33.00 -39.60
N ARG X 39 -89.52 -34.28 -39.28
CA ARG X 39 -89.94 -35.37 -40.13
C ARG X 39 -91.47 -35.45 -40.20
N SER X 40 -92.15 -35.25 -39.07
CA SER X 40 -93.60 -35.25 -39.06
C SER X 40 -94.15 -34.04 -39.82
N ALA X 41 -93.50 -32.89 -39.71
CA ALA X 41 -93.97 -31.69 -40.39
C ALA X 41 -93.81 -31.79 -41.91
N ASP X 42 -92.68 -32.33 -42.36
CA ASP X 42 -92.51 -32.48 -43.81
C ASP X 42 -93.36 -33.62 -44.36
N LYS X 43 -93.60 -34.67 -43.56
CA LYS X 43 -94.49 -35.73 -44.02
C LYS X 43 -95.92 -35.23 -44.11
N ARG X 44 -96.32 -34.38 -43.18
CA ARG X 44 -97.64 -33.73 -43.24
C ARG X 44 -97.75 -32.80 -44.44
N SER X 45 -96.69 -32.02 -44.72
CA SER X 45 -96.72 -31.09 -45.84
C SER X 45 -96.77 -31.83 -47.18
N LYS X 46 -95.96 -32.88 -47.33
CA LYS X 46 -95.98 -33.64 -48.58
C LYS X 46 -97.27 -34.43 -48.73
N ALA X 47 -97.88 -34.87 -47.62
CA ALA X 47 -99.16 -35.55 -47.69
C ALA X 47 -100.26 -34.60 -48.15
N LEU X 48 -100.30 -33.38 -47.62
CA LEU X 48 -101.30 -32.41 -48.08
C LEU X 48 -101.02 -31.93 -49.49
N LYS X 49 -99.74 -31.88 -49.90
CA LYS X 49 -99.41 -31.51 -51.27
C LYS X 49 -99.82 -32.59 -52.27
N ALA X 50 -99.59 -33.86 -51.93
CA ALA X 50 -100.03 -34.95 -52.80
C ALA X 50 -101.53 -35.13 -52.79
N SER X 51 -102.21 -34.74 -51.70
CA SER X 51 -103.66 -34.84 -51.66
C SER X 51 -104.29 -33.72 -52.49
N SER X 52 -104.02 -32.47 -52.14
CA SER X 52 -104.51 -31.35 -52.94
C SER X 52 -103.68 -31.16 -54.20
N MET Y 1 -83.42 -28.93 -53.31
CA MET Y 1 -82.14 -29.48 -52.90
C MET Y 1 -82.31 -30.84 -52.22
N PRO Y 2 -81.33 -31.73 -52.39
CA PRO Y 2 -81.42 -33.05 -51.75
C PRO Y 2 -81.23 -33.03 -50.25
N GLN Y 3 -80.84 -31.90 -49.67
CA GLN Y 3 -80.67 -31.77 -48.23
C GLN Y 3 -81.99 -31.54 -47.51
N LEU Y 4 -83.11 -31.53 -48.24
CA LEU Y 4 -84.45 -31.48 -47.65
C LEU Y 4 -85.30 -32.62 -48.15
N ASP Y 5 -84.75 -33.84 -48.18
CA ASP Y 5 -85.53 -35.00 -48.58
C ASP Y 5 -86.43 -35.49 -47.44
N THR Y 6 -85.88 -35.50 -46.22
CA THR Y 6 -86.59 -35.84 -44.96
C THR Y 6 -87.13 -37.27 -45.03
N SER Y 7 -86.43 -38.12 -45.77
CA SER Y 7 -86.74 -39.53 -45.85
C SER Y 7 -85.51 -40.40 -45.61
N THR Y 8 -84.31 -39.83 -45.66
CA THR Y 8 -83.07 -40.53 -45.34
C THR Y 8 -82.42 -40.00 -44.08
N TRP Y 9 -83.10 -39.10 -43.36
CA TRP Y 9 -82.44 -38.42 -42.25
C TRP Y 9 -82.24 -39.34 -41.06
N LEU Y 10 -83.18 -40.25 -40.82
CA LEU Y 10 -83.00 -41.19 -39.71
C LEU Y 10 -81.87 -42.16 -40.02
N THR Y 11 -81.75 -42.57 -41.28
CA THR Y 11 -80.62 -43.38 -41.72
C THR Y 11 -79.31 -42.64 -41.51
N MET Y 12 -79.27 -41.35 -41.89
CA MET Y 12 -78.04 -40.58 -41.81
C MET Y 12 -77.62 -40.34 -40.37
N ILE Y 13 -78.57 -39.97 -39.51
CA ILE Y 13 -78.25 -39.66 -38.12
C ILE Y 13 -77.90 -40.93 -37.35
N LEU Y 14 -78.63 -42.03 -37.60
CA LEU Y 14 -78.30 -43.28 -36.93
C LEU Y 14 -76.95 -43.83 -37.37
N SER Y 15 -76.65 -43.74 -38.66
CA SER Y 15 -75.36 -44.23 -39.10
C SER Y 15 -74.23 -43.27 -38.77
N MET Y 16 -74.53 -42.01 -38.48
CA MET Y 16 -73.50 -41.11 -37.93
C MET Y 16 -73.22 -41.44 -36.47
N PHE Y 17 -74.27 -41.73 -35.69
CA PHE Y 17 -74.07 -42.22 -34.33
C PHE Y 17 -73.39 -43.58 -34.28
N LEU Y 18 -73.43 -44.34 -35.37
CA LEU Y 18 -72.63 -45.55 -35.41
C LEU Y 18 -71.15 -45.23 -35.51
N VAL Y 19 -70.77 -44.18 -36.25
CA VAL Y 19 -69.35 -43.91 -36.49
C VAL Y 19 -68.80 -42.96 -35.45
N LEU Y 20 -69.38 -41.76 -35.37
CA LEU Y 20 -68.78 -40.65 -34.64
C LEU Y 20 -68.70 -40.89 -33.14
N PHE Y 21 -69.55 -41.76 -32.59
CA PHE Y 21 -69.42 -42.14 -31.20
C PHE Y 21 -68.65 -43.45 -31.06
N ILE Y 22 -69.20 -44.53 -31.59
CA ILE Y 22 -68.75 -45.88 -31.24
C ILE Y 22 -67.39 -46.17 -31.81
N ILE Y 23 -67.27 -46.09 -33.15
CA ILE Y 23 -66.11 -46.65 -33.82
C ILE Y 23 -64.87 -45.79 -33.57
N PHE Y 24 -64.97 -44.48 -33.79
CA PHE Y 24 -63.81 -43.65 -33.51
C PHE Y 24 -63.56 -43.47 -32.02
N GLN Y 25 -64.57 -43.61 -31.17
CA GLN Y 25 -64.27 -43.53 -29.75
C GLN Y 25 -63.50 -44.75 -29.29
N LEU Y 26 -63.78 -45.93 -29.86
CA LEU Y 26 -62.91 -47.09 -29.63
C LEU Y 26 -61.52 -46.87 -30.22
N LYS Y 27 -61.46 -46.42 -31.48
CA LYS Y 27 -60.19 -46.34 -32.18
C LYS Y 27 -59.29 -45.24 -31.68
N ILE Y 28 -59.81 -44.29 -30.91
CA ILE Y 28 -58.92 -43.33 -30.27
C ILE Y 28 -58.78 -43.65 -28.78
N SER Y 29 -59.65 -44.49 -28.21
CA SER Y 29 -59.38 -45.03 -26.89
C SER Y 29 -58.25 -46.04 -26.92
N LYS Y 30 -58.01 -46.71 -28.05
CA LYS Y 30 -56.94 -47.71 -28.14
C LYS Y 30 -55.53 -47.09 -28.11
N HIS Y 31 -55.41 -45.79 -28.37
CA HIS Y 31 -54.10 -45.14 -28.30
C HIS Y 31 -53.76 -44.83 -26.86
N ASN Y 32 -52.56 -45.20 -26.44
CA ASN Y 32 -52.07 -44.91 -25.09
C ASN Y 32 -50.94 -43.89 -25.18
N PHE Y 33 -51.10 -42.77 -24.47
CA PHE Y 33 -50.07 -41.76 -24.38
C PHE Y 33 -49.29 -41.98 -23.10
N TYR Y 34 -48.28 -42.83 -23.20
CA TYR Y 34 -47.53 -43.29 -22.04
C TYR Y 34 -46.66 -42.19 -21.47
N HIS Y 35 -46.52 -42.18 -20.14
CA HIS Y 35 -45.71 -41.20 -19.44
C HIS Y 35 -44.24 -41.31 -19.83
N ASN Y 36 -43.53 -40.22 -19.65
CA ASN Y 36 -42.12 -40.16 -20.02
C ASN Y 36 -41.28 -40.61 -18.83
N PRO Y 37 -40.56 -41.73 -18.92
CA PRO Y 37 -39.85 -42.25 -17.75
C PRO Y 37 -38.52 -41.55 -17.51
N GLU Y 38 -38.10 -41.57 -16.24
CA GLU Y 38 -36.80 -41.02 -15.84
C GLU Y 38 -36.14 -42.00 -14.86
N LEU Y 39 -35.00 -41.60 -14.32
CA LEU Y 39 -34.38 -42.32 -13.21
C LEU Y 39 -35.19 -42.05 -11.94
N MET Y 40 -35.38 -43.08 -11.12
CA MET Y 40 -36.36 -42.95 -10.05
C MET Y 40 -35.97 -43.81 -8.85
N THR Y 41 -35.47 -43.16 -7.80
CA THR Y 41 -35.54 -43.61 -6.41
C THR Y 41 -34.82 -44.95 -6.17
N THR Y 42 -33.52 -44.95 -6.43
CA THR Y 42 -32.67 -46.05 -6.03
C THR Y 42 -31.32 -45.60 -5.48
N LYS Y 43 -31.04 -44.29 -5.46
CA LYS Y 43 -29.74 -43.76 -5.07
C LYS Y 43 -29.62 -43.55 -3.57
N THR Y 44 -30.42 -44.24 -2.76
CA THR Y 44 -30.33 -44.13 -1.32
C THR Y 44 -29.29 -45.11 -0.81
N PRO Y 45 -28.24 -44.66 -0.14
CA PRO Y 45 -27.25 -45.61 0.38
C PRO Y 45 -27.77 -46.31 1.63
N LYS Y 46 -27.31 -47.54 1.82
CA LYS Y 46 -27.66 -48.28 3.02
C LYS Y 46 -26.80 -47.79 4.19
N GLN Y 47 -27.47 -47.54 5.32
CA GLN Y 47 -26.89 -46.93 6.53
C GLN Y 47 -26.20 -45.61 6.23
N VAL Z 5 -51.88 -82.58 -49.54
CA VAL Z 5 -52.39 -81.22 -49.51
C VAL Z 5 -53.92 -81.26 -49.76
N PRO Z 6 -54.68 -80.51 -48.97
CA PRO Z 6 -56.13 -80.52 -49.12
C PRO Z 6 -56.59 -79.60 -50.25
N LEU Z 7 -57.91 -79.50 -50.38
CA LEU Z 7 -58.57 -78.69 -51.40
C LEU Z 7 -59.54 -77.71 -50.75
N LYS Z 8 -59.57 -77.70 -49.42
CA LYS Z 8 -60.35 -76.71 -48.67
C LYS Z 8 -59.48 -75.72 -47.93
N GLU Z 9 -58.22 -76.03 -47.67
CA GLU Z 9 -57.29 -75.07 -47.08
C GLU Z 9 -56.32 -74.50 -48.09
N LYS Z 10 -56.24 -75.10 -49.27
CA LYS Z 10 -55.48 -74.51 -50.37
C LYS Z 10 -56.22 -73.29 -50.90
N LYS Z 11 -55.49 -72.21 -51.13
CA LYS Z 11 -56.10 -70.96 -51.54
C LYS Z 11 -56.54 -71.03 -53.00
N LEU Z 12 -57.27 -69.99 -53.43
CA LEU Z 12 -57.87 -69.97 -54.76
C LEU Z 12 -56.82 -69.93 -55.87
N LEU Z 13 -55.72 -69.23 -55.65
CA LEU Z 13 -54.71 -69.05 -56.69
C LEU Z 13 -53.91 -70.32 -56.96
N GLU Z 14 -54.10 -71.37 -56.17
CA GLU Z 14 -53.38 -72.62 -56.36
C GLU Z 14 -54.28 -73.77 -56.80
N VAL Z 15 -55.59 -73.72 -56.45
CA VAL Z 15 -56.55 -74.80 -56.84
C VAL Z 15 -56.69 -74.86 -58.36
N LYS Z 16 -56.99 -76.05 -58.90
CA LYS Z 16 -57.11 -76.22 -60.37
C LYS Z 16 -58.41 -75.62 -60.89
N LEU Z 17 -58.52 -75.44 -62.21
CA LEU Z 17 -59.73 -74.89 -62.83
C LEU Z 17 -60.84 -75.93 -62.70
N GLY Z 18 -60.48 -77.21 -62.64
CA GLY Z 18 -61.50 -78.25 -62.54
C GLY Z 18 -62.16 -78.28 -61.18
N GLU Z 19 -61.38 -78.11 -60.12
CA GLU Z 19 -61.90 -78.24 -58.77
C GLU Z 19 -62.50 -76.95 -58.23
N LEU Z 20 -62.69 -75.95 -59.08
CA LEU Z 20 -63.35 -74.70 -58.67
C LEU Z 20 -64.77 -74.88 -58.13
N PRO Z 21 -65.72 -75.58 -58.78
CA PRO Z 21 -67.04 -75.72 -58.16
C PRO Z 21 -67.03 -76.59 -56.92
N SER Z 22 -66.02 -77.44 -56.77
CA SER Z 22 -65.80 -78.11 -55.50
C SER Z 22 -65.31 -77.15 -54.44
N TRP Z 23 -64.67 -76.03 -54.84
CA TRP Z 23 -64.04 -75.15 -53.87
C TRP Z 23 -65.04 -74.13 -53.32
N ILE Z 24 -65.83 -73.49 -54.20
CA ILE Z 24 -66.80 -72.49 -53.77
C ILE Z 24 -67.89 -73.12 -52.91
N LEU Z 25 -68.33 -74.32 -53.28
CA LEU Z 25 -69.31 -75.04 -52.46
C LEU Z 25 -68.71 -75.48 -51.13
N MET Z 26 -67.39 -75.67 -51.06
CA MET Z 26 -66.76 -75.99 -49.80
C MET Z 26 -66.55 -74.74 -48.97
N ARG Z 27 -66.36 -73.59 -49.60
CA ARG Z 27 -66.24 -72.34 -48.87
C ARG Z 27 -67.60 -71.95 -48.30
N ASP Z 28 -67.63 -71.72 -46.99
CA ASP Z 28 -68.86 -71.31 -46.33
C ASP Z 28 -69.23 -69.88 -46.69
N PHE Z 29 -70.50 -69.56 -46.49
CA PHE Z 29 -71.00 -68.19 -46.68
C PHE Z 29 -71.87 -67.75 -45.51
N THR Z 30 -71.58 -68.27 -44.32
CA THR Z 30 -72.11 -67.72 -43.09
C THR Z 30 -71.62 -66.27 -42.92
N PRO Z 31 -72.42 -65.41 -42.28
CA PRO Z 31 -72.01 -64.00 -42.11
C PRO Z 31 -70.73 -63.81 -41.32
N SER Z 32 -70.51 -64.63 -40.30
CA SER Z 32 -69.23 -64.62 -39.60
C SER Z 32 -68.09 -65.04 -40.50
N GLY Z 33 -68.34 -65.99 -41.42
CA GLY Z 33 -67.31 -66.38 -42.37
C GLY Z 33 -67.00 -65.33 -43.40
N ILE Z 34 -68.02 -64.59 -43.85
CA ILE Z 34 -67.80 -63.51 -44.81
C ILE Z 34 -67.02 -62.36 -44.17
N ALA Z 35 -67.43 -61.98 -42.95
CA ALA Z 35 -66.68 -60.96 -42.22
C ALA Z 35 -65.27 -61.44 -41.88
N GLY Z 36 -65.08 -62.74 -41.64
CA GLY Z 36 -63.75 -63.25 -41.40
C GLY Z 36 -62.88 -63.25 -42.64
N ALA Z 37 -63.48 -63.49 -43.81
CA ALA Z 37 -62.72 -63.41 -45.07
C ALA Z 37 -62.31 -61.97 -45.35
N PHE Z 38 -63.24 -61.03 -45.10
CA PHE Z 38 -62.89 -59.61 -45.20
C PHE Z 38 -61.81 -59.22 -44.21
N GLN Z 39 -61.86 -59.76 -42.99
CA GLN Z 39 -60.86 -59.48 -41.96
C GLN Z 39 -59.49 -60.03 -42.36
N ARG Z 40 -59.45 -61.23 -42.93
CA ARG Z 40 -58.18 -61.82 -43.34
C ARG Z 40 -57.57 -61.07 -44.50
N GLY Z 41 -58.39 -60.69 -45.49
CA GLY Z 41 -57.87 -59.88 -46.59
C GLY Z 41 -57.42 -58.50 -46.13
N TYR Z 42 -58.14 -57.92 -45.17
CA TYR Z 42 -57.80 -56.63 -44.60
C TYR Z 42 -56.45 -56.68 -43.89
N TYR Z 43 -56.26 -57.68 -43.02
CA TYR Z 43 -54.98 -57.81 -42.34
C TYR Z 43 -53.86 -58.19 -43.27
N ARG Z 44 -54.15 -58.94 -44.34
CA ARG Z 44 -53.09 -59.31 -45.27
C ARG Z 44 -52.61 -58.11 -46.07
N TYR Z 45 -53.54 -57.28 -46.55
CA TYR Z 45 -53.15 -56.03 -47.22
C TYR Z 45 -52.46 -55.07 -46.27
N TYR Z 46 -53.09 -54.85 -45.10
CA TYR Z 46 -52.60 -53.86 -44.14
C TYR Z 46 -51.27 -54.28 -43.52
N ASN Z 47 -50.94 -55.57 -43.56
CA ASN Z 47 -49.60 -56.00 -43.16
C ASN Z 47 -48.67 -56.15 -44.34
N LYS Z 48 -49.19 -56.10 -45.57
CA LYS Z 48 -48.26 -56.17 -46.70
C LYS Z 48 -47.78 -54.78 -47.11
N TYR Z 49 -48.69 -53.80 -47.17
CA TYR Z 49 -48.36 -52.50 -47.77
C TYR Z 49 -48.41 -51.33 -46.79
N VAL Z 50 -48.82 -51.53 -45.55
CA VAL Z 50 -48.97 -50.44 -44.60
C VAL Z 50 -48.10 -50.64 -43.37
N ASN Z 51 -48.21 -51.79 -42.71
CA ASN Z 51 -47.59 -52.00 -41.41
C ASN Z 51 -46.14 -52.46 -41.59
N VAL Z 52 -45.33 -51.55 -42.14
CA VAL Z 52 -43.92 -51.81 -42.41
C VAL Z 52 -43.11 -50.62 -41.92
N LYS Z 53 -41.83 -50.87 -41.59
CA LYS Z 53 -41.01 -49.84 -40.96
C LYS Z 53 -40.65 -48.72 -41.91
N LYS Z 54 -40.27 -49.05 -43.14
CA LYS Z 54 -39.91 -47.98 -44.08
C LYS Z 54 -41.15 -47.31 -44.64
N GLY Z 55 -42.23 -48.06 -44.85
CA GLY Z 55 -43.47 -47.46 -45.28
C GLY Z 55 -43.50 -46.98 -46.71
N SER Z 56 -44.70 -46.68 -47.21
CA SER Z 56 -44.84 -46.11 -48.53
C SER Z 56 -46.16 -45.36 -48.59
N ILE Z 57 -46.28 -44.49 -49.58
CA ILE Z 57 -47.53 -43.81 -49.84
C ILE Z 57 -48.57 -44.78 -50.42
N ALA Z 58 -48.12 -45.90 -50.98
CA ALA Z 58 -48.93 -46.72 -51.87
C ALA Z 58 -50.10 -47.40 -51.16
N GLY Z 59 -50.02 -47.60 -49.86
CA GLY Z 59 -51.13 -48.21 -49.14
C GLY Z 59 -52.37 -47.33 -49.15
N LEU Z 60 -52.21 -46.12 -48.61
CA LEU Z 60 -53.25 -45.11 -48.62
C LEU Z 60 -53.68 -44.75 -50.04
N SER Z 61 -52.74 -44.73 -50.98
CA SER Z 61 -53.05 -44.37 -52.36
C SER Z 61 -53.91 -45.42 -53.04
N MET Z 62 -53.60 -46.71 -52.82
CA MET Z 62 -54.42 -47.77 -53.41
C MET Z 62 -55.79 -47.83 -52.77
N VAL Z 63 -55.89 -47.60 -51.46
CA VAL Z 63 -57.19 -47.62 -50.79
C VAL Z 63 -58.07 -46.48 -51.30
N LEU Z 64 -57.49 -45.28 -51.44
CA LEU Z 64 -58.27 -44.16 -51.93
C LEU Z 64 -58.60 -44.30 -53.42
N ALA Z 65 -57.73 -44.94 -54.19
CA ALA Z 65 -58.05 -45.19 -55.61
C ALA Z 65 -59.20 -46.18 -55.73
N ALA Z 66 -59.24 -47.20 -54.88
CA ALA Z 66 -60.36 -48.13 -54.88
C ALA Z 66 -61.65 -47.46 -54.41
N TYR Z 67 -61.54 -46.51 -53.47
CA TYR Z 67 -62.72 -45.79 -53.01
C TYR Z 67 -63.29 -44.90 -54.11
N VAL Z 68 -62.42 -44.20 -54.83
CA VAL Z 68 -62.82 -43.43 -56.00
C VAL Z 68 -63.44 -44.34 -57.05
N PHE Z 69 -62.92 -45.56 -57.20
CA PHE Z 69 -63.45 -46.50 -58.18
C PHE Z 69 -64.86 -46.97 -57.84
N LEU Z 70 -65.11 -47.32 -56.58
CA LEU Z 70 -66.44 -47.80 -56.20
C LEU Z 70 -67.47 -46.68 -56.27
N ASN Z 71 -67.10 -45.48 -55.83
CA ASN Z 71 -68.05 -44.40 -55.97
C ASN Z 71 -68.20 -43.94 -57.41
N TYR Z 72 -67.21 -44.20 -58.26
CA TYR Z 72 -67.42 -43.94 -59.67
C TYR Z 72 -68.33 -45.00 -60.29
N CYS Z 73 -68.34 -46.22 -59.75
CA CYS Z 73 -69.29 -47.22 -60.23
C CYS Z 73 -70.72 -46.80 -59.92
N ARG Z 74 -70.97 -46.37 -58.69
CA ARG Z 74 -72.33 -45.91 -58.39
C ARG Z 74 -72.64 -44.57 -59.08
N SER Z 75 -71.61 -43.77 -59.37
CA SER Z 75 -71.83 -42.58 -60.17
C SER Z 75 -72.19 -42.92 -61.60
N TYR Z 76 -71.57 -43.96 -62.17
CA TYR Z 76 -71.92 -44.41 -63.51
C TYR Z 76 -73.32 -44.98 -63.55
N LYS Z 77 -73.77 -45.55 -62.44
CA LYS Z 77 -75.21 -45.83 -62.29
C LYS Z 77 -76.02 -44.54 -62.34
N GLU Z 78 -75.53 -43.45 -61.75
CA GLU Z 78 -76.28 -42.20 -61.77
C GLU Z 78 -75.98 -41.30 -62.96
N LEU Z 79 -74.77 -41.32 -63.52
CA LEU Z 79 -74.35 -40.36 -64.53
C LEU Z 79 -74.42 -40.89 -65.95
N LYS Z 80 -75.40 -41.75 -66.26
CA LYS Z 80 -75.57 -42.19 -67.64
C LYS Z 80 -76.04 -41.06 -68.54
N HIS Z 81 -76.79 -40.11 -67.97
CA HIS Z 81 -77.38 -39.04 -68.77
C HIS Z 81 -76.46 -37.82 -68.80
N GLU Z 82 -75.21 -38.07 -69.14
CA GLU Z 82 -74.23 -37.00 -69.35
C GLU Z 82 -73.35 -37.36 -70.54
N ARG Z 83 -73.74 -38.40 -71.28
CA ARG Z 83 -72.95 -38.93 -72.39
C ARG Z 83 -72.92 -37.94 -73.55
N LEU Z 84 -71.73 -37.73 -74.10
CA LEU Z 84 -71.53 -36.59 -75.00
C LEU Z 84 -72.13 -36.85 -76.37
N ARG Z 85 -72.11 -38.10 -76.83
CA ARG Z 85 -72.65 -38.43 -78.14
C ARG Z 85 -73.59 -39.62 -78.02
N LYS Z 86 -74.59 -39.63 -78.91
CA LYS Z 86 -75.65 -40.63 -78.84
C LYS Z 86 -75.15 -42.00 -79.27
N TYR Z 87 -74.67 -42.11 -80.52
CA TYR Z 87 -74.02 -43.33 -80.99
C TYR Z 87 -72.57 -43.28 -80.55
N HIS Z 88 -72.32 -43.82 -79.37
CA HIS Z 88 -70.98 -43.91 -78.82
C HIS Z 88 -70.14 -44.91 -79.60
N ALA AA 19 -37.96 -29.83 -73.74
CA ALA AA 19 -38.34 -31.18 -73.37
C ALA AA 19 -37.80 -32.20 -74.36
N VAL AA 20 -37.04 -31.71 -75.34
CA VAL AA 20 -36.47 -32.57 -76.37
C VAL AA 20 -35.36 -33.44 -75.79
N THR AA 21 -34.59 -32.89 -74.84
CA THR AA 21 -33.48 -33.63 -74.25
C THR AA 21 -33.94 -34.69 -73.25
N TYR AA 22 -35.23 -34.70 -72.87
CA TYR AA 22 -35.76 -35.76 -72.04
C TYR AA 22 -36.59 -36.77 -72.82
N SER AA 23 -37.38 -36.31 -73.79
CA SER AA 23 -38.29 -37.18 -74.53
C SER AA 23 -37.58 -38.06 -75.55
N LYS AA 24 -36.38 -37.69 -76.00
CA LYS AA 24 -35.61 -38.52 -76.91
C LYS AA 24 -34.87 -39.68 -76.22
N PRO AA 25 -34.23 -39.51 -75.04
CA PRO AA 25 -33.74 -40.72 -74.35
C PRO AA 25 -34.84 -41.59 -73.79
N ARG AA 26 -35.98 -41.00 -73.40
CA ARG AA 26 -37.10 -41.79 -72.90
C ARG AA 26 -37.73 -42.63 -74.01
N LEU AA 27 -37.87 -42.04 -75.21
CA LEU AA 27 -38.41 -42.80 -76.34
C LEU AA 27 -37.42 -43.87 -76.79
N ALA AA 28 -36.12 -43.64 -76.61
CA ALA AA 28 -35.10 -44.58 -77.06
C ALA AA 28 -35.19 -45.91 -76.31
N THR AA 29 -35.49 -45.87 -75.02
CA THR AA 29 -35.82 -47.08 -74.30
C THR AA 29 -37.10 -47.69 -74.84
N PHE AA 30 -38.10 -46.85 -75.08
CA PHE AA 30 -39.36 -47.34 -75.63
C PHE AA 30 -39.21 -47.79 -77.07
N TRP AA 31 -38.28 -47.18 -77.83
CA TRP AA 31 -37.97 -47.67 -79.18
C TRP AA 31 -37.39 -49.06 -79.14
N TYR AA 32 -36.46 -49.33 -78.22
CA TYR AA 32 -35.88 -50.65 -78.04
C TYR AA 32 -36.94 -51.68 -77.66
N TYR AA 33 -37.68 -51.39 -76.57
CA TYR AA 33 -38.65 -52.35 -76.07
C TYR AA 33 -39.88 -52.47 -76.95
N ALA AA 34 -40.08 -51.55 -77.91
CA ALA AA 34 -41.16 -51.71 -78.87
C ALA AA 34 -40.66 -52.35 -80.15
N LYS AA 35 -39.37 -52.21 -80.44
CA LYS AA 35 -38.81 -52.84 -81.63
C LYS AA 35 -38.68 -54.34 -81.45
N VAL AA 36 -38.30 -54.78 -80.24
CA VAL AA 36 -38.13 -56.21 -80.02
C VAL AA 36 -39.38 -56.89 -79.49
N GLU AA 37 -40.46 -56.15 -79.22
CA GLU AA 37 -41.66 -56.78 -78.67
C GLU AA 37 -42.92 -56.41 -79.43
N LEU AA 38 -42.92 -55.27 -80.13
CA LEU AA 38 -44.13 -54.81 -80.78
C LEU AA 38 -43.91 -54.54 -82.28
N VAL AA 39 -43.32 -55.50 -82.97
CA VAL AA 39 -43.06 -55.39 -84.40
C VAL AA 39 -44.08 -56.30 -85.11
N PRO AA 40 -44.50 -55.99 -86.33
CA PRO AA 40 -45.26 -56.98 -87.11
C PRO AA 40 -44.38 -58.16 -87.50
N PRO AA 41 -44.85 -59.39 -87.28
CA PRO AA 41 -43.97 -60.56 -87.46
C PRO AA 41 -43.73 -60.85 -88.93
N THR AA 42 -42.57 -61.44 -89.21
CA THR AA 42 -42.34 -62.02 -90.52
C THR AA 42 -43.19 -63.28 -90.68
N PRO AA 43 -43.63 -63.60 -91.91
CA PRO AA 43 -44.51 -64.76 -92.09
C PRO AA 43 -43.85 -66.13 -91.94
N ALA AA 44 -42.61 -66.21 -91.48
CA ALA AA 44 -41.95 -67.48 -91.26
C ALA AA 44 -42.43 -68.21 -90.00
N GLU AA 45 -43.24 -67.56 -89.17
CA GLU AA 45 -43.75 -68.17 -87.96
C GLU AA 45 -45.27 -68.18 -87.88
N ILE AA 46 -45.96 -67.83 -88.97
CA ILE AA 46 -47.40 -68.00 -89.08
C ILE AA 46 -47.80 -69.48 -89.01
N PRO AA 47 -47.07 -70.47 -89.60
CA PRO AA 47 -47.36 -71.87 -89.24
C PRO AA 47 -47.16 -72.20 -87.78
N THR AA 48 -46.16 -71.59 -87.12
CA THR AA 48 -45.99 -71.79 -85.68
C THR AA 48 -47.17 -71.21 -84.91
N ALA AA 49 -47.70 -70.08 -85.39
CA ALA AA 49 -48.85 -69.45 -84.73
C ALA AA 49 -50.11 -70.29 -84.89
N ILE AA 50 -50.40 -70.78 -86.10
CA ILE AA 50 -51.61 -71.57 -86.26
C ILE AA 50 -51.45 -72.96 -85.63
N GLN AA 51 -50.21 -73.44 -85.52
CA GLN AA 51 -49.95 -74.67 -84.78
C GLN AA 51 -50.23 -74.48 -83.30
N SER AA 52 -49.84 -73.33 -82.75
CA SER AA 52 -50.16 -73.03 -81.35
C SER AA 52 -51.65 -72.82 -81.15
N LEU AA 53 -52.33 -72.22 -82.13
CA LEU AA 53 -53.77 -72.03 -82.00
C LEU AA 53 -54.51 -73.35 -82.09
N LYS AA 54 -54.07 -74.25 -82.96
CA LYS AA 54 -54.63 -75.59 -83.00
C LYS AA 54 -54.34 -76.35 -81.72
N LYS AA 55 -53.18 -76.10 -81.12
CA LYS AA 55 -52.82 -76.71 -79.84
C LYS AA 55 -53.76 -76.25 -78.72
N ILE AA 56 -54.02 -74.95 -78.65
CA ILE AA 56 -54.89 -74.47 -77.57
C ILE AA 56 -56.35 -74.85 -77.86
N ILE AA 57 -56.75 -74.96 -79.12
CA ILE AA 57 -58.13 -75.35 -79.44
C ILE AA 57 -58.36 -76.82 -79.14
N ASN AA 58 -57.45 -77.71 -79.55
CA ASN AA 58 -57.69 -79.11 -79.23
C ASN AA 58 -57.31 -79.45 -77.79
N SER AA 59 -56.63 -78.55 -77.06
CA SER AA 59 -56.61 -78.68 -75.62
C SER AA 59 -57.94 -78.26 -75.01
N ALA AA 60 -58.66 -77.34 -75.67
CA ALA AA 60 -59.98 -76.95 -75.17
C ALA AA 60 -61.02 -78.02 -75.46
N LYS AA 61 -61.07 -78.53 -76.70
CA LYS AA 61 -62.14 -79.42 -77.11
C LYS AA 61 -61.81 -80.91 -76.95
N THR AA 62 -60.59 -81.33 -77.30
CA THR AA 62 -60.25 -82.74 -77.22
C THR AA 62 -59.53 -83.05 -75.92
N GLY AA 63 -58.73 -82.11 -75.44
CA GLY AA 63 -58.17 -82.19 -74.11
C GLY AA 63 -59.15 -81.59 -73.11
N SER AA 64 -58.58 -81.14 -71.99
CA SER AA 64 -59.34 -80.43 -70.98
C SER AA 64 -58.77 -79.04 -70.80
N PHE AA 65 -59.64 -78.04 -70.85
CA PHE AA 65 -59.25 -76.66 -70.55
C PHE AA 65 -59.25 -76.39 -69.05
N LYS AA 66 -59.49 -77.41 -68.25
CA LYS AA 66 -59.18 -77.45 -66.83
C LYS AA 66 -57.79 -78.05 -66.69
N GLN AA 67 -57.47 -78.48 -65.45
CA GLN AA 67 -56.11 -78.87 -65.03
C GLN AA 67 -55.14 -77.70 -65.18
N LEU AA 68 -55.64 -76.49 -64.92
CA LEU AA 68 -54.84 -75.27 -64.91
C LEU AA 68 -55.12 -74.49 -63.64
N THR AA 69 -54.08 -73.87 -63.11
CA THR AA 69 -54.26 -72.96 -61.98
C THR AA 69 -54.91 -71.67 -62.46
N VAL AA 70 -55.68 -71.04 -61.56
CA VAL AA 70 -56.34 -69.79 -61.93
C VAL AA 70 -55.36 -68.64 -62.03
N LYS AA 71 -54.14 -68.80 -61.53
CA LYS AA 71 -53.05 -67.87 -61.85
C LYS AA 71 -52.80 -67.82 -63.34
N GLU AA 72 -52.59 -68.99 -63.96
CA GLU AA 72 -52.43 -69.05 -65.40
C GLU AA 72 -53.72 -68.70 -66.13
N ALA AA 73 -54.87 -68.99 -65.51
CA ALA AA 73 -56.15 -68.69 -66.18
C ALA AA 73 -56.39 -67.18 -66.24
N LEU AA 74 -56.15 -66.47 -65.14
CA LEU AA 74 -56.28 -65.01 -65.17
C LEU AA 74 -55.16 -64.37 -65.97
N LEU AA 75 -54.01 -65.03 -66.07
CA LEU AA 75 -52.95 -64.57 -66.96
C LEU AA 75 -53.38 -64.63 -68.42
N ASN AA 76 -53.97 -65.75 -68.85
CA ASN AA 76 -54.49 -65.86 -70.20
C ASN AA 76 -55.70 -64.94 -70.41
N GLY AA 77 -56.47 -64.70 -69.34
CA GLY AA 77 -57.57 -63.75 -69.44
C GLY AA 77 -57.08 -62.33 -69.66
N LEU AA 78 -55.99 -61.94 -69.01
CA LEU AA 78 -55.39 -60.64 -69.29
C LEU AA 78 -54.72 -60.61 -70.66
N VAL AA 79 -54.24 -61.75 -71.15
CA VAL AA 79 -53.68 -61.82 -72.51
C VAL AA 79 -54.77 -61.56 -73.54
N ALA AA 80 -55.90 -62.26 -73.42
CA ALA AA 80 -57.03 -62.03 -74.30
C ALA AA 80 -57.60 -60.64 -74.12
N THR AA 81 -57.51 -60.10 -72.90
CA THR AA 81 -57.90 -58.72 -72.65
C THR AA 81 -57.00 -57.75 -73.41
N GLU AA 82 -55.70 -58.02 -73.45
CA GLU AA 82 -54.78 -57.14 -74.18
C GLU AA 82 -55.04 -57.21 -75.68
N VAL AA 83 -55.33 -58.39 -76.21
CA VAL AA 83 -55.66 -58.51 -77.63
C VAL AA 83 -56.98 -57.81 -77.93
N TRP AA 84 -57.93 -57.88 -77.00
CA TRP AA 84 -59.22 -57.22 -77.13
C TRP AA 84 -59.08 -55.70 -77.08
N MET AA 85 -58.20 -55.20 -76.22
CA MET AA 85 -57.94 -53.77 -76.17
C MET AA 85 -57.15 -53.29 -77.38
N TRP AA 86 -56.30 -54.13 -77.96
CA TRP AA 86 -55.62 -53.72 -79.18
C TRP AA 86 -56.59 -53.74 -80.36
N PHE AA 87 -57.62 -54.59 -80.30
CA PHE AA 87 -58.75 -54.47 -81.23
C PHE AA 87 -59.47 -53.15 -81.08
N TYR AA 88 -59.70 -52.68 -79.85
CA TYR AA 88 -60.34 -51.38 -79.72
C TYR AA 88 -59.40 -50.22 -80.06
N VAL AA 89 -58.09 -50.44 -80.00
CA VAL AA 89 -57.15 -49.50 -80.61
C VAL AA 89 -57.35 -49.45 -82.12
N GLY AA 90 -57.58 -50.62 -82.73
CA GLY AA 90 -57.95 -50.64 -84.13
C GLY AA 90 -59.26 -49.92 -84.42
N GLU AA 91 -60.19 -50.00 -83.48
CA GLU AA 91 -61.45 -49.27 -83.67
C GLU AA 91 -61.26 -47.76 -83.47
N ILE AA 92 -60.31 -47.34 -82.63
CA ILE AA 92 -60.08 -45.89 -82.50
C ILE AA 92 -59.41 -45.37 -83.77
N ILE AA 93 -58.60 -46.22 -84.44
CA ILE AA 93 -58.06 -45.85 -85.74
C ILE AA 93 -59.17 -45.82 -86.78
N GLY AA 94 -60.12 -46.75 -86.69
CA GLY AA 94 -61.20 -46.79 -87.67
C GLY AA 94 -62.18 -45.65 -87.52
N LYS AA 95 -62.40 -45.18 -86.29
CA LYS AA 95 -63.35 -44.10 -86.07
C LYS AA 95 -62.72 -42.72 -86.17
N ARG AA 96 -61.39 -42.62 -86.04
CA ARG AA 96 -60.60 -41.39 -86.25
C ARG AA 96 -61.07 -40.27 -85.33
N GLY AA 97 -60.86 -40.49 -84.03
CA GLY AA 97 -61.26 -39.55 -83.01
C GLY AA 97 -61.44 -40.26 -81.70
N ILE AA 98 -60.94 -39.65 -80.61
CA ILE AA 98 -60.78 -40.39 -79.37
C ILE AA 98 -62.12 -40.59 -78.67
N ILE AA 99 -63.00 -39.60 -78.69
CA ILE AA 99 -64.25 -39.66 -77.94
C ILE AA 99 -65.43 -39.51 -78.90
N GLY AA 100 -66.25 -40.56 -78.99
CA GLY AA 100 -67.51 -40.51 -79.67
C GLY AA 100 -67.46 -40.51 -81.20
N TYR AA 101 -68.50 -41.05 -81.81
CA TYR AA 101 -68.61 -41.04 -83.28
C TYR AA 101 -68.90 -39.62 -83.75
N ASP AA 102 -67.96 -39.01 -84.45
CA ASP AA 102 -68.10 -37.63 -84.88
C ASP AA 102 -69.13 -37.51 -85.99
N VAL AA 103 -70.41 -37.56 -85.61
CA VAL AA 103 -71.51 -37.52 -86.55
C VAL AA 103 -72.30 -36.23 -86.35
N VAL BA 2 -33.98 -54.22 -67.59
CA VAL BA 2 -34.44 -55.60 -67.62
C VAL BA 2 -34.45 -56.13 -69.06
N PRO BA 3 -34.13 -57.40 -69.24
CA PRO BA 3 -34.09 -57.95 -70.58
C PRO BA 3 -35.49 -58.18 -71.14
N PRO BA 4 -35.73 -57.78 -72.37
CA PRO BA 4 -37.02 -58.07 -73.00
C PRO BA 4 -37.13 -59.53 -73.39
N VAL BA 5 -38.29 -60.09 -73.12
CA VAL BA 5 -38.57 -61.47 -73.46
C VAL BA 5 -39.25 -61.47 -74.83
N GLN BA 6 -39.01 -62.51 -75.61
CA GLN BA 6 -39.53 -62.61 -76.98
C GLN BA 6 -40.93 -63.18 -76.93
N VAL BA 7 -41.92 -62.34 -77.26
CA VAL BA 7 -43.30 -62.75 -77.22
C VAL BA 7 -43.62 -63.69 -78.39
N SER BA 8 -44.68 -64.48 -78.21
CA SER BA 8 -45.03 -65.52 -79.16
C SER BA 8 -45.63 -64.92 -80.43
N PRO BA 9 -45.49 -65.60 -81.57
CA PRO BA 9 -46.18 -65.12 -82.79
C PRO BA 9 -47.68 -65.34 -82.75
N LEU BA 10 -48.19 -66.21 -81.86
CA LEU BA 10 -49.63 -66.44 -81.77
C LEU BA 10 -50.35 -65.20 -81.26
N ILE BA 11 -49.86 -64.63 -80.16
CA ILE BA 11 -50.47 -63.42 -79.60
C ILE BA 11 -50.26 -62.22 -80.52
N LYS BA 12 -49.12 -62.17 -81.22
CA LYS BA 12 -48.87 -61.05 -82.15
C LYS BA 12 -49.79 -61.13 -83.36
N LEU BA 13 -49.97 -62.34 -83.91
CA LEU BA 13 -50.88 -62.54 -85.03
C LEU BA 13 -52.33 -62.25 -84.61
N GLY BA 14 -52.70 -62.68 -83.41
CA GLY BA 14 -54.04 -62.37 -82.90
C GLY BA 14 -54.29 -60.89 -82.74
N ARG BA 15 -53.35 -60.17 -82.13
CA ARG BA 15 -53.57 -58.74 -81.90
C ARG BA 15 -53.51 -57.95 -83.21
N TYR BA 16 -52.71 -58.39 -84.18
CA TYR BA 16 -52.62 -57.62 -85.41
C TYR BA 16 -53.77 -57.90 -86.37
N SER BA 17 -54.28 -59.15 -86.38
CA SER BA 17 -55.55 -59.43 -87.04
C SER BA 17 -56.68 -58.64 -86.40
N ALA BA 18 -56.67 -58.53 -85.07
CA ALA BA 18 -57.66 -57.71 -84.37
C ALA BA 18 -57.49 -56.23 -84.69
N LEU BA 19 -56.27 -55.78 -84.93
CA LEU BA 19 -55.99 -54.38 -85.27
C LEU BA 19 -56.58 -54.02 -86.62
N PHE BA 20 -56.25 -54.84 -87.64
CA PHE BA 20 -56.77 -54.59 -88.98
C PHE BA 20 -58.28 -54.76 -89.02
N LEU BA 21 -58.81 -55.73 -88.28
CA LEU BA 21 -60.25 -55.95 -88.25
C LEU BA 21 -60.97 -54.82 -87.53
N GLY BA 22 -60.35 -54.25 -86.50
CA GLY BA 22 -60.94 -53.10 -85.84
C GLY BA 22 -60.92 -51.86 -86.72
N MET BA 23 -59.87 -51.71 -87.54
CA MET BA 23 -59.84 -50.61 -88.50
C MET BA 23 -60.97 -50.74 -89.50
N ALA BA 24 -61.18 -51.96 -90.02
CA ALA BA 24 -62.28 -52.18 -90.96
C ALA BA 24 -63.64 -51.99 -90.30
N TYR BA 25 -63.76 -52.40 -89.03
CA TYR BA 25 -65.04 -52.26 -88.32
C TYR BA 25 -65.37 -50.80 -88.07
N GLY BA 26 -64.38 -50.02 -87.65
CA GLY BA 26 -64.60 -48.60 -87.42
C GLY BA 26 -64.94 -47.86 -88.70
N ALA BA 27 -64.23 -48.19 -89.79
CA ALA BA 27 -64.50 -47.55 -91.08
C ALA BA 27 -65.89 -47.88 -91.59
N LYS BA 28 -66.28 -49.17 -91.49
CA LYS BA 28 -67.60 -49.59 -91.94
C LYS BA 28 -68.71 -48.96 -91.11
N ARG BA 29 -68.52 -48.92 -89.79
CA ARG BA 29 -69.58 -48.39 -88.93
C ARG BA 29 -69.70 -46.88 -89.06
N TYR BA 30 -68.59 -46.17 -89.25
CA TYR BA 30 -68.65 -44.73 -89.47
C TYR BA 30 -69.34 -44.41 -90.79
N ASN BA 31 -68.94 -45.10 -91.87
CA ASN BA 31 -69.55 -44.88 -93.18
C ASN BA 31 -71.00 -45.32 -93.23
N TYR BA 32 -71.40 -46.28 -92.41
CA TYR BA 32 -72.79 -46.71 -92.33
C TYR BA 32 -73.64 -45.81 -91.46
N LEU BA 33 -73.05 -45.21 -90.43
CA LEU BA 33 -73.83 -44.52 -89.42
C LEU BA 33 -73.95 -43.02 -89.71
N LYS BA 34 -73.04 -42.44 -90.49
CA LYS BA 34 -73.05 -40.98 -90.69
C LYS BA 34 -74.29 -40.43 -91.40
N PRO BA 35 -74.79 -40.98 -92.53
CA PRO BA 35 -76.02 -40.40 -93.10
C PRO BA 35 -77.26 -40.65 -92.27
N ARG BA 36 -77.28 -41.75 -91.50
CA ARG BA 36 -78.39 -42.00 -90.58
C ARG BA 36 -78.47 -40.92 -89.52
N ALA BA 37 -77.32 -40.53 -88.97
CA ALA BA 37 -77.32 -39.46 -87.98
C ALA BA 37 -77.59 -38.10 -88.62
N GLU BA 38 -77.21 -37.94 -89.90
CA GLU BA 38 -77.53 -36.70 -90.60
C GLU BA 38 -79.03 -36.52 -90.79
N GLU BA 39 -79.72 -37.59 -91.22
CA GLU BA 39 -81.17 -37.51 -91.35
C GLU BA 39 -81.84 -37.44 -89.98
N GLU BA 40 -81.21 -38.02 -88.96
CA GLU BA 40 -81.72 -37.91 -87.59
C GLU BA 40 -81.71 -36.46 -87.11
N ARG BA 41 -80.59 -35.76 -87.29
CA ARG BA 41 -80.53 -34.38 -86.85
C ARG BA 41 -81.34 -33.45 -87.76
N ARG BA 42 -81.56 -33.81 -89.02
CA ARG BA 42 -82.45 -33.01 -89.86
C ARG BA 42 -83.90 -33.17 -89.43
N LEU BA 43 -84.29 -34.40 -89.05
CA LEU BA 43 -85.63 -34.61 -88.51
C LEU BA 43 -85.79 -33.92 -87.17
N ALA BA 44 -84.71 -33.87 -86.37
CA ALA BA 44 -84.74 -33.15 -85.11
C ALA BA 44 -84.88 -31.64 -85.33
N ALA BA 45 -84.23 -31.10 -86.36
CA ALA BA 45 -84.33 -29.67 -86.63
C ALA BA 45 -85.72 -29.30 -87.16
N GLU BA 46 -86.30 -30.17 -88.00
CA GLU BA 46 -87.66 -29.92 -88.47
C GLU BA 46 -88.67 -30.05 -87.33
N GLU BA 47 -88.43 -30.99 -86.41
CA GLU BA 47 -89.26 -31.08 -85.22
C GLU BA 47 -89.08 -29.87 -84.31
N LYS BA 48 -87.87 -29.30 -84.29
CA LYS BA 48 -87.63 -28.09 -83.52
C LYS BA 48 -88.38 -26.90 -84.11
N LYS BA 49 -88.41 -26.80 -85.44
CA LYS BA 49 -89.17 -25.76 -86.11
C LYS BA 49 -90.68 -25.93 -85.87
N LYS BA 50 -91.14 -27.18 -85.85
CA LYS BA 50 -92.54 -27.47 -85.52
C LYS BA 50 -92.87 -27.01 -84.10
N ARG BA 51 -92.05 -27.41 -83.12
CA ARG BA 51 -92.39 -27.11 -81.73
C ARG BA 51 -92.19 -25.63 -81.42
N ASP BA 52 -91.29 -24.93 -82.10
CA ASP BA 52 -91.20 -23.51 -81.75
C ASP BA 52 -92.16 -22.64 -82.54
N GLU BA 53 -92.72 -23.11 -83.66
CA GLU BA 53 -93.90 -22.43 -84.19
C GLU BA 53 -95.12 -22.64 -83.28
N GLN BA 54 -95.25 -23.85 -82.72
CA GLN BA 54 -96.28 -24.07 -81.70
C GLN BA 54 -96.03 -23.21 -80.47
N LYS BA 55 -94.76 -23.05 -80.08
CA LYS BA 55 -94.39 -22.16 -79.00
C LYS BA 55 -94.70 -20.70 -79.34
N ARG BA 56 -94.55 -20.32 -80.62
CA ARG BA 56 -94.86 -18.95 -81.02
C ARG BA 56 -96.34 -18.65 -80.89
N ILE BA 57 -97.20 -19.57 -81.33
CA ILE BA 57 -98.63 -19.29 -81.24
C ILE BA 57 -99.12 -19.36 -79.79
N GLU BA 58 -98.57 -20.30 -78.99
CA GLU BA 58 -98.92 -20.36 -77.59
C GLU BA 58 -98.38 -19.16 -76.82
N ARG BA 59 -97.25 -18.60 -77.25
CA ARG BA 59 -96.68 -17.44 -76.59
C ARG BA 59 -97.42 -16.16 -76.98
N GLU BA 60 -97.95 -16.09 -78.20
CA GLU BA 60 -98.83 -14.98 -78.56
C GLU BA 60 -100.11 -15.01 -77.74
N LEU BA 61 -100.68 -16.21 -77.53
CA LEU BA 61 -101.85 -16.29 -76.66
C LEU BA 61 -101.51 -16.02 -75.19
N ALA BA 62 -100.29 -16.36 -74.76
CA ALA BA 62 -99.87 -16.04 -73.40
C ALA BA 62 -99.70 -14.53 -73.22
N GLU BA 63 -99.19 -13.84 -74.24
CA GLU BA 63 -99.15 -12.38 -74.21
C GLU BA 63 -100.56 -11.78 -74.27
N ALA BA 64 -101.50 -12.47 -74.92
CA ALA BA 64 -102.89 -12.00 -74.91
C ALA BA 64 -103.52 -12.10 -73.52
N GLN BA 65 -103.34 -13.25 -72.84
CA GLN BA 65 -103.82 -13.32 -71.46
C GLN BA 65 -102.97 -12.49 -70.50
N GLU BA 66 -101.76 -12.10 -70.88
CA GLU BA 66 -101.02 -11.12 -70.10
C GLU BA 66 -101.62 -9.73 -70.27
N ASP BA 67 -102.10 -9.43 -71.48
CA ASP BA 67 -102.86 -8.22 -71.74
C ASP BA 67 -104.19 -8.22 -71.00
N THR BA 68 -104.74 -9.41 -70.72
CA THR BA 68 -105.97 -9.52 -69.96
C THR BA 68 -105.80 -9.06 -68.51
N ILE BA 69 -104.68 -9.42 -67.86
CA ILE BA 69 -104.58 -9.25 -66.41
C ILE BA 69 -104.29 -7.80 -66.04
N LEU BA 70 -103.09 -7.32 -66.34
CA LEU BA 70 -102.63 -6.00 -65.94
C LEU BA 70 -101.42 -5.64 -66.80
N LYS BA 71 -101.07 -4.36 -66.80
CA LYS BA 71 -99.84 -3.89 -67.43
C LYS BA 71 -99.10 -2.90 -66.55
MG MG CA . 13.15 35.75 29.55
PB ADP DA . 12.70 35.60 27.00
O1B ADP DA . 12.19 36.06 25.67
O2B ADP DA . 13.25 34.19 26.98
O3B ADP DA . 13.57 36.62 27.69
PA ADP DA . 9.92 35.74 27.43
O1A ADP DA . 9.69 34.85 26.24
O2A ADP DA . 8.95 35.61 28.56
O3A ADP DA . 11.42 35.49 27.96
O5' ADP DA . 9.89 37.28 26.99
C5' ADP DA . 8.67 37.98 27.18
C4' ADP DA . 7.78 37.55 26.03
O4' ADP DA . 6.39 37.72 26.31
C3' ADP DA . 8.03 38.34 24.76
O3' ADP DA . 8.92 37.61 23.91
C2' ADP DA . 6.68 38.44 24.09
O2' ADP DA . 6.75 37.79 22.82
C1' ADP DA . 5.76 37.68 25.03
N9 ADP DA . 4.38 38.23 25.03
C8 ADP DA . 3.91 39.17 24.21
N7 ADP DA . 2.59 39.42 24.45
C5 ADP DA . 2.21 38.60 25.45
C6 ADP DA . 0.96 38.34 26.19
N6 ADP DA . -0.17 39.04 25.91
N1 ADP DA . 0.98 37.41 27.16
C2 ADP DA . 2.10 36.73 27.45
N3 ADP DA . 3.27 36.91 26.82
C4 ADP DA . 3.39 37.81 25.82
MG MG EA . 24.19 -12.71 27.43
PB ADP FA . 21.14 -11.41 26.53
O1B ADP FA . 21.61 -10.38 25.54
O2B ADP FA . 22.16 -12.47 26.87
O3B ADP FA . 20.42 -10.84 27.72
PA ADP FA . 19.48 -13.63 26.20
O1A ADP FA . 20.02 -14.70 25.30
O2A ADP FA . 19.66 -13.71 27.70
O3A ADP FA . 20.02 -12.21 25.70
O5' ADP FA . 17.91 -13.52 25.93
C5' ADP FA . 17.03 -14.41 26.62
C4' ADP FA . 15.60 -14.19 26.15
O4' ADP FA . 15.46 -14.57 24.78
C3' ADP FA . 14.65 -15.06 26.95
O3' ADP FA . 13.74 -14.21 27.66
C2' ADP FA . 13.90 -15.90 25.94
O2' ADP FA . 12.50 -15.80 26.16
C1' ADP FA . 14.25 -15.31 24.59
N9 ADP FA . 14.45 -16.36 23.57
C8 ADP FA . 15.61 -16.62 22.94
N7 ADP FA . 15.48 -17.63 22.06
C5 ADP FA . 14.21 -18.04 22.11
C6 ADP FA . 13.40 -19.08 21.44
N6 ADP FA . 13.95 -19.89 20.51
N1 ADP FA . 12.10 -19.19 21.77
C2 ADP FA . 11.54 -18.38 22.70
N3 ADP FA . 12.22 -17.42 23.35
C4 ADP FA . 13.53 -17.20 23.11
MG MG GA . 41.40 13.79 -8.45
PB ADP HA . 39.56 12.20 -7.53
O1B ADP HA . 38.61 11.03 -7.54
O2B ADP HA . 40.89 11.91 -6.92
O3B ADP HA . 38.94 13.50 -7.09
PA ADP HA . 39.22 13.68 -9.87
O1A ADP HA . 37.72 13.65 -9.71
O2A ADP HA . 39.95 14.90 -9.40
O3A ADP HA . 39.85 12.43 -9.09
O5' ADP HA . 39.59 13.26 -11.38
C5' ADP HA . 38.92 13.72 -12.54
C4' ADP HA . 37.78 12.76 -12.86
O4' ADP HA . 36.85 13.26 -13.82
C3' ADP HA . 38.28 11.44 -13.43
O3' ADP HA . 38.47 10.49 -12.39
C2' ADP HA . 37.19 10.97 -14.38
O2' ADP HA . 36.59 9.77 -13.91
C1' ADP HA . 36.16 12.11 -14.35
N9 ADP HA . 35.54 12.28 -15.69
C8 ADP HA . 35.53 11.35 -16.65
N7 ADP HA . 34.87 11.77 -17.75
C5 ADP HA . 34.44 13.01 -17.51
C6 ADP HA . 33.66 14.03 -18.26
N6 ADP HA . 33.23 13.80 -19.51
N1 ADP HA . 33.42 15.20 -17.65
C2 ADP HA . 33.85 15.44 -16.40
N3 ADP HA . 34.55 14.56 -15.67
C4 ADP HA . 34.87 13.35 -16.15
PB ADP IA . 35.09 -9.81 2.65
O1B ADP IA . 34.37 -9.29 1.43
O2B ADP IA . 36.50 -10.29 2.43
O3B ADP IA . 34.88 -8.95 3.87
PA ADP IA . 34.44 -12.45 2.05
O1A ADP IA . 34.89 -12.02 0.69
O2A ADP IA . 35.24 -13.46 2.83
O3A ADP IA . 34.29 -11.15 2.99
O5' ADP IA . 32.91 -12.92 1.92
C5' ADP IA . 32.59 -14.20 1.42
C4' ADP IA . 31.11 -14.21 1.12
O4' ADP IA . 30.85 -13.60 -0.14
C3' ADP IA . 30.59 -15.64 1.04
O3' ADP IA . 29.50 -15.75 1.94
C2' ADP IA . 30.09 -15.79 -0.38
O2' ADP IA . 28.82 -16.43 -0.37
C1' ADP IA . 29.94 -14.39 -0.90
N9 ADP IA . 30.27 -14.32 -2.35
C8 ADP IA . 31.22 -13.54 -2.88
N7 ADP IA . 31.29 -13.69 -4.23
C5 ADP IA . 30.35 -14.59 -4.57
C6 ADP IA . 29.89 -15.19 -5.84
N6 ADP IA . 30.46 -14.86 -7.02
N1 ADP IA . 28.89 -16.09 -5.77
C2 ADP IA . 28.31 -16.42 -4.60
N3 ADP IA . 28.69 -15.90 -3.42
C4 ADP IA . 29.68 -14.99 -3.34
PB ADP JA . 10.94 11.11 38.27
O1B ADP JA . 11.04 9.90 37.38
O2B ADP JA . 11.83 12.27 37.90
O3B ADP JA . 10.94 10.79 39.74
PA ADP JA . 8.22 10.92 38.75
O1A ADP JA . 8.52 9.44 38.76
O2A ADP JA . 7.95 11.65 40.02
O3A ADP JA . 9.45 11.63 38.00
O5' ADP JA . 6.99 11.18 37.76
C5' ADP JA . 5.73 11.50 38.32
C4' ADP JA . 4.87 12.15 37.24
O4' ADP JA . 4.39 11.16 36.35
C3' ADP JA . 3.66 12.83 37.87
O3' ADP JA . 3.71 14.23 37.60
C2' ADP JA . 2.46 12.25 37.18
O2' ADP JA . 1.78 13.30 36.49
C1' ADP JA . 2.98 11.27 36.16
N9 ADP JA . 2.38 9.93 36.40
C8 ADP JA . 3.06 8.83 36.75
N7 ADP JA . 2.26 7.76 36.89
C5 ADP JA . 1.02 8.17 36.64
C6 ADP JA . -0.32 7.57 36.60
N6 ADP JA . -0.48 6.26 36.88
N1 ADP JA . -1.36 8.34 36.27
C2 ADP JA . -1.21 9.64 35.99
N3 ADP JA . -0.02 10.26 36.00
C4 ADP JA . 1.11 9.60 36.30
O1 LHG KA . -38.68 -55.58 -63.92
C1 LHG KA . -39.45 -54.50 -64.45
C2 LHG KA . -38.55 -53.28 -64.56
O2 LHG KA . -38.31 -52.71 -63.29
C3 LHG KA . -39.14 -52.18 -65.39
O3 LHG KA . -38.06 -51.90 -66.23
P LHG KA . -36.97 -50.80 -65.81
O4 LHG KA . -37.60 -49.90 -64.81
O5 LHG KA . -35.68 -51.54 -65.83
O6 LHG KA . -37.11 -49.93 -67.22
C4 LHG KA . -37.29 -48.55 -67.18
C5 LHG KA . -38.50 -48.27 -68.10
C6 LHG KA . -39.13 -49.50 -68.75
O7 LHG KA . -39.54 -47.56 -67.38
C7 LHG KA . -39.69 -47.84 -66.05
O9 LHG KA . -40.18 -48.90 -65.67
C8 LHG KA . -39.85 -46.57 -65.32
C9 LHG KA . -41.23 -46.03 -65.58
C10 LHG KA . -41.16 -44.84 -66.51
O8 LHG KA . -40.47 -49.06 -69.08
C23 LHG KA . -40.72 -48.75 -70.39
O10 LHG KA . -40.05 -47.92 -70.98
C24 LHG KA . -41.86 -49.43 -71.12
C11 LHG KA . -42.56 -44.30 -66.47
C12 LHG KA . -43.38 -44.91 -67.55
C13 LHG KA . -44.52 -43.97 -67.83
C14 LHG KA . -45.50 -44.56 -68.80
C15 LHG KA . -46.62 -43.54 -68.94
C16 LHG KA . -47.79 -44.18 -69.62
C25 LHG KA . -42.84 -48.53 -71.85
C26 LHG KA . -43.29 -47.24 -71.15
C27 LHG KA . -44.79 -47.20 -71.37
C28 LHG KA . -45.27 -46.85 -72.75
C29 LHG KA . -46.52 -47.69 -72.99
C30 LHG KA . -47.55 -47.14 -73.97
C31 LHG KA . -47.64 -47.83 -75.31
C32 LHG KA . -48.88 -47.55 -76.15
C33 LHG KA . -48.43 -47.38 -77.60
C34 LHG KA . -49.03 -48.35 -78.59
C35 LHG KA . -48.62 -48.03 -80.02
C36 LHG KA . -47.18 -48.45 -80.22
C37 LHG KA . -47.17 -49.95 -80.42
C38 LHG KA . -46.31 -50.45 -81.55
O1 LHG LA . -68.43 -52.37 -74.88
C1 LHG LA . -69.33 -53.22 -74.18
C2 LHG LA . -70.02 -52.41 -73.11
O2 LHG LA . -71.27 -52.94 -72.79
C3 LHG LA . -70.26 -50.98 -73.54
O3 LHG LA . -71.28 -50.61 -72.62
P LHG LA . -72.21 -49.34 -72.91
O4 LHG LA . -71.36 -48.12 -72.84
O5 LHG LA . -73.21 -49.83 -73.90
O6 LHG LA . -72.93 -49.33 -71.41
C4 LHG LA . -73.44 -50.49 -70.85
C5 LHG LA . -73.12 -50.31 -69.37
C6 LHG LA . -74.32 -49.78 -68.58
O7 LHG LA . -72.78 -51.56 -68.87
C7 LHG LA . -71.47 -51.65 -68.52
O9 LHG LA . -71.06 -51.28 -67.42
C8 LHG LA . -70.76 -52.56 -69.43
C9 LHG LA . -69.28 -52.31 -69.35
C10 LHG LA . -68.63 -53.29 -68.42
O8 LHG LA . -75.04 -50.97 -68.19
C23 LHG LA . -75.69 -50.99 -66.97
O10 LHG LA . -76.13 -52.05 -66.55
C24 LHG LA . -75.71 -49.77 -66.03
C11 LHG LA . -67.21 -52.81 -68.43
C12 LHG LA . -66.77 -52.63 -67.01
C13 LHG LA . -65.33 -52.16 -67.03
C14 LHG LA . -64.69 -52.28 -65.67
C15 LHG LA . -63.21 -52.19 -65.93
C16 LHG LA . -62.47 -52.52 -64.66
C17 LHG LA . -60.97 -52.39 -64.88
C18 LHG LA . -60.50 -51.76 -63.59
C19 LHG LA . -59.29 -50.88 -63.76
C20 LHG LA . -59.86 -49.67 -64.45
C21 LHG LA . -58.93 -49.20 -65.52
C22 LHG LA . -58.51 -47.79 -65.16
C25 LHG LA . -76.18 -50.04 -64.62
C26 LHG LA . -75.18 -50.71 -63.66
C27 LHG LA . -74.30 -49.57 -63.20
C28 LHG LA . -73.02 -49.96 -62.53
C29 LHG LA . -72.18 -50.66 -63.60
C30 LHG LA . -70.68 -50.55 -63.46
C31 LHG LA . -69.92 -49.90 -64.61
C32 LHG LA . -68.45 -50.23 -64.67
C33 LHG LA . -67.66 -48.94 -64.50
C34 LHG LA . -66.35 -49.08 -63.76
C35 LHG LA . -65.17 -48.75 -64.65
C36 LHG LA . -64.88 -47.27 -64.54
C37 LHG LA . -63.40 -47.09 -64.48
C38 LHG LA . -62.96 -45.70 -64.09
C P5S MA . -52.57 1.63 -33.37
N P5S MA . -54.34 3.24 -34.15
O P5S MA . -52.11 2.20 -32.40
C1 P5S MA . -55.65 0.52 -36.71
C2 P5S MA . -55.08 0.81 -38.09
C3 P5S MA . -53.70 1.42 -38.05
CA P5S MA . -53.21 2.36 -34.54
CB P5S MA . -52.17 3.18 -35.27
OG P5S MA . -51.22 2.28 -35.86
P12 P5S MA . -51.43 0.84 -36.58
O13 P5S MA . -50.36 0.76 -37.59
O15 P5S MA . -51.25 -0.20 -35.49
O16 P5S MA . -52.90 0.54 -37.23
C17 P5S MA . -56.73 -1.58 -36.66
O18 P5S MA . -55.76 -2.08 -36.15
O19 P5S MA . -56.83 -0.28 -36.91
C20 P5S MA . -57.94 -2.33 -37.11
C21 P5S MA . -58.53 -1.74 -38.38
C22 P5S MA . -59.51 -2.69 -39.04
C23 P5S MA . -60.27 -2.08 -40.20
C24 P5S MA . -61.33 -1.08 -39.77
C25 P5S MA . -62.73 -1.42 -40.26
C26 P5S MA . -62.79 -1.68 -41.76
C27 P5S MA . -64.05 -2.38 -42.21
C28 P5S MA . -65.33 -1.60 -41.94
C29 P5S MA . -66.56 -2.17 -42.64
C30 P5S MA . -67.77 -1.24 -42.60
C31 P5S MA . -68.86 -1.65 -43.56
C32 P5S MA . -69.78 -0.50 -43.97
C33 P5S MA . -70.50 -0.73 -45.28
C34 P5S MA . -71.19 0.50 -45.83
C35 P5S MA . -72.31 1.01 -44.95
C36 P5S MA . -73.42 0.00 -44.78
O37 P5S MA . -56.04 1.55 -38.94
C38 P5S MA . -56.58 2.74 -38.57
C39 P5S MA . -57.78 3.05 -39.42
C40 P5S MA . -58.94 3.62 -38.62
C41 P5S MA . -60.27 2.95 -38.92
C42 P5S MA . -60.71 3.04 -40.38
C43 P5S MA . -62.06 2.38 -40.65
C44 P5S MA . -62.57 2.52 -42.07
C45 P5S MA . -63.92 1.86 -42.35
C46 P5S MA . -64.63 2.45 -43.56
O47 P5S MA . -56.16 3.45 -37.71
C48 P5S MA . -65.87 1.71 -44.03
C49 P5S MA . -65.58 0.54 -44.97
C50 P5S MA . -66.74 0.23 -45.91
C51 P5S MA . -66.71 -1.15 -46.55
C52 P5S MA . -67.73 -1.32 -47.67
C53 P5S MA . -67.83 -2.73 -48.23
C54 P5S MA . -68.70 -2.82 -49.47
C55 P5S MA . -70.11 -2.31 -49.27
C56 P5S MA . -70.94 -2.38 -50.53
OXT P5S MA . -52.58 0.33 -33.54
O1 LHG NA . -98.47 -23.56 -45.55
C1 LHG NA . -97.83 -24.81 -45.23
C2 LHG NA . -96.34 -24.60 -45.23
O2 LHG NA . -95.99 -23.41 -45.89
C3 LHG NA . -95.58 -25.70 -45.92
O3 LHG NA . -94.50 -25.87 -45.02
P LHG NA . -93.18 -24.95 -45.12
O4 LHG NA . -92.89 -24.79 -46.57
O5 LHG NA . -93.31 -23.99 -43.99
O6 LHG NA . -92.12 -26.14 -44.67
C4 LHG NA . -90.75 -25.88 -44.73
C5 LHG NA . -90.16 -26.47 -43.44
C6 LHG NA . -91.14 -26.50 -42.26
O7 LHG NA . -89.82 -27.79 -43.74
C7 LHG NA . -88.53 -27.91 -44.08
O9 LHG NA . -88.15 -27.92 -45.24
C8 LHG NA . -87.71 -28.29 -42.90
C9 LHG NA . -86.55 -27.34 -42.75
C10 LHG NA . -85.41 -28.06 -42.07
O8 LHG NA . -90.34 -26.96 -41.17
C23 LHG NA . -90.14 -26.09 -40.12
O10 LHG NA . -89.12 -25.43 -40.10
C24 LHG NA . -91.06 -26.11 -38.91
C11 LHG NA . -84.60 -26.91 -41.52
C12 LHG NA . -83.85 -27.39 -40.32
C13 LHG NA . -83.50 -26.19 -39.48
C14 LHG NA . -84.48 -26.01 -38.34
C15 LHG NA . -83.98 -26.90 -37.23
C16 LHG NA . -84.22 -26.21 -35.92
C17 LHG NA . -83.46 -26.92 -34.80
C18 LHG NA . -83.48 -25.90 -33.69
C19 LHG NA . -82.46 -26.15 -32.61
C20 LHG NA . -82.69 -24.98 -31.67
C21 LHG NA . -82.33 -25.38 -30.26
C22 LHG NA . -83.49 -25.00 -29.37
C25 LHG NA . -90.39 -26.16 -37.54
C26 LHG NA . -91.14 -26.92 -36.44
C27 LHG NA . -90.06 -27.36 -35.47
C28 LHG NA . -89.31 -26.27 -34.76
C29 LHG NA . -88.65 -26.95 -33.55
C30 LHG NA . -89.05 -26.44 -32.18
C31 LHG NA . -90.38 -26.95 -31.65
C32 LHG NA . -90.41 -27.22 -30.15
C33 LHG NA . -91.87 -27.17 -29.70
C34 LHG NA . -92.13 -27.49 -28.24
C1 CDL OA . -42.37 -41.07 -52.08
O1 CDL OA . -43.04 -42.33 -52.06
CA2 CDL OA . -43.02 -40.18 -53.11
OA2 CDL OA . -42.25 -40.21 -54.32
PA1 CDL OA . -42.61 -40.96 -55.69
OA3 CDL OA . -42.26 -42.40 -55.64
OA4 CDL OA . -41.93 -40.17 -56.80
OA5 CDL OA . -44.16 -40.77 -55.90
CA3 CDL OA . -44.77 -40.31 -57.12
CA4 CDL OA . -46.07 -41.04 -57.33
OA6 CDL OA . -46.62 -40.53 -58.58
CA5 CDL OA . -46.99 -41.42 -59.51
OA7 CDL OA . -46.96 -42.61 -59.34
C11 CDL OA . -47.43 -40.73 -60.77
C12 CDL OA . -48.32 -41.60 -61.65
C13 CDL OA . -49.72 -41.78 -61.08
C14 CDL OA . -50.66 -40.62 -61.38
C15 CDL OA . -51.97 -40.68 -60.62
C16 CDL OA . -52.82 -41.91 -60.91
C17 CDL OA . -53.64 -41.80 -62.19
C18 CDL OA . -54.63 -40.68 -62.16
C19 CDL OA . -55.26 -40.18 -63.20
C20 CDL OA . -56.25 -39.05 -63.19
C21 CDL OA . -57.19 -39.03 -64.35
C22 CDL OA . -58.49 -39.23 -64.31
C23 CDL OA . -59.32 -39.51 -63.09
C24 CDL OA . -60.01 -40.87 -63.14
C25 CDL OA . -60.89 -41.16 -61.94
C26 CDL OA . -61.59 -42.49 -61.96
C27 CDL OA . -60.64 -43.67 -61.86
CA6 CDL OA . -47.05 -40.74 -56.23
OA8 CDL OA . -48.30 -40.45 -56.86
CA7 CDL OA . -49.39 -41.06 -56.39
OA9 CDL OA . -49.40 -41.77 -55.42
C31 CDL OA . -50.59 -40.74 -57.23
C32 CDL OA . -51.85 -41.52 -56.87
C33 CDL OA . -53.03 -40.61 -56.62
C34 CDL OA . -52.76 -39.58 -55.53
C35 CDL OA . -52.57 -40.20 -54.15
C36 CDL OA . -51.89 -39.27 -53.16
C37 CDL OA . -51.68 -39.88 -51.78
C38 CDL OA . -52.90 -39.86 -50.91
C39 CDL OA . -53.05 -39.18 -49.79
C40 CDL OA . -52.04 -38.28 -49.14
C41 CDL OA . -52.55 -37.87 -47.79
C42 CDL OA . -52.83 -36.66 -47.39
C43 CDL OA . -52.73 -35.42 -48.21
C44 CDL OA . -53.99 -34.57 -48.15
C45 CDL OA . -54.13 -33.77 -46.87
C46 CDL OA . -53.23 -32.55 -46.82
C47 CDL OA . -53.53 -31.57 -47.92
CB2 CDL OA . -42.33 -40.46 -50.70
OB2 CDL OA . -43.55 -40.79 -50.00
PB2 CDL OA . -43.68 -41.95 -48.92
OB3 CDL OA . -43.48 -43.26 -49.57
OB4 CDL OA . -42.71 -41.61 -47.81
OB5 CDL OA . -45.15 -41.81 -48.34
CB3 CDL OA . -45.59 -42.20 -47.03
CB4 CDL OA . -45.52 -41.01 -46.12
OB6 CDL OA . -46.33 -39.95 -46.72
CB5 CDL OA . -45.68 -38.88 -47.23
OB7 CDL OA . -44.49 -38.83 -47.37
C51 CDL OA . -46.64 -37.77 -47.54
C52 CDL OA . -48.10 -38.18 -47.41
C53 CDL OA . -49.05 -37.00 -47.26
C54 CDL OA . -48.83 -36.22 -45.97
C55 CDL OA . -49.92 -35.21 -45.67
C56 CDL OA . -49.74 -34.48 -44.35
C57 CDL OA . -50.97 -33.71 -43.89
C58 CDL OA . -52.17 -34.58 -43.68
C59 CDL OA . -53.38 -34.19 -43.32
C60 CDL OA . -54.57 -35.07 -43.10
C61 CDL OA . -55.35 -34.59 -41.91
C62 CDL OA . -56.36 -35.20 -41.33
C63 CDL OA . -57.10 -34.70 -40.14
C64 CDL OA . -57.13 -33.17 -40.10
C65 CDL OA . -57.12 -32.58 -38.71
C66 CDL OA . -56.82 -31.10 -38.69
C67 CDL OA . -56.55 -30.58 -37.30
CB6 CDL OA . -46.05 -41.30 -44.75
OB8 CDL OA . -47.47 -41.59 -44.78
CB7 CDL OA . -48.29 -40.58 -44.48
OB9 CDL OA . -47.93 -39.44 -44.32
C71 CDL OA . -49.72 -41.03 -44.35
C72 CDL OA . -50.62 -39.91 -43.84
C73 CDL OA . -52.06 -40.37 -43.63
C74 CDL OA . -53.02 -39.30 -43.18
C75 CDL OA . -54.47 -39.75 -43.23
C76 CDL OA . -55.47 -38.65 -42.98
C77 CDL OA . -56.88 -39.02 -43.43
C78 CDL OA . -56.97 -39.27 -44.90
C79 CDL OA . -56.64 -38.42 -45.85
C80 CDL OA . -56.72 -38.66 -47.33
C81 CDL OA . -57.44 -37.52 -48.02
C82 CDL OA . -57.23 -37.09 -49.25
C83 CDL OA . -56.23 -37.65 -50.20
C84 CDL OA . -56.66 -37.67 -51.66
C85 CDL OA . -55.95 -38.74 -52.50
C86 CDL OA . -56.15 -38.68 -53.99
C87 CDL OA . -56.32 -40.05 -54.62
C1 CDL PA . -60.62 -53.55 -32.78
O1 CDL PA . -60.02 -52.58 -31.92
CA2 CDL PA . -60.56 -53.08 -34.21
OA2 CDL PA . -59.32 -52.37 -34.43
PA1 CDL PA . -58.40 -52.41 -35.73
OA3 CDL PA . -58.13 -53.81 -36.13
OA4 CDL PA . -57.17 -51.58 -35.40
OA5 CDL PA . -59.19 -51.64 -36.87
CA3 CDL PA . -59.58 -52.17 -38.16
CA4 CDL PA . -60.86 -52.93 -37.99
OA6 CDL PA . -61.15 -53.62 -39.25
CA5 CDL PA . -61.12 -54.96 -39.25
OA7 CDL PA . -60.70 -55.61 -38.33
C11 CDL PA . -61.69 -55.52 -40.52
C12 CDL PA . -61.91 -54.48 -41.60
C13 CDL PA . -63.28 -54.58 -42.24
C14 CDL PA . -63.40 -53.82 -43.54
C15 CDL PA . -62.44 -54.32 -44.61
C16 CDL PA . -62.60 -53.64 -45.96
C17 CDL PA . -61.62 -54.21 -46.99
C18 CDL PA . -61.70 -53.60 -48.33
C19 CDL PA . -61.86 -52.32 -48.63
C20 CDL PA . -61.93 -51.71 -50.00
C21 CDL PA . -63.26 -51.15 -50.41
C22 CDL PA . -64.18 -51.76 -51.14
C23 CDL PA . -64.11 -53.14 -51.70
C24 CDL PA . -65.47 -53.66 -52.17
C25 CDL PA . -66.53 -53.67 -51.09
C26 CDL PA . -67.90 -54.12 -51.55
C27 CDL PA . -68.94 -54.07 -50.44
CA6 CDL PA . -62.03 -52.04 -37.73
OA8 CDL PA . -62.71 -51.79 -38.99
CA7 CDL PA . -63.94 -51.29 -38.90
OA9 CDL PA . -64.47 -50.97 -37.86
C31 CDL PA . -64.58 -51.16 -40.25
C32 CDL PA . -66.05 -50.78 -40.14
C33 CDL PA . -66.84 -51.08 -41.40
C34 CDL PA . -66.38 -50.29 -42.61
C35 CDL PA . -66.70 -50.98 -43.92
C36 CDL PA . -66.10 -50.31 -45.14
C37 CDL PA . -66.38 -51.06 -46.44
C38 CDL PA . -65.66 -50.48 -47.62
C39 CDL PA . -66.20 -49.78 -48.60
C40 CDL PA . -67.65 -49.40 -48.75
C41 CDL PA . -67.72 -48.23 -49.66
C42 CDL PA . -68.25 -48.19 -50.87
C43 CDL PA . -68.88 -49.34 -51.59
C44 CDL PA . -69.61 -48.91 -52.87
C45 CDL PA . -70.30 -50.05 -53.61
C46 CDL PA . -70.84 -49.67 -54.97
C47 CDL PA . -71.41 -50.85 -55.73
CB2 CDL PA . -59.94 -54.88 -32.56
OB2 CDL PA . -59.72 -55.51 -33.84
PB2 CDL PA . -60.45 -56.84 -34.34
OB3 CDL PA . -59.62 -57.52 -35.34
OB4 CDL PA . -60.74 -57.69 -33.09
OB5 CDL PA . -61.85 -56.37 -34.94
CB3 CDL PA . -63.06 -56.01 -34.23
CB4 CDL PA . -63.89 -55.11 -35.10
OB6 CDL PA . -63.76 -53.73 -34.60
CB5 CDL PA . -64.74 -52.85 -34.82
OB7 CDL PA . -65.43 -52.83 -35.81
C51 CDL PA . -64.91 -51.93 -33.65
C52 CDL PA . -66.32 -51.98 -33.09
C53 CDL PA . -66.87 -53.39 -32.97
C54 CDL PA . -68.33 -53.48 -32.57
C55 CDL PA . -69.29 -52.66 -33.41
C56 CDL PA . -70.73 -52.80 -32.98
C57 CDL PA . -71.74 -52.02 -33.83
C58 CDL PA . -73.16 -52.26 -33.43
C59 CDL PA . -73.85 -51.57 -32.54
C60 CDL PA . -73.37 -50.40 -31.73
C61 CDL PA . -74.53 -49.49 -31.43
C62 CDL PA . -74.58 -48.18 -31.59
C63 CDL PA . -75.75 -47.29 -31.27
C64 CDL PA . -75.43 -46.15 -30.31
C65 CDL PA . -75.81 -46.40 -28.85
C66 CDL PA . -74.99 -47.45 -28.13
C67 CDL PA . -75.46 -47.69 -26.71
CB6 CDL PA . -63.58 -55.29 -36.56
OB8 CDL PA . -64.43 -56.39 -36.96
CB7 CDL PA . -63.85 -57.53 -37.33
OB9 CDL PA . -62.72 -57.62 -37.71
C71 CDL PA . -64.79 -58.68 -37.13
C72 CDL PA . -65.05 -58.94 -35.65
C73 CDL PA . -66.17 -59.93 -35.37
C74 CDL PA . -67.54 -59.47 -35.88
C75 CDL PA . -67.99 -58.14 -35.32
C76 CDL PA . -69.41 -57.78 -35.71
C77 CDL PA . -69.67 -57.88 -37.21
C78 CDL PA . -71.13 -57.84 -37.56
C79 CDL PA . -71.74 -58.65 -38.39
C1 CDL QA . -49.94 -62.99 -54.32
O1 CDL QA . -49.89 -64.21 -55.06
CA2 CDL QA . -49.27 -61.89 -55.10
OA2 CDL QA . -48.40 -62.49 -56.08
PA1 CDL QA . -48.63 -62.55 -57.65
OA3 CDL QA . -49.04 -63.90 -58.09
OA4 CDL QA . -47.36 -62.03 -58.33
OA5 CDL QA . -49.79 -61.48 -57.91
CA3 CDL QA . -51.03 -61.66 -58.60
CA4 CDL QA . -51.40 -60.36 -59.28
OA6 CDL QA . -52.45 -60.50 -60.31
CA5 CDL QA . -53.74 -60.81 -59.99
OA7 CDL QA . -54.14 -61.11 -58.90
C11 CDL QA . -54.61 -60.72 -61.22
C12 CDL QA . -56.02 -60.23 -60.92
C13 CDL QA . -56.77 -59.91 -62.19
C14 CDL QA . -56.17 -58.76 -62.98
C15 CDL QA . -56.61 -57.38 -62.51
C16 CDL QA . -57.99 -56.98 -62.99
C17 CDL QA . -58.02 -56.46 -64.42
C18 CDL QA . -57.46 -55.08 -64.54
C19 CDL QA . -56.78 -54.59 -65.55
C20 CDL QA . -56.21 -53.20 -65.66
C21 CDL QA . -54.74 -53.09 -65.40
C22 CDL QA . -53.94 -52.11 -65.78
C23 CDL QA . -52.47 -52.02 -65.51
C24 CDL QA . -52.07 -50.74 -64.79
C25 CDL QA . -51.93 -49.54 -65.70
C26 CDL QA . -50.72 -49.58 -66.61
C27 CDL QA . -50.50 -48.30 -67.38
CA6 CDL QA . -51.65 -59.23 -58.32
OA8 CDL QA . -52.09 -58.07 -59.07
CA7 CDL QA . -52.79 -57.15 -58.39
OA9 CDL QA . -53.05 -57.24 -57.22
C31 CDL QA . -53.20 -56.01 -59.27
C32 CDL QA . -54.56 -55.45 -58.91
C33 CDL QA . -54.93 -54.20 -59.66
C34 CDL QA . -54.87 -54.35 -61.18
C35 CDL QA . -55.64 -53.29 -61.94
C36 CDL QA . -55.18 -51.85 -61.69
C37 CDL QA . -55.67 -50.88 -62.76
C38 CDL QA . -55.36 -49.43 -62.53
C39 CDL QA . -55.35 -48.50 -63.46
C40 CDL QA . -55.06 -47.03 -63.29
C41 CDL QA . -53.70 -46.68 -63.82
C42 CDL QA . -53.14 -45.48 -63.85
C43 CDL QA . -51.78 -45.15 -64.37
C44 CDL QA . -51.64 -43.66 -64.72
C45 CDL QA . -50.26 -43.26 -65.21
C46 CDL QA . -50.11 -41.77 -65.51
C47 CDL QA . -48.73 -41.39 -66.00
CB2 CDL QA . -51.38 -62.69 -53.95
OB2 CDL QA . -51.42 -61.42 -53.25
PB2 CDL QA . -51.08 -61.21 -51.70
OB3 CDL QA . -51.59 -62.35 -50.90
OB4 CDL QA . -49.59 -60.96 -51.61
OB5 CDL QA . -51.79 -59.84 -51.31
CB3 CDL QA . -51.62 -58.58 -51.98
CB4 CDL QA . -52.74 -57.67 -51.53
OB6 CDL QA . -52.71 -56.33 -52.15
CB5 CDL QA . -52.91 -56.13 -53.48
OB7 CDL QA . -53.09 -56.99 -54.29
C51 CDL QA . -52.88 -54.67 -53.80
C52 CDL QA . -53.32 -54.35 -55.23
C53 CDL QA . -54.82 -54.13 -55.38
C54 CDL QA . -55.28 -52.71 -55.04
C55 CDL QA . -55.91 -52.57 -53.67
C56 CDL QA . -57.23 -53.29 -53.51
C57 CDL QA . -57.76 -53.32 -52.08
C58 CDL QA . -58.05 -51.97 -51.51
C59 CDL QA . -58.29 -51.70 -50.25
C60 CDL QA . -58.31 -52.67 -49.10
C61 CDL QA . -57.74 -52.02 -47.88
C62 CDL QA . -58.37 -51.25 -47.01
C63 CDL QA . -57.76 -50.60 -45.80
C64 CDL QA . -56.27 -50.83 -45.64
C65 CDL QA . -55.60 -49.97 -44.60
C66 CDL QA . -55.74 -48.49 -44.85
C67 CDL QA . -55.03 -47.64 -43.83
CB6 CDL QA . -54.11 -58.32 -51.60
OB8 CDL QA . -55.07 -57.38 -51.07
CB7 CDL QA . -56.36 -57.73 -51.13
OB9 CDL QA . -56.74 -58.77 -51.62
C71 CDL QA . -57.23 -56.69 -50.50
C72 CDL QA . -58.15 -57.23 -49.41
C73 CDL QA . -59.57 -57.46 -49.90
C74 CDL QA . -60.27 -56.21 -50.39
C75 CDL QA . -61.71 -56.42 -50.78
O1 LHG RA . -56.03 -66.86 -53.43
C1 LHG RA . -57.02 -66.74 -52.42
C2 LHG RA . -56.38 -66.19 -51.18
O2 LHG RA . -55.01 -66.46 -51.16
C3 LHG RA . -56.95 -66.78 -49.90
O3 LHG RA . -57.93 -65.79 -49.59
P LHG RA . -57.71 -64.68 -48.42
O4 LHG RA . -58.89 -64.75 -47.52
O5 LHG RA . -56.25 -64.69 -48.18
O6 LHG RA . -58.08 -63.38 -49.40
C4 LHG RA . -58.89 -63.55 -50.52
C5 LHG RA . -59.30 -62.13 -50.91
C6 LHG RA . -58.92 -61.80 -52.35
O7 LHG RA . -60.69 -62.11 -50.84
C7 LHG RA . -61.19 -61.71 -49.63
O9 LHG RA . -60.50 -61.34 -48.71
C8 LHG RA . -62.63 -61.38 -49.80
C9 LHG RA . -62.74 -60.12 -50.61
C10 LHG RA . -63.32 -60.42 -51.97
O8 LHG RA . -57.69 -62.51 -52.57
C23 LHG RA . -57.51 -63.06 -53.81
O10 LHG RA . -58.29 -62.78 -54.70
C24 LHG RA . -56.15 -63.61 -54.18
C11 LHG RA . -62.57 -59.44 -52.83
C12 LHG RA . -62.27 -60.09 -54.13
C13 LHG RA . -62.22 -59.02 -55.20
C14 LHG RA . -63.56 -58.34 -55.39
C15 LHG RA . -63.24 -56.87 -55.50
C16 LHG RA . -64.42 -56.09 -54.96
C17 LHG RA . -64.49 -54.72 -55.64
C18 LHG RA . -65.38 -54.99 -56.83
C19 LHG RA . -65.38 -53.88 -57.87
C20 LHG RA . -66.68 -54.11 -58.60
C21 LHG RA . -67.84 -53.63 -57.77
C22 LHG RA . -68.58 -52.57 -58.55
C25 LHG RA . -55.53 -63.02 -55.42
C26 LHG RA . -54.92 -61.62 -55.24
C27 LHG RA . -55.92 -60.71 -55.93
C28 LHG RA . -56.03 -59.32 -55.35
C29 LHG RA . -56.84 -58.51 -56.37
C30 LHG RA . -57.95 -57.65 -55.81
C31 LHG RA . -58.20 -56.32 -56.50
C32 LHG RA . -58.14 -56.33 -58.02
C33 LHG RA . -59.22 -55.40 -58.53
C34 LHG RA . -58.88 -53.93 -58.54
C35 LHG RA . -60.13 -53.07 -58.66
C36 LHG RA . -59.94 -51.81 -57.83
C37 LHG RA . -60.03 -52.21 -56.39
C38 LHG RA . -61.42 -52.58 -55.93
O1 LHG SA . -57.01 -35.72 -79.18
C1 LHG SA . -58.34 -35.29 -79.48
C2 LHG SA . -58.84 -36.08 -80.68
O2 LHG SA . -57.75 -36.61 -81.42
C3 LHG SA . -59.65 -35.26 -81.66
O3 LHG SA . -60.85 -35.15 -80.91
P LHG SA . -62.24 -35.74 -81.48
O4 LHG SA . -62.34 -35.34 -82.92
O5 LHG SA . -62.37 -37.05 -80.79
O6 LHG SA . -63.22 -34.62 -80.71
C4 LHG SA . -62.74 -33.33 -80.40
C5 LHG SA . -62.96 -33.22 -78.88
C6 LHG SA . -63.83 -32.00 -78.51
O7 LHG SA . -63.62 -34.42 -78.49
C7 LHG SA . -63.08 -35.04 -77.41
O9 LHG SA . -63.61 -34.99 -76.31
C8 LHG SA . -61.78 -35.66 -77.71
C9 LHG SA . -60.84 -35.38 -76.57
C10 LHG SA . -59.99 -36.59 -76.30
O8 LHG SA . -64.35 -32.26 -77.18
C23 LHG SA . -64.27 -31.27 -76.23
O10 LHG SA . -65.28 -30.93 -75.66
C24 LHG SA . -62.93 -30.99 -75.56
C11 LHG SA . -59.18 -36.14 -75.12
C12 LHG SA . -58.96 -37.30 -74.23
C13 LHG SA . -57.77 -38.07 -74.76
C14 LHG SA . -57.12 -38.89 -73.67
C15 LHG SA . -55.65 -38.63 -73.80
C16 LHG SA . -54.97 -39.06 -72.53
C17 LHG SA . -54.96 -40.56 -72.42
C18 LHG SA . -53.74 -40.97 -73.20
C19 LHG SA . -53.55 -42.47 -73.29
C20 LHG SA . -52.36 -42.59 -74.20
C21 LHG SA . -52.77 -42.39 -75.63
C22 LHG SA . -51.61 -42.79 -76.50
C25 LHG SA . -62.15 -32.21 -75.09
C26 LHG SA . -62.69 -32.93 -73.86
C27 LHG SA . -61.63 -32.66 -72.80
C28 LHG SA . -60.31 -33.34 -73.00
C29 LHG SA . -59.74 -33.60 -71.61
C30 LHG SA . -59.82 -35.04 -71.14
C31 LHG SA . -58.78 -35.49 -70.15
C32 LHG SA . -59.19 -36.66 -69.26
C33 LHG SA . -57.94 -37.44 -68.95
C34 LHG SA . -58.15 -38.93 -68.74
C35 LHG SA . -57.04 -39.74 -69.37
C36 LHG SA . -55.83 -39.69 -68.45
C37 LHG SA . -55.03 -40.94 -68.72
C38 LHG SA . -53.64 -40.91 -68.16
O1 LHG TA . -49.21 -69.80 -74.61
C1 LHG TA . -50.48 -70.44 -74.73
C2 LHG TA . -50.74 -71.24 -73.48
O2 LHG TA . -50.47 -72.61 -73.70
C3 LHG TA . -52.18 -71.13 -72.98
O3 LHG TA . -52.51 -72.49 -72.81
P LHG TA . -53.45 -73.00 -71.59
O4 LHG TA . -53.37 -74.48 -71.56
O5 LHG TA . -53.32 -71.95 -70.55
O6 LHG TA . -54.89 -72.75 -72.41
C4 LHG TA . -55.94 -73.67 -72.29
C5 LHG TA . -57.18 -72.79 -72.17
C6 LHG TA . -56.98 -71.70 -71.13
O7 LHG TA . -57.33 -72.19 -73.42
C7 LHG TA . -58.56 -71.63 -73.61
O9 LHG TA . -59.59 -72.08 -73.13
C8 LHG TA . -58.47 -70.48 -74.55
C9 LHG TA . -58.40 -69.20 -73.75
C10 LHG TA . -56.96 -68.80 -73.51
O8 LHG TA . -58.24 -71.59 -70.49
C23 LHG TA . -58.37 -70.61 -69.55
O10 LHG TA . -58.09 -70.86 -68.39
C24 LHG TA . -58.48 -69.15 -69.97
C11 LHG TA . -57.03 -67.31 -73.55
C12 LHG TA . -55.79 -66.77 -74.21
C13 LHG TA . -55.86 -67.06 -75.70
C14 LHG TA . -57.07 -66.43 -76.37
C15 LHG TA . -57.67 -67.54 -77.20
C16 LHG TA . -58.87 -67.01 -77.94
C17 LHG TA . -58.43 -66.31 -79.22
C18 LHG TA . -58.45 -67.42 -80.24
C19 LHG TA . -58.79 -66.97 -81.63
C20 LHG TA . -57.53 -66.27 -82.09
C21 LHG TA . -57.78 -65.49 -83.34
C22 LHG TA . -56.45 -65.18 -83.99
C25 LHG TA . -59.87 -68.65 -70.27
C26 LHG TA . -60.17 -67.20 -69.84
C27 LHG TA . -60.89 -67.37 -68.53
C28 LHG TA . -60.71 -66.23 -67.55
C29 LHG TA . -61.76 -66.45 -66.46
C30 LHG TA . -61.26 -66.45 -65.04
C31 LHG TA . -61.05 -67.81 -64.41
C32 LHG TA . -62.18 -68.30 -63.52
C33 LHG TA . -61.71 -68.18 -62.09
C34 LHG TA . -62.66 -68.69 -61.03
C35 LHG TA . -62.91 -67.67 -59.95
C36 LHG TA . -64.17 -68.05 -59.21
C37 LHG TA . -64.17 -67.32 -57.91
C38 LHG TA . -65.48 -67.37 -57.15
C S12 UA . -95.59 -8.28 -66.94
N S12 UA . -95.84 -5.90 -67.53
P S12 UA . -98.18 -5.75 -63.78
OG S12 UA . -97.81 -5.73 -65.33
C2 S12 UA . -96.31 -6.41 -62.02
O2 S12 UA . -96.77 -5.49 -63.03
C3 S12 UA . -94.87 -6.74 -62.30
O3 S12 UA . -99.18 -4.72 -63.45
C4 S12 UA . -94.19 -7.48 -61.16
O4 S12 UA . -98.59 -7.18 -63.43
C5 S12 UA . -93.13 -6.62 -59.23
C6 S12 UA . -93.31 -5.70 -58.05
C7 S12 UA . -92.83 -4.28 -58.29
C8 S12 UA . -93.73 -3.50 -59.24
C9 S12 UA . -93.07 -2.30 -59.90
CA S12 UA . -96.05 -6.91 -66.47
CB S12 UA . -97.49 -6.98 -66.00
C10 S12 UA . -92.38 -2.60 -61.22
C11 S12 UA . -90.86 -2.54 -61.18
O11 S12 UA . -94.15 -5.53 -62.56
C12 S12 UA . -90.17 -3.82 -60.74
C13 S12 UA . -88.78 -3.63 -60.18
C14 S12 UA . -88.10 -4.92 -59.79
O51 S12 UA . -92.13 -7.23 -59.47
O52 S12 UA . -94.23 -6.66 -59.98
O S12 UA . -95.21 -9.13 -66.18
OXT S12 UA . -95.66 -8.42 -68.23
C15 S12 UA . -86.96 -4.74 -58.82
C16 S12 UA . -87.38 -4.13 -57.50
C17 S12 UA . -86.24 -3.94 -56.51
C18 S12 UA . -85.11 -3.09 -57.04
C19 S12 UA . -84.03 -2.79 -56.02
C20 S12 UA . -84.53 -2.00 -54.82
C21 S12 UA . -83.48 -1.75 -53.77
C22 S12 UA . -82.25 -1.07 -54.32
#